data_6RLA
#
_entry.id   6RLA
#
_cell.length_a   1.00
_cell.length_b   1.00
_cell.length_c   1.00
_cell.angle_alpha   90.00
_cell.angle_beta   90.00
_cell.angle_gamma   90.00
#
_symmetry.space_group_name_H-M   'P 1'
#
loop_
_entity.id
_entity.type
_entity.pdbx_description
1 polymer 'O6-alkylguanine-DNA alkyltransferase mutant,DYNC2H1 variant protein'
2 non-polymer "ADENOSINE-5'-DIPHOSPHATE"
3 non-polymer "ADENOSINE-5'-TRIPHOSPHATE"
4 non-polymer 'MAGNESIUM ION'
#
_entity_poly.entity_id   1
_entity_poly.type   'polypeptide(L)'
_entity_poly.pdbx_seq_one_letter_code
;GDKDCEMKRTTLDSPLGKLELSGCEQGLHRIIFLGKGTSAADAVEVPAPAAVLGGPEPLMQATAWLNAYFHQPEAIEEFP
VPALHHPVFQQESFTRQVLWKLLKVVKFGEVISYSHLAALAGNPAATAAVKTALSGNPVPILIPCHRVVQGDLDVGGYEG
GLAVKEWLLAHEGHRLGKPGLGGSLEVLFQGPDYDIPTTLEVLFQGPANGTADVRKLFIFTTTQNYFGLMSELWDQPLLC
NCLEINNFLDDGNQMLLRVQRSDAGISFSNTIEFGDTKDKVLVFFKLRPEVITDENLHDNILVSSMLESPISSLYQAVRQ
VFAPMLLKDQEWSRNFDPKLQNLLSELEAGLGIVLRRSDTNLTKLKFKEDDTRGILTPSDEFQFWIEQAHRGNKQISKER
ANYFKELFETIAREFYNLDSLSLLEVVDLVETTQDVVDDVWRQTEHDHYPESRMLHLLDIIGGSFGRFVQKKLGTLNLWE
DPYYLVKESLKAGISICEQWVIVCNHLTGQVWQRYVPHPWKNEKYFPETLDKLGKRLEEVLAIRTIHEKFLYFLPASEEK
IICLTRVFEPFTGLNPVQYNPYTEPLWKAAVSQYEKIIAPAEQKIAGKLKNYISEIQDSPQQLLQAFLKYKELVKRPTIS
KELMLERETLLARLVDSIKDFRLDFENRCRGIPGDASGPLSGKNLSEVVNSIVWVRQLELKVDDTIKIAEALLSDLPGFR
CFHQSAKDLLDQLKLYEQEQFDDWSRDIQSGLSDSRSGLCIEASSRIMELDSNDGLLKVHYSDRLVILLREVRQLSALGF
VIPAKIQQVANIAQKFCKQAIILKQVAHFYNSIDQQMIQSQRPMMLQSALAFEQIIKNSKAGSGGKSQITWDNPKELEGY
IQKLQNAAERLATENRKLRKWHTTFCEKVVVLMNIDLLRQQQRWKDGLQELRTGLATVEAQGFQASDMHAWKQHWNHQLY
KALEHQYQMGLEALNENLPEINIDLTYKQGRLQFRPPFEEIRAKYYREMKRFIGIPNQFKGVGEAGDESIFSIMIDRNAS
GFLTIFSKAEDLFRRLSAVLHQHKEWIVIGQVDMEALVEKHLFTVHDWEKNFKALKIKGKEVERLPSAVKVDCLNINCNP
VKTVIDDLIQKLFDLLVLSLKKSIQAHLHEIDTFVTEAMEVLTIMPQSVEEIGDANLQYSKLQERKPEILPLFQEAEDKN
RLLRTVAGGGLETISNLKAKWDKFELMMESHQLMIKDQIEVMKGNVKSRLQIYYQELEKFKARWDQLKPGDDVIETGQHN
TLDKSAKLIKEKKIEFDDLEVTRKKLVDDCHHFRLEEPNFSLASSISKDIESCAQIWAFYEEFQQGFQEMANEDWITFRT
KTYLFEEFLMNWHDRLRKVEEHSVMTVKLQSEVDKYKIVIPILKYVRGEHLSPDHWLDLFRLLGLPRGTSLEKLLFGDLL
RVADTIVAKAADLKDLNSRAQGEVTIREALRELDLWGVGAVFTLIDYEDSQSRTMKLIKDWKDIVNQVGDNRCLLQSLKD
SPYYKGFEDKVSIWERKLAELDEYLQNLNHIQRKWVYLEPIFGRGALPKEQTRFNRVDEDFRSIMTDIKKDNRVTTLTTH
AGIRNSLLTILDQLQRCQRSLNEFLEEKRSAFPRFYFIGDDDLLEILGQSTNPSVIQSHLKKLFAGINSVCFDEKSKHIT
AMKSLEGEVVPFKNKVPLSNNVETWLNDLALEMKKTLEQLLKECVTTGRSSQGAVDPSLFPSQILCLAEQIKFTEDVENA
IKDHSLHQIETQLVNKLEQYTNIDTSSEDPGNTESGILELKLKALILDIIHNIDVVKQLNQIQVHTTEDWAWKKQLRFYM
KSDHTCCVQMVDSEFQYTYEYQGNASKLVYTPLTDKCYLTLTQAMKMGLGGNPYGPAGTGKTESVKALGGLLGRQVLVFN
CDEGIDVKSMGRIFVGLVKCGAWGCFDEFNRLEESVLSAVSMQIQTIQDALKNHRTVCELLGKEVEVNSNSGIFITMNPA
GKGYGGRQKLPDNLKQLFRPVAMSHPDNELIAEVILYSEGFKDAKVLSRKLVAIFNLSRELLTPQQHYDWGLRALKTVLR
GSGNLLRQLNKSGTTQNANESHIVVQALRLNTMSKFTFTDCTRFDALIKDVFPGIELKEVEYDELSAALKQVFEEANYEI
IPNQIKKALELYEQLCQRMGVVIVGPSGAGKSTLWRMLRAALCKTGKVVKQYTMNPKAMPRYQLLGHIDMDTREWSDGVL
TNSARQVVREPQDVSSWIICDGDIDPEWIESLNSVLDDNRLLTMPSGERIQFGPNVNFVFETHDLSCASPATISRMGMIF
LSDEETDLNSLIKSWLRNQPAEYRNNLENWIGDYFEKALQWVLKQNDYVVETSLVGTVMNGLSHLHGCRDHDEFIINLIR
GLGGNLNMKSRLEFTKEVFHWARESPPDFHKPMDTYYDSTRGRLATYVLKKPEDLTADDFSNGLTLPVIQTPDMQRGLDY
FKPWLSSDTKQPFILVGPEGCGKGMLLRYAFSQLRSTQIATVHCSAQTTSRHLLQKLSQTCMVISTNTGRVYRPKDCERL
VLYLKDINLPKLDKWGTSTLVAFLQQVLTYQGFYDENLEWVGLENIQIVASMSAGGRLGRHKLTTRFTSIVRLCSIDYPE
REQLQTIYGAYLEPVLHKNLKNHSIWGSSSKIYLLAGSMVQVYEQVRAKFTVDDYSHYFFTPCILTQWVLGLFRYDLEGG
SSNHPLDYVLEIVAYEARRLFRDKIVGAKELHLFDIILTSVFQGDWGSDILDNMSDSFYVTWGARHNSGARAAPGQPLPP
HGKPLGKLNSTDLKDVIKKGLIHYGRDNQNLDILLFHEVLEYMSRIDRVLSFPGGSLLLAGRSGVGRRTITSLVSHMHGA
VLFSPKISRGYELKQFKNDLKHVLQLAGIEAQQVVLLLEDYQFVHPTFLEMINSLLSSGEVPGLYTLEELEPLLLPLKDQ
ASQDGFFGPVFNYFTYRIQQNLHIVLIMDSANSNFMINCESNPALHKKCQVLWMEGWSNSSMKKIPEMLFSETGGGEKYN
DKKRKEEKKKNSVDPDFLKSFLLIHESCKAYGATPSQYMTFLHVYSAISSSKKKELLKRQSHLQAGVSKLNEAKALVDEL
NRKAGEQSVLLKTKQDEADAALQMITVSMQDASEQKTELERLKHRIAEEVVKIEERKNKIDDELKEVQPLVNEAKLAVGN
IKPESLSEIRSLRMPPDVIRDILEGVLRLMGIFDTSWVSMKSFLAKRGVREDIATFDARNISKEIRESVEELLFKNKGSF
DPKNAKRASTAAAPLAAWVKANIQYSHVLERIHPLETEQAGLESNLKKTEDRKRKLEELLNSVGQKVSELKEKFQSRTSE
AAKLEAEVSKAQETIKAAEVLINQLDREHKRWNAQVVEITEELATLPKRAQLAAAFITYLSAAPESLRKTCLEEWTKSAG
LEKFDLRRFLCTESEQLIWKSEGLPSDDLSIENALVILQSRVCPFLIDPSSQATEWLKTHLKDSRLEVINQQDSNFITAL
ELAVRFGKTLIIQEMDGVEPVLYPLLRRDLVAQGPRYVVQIGDKIIDYNEEFRLFLSTRNPNPFIPPDAASIVTEVNFTT
TRSGLRGQLLALTIQHEKPDLEEQKTKLLQQEEDKKIQLAKLEESLLETLATSQGNILENKDLIESLNQTKASSALIQES
LKESYKLQISLDQERDAYLPLAESASKMYFIISDLSKINNMYRFSLAAFLRLFQRALQNKQDSENTEQRIQSLISSLQHM
VYEYICRCLFKADQLMFALHFVRGMHPELFQENEWDTFTGVVVGDMLRKADSQQKIRDQLPSWIDQERSWAVATLKIALP
SLYQTLCFEDAALWRTYYNNSMCEQEFPSILAKKVSLFQQILVVQVLRPDRLQSAMALFACKTLGLKEVSPLPLNLKRLY
KETLEIEPILIIISPGADPSQELQELANAERSGECYHQVAMGQGQADLAIQMLKECARNGDWLCLKNLHLVVSWLPVLEK
ELNTLQPKDTFRLWLTAEVHPNFTPILLQSSLKITYESPPGLKKNLMRTYESWTPEQISKKDNTHRAHALFSLAWFHAAC
QERRNYIPQGWTKFYEFSLSDLRAGYNIIDRLFDGAKDVQWEFVHGLLENAIYGGRIDNYFDLRVLQSYLKQFFNSSVID
VFNQRNKKSIFPYSVSLPQSCSILDYRAVIEKIPEDDKPSFFGLPANIARSSQRMISSQVISQLRILGRSITAGSKFDRE
IWSNELSPVLNLWKKLNQNSNLIHQKVPPPNDRQGSPILSFIILEQFNAIRLVQSVHQSLAALSKVIRGTTLLSSEVQKL
ASALLNQKCPLAWQSKWEGPEDPLQYLRGLVARALAIQNWVDKAEKQALLSETLDLSELFHPDTFLNALRQETARAVGRS
VDSLKFVASWKGRLQEAKLQIKISGLLLEGCSFDGNQLSENQLDSPSVSSVLPCFMGWIPQDACGPYSPDECISLPVYTS
AERDRVVTNIDVPCGGNQDQWIQCGAALFLKNQ
;
_entity_poly.pdbx_strand_id   A,B
#
# COMPACT_ATOMS: atom_id res chain seq x y z
N GLN A 1461 43.17 30.89 -33.31
CA GLN A 1461 44.00 29.71 -33.08
C GLN A 1461 44.48 29.68 -31.64
N GLY A 1462 43.54 29.85 -30.71
CA GLY A 1462 43.86 29.89 -29.30
C GLY A 1462 43.57 28.60 -28.55
N GLU A 1463 43.73 27.47 -29.23
CA GLU A 1463 43.57 26.18 -28.57
C GLU A 1463 44.70 25.93 -27.59
N VAL A 1464 45.86 26.55 -27.83
CA VAL A 1464 47.05 26.41 -27.01
C VAL A 1464 46.78 27.04 -25.65
N THR A 1465 45.88 28.02 -25.59
CA THR A 1465 45.50 28.63 -24.32
C THR A 1465 44.76 27.64 -23.42
N ILE A 1466 43.77 26.94 -23.99
CA ILE A 1466 43.01 25.94 -23.24
C ILE A 1466 43.93 24.78 -22.84
N ARG A 1467 44.81 24.39 -23.75
CA ARG A 1467 45.78 23.33 -23.47
C ARG A 1467 46.73 23.74 -22.35
N GLU A 1468 47.11 25.01 -22.34
CA GLU A 1468 47.99 25.56 -21.33
C GLU A 1468 47.32 25.56 -19.97
N ALA A 1469 46.02 25.90 -19.96
CA ALA A 1469 45.25 25.87 -18.71
C ALA A 1469 45.12 24.45 -18.18
N LEU A 1470 44.93 23.48 -19.09
CA LEU A 1470 44.80 22.09 -18.64
C LEU A 1470 46.13 21.54 -18.14
N ARG A 1471 47.25 21.99 -18.73
CA ARG A 1471 48.55 21.59 -18.23
C ARG A 1471 48.82 22.20 -16.86
N GLU A 1472 48.33 23.43 -16.63
CA GLU A 1472 48.38 24.03 -15.29
C GLU A 1472 47.60 23.21 -14.28
N LEU A 1473 46.40 22.78 -14.64
CA LEU A 1473 45.58 22.03 -13.70
C LEU A 1473 46.16 20.64 -13.46
N ASP A 1474 46.82 20.06 -14.48
CA ASP A 1474 47.50 18.80 -14.29
C ASP A 1474 48.71 18.93 -13.38
N LEU A 1475 49.44 20.06 -13.51
CA LEU A 1475 50.52 20.34 -12.58
C LEU A 1475 50.01 20.51 -11.16
N TRP A 1476 48.80 21.05 -11.01
CA TRP A 1476 48.19 21.06 -9.69
C TRP A 1476 47.82 19.66 -9.23
N GLY A 1477 47.42 18.81 -10.16
CA GLY A 1477 46.90 17.50 -9.80
C GLY A 1477 47.89 16.45 -9.33
N VAL A 1478 49.10 16.84 -8.94
CA VAL A 1478 50.04 15.87 -8.40
C VAL A 1478 50.65 16.36 -7.10
N GLY A 1479 50.57 17.66 -6.82
CA GLY A 1479 51.44 18.24 -5.82
C GLY A 1479 50.87 18.26 -4.42
N ALA A 1480 49.59 18.62 -4.28
CA ALA A 1480 49.08 19.11 -3.00
C ALA A 1480 48.93 17.99 -1.98
N VAL A 1481 49.45 18.23 -0.77
CA VAL A 1481 49.30 17.31 0.36
C VAL A 1481 48.76 18.08 1.55
N PHE A 1482 48.70 17.42 2.70
CA PHE A 1482 48.21 18.03 3.93
C PHE A 1482 49.36 18.50 4.81
N THR A 1483 49.01 18.86 6.03
CA THR A 1483 49.97 19.23 7.06
C THR A 1483 49.64 18.40 8.30
N LEU A 1484 50.26 17.24 8.39
CA LEU A 1484 49.91 16.25 9.40
C LEU A 1484 50.56 16.63 10.72
N ILE A 1485 49.73 16.88 11.73
CA ILE A 1485 50.16 17.52 12.97
C ILE A 1485 49.78 16.63 14.13
N ASP A 1486 50.77 16.26 14.95
CA ASP A 1486 50.52 15.41 16.10
C ASP A 1486 49.77 16.17 17.19
N TYR A 1487 48.59 15.64 17.53
CA TYR A 1487 47.77 16.23 18.57
C TYR A 1487 47.43 15.16 19.59
N GLU A 1488 47.42 15.55 20.86
CA GLU A 1488 47.14 14.61 21.93
C GLU A 1488 45.93 15.07 22.73
N ASP A 1489 44.99 14.14 22.92
CA ASP A 1489 43.77 14.32 23.69
C ASP A 1489 44.07 14.17 25.18
N SER A 1490 43.00 14.00 25.96
CA SER A 1490 43.13 13.88 27.41
C SER A 1490 43.88 12.61 27.80
N GLN A 1491 43.32 11.44 27.46
CA GLN A 1491 44.07 10.21 27.59
C GLN A 1491 45.05 10.20 26.42
N SER A 1492 46.17 9.51 26.61
CA SER A 1492 47.30 9.66 25.70
C SER A 1492 47.09 8.92 24.40
N ARG A 1493 46.69 9.65 23.36
CA ARG A 1493 46.71 9.15 21.99
C ARG A 1493 47.39 10.19 21.13
N THR A 1494 47.54 9.89 19.84
CA THR A 1494 48.16 10.84 18.93
C THR A 1494 47.62 10.62 17.53
N MET A 1495 47.01 11.65 16.96
CA MET A 1495 46.47 11.58 15.63
C MET A 1495 46.94 12.77 14.82
N LYS A 1496 47.09 12.55 13.52
CA LYS A 1496 47.52 13.62 12.64
C LYS A 1496 46.34 14.48 12.22
N LEU A 1497 46.01 15.47 13.04
CA LEU A 1497 44.96 16.40 12.69
C LEU A 1497 45.44 17.33 11.60
N ILE A 1498 44.50 17.92 10.88
CA ILE A 1498 44.81 18.63 9.66
C ILE A 1498 44.47 20.11 9.82
N LYS A 1499 45.45 20.96 9.56
CA LYS A 1499 45.27 22.41 9.65
C LYS A 1499 45.49 23.05 8.29
N ASP A 1500 45.34 24.39 8.29
CA ASP A 1500 45.48 25.25 7.10
C ASP A 1500 44.49 24.85 6.02
N TRP A 1501 43.21 24.92 6.32
CA TRP A 1501 42.19 24.45 5.40
C TRP A 1501 41.95 25.44 4.26
N LYS A 1502 41.97 26.74 4.58
CA LYS A 1502 41.63 27.78 3.62
C LYS A 1502 42.62 27.82 2.46
N ASP A 1503 43.88 27.49 2.74
CA ASP A 1503 44.91 27.36 1.71
C ASP A 1503 44.53 26.29 0.70
N ILE A 1504 43.88 25.23 1.17
CA ILE A 1504 43.50 24.16 0.26
C ILE A 1504 42.21 24.51 -0.48
N VAL A 1505 41.24 25.10 0.23
CA VAL A 1505 39.92 25.33 -0.33
C VAL A 1505 39.95 26.45 -1.37
N ASN A 1506 40.79 27.46 -1.14
CA ASN A 1506 40.82 28.61 -2.05
C ASN A 1506 41.41 28.23 -3.40
N GLN A 1507 42.34 27.26 -3.41
CA GLN A 1507 42.86 26.73 -4.66
C GLN A 1507 41.76 26.03 -5.45
N VAL A 1508 40.86 25.34 -4.74
CA VAL A 1508 39.76 24.63 -5.38
C VAL A 1508 38.79 25.63 -5.99
N GLY A 1509 38.51 26.71 -5.28
CA GLY A 1509 37.64 27.75 -5.81
C GLY A 1509 38.25 28.44 -7.01
N ASP A 1510 39.56 28.67 -6.96
CA ASP A 1510 40.27 29.24 -8.11
C ASP A 1510 40.19 28.32 -9.32
N ASN A 1511 40.29 27.01 -9.08
CA ASN A 1511 40.26 26.08 -10.19
C ASN A 1511 38.87 25.97 -10.79
N ARG A 1512 37.82 26.06 -9.97
CA ARG A 1512 36.46 25.99 -10.51
C ARG A 1512 36.10 27.25 -11.28
N CYS A 1513 36.51 28.42 -10.78
CA CYS A 1513 36.23 29.64 -11.55
C CYS A 1513 37.12 29.71 -12.78
N LEU A 1514 38.29 29.06 -12.75
CA LEU A 1514 39.12 28.98 -13.93
C LEU A 1514 38.48 28.09 -15.00
N LEU A 1515 37.83 27.01 -14.58
CA LEU A 1515 37.08 26.18 -15.51
C LEU A 1515 35.90 26.95 -16.09
N GLN A 1516 35.26 27.79 -15.27
CA GLN A 1516 34.20 28.63 -15.81
C GLN A 1516 34.74 29.65 -16.82
N SER A 1517 35.96 30.14 -16.58
CA SER A 1517 36.60 31.02 -17.55
C SER A 1517 36.93 30.28 -18.83
N LEU A 1518 37.25 28.99 -18.72
CA LEU A 1518 37.48 28.17 -19.90
C LEU A 1518 36.18 27.87 -20.63
N LYS A 1519 35.06 27.91 -19.91
CA LYS A 1519 33.76 27.65 -20.51
C LYS A 1519 33.28 28.75 -21.45
N ASP A 1520 33.97 29.90 -21.45
CA ASP A 1520 33.56 30.98 -22.34
C ASP A 1520 34.39 31.01 -23.62
N SER A 1521 35.37 30.11 -23.76
CA SER A 1521 36.20 30.09 -24.95
C SER A 1521 35.42 29.49 -26.12
N PRO A 1522 35.64 29.98 -27.35
CA PRO A 1522 34.93 29.40 -28.49
C PRO A 1522 35.47 28.03 -28.89
N TYR A 1523 36.66 27.66 -28.44
CA TYR A 1523 37.23 26.36 -28.76
C TYR A 1523 36.95 25.34 -27.65
N TYR A 1524 35.88 25.58 -26.89
CA TYR A 1524 35.55 24.69 -25.78
C TYR A 1524 34.92 23.39 -26.25
N LYS A 1525 34.43 23.39 -27.49
CA LYS A 1525 33.68 22.25 -28.02
C LYS A 1525 34.59 21.06 -28.32
N GLY A 1526 35.89 21.30 -28.45
CA GLY A 1526 36.81 20.22 -28.70
C GLY A 1526 37.51 19.73 -27.44
N PHE A 1527 37.33 20.45 -26.34
CA PHE A 1527 38.01 20.12 -25.09
C PHE A 1527 37.06 19.96 -23.92
N GLU A 1528 35.75 19.89 -24.21
CA GLU A 1528 34.72 19.74 -23.17
C GLU A 1528 34.90 18.48 -22.30
N ASP A 1529 35.50 17.43 -22.86
CA ASP A 1529 35.46 16.14 -22.19
C ASP A 1529 36.42 16.10 -21.00
N LYS A 1530 37.55 16.79 -21.09
CA LYS A 1530 38.45 16.86 -19.95
C LYS A 1530 37.90 17.80 -18.88
N VAL A 1531 37.15 18.81 -19.32
CA VAL A 1531 36.53 19.74 -18.40
C VAL A 1531 35.48 19.04 -17.56
N SER A 1532 34.80 18.06 -18.16
CA SER A 1532 33.83 17.25 -17.40
C SER A 1532 34.52 16.46 -16.27
N ILE A 1533 35.70 15.89 -16.57
CA ILE A 1533 36.49 15.18 -15.56
C ILE A 1533 36.80 16.08 -14.38
N TRP A 1534 37.41 17.22 -14.68
CA TRP A 1534 37.88 18.07 -13.60
C TRP A 1534 36.72 18.73 -12.86
N GLU A 1535 35.61 18.93 -13.56
CA GLU A 1535 34.38 19.40 -12.94
C GLU A 1535 33.89 18.45 -11.87
N ARG A 1536 33.74 17.16 -12.24
CA ARG A 1536 33.21 16.19 -11.27
C ARG A 1536 34.22 15.92 -10.16
N LYS A 1537 35.51 15.97 -10.50
CA LYS A 1537 36.56 15.73 -9.51
C LYS A 1537 36.56 16.80 -8.42
N LEU A 1538 36.51 18.07 -8.84
CA LEU A 1538 36.49 19.14 -7.85
C LEU A 1538 35.17 19.19 -7.11
N ALA A 1539 34.08 18.79 -7.78
CA ALA A 1539 32.77 18.78 -7.14
C ALA A 1539 32.69 17.74 -6.03
N GLU A 1540 33.40 16.61 -6.19
CA GLU A 1540 33.47 15.65 -5.10
C GLU A 1540 34.40 16.13 -4.00
N LEU A 1541 35.56 16.68 -4.38
CA LEU A 1541 36.61 16.98 -3.41
C LEU A 1541 36.19 18.12 -2.48
N ASP A 1542 35.41 19.06 -3.01
CA ASP A 1542 34.94 20.18 -2.19
C ASP A 1542 34.02 19.71 -1.09
N GLU A 1543 33.05 18.85 -1.42
CA GLU A 1543 32.11 18.37 -0.42
C GLU A 1543 32.80 17.49 0.60
N TYR A 1544 33.81 16.73 0.17
CA TYR A 1544 34.53 15.86 1.11
C TYR A 1544 35.30 16.67 2.13
N LEU A 1545 35.98 17.73 1.68
CA LEU A 1545 36.72 18.57 2.62
C LEU A 1545 35.77 19.36 3.52
N GLN A 1546 34.66 19.82 2.93
CA GLN A 1546 33.73 20.66 3.66
C GLN A 1546 32.86 19.82 4.61
N ASN A 1547 32.97 18.49 4.52
CA ASN A 1547 32.41 17.66 5.57
C ASN A 1547 33.46 17.31 6.61
N LEU A 1548 34.70 17.08 6.17
CA LEU A 1548 35.72 16.58 7.07
C LEU A 1548 36.13 17.64 8.09
N ASN A 1549 36.03 18.92 7.72
CA ASN A 1549 36.32 19.95 8.71
C ASN A 1549 35.27 20.01 9.82
N HIS A 1550 33.98 19.83 9.47
CA HIS A 1550 32.92 19.68 10.46
C HIS A 1550 33.24 18.53 11.41
N ILE A 1551 33.60 17.39 10.84
CA ILE A 1551 33.80 16.20 11.65
C ILE A 1551 34.98 16.39 12.60
N GLN A 1552 36.02 17.07 12.10
CA GLN A 1552 37.20 17.33 12.92
C GLN A 1552 36.86 18.24 14.10
N ARG A 1553 36.14 19.34 13.82
CA ARG A 1553 35.80 20.28 14.89
C ARG A 1553 34.89 19.66 15.93
N LYS A 1554 33.88 18.90 15.49
CA LYS A 1554 32.95 18.31 16.44
C LYS A 1554 33.60 17.19 17.24
N TRP A 1555 34.55 16.47 16.64
CA TRP A 1555 35.24 15.43 17.39
C TRP A 1555 36.16 16.02 18.44
N VAL A 1556 36.84 17.13 18.11
CA VAL A 1556 37.69 17.81 19.07
C VAL A 1556 36.86 18.35 20.24
N TYR A 1557 35.65 18.86 19.93
CA TYR A 1557 34.74 19.29 20.98
C TYR A 1557 34.32 18.16 21.89
N LEU A 1558 33.93 17.02 21.32
CA LEU A 1558 33.20 16.04 22.09
C LEU A 1558 34.09 14.95 22.64
N GLU A 1559 35.40 15.01 22.39
CA GLU A 1559 36.28 14.08 23.11
C GLU A 1559 36.29 14.30 24.62
N PRO A 1560 36.59 15.50 25.18
CA PRO A 1560 36.86 15.54 26.63
C PRO A 1560 35.63 15.38 27.52
N ILE A 1561 34.45 15.76 27.04
CA ILE A 1561 33.24 15.68 27.84
C ILE A 1561 32.87 14.24 28.12
N PHE A 1562 32.77 13.42 27.08
CA PHE A 1562 32.54 11.99 27.27
C PHE A 1562 33.77 11.30 27.86
N GLY A 1563 34.95 11.90 27.75
CA GLY A 1563 36.10 11.33 28.43
C GLY A 1563 36.01 11.44 29.94
N ARG A 1564 35.53 12.59 30.44
CA ARG A 1564 35.58 12.84 31.87
C ARG A 1564 34.40 12.18 32.61
N GLY A 1565 33.18 12.53 32.23
CA GLY A 1565 32.00 11.99 32.87
C GLY A 1565 31.31 10.90 32.08
N ALA A 1566 31.92 9.71 32.06
CA ALA A 1566 31.52 8.62 31.17
C ALA A 1566 30.21 7.98 31.66
N LEU A 1567 29.16 8.15 30.86
CA LEU A 1567 27.93 7.38 31.03
C LEU A 1567 27.87 6.42 29.87
N PRO A 1568 27.75 5.10 30.11
CA PRO A 1568 28.07 4.12 29.06
C PRO A 1568 27.09 4.11 27.89
N LYS A 1569 25.84 4.52 28.11
CA LYS A 1569 24.88 4.63 27.01
C LYS A 1569 25.28 5.71 26.02
N GLU A 1570 26.01 6.70 26.49
CA GLU A 1570 26.65 7.68 25.62
C GLU A 1570 27.97 7.13 25.08
N GLN A 1571 28.66 6.32 25.89
CA GLN A 1571 30.02 5.90 25.57
C GLN A 1571 30.06 4.95 24.39
N THR A 1572 29.06 4.07 24.27
CA THR A 1572 29.07 3.11 23.16
C THR A 1572 28.88 3.83 21.82
N ARG A 1573 27.95 4.78 21.79
CA ARG A 1573 27.75 5.68 20.66
C ARG A 1573 29.04 6.38 20.27
N PHE A 1574 29.67 7.06 21.24
CA PHE A 1574 30.80 7.89 20.90
C PHE A 1574 32.04 7.05 20.63
N ASN A 1575 32.11 5.83 21.15
CA ASN A 1575 33.21 4.95 20.80
C ASN A 1575 33.09 4.45 19.37
N ARG A 1576 31.86 4.19 18.92
CA ARG A 1576 31.70 3.79 17.52
C ARG A 1576 32.05 4.93 16.58
N VAL A 1577 31.71 6.16 16.96
CA VAL A 1577 32.10 7.31 16.15
C VAL A 1577 33.62 7.53 16.21
N ASP A 1578 34.23 7.26 17.36
CA ASP A 1578 35.67 7.39 17.53
C ASP A 1578 36.41 6.41 16.64
N GLU A 1579 35.94 5.17 16.59
CA GLU A 1579 36.53 4.15 15.72
C GLU A 1579 36.39 4.54 14.26
N ASP A 1580 35.20 5.00 13.87
CA ASP A 1580 34.96 5.34 12.48
C ASP A 1580 35.72 6.58 12.03
N PHE A 1581 36.15 7.43 12.97
CA PHE A 1581 36.96 8.58 12.55
C PHE A 1581 38.45 8.24 12.54
N ARG A 1582 38.92 7.52 13.56
CA ARG A 1582 40.34 7.25 13.66
C ARG A 1582 40.79 6.25 12.60
N SER A 1583 39.88 5.40 12.13
CA SER A 1583 40.19 4.52 11.02
C SER A 1583 40.42 5.28 9.72
N ILE A 1584 39.70 6.38 9.51
CA ILE A 1584 39.93 7.18 8.31
C ILE A 1584 41.23 7.94 8.45
N MET A 1585 41.49 8.47 9.65
CA MET A 1585 42.66 9.34 9.82
C MET A 1585 43.96 8.54 9.81
N THR A 1586 43.90 7.25 10.14
CA THR A 1586 45.08 6.40 9.97
C THR A 1586 45.44 6.21 8.49
N ASP A 1587 44.44 6.00 7.63
CA ASP A 1587 44.72 5.87 6.20
C ASP A 1587 45.15 7.18 5.59
N ILE A 1588 44.75 8.31 6.18
CA ILE A 1588 45.27 9.59 5.71
C ILE A 1588 46.71 9.74 6.16
N LYS A 1589 47.04 9.20 7.34
CA LYS A 1589 48.42 9.19 7.82
C LYS A 1589 49.31 8.35 6.93
N LYS A 1590 48.74 7.31 6.31
CA LYS A 1590 49.51 6.50 5.36
C LYS A 1590 49.84 7.29 4.10
N ASP A 1591 48.82 7.71 3.36
CA ASP A 1591 49.01 8.51 2.14
C ASP A 1591 48.36 9.87 2.31
N ASN A 1592 49.16 10.92 2.09
CA ASN A 1592 48.67 12.26 2.35
C ASN A 1592 48.44 13.05 1.08
N ARG A 1593 48.45 12.39 -0.07
CA ARG A 1593 48.09 13.06 -1.32
C ARG A 1593 46.61 13.39 -1.31
N VAL A 1594 46.29 14.61 -1.77
CA VAL A 1594 44.96 15.17 -1.52
C VAL A 1594 43.90 14.53 -2.39
N THR A 1595 44.27 13.90 -3.50
CA THR A 1595 43.26 13.26 -4.34
C THR A 1595 43.06 11.80 -3.96
N THR A 1596 43.58 11.38 -2.81
CA THR A 1596 43.31 10.03 -2.35
C THR A 1596 41.93 9.94 -1.71
N LEU A 1597 41.43 11.07 -1.19
CA LEU A 1597 40.07 11.08 -0.65
C LEU A 1597 39.03 10.96 -1.75
N THR A 1598 39.38 11.28 -2.99
CA THR A 1598 38.51 10.96 -4.10
C THR A 1598 38.53 9.47 -4.42
N THR A 1599 39.56 8.75 -3.96
CA THR A 1599 39.75 7.37 -4.39
C THR A 1599 39.88 6.43 -3.19
N HIS A 1600 39.25 6.75 -2.07
CA HIS A 1600 39.16 5.77 -1.00
C HIS A 1600 37.98 4.84 -1.22
N ALA A 1601 37.71 4.00 -0.22
CA ALA A 1601 36.74 2.92 -0.31
C ALA A 1601 35.37 3.40 0.16
N GLY A 1602 34.73 4.25 -0.64
CA GLY A 1602 33.40 4.74 -0.33
C GLY A 1602 33.27 5.54 0.93
N ILE A 1603 33.95 6.69 1.03
CA ILE A 1603 34.00 7.42 2.28
C ILE A 1603 32.75 8.25 2.53
N ARG A 1604 31.89 8.40 1.51
CA ARG A 1604 30.79 9.36 1.56
C ARG A 1604 29.78 8.99 2.62
N ASN A 1605 29.37 7.73 2.66
CA ASN A 1605 28.43 7.31 3.68
C ASN A 1605 29.08 7.23 5.05
N SER A 1606 30.39 6.99 5.12
CA SER A 1606 31.09 7.04 6.40
C SER A 1606 31.04 8.44 7.00
N LEU A 1607 31.29 9.44 6.18
CA LEU A 1607 31.27 10.83 6.65
C LEU A 1607 29.87 11.26 7.06
N LEU A 1608 28.86 10.93 6.23
CA LEU A 1608 27.50 11.34 6.55
C LEU A 1608 26.97 10.62 7.80
N THR A 1609 27.33 9.35 7.98
CA THR A 1609 26.87 8.66 9.18
C THR A 1609 27.57 9.17 10.44
N ILE A 1610 28.85 9.54 10.34
CA ILE A 1610 29.54 10.09 11.51
C ILE A 1610 28.92 11.44 11.91
N LEU A 1611 28.59 12.28 10.92
CA LEU A 1611 27.90 13.53 11.19
C LEU A 1611 26.54 13.31 11.84
N ASP A 1612 25.80 12.31 11.36
CA ASP A 1612 24.47 12.07 11.90
C ASP A 1612 24.53 11.55 13.32
N GLN A 1613 25.51 10.69 13.63
CA GLN A 1613 25.63 10.19 15.00
C GLN A 1613 26.09 11.28 15.95
N LEU A 1614 26.89 12.24 15.46
CA LEU A 1614 27.25 13.38 16.32
C LEU A 1614 26.05 14.27 16.60
N GLN A 1615 25.19 14.47 15.61
CA GLN A 1615 23.93 15.19 15.84
C GLN A 1615 23.08 14.49 16.91
N ARG A 1616 23.06 13.16 16.88
CA ARG A 1616 22.26 12.44 17.85
C ARG A 1616 22.87 12.48 19.25
N CYS A 1617 24.20 12.50 19.37
CA CYS A 1617 24.76 12.60 20.71
C CYS A 1617 24.64 14.02 21.26
N GLN A 1618 24.52 15.01 20.36
CA GLN A 1618 24.11 16.36 20.80
C GLN A 1618 22.73 16.36 21.43
N ARG A 1619 21.77 15.71 20.75
CA ARG A 1619 20.42 15.60 21.30
C ARG A 1619 20.41 14.82 22.61
N SER A 1620 21.37 13.93 22.81
CA SER A 1620 21.49 13.30 24.13
C SER A 1620 22.08 14.26 25.15
N LEU A 1621 22.91 15.21 24.70
CA LEU A 1621 23.60 16.10 25.65
C LEU A 1621 22.79 17.30 26.11
N ASN A 1622 21.61 17.53 25.50
CA ASN A 1622 20.69 18.61 25.92
C ASN A 1622 20.49 18.73 27.43
N GLU A 1623 20.29 17.59 28.10
CA GLU A 1623 20.00 17.60 29.53
C GLU A 1623 21.19 18.09 30.35
N PHE A 1624 22.40 17.67 29.98
CA PHE A 1624 23.59 18.10 30.71
C PHE A 1624 23.88 19.58 30.45
N LEU A 1625 23.55 20.06 29.25
CA LEU A 1625 23.67 21.49 28.97
C LEU A 1625 22.78 22.32 29.86
N GLU A 1626 21.55 21.86 30.10
CA GLU A 1626 20.66 22.63 30.98
C GLU A 1626 21.13 22.58 32.43
N GLU A 1627 21.77 21.47 32.83
CA GLU A 1627 22.39 21.38 34.15
C GLU A 1627 23.48 22.42 34.34
N LYS A 1628 24.38 22.55 33.37
CA LYS A 1628 25.44 23.56 33.52
C LYS A 1628 24.92 24.98 33.34
N ARG A 1629 23.84 25.16 32.58
CA ARG A 1629 23.24 26.50 32.51
C ARG A 1629 22.58 26.89 33.81
N SER A 1630 22.01 25.92 34.55
CA SER A 1630 21.51 26.22 35.88
C SER A 1630 22.66 26.40 36.87
N ALA A 1631 23.82 25.82 36.56
CA ALA A 1631 24.97 26.01 37.43
C ALA A 1631 25.51 27.44 37.37
N PHE A 1632 25.95 27.89 36.21
CA PHE A 1632 26.51 29.23 36.12
C PHE A 1632 25.51 30.14 35.43
N PRO A 1633 25.21 31.30 35.99
CA PRO A 1633 24.02 32.03 35.59
C PRO A 1633 24.08 32.72 34.23
N ARG A 1634 25.26 33.09 33.74
CA ARG A 1634 25.31 33.89 32.53
C ARG A 1634 25.12 33.08 31.26
N PHE A 1635 25.04 31.76 31.38
CA PHE A 1635 25.13 30.90 30.20
C PHE A 1635 23.83 30.86 29.40
N TYR A 1636 22.77 31.55 29.85
CA TYR A 1636 21.50 31.49 29.15
C TYR A 1636 21.49 32.28 27.84
N PHE A 1637 22.58 32.95 27.52
CA PHE A 1637 22.64 33.80 26.34
C PHE A 1637 23.73 33.34 25.38
N ILE A 1638 24.61 32.47 25.88
CA ILE A 1638 25.50 31.71 25.03
C ILE A 1638 24.65 30.62 24.40
N GLY A 1639 24.88 30.36 23.12
CA GLY A 1639 24.28 29.18 22.52
C GLY A 1639 24.89 27.90 23.08
N ASP A 1640 24.33 26.76 22.66
CA ASP A 1640 24.93 25.48 23.03
C ASP A 1640 26.29 25.30 22.37
N ASP A 1641 26.39 25.81 21.14
CA ASP A 1641 27.54 25.57 20.27
C ASP A 1641 28.82 26.12 20.86
N ASP A 1642 28.73 27.21 21.62
CA ASP A 1642 29.92 27.75 22.25
C ASP A 1642 30.06 27.23 23.67
N LEU A 1643 28.94 26.85 24.29
CA LEU A 1643 28.97 26.45 25.69
C LEU A 1643 29.68 25.12 25.85
N LEU A 1644 29.45 24.20 24.92
CA LEU A 1644 30.17 22.94 25.03
C LEU A 1644 31.64 23.09 24.63
N GLU A 1645 31.97 24.12 23.85
CA GLU A 1645 33.38 24.44 23.62
C GLU A 1645 34.06 24.86 24.91
N ILE A 1646 33.45 25.80 25.63
CA ILE A 1646 34.03 26.29 26.87
C ILE A 1646 34.05 25.21 27.95
N LEU A 1647 33.09 24.29 27.92
CA LEU A 1647 33.14 23.13 28.82
C LEU A 1647 34.27 22.19 28.45
N GLY A 1648 34.45 21.93 27.15
CA GLY A 1648 35.50 21.02 26.74
C GLY A 1648 36.87 21.68 26.79
N GLN A 1649 37.07 22.72 25.99
CA GLN A 1649 38.36 23.37 25.83
C GLN A 1649 38.66 24.24 27.06
N SER A 1650 39.00 23.57 28.17
CA SER A 1650 39.12 24.31 29.42
C SER A 1650 40.52 24.89 29.61
N THR A 1651 41.39 24.78 28.61
CA THR A 1651 42.74 25.33 28.75
C THR A 1651 43.17 26.09 27.49
N ASN A 1652 42.44 25.92 26.39
CA ASN A 1652 42.86 26.48 25.09
C ASN A 1652 42.73 28.00 25.08
N PRO A 1653 43.81 28.73 24.85
CA PRO A 1653 43.74 30.20 24.89
C PRO A 1653 43.03 30.81 23.71
N SER A 1654 43.08 30.15 22.54
CA SER A 1654 42.39 30.67 21.37
C SER A 1654 40.88 30.66 21.57
N VAL A 1655 40.37 29.62 22.24
CA VAL A 1655 38.95 29.53 22.55
C VAL A 1655 38.53 30.64 23.51
N ILE A 1656 39.39 30.91 24.50
CA ILE A 1656 39.08 31.90 25.53
C ILE A 1656 39.04 33.29 24.92
N GLN A 1657 40.01 33.60 24.05
CA GLN A 1657 40.00 34.91 23.42
C GLN A 1657 38.95 35.01 22.34
N SER A 1658 38.47 33.87 21.85
CA SER A 1658 37.44 33.93 20.82
C SER A 1658 36.03 34.00 21.38
N HIS A 1659 35.82 33.55 22.62
CA HIS A 1659 34.47 33.45 23.15
C HIS A 1659 34.28 34.03 24.55
N LEU A 1660 35.29 34.68 25.12
CA LEU A 1660 35.09 35.33 26.40
C LEU A 1660 34.55 36.74 26.19
N LYS A 1661 34.67 37.24 24.97
CA LYS A 1661 34.09 38.52 24.60
C LYS A 1661 32.57 38.50 24.69
N LYS A 1662 31.95 37.42 24.22
CA LYS A 1662 30.49 37.37 24.20
C LYS A 1662 29.91 37.04 25.56
N LEU A 1663 30.73 36.67 26.53
CA LEU A 1663 30.24 36.36 27.86
C LEU A 1663 30.20 37.60 28.74
N PHE A 1664 31.35 38.20 29.03
CA PHE A 1664 31.43 39.49 29.67
C PHE A 1664 31.55 40.55 28.59
N ALA A 1665 30.63 41.50 28.55
CA ALA A 1665 30.58 42.43 27.42
C ALA A 1665 31.69 43.47 27.50
N GLY A 1666 32.22 43.71 28.69
CA GLY A 1666 33.24 44.71 28.85
C GLY A 1666 34.60 44.28 28.33
N ILE A 1667 35.06 43.11 28.77
CA ILE A 1667 36.37 42.58 28.40
C ILE A 1667 36.31 42.22 26.92
N ASN A 1668 37.26 42.74 26.14
CA ASN A 1668 37.32 42.40 24.73
C ASN A 1668 38.29 41.24 24.51
N SER A 1669 39.41 41.25 25.22
CA SER A 1669 40.34 40.14 25.24
C SER A 1669 41.08 40.18 26.56
N VAL A 1670 41.81 39.11 26.83
CA VAL A 1670 42.65 39.04 28.02
C VAL A 1670 44.08 38.73 27.60
N CYS A 1671 44.99 38.88 28.54
CA CYS A 1671 46.36 38.43 28.35
C CYS A 1671 46.54 37.06 28.96
N PHE A 1672 47.78 36.61 28.98
CA PHE A 1672 48.17 35.38 29.66
C PHE A 1672 49.55 35.58 30.24
N ASP A 1673 49.88 34.81 31.28
CA ASP A 1673 51.23 34.87 31.82
C ASP A 1673 52.19 34.06 30.96
N GLU A 1674 53.40 33.83 31.49
CA GLU A 1674 54.48 33.32 30.68
C GLU A 1674 54.37 31.81 30.46
N LYS A 1675 53.46 31.15 31.16
CA LYS A 1675 53.27 29.72 30.94
C LYS A 1675 51.84 29.38 30.53
N SER A 1676 51.03 30.40 30.23
CA SER A 1676 49.58 30.29 30.00
C SER A 1676 48.86 29.55 31.12
N LYS A 1677 49.15 29.91 32.37
CA LYS A 1677 48.50 29.31 33.53
C LYS A 1677 47.72 30.32 34.34
N HIS A 1678 47.84 31.60 34.02
CA HIS A 1678 47.13 32.66 34.72
C HIS A 1678 46.76 33.77 33.74
N ILE A 1679 45.68 34.47 34.07
CA ILE A 1679 45.26 35.66 33.34
C ILE A 1679 45.56 36.86 34.23
N THR A 1680 46.19 37.88 33.65
CA THR A 1680 46.67 39.00 34.45
C THR A 1680 46.07 40.33 34.02
N ALA A 1681 45.61 40.47 32.77
CA ALA A 1681 45.07 41.76 32.35
C ALA A 1681 43.85 41.55 31.47
N MET A 1682 43.19 42.66 31.15
CA MET A 1682 42.05 42.68 30.27
C MET A 1682 42.13 43.92 29.39
N LYS A 1683 41.42 43.88 28.26
CA LYS A 1683 41.53 44.92 27.26
C LYS A 1683 40.20 45.63 27.05
N SER A 1684 40.14 46.42 25.99
CA SER A 1684 38.91 47.06 25.54
C SER A 1684 38.81 46.98 24.02
N LEU A 1685 37.84 47.72 23.49
CA LEU A 1685 37.74 47.81 22.03
C LEU A 1685 38.84 48.69 21.46
N GLU A 1686 39.12 49.81 22.11
CA GLU A 1686 40.16 50.69 21.60
C GLU A 1686 41.52 50.33 22.16
N GLY A 1687 41.57 49.48 23.18
CA GLY A 1687 42.81 49.03 23.77
C GLY A 1687 43.08 49.58 25.15
N GLU A 1688 42.06 50.02 25.85
CA GLU A 1688 42.17 50.41 27.26
C GLU A 1688 42.51 49.19 28.10
N VAL A 1689 43.63 49.24 28.78
CA VAL A 1689 44.14 48.07 29.48
C VAL A 1689 44.15 48.33 30.97
N VAL A 1690 43.56 47.41 31.73
CA VAL A 1690 43.55 47.46 33.18
C VAL A 1690 44.12 46.15 33.70
N PRO A 1691 45.18 46.17 34.50
CA PRO A 1691 45.69 44.94 35.09
C PRO A 1691 44.78 44.49 36.22
N PHE A 1692 44.89 43.20 36.54
CA PHE A 1692 44.12 42.63 37.65
C PHE A 1692 45.01 42.64 38.87
N LYS A 1693 44.40 42.70 40.05
CA LYS A 1693 45.17 42.86 41.28
C LYS A 1693 45.78 41.56 41.74
N ASN A 1694 45.37 40.44 41.13
CA ASN A 1694 45.93 39.14 41.44
C ASN A 1694 45.75 38.23 40.23
N LYS A 1695 46.64 37.25 40.09
CA LYS A 1695 46.56 36.32 38.97
C LYS A 1695 45.39 35.37 39.16
N VAL A 1696 44.89 34.85 38.05
CA VAL A 1696 43.70 34.00 38.06
C VAL A 1696 44.07 32.58 37.67
N PRO A 1697 43.99 31.61 38.57
CA PRO A 1697 44.37 30.23 38.22
C PRO A 1697 43.39 29.55 37.28
N LEU A 1698 43.86 29.20 36.09
CA LEU A 1698 43.06 28.43 35.16
C LEU A 1698 42.98 26.98 35.62
N SER A 1699 41.87 26.32 35.32
CA SER A 1699 41.70 24.91 35.65
C SER A 1699 40.72 24.26 34.68
N ASN A 1700 40.35 23.03 34.99
CA ASN A 1700 39.46 22.26 34.11
C ASN A 1700 37.99 22.56 34.39
N ASN A 1701 37.60 22.56 35.66
CA ASN A 1701 36.23 22.86 36.06
C ASN A 1701 36.00 24.35 35.82
N VAL A 1702 35.11 24.66 34.87
CA VAL A 1702 35.12 25.97 34.24
C VAL A 1702 34.51 27.03 35.16
N GLU A 1703 33.51 26.62 35.94
CA GLU A 1703 32.90 27.57 36.88
C GLU A 1703 33.86 27.91 38.00
N THR A 1704 34.82 27.03 38.27
CA THR A 1704 35.75 27.25 39.36
C THR A 1704 36.90 28.18 38.97
N TRP A 1705 36.83 28.78 37.79
CA TRP A 1705 37.68 29.95 37.56
C TRP A 1705 36.90 31.10 36.94
N LEU A 1706 35.70 30.83 36.40
CA LEU A 1706 34.84 31.95 36.02
C LEU A 1706 34.32 32.70 37.24
N ASN A 1707 34.03 31.98 38.32
CA ASN A 1707 33.68 32.65 39.57
C ASN A 1707 34.84 33.47 40.07
N ASP A 1708 36.07 32.98 39.86
CA ASP A 1708 37.25 33.73 40.25
C ASP A 1708 37.41 34.99 39.42
N LEU A 1709 37.08 34.92 38.12
CA LEU A 1709 37.10 36.12 37.28
C LEU A 1709 36.11 37.16 37.78
N ALA A 1710 34.89 36.74 38.11
CA ALA A 1710 33.86 37.69 38.54
C ALA A 1710 34.26 38.37 39.85
N LEU A 1711 34.64 37.58 40.85
CA LEU A 1711 35.06 38.14 42.13
C LEU A 1711 36.30 39.01 41.99
N GLU A 1712 37.28 38.58 41.19
CA GLU A 1712 38.54 39.30 41.17
C GLU A 1712 38.43 40.57 40.35
N MET A 1713 37.55 40.59 39.34
CA MET A 1713 37.25 41.83 38.64
C MET A 1713 36.57 42.84 39.55
N LYS A 1714 35.60 42.39 40.35
CA LYS A 1714 34.91 43.31 41.23
C LYS A 1714 35.84 43.83 42.33
N LYS A 1715 36.69 42.97 42.89
CA LYS A 1715 37.63 43.41 43.91
C LYS A 1715 38.69 44.35 43.33
N THR A 1716 39.11 44.10 42.08
CA THR A 1716 40.11 44.95 41.45
C THR A 1716 39.58 46.35 41.22
N LEU A 1717 38.35 46.45 40.66
CA LEU A 1717 37.77 47.77 40.46
C LEU A 1717 37.48 48.45 41.78
N GLU A 1718 37.13 47.68 42.81
CA GLU A 1718 36.83 48.28 44.11
C GLU A 1718 38.08 48.86 44.77
N GLN A 1719 39.20 48.14 44.70
CA GLN A 1719 40.41 48.67 45.32
C GLN A 1719 41.00 49.78 44.47
N LEU A 1720 40.74 49.76 43.16
CA LEU A 1720 41.29 50.79 42.29
C LEU A 1720 40.55 52.10 42.47
N LEU A 1721 39.23 52.03 42.70
CA LEU A 1721 38.45 53.21 43.05
C LEU A 1721 38.88 53.82 44.36
N LYS A 1722 39.14 52.98 45.37
CA LYS A 1722 39.61 53.48 46.67
C LYS A 1722 40.95 54.16 46.56
N GLU A 1723 41.87 53.58 45.79
CA GLU A 1723 43.20 54.17 45.62
C GLU A 1723 43.12 55.51 44.90
N CYS A 1724 42.26 55.59 43.88
CA CYS A 1724 42.10 56.84 43.14
C CYS A 1724 41.48 57.93 44.00
N VAL A 1725 40.42 57.61 44.75
CA VAL A 1725 39.76 58.62 45.57
C VAL A 1725 40.65 59.01 46.76
N THR A 1726 41.45 58.06 47.25
CA THR A 1726 42.34 58.32 48.36
C THR A 1726 43.44 59.30 47.96
N THR A 1727 43.99 59.15 46.75
CA THR A 1727 44.95 60.15 46.30
C THR A 1727 44.25 61.44 45.88
N GLY A 1728 43.01 61.35 45.41
CA GLY A 1728 42.34 62.52 44.88
C GLY A 1728 41.80 63.47 45.93
N ARG A 1729 41.49 62.96 47.12
CA ARG A 1729 40.98 63.84 48.17
C ARG A 1729 42.12 64.55 48.90
N SER A 1730 43.37 64.25 48.52
CA SER A 1730 44.47 65.09 48.92
C SER A 1730 44.41 66.42 48.16
N SER A 1731 45.24 67.37 48.61
CA SER A 1731 45.17 68.73 48.05
C SER A 1731 45.69 68.77 46.62
N GLN A 1732 46.79 68.07 46.34
CA GLN A 1732 47.33 68.03 44.99
C GLN A 1732 46.44 67.20 44.09
N GLY A 1733 46.49 67.49 42.80
CA GLY A 1733 45.70 66.73 41.85
C GLY A 1733 46.31 65.37 41.58
N ALA A 1734 45.44 64.37 41.41
CA ALA A 1734 45.91 63.04 41.07
C ALA A 1734 45.78 62.78 39.58
N VAL A 1735 46.06 63.81 38.77
CA VAL A 1735 45.91 63.75 37.32
C VAL A 1735 46.99 62.84 36.76
N ASP A 1736 46.59 61.62 36.40
CA ASP A 1736 47.44 60.65 35.73
C ASP A 1736 46.56 59.69 34.95
N PRO A 1737 45.98 60.15 33.83
CA PRO A 1737 44.87 59.41 33.22
C PRO A 1737 45.27 58.11 32.55
N SER A 1738 46.57 57.85 32.44
CA SER A 1738 47.01 56.54 32.01
C SER A 1738 46.77 55.49 33.09
N LEU A 1739 46.76 55.91 34.36
CA LEU A 1739 46.82 54.95 35.45
C LEU A 1739 45.43 54.45 35.82
N PHE A 1740 44.39 55.14 35.35
CA PHE A 1740 43.08 54.61 35.72
C PHE A 1740 42.15 54.55 34.51
N PRO A 1741 41.22 53.61 34.48
CA PRO A 1741 40.17 53.65 33.44
C PRO A 1741 39.20 54.80 33.69
N SER A 1742 38.49 55.19 32.62
CA SER A 1742 37.61 56.36 32.67
C SER A 1742 36.44 56.17 33.63
N GLN A 1743 36.07 54.91 33.86
CA GLN A 1743 35.00 54.55 34.77
C GLN A 1743 35.31 54.99 36.20
N ILE A 1744 36.59 55.07 36.56
CA ILE A 1744 36.94 55.48 37.91
C ILE A 1744 37.20 56.98 37.98
N LEU A 1745 37.73 57.56 36.89
CA LEU A 1745 37.94 59.01 36.83
C LEU A 1745 36.62 59.77 36.98
N CYS A 1746 35.60 59.39 36.19
CA CYS A 1746 34.34 60.11 36.22
C CYS A 1746 33.66 59.97 37.57
N LEU A 1747 33.76 58.78 38.16
CA LEU A 1747 33.11 58.51 39.43
C LEU A 1747 33.80 59.25 40.57
N ALA A 1748 35.13 59.30 40.55
CA ALA A 1748 35.86 60.01 41.59
C ALA A 1748 35.60 61.51 41.52
N GLU A 1749 35.54 62.06 40.30
CA GLU A 1749 35.24 63.48 40.16
C GLU A 1749 33.83 63.80 40.62
N GLN A 1750 32.87 62.91 40.34
CA GLN A 1750 31.51 63.18 40.79
C GLN A 1750 31.34 63.04 42.30
N ILE A 1751 31.98 62.05 42.93
CA ILE A 1751 31.91 61.92 44.38
C ILE A 1751 32.54 63.12 45.09
N LYS A 1752 33.70 63.56 44.61
CA LYS A 1752 34.36 64.70 45.26
C LYS A 1752 33.60 65.99 45.02
N PHE A 1753 33.01 66.14 43.83
CA PHE A 1753 32.09 67.25 43.55
C PHE A 1753 30.92 67.28 44.52
N THR A 1754 30.33 66.11 44.76
CA THR A 1754 29.17 66.02 45.64
C THR A 1754 29.51 66.45 47.05
N GLU A 1755 30.61 65.92 47.59
CA GLU A 1755 30.98 66.24 48.96
C GLU A 1755 31.40 67.71 49.10
N ASP A 1756 32.03 68.26 48.06
CA ASP A 1756 32.42 69.66 48.13
C ASP A 1756 31.21 70.59 48.06
N VAL A 1757 30.22 70.27 47.23
CA VAL A 1757 29.07 71.16 47.13
C VAL A 1757 28.19 71.05 48.37
N GLU A 1758 28.18 69.86 48.99
CA GLU A 1758 27.40 69.74 50.22
C GLU A 1758 28.15 70.31 51.42
N ASN A 1759 29.47 70.51 51.30
CA ASN A 1759 30.11 71.43 52.25
C ASN A 1759 29.75 72.88 51.94
N ALA A 1760 29.64 73.21 50.65
CA ALA A 1760 29.47 74.59 50.23
C ALA A 1760 28.15 75.17 50.71
N ILE A 1761 27.04 74.55 50.31
CA ILE A 1761 25.71 75.10 50.58
C ILE A 1761 25.43 75.13 52.09
N LYS A 1762 26.10 74.26 52.84
CA LYS A 1762 26.12 74.37 54.29
C LYS A 1762 26.87 75.63 54.74
N ASP A 1763 28.04 75.89 54.15
CA ASP A 1763 28.83 77.03 54.60
C ASP A 1763 28.39 78.33 53.95
N HIS A 1764 28.50 78.43 52.64
CA HIS A 1764 28.43 79.72 51.97
C HIS A 1764 28.08 79.49 50.50
N SER A 1765 27.53 80.54 49.86
CA SER A 1765 27.09 80.44 48.47
C SER A 1765 28.22 80.08 47.52
N LEU A 1766 29.42 80.64 47.76
CA LEU A 1766 30.69 80.17 47.21
C LEU A 1766 30.73 80.17 45.69
N HIS A 1767 30.76 81.38 45.13
CA HIS A 1767 31.07 81.54 43.71
C HIS A 1767 32.50 81.13 43.39
N GLN A 1768 33.36 81.00 44.43
CA GLN A 1768 34.70 80.47 44.27
C GLN A 1768 34.70 79.07 43.65
N ILE A 1769 33.71 78.25 44.00
CA ILE A 1769 33.66 76.88 43.46
C ILE A 1769 33.21 76.90 42.01
N GLU A 1770 32.28 77.79 41.65
CA GLU A 1770 31.92 77.96 40.25
C GLU A 1770 33.11 78.43 39.42
N THR A 1771 33.86 79.40 39.96
CA THR A 1771 35.05 79.90 39.27
C THR A 1771 36.12 78.82 39.15
N GLN A 1772 36.22 77.97 40.19
CA GLN A 1772 37.16 76.85 40.16
C GLN A 1772 36.80 75.85 39.09
N LEU A 1773 35.49 75.55 38.95
CA LEU A 1773 35.06 74.64 37.90
C LEU A 1773 35.29 75.23 36.52
N VAL A 1774 35.07 76.54 36.36
CA VAL A 1774 35.30 77.19 35.07
C VAL A 1774 36.78 77.11 34.70
N ASN A 1775 37.66 77.38 35.65
CA ASN A 1775 39.09 77.34 35.37
C ASN A 1775 39.58 75.92 35.14
N LYS A 1776 38.99 74.95 35.84
CA LYS A 1776 39.38 73.56 35.67
C LYS A 1776 38.95 73.05 34.29
N LEU A 1777 37.75 73.43 33.85
CA LEU A 1777 37.27 73.08 32.51
C LEU A 1777 38.12 73.75 31.45
N GLU A 1778 38.54 74.99 31.70
CA GLU A 1778 39.42 75.68 30.77
C GLU A 1778 40.77 74.97 30.68
N GLN A 1779 41.25 74.45 31.81
CA GLN A 1779 42.49 73.70 31.82
C GLN A 1779 42.37 72.41 31.00
N TYR A 1780 41.26 71.69 31.14
CA TYR A 1780 41.08 70.46 30.37
C TYR A 1780 40.95 70.73 28.89
N THR A 1781 40.23 71.79 28.51
CA THR A 1781 40.12 72.13 27.10
C THR A 1781 41.47 72.61 26.54
N ASN A 1782 42.31 73.19 27.37
CA ASN A 1782 43.63 73.59 26.90
C ASN A 1782 44.57 72.41 26.73
N ILE A 1783 44.51 71.44 27.66
CA ILE A 1783 45.36 70.25 27.57
C ILE A 1783 44.88 69.35 26.43
N ASP A 1784 43.61 69.50 26.02
CA ASP A 1784 43.07 68.74 24.89
C ASP A 1784 43.79 69.06 23.56
N THR A 1785 44.44 70.22 23.47
CA THR A 1785 45.16 70.56 22.25
C THR A 1785 46.58 69.98 22.24
N SER A 1786 46.97 69.26 23.30
CA SER A 1786 48.28 68.64 23.33
C SER A 1786 48.27 67.24 22.75
N SER A 1787 47.11 66.59 22.70
CA SER A 1787 46.98 65.27 22.11
C SER A 1787 46.30 65.30 20.76
N GLU A 1788 45.58 66.37 20.44
CA GLU A 1788 44.85 66.47 19.18
C GLU A 1788 45.77 66.65 17.97
N ASP A 1789 46.83 67.44 18.13
CA ASP A 1789 47.79 67.61 17.03
C ASP A 1789 48.63 66.36 16.74
N PRO A 1790 49.16 65.59 17.72
CA PRO A 1790 49.76 64.30 17.31
C PRO A 1790 48.73 63.29 16.83
N GLY A 1791 47.66 63.09 17.58
CA GLY A 1791 46.59 62.21 17.12
C GLY A 1791 47.00 60.76 17.13
N ASN A 1792 47.21 60.21 15.93
CA ASN A 1792 47.56 58.81 15.77
C ASN A 1792 49.04 58.63 16.09
N THR A 1793 49.30 58.20 17.32
CA THR A 1793 50.65 57.81 17.71
C THR A 1793 50.69 56.33 18.06
N GLU A 1794 51.83 55.88 18.57
CA GLU A 1794 51.99 54.49 18.93
C GLU A 1794 52.13 54.35 20.45
N SER A 1795 51.32 53.46 21.02
CA SER A 1795 51.12 53.24 22.45
C SER A 1795 50.61 54.49 23.17
N GLY A 1796 49.99 55.40 22.44
CA GLY A 1796 49.31 56.53 23.04
C GLY A 1796 47.92 56.70 22.48
N ILE A 1797 46.93 56.43 23.33
CA ILE A 1797 45.51 56.64 23.06
C ILE A 1797 45.05 57.27 24.37
N LEU A 1798 43.74 57.29 24.63
CA LEU A 1798 43.05 57.87 25.79
C LEU A 1798 43.08 59.39 25.78
N GLU A 1799 42.87 59.98 24.62
CA GLU A 1799 42.23 61.28 24.55
C GLU A 1799 40.75 61.18 24.89
N LEU A 1800 40.17 59.98 24.79
CA LEU A 1800 38.76 59.75 25.06
C LEU A 1800 38.42 59.88 26.53
N LYS A 1801 39.38 59.59 27.42
CA LYS A 1801 39.15 59.78 28.84
C LYS A 1801 38.95 61.25 29.18
N LEU A 1802 39.52 62.14 28.38
CA LEU A 1802 39.29 63.57 28.55
C LEU A 1802 37.88 63.95 28.08
N LYS A 1803 37.50 63.45 26.91
CA LYS A 1803 36.22 63.82 26.31
C LYS A 1803 35.05 63.20 27.06
N ALA A 1804 35.32 62.14 27.83
CA ALA A 1804 34.28 61.58 28.68
C ALA A 1804 34.27 62.24 30.05
N LEU A 1805 35.09 63.29 30.21
CA LEU A 1805 35.12 64.00 31.48
C LEU A 1805 34.58 65.42 31.32
N ILE A 1806 34.76 65.98 30.12
CA ILE A 1806 34.26 67.31 29.78
C ILE A 1806 32.75 67.42 30.00
N LEU A 1807 32.02 66.36 29.64
CA LEU A 1807 30.56 66.39 29.69
C LEU A 1807 30.05 66.44 31.13
N ASP A 1808 30.67 65.68 32.03
CA ASP A 1808 30.29 65.70 33.43
C ASP A 1808 30.62 67.05 34.04
N ILE A 1809 31.71 67.66 33.58
CA ILE A 1809 32.07 68.98 34.09
C ILE A 1809 31.07 70.04 33.62
N ILE A 1810 30.57 69.91 32.39
CA ILE A 1810 29.54 70.84 31.92
C ILE A 1810 28.23 70.65 32.69
N HIS A 1811 27.91 69.40 33.04
CA HIS A 1811 26.78 69.11 33.92
C HIS A 1811 26.92 69.82 35.27
N ASN A 1812 28.11 69.75 35.87
CA ASN A 1812 28.33 70.38 37.16
C ASN A 1812 28.27 71.89 37.06
N ILE A 1813 28.74 72.45 35.93
CA ILE A 1813 28.62 73.89 35.65
C ILE A 1813 27.17 74.32 35.68
N ASP A 1814 26.31 73.57 34.99
CA ASP A 1814 24.91 73.98 34.91
C ASP A 1814 24.19 73.81 36.24
N VAL A 1815 24.57 72.80 37.03
CA VAL A 1815 23.97 72.60 38.34
C VAL A 1815 24.31 73.76 39.27
N VAL A 1816 25.60 74.13 39.33
CA VAL A 1816 26.02 75.21 40.22
C VAL A 1816 25.44 76.55 39.75
N LYS A 1817 25.29 76.72 38.44
CA LYS A 1817 24.71 77.96 37.93
C LYS A 1817 23.22 78.08 38.27
N GLN A 1818 22.48 76.97 38.25
CA GLN A 1818 21.08 77.07 38.63
C GLN A 1818 20.90 77.23 40.13
N LEU A 1819 21.77 76.60 40.92
CA LEU A 1819 21.78 76.85 42.37
C LEU A 1819 22.11 78.29 42.69
N ASN A 1820 22.92 78.93 41.85
CA ASN A 1820 23.18 80.35 42.00
C ASN A 1820 21.97 81.18 41.60
N GLN A 1821 21.26 80.77 40.55
CA GLN A 1821 20.12 81.57 40.08
C GLN A 1821 18.94 81.50 41.04
N ILE A 1822 18.81 80.42 41.82
CA ILE A 1822 17.65 80.37 42.70
C ILE A 1822 18.03 80.75 44.13
N GLN A 1823 19.33 80.70 44.47
CA GLN A 1823 19.88 81.01 45.79
C GLN A 1823 19.27 80.12 46.88
N VAL A 1824 19.60 78.84 46.77
CA VAL A 1824 19.16 77.83 47.72
C VAL A 1824 19.83 78.06 49.08
N HIS A 1825 19.07 77.88 50.15
CA HIS A 1825 19.62 78.09 51.48
C HIS A 1825 20.41 76.87 51.97
N THR A 1826 19.74 75.74 52.19
CA THR A 1826 20.37 74.60 52.85
C THR A 1826 20.22 73.34 52.02
N THR A 1827 20.69 72.23 52.59
CA THR A 1827 20.79 70.98 51.84
C THR A 1827 19.44 70.30 51.71
N GLU A 1828 18.60 70.41 52.73
CA GLU A 1828 17.31 69.75 52.75
C GLU A 1828 16.31 70.38 51.77
N ASP A 1829 16.64 71.54 51.24
CA ASP A 1829 15.88 72.14 50.15
C ASP A 1829 15.90 71.22 48.95
N TRP A 1830 14.73 71.05 48.34
CA TRP A 1830 14.55 69.94 47.41
C TRP A 1830 15.16 70.24 46.05
N ALA A 1831 15.57 71.48 45.82
CA ALA A 1831 16.24 71.79 44.56
C ALA A 1831 17.66 71.23 44.53
N TRP A 1832 18.21 70.84 45.67
CA TRP A 1832 19.45 70.10 45.69
C TRP A 1832 19.23 68.60 45.62
N LYS A 1833 18.23 68.10 46.33
CA LYS A 1833 18.03 66.64 46.37
C LYS A 1833 17.31 66.15 45.14
N LYS A 1834 16.80 67.08 44.32
CA LYS A 1834 16.39 66.76 42.96
C LYS A 1834 17.56 66.28 42.14
N GLN A 1835 18.73 66.88 42.35
CA GLN A 1835 19.90 66.55 41.55
C GLN A 1835 20.52 65.24 42.03
N LEU A 1836 21.12 64.54 41.07
CA LEU A 1836 21.60 63.18 41.30
C LEU A 1836 22.89 63.23 42.11
N ARG A 1837 22.96 62.41 43.14
CA ARG A 1837 24.02 62.47 44.13
C ARG A 1837 24.76 61.16 44.20
N PHE A 1838 26.09 61.23 44.24
CA PHE A 1838 26.93 60.04 44.33
C PHE A 1838 27.74 60.08 45.62
N TYR A 1839 27.18 59.49 46.67
CA TYR A 1839 27.82 59.57 47.97
C TYR A 1839 28.88 58.48 48.07
N MET A 1840 29.57 58.48 49.21
CA MET A 1840 30.51 57.44 49.58
C MET A 1840 30.01 56.82 50.87
N LYS A 1841 30.10 55.50 50.97
CA LYS A 1841 29.73 54.84 52.21
C LYS A 1841 31.00 54.54 53.01
N SER A 1842 30.83 54.22 54.30
CA SER A 1842 31.98 53.96 55.16
C SER A 1842 32.60 52.59 54.87
N ASP A 1843 31.95 51.77 54.06
CA ASP A 1843 32.52 50.52 53.60
C ASP A 1843 33.18 50.75 52.25
N HIS A 1844 33.39 52.03 51.91
CA HIS A 1844 34.16 52.53 50.79
C HIS A 1844 33.53 52.25 49.44
N THR A 1845 32.32 51.70 49.39
CA THR A 1845 31.65 51.41 48.14
C THR A 1845 30.62 52.49 47.87
N CYS A 1846 30.30 52.72 46.60
CA CYS A 1846 29.43 53.82 46.25
C CYS A 1846 27.98 53.48 46.58
N CYS A 1847 27.16 54.52 46.67
CA CYS A 1847 25.73 54.38 46.89
C CYS A 1847 25.03 55.54 46.23
N VAL A 1848 24.63 55.33 44.98
CA VAL A 1848 23.94 56.32 44.17
C VAL A 1848 22.58 56.60 44.79
N GLN A 1849 22.33 57.86 45.13
CA GLN A 1849 21.16 58.21 45.90
C GLN A 1849 20.50 59.44 45.30
N MET A 1850 19.28 59.26 44.79
CA MET A 1850 18.41 60.36 44.40
C MET A 1850 17.56 60.68 45.64
N VAL A 1851 16.41 61.33 45.45
CA VAL A 1851 15.57 62.02 46.43
C VAL A 1851 15.45 61.31 47.77
N ASP A 1852 15.01 60.06 47.76
CA ASP A 1852 15.14 59.21 48.92
C ASP A 1852 15.57 57.79 48.57
N SER A 1853 15.32 57.37 47.34
CA SER A 1853 15.68 56.03 46.90
C SER A 1853 17.18 55.94 46.70
N GLU A 1854 17.76 54.80 47.05
CA GLU A 1854 19.18 54.60 46.87
C GLU A 1854 19.43 53.20 46.35
N PHE A 1855 20.59 53.01 45.74
CA PHE A 1855 20.95 51.76 45.10
C PHE A 1855 22.39 51.45 45.45
N GLN A 1856 22.96 50.45 44.77
CA GLN A 1856 24.39 50.25 44.95
C GLN A 1856 25.09 50.07 43.60
N TYR A 1857 26.33 50.54 43.57
CA TYR A 1857 27.22 50.38 42.44
C TYR A 1857 27.68 48.94 42.38
N THR A 1858 27.45 48.28 41.24
CA THR A 1858 27.69 46.85 41.20
C THR A 1858 28.90 46.49 40.34
N TYR A 1859 29.77 47.46 40.04
CA TYR A 1859 31.15 47.23 39.60
C TYR A 1859 31.25 46.46 38.28
N GLU A 1860 30.34 46.73 37.36
CA GLU A 1860 30.49 46.16 36.04
C GLU A 1860 31.47 47.00 35.24
N TYR A 1861 32.50 46.35 34.72
CA TYR A 1861 33.49 47.07 33.92
C TYR A 1861 32.96 47.36 32.54
N GLN A 1862 32.70 48.63 32.25
CA GLN A 1862 32.11 49.04 30.99
C GLN A 1862 33.13 49.31 29.90
N GLY A 1863 34.30 49.85 30.24
CA GLY A 1863 35.21 50.32 29.22
C GLY A 1863 34.67 51.59 28.58
N ASN A 1864 35.27 51.93 27.44
CA ASN A 1864 34.94 53.19 26.75
C ASN A 1864 33.63 53.01 26.01
N ALA A 1865 32.75 53.98 26.17
CA ALA A 1865 31.43 53.95 25.54
C ALA A 1865 30.93 55.38 25.39
N SER A 1866 29.95 55.58 24.52
CA SER A 1866 29.46 56.92 24.24
C SER A 1866 28.38 57.33 25.23
N LYS A 1867 28.68 58.36 26.02
CA LYS A 1867 27.73 58.88 26.99
C LYS A 1867 26.82 59.91 26.34
N LEU A 1868 25.91 60.46 27.13
CA LEU A 1868 24.88 61.32 26.58
C LEU A 1868 24.97 62.73 27.12
N VAL A 1869 24.38 63.67 26.37
CA VAL A 1869 24.29 65.03 26.83
C VAL A 1869 23.12 65.16 27.79
N TYR A 1870 23.33 65.83 28.91
CA TYR A 1870 22.29 65.86 29.92
C TYR A 1870 21.23 66.92 29.59
N THR A 1871 20.28 66.56 28.74
CA THR A 1871 19.13 67.41 28.44
C THR A 1871 18.19 67.35 29.64
N PRO A 1872 17.33 68.37 29.83
CA PRO A 1872 16.38 68.29 30.95
C PRO A 1872 15.27 67.24 30.83
N LEU A 1873 15.18 66.53 29.71
CA LEU A 1873 14.26 65.41 29.60
C LEU A 1873 14.77 64.21 30.40
N THR A 1874 16.09 64.13 30.55
CA THR A 1874 16.68 63.05 31.33
C THR A 1874 16.42 63.25 32.82
N ASP A 1875 16.18 64.49 33.27
CA ASP A 1875 15.73 64.73 34.64
C ASP A 1875 14.42 64.00 34.91
N LYS A 1876 13.44 64.23 34.03
CA LYS A 1876 12.14 63.56 34.04
C LYS A 1876 12.29 62.05 34.06
N CYS A 1877 13.08 61.52 33.13
CA CYS A 1877 13.27 60.08 32.97
C CYS A 1877 13.92 59.45 34.19
N TYR A 1878 15.01 60.05 34.68
CA TYR A 1878 15.73 59.49 35.82
C TYR A 1878 14.88 59.50 37.07
N LEU A 1879 14.13 60.58 37.31
CA LEU A 1879 13.37 60.64 38.54
C LEU A 1879 12.20 59.66 38.51
N THR A 1880 11.55 59.52 37.35
CA THR A 1880 10.45 58.56 37.26
C THR A 1880 10.93 57.13 37.44
N LEU A 1881 12.07 56.78 36.83
CA LEU A 1881 12.54 55.41 36.93
C LEU A 1881 13.06 55.10 38.33
N THR A 1882 13.69 56.06 39.00
CA THR A 1882 14.18 55.79 40.34
C THR A 1882 13.05 55.71 41.36
N GLN A 1883 11.99 56.52 41.19
CA GLN A 1883 10.85 56.37 42.10
C GLN A 1883 10.11 55.07 41.83
N ALA A 1884 10.05 54.64 40.56
CA ALA A 1884 9.40 53.39 40.24
C ALA A 1884 10.18 52.20 40.79
N MET A 1885 11.50 52.30 40.79
CA MET A 1885 12.30 51.25 41.42
C MET A 1885 12.18 51.28 42.93
N LYS A 1886 11.92 52.47 43.50
CA LYS A 1886 11.69 52.54 44.94
C LYS A 1886 10.38 51.88 45.31
N MET A 1887 9.37 52.03 44.47
CA MET A 1887 8.10 51.36 44.73
C MET A 1887 8.10 49.89 44.32
N GLY A 1888 9.21 49.37 43.80
CA GLY A 1888 9.26 47.98 43.42
C GLY A 1888 8.52 47.65 42.14
N LEU A 1889 8.55 48.54 41.15
CA LEU A 1889 7.85 48.33 39.91
C LEU A 1889 8.81 48.50 38.73
N GLY A 1890 8.30 48.30 37.53
CA GLY A 1890 9.08 48.53 36.34
C GLY A 1890 9.01 49.97 35.87
N GLY A 1891 9.42 50.18 34.63
CA GLY A 1891 9.36 51.50 34.03
C GLY A 1891 9.14 51.44 32.54
N ASN A 1892 8.18 52.20 32.04
CA ASN A 1892 7.73 52.11 30.64
C ASN A 1892 7.82 53.47 29.98
N PRO A 1893 8.98 53.90 29.54
CA PRO A 1893 9.06 55.14 28.75
C PRO A 1893 8.50 54.91 27.36
N TYR A 1894 7.89 55.94 26.80
CA TYR A 1894 7.24 55.83 25.51
C TYR A 1894 7.20 57.19 24.82
N GLY A 1895 6.56 57.22 23.67
CA GLY A 1895 6.46 58.42 22.87
C GLY A 1895 6.67 58.10 21.41
N PRO A 1896 6.79 59.12 20.57
CA PRO A 1896 6.98 58.87 19.14
C PRO A 1896 8.35 58.32 18.79
N ALA A 1897 8.59 58.09 17.50
CA ALA A 1897 9.78 57.36 17.09
C ALA A 1897 11.00 58.26 16.97
N GLY A 1898 12.10 57.81 17.56
CA GLY A 1898 13.36 58.49 17.37
C GLY A 1898 13.67 59.54 18.40
N THR A 1899 13.71 59.17 19.67
CA THR A 1899 13.92 60.19 20.69
C THR A 1899 15.14 59.91 21.55
N GLY A 1900 15.31 58.69 22.03
CA GLY A 1900 16.39 58.40 22.94
C GLY A 1900 16.00 57.57 24.13
N LYS A 1901 14.80 57.00 24.13
CA LYS A 1901 14.31 56.23 25.26
C LYS A 1901 15.08 54.93 25.44
N THR A 1902 15.54 54.32 24.35
CA THR A 1902 16.23 53.03 24.47
C THR A 1902 17.62 53.22 25.06
N GLU A 1903 18.33 54.24 24.60
CA GLU A 1903 19.68 54.45 25.10
C GLU A 1903 19.69 55.12 26.46
N SER A 1904 18.57 55.72 26.86
CA SER A 1904 18.51 56.36 28.18
C SER A 1904 18.59 55.34 29.29
N VAL A 1905 17.99 54.17 29.07
CA VAL A 1905 18.03 53.10 30.05
C VAL A 1905 19.45 52.57 30.22
N LYS A 1906 20.15 52.40 29.08
CA LYS A 1906 21.52 51.92 29.13
C LYS A 1906 22.44 52.98 29.73
N ALA A 1907 22.09 54.25 29.52
CA ALA A 1907 22.85 55.32 30.15
C ALA A 1907 22.68 55.32 31.65
N LEU A 1908 21.45 55.08 32.13
CA LEU A 1908 21.24 54.95 33.56
C LEU A 1908 21.99 53.75 34.13
N GLY A 1909 21.99 52.63 33.40
CA GLY A 1909 22.76 51.48 33.84
C GLY A 1909 24.25 51.74 33.83
N GLY A 1910 24.72 52.62 32.95
CA GLY A 1910 26.11 53.00 32.97
C GLY A 1910 26.45 53.87 34.17
N LEU A 1911 25.56 54.80 34.49
CA LEU A 1911 25.86 55.73 35.60
C LEU A 1911 25.69 55.04 36.95
N LEU A 1912 25.02 53.90 36.96
CA LEU A 1912 24.73 53.21 38.21
C LEU A 1912 25.74 52.12 38.54
N GLY A 1913 26.31 51.47 37.52
CA GLY A 1913 27.23 50.38 37.75
C GLY A 1913 26.64 49.00 37.53
N ARG A 1914 25.52 48.88 36.80
CA ARG A 1914 24.94 47.58 36.52
C ARG A 1914 25.45 47.04 35.18
N GLN A 1915 24.87 45.92 34.76
CA GLN A 1915 25.04 45.46 33.39
C GLN A 1915 23.68 45.37 32.72
N VAL A 1916 23.64 45.71 31.44
CA VAL A 1916 22.39 45.86 30.70
C VAL A 1916 22.39 44.83 29.60
N LEU A 1917 21.30 44.09 29.47
CA LEU A 1917 21.17 43.08 28.42
C LEU A 1917 19.97 43.41 27.54
N VAL A 1918 20.20 44.25 26.53
CA VAL A 1918 19.17 44.72 25.62
C VAL A 1918 18.64 43.56 24.82
N PHE A 1919 17.32 43.44 24.75
CA PHE A 1919 16.67 42.35 24.04
C PHE A 1919 15.91 42.90 22.86
N ASN A 1920 15.17 42.01 22.22
CA ASN A 1920 14.11 42.38 21.29
C ASN A 1920 12.99 41.38 21.52
N CYS A 1921 11.75 41.82 21.32
CA CYS A 1921 10.59 40.96 21.55
C CYS A 1921 9.75 40.91 20.27
N ASP A 1922 9.71 39.74 19.65
CA ASP A 1922 9.10 39.59 18.33
C ASP A 1922 8.45 38.22 18.22
N GLU A 1923 7.63 38.08 17.17
CA GLU A 1923 7.21 36.81 16.55
C GLU A 1923 6.22 36.03 17.41
N GLY A 1924 6.03 36.40 18.66
CA GLY A 1924 5.19 35.59 19.52
C GLY A 1924 5.91 34.33 19.98
N ILE A 1925 6.89 34.51 20.85
CA ILE A 1925 7.64 33.36 21.34
C ILE A 1925 6.92 32.80 22.57
N ASP A 1926 7.32 31.59 22.99
CA ASP A 1926 6.65 30.87 24.06
C ASP A 1926 6.73 31.63 25.38
N VAL A 1927 5.73 31.40 26.23
CA VAL A 1927 5.77 31.96 27.58
C VAL A 1927 6.80 31.22 28.43
N LYS A 1928 7.11 29.97 28.07
CA LYS A 1928 8.25 29.30 28.70
C LYS A 1928 9.54 29.90 28.18
N SER A 1929 9.55 30.33 26.92
CA SER A 1929 10.73 30.98 26.37
C SER A 1929 10.97 32.33 27.00
N MET A 1930 9.91 33.05 27.36
CA MET A 1930 10.10 34.27 28.13
C MET A 1930 10.46 33.95 29.57
N GLY A 1931 9.96 32.83 30.07
CA GLY A 1931 10.19 32.42 31.44
C GLY A 1931 11.64 32.10 31.72
N ARG A 1932 12.30 31.44 30.77
CA ARG A 1932 13.71 31.12 30.97
C ARG A 1932 14.59 32.38 30.90
N ILE A 1933 14.21 33.33 30.05
CA ILE A 1933 14.88 34.63 30.00
C ILE A 1933 14.74 35.34 31.34
N PHE A 1934 13.55 35.31 31.92
CA PHE A 1934 13.31 35.91 33.22
C PHE A 1934 14.11 35.21 34.30
N VAL A 1935 14.24 33.88 34.20
CA VAL A 1935 15.06 33.12 35.15
C VAL A 1935 16.51 33.56 35.08
N GLY A 1936 17.00 33.78 33.86
CA GLY A 1936 18.37 34.27 33.70
C GLY A 1936 18.55 35.66 34.27
N LEU A 1937 17.57 36.53 34.07
CA LEU A 1937 17.68 37.91 34.56
C LEU A 1937 17.61 37.97 36.08
N VAL A 1938 16.80 37.11 36.69
CA VAL A 1938 16.67 37.21 38.15
C VAL A 1938 17.81 36.47 38.84
N LYS A 1939 18.51 35.61 38.11
CA LYS A 1939 19.65 34.94 38.72
C LYS A 1939 20.92 35.75 38.56
N CYS A 1940 21.10 36.40 37.41
CA CYS A 1940 22.29 37.21 37.22
C CYS A 1940 22.20 38.52 37.99
N GLY A 1941 21.19 39.33 37.69
CA GLY A 1941 21.08 40.65 38.28
C GLY A 1941 21.15 41.76 37.26
N ALA A 1942 20.67 41.52 36.05
CA ALA A 1942 20.83 42.46 34.95
C ALA A 1942 19.47 43.04 34.55
N TRP A 1943 19.51 44.26 34.04
CA TRP A 1943 18.30 44.96 33.61
C TRP A 1943 17.94 44.50 32.21
N GLY A 1944 16.83 43.80 32.10
CA GLY A 1944 16.29 43.54 30.78
C GLY A 1944 15.69 44.81 30.24
N CYS A 1945 16.26 45.32 29.16
CA CYS A 1945 15.68 46.45 28.47
C CYS A 1945 14.91 45.94 27.27
N PHE A 1946 13.70 45.46 27.52
CA PHE A 1946 12.90 44.75 26.55
C PHE A 1946 12.37 45.71 25.49
N ASP A 1947 13.21 45.99 24.50
CA ASP A 1947 12.88 46.89 23.41
C ASP A 1947 11.78 46.24 22.58
N GLU A 1948 10.84 47.05 22.11
CA GLU A 1948 9.64 46.64 21.38
C GLU A 1948 8.86 45.58 22.14
N PHE A 1949 8.36 45.94 23.32
CA PHE A 1949 7.50 45.04 24.07
C PHE A 1949 6.07 45.13 23.56
N ASN A 1950 5.79 46.16 22.75
CA ASN A 1950 4.48 46.33 22.12
C ASN A 1950 4.18 45.16 21.19
N ARG A 1951 4.97 45.00 20.14
CA ARG A 1951 4.70 43.99 19.13
C ARG A 1951 5.10 42.64 19.71
N LEU A 1952 4.13 41.99 20.31
CA LEU A 1952 4.27 40.65 20.85
C LEU A 1952 2.87 40.06 20.85
N GLU A 1953 2.79 38.74 20.80
CA GLU A 1953 1.49 38.09 20.66
C GLU A 1953 0.70 38.25 21.95
N GLU A 1954 -0.62 38.38 21.82
CA GLU A 1954 -1.40 39.07 22.83
C GLU A 1954 -1.59 38.25 24.09
N SER A 1955 -1.83 36.95 23.95
CA SER A 1955 -2.03 36.12 25.14
C SER A 1955 -0.70 35.85 25.86
N VAL A 1956 0.40 35.93 25.11
CA VAL A 1956 1.72 35.80 25.72
C VAL A 1956 1.94 36.94 26.72
N LEU A 1957 1.44 38.13 26.37
CA LEU A 1957 1.47 39.27 27.29
C LEU A 1957 0.69 38.97 28.56
N SER A 1958 -0.42 38.24 28.42
CA SER A 1958 -1.27 37.95 29.55
C SER A 1958 -0.59 37.00 30.52
N ALA A 1959 0.09 35.97 30.00
CA ALA A 1959 0.78 35.06 30.91
C ALA A 1959 2.03 35.72 31.50
N VAL A 1960 2.71 36.53 30.69
CA VAL A 1960 3.86 37.30 31.13
C VAL A 1960 3.49 38.25 32.27
N SER A 1961 2.24 38.73 32.27
CA SER A 1961 1.78 39.60 33.35
C SER A 1961 1.82 38.92 34.71
N MET A 1962 1.35 37.67 34.77
CA MET A 1962 1.44 36.88 35.98
C MET A 1962 2.89 36.64 36.38
N GLN A 1963 3.75 36.41 35.39
CA GLN A 1963 5.16 36.18 35.67
C GLN A 1963 5.83 37.41 36.29
N ILE A 1964 5.60 38.58 35.69
CA ILE A 1964 6.21 39.83 36.17
C ILE A 1964 5.67 40.17 37.56
N GLN A 1965 4.38 39.91 37.79
CA GLN A 1965 3.78 40.20 39.08
C GLN A 1965 4.39 39.32 40.16
N THR A 1966 4.67 38.05 39.84
CA THR A 1966 5.32 37.17 40.79
C THR A 1966 6.72 37.67 41.14
N ILE A 1967 7.47 38.11 40.14
CA ILE A 1967 8.83 38.59 40.38
C ILE A 1967 8.83 39.88 41.20
N GLN A 1968 7.88 40.76 40.92
CA GLN A 1968 7.85 42.05 41.62
C GLN A 1968 7.39 41.87 43.06
N ASP A 1969 6.52 40.88 43.30
CA ASP A 1969 6.19 40.54 44.68
C ASP A 1969 7.40 40.01 45.42
N ALA A 1970 8.20 39.18 44.75
CA ALA A 1970 9.39 38.63 45.38
C ALA A 1970 10.42 39.72 45.66
N LEU A 1971 10.45 40.76 44.83
CA LEU A 1971 11.33 41.89 45.11
C LEU A 1971 10.83 42.70 46.31
N LYS A 1972 9.55 43.08 46.28
CA LYS A 1972 9.03 44.03 47.27
C LYS A 1972 8.99 43.43 48.67
N ASN A 1973 8.79 42.13 48.76
CA ASN A 1973 8.80 41.56 50.09
C ASN A 1973 10.18 41.07 50.52
N HIS A 1974 11.24 41.46 49.79
CA HIS A 1974 12.63 41.09 50.07
C HIS A 1974 12.82 39.58 50.13
N ARG A 1975 12.23 38.89 49.16
CA ARG A 1975 12.28 37.43 49.15
C ARG A 1975 13.57 36.97 48.48
N THR A 1976 14.14 35.87 49.00
CA THR A 1976 15.36 35.34 48.41
C THR A 1976 15.06 34.24 47.40
N VAL A 1977 13.91 33.58 47.56
CA VAL A 1977 13.54 32.44 46.76
C VAL A 1977 12.15 32.68 46.15
N CYS A 1978 12.12 32.94 44.86
CA CYS A 1978 10.87 33.00 44.12
C CYS A 1978 10.64 31.66 43.45
N GLU A 1979 9.51 31.52 42.78
CA GLU A 1979 9.09 30.25 42.21
C GLU A 1979 8.17 30.49 41.03
N LEU A 1980 8.71 30.34 39.82
CA LEU A 1980 7.90 30.25 38.62
C LEU A 1980 8.51 29.17 37.74
N LEU A 1981 7.68 28.58 36.88
CA LEU A 1981 7.97 27.35 36.15
C LEU A 1981 8.41 26.22 37.07
N GLY A 1982 7.67 26.02 38.16
CA GLY A 1982 7.92 24.90 39.03
C GLY A 1982 9.08 25.04 39.99
N LYS A 1983 10.27 25.36 39.51
CA LYS A 1983 11.47 25.31 40.32
C LYS A 1983 11.53 26.51 41.26
N GLU A 1984 12.42 26.42 42.25
CA GLU A 1984 12.68 27.53 43.15
C GLU A 1984 13.89 28.32 42.67
N VAL A 1985 13.64 29.28 41.78
CA VAL A 1985 14.68 30.09 41.17
C VAL A 1985 15.12 31.12 42.20
N GLU A 1986 16.43 31.28 42.37
CA GLU A 1986 16.91 32.29 43.31
C GLU A 1986 16.98 33.67 42.66
N VAL A 1987 16.21 34.60 43.19
CA VAL A 1987 16.07 35.95 42.64
C VAL A 1987 17.13 36.83 43.28
N ASN A 1988 17.61 37.83 42.53
CA ASN A 1988 18.70 38.66 43.00
C ASN A 1988 18.16 40.02 43.45
N SER A 1989 18.80 40.61 44.46
CA SER A 1989 18.28 41.85 45.04
C SER A 1989 18.56 43.05 44.16
N ASN A 1990 19.66 43.04 43.41
CA ASN A 1990 19.99 44.14 42.51
C ASN A 1990 19.51 43.82 41.09
N SER A 1991 18.25 43.43 40.99
CA SER A 1991 17.66 43.03 39.72
C SER A 1991 16.93 44.22 39.13
N GLY A 1992 16.17 43.96 38.07
CA GLY A 1992 15.39 45.03 37.48
C GLY A 1992 14.90 44.72 36.08
N ILE A 1993 13.72 45.23 35.73
CA ILE A 1993 13.08 44.98 34.45
C ILE A 1993 12.55 46.31 33.93
N PHE A 1994 12.76 46.59 32.65
CA PHE A 1994 12.16 47.74 31.99
C PHE A 1994 11.67 47.33 30.62
N ILE A 1995 10.78 48.10 30.03
CA ILE A 1995 10.47 47.94 28.61
C ILE A 1995 10.58 49.30 27.95
N THR A 1996 10.56 49.32 26.62
CA THR A 1996 10.42 50.55 25.81
C THR A 1996 9.44 50.22 24.70
N MET A 1997 8.63 51.19 24.30
CA MET A 1997 7.59 50.97 23.32
C MET A 1997 7.11 52.28 22.73
N ASN A 1998 6.42 52.18 21.61
CA ASN A 1998 5.72 53.33 21.09
C ASN A 1998 4.23 53.13 21.29
N PRO A 1999 3.44 54.19 21.28
CA PRO A 1999 2.00 54.01 21.15
C PRO A 1999 1.64 53.65 19.72
N ALA A 2000 0.66 52.76 19.57
CA ALA A 2000 0.28 52.24 18.25
C ALA A 2000 -0.50 53.31 17.50
N GLY A 2001 0.24 54.26 16.95
CA GLY A 2001 -0.36 55.44 16.37
C GLY A 2001 -0.88 55.21 14.96
N LYS A 2002 -0.73 56.24 14.13
CA LYS A 2002 -1.37 56.25 12.83
C LYS A 2002 -0.53 55.47 11.82
N GLY A 2003 0.77 55.38 12.05
CA GLY A 2003 1.62 54.71 11.08
C GLY A 2003 2.69 53.83 11.70
N TYR A 2004 2.43 53.28 12.88
CA TYR A 2004 3.45 52.42 13.49
C TYR A 2004 3.15 50.95 13.28
N GLY A 2005 2.53 50.60 12.16
CA GLY A 2005 2.52 49.23 11.68
C GLY A 2005 1.58 48.34 12.48
N GLY A 2006 1.88 47.05 12.50
CA GLY A 2006 1.07 46.09 13.22
C GLY A 2006 1.58 45.85 14.62
N ARG A 2007 0.95 46.51 15.60
CA ARG A 2007 1.29 46.32 17.00
C ARG A 2007 -0.02 46.20 17.77
N GLN A 2008 -0.07 45.28 18.72
CA GLN A 2008 -1.29 44.99 19.45
C GLN A 2008 -1.30 45.74 20.78
N LYS A 2009 -2.49 46.14 21.22
CA LYS A 2009 -2.60 46.92 22.44
C LYS A 2009 -2.50 46.03 23.66
N LEU A 2010 -1.60 46.38 24.57
CA LEU A 2010 -1.16 45.86 25.85
C LEU A 2010 -2.36 45.74 26.79
N PRO A 2011 -2.40 44.77 27.71
CA PRO A 2011 -3.56 44.65 28.60
C PRO A 2011 -3.56 45.70 29.68
N ASP A 2012 -4.74 45.92 30.26
CA ASP A 2012 -4.89 46.96 31.28
C ASP A 2012 -4.21 46.55 32.58
N ASN A 2013 -4.39 45.28 32.98
CA ASN A 2013 -3.69 44.69 34.12
C ASN A 2013 -2.20 44.86 33.98
N LEU A 2014 -1.67 44.55 32.79
CA LEU A 2014 -0.23 44.59 32.59
C LEU A 2014 0.29 46.03 32.61
N LYS A 2015 -0.51 46.98 32.16
CA LYS A 2015 -0.14 48.39 32.30
C LYS A 2015 -0.11 48.81 33.76
N GLN A 2016 -0.92 48.17 34.61
CA GLN A 2016 -0.91 48.57 36.02
C GLN A 2016 0.34 48.11 36.76
N LEU A 2017 1.18 47.27 36.15
CA LEU A 2017 2.40 46.85 36.83
C LEU A 2017 3.54 47.84 36.68
N PHE A 2018 3.56 48.62 35.61
CA PHE A 2018 4.68 49.50 35.29
C PHE A 2018 4.47 50.88 35.88
N ARG A 2019 5.27 51.82 35.36
CA ARG A 2019 5.18 53.23 35.69
C ARG A 2019 5.53 54.03 34.46
N PRO A 2020 4.59 54.68 33.79
CA PRO A 2020 4.88 55.24 32.47
C PRO A 2020 5.58 56.58 32.57
N VAL A 2021 6.46 56.82 31.60
CA VAL A 2021 7.26 58.04 31.52
C VAL A 2021 7.02 58.64 30.15
N ALA A 2022 6.84 59.95 30.10
CA ALA A 2022 6.71 60.66 28.84
C ALA A 2022 8.11 61.00 28.37
N MET A 2023 8.41 60.68 27.11
CA MET A 2023 9.68 61.00 26.48
C MET A 2023 9.47 61.61 25.11
N SER A 2024 8.59 62.61 24.99
CA SER A 2024 8.12 63.00 23.66
C SER A 2024 9.15 63.82 22.91
N HIS A 2025 9.49 65.01 23.41
CA HIS A 2025 10.37 65.90 22.68
C HIS A 2025 11.71 66.04 23.37
N PRO A 2026 12.80 65.78 22.68
CA PRO A 2026 14.12 66.08 23.24
C PRO A 2026 14.50 67.50 22.89
N ASP A 2027 15.67 67.95 23.31
CA ASP A 2027 16.15 69.26 22.90
C ASP A 2027 17.04 69.10 21.68
N ASN A 2028 17.35 70.20 21.01
CA ASN A 2028 18.25 70.15 19.87
C ASN A 2028 19.39 71.16 19.95
N GLU A 2029 19.23 72.26 20.68
CA GLU A 2029 20.32 73.21 20.78
C GLU A 2029 21.34 72.77 21.83
N LEU A 2030 20.86 72.23 22.94
CA LEU A 2030 21.74 71.92 24.07
C LEU A 2030 22.70 70.77 23.73
N ILE A 2031 22.17 69.71 23.13
CA ILE A 2031 23.01 68.58 22.73
C ILE A 2031 24.03 68.99 21.68
N ALA A 2032 23.60 69.77 20.68
CA ALA A 2032 24.48 70.11 19.57
C ALA A 2032 25.55 71.10 20.02
N GLU A 2033 25.28 71.91 21.03
CA GLU A 2033 26.33 72.81 21.47
C GLU A 2033 27.30 72.10 22.42
N VAL A 2034 26.80 71.18 23.26
CA VAL A 2034 27.70 70.52 24.21
C VAL A 2034 28.61 69.53 23.49
N ILE A 2035 28.09 68.88 22.44
CA ILE A 2035 28.91 67.95 21.64
C ILE A 2035 30.03 68.69 20.92
N LEU A 2036 29.70 69.78 20.22
CA LEU A 2036 30.72 70.50 19.48
C LEU A 2036 31.72 71.18 20.42
N TYR A 2037 31.28 71.61 21.59
CA TYR A 2037 32.25 72.15 22.54
C TYR A 2037 33.13 71.05 23.11
N SER A 2038 32.61 69.82 23.20
CA SER A 2038 33.41 68.71 23.72
C SER A 2038 34.40 68.21 22.68
N GLU A 2039 34.07 68.36 21.40
CA GLU A 2039 34.89 67.76 20.36
C GLU A 2039 35.94 68.73 19.83
N GLY A 2040 36.44 69.61 20.68
CA GLY A 2040 37.53 70.49 20.33
C GLY A 2040 37.15 71.74 19.58
N PHE A 2041 36.02 71.74 18.89
CA PHE A 2041 35.53 72.91 18.18
C PHE A 2041 35.15 74.00 19.18
N LYS A 2042 35.42 75.27 18.84
CA LYS A 2042 35.27 76.32 19.83
C LYS A 2042 33.98 77.12 19.70
N ASP A 2043 33.43 77.26 18.49
CA ASP A 2043 32.35 78.21 18.23
C ASP A 2043 30.98 77.57 18.27
N ALA A 2044 30.74 76.66 19.22
CA ALA A 2044 29.54 75.83 19.24
C ALA A 2044 28.26 76.64 19.42
N LYS A 2045 28.33 77.74 20.16
CA LYS A 2045 27.13 78.46 20.56
C LYS A 2045 26.46 79.16 19.39
N VAL A 2046 27.22 79.41 18.32
CA VAL A 2046 26.61 79.96 17.12
C VAL A 2046 26.13 78.83 16.22
N LEU A 2047 27.00 77.87 15.94
CA LEU A 2047 26.75 76.90 14.89
C LEU A 2047 25.69 75.89 15.26
N SER A 2048 25.52 75.61 16.55
CA SER A 2048 24.50 74.66 16.97
C SER A 2048 23.11 75.20 16.67
N ARG A 2049 22.91 76.48 16.95
CA ARG A 2049 21.64 77.14 16.61
C ARG A 2049 21.43 77.17 15.10
N LYS A 2050 22.51 77.32 14.35
CA LYS A 2050 22.43 77.27 12.89
C LYS A 2050 21.95 75.92 12.40
N LEU A 2051 22.52 74.85 12.96
CA LEU A 2051 22.10 73.48 12.63
C LEU A 2051 20.62 73.26 12.94
N VAL A 2052 20.20 73.68 14.12
CA VAL A 2052 18.83 73.41 14.55
C VAL A 2052 17.84 74.22 13.71
N ALA A 2053 18.22 75.43 13.32
CA ALA A 2053 17.36 76.23 12.45
C ALA A 2053 17.31 75.65 11.05
N ILE A 2054 18.41 75.04 10.58
CA ILE A 2054 18.40 74.36 9.28
C ILE A 2054 17.45 73.18 9.31
N PHE A 2055 17.51 72.39 10.39
CA PHE A 2055 16.59 71.26 10.57
C PHE A 2055 15.14 71.72 10.58
N ASN A 2056 14.84 72.77 11.33
CA ASN A 2056 13.45 73.19 11.48
C ASN A 2056 12.90 73.79 10.20
N LEU A 2057 13.68 74.65 9.52
CA LEU A 2057 13.22 75.23 8.27
C LEU A 2057 13.10 74.18 7.17
N SER A 2058 14.07 73.27 7.09
CA SER A 2058 14.05 72.27 6.03
C SER A 2058 12.92 71.29 6.22
N ARG A 2059 12.61 70.97 7.48
CA ARG A 2059 11.45 70.14 7.77
C ARG A 2059 10.16 70.91 7.56
N GLU A 2060 10.24 72.24 7.61
CA GLU A 2060 9.03 73.02 7.77
C GLU A 2060 8.50 73.55 6.44
N LEU A 2061 9.36 73.92 5.50
CA LEU A 2061 8.90 74.57 4.28
C LEU A 2061 9.06 73.73 3.02
N LEU A 2062 10.04 72.85 2.98
CA LEU A 2062 10.30 72.02 1.82
C LEU A 2062 9.19 70.96 1.70
N THR A 2063 8.97 70.46 0.48
CA THR A 2063 7.78 69.67 0.17
C THR A 2063 7.79 68.34 0.92
N PRO A 2064 6.71 67.97 1.60
CA PRO A 2064 6.71 66.81 2.50
C PRO A 2064 6.65 65.46 1.78
N GLN A 2065 7.82 64.98 1.39
CA GLN A 2065 7.90 63.64 0.83
C GLN A 2065 7.76 62.60 1.93
N GLN A 2066 7.46 61.37 1.53
CA GLN A 2066 7.21 60.29 2.47
C GLN A 2066 8.48 59.88 3.20
N HIS A 2067 9.60 59.93 2.51
CA HIS A 2067 10.78 59.21 2.97
C HIS A 2067 11.83 60.11 3.62
N TYR A 2068 11.54 61.38 3.85
CA TYR A 2068 12.54 62.23 4.50
C TYR A 2068 12.59 61.95 5.99
N ASP A 2069 13.54 62.60 6.65
CA ASP A 2069 13.69 62.51 8.10
C ASP A 2069 14.51 63.68 8.61
N TRP A 2070 14.15 64.21 9.77
CA TRP A 2070 15.00 65.12 10.52
C TRP A 2070 15.00 64.82 12.00
N GLY A 2071 15.22 63.56 12.37
CA GLY A 2071 15.15 63.17 13.76
C GLY A 2071 16.42 63.50 14.52
N LEU A 2072 16.60 62.80 15.63
CA LEU A 2072 17.79 62.98 16.45
C LEU A 2072 18.95 62.17 15.87
N ARG A 2073 18.63 61.15 15.07
CA ARG A 2073 19.66 60.28 14.51
C ARG A 2073 20.44 60.98 13.41
N ALA A 2074 19.77 61.79 12.59
CA ALA A 2074 20.46 62.51 11.53
C ALA A 2074 21.39 63.57 12.12
N LEU A 2075 20.94 64.23 13.18
CA LEU A 2075 21.78 65.17 13.91
C LEU A 2075 23.00 64.48 14.50
N LYS A 2076 22.79 63.34 15.16
CA LYS A 2076 23.89 62.60 15.76
C LYS A 2076 24.86 62.07 14.71
N THR A 2077 24.37 61.86 13.49
CA THR A 2077 25.27 61.52 12.39
C THR A 2077 26.13 62.72 11.99
N VAL A 2078 25.51 63.90 11.81
CA VAL A 2078 26.24 65.06 11.30
C VAL A 2078 27.28 65.53 12.31
N LEU A 2079 27.01 65.33 13.61
CA LEU A 2079 27.99 65.75 14.62
C LEU A 2079 29.26 64.91 14.55
N ARG A 2080 29.12 63.61 14.32
CA ARG A 2080 30.31 62.78 14.17
C ARG A 2080 30.96 63.01 12.82
N GLY A 2081 30.17 63.39 11.82
CA GLY A 2081 30.72 63.77 10.52
C GLY A 2081 31.53 65.04 10.56
N SER A 2082 31.26 65.90 11.53
CA SER A 2082 32.11 67.06 11.77
C SER A 2082 33.32 66.75 12.64
N GLY A 2083 33.12 65.90 13.66
CA GLY A 2083 34.22 65.48 14.52
C GLY A 2083 35.31 64.73 13.77
N ASN A 2084 34.94 63.97 12.75
CA ASN A 2084 35.94 63.24 11.98
C ASN A 2084 36.76 64.19 11.11
N LEU A 2085 36.11 65.19 10.51
CA LEU A 2085 36.83 66.12 9.66
C LEU A 2085 37.77 67.01 10.47
N LEU A 2086 37.34 67.46 11.65
CA LEU A 2086 38.28 68.20 12.49
C LEU A 2086 39.30 67.28 13.14
N ARG A 2087 39.02 65.97 13.18
CA ARG A 2087 40.04 65.03 13.63
C ARG A 2087 41.13 64.86 12.57
N GLN A 2088 40.78 64.97 11.30
CA GLN A 2088 41.80 64.93 10.25
C GLN A 2088 42.57 66.23 10.11
N LEU A 2089 41.87 67.37 10.14
CA LEU A 2089 42.48 68.62 9.69
C LEU A 2089 43.22 69.34 10.81
N ASN A 2090 43.68 68.60 11.82
CA ASN A 2090 44.66 69.17 12.74
C ASN A 2090 45.92 68.31 12.79
N LYS A 2091 45.76 67.00 12.73
CA LYS A 2091 46.92 66.11 12.69
C LYS A 2091 47.50 66.06 11.28
N SER A 2092 46.74 66.51 10.28
CA SER A 2092 47.25 66.49 8.92
C SER A 2092 47.62 67.90 8.43
N GLY A 2093 47.42 68.92 9.28
CA GLY A 2093 47.74 70.27 8.86
C GLY A 2093 47.66 71.27 10.00
N THR A 2094 47.14 72.46 9.66
CA THR A 2094 47.03 73.58 10.59
C THR A 2094 45.58 74.02 10.73
N THR A 2095 45.34 74.90 11.70
CA THR A 2095 43.99 75.36 12.00
C THR A 2095 43.87 76.88 11.82
N GLN A 2096 42.71 77.31 11.33
CA GLN A 2096 42.46 78.72 11.07
C GLN A 2096 40.97 79.01 11.21
N ASN A 2097 40.55 80.17 10.71
CA ASN A 2097 39.24 80.73 11.06
C ASN A 2097 38.10 80.12 10.24
N ALA A 2098 38.10 80.37 8.93
CA ALA A 2098 36.88 80.17 8.14
C ALA A 2098 36.63 78.71 7.84
N ASN A 2099 37.66 77.88 7.93
CA ASN A 2099 37.50 76.45 7.67
C ASN A 2099 36.67 75.79 8.77
N GLU A 2100 36.67 76.36 9.96
CA GLU A 2100 35.96 75.77 11.08
C GLU A 2100 34.44 75.88 10.91
N SER A 2101 33.97 76.93 10.24
CA SER A 2101 32.55 77.01 9.91
C SER A 2101 32.31 76.50 8.49
N HIS A 2102 33.38 76.30 7.74
CA HIS A 2102 33.25 75.76 6.39
C HIS A 2102 33.04 74.25 6.39
N ILE A 2103 33.58 73.56 7.41
CA ILE A 2103 33.50 72.09 7.51
C ILE A 2103 32.06 71.59 7.59
N VAL A 2104 31.21 72.28 8.37
CA VAL A 2104 29.91 71.73 8.75
C VAL A 2104 28.98 71.66 7.55
N VAL A 2105 29.24 72.45 6.52
CA VAL A 2105 28.46 72.37 5.29
C VAL A 2105 28.72 71.05 4.57
N GLN A 2106 29.98 70.64 4.45
CA GLN A 2106 30.27 69.32 3.87
C GLN A 2106 29.81 68.20 4.78
N ALA A 2107 29.97 68.37 6.10
CA ALA A 2107 29.60 67.31 7.03
C ALA A 2107 28.08 67.17 7.16
N LEU A 2108 27.34 68.15 6.66
CA LEU A 2108 25.89 68.06 6.55
C LEU A 2108 25.48 67.51 5.19
N ARG A 2109 26.20 67.91 4.13
CA ARG A 2109 25.83 67.45 2.81
C ARG A 2109 26.33 66.04 2.51
N LEU A 2110 27.12 65.43 3.40
CA LEU A 2110 27.40 64.01 3.26
C LEU A 2110 26.17 63.16 3.57
N ASN A 2111 25.23 63.71 4.32
CA ASN A 2111 23.98 63.00 4.53
C ASN A 2111 22.88 63.53 3.64
N THR A 2112 22.63 64.84 3.70
CA THR A 2112 21.35 65.39 3.30
C THR A 2112 21.18 65.41 1.78
N MET A 2113 22.29 65.32 1.04
CA MET A 2113 22.23 65.33 -0.42
C MET A 2113 21.62 64.08 -1.00
N SER A 2114 21.60 62.98 -0.25
CA SER A 2114 21.24 61.69 -0.83
C SER A 2114 19.73 61.58 -1.03
N LYS A 2115 18.96 62.29 -0.20
CA LYS A 2115 17.52 62.07 -0.16
C LYS A 2115 16.81 62.75 -1.32
N PHE A 2116 17.39 63.80 -1.87
CA PHE A 2116 16.62 64.80 -2.58
C PHE A 2116 16.35 64.40 -4.02
N THR A 2117 15.40 65.10 -4.63
CA THR A 2117 15.27 65.17 -6.08
C THR A 2117 16.21 66.23 -6.62
N PHE A 2118 15.96 66.65 -7.86
CA PHE A 2118 16.73 67.73 -8.45
C PHE A 2118 16.34 69.08 -7.86
N THR A 2119 15.06 69.44 -8.01
CA THR A 2119 14.62 70.80 -7.70
C THR A 2119 14.62 71.05 -6.20
N ASP A 2120 14.30 70.03 -5.42
CA ASP A 2120 14.35 70.16 -3.97
C ASP A 2120 15.78 70.30 -3.48
N CYS A 2121 16.74 69.68 -4.17
CA CYS A 2121 18.13 69.88 -3.81
C CYS A 2121 18.59 71.30 -4.14
N THR A 2122 18.08 71.85 -5.25
CA THR A 2122 18.42 73.24 -5.57
C THR A 2122 17.82 74.20 -4.55
N ARG A 2123 16.59 73.95 -4.10
CA ARG A 2123 15.97 74.84 -3.11
C ARG A 2123 16.62 74.67 -1.75
N PHE A 2124 17.12 73.46 -1.46
CA PHE A 2124 17.90 73.25 -0.26
C PHE A 2124 19.22 74.01 -0.32
N ASP A 2125 19.83 74.07 -1.50
CA ASP A 2125 21.03 74.86 -1.67
C ASP A 2125 20.75 76.35 -1.49
N ALA A 2126 19.59 76.79 -1.98
CA ALA A 2126 19.18 78.19 -1.79
C ALA A 2126 18.94 78.49 -0.32
N LEU A 2127 18.49 77.49 0.45
CA LEU A 2127 18.35 77.70 1.88
C LEU A 2127 19.70 77.70 2.57
N ILE A 2128 20.65 76.89 2.09
CA ILE A 2128 21.99 76.86 2.68
C ILE A 2128 22.71 78.17 2.43
N LYS A 2129 22.45 78.81 1.29
CA LYS A 2129 22.95 80.15 1.03
C LYS A 2129 22.36 81.17 2.00
N ASP A 2130 21.12 80.96 2.43
CA ASP A 2130 20.45 81.98 3.23
C ASP A 2130 20.88 81.91 4.69
N VAL A 2131 21.21 80.71 5.17
CA VAL A 2131 21.72 80.64 6.54
C VAL A 2131 23.21 80.98 6.60
N PHE A 2132 23.98 80.59 5.59
CA PHE A 2132 25.41 80.83 5.54
C PHE A 2132 25.71 81.57 4.24
N PRO A 2133 26.17 82.82 4.33
CA PRO A 2133 26.07 83.73 3.16
C PRO A 2133 27.01 83.40 2.01
N GLY A 2134 28.30 83.15 2.25
CA GLY A 2134 29.22 82.95 1.15
C GLY A 2134 30.04 81.69 1.25
N ILE A 2135 29.52 80.67 1.94
CA ILE A 2135 30.30 79.48 2.25
C ILE A 2135 29.73 78.29 1.50
N GLU A 2136 29.30 78.51 0.26
CA GLU A 2136 28.31 77.68 -0.46
C GLU A 2136 28.82 76.26 -0.73
N LEU A 2137 29.84 76.07 -1.57
CA LEU A 2137 29.99 74.77 -2.22
C LEU A 2137 31.42 74.28 -2.17
N LYS A 2138 31.54 72.95 -2.21
CA LYS A 2138 32.77 72.23 -2.53
C LYS A 2138 32.33 70.81 -2.83
N GLU A 2139 32.97 70.16 -3.80
CA GLU A 2139 32.46 68.90 -4.33
C GLU A 2139 33.23 67.70 -3.79
N VAL A 2140 33.00 66.56 -4.44
CA VAL A 2140 33.62 65.29 -4.09
C VAL A 2140 35.14 65.39 -4.21
N GLU A 2141 35.83 65.01 -3.14
CA GLU A 2141 37.29 65.10 -3.08
C GLU A 2141 38.02 64.07 -3.92
N TYR A 2142 37.49 62.85 -4.03
CA TYR A 2142 38.24 61.71 -4.55
C TYR A 2142 37.81 61.37 -5.97
N ASP A 2143 38.75 60.83 -6.75
CA ASP A 2143 38.50 60.44 -8.14
C ASP A 2143 39.12 59.13 -8.56
N GLU A 2144 40.06 58.58 -7.80
CA GLU A 2144 40.80 57.39 -8.25
C GLU A 2144 39.93 56.16 -8.20
N LEU A 2145 38.87 56.20 -7.39
CA LEU A 2145 37.90 55.12 -7.44
C LEU A 2145 36.98 55.29 -8.64
N SER A 2146 36.77 56.54 -9.08
CA SER A 2146 35.91 56.75 -10.25
C SER A 2146 36.57 56.25 -11.52
N ALA A 2147 37.90 56.22 -11.55
CA ALA A 2147 38.61 55.64 -12.67
C ALA A 2147 38.35 54.14 -12.75
N ALA A 2148 38.40 53.46 -11.61
CA ALA A 2148 38.11 52.03 -11.57
C ALA A 2148 36.65 51.77 -11.87
N LEU A 2149 35.78 52.69 -11.48
CA LEU A 2149 34.35 52.51 -11.73
C LEU A 2149 34.04 52.62 -13.22
N LYS A 2150 34.65 53.60 -13.88
CA LYS A 2150 34.49 53.74 -15.33
C LYS A 2150 35.20 52.60 -16.06
N GLN A 2151 36.24 52.04 -15.44
CA GLN A 2151 36.88 50.85 -15.98
C GLN A 2151 35.94 49.65 -15.96
N VAL A 2152 35.19 49.48 -14.87
CA VAL A 2152 34.36 48.29 -14.74
C VAL A 2152 33.12 48.41 -15.61
N PHE A 2153 32.56 49.64 -15.73
CA PHE A 2153 31.55 49.90 -16.76
C PHE A 2153 32.07 49.61 -18.16
N GLU A 2154 33.34 49.93 -18.41
CA GLU A 2154 33.93 49.68 -19.71
C GLU A 2154 34.09 48.19 -19.95
N GLU A 2155 34.41 47.43 -18.90
CA GLU A 2155 34.52 45.99 -19.00
C GLU A 2155 33.20 45.32 -19.34
N ALA A 2156 32.14 45.64 -18.59
CA ALA A 2156 30.94 44.82 -18.75
C ALA A 2156 30.02 45.29 -19.88
N ASN A 2157 30.51 46.11 -20.80
CA ASN A 2157 29.80 46.58 -21.99
C ASN A 2157 28.50 47.29 -21.69
N TYR A 2158 28.43 48.03 -20.59
CA TYR A 2158 27.36 48.99 -20.40
C TYR A 2158 27.67 50.28 -21.15
N GLU A 2159 26.95 51.33 -20.79
CA GLU A 2159 27.39 52.65 -21.19
C GLU A 2159 28.03 53.35 -20.01
N ILE A 2160 28.42 54.60 -20.21
CA ILE A 2160 29.01 55.38 -19.13
C ILE A 2160 28.21 56.67 -18.98
N ILE A 2161 27.46 56.76 -17.89
CA ILE A 2161 26.60 57.90 -17.60
C ILE A 2161 27.14 58.55 -16.33
N PRO A 2162 27.34 59.87 -16.30
CA PRO A 2162 27.90 60.50 -15.09
C PRO A 2162 26.98 60.42 -13.88
N ASN A 2163 25.68 60.29 -14.12
CA ASN A 2163 24.71 60.20 -13.03
C ASN A 2163 24.88 58.91 -12.24
N GLN A 2164 25.09 57.79 -12.94
CA GLN A 2164 25.37 56.51 -12.28
C GLN A 2164 26.66 56.60 -11.47
N ILE A 2165 27.63 57.34 -11.99
CA ILE A 2165 28.90 57.51 -11.28
C ILE A 2165 28.67 58.27 -10.00
N LYS A 2166 27.87 59.35 -10.07
CA LYS A 2166 27.57 60.15 -8.89
C LYS A 2166 26.82 59.32 -7.84
N LYS A 2167 25.88 58.50 -8.30
CA LYS A 2167 25.10 57.69 -7.36
C LYS A 2167 25.94 56.60 -6.73
N ALA A 2168 26.92 56.05 -7.47
CA ALA A 2168 27.73 54.99 -6.91
C ALA A 2168 28.71 55.53 -5.88
N LEU A 2169 29.32 56.69 -6.17
CA LEU A 2169 30.20 57.32 -5.20
C LEU A 2169 29.41 57.75 -3.97
N GLU A 2170 28.16 58.16 -4.21
CA GLU A 2170 27.24 58.51 -3.14
C GLU A 2170 26.94 57.30 -2.26
N LEU A 2171 26.74 56.13 -2.87
CA LEU A 2171 26.48 54.92 -2.12
C LEU A 2171 27.67 54.52 -1.27
N TYR A 2172 28.88 54.69 -1.82
CA TYR A 2172 30.05 54.34 -1.03
C TYR A 2172 30.20 55.25 0.18
N GLU A 2173 29.81 56.51 0.01
CA GLU A 2173 29.81 57.45 1.11
C GLU A 2173 28.82 57.03 2.19
N GLN A 2174 27.60 56.66 1.79
CA GLN A 2174 26.58 56.26 2.75
C GLN A 2174 26.96 54.96 3.45
N LEU A 2175 27.57 54.03 2.71
CA LEU A 2175 27.94 52.74 3.29
C LEU A 2175 29.08 52.89 4.27
N CYS A 2176 29.97 53.85 4.04
CA CYS A 2176 30.94 54.18 5.06
C CYS A 2176 30.28 54.88 6.24
N GLN A 2177 29.17 55.58 5.99
CA GLN A 2177 28.61 56.40 7.04
C GLN A 2177 27.76 55.63 8.05
N ARG A 2178 26.72 54.92 7.58
CA ARG A 2178 25.83 54.20 8.47
C ARG A 2178 25.72 52.73 8.09
N MET A 2179 24.74 52.07 8.73
CA MET A 2179 24.70 50.61 8.75
C MET A 2179 23.85 50.05 7.61
N GLY A 2180 22.75 50.71 7.29
CA GLY A 2180 21.81 50.19 6.30
C GLY A 2180 21.41 51.24 5.29
N VAL A 2181 21.25 50.81 4.05
CA VAL A 2181 20.90 51.70 2.95
C VAL A 2181 19.68 51.16 2.24
N VAL A 2182 18.69 52.02 2.06
CA VAL A 2182 17.54 51.78 1.19
C VAL A 2182 17.89 52.35 -0.18
N ILE A 2183 17.51 51.65 -1.24
CA ILE A 2183 17.63 52.18 -2.58
C ILE A 2183 16.24 52.23 -3.19
N VAL A 2184 15.56 53.37 -3.04
CA VAL A 2184 14.21 53.56 -3.55
C VAL A 2184 14.29 53.76 -5.05
N GLY A 2185 13.41 53.09 -5.78
CA GLY A 2185 13.31 53.32 -7.20
C GLY A 2185 12.20 52.53 -7.85
N PRO A 2186 11.72 53.00 -8.99
CA PRO A 2186 10.71 52.25 -9.74
C PRO A 2186 11.29 51.02 -10.43
N SER A 2187 10.47 50.41 -11.27
CA SER A 2187 10.84 49.14 -11.86
C SER A 2187 11.83 49.32 -12.99
N GLY A 2188 12.92 48.56 -12.93
CA GLY A 2188 13.87 48.49 -14.02
C GLY A 2188 14.70 49.74 -14.23
N ALA A 2189 14.65 50.71 -13.33
CA ALA A 2189 15.28 51.99 -13.60
C ALA A 2189 16.66 52.08 -13.00
N GLY A 2190 17.41 50.99 -13.00
CA GLY A 2190 18.83 51.01 -12.70
C GLY A 2190 19.16 51.19 -11.24
N LYS A 2191 18.59 50.39 -10.35
CA LYS A 2191 18.89 50.55 -8.95
C LYS A 2191 19.59 49.33 -8.38
N SER A 2192 19.77 48.29 -9.19
CA SER A 2192 20.55 47.16 -8.72
C SER A 2192 21.91 47.09 -9.39
N THR A 2193 22.03 47.65 -10.61
CA THR A 2193 23.32 47.70 -11.29
C THR A 2193 24.30 48.59 -10.55
N LEU A 2194 23.79 49.51 -9.74
CA LEU A 2194 24.58 50.43 -8.95
C LEU A 2194 25.47 49.68 -7.96
N TRP A 2195 24.87 48.90 -7.06
CA TRP A 2195 25.67 48.08 -6.16
C TRP A 2195 26.35 46.94 -6.90
N ARG A 2196 25.74 46.47 -8.00
CA ARG A 2196 26.29 45.36 -8.77
C ARG A 2196 27.63 45.70 -9.40
N MET A 2197 27.83 46.97 -9.76
CA MET A 2197 29.09 47.36 -10.38
C MET A 2197 30.04 47.98 -9.35
N LEU A 2198 29.49 48.58 -8.30
CA LEU A 2198 30.33 49.09 -7.23
C LEU A 2198 31.02 47.94 -6.49
N ARG A 2199 30.39 46.75 -6.51
CA ARG A 2199 31.03 45.52 -6.06
C ARG A 2199 32.40 45.31 -6.70
N ALA A 2200 32.45 45.22 -8.03
CA ALA A 2200 33.69 44.90 -8.71
C ALA A 2200 34.65 46.08 -8.68
N ALA A 2201 34.11 47.30 -8.78
CA ALA A 2201 34.95 48.49 -8.80
C ALA A 2201 35.65 48.70 -7.47
N LEU A 2202 35.02 48.28 -6.38
CA LEU A 2202 35.70 48.34 -5.10
C LEU A 2202 36.61 47.14 -4.92
N CYS A 2203 36.20 45.98 -5.43
CA CYS A 2203 36.93 44.76 -5.15
C CYS A 2203 38.25 44.71 -5.93
N LYS A 2204 38.39 45.52 -6.99
CA LYS A 2204 39.66 45.56 -7.69
C LYS A 2204 40.76 46.18 -6.84
N THR A 2205 40.41 47.05 -5.89
CA THR A 2205 41.40 47.59 -4.97
C THR A 2205 41.11 47.23 -3.52
N GLY A 2206 39.87 47.41 -3.07
CA GLY A 2206 39.48 47.08 -1.71
C GLY A 2206 39.46 45.58 -1.50
N LYS A 2207 39.37 45.18 -0.22
CA LYS A 2207 39.81 43.85 0.20
C LYS A 2207 38.94 42.73 -0.39
N VAL A 2208 37.74 42.57 0.15
CA VAL A 2208 36.86 41.44 -0.15
C VAL A 2208 35.43 41.93 0.04
N VAL A 2209 34.62 41.76 -1.00
CA VAL A 2209 33.21 42.09 -0.88
C VAL A 2209 32.44 40.80 -1.05
N LYS A 2210 31.98 40.21 0.06
CA LYS A 2210 31.39 38.88 0.07
C LYS A 2210 29.86 38.99 0.17
N GLN A 2211 29.16 38.67 -0.91
CA GLN A 2211 27.75 38.99 -1.04
C GLN A 2211 26.88 37.81 -0.64
N TYR A 2212 25.87 38.09 0.16
CA TYR A 2212 24.82 37.14 0.54
C TYR A 2212 23.49 37.76 0.15
N THR A 2213 22.65 37.02 -0.58
CA THR A 2213 21.43 37.58 -1.16
C THR A 2213 20.20 36.83 -0.66
N MET A 2214 19.43 37.47 0.21
CA MET A 2214 18.13 36.96 0.61
C MET A 2214 17.04 37.64 -0.20
N ASN A 2215 15.87 37.01 -0.27
CA ASN A 2215 14.63 37.62 -0.72
C ASN A 2215 13.58 37.29 0.33
N PRO A 2216 13.12 38.25 1.12
CA PRO A 2216 12.51 37.90 2.41
C PRO A 2216 11.05 37.53 2.34
N LYS A 2217 10.39 37.73 1.20
CA LYS A 2217 8.95 37.46 1.15
C LYS A 2217 8.64 36.10 0.54
N ALA A 2218 9.57 35.52 -0.22
CA ALA A 2218 9.27 34.26 -0.89
C ALA A 2218 9.20 33.11 0.10
N MET A 2219 10.20 32.95 0.89
CA MET A 2219 10.20 31.91 1.90
C MET A 2219 9.33 32.33 3.07
N PRO A 2220 8.84 31.37 3.86
CA PRO A 2220 8.07 31.73 5.06
C PRO A 2220 8.96 32.30 6.15
N ARG A 2221 8.30 32.82 7.19
CA ARG A 2221 9.00 33.58 8.22
C ARG A 2221 9.90 32.68 9.06
N TYR A 2222 9.41 31.50 9.42
CA TYR A 2222 10.12 30.66 10.37
C TYR A 2222 11.38 30.07 9.75
N GLN A 2223 11.46 29.99 8.42
CA GLN A 2223 12.72 29.63 7.79
C GLN A 2223 13.64 30.83 7.70
N LEU A 2224 13.09 32.03 7.51
CA LEU A 2224 13.93 33.21 7.33
C LEU A 2224 14.60 33.60 8.63
N LEU A 2225 13.82 33.94 9.64
CA LEU A 2225 14.40 34.44 10.87
C LEU A 2225 14.69 33.33 11.86
N GLY A 2226 14.38 32.09 11.51
CA GLY A 2226 14.53 30.99 12.43
C GLY A 2226 13.38 30.89 13.42
N HIS A 2227 13.20 29.70 13.95
CA HIS A 2227 12.11 29.43 14.88
C HIS A 2227 12.50 28.21 15.70
N ILE A 2228 11.63 27.85 16.64
CA ILE A 2228 11.90 26.80 17.60
C ILE A 2228 10.90 25.69 17.36
N ASP A 2229 11.35 24.43 17.43
CA ASP A 2229 10.41 23.32 17.50
C ASP A 2229 9.67 23.43 18.82
N MET A 2230 8.34 23.31 18.75
CA MET A 2230 7.51 23.69 19.87
C MET A 2230 7.54 22.66 20.98
N ASP A 2231 7.62 21.37 20.64
CA ASP A 2231 7.52 20.34 21.66
C ASP A 2231 8.88 19.91 22.15
N THR A 2232 9.90 20.03 21.31
CA THR A 2232 11.21 19.48 21.63
C THR A 2232 12.09 20.49 22.34
N ARG A 2233 11.77 21.79 22.19
CA ARG A 2233 12.63 22.92 22.60
C ARG A 2233 14.01 22.82 21.97
N GLU A 2234 14.04 22.92 20.64
CA GLU A 2234 15.20 22.69 19.81
C GLU A 2234 15.32 23.79 18.76
N TRP A 2235 16.38 24.60 18.86
CA TRP A 2235 16.52 25.74 17.98
C TRP A 2235 16.92 25.34 16.57
N SER A 2236 15.99 25.50 15.64
CA SER A 2236 16.24 25.35 14.22
C SER A 2236 16.87 26.64 13.73
N ASP A 2237 17.90 26.53 12.91
CA ASP A 2237 18.52 27.73 12.37
C ASP A 2237 17.71 28.26 11.19
N GLY A 2238 18.09 29.46 10.75
CA GLY A 2238 17.43 30.11 9.64
C GLY A 2238 18.44 30.48 8.56
N VAL A 2239 17.96 31.27 7.61
CA VAL A 2239 18.81 31.68 6.50
C VAL A 2239 19.81 32.74 6.94
N LEU A 2240 19.31 33.89 7.41
CA LEU A 2240 20.24 34.97 7.66
C LEU A 2240 20.87 34.86 9.04
N THR A 2241 20.35 34.00 9.91
CA THR A 2241 21.13 33.64 11.09
C THR A 2241 22.38 32.87 10.70
N ASN A 2242 22.23 31.98 9.71
CA ASN A 2242 23.38 31.27 9.16
C ASN A 2242 24.34 32.24 8.48
N SER A 2243 23.80 33.20 7.73
CA SER A 2243 24.64 34.19 7.06
C SER A 2243 25.36 35.09 8.06
N ALA A 2244 24.71 35.38 9.18
CA ALA A 2244 25.36 36.18 10.21
C ALA A 2244 26.49 35.42 10.87
N ARG A 2245 26.30 34.11 11.09
CA ARG A 2245 27.39 33.30 11.60
C ARG A 2245 28.56 33.22 10.61
N GLN A 2246 28.25 33.11 9.32
CA GLN A 2246 29.30 33.05 8.31
C GLN A 2246 30.07 34.36 8.21
N VAL A 2247 29.41 35.50 8.47
CA VAL A 2247 30.18 36.72 8.38
C VAL A 2247 30.98 36.97 9.66
N VAL A 2248 30.48 36.58 10.84
CA VAL A 2248 31.28 36.83 12.05
C VAL A 2248 32.38 35.78 12.21
N ARG A 2249 32.35 34.72 11.40
CA ARG A 2249 33.53 33.86 11.32
C ARG A 2249 34.72 34.55 10.68
N GLU A 2250 34.50 35.44 9.70
CA GLU A 2250 35.57 35.86 8.81
C GLU A 2250 36.53 36.82 9.52
N PRO A 2251 37.79 36.89 9.09
CA PRO A 2251 38.76 37.74 9.79
C PRO A 2251 38.54 39.22 9.51
N GLN A 2252 39.41 40.03 10.10
CA GLN A 2252 39.17 41.47 10.18
C GLN A 2252 39.33 42.16 8.84
N ASP A 2253 39.99 41.52 7.89
CA ASP A 2253 40.20 42.09 6.56
C ASP A 2253 39.16 41.58 5.59
N VAL A 2254 37.89 41.76 5.93
CA VAL A 2254 36.81 41.37 5.02
C VAL A 2254 35.79 42.50 4.98
N SER A 2255 34.82 42.35 4.07
CA SER A 2255 33.61 43.15 4.05
C SER A 2255 32.51 42.33 3.40
N SER A 2256 31.28 42.49 3.88
CA SER A 2256 30.19 41.64 3.43
C SER A 2256 28.92 42.47 3.34
N TRP A 2257 28.10 42.18 2.35
CA TRP A 2257 26.88 42.92 2.10
C TRP A 2257 25.71 41.97 2.02
N ILE A 2258 25.02 41.74 3.13
CA ILE A 2258 23.79 40.97 3.14
C ILE A 2258 22.73 41.82 2.47
N ILE A 2259 22.13 41.30 1.40
CA ILE A 2259 21.22 42.08 0.58
C ILE A 2259 19.85 41.43 0.60
N CYS A 2260 18.82 42.22 0.93
CA CYS A 2260 17.44 41.74 0.96
C CYS A 2260 16.70 42.39 -0.20
N ASP A 2261 16.73 41.74 -1.36
CA ASP A 2261 16.14 42.28 -2.58
C ASP A 2261 14.66 41.91 -2.62
N GLY A 2262 13.88 42.57 -1.78
CA GLY A 2262 12.46 42.24 -1.73
C GLY A 2262 11.68 43.31 -1.02
N ASP A 2263 10.35 43.14 -1.02
CA ASP A 2263 9.47 44.17 -0.51
C ASP A 2263 9.48 44.20 1.02
N ILE A 2264 8.83 45.21 1.57
CA ILE A 2264 9.02 45.62 2.95
C ILE A 2264 7.70 45.50 3.71
N ASP A 2265 7.72 44.72 4.78
CA ASP A 2265 6.64 44.67 5.75
C ASP A 2265 7.23 44.96 7.12
N PRO A 2266 6.52 45.67 8.00
CA PRO A 2266 7.10 46.02 9.30
C PRO A 2266 7.31 44.84 10.21
N GLU A 2267 6.50 43.78 10.11
CA GLU A 2267 6.53 42.74 11.13
C GLU A 2267 7.74 41.82 10.99
N TRP A 2268 8.53 42.00 9.92
CA TRP A 2268 9.84 41.35 9.88
C TRP A 2268 10.97 42.35 9.89
N ILE A 2269 10.77 43.54 9.31
CA ILE A 2269 11.88 44.47 9.20
C ILE A 2269 12.12 45.15 10.53
N GLU A 2270 11.12 45.17 11.41
CA GLU A 2270 11.35 45.69 12.75
C GLU A 2270 12.09 44.69 13.62
N SER A 2271 12.28 43.45 13.17
CA SER A 2271 13.07 42.50 13.92
C SER A 2271 14.55 42.80 13.88
N LEU A 2272 14.97 43.71 13.01
CA LEU A 2272 16.36 44.10 12.86
C LEU A 2272 16.65 45.46 13.47
N ASN A 2273 15.77 45.96 14.35
CA ASN A 2273 16.01 47.26 14.99
C ASN A 2273 17.20 47.19 15.91
N SER A 2274 17.40 46.06 16.57
CA SER A 2274 18.56 45.93 17.44
C SER A 2274 19.84 45.74 16.66
N VAL A 2275 19.76 45.34 15.39
CA VAL A 2275 20.96 45.27 14.56
C VAL A 2275 21.30 46.64 14.00
N LEU A 2276 20.30 47.32 13.44
CA LEU A 2276 20.46 48.63 12.85
C LEU A 2276 20.50 49.74 13.89
N ASP A 2277 20.66 49.39 15.15
CA ASP A 2277 20.69 50.29 16.28
C ASP A 2277 21.99 51.09 16.28
N ASP A 2278 22.09 52.05 17.21
CA ASP A 2278 23.39 52.49 17.67
C ASP A 2278 24.19 51.31 18.21
N ASN A 2279 23.52 50.38 18.89
CA ASN A 2279 24.13 49.12 19.25
C ASN A 2279 24.22 48.25 17.98
N ARG A 2280 25.05 47.22 18.01
CA ARG A 2280 25.23 46.35 16.87
C ARG A 2280 25.09 44.92 17.35
N LEU A 2281 23.86 44.39 17.29
CA LEU A 2281 23.61 43.11 17.92
C LEU A 2281 22.39 42.46 17.28
N LEU A 2282 22.50 41.16 16.99
CA LEU A 2282 21.39 40.36 16.52
C LEU A 2282 21.07 39.31 17.57
N THR A 2283 19.79 39.16 17.89
CA THR A 2283 19.33 38.33 18.99
C THR A 2283 18.45 37.19 18.48
N MET A 2284 18.65 36.02 19.03
CA MET A 2284 17.78 34.88 18.79
C MET A 2284 16.66 34.89 19.83
N PRO A 2285 15.52 34.25 19.56
CA PRO A 2285 14.49 34.17 20.60
C PRO A 2285 14.84 33.23 21.72
N SER A 2286 15.84 32.35 21.54
CA SER A 2286 16.32 31.51 22.62
C SER A 2286 17.11 32.29 23.64
N GLY A 2287 17.57 33.49 23.30
CA GLY A 2287 18.46 34.27 24.13
C GLY A 2287 19.86 34.39 23.58
N GLU A 2288 20.17 33.61 22.54
CA GLU A 2288 21.49 33.70 21.91
C GLU A 2288 21.62 35.02 21.16
N ARG A 2289 22.71 35.72 21.39
CA ARG A 2289 22.83 37.04 20.81
C ARG A 2289 24.15 37.16 20.05
N ILE A 2290 24.04 37.49 18.76
CA ILE A 2290 25.19 37.57 17.87
C ILE A 2290 25.52 39.02 17.56
N GLN A 2291 26.74 39.43 17.84
CA GLN A 2291 27.14 40.81 17.60
C GLN A 2291 27.52 41.02 16.14
N PHE A 2292 27.97 42.22 15.84
CA PHE A 2292 28.58 42.53 14.56
C PHE A 2292 29.70 43.51 14.77
N GLY A 2293 30.71 43.42 13.92
CA GLY A 2293 31.87 44.28 14.04
C GLY A 2293 31.69 45.57 13.27
N PRO A 2294 32.81 46.22 12.92
CA PRO A 2294 32.72 47.45 12.12
C PRO A 2294 32.71 47.22 10.62
N ASN A 2295 32.34 46.04 10.15
CA ASN A 2295 32.52 45.68 8.75
C ASN A 2295 31.23 45.72 7.96
N VAL A 2296 30.18 45.14 8.51
CA VAL A 2296 29.06 44.61 7.74
C VAL A 2296 28.16 45.76 7.31
N ASN A 2297 27.55 45.64 6.14
CA ASN A 2297 26.45 46.51 5.73
C ASN A 2297 25.28 45.69 5.22
N PHE A 2298 24.09 46.22 5.42
CA PHE A 2298 22.86 45.67 4.87
C PHE A 2298 22.38 46.59 3.77
N VAL A 2299 22.06 46.03 2.61
CA VAL A 2299 21.58 46.84 1.50
C VAL A 2299 20.20 46.35 1.10
N PHE A 2300 19.22 47.25 1.14
CA PHE A 2300 17.83 46.91 0.95
C PHE A 2300 17.31 47.52 -0.34
N GLU A 2301 17.41 46.78 -1.44
CA GLU A 2301 16.78 47.19 -2.68
C GLU A 2301 15.28 47.06 -2.48
N THR A 2302 14.51 48.03 -2.96
CA THR A 2302 13.08 48.01 -2.70
C THR A 2302 12.31 48.73 -3.79
N HIS A 2303 10.99 48.81 -3.58
CA HIS A 2303 10.11 49.44 -4.55
C HIS A 2303 9.54 50.74 -4.00
N ASP A 2304 8.89 50.69 -2.84
CA ASP A 2304 8.43 51.90 -2.17
C ASP A 2304 8.37 51.65 -0.67
N LEU A 2305 8.14 52.73 0.07
CA LEU A 2305 8.04 52.67 1.52
C LEU A 2305 6.69 53.19 2.01
N SER A 2306 5.59 52.75 1.39
CA SER A 2306 4.28 53.14 1.86
C SER A 2306 3.96 52.46 3.18
N CYS A 2307 4.53 51.29 3.38
CA CYS A 2307 4.08 50.42 4.46
C CYS A 2307 5.14 50.23 5.53
N ALA A 2308 6.09 51.15 5.66
CA ALA A 2308 7.11 51.01 6.68
C ALA A 2308 6.93 52.09 7.74
N SER A 2309 7.02 51.67 9.00
CA SER A 2309 6.90 52.60 10.11
C SER A 2309 8.13 53.50 10.16
N PRO A 2310 7.97 54.74 10.62
CA PRO A 2310 9.10 55.68 10.59
C PRO A 2310 10.20 55.43 11.61
N ALA A 2311 10.11 54.37 12.42
CA ALA A 2311 11.28 53.95 13.19
C ALA A 2311 12.37 53.43 12.28
N THR A 2312 12.02 52.58 11.33
CA THR A 2312 13.01 52.10 10.37
C THR A 2312 13.44 53.20 9.41
N ILE A 2313 12.51 54.08 9.02
CA ILE A 2313 12.83 55.15 8.08
C ILE A 2313 13.80 56.12 8.72
N SER A 2314 13.64 56.38 10.02
CA SER A 2314 14.65 57.18 10.69
C SER A 2314 15.87 56.37 11.07
N ARG A 2315 15.81 55.04 10.94
CA ARG A 2315 16.90 54.23 11.47
C ARG A 2315 18.04 54.03 10.46
N MET A 2316 17.76 54.07 9.16
CA MET A 2316 18.79 53.69 8.19
C MET A 2316 18.89 54.73 7.08
N GLY A 2317 20.03 54.71 6.38
CA GLY A 2317 20.30 55.66 5.31
C GLY A 2317 19.43 55.45 4.10
N MET A 2318 19.60 56.33 3.11
CA MET A 2318 18.61 56.30 2.04
C MET A 2318 19.19 56.91 0.77
N ILE A 2319 18.81 56.32 -0.37
CA ILE A 2319 19.15 56.81 -1.70
C ILE A 2319 17.86 56.89 -2.50
N PHE A 2320 17.63 58.01 -3.16
CA PHE A 2320 16.41 58.20 -3.93
C PHE A 2320 16.74 58.17 -5.42
N LEU A 2321 15.80 57.69 -6.22
CA LEU A 2321 15.91 57.74 -7.68
C LEU A 2321 14.59 58.23 -8.24
N SER A 2322 14.60 58.62 -9.51
CA SER A 2322 13.45 59.30 -10.09
C SER A 2322 13.18 58.79 -11.50
N ASP A 2323 12.09 59.28 -12.08
CA ASP A 2323 11.78 58.97 -13.48
C ASP A 2323 12.21 60.11 -14.38
N GLU A 2324 13.00 61.04 -13.86
CA GLU A 2324 13.53 62.13 -14.68
C GLU A 2324 15.00 61.90 -14.98
N GLU A 2325 15.67 61.13 -14.12
CA GLU A 2325 17.10 60.91 -14.29
C GLU A 2325 17.41 59.83 -15.31
N THR A 2326 16.42 59.01 -15.67
CA THR A 2326 16.67 57.90 -16.58
C THR A 2326 16.84 58.41 -18.00
N ASP A 2327 17.77 57.80 -18.73
CA ASP A 2327 18.05 58.17 -20.12
C ASP A 2327 17.66 57.01 -21.02
N LEU A 2328 16.60 57.21 -21.81
CA LEU A 2328 16.09 56.16 -22.67
C LEU A 2328 17.07 55.84 -23.81
N ASN A 2329 17.65 56.88 -24.42
CA ASN A 2329 18.59 56.68 -25.51
C ASN A 2329 19.85 55.97 -25.03
N SER A 2330 20.23 56.18 -23.77
CA SER A 2330 21.41 55.53 -23.23
C SER A 2330 21.16 54.05 -22.93
N LEU A 2331 19.92 53.59 -23.07
CA LEU A 2331 19.66 52.16 -23.08
C LEU A 2331 19.33 51.65 -24.47
N ILE A 2332 18.94 52.53 -25.38
CA ILE A 2332 18.77 52.09 -26.77
C ILE A 2332 20.12 51.79 -27.39
N LYS A 2333 21.16 52.54 -27.01
CA LYS A 2333 22.45 52.41 -27.68
C LYS A 2333 23.14 51.09 -27.37
N SER A 2334 23.06 50.61 -26.13
CA SER A 2334 23.75 49.36 -25.80
C SER A 2334 23.04 48.16 -26.41
N TRP A 2335 21.71 48.21 -26.49
CA TRP A 2335 20.98 47.19 -27.22
C TRP A 2335 21.37 47.20 -28.70
N LEU A 2336 21.55 48.38 -29.28
CA LEU A 2336 22.04 48.45 -30.65
C LEU A 2336 23.45 47.92 -30.78
N ARG A 2337 24.26 48.09 -29.73
CA ARG A 2337 25.60 47.52 -29.72
C ARG A 2337 25.58 46.01 -29.57
N ASN A 2338 24.47 45.43 -29.14
CA ASN A 2338 24.40 43.97 -29.10
C ASN A 2338 23.80 43.39 -30.38
N GLN A 2339 24.01 44.03 -31.51
CA GLN A 2339 23.42 43.57 -32.76
C GLN A 2339 24.51 43.09 -33.73
N PRO A 2340 24.21 42.09 -34.56
CA PRO A 2340 25.31 41.33 -35.21
C PRO A 2340 25.92 41.98 -36.42
N ALA A 2341 25.73 43.29 -36.62
CA ALA A 2341 26.30 44.12 -37.69
C ALA A 2341 25.88 43.66 -39.07
N GLU A 2342 24.59 43.39 -39.29
CA GLU A 2342 24.13 43.11 -40.64
C GLU A 2342 22.89 43.93 -40.96
N TYR A 2343 22.37 44.66 -39.97
CA TYR A 2343 21.17 45.48 -40.15
C TYR A 2343 21.24 46.82 -39.44
N ARG A 2344 22.38 47.14 -38.81
CA ARG A 2344 22.42 48.18 -37.78
C ARG A 2344 22.28 49.57 -38.37
N ASN A 2345 22.64 49.72 -39.64
CA ASN A 2345 22.51 51.00 -40.34
C ASN A 2345 21.05 51.40 -40.42
N ASN A 2346 20.24 50.50 -40.99
CA ASN A 2346 18.81 50.74 -41.13
C ASN A 2346 18.11 50.85 -39.78
N LEU A 2347 18.53 50.04 -38.81
CA LEU A 2347 17.87 50.06 -37.50
C LEU A 2347 18.13 51.35 -36.75
N GLU A 2348 19.36 51.85 -36.80
CA GLU A 2348 19.65 53.11 -36.13
C GLU A 2348 18.99 54.27 -36.88
N ASN A 2349 18.99 54.22 -38.21
CA ASN A 2349 18.34 55.27 -39.01
C ASN A 2349 16.84 55.31 -38.78
N TRP A 2350 16.23 54.18 -38.42
CA TRP A 2350 14.78 54.16 -38.24
C TRP A 2350 14.40 54.41 -36.78
N ILE A 2351 15.23 53.93 -35.83
CA ILE A 2351 14.98 54.20 -34.42
C ILE A 2351 15.08 55.69 -34.14
N GLY A 2352 16.16 56.33 -34.61
CA GLY A 2352 16.42 57.73 -34.32
C GLY A 2352 15.40 58.75 -34.79
N ASP A 2353 14.42 58.32 -35.60
CA ASP A 2353 13.40 59.24 -36.04
C ASP A 2353 11.99 58.64 -35.96
N TYR A 2354 11.86 57.40 -35.49
CA TYR A 2354 10.50 56.89 -35.33
C TYR A 2354 10.19 56.50 -33.89
N PHE A 2355 11.21 56.27 -33.05
CA PHE A 2355 10.95 55.59 -31.79
C PHE A 2355 10.34 56.54 -30.76
N GLU A 2356 10.82 57.77 -30.68
CA GLU A 2356 10.48 58.65 -29.57
C GLU A 2356 9.05 59.18 -29.68
N LYS A 2357 8.60 59.42 -30.92
CA LYS A 2357 7.23 59.85 -31.15
C LYS A 2357 6.23 58.79 -30.72
N ALA A 2358 6.49 57.54 -31.12
CA ALA A 2358 5.57 56.46 -30.80
C ALA A 2358 5.64 56.09 -29.32
N LEU A 2359 6.75 56.38 -28.64
CA LEU A 2359 6.78 56.13 -27.22
C LEU A 2359 6.01 57.21 -26.45
N GLN A 2360 6.19 58.48 -26.84
CA GLN A 2360 5.55 59.55 -26.10
C GLN A 2360 4.06 59.61 -26.36
N TRP A 2361 3.61 59.14 -27.52
CA TRP A 2361 2.17 59.11 -27.76
C TRP A 2361 1.47 58.04 -26.91
N VAL A 2362 2.14 56.89 -26.72
CA VAL A 2362 1.61 55.86 -25.84
C VAL A 2362 1.63 56.32 -24.40
N LEU A 2363 2.66 57.06 -23.98
CA LEU A 2363 2.65 57.62 -22.62
C LEU A 2363 1.63 58.74 -22.48
N LYS A 2364 1.19 59.32 -23.60
CA LYS A 2364 0.12 60.30 -23.53
C LYS A 2364 -1.24 59.63 -23.35
N GLN A 2365 -1.47 58.50 -24.02
CA GLN A 2365 -2.80 57.88 -23.97
C GLN A 2365 -3.07 57.21 -22.62
N ASN A 2366 -2.14 56.37 -22.15
CA ASN A 2366 -2.12 55.82 -20.80
C ASN A 2366 -3.32 54.91 -20.53
N ASP A 2367 -3.93 54.38 -21.59
CA ASP A 2367 -5.03 53.42 -21.48
C ASP A 2367 -4.46 52.01 -21.55
N TYR A 2368 -3.46 51.70 -20.73
CA TYR A 2368 -2.88 50.37 -20.87
C TYR A 2368 -3.26 49.52 -19.68
N VAL A 2369 -3.46 48.24 -19.97
CA VAL A 2369 -4.33 47.41 -19.17
C VAL A 2369 -3.61 46.84 -17.96
N VAL A 2370 -2.30 46.66 -18.04
CA VAL A 2370 -1.55 46.22 -16.87
C VAL A 2370 -0.43 47.22 -16.64
N GLU A 2371 -0.27 47.67 -15.41
CA GLU A 2371 0.57 48.83 -15.12
C GLU A 2371 2.05 48.46 -15.13
N THR A 2372 2.82 49.14 -15.97
CA THR A 2372 4.27 48.97 -16.08
C THR A 2372 4.96 50.30 -15.82
N SER A 2373 6.27 50.27 -15.64
CA SER A 2373 7.02 51.51 -15.57
C SER A 2373 7.45 51.93 -16.97
N LEU A 2374 8.36 52.90 -17.03
CA LEU A 2374 8.87 53.38 -18.31
C LEU A 2374 9.73 52.33 -18.99
N VAL A 2375 10.62 51.71 -18.21
CA VAL A 2375 11.59 50.73 -18.66
C VAL A 2375 10.87 49.53 -19.25
N GLY A 2376 9.76 49.16 -18.63
CA GLY A 2376 8.94 48.07 -19.10
C GLY A 2376 8.32 48.37 -20.45
N THR A 2377 7.81 49.58 -20.63
CA THR A 2377 7.24 49.97 -21.93
C THR A 2377 8.32 49.98 -23.01
N VAL A 2378 9.53 50.39 -22.64
CA VAL A 2378 10.66 50.41 -23.57
C VAL A 2378 11.00 49.00 -24.01
N MET A 2379 11.12 48.08 -23.05
CA MET A 2379 11.52 46.72 -23.38
C MET A 2379 10.44 45.99 -24.16
N ASN A 2380 9.16 46.28 -23.87
CA ASN A 2380 8.06 45.75 -24.66
C ASN A 2380 8.10 46.29 -26.08
N GLY A 2381 8.53 47.53 -26.23
CA GLY A 2381 8.71 48.06 -27.58
C GLY A 2381 9.87 47.42 -28.32
N LEU A 2382 10.93 47.08 -27.58
CA LEU A 2382 12.17 46.69 -28.25
C LEU A 2382 12.21 45.21 -28.59
N SER A 2383 11.66 44.35 -27.73
CA SER A 2383 11.91 42.91 -27.88
C SER A 2383 11.10 42.27 -29.00
N HIS A 2384 10.50 43.06 -29.88
CA HIS A 2384 9.86 42.52 -31.06
C HIS A 2384 10.49 43.06 -32.32
N LEU A 2385 11.81 43.28 -32.33
CA LEU A 2385 12.45 44.04 -33.40
C LEU A 2385 13.64 43.35 -34.04
N HIS A 2386 14.48 42.65 -33.28
CA HIS A 2386 15.83 42.37 -33.77
C HIS A 2386 15.82 41.30 -34.86
N GLY A 2387 16.11 41.76 -36.08
CA GLY A 2387 15.96 40.96 -37.27
C GLY A 2387 15.03 41.54 -38.30
N CYS A 2388 14.70 42.83 -38.21
CA CYS A 2388 13.92 43.48 -39.26
C CYS A 2388 14.78 43.62 -40.51
N ARG A 2389 14.14 43.58 -41.67
CA ARG A 2389 14.88 43.79 -42.90
C ARG A 2389 14.69 45.21 -43.43
N ASP A 2390 13.46 45.58 -43.72
CA ASP A 2390 13.16 46.82 -44.41
C ASP A 2390 12.29 47.74 -43.56
N HIS A 2391 11.93 48.87 -44.18
CA HIS A 2391 11.21 49.92 -43.48
C HIS A 2391 9.78 49.50 -43.17
N ASP A 2392 9.11 48.89 -44.16
CA ASP A 2392 7.70 48.56 -44.01
C ASP A 2392 7.51 47.40 -43.04
N GLU A 2393 8.53 46.55 -42.90
CA GLU A 2393 8.48 45.50 -41.89
C GLU A 2393 8.78 46.06 -40.50
N PHE A 2394 9.65 47.07 -40.44
CA PHE A 2394 10.03 47.65 -39.16
C PHE A 2394 8.87 48.41 -38.55
N ILE A 2395 8.01 49.01 -39.39
CA ILE A 2395 6.79 49.66 -38.89
C ILE A 2395 5.90 48.65 -38.16
N ILE A 2396 5.70 47.49 -38.76
CA ILE A 2396 4.78 46.50 -38.20
C ILE A 2396 5.38 45.84 -36.97
N ASN A 2397 6.69 45.64 -36.96
CA ASN A 2397 7.34 45.18 -35.73
C ASN A 2397 7.25 46.19 -34.61
N LEU A 2398 7.29 47.48 -34.93
CA LEU A 2398 7.09 48.50 -33.90
C LEU A 2398 5.66 48.48 -33.35
N ILE A 2399 4.68 48.27 -34.24
CA ILE A 2399 3.28 48.22 -33.82
C ILE A 2399 3.03 47.03 -32.91
N ARG A 2400 3.57 45.86 -33.28
CA ARG A 2400 3.41 44.68 -32.46
C ARG A 2400 4.22 44.76 -31.17
N GLY A 2401 5.27 45.59 -31.17
CA GLY A 2401 5.99 45.81 -29.93
C GLY A 2401 5.21 46.68 -28.96
N LEU A 2402 4.66 47.79 -29.46
CA LEU A 2402 4.02 48.72 -28.53
C LEU A 2402 2.58 48.36 -28.23
N GLY A 2403 1.73 48.29 -29.27
CA GLY A 2403 0.29 48.29 -29.08
C GLY A 2403 -0.31 47.05 -28.45
N GLY A 2404 0.51 46.11 -27.98
CA GLY A 2404 -0.02 44.93 -27.33
C GLY A 2404 -0.58 45.19 -25.95
N ASN A 2405 -0.18 46.31 -25.33
CA ASN A 2405 -0.55 46.56 -23.94
C ASN A 2405 -1.75 47.49 -23.83
N LEU A 2406 -2.21 48.06 -24.94
CA LEU A 2406 -3.36 48.94 -24.94
C LEU A 2406 -4.65 48.14 -24.92
N ASN A 2407 -5.76 48.81 -25.18
CA ASN A 2407 -7.00 48.11 -25.49
C ASN A 2407 -7.56 48.61 -26.81
N MET A 2408 -8.71 48.05 -27.22
CA MET A 2408 -9.11 48.14 -28.61
C MET A 2408 -9.72 49.52 -28.93
N LYS A 2409 -10.01 50.31 -27.89
CA LYS A 2409 -10.47 51.66 -28.16
C LYS A 2409 -9.33 52.56 -28.64
N SER A 2410 -8.09 52.18 -28.34
CA SER A 2410 -6.94 53.00 -28.65
C SER A 2410 -5.99 52.36 -29.65
N ARG A 2411 -5.99 51.02 -29.76
CA ARG A 2411 -5.11 50.34 -30.70
C ARG A 2411 -5.41 50.72 -32.13
N LEU A 2412 -6.69 50.97 -32.44
CA LEU A 2412 -7.07 51.31 -33.80
C LEU A 2412 -6.50 52.66 -34.23
N GLU A 2413 -6.63 53.68 -33.39
CA GLU A 2413 -6.10 54.98 -33.78
C GLU A 2413 -4.59 55.02 -33.59
N PHE A 2414 -4.02 54.12 -32.78
CA PHE A 2414 -2.59 53.91 -32.75
C PHE A 2414 -2.11 53.44 -34.11
N THR A 2415 -2.78 52.45 -34.68
CA THR A 2415 -2.46 51.99 -36.04
C THR A 2415 -2.71 53.06 -37.08
N LYS A 2416 -3.77 53.85 -36.91
CA LYS A 2416 -4.08 54.92 -37.85
C LYS A 2416 -2.99 55.98 -37.87
N GLU A 2417 -2.55 56.43 -36.69
CA GLU A 2417 -1.52 57.45 -36.62
C GLU A 2417 -0.16 56.87 -37.04
N VAL A 2418 0.09 55.57 -36.77
CA VAL A 2418 1.38 55.03 -37.19
C VAL A 2418 1.45 54.87 -38.69
N PHE A 2419 0.43 54.28 -39.33
CA PHE A 2419 0.42 54.20 -40.79
C PHE A 2419 0.29 55.56 -41.47
N HIS A 2420 -0.43 56.51 -40.87
CA HIS A 2420 -0.57 57.81 -41.49
C HIS A 2420 0.72 58.62 -41.38
N TRP A 2421 1.39 58.54 -40.24
CA TRP A 2421 2.70 59.18 -40.13
C TRP A 2421 3.81 58.22 -40.53
N ALA A 2422 3.47 57.13 -41.21
CA ALA A 2422 4.41 56.39 -42.01
C ALA A 2422 4.40 56.90 -43.44
N ARG A 2423 4.98 56.09 -44.33
CA ARG A 2423 4.92 56.36 -45.76
C ARG A 2423 3.49 56.35 -46.27
N GLU A 2424 2.82 55.20 -46.17
CA GLU A 2424 1.57 54.97 -46.89
C GLU A 2424 0.56 54.26 -46.01
N SER A 2425 -0.57 53.92 -46.65
CA SER A 2425 -1.60 53.14 -46.00
C SER A 2425 -1.72 51.77 -46.66
N PRO A 2426 -2.05 50.72 -45.89
CA PRO A 2426 -2.20 49.40 -46.48
C PRO A 2426 -3.53 49.28 -47.18
N PRO A 2427 -3.79 48.15 -47.85
CA PRO A 2427 -5.19 47.86 -48.24
C PRO A 2427 -6.02 47.27 -47.11
N ASP A 2428 -5.47 47.20 -45.90
CA ASP A 2428 -6.22 46.83 -44.70
C ASP A 2428 -6.76 48.08 -44.05
N PHE A 2429 -7.43 48.94 -44.83
CA PHE A 2429 -7.94 50.20 -44.29
C PHE A 2429 -9.11 49.94 -43.35
N HIS A 2430 -9.84 48.86 -43.59
CA HIS A 2430 -10.88 48.39 -42.71
C HIS A 2430 -10.33 47.27 -41.85
N LYS A 2431 -10.40 47.46 -40.52
CA LYS A 2431 -9.75 46.66 -39.49
C LYS A 2431 -8.25 46.53 -39.70
N PRO A 2432 -7.47 47.59 -39.47
CA PRO A 2432 -6.02 47.51 -39.73
C PRO A 2432 -5.22 46.77 -38.67
N MET A 2433 -5.85 46.01 -37.78
CA MET A 2433 -5.09 45.22 -36.80
C MET A 2433 -4.49 43.98 -37.42
N ASP A 2434 -4.81 43.70 -38.68
CA ASP A 2434 -4.50 42.40 -39.26
C ASP A 2434 -3.61 42.47 -40.49
N THR A 2435 -2.51 43.22 -40.45
CA THR A 2435 -1.62 43.35 -41.60
C THR A 2435 -0.54 42.28 -41.58
N TYR A 2436 -0.46 41.49 -42.63
CA TYR A 2436 0.41 40.32 -42.72
C TYR A 2436 1.57 40.63 -43.64
N TYR A 2437 2.66 41.18 -43.09
CA TYR A 2437 3.81 41.41 -43.94
C TYR A 2437 4.54 40.11 -44.23
N ASP A 2438 4.73 39.83 -45.51
CA ASP A 2438 5.45 38.65 -45.96
C ASP A 2438 6.83 39.08 -46.42
N SER A 2439 7.82 38.22 -46.20
CA SER A 2439 9.16 38.49 -46.70
C SER A 2439 9.28 38.08 -48.16
N THR A 2440 8.42 37.17 -48.61
CA THR A 2440 8.50 36.55 -49.93
C THR A 2440 8.21 37.53 -51.05
N ARG A 2441 7.11 38.29 -50.94
CA ARG A 2441 6.74 39.20 -52.02
C ARG A 2441 6.92 40.65 -51.61
N GLY A 2442 6.92 40.93 -50.30
CA GLY A 2442 6.80 42.31 -49.88
C GLY A 2442 5.37 42.76 -49.72
N ARG A 2443 4.43 41.81 -49.64
CA ARG A 2443 3.02 42.09 -49.39
C ARG A 2443 2.80 42.77 -48.05
N LEU A 2444 1.84 43.68 -47.96
CA LEU A 2444 1.59 44.40 -46.71
C LEU A 2444 0.43 43.71 -45.99
N ALA A 2445 -0.75 43.56 -46.61
CA ALA A 2445 -1.91 43.19 -45.84
C ALA A 2445 -3.05 42.63 -46.70
N THR A 2446 -3.32 41.34 -46.52
CA THR A 2446 -4.59 40.70 -46.86
C THR A 2446 -4.89 39.70 -45.76
N TYR A 2447 -6.07 39.81 -45.17
CA TYR A 2447 -6.52 38.87 -44.15
C TYR A 2447 -7.32 37.75 -44.79
N VAL A 2448 -6.77 36.53 -44.71
CA VAL A 2448 -7.33 35.39 -45.41
C VAL A 2448 -7.72 34.30 -44.40
N LEU A 2449 -8.84 33.64 -44.68
CA LEU A 2449 -9.35 32.59 -43.82
C LEU A 2449 -8.90 31.23 -44.33
N LYS A 2450 -8.37 30.41 -43.44
CA LYS A 2450 -7.84 29.09 -43.77
C LYS A 2450 -8.80 28.04 -43.23
N LYS A 2451 -9.52 27.37 -44.13
CA LYS A 2451 -10.50 26.37 -43.74
C LYS A 2451 -9.89 24.98 -43.79
N PRO A 2452 -9.98 24.20 -42.72
CA PRO A 2452 -9.51 22.81 -42.77
C PRO A 2452 -10.54 21.91 -43.44
N GLU A 2453 -10.04 20.78 -43.94
CA GLU A 2453 -10.88 19.77 -44.58
C GLU A 2453 -10.50 18.35 -44.14
N ASP A 2454 -10.19 18.17 -42.86
CA ASP A 2454 -9.75 16.90 -42.32
C ASP A 2454 -10.70 16.35 -41.28
N LEU A 2455 -12.00 16.45 -41.49
CA LEU A 2455 -12.93 16.51 -40.37
C LEU A 2455 -13.73 15.22 -40.23
N THR A 2456 -13.43 14.46 -39.17
CA THR A 2456 -14.19 13.27 -38.80
C THR A 2456 -14.64 13.43 -37.37
N ALA A 2457 -15.14 12.34 -36.80
CA ALA A 2457 -15.42 12.33 -35.36
C ALA A 2457 -14.22 11.80 -34.58
N ASP A 2458 -13.16 11.40 -35.27
CA ASP A 2458 -11.97 10.92 -34.57
C ASP A 2458 -11.12 12.07 -34.06
N ASP A 2459 -11.31 13.26 -34.63
CA ASP A 2459 -10.62 14.44 -34.11
C ASP A 2459 -11.12 14.80 -32.74
N PHE A 2460 -12.42 14.68 -32.52
CA PHE A 2460 -13.09 15.13 -31.33
C PHE A 2460 -13.03 14.12 -30.20
N SER A 2461 -12.19 13.09 -30.31
CA SER A 2461 -12.19 12.00 -29.35
C SER A 2461 -11.71 12.46 -27.99
N ASN A 2462 -10.54 13.08 -27.95
CA ASN A 2462 -10.14 13.79 -26.75
C ASN A 2462 -11.03 15.02 -26.59
N GLY A 2463 -11.38 15.33 -25.35
CA GLY A 2463 -12.06 16.57 -25.07
C GLY A 2463 -11.20 17.77 -25.38
N LEU A 2464 -9.90 17.66 -25.13
CA LEU A 2464 -8.92 18.64 -25.56
C LEU A 2464 -8.52 18.31 -26.99
N THR A 2465 -7.46 18.97 -27.49
CA THR A 2465 -6.91 18.81 -28.84
C THR A 2465 -7.99 18.99 -29.89
N LEU A 2466 -8.85 19.97 -29.67
CA LEU A 2466 -9.93 20.24 -30.58
C LEU A 2466 -9.35 20.85 -31.86
N PRO A 2467 -9.98 20.62 -33.01
CA PRO A 2467 -9.48 21.23 -34.24
C PRO A 2467 -9.66 22.74 -34.23
N VAL A 2468 -8.54 23.45 -34.17
CA VAL A 2468 -8.51 24.91 -34.15
C VAL A 2468 -8.81 25.42 -35.54
N ILE A 2469 -9.88 26.21 -35.65
CA ILE A 2469 -10.17 26.87 -36.92
C ILE A 2469 -9.33 28.13 -37.04
N GLN A 2470 -8.45 28.15 -38.04
CA GLN A 2470 -7.49 29.24 -38.21
C GLN A 2470 -8.23 30.46 -38.75
N THR A 2471 -8.77 31.24 -37.83
CA THR A 2471 -9.39 32.51 -38.13
C THR A 2471 -8.30 33.57 -38.12
N PRO A 2472 -8.55 34.76 -38.71
CA PRO A 2472 -7.51 35.80 -38.71
C PRO A 2472 -7.04 36.25 -37.33
N ASP A 2473 -7.89 36.18 -36.31
CA ASP A 2473 -7.44 36.59 -35.00
C ASP A 2473 -6.52 35.56 -34.39
N MET A 2474 -6.73 34.28 -34.70
CA MET A 2474 -5.81 33.26 -34.25
C MET A 2474 -4.48 33.37 -34.98
N GLN A 2475 -4.52 33.81 -36.24
CA GLN A 2475 -3.28 34.10 -36.96
C GLN A 2475 -2.55 35.29 -36.37
N ARG A 2476 -3.27 36.31 -35.91
CA ARG A 2476 -2.62 37.43 -35.25
C ARG A 2476 -1.98 36.99 -33.93
N GLY A 2477 -2.66 36.11 -33.20
CA GLY A 2477 -2.08 35.58 -31.99
C GLY A 2477 -0.83 34.75 -32.25
N LEU A 2478 -0.86 33.95 -33.31
CA LEU A 2478 0.31 33.13 -33.63
C LEU A 2478 1.46 33.98 -34.16
N ASP A 2479 1.14 35.03 -34.91
CA ASP A 2479 2.19 35.95 -35.37
C ASP A 2479 2.78 36.74 -34.21
N TYR A 2480 2.00 36.94 -33.17
CA TYR A 2480 2.56 37.45 -31.93
C TYR A 2480 3.47 36.44 -31.24
N PHE A 2481 3.08 35.17 -31.21
CA PHE A 2481 3.79 34.17 -30.39
C PHE A 2481 5.10 33.75 -31.04
N LYS A 2482 5.08 33.61 -32.36
CA LYS A 2482 6.21 33.07 -33.13
C LYS A 2482 7.58 33.73 -32.90
N PRO A 2483 7.72 35.06 -32.72
CA PRO A 2483 9.08 35.57 -32.42
C PRO A 2483 9.61 35.24 -31.04
N TRP A 2484 8.77 34.85 -30.09
CA TRP A 2484 9.28 34.71 -28.73
C TRP A 2484 9.46 33.28 -28.29
N LEU A 2485 8.81 32.33 -28.93
CA LEU A 2485 9.00 30.96 -28.49
C LEU A 2485 10.06 30.22 -29.29
N SER A 2486 10.75 30.91 -30.20
CA SER A 2486 11.83 30.28 -30.95
C SER A 2486 13.06 30.13 -30.04
N SER A 2487 14.06 29.39 -30.51
CA SER A 2487 15.15 28.93 -29.64
C SER A 2487 16.24 30.01 -29.61
N ASP A 2488 16.01 31.20 -30.17
CA ASP A 2488 17.01 32.26 -30.10
C ASP A 2488 16.58 33.34 -29.13
N THR A 2489 15.27 33.46 -28.88
CA THR A 2489 14.77 34.44 -27.93
C THR A 2489 14.15 33.79 -26.70
N LYS A 2490 14.92 33.51 -25.66
CA LYS A 2490 14.38 32.92 -24.45
C LYS A 2490 13.61 33.97 -23.65
N GLN A 2491 12.32 34.13 -23.97
CA GLN A 2491 11.52 35.17 -23.38
C GLN A 2491 10.38 34.59 -22.55
N PRO A 2492 10.22 35.07 -21.31
CA PRO A 2492 8.97 34.81 -20.57
C PRO A 2492 7.91 35.83 -20.95
N PHE A 2493 6.67 35.37 -21.14
CA PHE A 2493 5.59 36.27 -21.52
C PHE A 2493 4.27 35.74 -21.00
N ILE A 2494 3.30 36.66 -20.90
CA ILE A 2494 1.98 36.41 -20.31
C ILE A 2494 0.90 36.96 -21.22
N LEU A 2495 -0.06 36.11 -21.58
CA LEU A 2495 -1.23 36.55 -22.30
C LEU A 2495 -2.24 37.17 -21.36
N VAL A 2496 -2.99 38.14 -21.86
CA VAL A 2496 -4.15 38.67 -21.16
C VAL A 2496 -5.36 38.42 -22.03
N GLY A 2497 -6.40 37.86 -21.43
CA GLY A 2497 -7.66 37.68 -22.13
C GLY A 2497 -8.81 37.70 -21.15
N PRO A 2498 -10.00 38.06 -21.62
CA PRO A 2498 -11.18 37.85 -20.78
C PRO A 2498 -11.43 36.37 -20.60
N GLU A 2499 -12.15 36.04 -19.54
CA GLU A 2499 -12.25 34.64 -19.11
C GLU A 2499 -13.04 33.83 -20.12
N GLY A 2500 -12.52 32.66 -20.46
CA GLY A 2500 -13.08 31.86 -21.52
C GLY A 2500 -13.01 32.49 -22.88
N CYS A 2501 -11.83 32.61 -23.48
CA CYS A 2501 -11.71 33.33 -24.74
C CYS A 2501 -10.87 32.55 -25.75
N GLY A 2502 -10.03 31.64 -25.26
CA GLY A 2502 -9.18 30.89 -26.18
C GLY A 2502 -7.70 30.94 -25.88
N LYS A 2503 -7.33 31.12 -24.63
CA LYS A 2503 -5.91 31.28 -24.32
C LYS A 2503 -5.19 29.93 -24.30
N GLY A 2504 -5.72 28.97 -23.53
CA GLY A 2504 -5.01 27.72 -23.33
C GLY A 2504 -4.92 26.87 -24.57
N MET A 2505 -5.99 26.87 -25.37
CA MET A 2505 -6.00 26.14 -26.63
C MET A 2505 -4.94 26.66 -27.60
N LEU A 2506 -4.86 27.97 -27.75
CA LEU A 2506 -3.92 28.55 -28.70
C LEU A 2506 -2.48 28.41 -28.20
N LEU A 2507 -2.28 28.50 -26.88
CA LEU A 2507 -0.93 28.30 -26.37
C LEU A 2507 -0.50 26.84 -26.43
N ARG A 2508 -1.45 25.90 -26.38
CA ARG A 2508 -1.07 24.50 -26.57
C ARG A 2508 -0.77 24.21 -28.04
N TYR A 2509 -1.47 24.89 -28.95
CA TYR A 2509 -1.12 24.78 -30.36
C TYR A 2509 0.31 25.27 -30.60
N ALA A 2510 0.67 26.38 -29.98
CA ALA A 2510 2.04 26.90 -30.15
C ALA A 2510 3.06 26.05 -29.41
N PHE A 2511 2.62 25.33 -28.37
CA PHE A 2511 3.49 24.31 -27.76
C PHE A 2511 3.72 23.16 -28.73
N SER A 2512 2.68 22.78 -29.47
CA SER A 2512 2.77 21.65 -30.39
C SER A 2512 3.60 22.00 -31.62
N GLN A 2513 3.75 23.29 -31.93
CA GLN A 2513 4.58 23.65 -33.08
C GLN A 2513 6.07 23.54 -32.77
N LEU A 2514 6.44 23.25 -31.53
CA LEU A 2514 7.85 23.33 -31.12
C LEU A 2514 8.63 22.11 -31.58
N ARG A 2515 9.85 21.98 -31.05
CA ARG A 2515 10.76 20.92 -31.50
C ARG A 2515 11.13 19.92 -30.43
N SER A 2516 11.75 20.34 -29.33
CA SER A 2516 12.22 19.36 -28.36
C SER A 2516 11.90 19.78 -26.95
N THR A 2517 10.69 20.27 -26.72
CA THR A 2517 10.31 20.85 -25.44
C THR A 2517 9.68 19.79 -24.55
N GLN A 2518 9.30 20.23 -23.36
CA GLN A 2518 8.60 19.38 -22.39
C GLN A 2518 7.66 20.22 -21.54
N ILE A 2519 6.40 20.23 -21.92
CA ILE A 2519 5.38 21.09 -21.35
C ILE A 2519 5.00 20.50 -20.00
N ALA A 2520 4.80 21.34 -19.00
CA ALA A 2520 4.29 20.89 -17.71
C ALA A 2520 3.33 21.94 -17.15
N THR A 2521 2.05 21.80 -17.44
CA THR A 2521 1.01 22.72 -17.02
C THR A 2521 0.68 22.53 -15.55
N VAL A 2522 0.67 23.62 -14.80
CA VAL A 2522 0.26 23.61 -13.41
C VAL A 2522 -0.86 24.62 -13.22
N HIS A 2523 -2.02 24.15 -12.76
CA HIS A 2523 -3.16 25.01 -12.45
C HIS A 2523 -2.95 25.61 -11.06
N CYS A 2524 -2.69 26.91 -11.01
CA CYS A 2524 -2.60 27.61 -9.75
C CYS A 2524 -3.97 28.07 -9.30
N SER A 2525 -4.07 28.37 -8.01
CA SER A 2525 -5.33 28.79 -7.41
C SER A 2525 -5.00 29.57 -6.15
N ALA A 2526 -6.01 29.75 -5.28
CA ALA A 2526 -5.86 30.63 -4.14
C ALA A 2526 -5.05 30.00 -3.01
N GLN A 2527 -4.53 28.80 -3.22
CA GLN A 2527 -3.73 28.13 -2.20
C GLN A 2527 -2.35 27.72 -2.69
N THR A 2528 -1.99 28.04 -3.93
CA THR A 2528 -0.78 27.51 -4.53
C THR A 2528 0.45 28.20 -3.95
N THR A 2529 1.42 27.40 -3.50
CA THR A 2529 2.59 27.91 -2.81
C THR A 2529 3.84 27.44 -3.55
N SER A 2530 4.98 27.59 -2.88
CA SER A 2530 6.27 27.27 -3.49
C SER A 2530 6.42 25.78 -3.72
N ARG A 2531 6.02 24.98 -2.74
CA ARG A 2531 6.34 23.55 -2.75
C ARG A 2531 5.58 22.81 -3.82
N HIS A 2532 4.45 23.36 -4.27
CA HIS A 2532 3.65 22.70 -5.29
C HIS A 2532 4.32 22.78 -6.66
N LEU A 2533 4.78 23.98 -7.03
CA LEU A 2533 5.57 24.10 -8.25
C LEU A 2533 6.92 23.41 -8.13
N LEU A 2534 7.47 23.35 -6.92
CA LEU A 2534 8.74 22.66 -6.74
C LEU A 2534 8.60 21.16 -6.99
N GLN A 2535 7.50 20.57 -6.54
CA GLN A 2535 7.36 19.14 -6.82
C GLN A 2535 6.90 18.88 -8.24
N LYS A 2536 6.12 19.79 -8.84
CA LYS A 2536 5.77 19.63 -10.25
C LYS A 2536 6.98 19.80 -11.15
N LEU A 2537 7.97 20.55 -10.70
CA LEU A 2537 9.24 20.54 -11.41
C LEU A 2537 10.00 19.25 -11.15
N SER A 2538 10.10 18.84 -9.88
CA SER A 2538 11.05 17.80 -9.52
C SER A 2538 10.54 16.41 -9.88
N GLN A 2539 9.31 16.30 -10.36
CA GLN A 2539 8.90 15.02 -10.92
C GLN A 2539 9.55 14.77 -12.28
N THR A 2540 9.69 15.82 -13.10
CA THR A 2540 10.20 15.65 -14.45
C THR A 2540 11.48 16.43 -14.74
N CYS A 2541 12.49 16.36 -13.86
CA CYS A 2541 13.68 17.18 -14.02
C CYS A 2541 14.85 16.53 -13.32
N MET A 2542 16.01 16.53 -13.98
CA MET A 2542 17.19 15.87 -13.45
C MET A 2542 17.82 16.68 -12.33
N VAL A 2543 18.68 16.02 -11.55
CA VAL A 2543 19.43 16.65 -10.48
C VAL A 2543 20.90 16.31 -10.73
N ILE A 2544 21.64 17.20 -11.38
CA ILE A 2544 23.04 16.95 -11.71
C ILE A 2544 23.91 18.00 -11.03
N SER A 2545 24.98 17.52 -10.40
CA SER A 2545 25.75 18.31 -9.46
C SER A 2545 27.01 18.89 -10.11
N THR A 2546 26.87 20.08 -10.68
CA THR A 2546 28.00 20.76 -11.31
C THR A 2546 28.82 21.46 -10.25
N ASN A 2547 29.79 22.24 -10.71
CA ASN A 2547 30.45 23.19 -9.84
C ASN A 2547 29.52 24.36 -9.57
N THR A 2548 29.84 25.09 -8.50
CA THR A 2548 29.03 26.19 -7.95
C THR A 2548 27.61 25.75 -7.65
N GLY A 2549 27.45 24.77 -6.78
CA GLY A 2549 26.15 24.39 -6.27
C GLY A 2549 25.35 23.52 -7.23
N ARG A 2550 24.49 22.70 -6.63
CA ARG A 2550 23.64 21.73 -7.32
C ARG A 2550 22.64 22.45 -8.20
N VAL A 2551 22.14 21.81 -9.24
CA VAL A 2551 21.29 22.50 -10.21
C VAL A 2551 20.28 21.51 -10.78
N TYR A 2552 19.23 22.04 -11.41
CA TYR A 2552 18.20 21.21 -12.03
C TYR A 2552 18.19 21.42 -13.53
N ARG A 2553 18.04 20.35 -14.28
CA ARG A 2553 18.12 20.33 -15.73
C ARG A 2553 17.02 19.41 -16.29
N PRO A 2554 16.32 19.82 -17.34
CA PRO A 2554 15.25 18.99 -17.89
C PRO A 2554 15.77 17.70 -18.50
N LYS A 2555 15.08 16.59 -18.20
CA LYS A 2555 15.47 15.29 -18.70
C LYS A 2555 14.99 15.13 -20.14
N ASP A 2556 15.88 14.64 -20.99
CA ASP A 2556 15.56 14.14 -22.33
C ASP A 2556 15.01 15.22 -23.25
N CYS A 2557 15.22 16.47 -22.92
CA CYS A 2557 14.74 17.59 -23.71
C CYS A 2557 15.71 18.73 -23.61
N GLU A 2558 15.29 19.90 -24.08
CA GLU A 2558 16.20 21.02 -24.14
C GLU A 2558 15.61 22.28 -23.51
N ARG A 2559 14.30 22.50 -23.66
CA ARG A 2559 13.65 23.70 -23.17
C ARG A 2559 12.36 23.30 -22.47
N LEU A 2560 12.45 23.10 -21.16
CA LEU A 2560 11.27 22.78 -20.35
C LEU A 2560 10.45 24.05 -20.16
N VAL A 2561 9.14 23.91 -20.22
CA VAL A 2561 8.23 25.05 -20.15
C VAL A 2561 7.23 24.82 -19.03
N LEU A 2562 7.33 25.61 -17.95
CA LEU A 2562 6.33 25.64 -16.88
C LEU A 2562 5.21 26.60 -17.29
N TYR A 2563 4.03 26.05 -17.51
CA TYR A 2563 2.87 26.82 -17.97
C TYR A 2563 1.93 27.09 -16.82
N LEU A 2564 2.09 28.26 -16.19
CA LEU A 2564 1.31 28.66 -15.03
C LEU A 2564 -0.06 29.13 -15.49
N LYS A 2565 -1.12 28.55 -14.94
CA LYS A 2565 -2.43 28.76 -15.53
C LYS A 2565 -3.04 30.08 -15.08
N ASP A 2566 -2.93 30.42 -13.79
CA ASP A 2566 -3.60 31.61 -13.28
C ASP A 2566 -2.64 32.37 -12.37
N ILE A 2567 -2.58 33.69 -12.55
CA ILE A 2567 -1.66 34.52 -11.77
C ILE A 2567 -2.40 35.54 -10.89
N ASN A 2568 -3.57 35.99 -11.33
CA ASN A 2568 -4.34 36.92 -10.51
C ASN A 2568 -4.87 36.25 -9.25
N LEU A 2569 -5.15 34.97 -9.34
CA LEU A 2569 -5.87 34.21 -8.33
C LEU A 2569 -5.19 33.86 -7.00
N PRO A 2570 -3.86 33.75 -6.86
CA PRO A 2570 -3.31 33.52 -5.51
C PRO A 2570 -3.51 34.66 -4.54
N LYS A 2571 -3.12 34.43 -3.28
CA LYS A 2571 -3.67 35.18 -2.15
C LYS A 2571 -2.68 36.18 -1.58
N LEU A 2572 -3.12 37.43 -1.43
CA LEU A 2572 -2.33 38.46 -0.76
C LEU A 2572 -2.31 38.17 0.73
N ASP A 2573 -1.32 38.73 1.41
CA ASP A 2573 -1.48 38.91 2.85
C ASP A 2573 -2.12 40.27 3.11
N LYS A 2574 -2.06 40.72 4.36
CA LYS A 2574 -2.77 41.95 4.70
C LYS A 2574 -1.95 43.19 4.39
N TRP A 2575 -0.88 43.07 3.60
CA TRP A 2575 -0.16 44.23 3.12
C TRP A 2575 -0.23 44.39 1.61
N GLY A 2576 -0.28 43.29 0.88
CA GLY A 2576 -0.46 43.32 -0.55
C GLY A 2576 0.58 42.55 -1.35
N THR A 2577 1.32 41.65 -0.72
CA THR A 2577 2.42 40.97 -1.38
C THR A 2577 2.24 39.47 -1.30
N SER A 2578 1.97 38.84 -2.44
CA SER A 2578 1.84 37.40 -2.50
C SER A 2578 3.22 36.76 -2.43
N THR A 2579 3.31 35.61 -1.74
CA THR A 2579 4.59 34.92 -1.71
C THR A 2579 4.88 34.20 -3.01
N LEU A 2580 3.84 33.83 -3.77
CA LEU A 2580 4.05 33.17 -5.04
C LEU A 2580 4.74 34.09 -6.04
N VAL A 2581 4.22 35.30 -6.20
CA VAL A 2581 4.77 36.20 -7.20
C VAL A 2581 6.14 36.71 -6.75
N ALA A 2582 6.37 36.79 -5.43
CA ALA A 2582 7.69 37.10 -4.93
C ALA A 2582 8.69 35.99 -5.22
N PHE A 2583 8.24 34.74 -5.14
CA PHE A 2583 9.11 33.62 -5.46
C PHE A 2583 9.46 33.59 -6.94
N LEU A 2584 8.47 33.86 -7.80
CA LEU A 2584 8.75 33.83 -9.23
C LEU A 2584 9.58 35.04 -9.64
N GLN A 2585 9.46 36.15 -8.91
CA GLN A 2585 10.36 37.27 -9.11
C GLN A 2585 11.79 36.89 -8.76
N GLN A 2586 11.97 36.14 -7.66
CA GLN A 2586 13.29 35.64 -7.30
C GLN A 2586 13.87 34.74 -8.38
N VAL A 2587 13.05 33.87 -8.96
CA VAL A 2587 13.55 32.93 -9.96
C VAL A 2587 13.89 33.67 -11.26
N LEU A 2588 13.01 34.54 -11.74
CA LEU A 2588 13.26 35.20 -13.01
C LEU A 2588 14.30 36.31 -12.89
N THR A 2589 14.75 36.63 -11.67
CA THR A 2589 15.83 37.60 -11.57
C THR A 2589 17.16 36.93 -11.25
N TYR A 2590 17.15 35.91 -10.39
CA TYR A 2590 18.40 35.39 -9.85
C TYR A 2590 18.66 33.93 -10.25
N GLN A 2591 17.77 33.32 -11.03
CA GLN A 2591 17.87 31.96 -11.54
C GLN A 2591 18.11 30.88 -10.49
N GLY A 2592 17.69 31.11 -9.26
CA GLY A 2592 17.85 30.12 -8.22
C GLY A 2592 16.86 30.37 -7.11
N PHE A 2593 17.02 29.58 -6.05
CA PHE A 2593 16.24 29.77 -4.83
C PHE A 2593 16.95 29.07 -3.69
N TYR A 2594 16.70 29.57 -2.49
CA TYR A 2594 17.16 28.88 -1.29
C TYR A 2594 16.22 27.71 -1.03
N ASP A 2595 16.66 26.52 -1.41
CA ASP A 2595 16.02 25.32 -0.94
C ASP A 2595 16.27 25.17 0.55
N GLU A 2596 15.38 24.46 1.23
CA GLU A 2596 15.57 24.16 2.64
C GLU A 2596 16.72 23.17 2.84
N ASN A 2597 16.96 22.84 4.11
CA ASN A 2597 18.17 22.19 4.61
C ASN A 2597 19.41 23.00 4.27
N LEU A 2598 19.28 24.33 4.19
CA LEU A 2598 20.38 25.31 4.25
C LEU A 2598 21.36 25.18 3.08
N GLU A 2599 20.89 25.35 1.86
CA GLU A 2599 21.73 25.25 0.67
C GLU A 2599 21.04 25.91 -0.51
N TRP A 2600 21.79 26.77 -1.21
CA TRP A 2600 21.27 27.41 -2.41
C TRP A 2600 21.23 26.36 -3.50
N VAL A 2601 20.21 26.43 -4.35
CA VAL A 2601 20.02 25.50 -5.46
C VAL A 2601 19.65 26.31 -6.69
N GLY A 2602 20.44 26.16 -7.75
CA GLY A 2602 20.18 26.87 -8.99
C GLY A 2602 19.24 26.13 -9.89
N LEU A 2603 18.90 26.80 -10.99
CA LEU A 2603 18.10 26.21 -12.06
C LEU A 2603 18.93 26.34 -13.31
N GLU A 2604 18.59 25.62 -14.37
CA GLU A 2604 19.40 25.78 -15.56
C GLU A 2604 18.61 26.22 -16.79
N ASN A 2605 17.61 25.48 -17.21
CA ASN A 2605 17.00 25.79 -18.51
C ASN A 2605 15.48 25.65 -18.38
N ILE A 2606 14.83 26.75 -17.99
CA ILE A 2606 13.41 26.79 -17.66
C ILE A 2606 12.82 28.10 -18.16
N GLN A 2607 11.76 28.06 -18.96
CA GLN A 2607 10.97 29.26 -19.18
C GLN A 2607 9.79 29.31 -18.23
N ILE A 2608 9.16 30.47 -18.13
CA ILE A 2608 7.90 30.63 -17.42
C ILE A 2608 6.95 31.40 -18.32
N VAL A 2609 5.93 30.71 -18.82
CA VAL A 2609 4.92 31.34 -19.66
C VAL A 2609 3.58 31.20 -18.95
N ALA A 2610 3.12 32.29 -18.35
CA ALA A 2610 1.96 32.24 -17.48
C ALA A 2610 0.77 32.90 -18.15
N SER A 2611 -0.40 32.69 -17.58
CA SER A 2611 -1.63 33.24 -18.11
C SER A 2611 -2.42 33.93 -17.01
N MET A 2612 -3.43 34.69 -17.42
CA MET A 2612 -4.22 35.49 -16.48
C MET A 2612 -5.47 35.96 -17.18
N SER A 2613 -6.41 36.44 -16.38
CA SER A 2613 -7.54 37.17 -16.93
C SER A 2613 -7.43 38.62 -16.54
N ALA A 2614 -8.24 39.46 -17.19
CA ALA A 2614 -8.28 40.87 -16.82
C ALA A 2614 -8.91 41.01 -15.44
N GLY A 2615 -8.32 41.87 -14.61
CA GLY A 2615 -8.77 42.00 -13.24
C GLY A 2615 -10.09 42.71 -13.07
N GLY A 2616 -11.18 42.07 -13.49
CA GLY A 2616 -12.49 42.67 -13.39
C GLY A 2616 -13.30 42.19 -12.20
N ARG A 2617 -13.37 40.88 -12.01
CA ARG A 2617 -14.25 40.33 -11.00
C ARG A 2617 -13.61 40.41 -9.61
N LEU A 2618 -14.24 39.72 -8.66
CA LEU A 2618 -13.66 39.60 -7.34
C LEU A 2618 -12.79 38.35 -7.25
N GLY A 2619 -11.87 38.34 -6.30
CA GLY A 2619 -10.86 37.31 -6.25
C GLY A 2619 -9.76 37.47 -7.27
N ARG A 2620 -9.69 38.61 -7.94
CA ARG A 2620 -8.62 38.88 -8.90
C ARG A 2620 -7.80 40.03 -8.36
N HIS A 2621 -6.66 39.69 -7.76
CA HIS A 2621 -5.79 40.70 -7.21
C HIS A 2621 -5.01 41.36 -8.35
N LYS A 2622 -4.36 42.47 -8.05
CA LYS A 2622 -3.52 43.14 -9.02
C LYS A 2622 -2.06 42.79 -8.76
N LEU A 2623 -1.27 42.81 -9.81
CA LEU A 2623 0.13 42.41 -9.73
C LEU A 2623 1.03 43.61 -9.44
N THR A 2624 2.12 43.33 -8.74
CA THR A 2624 3.10 44.37 -8.45
C THR A 2624 3.83 44.77 -9.73
N THR A 2625 4.44 45.94 -9.71
CA THR A 2625 5.07 46.43 -10.92
C THR A 2625 6.50 45.91 -11.04
N ARG A 2626 7.02 45.31 -9.97
CA ARG A 2626 8.29 44.60 -10.05
C ARG A 2626 8.18 43.42 -11.00
N PHE A 2627 7.15 42.60 -10.83
CA PHE A 2627 7.00 41.41 -11.65
C PHE A 2627 6.46 41.73 -13.03
N THR A 2628 5.85 42.89 -13.21
CA THR A 2628 5.22 43.15 -14.48
C THR A 2628 6.22 43.64 -15.52
N SER A 2629 7.14 44.52 -15.14
CA SER A 2629 8.02 45.12 -16.13
C SER A 2629 9.30 44.33 -16.36
N ILE A 2630 9.52 43.25 -15.62
CA ILE A 2630 10.58 42.33 -16.00
C ILE A 2630 10.22 41.60 -17.28
N VAL A 2631 9.02 41.01 -17.32
CA VAL A 2631 8.66 40.07 -18.36
C VAL A 2631 7.67 40.72 -19.32
N ARG A 2632 7.40 40.03 -20.40
CA ARG A 2632 6.63 40.54 -21.53
C ARG A 2632 5.15 40.22 -21.37
N LEU A 2633 4.32 40.87 -22.18
CA LEU A 2633 2.88 40.67 -22.14
C LEU A 2633 2.21 41.28 -23.37
N CYS A 2634 0.99 40.82 -23.63
CA CYS A 2634 0.02 41.57 -24.43
C CYS A 2634 -1.37 41.08 -24.06
N SER A 2635 -2.33 41.43 -24.90
CA SER A 2635 -3.73 41.10 -24.70
C SER A 2635 -4.38 40.69 -26.01
N ILE A 2636 -5.53 40.00 -25.89
CA ILE A 2636 -6.38 39.62 -27.02
C ILE A 2636 -7.84 39.81 -26.63
N ASP A 2637 -8.70 39.72 -27.64
CA ASP A 2637 -10.11 40.07 -27.49
C ASP A 2637 -11.01 38.86 -27.76
N TYR A 2638 -12.28 39.03 -27.37
CA TYR A 2638 -13.32 38.05 -27.64
C TYR A 2638 -13.46 37.81 -29.14
N PRO A 2639 -13.57 36.57 -29.57
CA PRO A 2639 -13.99 36.29 -30.94
C PRO A 2639 -15.41 36.78 -31.15
N GLU A 2640 -15.58 37.66 -32.11
CA GLU A 2640 -16.87 38.29 -32.25
C GLU A 2640 -17.79 37.45 -33.13
N ARG A 2641 -18.95 38.03 -33.46
CA ARG A 2641 -20.06 37.23 -33.95
C ARG A 2641 -19.83 36.68 -35.35
N GLU A 2642 -19.23 37.47 -36.24
CA GLU A 2642 -19.00 37.00 -37.60
C GLU A 2642 -17.92 35.94 -37.63
N GLN A 2643 -17.02 35.97 -36.64
CA GLN A 2643 -16.07 34.89 -36.47
C GLN A 2643 -16.73 33.64 -35.90
N LEU A 2644 -17.53 33.81 -34.83
CA LEU A 2644 -18.11 32.66 -34.15
C LEU A 2644 -19.11 31.92 -35.01
N GLN A 2645 -19.79 32.64 -35.93
CA GLN A 2645 -20.64 31.97 -36.91
C GLN A 2645 -19.82 31.04 -37.79
N THR A 2646 -18.62 31.46 -38.16
CA THR A 2646 -17.78 30.61 -39.00
C THR A 2646 -17.21 29.43 -38.22
N ILE A 2647 -16.77 29.68 -36.97
CA ILE A 2647 -16.29 28.59 -36.11
C ILE A 2647 -17.36 27.53 -35.93
N TYR A 2648 -18.57 27.93 -35.57
CA TYR A 2648 -19.52 26.90 -35.22
C TYR A 2648 -20.30 26.40 -36.43
N GLY A 2649 -20.23 27.11 -37.56
CA GLY A 2649 -20.65 26.50 -38.81
C GLY A 2649 -19.73 25.38 -39.23
N ALA A 2650 -18.42 25.61 -39.10
CA ALA A 2650 -17.48 24.56 -39.46
C ALA A 2650 -17.34 23.50 -38.38
N TYR A 2651 -17.93 23.71 -37.21
CA TYR A 2651 -18.16 22.59 -36.30
C TYR A 2651 -19.46 21.87 -36.56
N LEU A 2652 -20.49 22.59 -37.00
CA LEU A 2652 -21.82 22.01 -37.08
C LEU A 2652 -22.00 21.23 -38.37
N GLU A 2653 -21.19 21.51 -39.38
CA GLU A 2653 -21.25 20.69 -40.59
C GLU A 2653 -20.75 19.25 -40.41
N PRO A 2654 -19.58 18.97 -39.81
CA PRO A 2654 -19.16 17.56 -39.80
C PRO A 2654 -19.84 16.70 -38.76
N VAL A 2655 -20.16 17.25 -37.59
CA VAL A 2655 -20.78 16.46 -36.52
C VAL A 2655 -22.20 16.06 -36.92
N LEU A 2656 -22.89 16.94 -37.65
CA LEU A 2656 -24.08 16.52 -38.37
C LEU A 2656 -23.74 15.50 -39.45
N HIS A 2657 -22.85 15.84 -40.37
CA HIS A 2657 -22.63 15.04 -41.56
C HIS A 2657 -21.73 13.84 -41.35
N LYS A 2658 -21.59 13.36 -40.11
CA LYS A 2658 -21.13 11.98 -39.92
C LYS A 2658 -22.27 11.00 -40.11
N ASN A 2659 -23.48 11.52 -40.39
CA ASN A 2659 -24.64 10.74 -40.71
C ASN A 2659 -25.59 11.63 -41.50
N LEU A 2660 -26.49 10.99 -42.28
CA LEU A 2660 -27.45 11.64 -43.17
C LEU A 2660 -26.82 12.71 -44.08
N LYS A 2661 -25.58 12.44 -44.52
CA LYS A 2661 -24.80 13.43 -45.24
C LYS A 2661 -25.38 13.70 -46.63
N ASN A 2662 -26.12 12.74 -47.17
CA ASN A 2662 -26.54 12.77 -48.56
C ASN A 2662 -28.05 12.90 -48.70
N HIS A 2663 -28.68 13.78 -47.92
CA HIS A 2663 -30.13 13.85 -47.88
C HIS A 2663 -30.65 15.23 -48.27
N SER A 2664 -31.91 15.48 -47.91
CA SER A 2664 -32.69 16.51 -48.57
C SER A 2664 -32.30 17.92 -48.12
N ILE A 2665 -32.66 18.26 -46.89
CA ILE A 2665 -32.52 19.65 -46.46
C ILE A 2665 -31.17 19.86 -45.79
N TRP A 2666 -30.66 18.82 -45.14
CA TRP A 2666 -29.43 18.95 -44.38
C TRP A 2666 -28.24 18.60 -45.27
N GLY A 2667 -27.29 19.52 -45.34
CA GLY A 2667 -26.45 19.66 -46.51
C GLY A 2667 -26.77 21.00 -47.13
N SER A 2668 -25.95 21.44 -48.10
CA SER A 2668 -26.00 22.76 -48.72
C SER A 2668 -25.92 23.85 -47.64
N SER A 2669 -24.71 23.96 -47.07
CA SER A 2669 -24.50 24.33 -45.67
C SER A 2669 -24.88 25.77 -45.31
N SER A 2670 -25.59 26.49 -46.18
CA SER A 2670 -26.23 27.74 -45.79
C SER A 2670 -27.14 27.55 -44.59
N LYS A 2671 -27.89 26.45 -44.56
CA LYS A 2671 -28.72 26.13 -43.40
C LYS A 2671 -27.89 25.77 -42.18
N ILE A 2672 -26.75 25.08 -42.38
CA ILE A 2672 -25.87 24.74 -41.26
C ILE A 2672 -25.27 26.01 -40.66
N TYR A 2673 -24.93 26.97 -41.53
CA TYR A 2673 -24.51 28.29 -41.08
C TYR A 2673 -25.62 29.03 -40.36
N LEU A 2674 -26.87 28.85 -40.82
CA LEU A 2674 -27.98 29.61 -40.27
C LEU A 2674 -28.33 29.13 -38.87
N LEU A 2675 -28.21 27.81 -38.63
CA LEU A 2675 -28.42 27.27 -37.28
C LEU A 2675 -27.39 27.80 -36.31
N ALA A 2676 -26.14 27.86 -36.73
CA ALA A 2676 -25.07 28.38 -35.88
C ALA A 2676 -25.28 29.86 -35.61
N GLY A 2677 -25.73 30.61 -36.63
CA GLY A 2677 -26.03 32.02 -36.43
C GLY A 2677 -27.19 32.24 -35.48
N SER A 2678 -28.18 31.36 -35.53
CA SER A 2678 -29.28 31.42 -34.57
C SER A 2678 -28.82 31.16 -33.16
N MET A 2679 -27.95 30.16 -32.95
CA MET A 2679 -27.47 29.88 -31.60
C MET A 2679 -26.57 30.98 -31.08
N VAL A 2680 -25.81 31.62 -31.97
CA VAL A 2680 -25.01 32.78 -31.57
C VAL A 2680 -25.92 33.93 -31.17
N GLN A 2681 -27.03 34.12 -31.89
CA GLN A 2681 -27.99 35.15 -31.53
C GLN A 2681 -28.62 34.88 -30.16
N VAL A 2682 -28.93 33.61 -29.89
CA VAL A 2682 -29.42 33.19 -28.58
C VAL A 2682 -28.41 33.51 -27.48
N TYR A 2683 -27.16 33.11 -27.68
CA TYR A 2683 -26.10 33.33 -26.72
C TYR A 2683 -25.87 34.82 -26.44
N GLU A 2684 -25.95 35.64 -27.48
CA GLU A 2684 -25.76 37.08 -27.31
C GLU A 2684 -26.93 37.73 -26.56
N GLN A 2685 -28.16 37.33 -26.87
CA GLN A 2685 -29.28 37.95 -26.15
C GLN A 2685 -29.35 37.48 -24.71
N VAL A 2686 -28.94 36.24 -24.44
CA VAL A 2686 -28.90 35.77 -23.06
C VAL A 2686 -27.82 36.50 -22.27
N ARG A 2687 -26.67 36.76 -22.88
CA ARG A 2687 -25.66 37.58 -22.19
C ARG A 2687 -26.11 39.03 -22.07
N ALA A 2688 -27.02 39.47 -22.94
CA ALA A 2688 -27.55 40.81 -22.84
C ALA A 2688 -28.56 40.93 -21.70
N LYS A 2689 -29.23 39.83 -21.34
CA LYS A 2689 -30.31 39.96 -20.36
C LYS A 2689 -29.93 39.49 -18.96
N PHE A 2690 -28.71 39.03 -18.74
CA PHE A 2690 -28.32 38.48 -17.45
C PHE A 2690 -26.91 38.92 -17.10
N THR A 2691 -26.60 38.94 -15.81
CA THR A 2691 -25.32 39.45 -15.33
C THR A 2691 -24.88 38.66 -14.12
N VAL A 2692 -23.75 39.08 -13.55
CA VAL A 2692 -23.13 38.37 -12.45
C VAL A 2692 -23.53 39.08 -11.17
N ASP A 2693 -24.20 40.22 -11.31
CA ASP A 2693 -24.68 40.93 -10.13
C ASP A 2693 -25.94 40.28 -9.57
N ASP A 2694 -26.59 39.42 -10.35
CA ASP A 2694 -27.75 38.69 -9.84
C ASP A 2694 -27.33 37.61 -8.85
N TYR A 2695 -26.51 36.67 -9.30
CA TYR A 2695 -26.02 35.62 -8.42
C TYR A 2695 -24.57 35.29 -8.77
N SER A 2696 -24.01 34.32 -8.05
CA SER A 2696 -22.59 34.00 -8.16
C SER A 2696 -22.26 33.30 -9.47
N HIS A 2697 -23.25 32.74 -10.14
CA HIS A 2697 -23.00 31.76 -11.19
C HIS A 2697 -23.83 31.94 -12.45
N TYR A 2698 -23.96 33.15 -12.99
CA TYR A 2698 -24.47 33.27 -14.36
C TYR A 2698 -23.26 33.35 -15.30
N PHE A 2699 -22.60 32.21 -15.44
CA PHE A 2699 -21.37 32.07 -16.21
C PHE A 2699 -21.72 31.95 -17.68
N PHE A 2700 -21.04 32.72 -18.53
CA PHE A 2700 -21.31 32.70 -19.96
C PHE A 2700 -20.04 32.94 -20.76
N THR A 2701 -19.39 31.85 -21.15
CA THR A 2701 -18.29 31.89 -22.10
C THR A 2701 -18.67 31.02 -23.28
N PRO A 2702 -17.92 31.08 -24.38
CA PRO A 2702 -18.18 30.10 -25.45
C PRO A 2702 -17.73 28.67 -25.15
N CYS A 2703 -17.21 28.39 -23.94
CA CYS A 2703 -17.09 27.01 -23.48
C CYS A 2703 -18.46 26.32 -23.45
N ILE A 2704 -19.50 27.08 -23.13
CA ILE A 2704 -20.86 26.57 -23.15
C ILE A 2704 -21.29 26.19 -24.55
N LEU A 2705 -20.99 27.03 -25.55
CA LEU A 2705 -21.32 26.70 -26.94
C LEU A 2705 -20.54 25.49 -27.41
N THR A 2706 -19.30 25.35 -26.96
CA THR A 2706 -18.50 24.20 -27.36
C THR A 2706 -19.06 22.91 -26.75
N GLN A 2707 -19.36 22.91 -25.45
CA GLN A 2707 -19.97 21.74 -24.81
C GLN A 2707 -21.34 21.43 -25.40
N TRP A 2708 -22.07 22.47 -25.76
CA TRP A 2708 -23.37 22.35 -26.41
C TRP A 2708 -23.28 21.61 -27.73
N VAL A 2709 -22.38 22.03 -28.62
CA VAL A 2709 -22.38 21.47 -29.96
C VAL A 2709 -21.56 20.18 -30.01
N LEU A 2710 -20.84 19.89 -28.93
CA LEU A 2710 -20.28 18.54 -28.82
C LEU A 2710 -21.18 17.62 -28.01
N GLY A 2711 -22.28 18.13 -27.49
CA GLY A 2711 -23.27 17.24 -26.93
C GLY A 2711 -23.99 16.39 -27.98
N LEU A 2712 -24.00 16.86 -29.24
CA LEU A 2712 -24.87 16.25 -30.25
C LEU A 2712 -24.34 14.94 -30.81
N PHE A 2713 -23.24 14.42 -30.27
CA PHE A 2713 -22.84 13.06 -30.60
C PHE A 2713 -23.78 12.05 -29.93
N ARG A 2714 -24.44 12.46 -28.85
CA ARG A 2714 -25.13 11.52 -27.99
C ARG A 2714 -26.46 11.07 -28.59
N TYR A 2715 -26.97 11.77 -29.58
CA TYR A 2715 -28.34 11.57 -30.03
C TYR A 2715 -28.41 10.75 -31.31
N ASP A 2716 -29.45 9.93 -31.40
CA ASP A 2716 -29.71 9.13 -32.59
C ASP A 2716 -30.33 10.05 -33.62
N LEU A 2717 -29.46 10.68 -34.41
CA LEU A 2717 -29.84 11.56 -35.49
C LEU A 2717 -29.85 10.83 -36.82
N GLU A 2718 -30.32 9.58 -36.84
CA GLU A 2718 -29.99 8.67 -37.93
C GLU A 2718 -30.70 9.03 -39.23
N GLY A 2719 -31.97 9.43 -39.17
CA GLY A 2719 -32.70 9.92 -40.33
C GLY A 2719 -32.90 8.96 -41.48
N GLY A 2720 -32.63 7.66 -41.28
CA GLY A 2720 -32.92 6.68 -42.30
C GLY A 2720 -34.40 6.56 -42.57
N SER A 2721 -35.19 6.45 -41.51
CA SER A 2721 -36.60 6.77 -41.63
C SER A 2721 -36.74 8.28 -41.81
N SER A 2722 -36.89 8.68 -43.08
CA SER A 2722 -36.84 10.09 -43.41
C SER A 2722 -38.09 10.82 -42.92
N ASN A 2723 -37.90 11.68 -41.92
CA ASN A 2723 -38.95 12.39 -41.23
C ASN A 2723 -39.40 13.60 -42.05
N HIS A 2724 -40.09 14.52 -41.35
CA HIS A 2724 -40.44 15.85 -41.88
C HIS A 2724 -39.31 16.59 -42.58
N PRO A 2725 -38.03 16.60 -42.12
CA PRO A 2725 -37.34 16.19 -40.89
C PRO A 2725 -36.87 17.34 -40.03
N LEU A 2726 -37.49 18.51 -40.20
CA LEU A 2726 -37.08 19.71 -39.47
C LEU A 2726 -37.31 19.56 -37.97
N ASP A 2727 -38.51 19.09 -37.61
CA ASP A 2727 -38.92 19.03 -36.22
C ASP A 2727 -38.11 18.03 -35.42
N TYR A 2728 -37.74 16.91 -36.06
CA TYR A 2728 -37.06 15.82 -35.36
C TYR A 2728 -35.67 16.25 -34.89
N VAL A 2729 -35.04 17.20 -35.60
CA VAL A 2729 -33.73 17.62 -35.17
C VAL A 2729 -33.82 18.93 -34.40
N LEU A 2730 -34.75 19.81 -34.77
CA LEU A 2730 -34.90 21.07 -34.05
C LEU A 2730 -35.41 20.90 -32.62
N GLU A 2731 -36.26 19.92 -32.37
CA GLU A 2731 -36.69 19.68 -31.00
C GLU A 2731 -35.54 19.11 -30.18
N ILE A 2732 -34.70 18.30 -30.81
CA ILE A 2732 -33.47 17.80 -30.18
C ILE A 2732 -32.56 18.96 -29.81
N VAL A 2733 -32.41 19.92 -30.73
CA VAL A 2733 -31.56 21.09 -30.49
C VAL A 2733 -32.13 21.94 -29.36
N ALA A 2734 -33.44 22.16 -29.37
CA ALA A 2734 -34.08 23.00 -28.36
C ALA A 2734 -34.01 22.34 -26.99
N TYR A 2735 -34.13 21.02 -26.92
CA TYR A 2735 -34.03 20.36 -25.62
C TYR A 2735 -32.62 20.43 -25.06
N GLU A 2736 -31.62 20.27 -25.92
CA GLU A 2736 -30.25 20.35 -25.42
C GLU A 2736 -29.93 21.76 -24.94
N ALA A 2737 -30.41 22.76 -25.69
CA ALA A 2737 -30.23 24.15 -25.29
C ALA A 2737 -30.98 24.46 -24.00
N ARG A 2738 -32.16 23.86 -23.84
CA ARG A 2738 -32.97 24.05 -22.65
C ARG A 2738 -32.28 23.50 -21.41
N ARG A 2739 -31.74 22.28 -21.50
CA ARG A 2739 -31.11 21.67 -20.34
C ARG A 2739 -29.69 22.18 -20.13
N LEU A 2740 -29.16 22.98 -21.07
CA LEU A 2740 -27.91 23.66 -20.77
C LEU A 2740 -28.12 25.05 -20.19
N PHE A 2741 -28.82 25.93 -20.89
CA PHE A 2741 -28.99 27.30 -20.43
C PHE A 2741 -29.99 27.41 -19.28
N ARG A 2742 -31.17 26.78 -19.43
CA ARG A 2742 -32.34 27.12 -18.61
C ARG A 2742 -32.19 26.74 -17.15
N ASP A 2743 -31.45 25.67 -16.84
CA ASP A 2743 -31.63 25.02 -15.55
C ASP A 2743 -30.76 25.65 -14.47
N LYS A 2744 -30.43 26.92 -14.64
CA LYS A 2744 -29.62 27.61 -13.65
C LYS A 2744 -30.25 28.95 -13.32
N ILE A 2745 -31.38 29.27 -13.96
CA ILE A 2745 -32.14 30.49 -13.70
C ILE A 2745 -33.04 30.30 -12.49
N VAL A 2746 -32.93 31.21 -11.52
CA VAL A 2746 -33.59 31.10 -10.23
C VAL A 2746 -35.04 31.54 -10.27
N GLY A 2747 -35.28 32.80 -10.61
CA GLY A 2747 -36.62 33.35 -10.49
C GLY A 2747 -37.53 32.90 -11.61
N ALA A 2748 -38.82 32.79 -11.29
CA ALA A 2748 -39.78 32.23 -12.22
C ALA A 2748 -40.07 33.19 -13.37
N LYS A 2749 -40.09 34.48 -13.07
CA LYS A 2749 -40.36 35.47 -14.11
C LYS A 2749 -39.21 35.54 -15.10
N GLU A 2750 -37.98 35.32 -14.63
CA GLU A 2750 -36.84 35.20 -15.52
C GLU A 2750 -36.93 33.95 -16.38
N LEU A 2751 -37.51 32.87 -15.83
CA LEU A 2751 -37.74 31.67 -16.62
C LEU A 2751 -38.73 31.94 -17.74
N HIS A 2752 -39.78 32.71 -17.45
CA HIS A 2752 -40.76 33.06 -18.49
C HIS A 2752 -40.16 33.97 -19.54
N LEU A 2753 -39.34 34.93 -19.11
CA LEU A 2753 -38.64 35.80 -20.06
C LEU A 2753 -37.69 35.01 -20.96
N PHE A 2754 -37.01 34.01 -20.39
CA PHE A 2754 -36.12 33.16 -21.16
C PHE A 2754 -36.88 32.31 -22.17
N ASP A 2755 -38.08 31.86 -21.78
CA ASP A 2755 -38.94 31.16 -22.72
C ASP A 2755 -39.35 32.06 -23.89
N ILE A 2756 -39.69 33.32 -23.60
CA ILE A 2756 -40.07 34.27 -24.65
C ILE A 2756 -38.90 34.49 -25.61
N ILE A 2757 -37.69 34.56 -25.05
CA ILE A 2757 -36.48 34.74 -25.87
C ILE A 2757 -36.28 33.56 -26.82
N LEU A 2758 -36.33 32.34 -26.26
CA LEU A 2758 -36.08 31.13 -27.02
C LEU A 2758 -37.11 30.94 -28.13
N THR A 2759 -38.37 31.17 -27.79
CA THR A 2759 -39.46 31.01 -28.75
C THR A 2759 -39.40 32.10 -29.82
N SER A 2760 -39.04 33.33 -29.43
CA SER A 2760 -38.96 34.43 -30.38
C SER A 2760 -37.84 34.21 -31.38
N VAL A 2761 -36.76 33.57 -30.93
CA VAL A 2761 -35.69 33.18 -31.85
C VAL A 2761 -36.17 32.13 -32.84
N PHE A 2762 -36.77 31.04 -32.33
CA PHE A 2762 -37.19 29.95 -33.22
C PHE A 2762 -38.30 30.37 -34.18
N GLN A 2763 -39.07 31.40 -33.83
CA GLN A 2763 -40.11 31.86 -34.72
C GLN A 2763 -39.58 32.91 -35.69
N GLY A 2764 -38.61 33.71 -35.26
CA GLY A 2764 -38.02 34.67 -36.17
C GLY A 2764 -37.13 34.02 -37.20
N ASP A 2765 -36.66 32.80 -36.90
CA ASP A 2765 -35.85 32.09 -37.88
C ASP A 2765 -36.70 31.33 -38.89
N TRP A 2766 -37.78 30.70 -38.43
CA TRP A 2766 -38.72 30.02 -39.31
C TRP A 2766 -40.12 30.11 -38.74
N GLY A 2767 -40.95 30.98 -39.33
CA GLY A 2767 -42.39 30.99 -39.13
C GLY A 2767 -42.91 31.08 -37.71
N SER A 2768 -43.56 30.00 -37.26
CA SER A 2768 -44.13 29.92 -35.92
C SER A 2768 -44.45 28.47 -35.59
N ASP A 2769 -44.58 28.20 -34.29
CA ASP A 2769 -45.15 26.96 -33.73
C ASP A 2769 -44.36 25.72 -34.15
N ILE A 2770 -43.11 25.68 -33.68
CA ILE A 2770 -42.26 24.52 -33.94
C ILE A 2770 -41.88 23.82 -32.63
N LEU A 2771 -41.80 24.55 -31.52
CA LEU A 2771 -41.41 23.97 -30.24
C LEU A 2771 -42.58 23.26 -29.56
N ASP A 2772 -43.77 23.37 -30.17
CA ASP A 2772 -45.09 23.40 -29.53
C ASP A 2772 -45.33 22.49 -28.34
N ASN A 2773 -45.28 21.18 -28.54
CA ASN A 2773 -45.65 20.24 -27.48
C ASN A 2773 -44.73 19.03 -27.53
N MET A 2774 -43.61 19.13 -26.82
CA MET A 2774 -42.76 18.00 -26.49
C MET A 2774 -42.25 18.15 -25.06
N SER A 2775 -43.08 18.76 -24.21
CA SER A 2775 -42.73 18.90 -22.80
C SER A 2775 -42.86 17.58 -22.06
N ASP A 2776 -43.48 16.58 -22.67
CA ASP A 2776 -43.59 15.27 -22.06
C ASP A 2776 -42.45 14.36 -22.43
N SER A 2777 -41.51 14.85 -23.24
CA SER A 2777 -40.39 14.04 -23.72
C SER A 2777 -39.33 13.93 -22.64
N PHE A 2778 -38.61 12.82 -22.65
CA PHE A 2778 -37.53 12.58 -21.70
C PHE A 2778 -36.44 11.78 -22.39
N TYR A 2779 -35.44 12.48 -22.93
CA TYR A 2779 -34.29 11.83 -23.54
C TYR A 2779 -33.41 11.24 -22.45
N VAL A 2780 -33.53 9.94 -22.23
CA VAL A 2780 -32.88 9.26 -21.12
C VAL A 2780 -32.04 8.15 -21.73
N THR A 2781 -31.03 7.68 -20.98
CA THR A 2781 -30.26 6.49 -21.36
C THR A 2781 -31.16 5.28 -21.53
N TRP A 2782 -32.23 5.18 -20.75
CA TRP A 2782 -33.03 3.96 -20.69
C TRP A 2782 -33.91 3.79 -21.91
N GLY A 2783 -33.30 3.51 -23.06
CA GLY A 2783 -34.05 3.30 -24.26
C GLY A 2783 -33.65 4.21 -25.39
N ALA A 2784 -33.16 3.60 -26.48
CA ALA A 2784 -32.72 4.34 -27.65
C ALA A 2784 -32.73 3.38 -28.84
N ARG A 2785 -32.08 3.81 -29.91
CA ARG A 2785 -31.83 2.89 -31.00
C ARG A 2785 -30.77 1.86 -30.60
N HIS A 2786 -30.98 0.64 -31.07
CA HIS A 2786 -30.09 -0.52 -30.92
C HIS A 2786 -29.88 -0.89 -29.46
N ASN A 2787 -30.89 -0.66 -28.61
CA ASN A 2787 -31.02 -1.23 -27.27
C ASN A 2787 -29.86 -0.81 -26.37
N SER A 2788 -29.86 0.49 -26.01
CA SER A 2788 -28.96 1.00 -24.99
C SER A 2788 -29.09 0.23 -23.68
N GLY A 2789 -30.31 -0.20 -23.34
CA GLY A 2789 -30.54 -1.03 -22.17
C GLY A 2789 -30.78 -0.21 -20.91
N ALA A 2793 -24.62 -4.00 -15.34
CA ALA A 2793 -24.31 -3.42 -16.64
C ALA A 2793 -22.81 -3.45 -16.92
N PRO A 2794 -22.38 -4.26 -17.88
CA PRO A 2794 -20.95 -4.34 -18.22
C PRO A 2794 -20.53 -3.23 -19.19
N GLY A 2795 -19.24 -3.26 -19.52
CA GLY A 2795 -18.66 -2.22 -20.35
C GLY A 2795 -18.06 -1.10 -19.53
N GLN A 2796 -17.16 -1.44 -18.60
CA GLN A 2796 -16.66 -0.46 -17.65
C GLN A 2796 -15.79 0.68 -18.22
N PRO A 2797 -15.09 0.57 -19.39
CA PRO A 2797 -14.61 1.82 -19.97
C PRO A 2797 -15.74 2.56 -20.65
N LEU A 2798 -15.65 3.89 -20.65
CA LEU A 2798 -16.75 4.71 -21.11
C LEU A 2798 -16.60 5.05 -22.58
N PRO A 2799 -17.70 5.29 -23.29
CA PRO A 2799 -17.62 5.78 -24.66
C PRO A 2799 -17.06 7.19 -24.70
N PRO A 2800 -16.57 7.65 -25.85
CA PRO A 2800 -15.98 9.01 -25.87
C PRO A 2800 -17.00 10.12 -25.77
N HIS A 2801 -18.28 9.82 -25.92
CA HIS A 2801 -19.33 10.81 -25.71
C HIS A 2801 -20.42 10.31 -24.79
N GLY A 2802 -20.10 9.37 -23.90
CA GLY A 2802 -21.09 8.78 -23.03
C GLY A 2802 -22.02 7.84 -23.74
N LYS A 2803 -22.88 7.20 -22.95
CA LYS A 2803 -23.84 6.26 -23.50
C LYS A 2803 -24.88 7.03 -24.30
N PRO A 2804 -25.28 6.56 -25.47
CA PRO A 2804 -26.17 7.34 -26.33
C PRO A 2804 -27.58 7.38 -25.78
N LEU A 2805 -28.32 8.39 -26.24
CA LEU A 2805 -29.61 8.71 -25.65
C LEU A 2805 -30.70 8.45 -26.68
N GLY A 2806 -31.95 8.47 -26.23
CA GLY A 2806 -33.08 8.21 -27.10
C GLY A 2806 -34.39 8.69 -26.49
N LYS A 2807 -35.41 8.74 -27.34
CA LYS A 2807 -36.71 9.27 -26.96
C LYS A 2807 -37.47 8.23 -26.16
N LEU A 2808 -38.27 8.68 -25.19
CA LEU A 2808 -39.11 7.81 -24.39
C LEU A 2808 -40.47 8.43 -24.16
N ASN A 2809 -41.20 7.85 -23.21
CA ASN A 2809 -42.45 8.37 -22.73
C ASN A 2809 -42.39 8.55 -21.21
N SER A 2810 -43.45 9.15 -20.67
CA SER A 2810 -43.54 9.33 -19.24
C SER A 2810 -43.79 8.00 -18.53
N THR A 2811 -44.87 7.31 -18.92
CA THR A 2811 -45.31 6.11 -18.23
C THR A 2811 -44.32 4.96 -18.40
N ASP A 2812 -43.59 4.94 -19.51
CA ASP A 2812 -42.62 3.89 -19.74
C ASP A 2812 -41.41 4.09 -18.83
N LEU A 2813 -40.98 5.35 -18.70
CA LEU A 2813 -39.96 5.70 -17.72
C LEU A 2813 -40.42 5.40 -16.30
N LYS A 2814 -41.73 5.52 -16.05
CA LYS A 2814 -42.26 5.14 -14.75
C LYS A 2814 -42.04 3.67 -14.48
N ASP A 2815 -42.24 2.82 -15.48
CA ASP A 2815 -42.04 1.39 -15.27
C ASP A 2815 -40.57 1.05 -15.10
N VAL A 2816 -39.70 1.74 -15.84
CA VAL A 2816 -38.26 1.51 -15.70
C VAL A 2816 -37.78 1.91 -14.32
N ILE A 2817 -38.28 3.04 -13.82
CA ILE A 2817 -37.99 3.50 -12.46
C ILE A 2817 -38.53 2.52 -11.43
N LYS A 2818 -39.72 1.98 -11.66
CA LYS A 2818 -40.28 1.05 -10.67
C LYS A 2818 -39.52 -0.26 -10.64
N LYS A 2819 -39.04 -0.71 -11.81
CA LYS A 2819 -38.23 -1.93 -11.86
C LYS A 2819 -36.91 -1.75 -11.12
N GLY A 2820 -36.20 -0.66 -11.43
CA GLY A 2820 -34.94 -0.40 -10.73
C GLY A 2820 -35.15 -0.09 -9.27
N LEU A 2821 -36.32 0.42 -8.92
CA LEU A 2821 -36.61 0.75 -7.53
C LEU A 2821 -36.89 -0.51 -6.72
N ILE A 2822 -37.57 -1.49 -7.34
CA ILE A 2822 -37.74 -2.80 -6.72
C ILE A 2822 -36.39 -3.46 -6.50
N HIS A 2823 -35.55 -3.44 -7.55
CA HIS A 2823 -34.24 -4.05 -7.44
C HIS A 2823 -33.34 -3.33 -6.45
N TYR A 2824 -33.54 -2.01 -6.27
CA TYR A 2824 -32.82 -1.29 -5.23
C TYR A 2824 -33.32 -1.70 -3.85
N GLY A 2825 -34.64 -1.78 -3.66
CA GLY A 2825 -35.18 -2.09 -2.36
C GLY A 2825 -34.98 -3.53 -1.94
N ARG A 2826 -34.52 -4.36 -2.88
CA ARG A 2826 -34.08 -5.71 -2.52
C ARG A 2826 -32.92 -5.67 -1.52
N ASP A 2827 -31.85 -4.94 -1.84
CA ASP A 2827 -30.63 -5.03 -1.04
C ASP A 2827 -30.34 -3.76 -0.26
N ASN A 2828 -31.35 -2.94 -0.03
CA ASN A 2828 -31.20 -1.67 0.67
C ASN A 2828 -32.40 -1.45 1.57
N GLN A 2829 -32.58 -0.21 1.99
CA GLN A 2829 -33.84 0.17 2.64
C GLN A 2829 -34.95 0.24 1.61
N ASN A 2830 -36.08 -0.37 1.94
CA ASN A 2830 -37.22 -0.37 1.04
C ASN A 2830 -37.86 1.00 0.99
N LEU A 2831 -37.94 1.57 -0.20
CA LEU A 2831 -38.24 2.99 -0.38
C LEU A 2831 -39.70 3.21 -0.70
N ASP A 2832 -40.31 4.18 -0.02
CA ASP A 2832 -41.69 4.57 -0.26
C ASP A 2832 -41.71 5.84 -1.10
N ILE A 2833 -41.18 5.75 -2.31
CA ILE A 2833 -41.00 6.90 -3.18
C ILE A 2833 -42.27 7.09 -3.98
N LEU A 2834 -42.80 8.31 -3.95
CA LEU A 2834 -43.94 8.63 -4.79
C LEU A 2834 -43.48 9.07 -6.17
N LEU A 2835 -44.46 9.40 -7.00
CA LEU A 2835 -44.22 9.86 -8.35
C LEU A 2835 -45.09 11.07 -8.66
N PHE A 2836 -44.44 12.12 -9.15
CA PHE A 2836 -45.11 13.23 -9.79
C PHE A 2836 -44.11 13.79 -10.78
N HIS A 2837 -44.58 14.72 -11.63
CA HIS A 2837 -43.86 15.17 -12.82
C HIS A 2837 -42.45 15.66 -12.54
N GLU A 2838 -42.28 16.29 -11.38
CA GLU A 2838 -41.01 16.92 -11.06
C GLU A 2838 -39.93 15.89 -10.73
N VAL A 2839 -40.32 14.74 -10.18
CA VAL A 2839 -39.33 13.71 -9.88
C VAL A 2839 -38.86 13.04 -11.16
N LEU A 2840 -39.77 12.91 -12.14
CA LEU A 2840 -39.40 12.41 -13.47
C LEU A 2840 -38.42 13.35 -14.15
N GLU A 2841 -38.71 14.65 -14.09
CA GLU A 2841 -37.78 15.66 -14.60
C GLU A 2841 -36.42 15.56 -13.93
N TYR A 2842 -36.40 15.41 -12.61
CA TYR A 2842 -35.15 15.46 -11.86
C TYR A 2842 -34.30 14.22 -12.13
N MET A 2843 -34.94 13.06 -12.28
CA MET A 2843 -34.17 11.86 -12.56
C MET A 2843 -33.65 11.83 -14.00
N SER A 2844 -34.43 12.40 -14.94
CA SER A 2844 -33.92 12.54 -16.31
C SER A 2844 -32.71 13.46 -16.36
N ARG A 2845 -32.78 14.57 -15.63
CA ARG A 2845 -31.66 15.51 -15.64
C ARG A 2845 -30.44 14.97 -14.92
N ILE A 2846 -30.63 14.11 -13.93
CA ILE A 2846 -29.45 13.53 -13.31
C ILE A 2846 -28.84 12.45 -14.21
N ASP A 2847 -29.67 11.71 -14.94
CA ASP A 2847 -29.12 10.67 -15.82
C ASP A 2847 -28.35 11.28 -16.98
N ARG A 2848 -28.89 12.35 -17.59
CA ARG A 2848 -28.25 12.88 -18.79
C ARG A 2848 -27.00 13.70 -18.48
N VAL A 2849 -26.61 13.79 -17.21
CA VAL A 2849 -25.32 14.40 -16.87
C VAL A 2849 -24.40 13.37 -16.26
N LEU A 2850 -24.92 12.44 -15.47
CA LEU A 2850 -24.05 11.39 -14.95
C LEU A 2850 -23.69 10.36 -16.01
N SER A 2851 -24.33 10.38 -17.17
CA SER A 2851 -23.87 9.53 -18.26
C SER A 2851 -22.99 10.30 -19.22
N PHE A 2852 -22.18 11.19 -18.69
CA PHE A 2852 -21.19 11.93 -19.47
C PHE A 2852 -19.80 11.62 -18.90
N PRO A 2853 -18.79 11.46 -19.74
CA PRO A 2853 -17.44 11.21 -19.22
C PRO A 2853 -16.90 12.40 -18.46
N GLY A 2854 -16.70 12.21 -17.17
CA GLY A 2854 -16.24 13.28 -16.32
C GLY A 2854 -17.28 14.31 -15.94
N GLY A 2855 -18.46 13.88 -15.48
CA GLY A 2855 -19.49 14.84 -15.10
C GLY A 2855 -19.62 14.95 -13.60
N SER A 2856 -20.00 16.12 -13.13
CA SER A 2856 -20.25 16.35 -11.72
C SER A 2856 -21.40 17.32 -11.57
N LEU A 2857 -21.97 17.37 -10.37
CA LEU A 2857 -23.17 18.17 -10.14
C LEU A 2857 -23.03 19.02 -8.89
N LEU A 2858 -23.70 20.16 -8.93
CA LEU A 2858 -23.93 20.98 -7.75
C LEU A 2858 -25.43 21.09 -7.60
N LEU A 2859 -25.96 20.55 -6.52
CA LEU A 2859 -27.39 20.46 -6.29
C LEU A 2859 -27.77 21.54 -5.29
N ALA A 2860 -28.24 22.66 -5.80
CA ALA A 2860 -28.60 23.77 -4.94
C ALA A 2860 -30.11 23.77 -4.79
N GLY A 2861 -30.57 23.55 -3.56
CA GLY A 2861 -31.99 23.45 -3.33
C GLY A 2861 -32.28 23.59 -1.86
N ARG A 2862 -33.57 23.51 -1.54
CA ARG A 2862 -34.02 23.51 -0.15
C ARG A 2862 -33.65 22.19 0.50
N SER A 2863 -33.73 22.17 1.83
CA SER A 2863 -33.55 20.92 2.53
C SER A 2863 -34.82 20.07 2.42
N GLY A 2864 -34.72 18.81 2.82
CA GLY A 2864 -35.88 17.96 2.88
C GLY A 2864 -36.28 17.32 1.57
N VAL A 2865 -36.07 17.95 0.42
CA VAL A 2865 -36.44 17.36 -0.85
C VAL A 2865 -35.46 16.23 -1.13
N GLY A 2866 -35.91 15.18 -1.81
CA GLY A 2866 -35.04 14.07 -2.12
C GLY A 2866 -34.01 14.42 -3.17
N ARG A 2867 -32.74 14.43 -2.78
CA ARG A 2867 -31.68 14.56 -3.77
C ARG A 2867 -30.74 13.37 -3.68
N ARG A 2868 -30.30 13.03 -2.46
CA ARG A 2868 -29.45 11.85 -2.28
C ARG A 2868 -30.20 10.57 -2.59
N THR A 2869 -31.53 10.59 -2.44
CA THR A 2869 -32.35 9.44 -2.75
C THR A 2869 -32.36 9.14 -4.24
N ILE A 2870 -32.55 10.16 -5.07
CA ILE A 2870 -32.58 9.95 -6.51
C ILE A 2870 -31.18 9.66 -7.04
N THR A 2871 -30.15 10.31 -6.50
CA THR A 2871 -28.81 10.04 -7.01
C THR A 2871 -28.31 8.66 -6.59
N SER A 2872 -28.72 8.16 -5.43
CA SER A 2872 -28.36 6.81 -5.04
C SER A 2872 -29.03 5.79 -5.96
N LEU A 2873 -30.26 6.09 -6.37
CA LEU A 2873 -31.00 5.20 -7.26
C LEU A 2873 -30.37 5.19 -8.66
N VAL A 2874 -29.94 6.35 -9.16
CA VAL A 2874 -29.36 6.39 -10.50
C VAL A 2874 -27.95 5.80 -10.48
N SER A 2875 -27.28 5.92 -9.33
CA SER A 2875 -25.98 5.27 -9.18
C SER A 2875 -26.11 3.76 -9.13
N HIS A 2876 -27.24 3.26 -8.60
CA HIS A 2876 -27.45 1.81 -8.64
C HIS A 2876 -27.87 1.35 -10.02
N MET A 2877 -28.70 2.12 -10.70
CA MET A 2877 -29.16 1.75 -12.04
C MET A 2877 -28.07 1.83 -13.09
N HIS A 2878 -27.04 2.65 -12.90
CA HIS A 2878 -25.93 2.60 -13.86
C HIS A 2878 -24.77 1.78 -13.33
N GLY A 2879 -24.94 1.12 -12.19
CA GLY A 2879 -23.91 0.23 -11.68
C GLY A 2879 -22.67 0.91 -11.14
N ALA A 2880 -22.65 2.24 -11.08
CA ALA A 2880 -21.51 2.94 -10.53
C ALA A 2880 -21.49 2.81 -9.02
N VAL A 2881 -20.30 2.68 -8.46
CA VAL A 2881 -20.15 2.62 -7.02
C VAL A 2881 -20.35 4.01 -6.45
N LEU A 2882 -21.16 4.13 -5.41
CA LEU A 2882 -21.40 5.40 -4.74
C LEU A 2882 -20.65 5.38 -3.43
N PHE A 2883 -19.95 6.48 -3.12
CA PHE A 2883 -19.11 6.55 -1.94
C PHE A 2883 -19.31 7.89 -1.23
N SER A 2884 -19.47 7.83 0.09
CA SER A 2884 -19.61 9.02 0.90
C SER A 2884 -18.91 8.77 2.24
N PRO A 2885 -18.07 9.69 2.68
CA PRO A 2885 -17.29 9.44 3.90
C PRO A 2885 -18.17 9.55 5.12
N LYS A 2886 -18.10 8.55 5.97
CA LYS A 2886 -18.96 8.50 7.14
C LYS A 2886 -18.20 9.10 8.31
N ILE A 2887 -18.70 10.24 8.80
CA ILE A 2887 -18.03 11.07 9.78
C ILE A 2887 -18.12 10.34 11.12
N SER A 2888 -17.18 10.61 12.00
CA SER A 2888 -17.23 10.09 13.36
C SER A 2888 -16.95 11.23 14.31
N ARG A 2889 -16.64 10.89 15.56
CA ARG A 2889 -16.22 11.90 16.52
C ARG A 2889 -14.92 12.56 16.11
N GLY A 2890 -13.84 11.81 16.06
CA GLY A 2890 -12.55 12.38 15.72
C GLY A 2890 -12.39 12.65 14.24
N TYR A 2891 -13.11 13.64 13.72
CA TYR A 2891 -12.87 14.07 12.36
C TYR A 2891 -11.50 14.73 12.27
N GLU A 2892 -10.82 14.50 11.16
CA GLU A 2892 -9.55 15.16 10.92
C GLU A 2892 -9.49 15.54 9.45
N LEU A 2893 -8.28 15.82 9.00
CA LEU A 2893 -8.03 15.93 7.58
C LEU A 2893 -7.27 14.72 7.08
N LYS A 2894 -6.58 14.01 7.98
CA LYS A 2894 -5.88 12.77 7.63
C LYS A 2894 -6.85 11.69 7.19
N GLN A 2895 -7.94 11.53 7.94
CA GLN A 2895 -9.10 10.73 7.57
C GLN A 2895 -9.55 10.96 6.13
N PHE A 2896 -9.77 12.24 5.79
CA PHE A 2896 -10.26 12.61 4.48
C PHE A 2896 -9.21 12.35 3.41
N LYS A 2897 -7.92 12.49 3.76
CA LYS A 2897 -6.87 12.18 2.81
C LYS A 2897 -6.82 10.69 2.50
N ASN A 2898 -7.01 9.85 3.52
CA ASN A 2898 -7.02 8.41 3.29
C ASN A 2898 -8.23 7.98 2.46
N ASP A 2899 -9.39 8.60 2.71
CA ASP A 2899 -10.56 8.25 1.93
C ASP A 2899 -10.42 8.72 0.48
N LEU A 2900 -9.75 9.86 0.27
CA LEU A 2900 -9.51 10.29 -1.10
C LEU A 2900 -8.45 9.43 -1.78
N LYS A 2901 -7.50 8.89 -1.01
CA LYS A 2901 -6.54 7.96 -1.61
C LYS A 2901 -7.22 6.67 -2.03
N HIS A 2902 -8.18 6.21 -1.22
CA HIS A 2902 -9.01 5.05 -1.58
C HIS A 2902 -9.76 5.28 -2.89
N VAL A 2903 -10.48 6.41 -2.98
CA VAL A 2903 -11.31 6.67 -4.16
C VAL A 2903 -10.44 6.88 -5.38
N LEU A 2904 -9.33 7.61 -5.23
CA LEU A 2904 -8.48 7.88 -6.37
C LEU A 2904 -7.77 6.62 -6.85
N GLN A 2905 -7.38 5.74 -5.92
CA GLN A 2905 -6.78 4.47 -6.30
C GLN A 2905 -7.75 3.64 -7.12
N LEU A 2906 -8.98 3.49 -6.64
CA LEU A 2906 -9.95 2.65 -7.32
C LEU A 2906 -10.30 3.23 -8.69
N ALA A 2907 -10.58 4.53 -8.74
CA ALA A 2907 -11.08 5.13 -9.96
C ALA A 2907 -9.98 5.40 -10.98
N GLY A 2908 -8.72 5.40 -10.56
CA GLY A 2908 -7.66 5.70 -11.50
C GLY A 2908 -6.75 4.52 -11.77
N ILE A 2909 -7.00 3.39 -11.12
CA ILE A 2909 -6.28 2.19 -11.49
C ILE A 2909 -7.25 1.20 -12.13
N GLU A 2910 -8.36 0.89 -11.46
CA GLU A 2910 -9.14 -0.24 -11.92
C GLU A 2910 -10.20 0.14 -12.95
N ALA A 2911 -10.10 1.33 -13.54
CA ALA A 2911 -10.95 1.84 -14.62
C ALA A 2911 -12.44 1.81 -14.28
N GLN A 2912 -12.81 1.83 -13.01
CA GLN A 2912 -14.20 1.67 -12.61
C GLN A 2912 -14.88 3.02 -12.59
N GLN A 2913 -16.14 3.06 -13.03
CA GLN A 2913 -16.86 4.31 -13.02
C GLN A 2913 -17.45 4.57 -11.63
N VAL A 2914 -17.00 5.64 -10.98
CA VAL A 2914 -17.25 5.88 -9.57
C VAL A 2914 -18.05 7.17 -9.42
N VAL A 2915 -18.97 7.20 -8.45
CA VAL A 2915 -19.66 8.43 -8.06
C VAL A 2915 -19.29 8.75 -6.63
N LEU A 2916 -18.67 9.91 -6.42
CA LEU A 2916 -18.32 10.40 -5.09
C LEU A 2916 -19.41 11.35 -4.64
N LEU A 2917 -19.71 11.35 -3.35
CA LEU A 2917 -20.86 12.06 -2.81
C LEU A 2917 -20.51 12.73 -1.49
N LEU A 2918 -20.49 14.06 -1.49
CA LEU A 2918 -20.26 14.84 -0.28
C LEU A 2918 -21.42 15.78 -0.06
N GLU A 2919 -21.90 15.85 1.17
CA GLU A 2919 -22.98 16.75 1.55
C GLU A 2919 -22.49 17.75 2.59
N ASP A 2920 -23.43 18.57 3.05
CA ASP A 2920 -23.12 19.71 3.92
C ASP A 2920 -22.59 19.32 5.29
N TYR A 2921 -23.12 18.25 5.87
CA TYR A 2921 -22.76 17.95 7.26
C TYR A 2921 -21.38 17.32 7.38
N GLN A 2922 -20.71 17.06 6.26
CA GLN A 2922 -19.42 16.40 6.31
C GLN A 2922 -18.27 17.38 6.18
N PHE A 2923 -18.51 18.59 5.67
CA PHE A 2923 -17.45 19.60 5.56
C PHE A 2923 -17.15 20.16 6.94
N VAL A 2924 -16.35 19.41 7.70
CA VAL A 2924 -16.14 19.72 9.10
C VAL A 2924 -14.81 20.39 9.38
N HIS A 2925 -14.16 20.93 8.36
CA HIS A 2925 -12.83 21.55 8.45
C HIS A 2925 -12.65 22.33 7.15
N PRO A 2926 -12.22 23.57 7.22
CA PRO A 2926 -12.46 24.48 6.09
C PRO A 2926 -11.54 24.33 4.88
N THR A 2927 -10.78 23.24 4.77
CA THR A 2927 -9.94 23.06 3.60
C THR A 2927 -10.54 22.04 2.63
N PHE A 2928 -11.68 21.47 3.01
CA PHE A 2928 -12.27 20.41 2.21
C PHE A 2928 -12.77 20.93 0.88
N LEU A 2929 -13.40 22.11 0.88
CA LEU A 2929 -13.83 22.72 -0.37
C LEU A 2929 -12.66 23.08 -1.28
N GLU A 2930 -11.51 23.40 -0.70
CA GLU A 2930 -10.36 23.71 -1.53
C GLU A 2930 -9.79 22.45 -2.18
N MET A 2931 -9.74 21.35 -1.44
CA MET A 2931 -9.29 20.09 -2.04
C MET A 2931 -10.25 19.64 -3.15
N ILE A 2932 -11.55 19.81 -2.93
CA ILE A 2932 -12.52 19.41 -3.95
C ILE A 2932 -12.47 20.37 -5.13
N ASN A 2933 -12.10 21.64 -4.87
CA ASN A 2933 -11.93 22.60 -5.94
C ASN A 2933 -10.78 22.21 -6.85
N SER A 2934 -9.65 21.81 -6.26
CA SER A 2934 -8.52 21.35 -7.06
C SER A 2934 -8.84 20.06 -7.80
N LEU A 2935 -9.45 19.09 -7.12
CA LEU A 2935 -9.70 17.78 -7.72
C LEU A 2935 -10.77 17.87 -8.80
N LEU A 2936 -11.63 18.88 -8.74
CA LEU A 2936 -12.51 19.18 -9.86
C LEU A 2936 -11.74 19.80 -11.01
N SER A 2937 -10.99 20.88 -10.73
CA SER A 2937 -10.42 21.70 -11.80
C SER A 2937 -9.31 20.96 -12.56
N SER A 2938 -8.26 20.56 -11.85
CA SER A 2938 -7.14 19.90 -12.52
C SER A 2938 -7.40 18.45 -12.83
N GLY A 2939 -7.60 17.63 -11.81
CA GLY A 2939 -7.47 16.21 -11.95
C GLY A 2939 -6.54 15.63 -10.92
N GLU A 2940 -5.75 16.46 -10.25
CA GLU A 2940 -4.90 15.98 -9.18
C GLU A 2940 -5.38 16.53 -7.86
N VAL A 2941 -4.83 15.98 -6.79
CA VAL A 2941 -4.90 16.60 -5.47
C VAL A 2941 -3.48 16.94 -5.08
N PRO A 2942 -3.16 18.22 -4.90
CA PRO A 2942 -1.75 18.60 -4.70
C PRO A 2942 -1.26 18.27 -3.31
N GLY A 2943 -0.02 17.77 -3.26
CA GLY A 2943 0.62 17.44 -2.01
C GLY A 2943 0.00 16.25 -1.33
N LEU A 2944 -0.61 15.35 -2.10
CA LEU A 2944 -1.29 14.20 -1.55
C LEU A 2944 -0.38 12.98 -1.43
N TYR A 2945 0.17 12.51 -2.55
CA TYR A 2945 1.12 11.41 -2.56
C TYR A 2945 2.53 11.95 -2.37
N THR A 2946 3.43 11.08 -1.96
CA THR A 2946 4.84 11.38 -1.96
C THR A 2946 5.44 11.02 -3.31
N LEU A 2947 6.76 10.98 -3.36
CA LEU A 2947 7.42 10.56 -4.59
C LEU A 2947 7.62 9.05 -4.63
N GLU A 2948 7.92 8.45 -3.47
CA GLU A 2948 8.18 7.02 -3.45
C GLU A 2948 6.91 6.20 -3.64
N GLU A 2949 5.75 6.78 -3.35
CA GLU A 2949 4.52 6.02 -3.44
C GLU A 2949 3.82 6.21 -4.77
N LEU A 2950 4.58 6.44 -5.84
CA LEU A 2950 3.93 6.53 -7.14
C LEU A 2950 4.43 5.45 -8.09
N GLU A 2951 5.68 5.02 -7.95
CA GLU A 2951 6.20 3.99 -8.85
C GLU A 2951 5.74 2.57 -8.55
N PRO A 2952 5.68 2.07 -7.30
CA PRO A 2952 5.05 0.75 -7.11
C PRO A 2952 3.55 0.75 -7.31
N LEU A 2953 2.92 1.92 -7.44
CA LEU A 2953 1.49 1.95 -7.70
C LEU A 2953 1.19 2.21 -9.17
N LEU A 2954 1.93 3.10 -9.81
CA LEU A 2954 1.70 3.32 -11.24
C LEU A 2954 2.49 2.35 -12.10
N LEU A 2955 3.29 1.49 -11.48
CA LEU A 2955 4.05 0.48 -12.22
C LEU A 2955 3.22 -0.47 -13.07
N PRO A 2956 1.99 -0.91 -12.68
CA PRO A 2956 1.22 -1.70 -13.65
C PRO A 2956 0.53 -0.89 -14.74
N LEU A 2957 0.87 0.37 -14.94
CA LEU A 2957 0.18 1.13 -15.99
C LEU A 2957 1.03 1.36 -17.22
N LYS A 2958 2.32 1.02 -17.18
CA LYS A 2958 3.19 1.30 -18.32
C LYS A 2958 2.81 0.48 -19.53
N ASP A 2959 2.24 -0.70 -19.31
CA ASP A 2959 1.86 -1.61 -20.40
C ASP A 2959 0.74 -1.02 -21.24
N GLN A 2960 -0.36 -0.61 -20.59
CA GLN A 2960 -1.42 0.06 -21.32
C GLN A 2960 -0.97 1.44 -21.79
N ALA A 2961 -0.02 2.04 -21.06
CA ALA A 2961 0.55 3.29 -21.53
C ALA A 2961 1.32 3.09 -22.81
N SER A 2962 2.02 1.97 -22.92
CA SER A 2962 2.72 1.64 -24.14
C SER A 2962 1.76 1.31 -25.27
N GLN A 2963 0.69 0.60 -24.97
CA GLN A 2963 -0.17 0.10 -26.05
C GLN A 2963 -1.12 1.18 -26.54
N ASP A 2964 -1.51 2.10 -25.67
CA ASP A 2964 -2.55 3.05 -26.05
C ASP A 2964 -2.01 4.18 -26.90
N GLY A 2965 -0.74 4.56 -26.72
CA GLY A 2965 -0.17 5.60 -27.53
C GLY A 2965 0.03 6.89 -26.75
N PHE A 2966 -0.31 6.85 -25.48
CA PHE A 2966 -0.11 8.02 -24.63
C PHE A 2966 1.33 8.07 -24.15
N PHE A 2967 1.95 9.23 -24.33
CA PHE A 2967 3.37 9.41 -24.10
C PHE A 2967 3.59 10.26 -22.86
N GLY A 2968 4.83 10.65 -22.64
CA GLY A 2968 5.18 11.34 -21.42
C GLY A 2968 5.31 10.34 -20.31
N PRO A 2969 5.32 10.81 -19.05
CA PRO A 2969 5.45 9.90 -17.92
C PRO A 2969 4.14 9.17 -17.63
N VAL A 2970 4.14 8.38 -16.56
CA VAL A 2970 2.97 7.56 -16.25
C VAL A 2970 1.93 8.37 -15.48
N PHE A 2971 2.37 9.45 -14.82
CA PHE A 2971 1.48 10.19 -13.93
C PHE A 2971 0.44 10.99 -14.71
N ASN A 2972 0.76 11.46 -15.92
CA ASN A 2972 -0.23 12.15 -16.73
C ASN A 2972 -1.31 11.18 -17.20
N TYR A 2973 -0.92 9.93 -17.48
CA TYR A 2973 -1.91 8.92 -17.85
C TYR A 2973 -2.81 8.60 -16.66
N PHE A 2974 -2.24 8.55 -15.46
CA PHE A 2974 -3.03 8.33 -14.24
C PHE A 2974 -4.02 9.46 -14.00
N THR A 2975 -3.58 10.70 -14.20
CA THR A 2975 -4.46 11.86 -14.05
C THR A 2975 -5.55 11.86 -15.11
N TYR A 2976 -5.22 11.43 -16.33
CA TYR A 2976 -6.22 11.38 -17.40
C TYR A 2976 -7.28 10.33 -17.12
N ARG A 2977 -6.87 9.19 -16.55
CA ARG A 2977 -7.83 8.16 -16.17
C ARG A 2977 -8.73 8.65 -15.05
N ILE A 2978 -8.19 9.45 -14.12
CA ILE A 2978 -9.02 10.00 -13.05
C ILE A 2978 -10.00 11.01 -13.61
N GLN A 2979 -9.56 11.83 -14.56
CA GLN A 2979 -10.45 12.80 -15.17
C GLN A 2979 -11.55 12.13 -15.99
N GLN A 2980 -11.31 10.91 -16.47
CA GLN A 2980 -12.36 10.24 -17.21
C GLN A 2980 -13.27 9.41 -16.30
N ASN A 2981 -12.76 8.99 -15.14
CA ASN A 2981 -13.43 7.96 -14.36
C ASN A 2981 -13.81 8.38 -12.94
N LEU A 2982 -14.32 9.59 -12.71
CA LEU A 2982 -14.65 10.01 -11.36
C LEU A 2982 -15.70 11.12 -11.37
N HIS A 2983 -16.81 10.90 -10.68
CA HIS A 2983 -17.93 11.83 -10.64
C HIS A 2983 -18.09 12.37 -9.22
N ILE A 2984 -18.39 13.66 -9.10
CA ILE A 2984 -18.49 14.28 -7.79
C ILE A 2984 -19.89 14.86 -7.61
N VAL A 2985 -20.50 14.60 -6.47
CA VAL A 2985 -21.82 15.11 -6.20
C VAL A 2985 -21.78 15.97 -4.94
N LEU A 2986 -22.20 17.22 -5.07
CA LEU A 2986 -22.28 18.12 -3.94
C LEU A 2986 -23.72 18.51 -3.70
N ILE A 2987 -24.25 18.14 -2.54
CA ILE A 2987 -25.55 18.60 -2.09
C ILE A 2987 -25.31 19.77 -1.14
N MET A 2988 -25.81 20.94 -1.51
CA MET A 2988 -25.69 22.10 -0.65
C MET A 2988 -27.03 22.79 -0.52
N ASP A 2989 -27.33 23.20 0.71
CA ASP A 2989 -28.59 23.84 1.06
C ASP A 2989 -28.56 25.28 0.57
N SER A 2990 -29.71 25.78 0.15
CA SER A 2990 -29.75 27.10 -0.47
C SER A 2990 -29.60 28.21 0.56
N ALA A 2991 -30.45 28.22 1.59
CA ALA A 2991 -30.45 29.38 2.48
C ALA A 2991 -29.53 29.20 3.66
N ASN A 2992 -28.45 28.43 3.51
CA ASN A 2992 -27.39 28.49 4.50
C ASN A 2992 -26.67 29.82 4.36
N SER A 2993 -26.04 30.26 5.44
CA SER A 2993 -25.38 31.57 5.44
C SER A 2993 -24.10 31.55 4.61
N ASN A 2994 -23.39 30.42 4.63
CA ASN A 2994 -22.08 30.32 4.01
C ASN A 2994 -22.14 29.93 2.54
N PHE A 2995 -23.31 29.94 1.93
CA PHE A 2995 -23.44 29.45 0.56
C PHE A 2995 -22.84 30.45 -0.43
N MET A 2996 -23.01 31.74 -0.16
CA MET A 2996 -22.49 32.75 -1.08
C MET A 2996 -20.98 32.79 -1.05
N ILE A 2997 -20.39 32.65 0.14
CA ILE A 2997 -18.94 32.64 0.29
C ILE A 2997 -18.34 31.40 -0.37
N ASN A 2998 -19.01 30.27 -0.21
CA ASN A 2998 -18.47 29.03 -0.77
C ASN A 2998 -18.98 28.78 -2.19
N CYS A 2999 -19.61 29.78 -2.80
CA CYS A 2999 -19.74 29.77 -4.25
C CYS A 2999 -18.87 30.84 -4.90
N GLU A 3000 -18.46 31.84 -4.12
CA GLU A 3000 -17.57 32.86 -4.67
C GLU A 3000 -16.11 32.54 -4.45
N SER A 3001 -15.80 31.71 -3.46
CA SER A 3001 -14.41 31.55 -3.04
C SER A 3001 -13.77 30.34 -3.70
N ASN A 3002 -14.51 29.66 -4.57
CA ASN A 3002 -14.00 28.56 -5.35
C ASN A 3002 -14.57 28.68 -6.75
N PRO A 3003 -13.86 29.29 -7.69
CA PRO A 3003 -14.51 29.64 -8.96
C PRO A 3003 -14.72 28.46 -9.87
N ALA A 3004 -13.93 27.39 -9.73
CA ALA A 3004 -14.14 26.22 -10.55
C ALA A 3004 -15.32 25.40 -10.04
N LEU A 3005 -15.80 25.70 -8.85
CA LEU A 3005 -16.93 24.99 -8.27
C LEU A 3005 -18.24 25.43 -8.92
N HIS A 3006 -18.21 26.51 -9.71
CA HIS A 3006 -19.30 26.69 -10.65
C HIS A 3006 -18.81 26.92 -12.08
N LYS A 3007 -17.63 26.39 -12.43
CA LYS A 3007 -17.25 26.33 -13.84
C LYS A 3007 -17.17 24.89 -14.31
N LYS A 3008 -16.78 23.97 -13.44
CA LYS A 3008 -16.66 22.58 -13.81
C LYS A 3008 -18.02 21.92 -13.92
N CYS A 3009 -18.75 21.90 -12.81
CA CYS A 3009 -19.95 21.08 -12.70
C CYS A 3009 -21.21 21.87 -13.03
N GLN A 3010 -22.12 21.22 -13.74
CA GLN A 3010 -23.43 21.77 -14.04
C GLN A 3010 -24.21 21.97 -12.75
N VAL A 3011 -24.93 23.08 -12.64
CA VAL A 3011 -25.59 23.46 -11.40
C VAL A 3011 -27.10 23.48 -11.63
N LEU A 3012 -27.78 22.48 -11.09
CA LEU A 3012 -29.23 22.39 -11.17
C LEU A 3012 -29.86 23.15 -10.02
N TRP A 3013 -30.97 23.81 -10.29
CA TRP A 3013 -31.62 24.66 -9.30
C TRP A 3013 -32.92 23.99 -8.88
N MET A 3014 -32.83 23.14 -7.85
CA MET A 3014 -33.89 22.23 -7.45
C MET A 3014 -34.96 22.88 -6.59
N GLU A 3015 -34.76 24.13 -6.19
CA GLU A 3015 -35.58 24.73 -5.13
C GLU A 3015 -37.05 24.96 -5.51
N GLY A 3016 -37.95 24.35 -4.74
CA GLY A 3016 -39.37 24.65 -4.85
C GLY A 3016 -40.16 23.75 -5.76
N TRP A 3017 -41.09 22.99 -5.18
CA TRP A 3017 -42.04 22.21 -5.95
C TRP A 3017 -43.10 23.14 -6.52
N SER A 3018 -43.94 22.60 -7.39
CA SER A 3018 -44.98 23.43 -7.97
C SER A 3018 -46.10 23.64 -6.96
N ASN A 3019 -46.98 24.57 -7.28
CA ASN A 3019 -48.29 24.59 -6.64
C ASN A 3019 -49.13 23.41 -7.08
N SER A 3020 -48.93 22.92 -8.30
CA SER A 3020 -49.79 21.89 -8.85
C SER A 3020 -49.52 20.54 -8.21
N SER A 3021 -48.27 20.23 -7.89
CA SER A 3021 -47.96 18.88 -7.45
C SER A 3021 -48.20 18.71 -5.95
N MET A 3022 -48.11 19.78 -5.18
CA MET A 3022 -48.45 19.69 -3.77
C MET A 3022 -49.94 19.49 -3.56
N LYS A 3023 -50.76 19.86 -4.54
CA LYS A 3023 -52.15 19.45 -4.56
C LYS A 3023 -52.29 17.96 -4.83
N LYS A 3024 -51.44 17.39 -5.69
CA LYS A 3024 -51.62 16.01 -6.11
C LYS A 3024 -51.06 15.01 -5.11
N ILE A 3025 -50.14 15.41 -4.25
CA ILE A 3025 -49.56 14.51 -3.24
C ILE A 3025 -50.57 13.92 -2.26
N PRO A 3026 -51.53 14.67 -1.66
CA PRO A 3026 -52.49 13.98 -0.78
C PRO A 3026 -53.48 13.11 -1.53
N GLU A 3027 -53.70 13.38 -2.81
CA GLU A 3027 -54.60 12.56 -3.60
C GLU A 3027 -53.98 11.20 -3.87
N MET A 3028 -52.65 11.13 -3.89
CA MET A 3028 -51.95 9.86 -3.89
C MET A 3028 -51.74 9.30 -2.50
N LEU A 3029 -51.92 10.13 -1.46
CA LEU A 3029 -52.03 9.55 -0.13
C LEU A 3029 -53.49 9.36 0.27
N PHE A 3030 -54.42 9.56 -0.68
CA PHE A 3030 -55.84 9.38 -0.38
C PHE A 3030 -56.22 7.91 -0.50
N SER A 3031 -56.13 7.35 -1.70
CA SER A 3031 -56.45 5.94 -1.88
C SER A 3031 -55.36 5.05 -1.34
N GLU A 3032 -54.13 5.56 -1.30
CA GLU A 3032 -53.01 4.84 -0.73
C GLU A 3032 -52.73 5.36 0.67
N VAL A 3053 -66.07 16.48 1.26
CA VAL A 3053 -65.80 17.05 -0.05
C VAL A 3053 -64.30 16.95 -0.33
N ASP A 3054 -63.96 16.39 -1.49
CA ASP A 3054 -62.56 16.14 -1.81
C ASP A 3054 -61.71 17.38 -2.11
N PRO A 3055 -62.07 18.28 -3.07
CA PRO A 3055 -61.08 19.32 -3.43
C PRO A 3055 -60.90 20.41 -2.39
N ASP A 3056 -61.85 20.57 -1.48
CA ASP A 3056 -61.75 21.62 -0.47
C ASP A 3056 -60.68 21.32 0.56
N PHE A 3057 -60.56 20.05 0.98
CA PHE A 3057 -59.43 19.59 1.80
C PHE A 3057 -58.11 19.91 1.15
N LEU A 3058 -58.00 19.60 -0.15
CA LEU A 3058 -56.74 19.69 -0.85
C LEU A 3058 -56.33 21.14 -1.04
N LYS A 3059 -57.29 22.01 -1.39
CA LYS A 3059 -56.96 23.41 -1.54
C LYS A 3059 -56.80 24.10 -0.19
N SER A 3060 -57.32 23.49 0.88
CA SER A 3060 -57.05 24.01 2.21
C SER A 3060 -55.62 23.72 2.62
N PHE A 3061 -55.11 22.53 2.26
CA PHE A 3061 -53.72 22.18 2.54
C PHE A 3061 -52.75 23.16 1.88
N LEU A 3062 -53.01 23.51 0.61
CA LEU A 3062 -52.15 24.41 -0.13
C LEU A 3062 -52.11 25.79 0.49
N LEU A 3063 -53.27 26.27 0.94
CA LEU A 3063 -53.34 27.60 1.54
C LEU A 3063 -52.70 27.65 2.91
N ILE A 3064 -52.83 26.57 3.69
CA ILE A 3064 -52.14 26.49 4.97
C ILE A 3064 -50.63 26.50 4.77
N HIS A 3065 -50.14 25.76 3.77
CA HIS A 3065 -48.70 25.72 3.53
C HIS A 3065 -48.20 27.05 2.96
N GLU A 3066 -48.99 27.70 2.10
CA GLU A 3066 -48.56 28.96 1.52
C GLU A 3066 -48.59 30.08 2.55
N SER A 3067 -49.46 29.96 3.55
CA SER A 3067 -49.39 30.92 4.65
C SER A 3067 -48.23 30.58 5.60
N CYS A 3068 -47.85 29.31 5.69
CA CYS A 3068 -46.80 28.96 6.64
C CYS A 3068 -45.41 29.00 6.01
N LYS A 3069 -45.31 29.40 4.74
CA LYS A 3069 -43.98 29.61 4.15
C LYS A 3069 -43.24 30.78 4.75
N ALA A 3070 -43.90 31.66 5.50
CA ALA A 3070 -43.24 32.86 5.99
C ALA A 3070 -42.58 32.64 7.35
N TYR A 3071 -42.25 31.40 7.66
CA TYR A 3071 -41.50 31.09 8.88
C TYR A 3071 -40.47 29.99 8.66
N GLY A 3072 -40.32 29.53 7.42
CA GLY A 3072 -39.48 28.39 7.15
C GLY A 3072 -40.30 27.13 6.93
N ALA A 3073 -40.51 26.76 5.67
CA ALA A 3073 -41.38 25.65 5.35
C ALA A 3073 -40.66 24.70 4.40
N THR A 3074 -40.00 23.72 4.99
CA THR A 3074 -39.31 22.68 4.23
C THR A 3074 -40.30 21.61 3.81
N PRO A 3075 -40.14 21.04 2.60
CA PRO A 3075 -41.05 19.96 2.17
C PRO A 3075 -40.98 18.69 3.02
N SER A 3076 -39.91 18.52 3.79
CA SER A 3076 -39.87 17.45 4.78
C SER A 3076 -40.95 17.67 5.84
N GLN A 3077 -41.20 18.93 6.20
CA GLN A 3077 -42.27 19.20 7.15
C GLN A 3077 -43.64 18.97 6.53
N TYR A 3078 -43.76 19.20 5.22
CA TYR A 3078 -44.99 18.89 4.51
C TYR A 3078 -45.29 17.39 4.55
N MET A 3079 -44.26 16.57 4.36
CA MET A 3079 -44.49 15.14 4.38
C MET A 3079 -44.69 14.62 5.80
N THR A 3080 -44.01 15.21 6.79
CA THR A 3080 -44.24 14.87 8.19
C THR A 3080 -45.67 15.22 8.60
N PHE A 3081 -46.17 16.37 8.13
CA PHE A 3081 -47.55 16.79 8.30
C PHE A 3081 -48.52 15.73 7.79
N LEU A 3082 -48.33 15.26 6.55
CA LEU A 3082 -49.25 14.27 5.99
C LEU A 3082 -49.20 12.95 6.76
N HIS A 3083 -48.01 12.48 7.14
CA HIS A 3083 -47.93 11.21 7.85
C HIS A 3083 -48.57 11.27 9.23
N VAL A 3084 -48.38 12.37 9.95
CA VAL A 3084 -48.97 12.41 11.29
C VAL A 3084 -50.48 12.68 11.21
N TYR A 3085 -50.94 13.33 10.12
CA TYR A 3085 -52.37 13.43 9.84
C TYR A 3085 -53.01 12.06 9.70
N SER A 3086 -52.40 11.22 8.85
CA SER A 3086 -52.95 9.89 8.60
C SER A 3086 -52.92 9.03 9.87
N ALA A 3087 -51.84 9.15 10.65
CA ALA A 3087 -51.71 8.34 11.87
C ALA A 3087 -52.76 8.73 12.92
N ILE A 3088 -52.91 10.02 13.18
CA ILE A 3088 -53.85 10.46 14.20
C ILE A 3088 -55.30 10.21 13.76
N SER A 3089 -55.59 10.37 12.46
CA SER A 3089 -56.95 10.10 11.98
C SER A 3089 -57.30 8.63 12.10
N SER A 3090 -56.32 7.74 11.86
CA SER A 3090 -56.58 6.31 12.02
C SER A 3090 -56.82 5.92 13.47
N SER A 3091 -55.98 6.42 14.38
CA SER A 3091 -56.13 6.07 15.80
C SER A 3091 -57.44 6.59 16.37
N LYS A 3092 -57.84 7.79 15.98
CA LYS A 3092 -59.09 8.33 16.51
C LYS A 3092 -60.33 7.70 15.88
N LYS A 3093 -60.29 7.32 14.59
CA LYS A 3093 -61.42 6.57 14.02
C LYS A 3093 -61.61 5.23 14.70
N LYS A 3094 -60.50 4.53 14.98
CA LYS A 3094 -60.61 3.24 15.67
C LYS A 3094 -61.13 3.39 17.10
N GLU A 3095 -60.69 4.42 17.83
CA GLU A 3095 -61.18 4.58 19.19
C GLU A 3095 -62.63 5.03 19.24
N LEU A 3096 -63.08 5.85 18.27
CA LEU A 3096 -64.48 6.22 18.25
C LEU A 3096 -65.38 5.06 17.86
N LEU A 3097 -64.92 4.18 16.95
CA LEU A 3097 -65.73 3.00 16.63
C LEU A 3097 -65.79 2.03 17.81
N LYS A 3098 -64.70 1.95 18.59
CA LYS A 3098 -64.76 1.15 19.83
C LYS A 3098 -65.75 1.72 20.83
N ARG A 3099 -65.82 3.04 20.96
CA ARG A 3099 -66.74 3.65 21.91
C ARG A 3099 -68.19 3.44 21.48
N GLN A 3100 -68.48 3.60 20.19
CA GLN A 3100 -69.84 3.33 19.73
C GLN A 3100 -70.20 1.86 19.83
N SER A 3101 -69.24 0.96 19.67
CA SER A 3101 -69.51 -0.46 19.83
C SER A 3101 -69.89 -0.79 21.27
N HIS A 3102 -69.13 -0.26 22.24
CA HIS A 3102 -69.46 -0.53 23.64
C HIS A 3102 -70.78 0.10 24.05
N LEU A 3103 -71.08 1.31 23.54
CA LEU A 3103 -72.34 1.96 23.88
C LEU A 3103 -73.52 1.25 23.21
N GLN A 3104 -73.30 0.70 22.01
CA GLN A 3104 -74.34 -0.06 21.34
C GLN A 3104 -74.62 -1.37 22.08
N ALA A 3105 -73.57 -2.01 22.59
CA ALA A 3105 -73.75 -3.23 23.37
C ALA A 3105 -74.50 -2.95 24.67
N GLY A 3106 -74.21 -1.81 25.31
CA GLY A 3106 -74.95 -1.40 26.48
C GLY A 3106 -76.42 -1.12 26.23
N VAL A 3107 -76.70 -0.42 25.12
CA VAL A 3107 -78.08 -0.10 24.78
C VAL A 3107 -78.86 -1.34 24.34
N SER A 3108 -78.14 -2.35 23.84
CA SER A 3108 -78.79 -3.61 23.52
C SER A 3108 -79.11 -4.39 24.80
N LYS A 3109 -78.13 -4.53 25.69
CA LYS A 3109 -78.30 -5.37 26.88
C LYS A 3109 -79.31 -4.79 27.86
N LEU A 3110 -79.33 -3.46 28.03
CA LEU A 3110 -80.28 -2.85 28.95
C LEU A 3110 -81.72 -3.01 28.47
N ASN A 3111 -81.94 -2.82 27.16
CA ASN A 3111 -83.27 -2.96 26.59
C ASN A 3111 -83.73 -4.42 26.62
N GLU A 3112 -82.80 -5.36 26.39
CA GLU A 3112 -83.16 -6.77 26.43
C GLU A 3112 -83.51 -7.22 27.85
N ALA A 3113 -82.75 -6.75 28.85
CA ALA A 3113 -83.05 -7.12 30.23
C ALA A 3113 -84.35 -6.47 30.71
N LYS A 3114 -84.64 -5.27 30.23
CA LYS A 3114 -85.91 -4.63 30.59
C LYS A 3114 -87.09 -5.35 29.95
N ALA A 3115 -86.92 -5.79 28.69
CA ALA A 3115 -87.99 -6.55 28.02
C ALA A 3115 -88.18 -7.92 28.65
N LEU A 3116 -87.12 -8.48 29.23
CA LEU A 3116 -87.26 -9.74 29.94
C LEU A 3116 -87.94 -9.54 31.30
N VAL A 3117 -87.62 -8.43 31.98
CA VAL A 3117 -88.14 -8.23 33.32
C VAL A 3117 -89.54 -7.64 33.29
N ASP A 3118 -90.00 -7.20 32.12
CA ASP A 3118 -91.32 -6.59 32.04
C ASP A 3118 -92.43 -7.65 31.96
N GLU A 3119 -92.06 -8.93 31.88
CA GLU A 3119 -93.05 -9.99 31.71
C GLU A 3119 -92.83 -11.21 32.60
N LEU A 3120 -91.68 -11.31 33.28
CA LEU A 3120 -91.39 -12.51 34.06
C LEU A 3120 -92.24 -12.59 35.31
N ASN A 3121 -92.37 -11.47 36.03
CA ASN A 3121 -93.24 -11.43 37.20
C ASN A 3121 -94.69 -11.59 36.80
N ARG A 3122 -95.04 -11.14 35.58
CA ARG A 3122 -96.40 -11.35 35.07
C ARG A 3122 -96.64 -12.82 34.74
N LYS A 3123 -95.62 -13.52 34.24
CA LYS A 3123 -95.76 -14.94 33.96
C LYS A 3123 -95.87 -15.76 35.25
N ALA A 3124 -95.09 -15.38 36.26
CA ALA A 3124 -95.22 -16.01 37.58
C ALA A 3124 -96.57 -15.72 38.19
N GLY A 3125 -97.09 -14.50 38.01
CA GLY A 3125 -98.41 -14.17 38.51
C GLY A 3125 -99.51 -14.88 37.76
N GLU A 3126 -99.29 -15.17 36.48
CA GLU A 3126 -100.26 -15.93 35.71
C GLU A 3126 -100.27 -17.39 36.14
N GLN A 3127 -99.09 -17.94 36.43
CA GLN A 3127 -99.00 -19.31 36.93
C GLN A 3127 -99.61 -19.41 38.32
N SER A 3128 -99.51 -18.35 39.11
CA SER A 3128 -100.17 -18.32 40.41
C SER A 3128 -101.67 -18.10 40.25
N VAL A 3129 -102.07 -17.43 39.16
CA VAL A 3129 -103.47 -17.11 38.94
C VAL A 3129 -104.25 -18.35 38.51
N LEU A 3130 -103.70 -19.12 37.58
CA LEU A 3130 -104.32 -20.39 37.21
C LEU A 3130 -104.25 -21.42 38.32
N LEU A 3131 -103.24 -21.35 39.18
CA LEU A 3131 -103.12 -22.25 40.32
C LEU A 3131 -103.42 -21.51 41.62
N GLU A 3373 -89.47 -14.25 42.53
CA GLU A 3373 -88.71 -13.65 43.61
C GLU A 3373 -87.51 -12.86 43.06
N THR A 3374 -87.78 -12.05 42.04
CA THR A 3374 -86.72 -11.23 41.45
C THR A 3374 -87.15 -9.78 41.35
N ILE A 3375 -88.31 -9.45 41.92
CA ILE A 3375 -88.85 -8.10 41.81
C ILE A 3375 -88.02 -7.12 42.64
N LYS A 3376 -87.53 -7.57 43.80
CA LYS A 3376 -86.75 -6.70 44.67
C LYS A 3376 -85.40 -6.36 44.06
N ALA A 3377 -84.70 -7.38 43.53
CA ALA A 3377 -83.42 -7.12 42.89
C ALA A 3377 -83.60 -6.43 41.55
N ALA A 3378 -84.78 -6.57 40.93
CA ALA A 3378 -85.07 -5.82 39.71
C ALA A 3378 -85.26 -4.34 40.01
N GLU A 3379 -85.96 -4.01 41.09
CA GLU A 3379 -86.13 -2.62 41.48
C GLU A 3379 -84.83 -2.03 42.00
N VAL A 3380 -83.99 -2.85 42.64
CA VAL A 3380 -82.68 -2.40 43.13
C VAL A 3380 -81.76 -2.13 41.94
N LEU A 3381 -81.90 -2.94 40.88
CA LEU A 3381 -81.14 -2.68 39.66
C LEU A 3381 -81.66 -1.44 38.94
N ILE A 3382 -82.97 -1.22 38.97
CA ILE A 3382 -83.55 -0.06 38.31
C ILE A 3382 -83.19 1.22 39.05
N ASN A 3383 -82.95 1.11 40.37
CA ASN A 3383 -82.55 2.27 41.17
C ASN A 3383 -81.16 2.77 40.78
N GLN A 3384 -80.33 1.90 40.22
CA GLN A 3384 -79.06 2.36 39.67
C GLN A 3384 -79.19 2.67 38.19
N LEU A 3385 -80.06 1.93 37.49
CA LEU A 3385 -80.19 2.09 36.05
C LEU A 3385 -80.89 3.39 35.67
N ASP A 3386 -81.66 3.99 36.59
CA ASP A 3386 -82.33 5.26 36.31
C ASP A 3386 -81.32 6.38 36.07
N ARG A 3387 -80.17 6.30 36.72
CA ARG A 3387 -79.08 7.21 36.40
C ARG A 3387 -78.14 6.63 35.34
N GLU A 3388 -77.97 5.29 35.33
CA GLU A 3388 -76.96 4.69 34.46
C GLU A 3388 -77.35 4.72 32.99
N HIS A 3389 -78.59 4.32 32.67
CA HIS A 3389 -79.04 4.35 31.29
C HIS A 3389 -79.22 5.79 30.82
N LYS A 3390 -79.67 6.66 31.72
CA LYS A 3390 -79.76 8.09 31.42
C LYS A 3390 -78.39 8.70 31.16
N ARG A 3391 -77.34 8.18 31.80
CA ARG A 3391 -75.99 8.64 31.49
C ARG A 3391 -75.52 8.06 30.16
N TRP A 3392 -75.68 6.75 29.95
CA TRP A 3392 -75.09 6.09 28.80
C TRP A 3392 -75.93 6.22 27.55
N ASN A 3393 -77.03 6.98 27.60
CA ASN A 3393 -77.85 7.18 26.42
C ASN A 3393 -77.13 8.02 25.37
N ALA A 3394 -76.75 9.24 25.73
CA ALA A 3394 -76.59 10.30 24.73
C ALA A 3394 -75.32 10.15 23.91
N GLN A 3395 -74.36 9.35 24.40
CA GLN A 3395 -73.04 9.30 23.77
C GLN A 3395 -73.08 8.59 22.42
N VAL A 3396 -74.12 7.80 22.17
CA VAL A 3396 -74.30 7.21 20.85
C VAL A 3396 -74.49 8.27 19.79
N VAL A 3397 -75.44 9.19 20.00
CA VAL A 3397 -75.68 10.27 19.05
C VAL A 3397 -74.53 11.27 19.09
N GLU A 3398 -73.88 11.41 20.26
CA GLU A 3398 -72.73 12.32 20.37
C GLU A 3398 -71.54 11.87 19.53
N ILE A 3399 -71.15 10.60 19.62
CA ILE A 3399 -70.04 10.13 18.79
C ILE A 3399 -70.47 10.04 17.34
N THR A 3400 -71.77 9.79 17.09
CA THR A 3400 -72.30 9.76 15.73
C THR A 3400 -72.16 11.12 15.05
N GLU A 3401 -72.39 12.20 15.80
CA GLU A 3401 -72.21 13.52 15.20
C GLU A 3401 -70.76 13.99 15.31
N GLU A 3402 -69.95 13.35 16.17
CA GLU A 3402 -68.54 13.72 16.28
C GLU A 3402 -67.70 13.19 15.13
N LEU A 3403 -67.89 11.93 14.71
CA LEU A 3403 -67.00 11.39 13.70
C LEU A 3403 -67.41 11.78 12.27
N ALA A 3404 -68.23 12.82 12.13
CA ALA A 3404 -68.31 13.52 10.85
C ALA A 3404 -67.45 14.77 10.86
N THR A 3405 -66.93 15.15 12.03
CA THR A 3405 -66.07 16.31 12.18
C THR A 3405 -64.65 15.95 12.61
N LEU A 3406 -64.18 14.76 12.26
CA LEU A 3406 -62.82 14.35 12.56
C LEU A 3406 -61.75 14.86 11.59
N PRO A 3407 -61.93 14.91 10.25
CA PRO A 3407 -60.79 15.33 9.39
C PRO A 3407 -60.26 16.74 9.59
N LYS A 3408 -61.12 17.74 9.77
CA LYS A 3408 -60.62 19.09 9.99
C LYS A 3408 -59.94 19.21 11.36
N ARG A 3409 -60.44 18.48 12.34
CA ARG A 3409 -59.80 18.44 13.65
C ARG A 3409 -58.42 17.80 13.57
N ALA A 3410 -58.30 16.74 12.77
CA ALA A 3410 -57.01 16.11 12.58
C ALA A 3410 -56.06 17.02 11.81
N GLN A 3411 -56.58 17.83 10.90
CA GLN A 3411 -55.76 18.81 10.19
C GLN A 3411 -55.17 19.83 11.15
N LEU A 3412 -56.00 20.38 12.03
CA LEU A 3412 -55.52 21.36 13.00
C LEU A 3412 -54.54 20.73 13.99
N ALA A 3413 -54.85 19.51 14.45
CA ALA A 3413 -54.00 18.84 15.41
C ALA A 3413 -52.67 18.43 14.81
N ALA A 3414 -52.66 18.16 13.50
CA ALA A 3414 -51.40 17.81 12.86
C ALA A 3414 -50.59 19.04 12.52
N ALA A 3415 -51.26 20.11 12.10
CA ALA A 3415 -50.55 21.34 11.75
C ALA A 3415 -49.90 21.98 12.96
N PHE A 3416 -50.55 21.92 14.12
CA PHE A 3416 -49.97 22.45 15.35
C PHE A 3416 -48.69 21.72 15.71
N ILE A 3417 -48.71 20.38 15.63
CA ILE A 3417 -47.55 19.58 15.98
C ILE A 3417 -46.44 19.78 14.97
N THR A 3418 -46.77 19.81 13.68
CA THR A 3418 -45.72 19.80 12.68
C THR A 3418 -45.19 21.19 12.40
N TYR A 3419 -45.82 22.24 12.93
CA TYR A 3419 -45.21 23.55 12.77
C TYR A 3419 -44.88 24.25 14.09
N LEU A 3420 -45.86 24.42 14.97
CA LEU A 3420 -45.81 25.50 15.94
C LEU A 3420 -45.27 25.10 17.29
N SER A 3421 -44.31 24.18 17.35
CA SER A 3421 -43.67 23.94 18.65
C SER A 3421 -42.47 24.84 18.85
N ALA A 3422 -42.25 25.78 17.94
CA ALA A 3422 -41.09 26.66 17.96
C ALA A 3422 -41.47 28.10 18.28
N ALA A 3423 -42.61 28.56 17.79
CA ALA A 3423 -42.98 29.96 17.84
C ALA A 3423 -43.31 30.42 19.26
N PRO A 3424 -43.20 31.72 19.54
CA PRO A 3424 -43.76 32.26 20.78
C PRO A 3424 -45.29 32.21 20.77
N GLU A 3425 -45.85 32.39 21.98
CA GLU A 3425 -47.25 32.02 22.20
C GLU A 3425 -48.22 32.99 21.54
N SER A 3426 -47.78 34.20 21.21
CA SER A 3426 -48.62 35.10 20.46
C SER A 3426 -48.83 34.57 19.04
N LEU A 3427 -47.79 33.99 18.45
CA LEU A 3427 -47.94 33.35 17.16
C LEU A 3427 -48.78 32.08 17.26
N ARG A 3428 -48.75 31.41 18.41
CA ARG A 3428 -49.63 30.27 18.58
C ARG A 3428 -51.09 30.71 18.59
N LYS A 3429 -51.38 31.77 19.33
CA LYS A 3429 -52.74 32.27 19.44
C LYS A 3429 -53.26 32.80 18.12
N THR A 3430 -52.45 33.61 17.42
CA THR A 3430 -52.87 34.21 16.17
C THR A 3430 -53.11 33.17 15.09
N CYS A 3431 -52.19 32.21 14.97
CA CYS A 3431 -52.33 31.19 13.95
C CYS A 3431 -53.46 30.21 14.24
N LEU A 3432 -53.66 29.83 15.50
CA LEU A 3432 -54.79 28.96 15.83
C LEU A 3432 -56.11 29.67 15.59
N GLU A 3433 -56.17 30.98 15.88
CA GLU A 3433 -57.40 31.72 15.63
C GLU A 3433 -57.67 31.87 14.14
N GLU A 3434 -56.63 32.11 13.35
CA GLU A 3434 -56.82 32.26 11.91
C GLU A 3434 -57.23 30.94 11.26
N TRP A 3435 -56.60 29.84 11.68
CA TRP A 3435 -56.98 28.52 11.20
C TRP A 3435 -58.38 28.11 11.65
N THR A 3436 -58.74 28.48 12.87
CA THR A 3436 -60.05 28.12 13.41
C THR A 3436 -61.15 28.90 12.72
N LYS A 3437 -60.90 30.17 12.39
CA LYS A 3437 -61.85 30.92 11.59
C LYS A 3437 -61.83 30.45 10.14
N SER A 3438 -60.69 29.91 9.69
CA SER A 3438 -60.61 29.40 8.33
C SER A 3438 -61.49 28.17 8.15
N ALA A 3439 -61.50 27.29 9.15
CA ALA A 3439 -62.41 26.14 9.09
C ALA A 3439 -63.86 26.57 9.31
N GLY A 3440 -64.09 27.48 10.26
CA GLY A 3440 -65.42 27.98 10.53
C GLY A 3440 -66.04 27.49 11.83
N LEU A 3441 -65.31 26.74 12.65
CA LEU A 3441 -65.85 26.20 13.90
C LEU A 3441 -65.14 26.87 15.06
N GLU A 3442 -65.67 28.05 15.44
CA GLU A 3442 -64.92 28.98 16.29
C GLU A 3442 -64.85 28.52 17.74
N LYS A 3443 -65.64 27.52 18.08
CA LYS A 3443 -65.53 26.75 19.31
C LYS A 3443 -64.43 25.70 19.12
N PHE A 3444 -64.54 24.58 19.86
CA PHE A 3444 -63.88 23.32 19.51
C PHE A 3444 -62.35 23.40 19.66
N ASP A 3445 -61.92 23.54 20.91
CA ASP A 3445 -60.50 23.55 21.26
C ASP A 3445 -59.85 22.19 21.02
N LEU A 3446 -58.53 22.15 21.23
CA LEU A 3446 -57.76 20.99 20.82
C LEU A 3446 -57.07 20.28 21.97
N ARG A 3447 -56.73 20.97 23.07
CA ARG A 3447 -56.07 20.29 24.17
C ARG A 3447 -57.05 19.41 24.92
N ARG A 3448 -58.35 19.66 24.78
CA ARG A 3448 -59.34 18.73 25.28
C ARG A 3448 -59.71 17.71 24.22
N PHE A 3449 -59.43 18.02 22.95
CA PHE A 3449 -59.73 17.09 21.87
C PHE A 3449 -58.68 15.99 21.81
N LEU A 3450 -57.50 16.27 22.30
CA LEU A 3450 -56.39 15.35 22.07
C LEU A 3450 -55.99 14.66 23.36
N CYS A 3451 -56.32 15.25 24.50
CA CYS A 3451 -55.99 14.70 25.81
C CYS A 3451 -57.16 14.95 26.75
N THR A 3452 -57.30 14.11 27.77
CA THR A 3452 -58.38 14.28 28.73
C THR A 3452 -57.83 14.64 30.10
N GLU A 3453 -58.75 14.85 31.05
CA GLU A 3453 -58.42 15.46 32.33
C GLU A 3453 -57.55 14.57 33.19
N SER A 3454 -57.79 13.26 33.14
CA SER A 3454 -57.08 12.31 33.98
C SER A 3454 -55.59 12.28 33.65
N GLU A 3455 -55.26 12.31 32.37
CA GLU A 3455 -53.84 12.32 32.00
C GLU A 3455 -53.18 13.63 32.37
N GLN A 3456 -53.94 14.73 32.34
CA GLN A 3456 -53.39 16.02 32.72
C GLN A 3456 -53.04 16.05 34.20
N LEU A 3457 -53.93 15.53 35.04
CA LEU A 3457 -53.64 15.55 36.46
C LEU A 3457 -52.59 14.52 36.84
N ILE A 3458 -52.47 13.45 36.06
CA ILE A 3458 -51.37 12.52 36.31
C ILE A 3458 -50.03 13.12 35.91
N TRP A 3459 -49.97 13.84 34.78
CA TRP A 3459 -48.77 14.58 34.40
C TRP A 3459 -48.43 15.66 35.42
N LYS A 3460 -49.46 16.29 36.00
CA LYS A 3460 -49.25 17.31 37.02
C LYS A 3460 -48.79 16.66 38.32
N SER A 3461 -49.07 15.36 38.50
CA SER A 3461 -48.74 14.69 39.76
C SER A 3461 -47.23 14.45 39.89
N GLU A 3462 -46.47 14.74 38.85
CA GLU A 3462 -45.07 14.37 38.78
C GLU A 3462 -44.12 15.56 38.81
N GLY A 3463 -44.52 16.70 38.26
CA GLY A 3463 -43.64 17.85 38.22
C GLY A 3463 -43.68 18.64 36.93
N LEU A 3464 -44.58 18.26 36.01
CA LEU A 3464 -44.85 19.06 34.83
C LEU A 3464 -45.38 20.43 35.23
N PRO A 3465 -44.88 21.51 34.64
CA PRO A 3465 -45.43 22.83 34.92
C PRO A 3465 -46.85 22.95 34.38
N SER A 3466 -47.66 23.76 35.08
CA SER A 3466 -49.10 23.71 34.85
C SER A 3466 -49.57 24.80 33.89
N ASP A 3467 -48.66 25.42 33.16
CA ASP A 3467 -49.02 26.48 32.23
C ASP A 3467 -49.68 25.87 30.99
N ASP A 3468 -50.28 26.73 30.17
CA ASP A 3468 -50.75 26.30 28.86
C ASP A 3468 -49.59 25.90 27.96
N LEU A 3469 -48.47 26.63 28.06
CA LEU A 3469 -47.32 26.39 27.20
C LEU A 3469 -46.68 25.06 27.51
N SER A 3470 -46.52 24.74 28.80
CA SER A 3470 -45.87 23.50 29.18
C SER A 3470 -46.71 22.28 28.81
N ILE A 3471 -48.03 22.40 28.95
CA ILE A 3471 -48.91 21.28 28.67
C ILE A 3471 -49.02 21.07 27.16
N GLU A 3472 -49.04 22.15 26.39
CA GLU A 3472 -49.05 21.99 24.94
C GLU A 3472 -47.71 21.45 24.42
N ASN A 3473 -46.61 21.83 25.06
CA ASN A 3473 -45.32 21.28 24.67
C ASN A 3473 -45.22 19.80 25.03
N ALA A 3474 -45.83 19.39 26.14
CA ALA A 3474 -45.83 17.96 26.47
C ALA A 3474 -46.81 17.20 25.59
N LEU A 3475 -47.78 17.89 25.00
CA LEU A 3475 -48.61 17.24 24.01
C LEU A 3475 -47.90 17.05 22.68
N VAL A 3476 -47.01 17.97 22.31
CA VAL A 3476 -46.32 17.85 21.02
C VAL A 3476 -45.33 16.68 21.01
N ILE A 3477 -44.84 16.24 22.17
CA ILE A 3477 -43.92 15.11 22.16
C ILE A 3477 -44.66 13.77 22.09
N LEU A 3478 -45.96 13.79 21.80
CA LEU A 3478 -46.64 12.63 21.23
C LEU A 3478 -46.03 12.23 19.89
N GLN A 3479 -45.45 13.19 19.16
CA GLN A 3479 -44.89 12.94 17.83
C GLN A 3479 -43.74 11.94 17.87
N SER A 3480 -43.79 10.94 16.98
CA SER A 3480 -42.74 9.94 16.88
C SER A 3480 -42.31 9.73 15.43
N ARG A 3481 -42.74 10.62 14.53
CA ARG A 3481 -42.21 10.58 13.18
C ARG A 3481 -40.76 11.07 13.17
N VAL A 3482 -40.46 12.01 14.05
CA VAL A 3482 -39.15 12.66 14.13
C VAL A 3482 -38.67 12.61 15.56
N CYS A 3483 -37.53 13.23 15.81
CA CYS A 3483 -37.03 13.32 17.16
C CYS A 3483 -37.43 14.65 17.79
N PRO A 3484 -37.93 14.65 19.03
CA PRO A 3484 -38.20 15.92 19.70
C PRO A 3484 -36.92 16.57 20.21
N PHE A 3485 -36.93 17.90 20.25
CA PHE A 3485 -35.77 18.68 20.61
C PHE A 3485 -36.17 19.65 21.72
N LEU A 3486 -35.65 19.44 22.92
CA LEU A 3486 -36.11 20.17 24.09
C LEU A 3486 -35.20 21.35 24.40
N ILE A 3487 -35.58 22.53 23.92
CA ILE A 3487 -35.00 23.77 24.41
C ILE A 3487 -35.60 24.03 25.78
N ASP A 3488 -34.74 24.10 26.79
CA ASP A 3488 -35.19 24.05 28.19
C ASP A 3488 -34.17 24.69 29.10
N PRO A 3489 -34.40 25.94 29.52
CA PRO A 3489 -33.40 26.63 30.36
C PRO A 3489 -33.32 26.10 31.78
N SER A 3490 -34.45 25.70 32.37
CA SER A 3490 -34.48 25.16 33.72
C SER A 3490 -35.09 23.76 33.64
N SER A 3491 -34.50 22.80 34.37
CA SER A 3491 -34.55 21.41 33.92
C SER A 3491 -35.81 20.65 34.37
N GLN A 3492 -36.91 21.36 34.66
CA GLN A 3492 -38.10 20.70 35.21
C GLN A 3492 -38.77 19.78 34.20
N ALA A 3493 -38.89 20.22 32.95
CA ALA A 3493 -39.57 19.40 31.94
C ALA A 3493 -38.78 18.15 31.65
N THR A 3494 -37.44 18.26 31.67
CA THR A 3494 -36.61 17.09 31.49
C THR A 3494 -36.73 16.13 32.66
N GLU A 3495 -36.80 16.66 33.89
CA GLU A 3495 -37.04 15.82 35.06
C GLU A 3495 -38.37 15.09 34.96
N TRP A 3496 -39.39 15.78 34.45
CA TRP A 3496 -40.70 15.16 34.27
C TRP A 3496 -40.68 14.04 33.24
N LEU A 3497 -40.01 14.28 32.12
CA LEU A 3497 -39.98 13.29 31.04
C LEU A 3497 -39.19 12.06 31.46
N LYS A 3498 -38.07 12.25 32.16
CA LYS A 3498 -37.34 11.08 32.65
C LYS A 3498 -37.91 10.58 33.96
N THR A 3499 -38.99 11.21 34.44
CA THR A 3499 -39.78 10.59 35.49
C THR A 3499 -40.81 9.62 34.92
N HIS A 3500 -41.62 10.08 33.96
CA HIS A 3500 -42.70 9.21 33.53
C HIS A 3500 -42.28 8.32 32.36
N LEU A 3501 -41.01 8.38 31.97
CA LEU A 3501 -40.47 7.30 31.17
C LEU A 3501 -39.68 6.32 32.02
N LYS A 3502 -40.13 6.07 33.25
CA LYS A 3502 -39.43 5.15 34.12
C LYS A 3502 -39.63 3.70 33.69
N ASP A 3503 -40.81 3.37 33.18
CA ASP A 3503 -41.27 2.00 32.99
C ASP A 3503 -40.48 1.23 31.95
N SER A 3504 -40.22 1.82 30.78
CA SER A 3504 -39.46 1.14 29.74
C SER A 3504 -37.97 1.22 30.10
N ARG A 3505 -37.15 0.70 29.20
CA ARG A 3505 -35.71 0.69 29.44
C ARG A 3505 -35.17 2.10 29.24
N LEU A 3506 -34.19 2.49 30.03
CA LEU A 3506 -33.71 3.87 29.91
C LEU A 3506 -32.24 3.93 30.28
N GLU A 3507 -31.51 4.76 29.54
CA GLU A 3507 -30.24 5.29 30.00
C GLU A 3507 -30.17 6.76 29.64
N VAL A 3508 -29.59 7.53 30.54
CA VAL A 3508 -29.43 8.96 30.35
C VAL A 3508 -27.94 9.28 30.39
N ILE A 3509 -27.46 10.01 29.38
CA ILE A 3509 -26.04 10.30 29.23
C ILE A 3509 -25.80 11.79 28.99
N ASN A 3510 -24.61 12.26 29.31
CA ASN A 3510 -24.20 13.64 29.09
C ASN A 3510 -23.52 13.77 27.73
N GLN A 3511 -23.48 14.99 27.22
CA GLN A 3511 -22.84 15.23 25.93
C GLN A 3511 -21.33 15.08 26.01
N GLN A 3512 -20.68 15.92 26.82
CA GLN A 3512 -19.23 15.87 26.99
C GLN A 3512 -18.94 14.75 27.98
N ASP A 3513 -19.07 13.51 27.52
CA ASP A 3513 -18.94 12.39 28.42
C ASP A 3513 -17.93 11.44 27.79
N SER A 3514 -17.24 10.68 28.64
CA SER A 3514 -16.13 9.88 28.15
C SER A 3514 -16.60 8.65 27.39
N ASN A 3515 -17.71 8.06 27.81
CA ASN A 3515 -18.19 6.82 27.25
C ASN A 3515 -19.37 7.03 26.30
N PHE A 3516 -19.32 8.06 25.47
CA PHE A 3516 -20.50 8.45 24.71
C PHE A 3516 -20.82 7.43 23.62
N ILE A 3517 -19.84 7.09 22.79
CA ILE A 3517 -20.13 6.29 21.60
C ILE A 3517 -20.36 4.82 21.98
N THR A 3518 -19.68 4.34 23.03
CA THR A 3518 -19.89 2.98 23.53
C THR A 3518 -21.31 2.79 24.06
N ALA A 3519 -21.76 3.73 24.88
CA ALA A 3519 -23.12 3.67 25.41
C ALA A 3519 -24.14 3.91 24.30
N LEU A 3520 -23.77 4.68 23.29
CA LEU A 3520 -24.65 4.87 22.15
C LEU A 3520 -24.82 3.57 21.37
N GLU A 3521 -23.74 2.81 21.24
CA GLU A 3521 -23.80 1.50 20.59
C GLU A 3521 -24.68 0.54 21.37
N LEU A 3522 -24.55 0.54 22.70
CA LEU A 3522 -25.39 -0.33 23.52
C LEU A 3522 -26.86 0.09 23.45
N ALA A 3523 -27.12 1.38 23.32
CA ALA A 3523 -28.50 1.85 23.27
C ALA A 3523 -29.12 1.58 21.90
N VAL A 3524 -28.31 1.51 20.85
CA VAL A 3524 -28.88 1.14 19.56
C VAL A 3524 -29.11 -0.38 19.51
N ARG A 3525 -28.22 -1.15 20.12
CA ARG A 3525 -28.37 -2.61 20.05
C ARG A 3525 -29.49 -3.11 20.94
N PHE A 3526 -29.46 -2.81 22.24
CA PHE A 3526 -30.39 -3.42 23.19
C PHE A 3526 -31.82 -2.91 23.06
N GLY A 3527 -32.06 -1.84 22.30
CA GLY A 3527 -33.40 -1.30 22.19
C GLY A 3527 -33.82 -0.41 23.32
N LYS A 3528 -32.92 0.44 23.81
CA LYS A 3528 -33.23 1.29 24.95
C LYS A 3528 -34.09 2.47 24.53
N THR A 3529 -34.53 3.25 25.51
CA THR A 3529 -35.05 4.58 25.25
C THR A 3529 -34.09 5.60 25.85
N LEU A 3530 -33.56 6.47 24.99
CA LEU A 3530 -32.33 7.19 25.28
C LEU A 3530 -32.59 8.68 25.41
N ILE A 3531 -32.00 9.27 26.45
CA ILE A 3531 -32.13 10.69 26.72
C ILE A 3531 -30.74 11.29 26.88
N ILE A 3532 -30.48 12.37 26.15
CA ILE A 3532 -29.17 13.00 26.15
C ILE A 3532 -29.28 14.37 26.80
N GLN A 3533 -28.36 14.67 27.72
CA GLN A 3533 -28.48 15.83 28.59
C GLN A 3533 -28.03 17.14 27.95
N GLU A 3534 -26.73 17.28 27.67
CA GLU A 3534 -26.15 18.61 27.59
C GLU A 3534 -25.81 19.03 26.16
N MET A 3535 -26.70 18.74 25.21
CA MET A 3535 -26.46 18.92 23.77
C MET A 3535 -26.19 20.37 23.45
N ASP A 3536 -25.16 20.59 22.65
CA ASP A 3536 -24.81 21.95 22.26
C ASP A 3536 -25.21 22.21 20.82
N GLY A 3537 -25.86 21.24 20.20
CA GLY A 3537 -26.33 21.40 18.84
C GLY A 3537 -26.74 20.08 18.21
N VAL A 3538 -26.39 19.87 16.95
CA VAL A 3538 -26.60 18.58 16.32
C VAL A 3538 -25.24 17.96 16.04
N GLU A 3539 -24.98 16.81 16.67
CA GLU A 3539 -23.71 16.12 16.55
C GLU A 3539 -23.46 15.68 15.11
N PRO A 3540 -22.21 15.56 14.69
CA PRO A 3540 -21.96 15.06 13.33
C PRO A 3540 -22.26 13.58 13.20
N VAL A 3541 -22.04 12.83 14.30
CA VAL A 3541 -22.23 11.38 14.33
C VAL A 3541 -23.69 11.01 14.09
N LEU A 3542 -24.62 11.78 14.63
CA LEU A 3542 -25.99 11.35 14.75
C LEU A 3542 -26.84 11.67 13.53
N TYR A 3543 -26.26 11.81 12.35
CA TYR A 3543 -27.07 12.11 11.17
C TYR A 3543 -27.79 10.94 10.51
N PRO A 3544 -27.19 9.78 10.24
CA PRO A 3544 -28.00 8.72 9.62
C PRO A 3544 -28.95 8.05 10.61
N LEU A 3545 -28.63 8.09 11.89
CA LEU A 3545 -29.54 7.56 12.90
C LEU A 3545 -30.77 8.45 13.05
N LEU A 3546 -30.58 9.77 12.95
CA LEU A 3546 -31.71 10.69 12.97
C LEU A 3546 -32.51 10.61 11.67
N ARG A 3547 -31.84 10.37 10.56
CA ARG A 3547 -32.54 10.02 9.34
C ARG A 3547 -32.92 8.55 9.36
N ARG A 3548 -33.31 8.05 8.19
CA ARG A 3548 -33.54 6.63 8.01
C ARG A 3548 -32.50 6.03 7.04
N ASP A 3549 -31.57 5.29 7.62
CA ASP A 3549 -30.50 4.64 6.86
C ASP A 3549 -30.37 3.18 7.29
N LEU A 3550 -31.19 2.32 6.70
CA LEU A 3550 -31.32 0.96 7.18
C LEU A 3550 -31.09 -0.06 6.06
N VAL A 3551 -29.85 -0.53 5.95
CA VAL A 3551 -29.50 -1.59 5.01
C VAL A 3551 -29.90 -2.92 5.63
N ALA A 3552 -30.51 -3.79 4.82
CA ALA A 3552 -31.10 -5.03 5.33
C ALA A 3552 -30.07 -6.17 5.29
N GLN A 3553 -30.11 -7.02 6.32
CA GLN A 3553 -29.32 -8.25 6.39
C GLN A 3553 -30.31 -9.38 6.62
N GLY A 3554 -30.93 -9.86 5.55
CA GLY A 3554 -31.99 -10.84 5.68
C GLY A 3554 -33.25 -10.23 6.27
N PRO A 3555 -33.60 -10.62 7.50
CA PRO A 3555 -34.82 -10.05 8.09
C PRO A 3555 -34.61 -8.76 8.85
N ARG A 3556 -33.39 -8.48 9.30
CA ARG A 3556 -33.15 -7.30 10.13
C ARG A 3556 -32.65 -6.12 9.31
N TYR A 3557 -32.20 -5.10 10.01
CA TYR A 3557 -31.70 -3.88 9.41
C TYR A 3557 -30.48 -3.41 10.20
N VAL A 3558 -29.50 -2.87 9.51
CA VAL A 3558 -28.35 -2.28 10.18
C VAL A 3558 -28.22 -0.82 9.78
N VAL A 3559 -27.56 -0.05 10.64
CA VAL A 3559 -27.46 1.39 10.50
C VAL A 3559 -26.02 1.78 10.82
N GLN A 3560 -25.55 2.84 10.17
CA GLN A 3560 -24.15 3.25 10.26
C GLN A 3560 -23.94 4.20 11.43
N ILE A 3561 -22.98 3.87 12.30
CA ILE A 3561 -22.52 4.77 13.35
C ILE A 3561 -21.00 4.82 13.23
N GLY A 3562 -20.49 5.82 12.51
CA GLY A 3562 -19.06 5.94 12.36
C GLY A 3562 -18.49 4.86 11.47
N ASP A 3563 -17.80 3.91 12.09
CA ASP A 3563 -17.18 2.83 11.33
C ASP A 3563 -17.89 1.51 11.54
N LYS A 3564 -18.58 1.35 12.66
CA LYS A 3564 -19.19 0.06 12.98
C LYS A 3564 -20.43 -0.19 12.13
N ILE A 3565 -20.88 -1.43 12.13
CA ILE A 3565 -22.15 -1.82 11.53
C ILE A 3565 -22.99 -2.43 12.64
N ILE A 3566 -24.14 -1.82 12.92
CA ILE A 3566 -24.87 -2.07 14.16
C ILE A 3566 -26.34 -2.33 13.85
N ASP A 3567 -26.88 -3.37 14.50
CA ASP A 3567 -28.28 -3.76 14.32
C ASP A 3567 -29.22 -2.74 14.94
N TYR A 3568 -30.18 -2.27 14.14
CA TYR A 3568 -31.15 -1.28 14.56
C TYR A 3568 -32.33 -1.98 15.20
N ASN A 3569 -32.35 -2.01 16.53
CA ASN A 3569 -33.42 -2.64 17.28
C ASN A 3569 -34.70 -1.84 17.09
N GLU A 3570 -35.85 -2.51 17.05
CA GLU A 3570 -37.11 -1.84 16.77
C GLU A 3570 -37.62 -1.04 17.95
N GLU A 3571 -37.04 -1.20 19.13
CA GLU A 3571 -37.47 -0.44 20.30
C GLU A 3571 -36.61 0.78 20.55
N PHE A 3572 -36.21 1.48 19.50
CA PHE A 3572 -35.27 2.58 19.64
C PHE A 3572 -36.00 3.91 19.67
N ARG A 3573 -35.88 4.62 20.80
CA ARG A 3573 -36.51 5.91 21.01
C ARG A 3573 -35.48 6.87 21.59
N LEU A 3574 -35.31 8.02 20.93
CA LEU A 3574 -34.22 8.92 21.27
C LEU A 3574 -34.75 10.32 21.52
N PHE A 3575 -34.45 10.83 22.71
CA PHE A 3575 -34.77 12.18 23.14
C PHE A 3575 -33.47 12.86 23.53
N LEU A 3576 -33.44 14.19 23.50
CA LEU A 3576 -32.22 14.89 23.90
C LEU A 3576 -32.54 16.32 24.32
N SER A 3577 -31.89 16.75 25.41
CA SER A 3577 -32.17 18.01 26.07
C SER A 3577 -31.14 19.05 25.68
N THR A 3578 -31.43 20.31 26.02
CA THR A 3578 -30.61 21.45 25.60
C THR A 3578 -30.78 22.54 26.65
N ARG A 3579 -29.67 23.25 26.94
CA ARG A 3579 -29.68 24.26 28.01
C ARG A 3579 -29.57 25.69 27.48
N ASN A 3580 -29.63 25.89 26.21
CA ASN A 3580 -29.48 27.24 25.69
C ASN A 3580 -30.19 27.33 24.35
N PRO A 3581 -31.20 28.22 24.19
CA PRO A 3581 -32.00 28.25 22.94
C PRO A 3581 -31.20 28.50 21.69
N ASN A 3582 -30.15 29.29 21.83
CA ASN A 3582 -29.15 29.35 20.80
C ASN A 3582 -27.79 29.26 21.46
N PRO A 3583 -26.94 28.27 21.10
CA PRO A 3583 -26.74 27.24 20.06
C PRO A 3583 -27.79 26.11 19.93
N PHE A 3584 -27.82 25.23 18.89
CA PHE A 3584 -27.18 25.30 17.55
C PHE A 3584 -27.91 24.43 16.52
N ILE A 3585 -28.57 25.04 15.54
CA ILE A 3585 -29.05 24.26 14.40
C ILE A 3585 -28.61 24.92 13.10
N PRO A 3586 -28.13 24.14 12.13
CA PRO A 3586 -28.05 24.61 10.76
C PRO A 3586 -29.41 24.52 10.11
N PRO A 3587 -29.58 25.02 8.88
CA PRO A 3587 -30.86 24.77 8.20
C PRO A 3587 -30.94 23.42 7.52
N ASP A 3588 -30.04 22.48 7.85
CA ASP A 3588 -30.12 21.13 7.30
C ASP A 3588 -30.56 20.14 8.37
N ALA A 3589 -30.09 20.33 9.60
CA ALA A 3589 -30.51 19.46 10.69
C ALA A 3589 -31.68 20.04 11.47
N ALA A 3590 -32.51 20.83 10.82
CA ALA A 3590 -33.71 21.36 11.48
C ALA A 3590 -34.96 21.00 10.70
N SER A 3591 -34.78 20.46 9.50
CA SER A 3591 -35.93 19.99 8.73
C SER A 3591 -36.22 18.52 9.03
N ILE A 3592 -35.42 17.89 9.87
CA ILE A 3592 -35.70 16.53 10.32
C ILE A 3592 -35.94 16.47 11.82
N VAL A 3593 -35.56 17.50 12.56
CA VAL A 3593 -35.68 17.50 14.02
C VAL A 3593 -36.68 18.56 14.44
N THR A 3594 -37.72 18.14 15.15
CA THR A 3594 -38.78 19.05 15.58
C THR A 3594 -38.42 19.60 16.95
N GLU A 3595 -38.54 20.91 17.08
CA GLU A 3595 -37.91 21.70 18.12
C GLU A 3595 -38.96 22.23 19.08
N VAL A 3596 -38.72 22.06 20.39
CA VAL A 3596 -39.67 22.44 21.43
C VAL A 3596 -38.99 23.35 22.43
N ASN A 3597 -39.58 24.52 22.66
CA ASN A 3597 -38.99 25.54 23.51
C ASN A 3597 -39.83 25.76 24.77
N PHE A 3598 -39.42 25.12 25.86
CA PHE A 3598 -39.85 25.47 27.20
C PHE A 3598 -39.48 26.94 27.43
N THR A 3599 -40.47 27.75 27.78
CA THR A 3599 -40.26 29.18 27.97
C THR A 3599 -41.11 29.66 29.14
N THR A 3600 -40.63 30.65 29.87
CA THR A 3600 -41.44 31.29 30.90
C THR A 3600 -42.24 32.40 30.25
N THR A 3601 -43.56 32.33 30.38
CA THR A 3601 -44.45 33.33 29.79
C THR A 3601 -45.18 34.08 30.89
N ARG A 3602 -46.08 34.96 30.47
CA ARG A 3602 -46.67 35.93 31.38
C ARG A 3602 -47.62 35.28 32.37
N SER A 3603 -48.60 34.54 31.87
CA SER A 3603 -49.67 33.97 32.68
C SER A 3603 -49.17 32.87 33.61
N GLY A 3604 -48.06 32.25 33.25
CA GLY A 3604 -47.50 31.23 34.12
C GLY A 3604 -46.73 31.84 35.27
N LEU A 3605 -45.93 32.85 34.93
CA LEU A 3605 -45.09 33.52 35.93
C LEU A 3605 -45.95 34.25 36.94
N ARG A 3606 -47.10 34.77 36.49
CA ARG A 3606 -48.07 35.38 37.40
C ARG A 3606 -48.51 34.41 38.49
N GLY A 3607 -48.93 33.22 38.08
CA GLY A 3607 -49.36 32.22 39.04
C GLY A 3607 -48.24 31.71 39.91
N GLN A 3608 -47.02 31.65 39.36
CA GLN A 3608 -45.86 31.25 40.15
C GLN A 3608 -45.62 32.22 41.29
N LEU A 3609 -45.55 33.52 40.99
CA LEU A 3609 -45.32 34.50 42.05
C LEU A 3609 -46.52 34.61 42.98
N LEU A 3610 -47.72 34.32 42.47
CA LEU A 3610 -48.90 34.32 43.33
C LEU A 3610 -48.83 33.21 44.36
N ALA A 3611 -48.35 32.04 43.95
CA ALA A 3611 -48.19 30.92 44.87
C ALA A 3611 -47.08 31.19 45.87
N LEU A 3612 -46.01 31.85 45.44
CA LEU A 3612 -44.96 32.24 46.37
C LEU A 3612 -45.46 33.21 47.42
N THR A 3613 -46.27 34.20 47.00
CA THR A 3613 -46.82 35.15 47.95
C THR A 3613 -47.82 34.49 48.91
N ILE A 3614 -48.61 33.53 48.41
CA ILE A 3614 -49.52 32.81 49.29
C ILE A 3614 -48.75 31.97 50.31
N GLN A 3615 -47.67 31.35 49.87
CA GLN A 3615 -46.85 30.57 50.80
C GLN A 3615 -46.09 31.45 51.78
N HIS A 3616 -45.87 32.72 51.44
CA HIS A 3616 -45.11 33.56 52.36
C HIS A 3616 -46.01 34.47 53.19
N GLU A 3617 -47.31 34.52 52.87
CA GLU A 3617 -48.25 35.23 53.74
C GLU A 3617 -48.56 34.40 54.97
N LYS A 3618 -49.15 33.22 54.79
CA LYS A 3618 -49.47 32.36 55.91
C LYS A 3618 -49.39 30.92 55.42
N PRO A 3619 -48.75 30.03 56.19
CA PRO A 3619 -48.57 28.65 55.72
C PRO A 3619 -49.84 27.82 55.78
N ASP A 3620 -50.82 28.22 56.59
CA ASP A 3620 -52.03 27.42 56.76
C ASP A 3620 -52.90 27.45 55.51
N LEU A 3621 -53.03 28.61 54.89
CA LEU A 3621 -53.80 28.71 53.65
C LEU A 3621 -53.12 27.95 52.52
N GLU A 3622 -51.78 27.92 52.54
CA GLU A 3622 -51.03 27.17 51.53
C GLU A 3622 -51.23 25.67 51.69
N GLU A 3623 -51.12 25.18 52.94
CA GLU A 3623 -51.32 23.76 53.20
C GLU A 3623 -52.75 23.33 52.91
N GLN A 3624 -53.71 24.22 53.17
CA GLN A 3624 -55.11 23.91 52.90
C GLN A 3624 -55.37 23.84 51.40
N LYS A 3625 -54.85 24.81 50.64
CA LYS A 3625 -55.08 24.83 49.20
C LYS A 3625 -54.31 23.72 48.50
N THR A 3626 -53.26 23.21 49.15
CA THR A 3626 -52.57 22.05 48.61
C THR A 3626 -53.35 20.77 48.86
N LYS A 3627 -53.78 20.56 50.12
CA LYS A 3627 -54.43 19.31 50.48
C LYS A 3627 -55.79 19.17 49.83
N LEU A 3628 -56.53 20.27 49.70
CA LEU A 3628 -57.85 20.23 49.07
C LEU A 3628 -57.74 19.89 47.58
N LEU A 3629 -56.76 20.47 46.89
CA LEU A 3629 -56.57 20.18 45.47
C LEU A 3629 -56.09 18.76 45.24
N GLN A 3630 -55.20 18.26 46.10
CA GLN A 3630 -54.73 16.88 45.96
C GLN A 3630 -55.84 15.87 46.22
N GLN A 3631 -56.67 16.12 47.24
CA GLN A 3631 -57.80 15.25 47.50
C GLN A 3631 -58.85 15.33 46.41
N GLU A 3632 -59.04 16.52 45.81
CA GLU A 3632 -59.96 16.65 44.69
C GLU A 3632 -59.48 15.89 43.46
N GLU A 3633 -58.17 15.91 43.20
CA GLU A 3633 -57.63 15.17 42.07
C GLU A 3633 -57.72 13.66 42.29
N ASP A 3634 -57.39 13.20 43.51
CA ASP A 3634 -57.49 11.78 43.81
C ASP A 3634 -58.93 11.30 43.76
N LYS A 3635 -59.87 12.14 44.18
CA LYS A 3635 -61.28 11.80 44.09
C LYS A 3635 -61.75 11.76 42.65
N LYS A 3636 -61.23 12.65 41.79
CA LYS A 3636 -61.60 12.63 40.38
C LYS A 3636 -61.09 11.35 39.69
N ILE A 3637 -59.86 10.95 40.02
CA ILE A 3637 -59.29 9.73 39.44
C ILE A 3637 -60.05 8.49 39.92
N GLN A 3638 -60.39 8.45 41.22
CA GLN A 3638 -61.13 7.31 41.73
C GLN A 3638 -62.57 7.30 41.22
N LEU A 3639 -63.14 8.46 40.92
CA LEU A 3639 -64.48 8.51 40.35
C LEU A 3639 -64.48 8.00 38.93
N ALA A 3640 -63.43 8.33 38.16
CA ALA A 3640 -63.28 7.76 36.83
C ALA A 3640 -63.06 6.25 36.88
N LYS A 3641 -62.31 5.78 37.90
CA LYS A 3641 -62.11 4.35 38.07
C LYS A 3641 -63.40 3.62 38.43
N LEU A 3642 -64.24 4.23 39.28
CA LEU A 3642 -65.49 3.59 39.67
C LEU A 3642 -66.50 3.62 38.53
N GLU A 3643 -66.49 4.68 37.72
CA GLU A 3643 -67.34 4.71 36.53
C GLU A 3643 -66.73 3.95 35.36
N GLU A 3644 -65.52 3.40 35.53
CA GLU A 3644 -64.91 2.60 34.48
C GLU A 3644 -65.41 1.15 34.51
N SER A 3645 -66.27 0.81 35.46
CA SER A 3645 -66.84 -0.54 35.47
C SER A 3645 -68.25 -0.54 34.88
N LEU A 3646 -68.68 0.60 34.32
CA LEU A 3646 -70.03 0.72 33.79
C LEU A 3646 -70.16 -0.01 32.46
N LEU A 3647 -69.05 -0.15 31.73
CA LEU A 3647 -69.07 -0.98 30.52
C LEU A 3647 -69.15 -2.45 30.88
N GLU A 3648 -68.52 -2.83 32.00
CA GLU A 3648 -68.58 -4.21 32.46
C GLU A 3648 -69.98 -4.56 32.95
N THR A 3649 -70.61 -3.63 33.67
CA THR A 3649 -71.95 -3.86 34.20
C THR A 3649 -73.00 -3.82 33.09
N LEU A 3650 -72.68 -3.20 31.96
CA LEU A 3650 -73.62 -3.18 30.85
C LEU A 3650 -73.45 -4.41 29.96
N ALA A 3651 -72.23 -4.66 29.46
CA ALA A 3651 -72.02 -5.75 28.52
C ALA A 3651 -70.80 -6.58 28.87
N THR A 3652 -70.68 -7.03 30.13
CA THR A 3652 -69.55 -7.88 30.49
C THR A 3652 -69.68 -9.26 29.85
N SER A 3653 -70.92 -9.75 29.73
CA SER A 3653 -71.20 -11.01 29.05
C SER A 3653 -72.41 -10.93 28.14
N GLN A 3654 -73.29 -9.94 28.35
CA GLN A 3654 -74.56 -9.71 27.68
C GLN A 3654 -75.49 -10.92 27.77
N GLY A 3655 -75.66 -11.51 28.95
CA GLY A 3655 -76.53 -12.66 29.11
C GLY A 3655 -76.75 -12.95 30.58
N ASN A 3656 -78.02 -13.23 30.91
CA ASN A 3656 -78.50 -13.48 32.27
C ASN A 3656 -78.16 -12.32 33.21
N ILE A 3657 -78.38 -11.10 32.71
CA ILE A 3657 -78.05 -9.91 33.49
C ILE A 3657 -79.07 -9.71 34.59
N LEU A 3658 -80.29 -10.23 34.41
CA LEU A 3658 -81.28 -10.17 35.47
C LEU A 3658 -81.13 -11.36 36.42
N GLU A 3659 -80.30 -12.34 36.05
CA GLU A 3659 -80.20 -13.57 36.83
C GLU A 3659 -79.05 -13.49 37.83
N ASN A 3660 -77.83 -13.26 37.35
CA ASN A 3660 -76.66 -13.31 38.22
C ASN A 3660 -76.61 -12.09 39.13
N LYS A 3661 -75.72 -12.14 40.12
CA LYS A 3661 -75.61 -11.06 41.10
C LYS A 3661 -74.63 -9.98 40.67
N ASP A 3662 -74.20 -10.01 39.39
CA ASP A 3662 -73.41 -8.92 38.85
C ASP A 3662 -74.22 -7.63 38.81
N LEU A 3663 -75.52 -7.74 38.53
CA LEU A 3663 -76.40 -6.58 38.58
C LEU A 3663 -76.62 -6.14 40.03
N ILE A 3664 -76.48 -7.06 40.98
CA ILE A 3664 -76.56 -6.68 42.38
C ILE A 3664 -75.32 -5.92 42.82
N GLU A 3665 -74.14 -6.35 42.36
CA GLU A 3665 -72.91 -5.63 42.70
C GLU A 3665 -72.83 -4.29 41.94
N SER A 3666 -73.47 -4.22 40.78
CA SER A 3666 -73.54 -2.97 40.03
C SER A 3666 -74.35 -1.91 40.78
N LEU A 3667 -75.36 -2.32 41.55
CA LEU A 3667 -76.12 -1.38 42.35
C LEU A 3667 -75.26 -0.78 43.46
N ASN A 3668 -74.43 -1.60 44.09
CA ASN A 3668 -73.51 -1.11 45.12
C ASN A 3668 -72.45 -0.20 44.52
N GLN A 3669 -71.92 -0.54 43.35
CA GLN A 3669 -70.95 0.33 42.69
C GLN A 3669 -71.55 1.66 42.27
N THR A 3670 -72.77 1.66 41.74
CA THR A 3670 -73.40 2.92 41.35
C THR A 3670 -73.80 3.74 42.57
N LYS A 3671 -74.10 3.08 43.69
CA LYS A 3671 -74.33 3.80 44.94
C LYS A 3671 -73.07 4.49 45.42
N ALA A 3672 -71.92 3.80 45.33
CA ALA A 3672 -70.64 4.42 45.68
C ALA A 3672 -70.31 5.57 44.74
N SER A 3673 -70.67 5.43 43.46
CA SER A 3673 -70.42 6.50 42.49
C SER A 3673 -71.26 7.74 42.78
N SER A 3674 -72.54 7.54 43.12
CA SER A 3674 -73.40 8.67 43.43
C SER A 3674 -72.98 9.35 44.73
N ALA A 3675 -72.51 8.56 45.70
CA ALA A 3675 -72.03 9.11 46.96
C ALA A 3675 -70.78 9.96 46.75
N LEU A 3676 -69.84 9.45 45.95
CA LEU A 3676 -68.63 10.21 45.67
C LEU A 3676 -68.92 11.45 44.83
N ILE A 3677 -69.93 11.38 43.97
CA ILE A 3677 -70.27 12.52 43.10
C ILE A 3677 -70.88 13.65 43.93
N GLN A 3678 -71.82 13.31 44.84
CA GLN A 3678 -72.39 14.32 45.70
C GLN A 3678 -71.35 14.87 46.68
N GLU A 3679 -70.45 14.01 47.16
CA GLU A 3679 -69.39 14.45 48.06
C GLU A 3679 -68.42 15.40 47.36
N SER A 3680 -68.14 15.14 46.08
CA SER A 3680 -67.25 16.01 45.33
C SER A 3680 -67.93 17.32 44.97
N LEU A 3681 -69.24 17.30 44.77
CA LEU A 3681 -69.98 18.55 44.58
C LEU A 3681 -69.92 19.42 45.84
N LYS A 3682 -70.13 18.80 47.00
CA LYS A 3682 -70.05 19.53 48.27
C LYS A 3682 -68.62 20.00 48.54
N GLU A 3683 -67.62 19.21 48.13
CA GLU A 3683 -66.23 19.62 48.35
C GLU A 3683 -65.81 20.75 47.42
N SER A 3684 -66.23 20.71 46.16
CA SER A 3684 -65.91 21.79 45.22
C SER A 3684 -66.67 23.06 45.57
N TYR A 3685 -67.80 22.93 46.28
CA TYR A 3685 -68.42 24.12 46.85
C TYR A 3685 -67.68 24.57 48.11
N LYS A 3686 -67.09 23.63 48.86
CA LYS A 3686 -66.48 23.98 50.14
C LYS A 3686 -65.00 24.33 49.99
N LEU A 3687 -64.57 24.67 48.77
CA LEU A 3687 -63.18 25.06 48.58
C LEU A 3687 -63.07 26.34 47.76
N GLN A 3688 -64.10 26.65 46.97
CA GLN A 3688 -64.05 27.74 46.01
C GLN A 3688 -63.89 29.11 46.67
N ILE A 3689 -64.89 29.52 47.45
CA ILE A 3689 -64.80 30.83 48.10
C ILE A 3689 -63.87 30.76 49.31
N SER A 3690 -63.61 29.55 49.81
CA SER A 3690 -62.67 29.40 50.92
C SER A 3690 -61.23 29.57 50.44
N LEU A 3691 -60.99 29.39 49.14
CA LEU A 3691 -59.66 29.63 48.60
C LEU A 3691 -59.56 30.98 47.91
N ASP A 3692 -60.67 31.49 47.39
CA ASP A 3692 -60.62 32.74 46.63
C ASP A 3692 -60.32 33.93 47.53
N GLN A 3693 -60.89 33.95 48.73
CA GLN A 3693 -60.72 35.10 49.60
C GLN A 3693 -59.40 35.04 50.36
N GLU A 3694 -58.75 33.88 50.35
CA GLU A 3694 -57.45 33.77 51.01
C GLU A 3694 -56.33 33.68 49.99
N ARG A 3695 -56.68 33.62 48.70
CA ARG A 3695 -55.68 33.58 47.65
C ARG A 3695 -55.64 34.88 46.86
N ASP A 3696 -56.77 35.60 46.80
CA ASP A 3696 -56.82 36.81 46.01
C ASP A 3696 -56.29 38.04 46.75
N ALA A 3697 -55.60 37.84 47.87
CA ALA A 3697 -55.04 38.96 48.61
C ALA A 3697 -53.57 39.13 48.30
N TYR A 3698 -53.13 38.68 47.12
CA TYR A 3698 -51.74 38.85 46.75
C TYR A 3698 -51.55 39.22 45.28
N LEU A 3699 -52.57 39.08 44.45
CA LEU A 3699 -52.36 39.24 43.01
C LEU A 3699 -52.06 40.67 42.51
N PRO A 3700 -52.48 41.78 43.15
CA PRO A 3700 -51.92 43.07 42.72
C PRO A 3700 -50.45 43.25 43.03
N LEU A 3701 -49.84 42.37 43.82
CA LEU A 3701 -48.38 42.35 43.92
C LEU A 3701 -47.78 41.60 42.75
N ALA A 3702 -48.33 40.41 42.46
CA ALA A 3702 -47.74 39.52 41.47
C ALA A 3702 -47.92 40.03 40.06
N GLU A 3703 -48.95 40.86 39.83
CA GLU A 3703 -49.17 41.44 38.50
C GLU A 3703 -48.02 42.36 38.09
N SER A 3704 -47.70 43.34 38.93
CA SER A 3704 -46.60 44.21 38.58
C SER A 3704 -45.25 43.54 38.77
N ALA A 3705 -45.15 42.53 39.65
CA ALA A 3705 -43.90 41.77 39.74
C ALA A 3705 -43.68 40.92 38.48
N SER A 3706 -44.74 40.55 37.79
CA SER A 3706 -44.59 39.92 36.49
C SER A 3706 -44.34 40.95 35.39
N LYS A 3707 -44.71 42.21 35.64
CA LYS A 3707 -44.36 43.25 34.68
C LYS A 3707 -42.86 43.54 34.68
N MET A 3708 -42.26 43.57 35.88
CA MET A 3708 -40.88 44.07 36.01
C MET A 3708 -39.86 43.15 35.35
N TYR A 3709 -40.10 41.85 35.37
CA TYR A 3709 -39.14 40.92 34.75
C TYR A 3709 -39.13 41.08 33.23
N PHE A 3710 -40.29 41.26 32.63
CA PHE A 3710 -40.31 41.46 31.19
C PHE A 3710 -39.89 42.86 30.81
N ILE A 3711 -39.89 43.80 31.75
CA ILE A 3711 -39.19 45.07 31.55
C ILE A 3711 -37.69 44.81 31.44
N ILE A 3712 -37.11 44.14 32.43
CA ILE A 3712 -35.65 44.03 32.47
C ILE A 3712 -35.12 42.92 31.56
N SER A 3713 -36.00 42.22 30.85
CA SER A 3713 -35.53 41.23 29.89
C SER A 3713 -34.92 41.86 28.65
N ASP A 3714 -35.48 43.00 28.19
CA ASP A 3714 -35.05 43.54 26.91
C ASP A 3714 -33.88 44.49 27.03
N LEU A 3715 -33.06 44.32 28.07
CA LEU A 3715 -31.97 45.26 28.28
C LEU A 3715 -30.73 44.81 27.52
N SER A 3716 -30.72 43.58 27.01
CA SER A 3716 -29.54 43.07 26.32
C SER A 3716 -29.47 43.57 24.89
N LYS A 3717 -30.56 44.10 24.34
CA LYS A 3717 -30.60 44.31 22.90
C LYS A 3717 -29.99 45.64 22.50
N ILE A 3718 -29.36 46.36 23.43
CA ILE A 3718 -28.54 47.50 23.04
C ILE A 3718 -27.08 47.26 23.40
N ASN A 3719 -26.82 46.64 24.55
CA ASN A 3719 -25.46 46.34 24.96
C ASN A 3719 -25.44 44.90 25.41
N ASN A 3720 -24.45 44.17 24.93
CA ASN A 3720 -24.34 42.78 25.33
C ASN A 3720 -23.76 42.73 26.74
N MET A 3721 -23.89 41.56 27.35
CA MET A 3721 -23.71 41.26 28.77
C MET A 3721 -24.73 41.96 29.67
N TYR A 3722 -25.80 42.49 29.10
CA TYR A 3722 -26.99 42.86 29.86
C TYR A 3722 -28.02 41.73 29.81
N ARG A 3723 -27.56 40.54 30.16
CA ARG A 3723 -28.36 39.33 30.14
C ARG A 3723 -28.61 38.88 31.57
N PHE A 3724 -29.88 38.80 31.96
CA PHE A 3724 -30.27 38.61 33.34
C PHE A 3724 -31.02 37.29 33.51
N SER A 3725 -30.77 36.62 34.62
CA SER A 3725 -31.33 35.30 34.84
C SER A 3725 -32.71 35.38 35.43
N LEU A 3726 -33.19 34.25 35.94
CA LEU A 3726 -34.48 34.22 36.61
C LEU A 3726 -34.34 33.64 38.00
N ALA A 3727 -33.32 32.80 38.21
CA ALA A 3727 -33.08 32.24 39.54
C ALA A 3727 -32.64 33.32 40.52
N ALA A 3728 -31.81 34.25 40.07
CA ALA A 3728 -31.44 35.37 40.92
C ALA A 3728 -32.61 36.33 41.11
N PHE A 3729 -33.52 36.39 40.12
CA PHE A 3729 -34.70 37.23 40.26
C PHE A 3729 -35.63 36.69 41.32
N LEU A 3730 -35.78 35.37 41.37
CA LEU A 3730 -36.60 34.78 42.43
C LEU A 3730 -35.88 34.82 43.76
N ARG A 3731 -34.54 34.87 43.73
CA ARG A 3731 -33.80 35.13 44.96
C ARG A 3731 -34.07 36.53 45.49
N LEU A 3732 -34.18 37.53 44.59
CA LEU A 3732 -34.61 38.87 44.98
C LEU A 3732 -36.02 38.89 45.54
N PHE A 3733 -36.91 38.12 44.92
CA PHE A 3733 -38.29 38.09 45.38
C PHE A 3733 -38.39 37.42 46.75
N GLN A 3734 -37.44 36.52 47.05
CA GLN A 3734 -37.32 36.01 48.41
C GLN A 3734 -36.80 37.09 49.36
N ARG A 3735 -35.81 37.87 48.91
CA ARG A 3735 -35.24 38.93 49.73
C ARG A 3735 -36.24 40.03 50.06
N ALA A 3736 -37.27 40.19 49.22
CA ALA A 3736 -38.31 41.18 49.50
C ALA A 3736 -39.12 40.83 50.74
N LEU A 3737 -39.44 39.55 50.92
CA LEU A 3737 -40.08 39.12 52.16
C LEU A 3737 -39.09 39.16 53.31
N GLN A 3738 -37.94 38.51 53.14
CA GLN A 3738 -37.09 38.13 54.29
C GLN A 3738 -36.51 39.33 55.03
N ASN A 3739 -36.53 40.50 54.40
CA ASN A 3739 -36.01 41.72 55.00
C ASN A 3739 -37.10 42.70 55.37
N LYS A 3740 -38.36 42.39 55.07
CA LYS A 3740 -39.42 43.38 55.21
C LYS A 3740 -39.84 43.55 56.67
N GLN A 3741 -40.42 42.49 57.26
CA GLN A 3741 -41.03 42.48 58.59
C GLN A 3741 -42.03 43.61 58.78
N ASP A 3742 -43.02 43.71 57.91
CA ASP A 3742 -43.99 44.80 57.91
C ASP A 3742 -45.30 44.34 58.54
N SER A 3743 -45.62 44.91 59.70
CA SER A 3743 -46.81 44.53 60.47
C SER A 3743 -47.82 45.68 60.41
N GLU A 3744 -48.82 45.55 59.53
CA GLU A 3744 -49.84 46.56 59.33
C GLU A 3744 -51.14 45.85 58.98
N ASN A 3745 -52.06 46.62 58.40
CA ASN A 3745 -53.06 46.02 57.54
C ASN A 3745 -52.35 45.38 56.35
N THR A 3746 -52.89 44.25 55.89
CA THR A 3746 -52.30 43.59 54.72
C THR A 3746 -52.54 44.41 53.46
N GLU A 3747 -53.71 45.06 53.36
CA GLU A 3747 -53.97 45.94 52.23
C GLU A 3747 -53.15 47.21 52.33
N GLN A 3748 -52.69 47.56 53.53
CA GLN A 3748 -51.65 48.56 53.66
C GLN A 3748 -50.26 47.97 53.49
N ARG A 3749 -50.15 46.63 53.48
CA ARG A 3749 -48.83 46.01 53.35
C ARG A 3749 -48.48 45.78 51.87
N ILE A 3750 -49.48 45.67 51.01
CA ILE A 3750 -49.25 45.33 49.60
C ILE A 3750 -48.57 46.48 48.86
N GLN A 3751 -48.97 47.72 49.13
CA GLN A 3751 -48.28 48.84 48.52
C GLN A 3751 -46.90 49.04 49.15
N SER A 3752 -46.76 48.69 50.43
CA SER A 3752 -45.45 48.74 51.08
C SER A 3752 -44.47 47.75 50.46
N LEU A 3753 -44.93 46.56 50.11
CA LEU A 3753 -44.03 45.56 49.57
C LEU A 3753 -43.70 45.84 48.11
N ILE A 3754 -44.65 46.33 47.32
CA ILE A 3754 -44.30 46.72 45.95
C ILE A 3754 -43.36 47.92 45.95
N SER A 3755 -43.51 48.80 46.95
CA SER A 3755 -42.62 49.95 47.06
C SER A 3755 -41.21 49.52 47.47
N SER A 3756 -41.11 48.62 48.44
CA SER A 3756 -39.77 48.19 48.88
C SER A 3756 -39.22 47.10 47.98
N LEU A 3757 -39.95 46.72 46.92
CA LEU A 3757 -39.37 45.82 45.94
C LEU A 3757 -38.82 46.59 44.73
N GLN A 3758 -39.48 47.71 44.37
CA GLN A 3758 -38.94 48.52 43.26
C GLN A 3758 -37.57 49.08 43.58
N HIS A 3759 -37.32 49.45 44.84
CA HIS A 3759 -36.01 49.94 45.24
C HIS A 3759 -34.94 48.86 45.08
N MET A 3760 -35.23 47.64 45.50
CA MET A 3760 -34.22 46.59 45.42
C MET A 3760 -33.97 46.17 43.99
N VAL A 3761 -35.00 46.16 43.15
CA VAL A 3761 -34.81 45.87 41.72
C VAL A 3761 -33.93 46.93 41.07
N TYR A 3762 -34.22 48.21 41.34
CA TYR A 3762 -33.47 49.28 40.71
C TYR A 3762 -32.02 49.29 41.16
N GLU A 3763 -31.77 49.03 42.45
CA GLU A 3763 -30.40 49.00 42.91
C GLU A 3763 -29.64 47.79 42.38
N TYR A 3764 -30.31 46.64 42.26
CA TYR A 3764 -29.64 45.44 41.76
C TYR A 3764 -29.29 45.57 40.28
N ILE A 3765 -30.10 46.30 39.51
CA ILE A 3765 -29.78 46.43 38.10
C ILE A 3765 -28.76 47.53 37.88
N CYS A 3766 -28.82 48.61 38.67
CA CYS A 3766 -27.80 49.63 38.48
C CYS A 3766 -26.48 49.32 39.17
N ARG A 3767 -26.37 48.18 39.88
CA ARG A 3767 -25.04 47.65 40.17
C ARG A 3767 -24.29 47.31 38.88
N CYS A 3768 -25.02 46.84 37.88
CA CYS A 3768 -24.41 46.25 36.69
C CYS A 3768 -24.14 47.26 35.59
N LEU A 3769 -24.96 48.29 35.47
CA LEU A 3769 -25.03 49.06 34.24
C LEU A 3769 -23.85 49.99 34.03
N PHE A 3770 -23.72 50.48 32.80
CA PHE A 3770 -22.72 51.46 32.42
C PHE A 3770 -23.24 52.85 32.73
N LYS A 3771 -22.32 53.81 32.96
CA LYS A 3771 -22.71 55.11 33.50
C LYS A 3771 -23.49 55.96 32.51
N ALA A 3772 -23.41 55.63 31.22
CA ALA A 3772 -24.19 56.40 30.24
C ALA A 3772 -25.49 55.71 29.91
N ASP A 3773 -25.96 54.81 30.79
CA ASP A 3773 -27.12 54.00 30.46
C ASP A 3773 -28.19 54.04 31.54
N GLN A 3774 -27.89 54.70 32.67
CA GLN A 3774 -28.82 54.68 33.78
C GLN A 3774 -30.06 55.51 33.50
N LEU A 3775 -29.93 56.54 32.67
CA LEU A 3775 -31.10 57.33 32.32
C LEU A 3775 -32.01 56.57 31.37
N MET A 3776 -31.40 55.79 30.45
CA MET A 3776 -32.13 54.86 29.60
C MET A 3776 -32.94 53.88 30.41
N PHE A 3777 -32.26 53.26 31.38
CA PHE A 3777 -32.91 52.26 32.21
C PHE A 3777 -34.02 52.84 33.05
N ALA A 3778 -33.80 54.06 33.57
CA ALA A 3778 -34.81 54.72 34.39
C ALA A 3778 -36.05 55.04 33.58
N LEU A 3779 -35.88 55.61 32.39
CA LEU A 3779 -37.05 56.01 31.59
C LEU A 3779 -37.79 54.80 31.04
N HIS A 3780 -37.07 53.76 30.63
CA HIS A 3780 -37.76 52.57 30.15
C HIS A 3780 -38.46 51.84 31.29
N PHE A 3781 -37.90 51.93 32.50
CA PHE A 3781 -38.52 51.33 33.67
C PHE A 3781 -39.81 52.05 34.05
N VAL A 3782 -39.80 53.39 33.95
CA VAL A 3782 -41.00 54.17 34.26
C VAL A 3782 -42.06 53.95 33.20
N ARG A 3783 -41.65 53.81 31.93
CA ARG A 3783 -42.62 53.46 30.89
C ARG A 3783 -43.18 52.06 31.10
N GLY A 3784 -42.38 51.19 31.72
CA GLY A 3784 -42.86 49.84 31.97
C GLY A 3784 -43.84 49.73 33.12
N MET A 3785 -43.63 50.48 34.20
CA MET A 3785 -44.49 50.31 35.36
C MET A 3785 -45.82 51.05 35.22
N HIS A 3786 -45.78 52.30 34.79
CA HIS A 3786 -47.02 53.06 34.79
C HIS A 3786 -47.32 53.62 33.41
N PRO A 3787 -47.91 52.84 32.51
CA PRO A 3787 -48.13 53.29 31.13
C PRO A 3787 -49.30 54.23 30.92
N GLU A 3788 -49.87 54.79 32.00
CA GLU A 3788 -51.07 55.61 31.85
C GLU A 3788 -50.72 57.10 31.97
N LEU A 3789 -49.55 57.41 32.52
CA LEU A 3789 -49.25 58.81 32.81
C LEU A 3789 -48.67 59.53 31.59
N PHE A 3790 -48.36 58.80 30.54
CA PHE A 3790 -48.15 59.42 29.23
C PHE A 3790 -49.10 58.78 28.23
N GLN A 3791 -49.96 59.62 27.68
CA GLN A 3791 -51.30 59.15 27.31
C GLN A 3791 -51.31 58.43 25.98
N GLU A 3792 -51.09 59.17 24.87
CA GLU A 3792 -51.20 58.61 23.51
C GLU A 3792 -50.65 59.63 22.51
N ASN A 3793 -49.96 59.10 21.49
CA ASN A 3793 -49.25 59.84 20.45
C ASN A 3793 -48.27 60.83 21.07
N GLU A 3794 -47.56 60.41 22.12
CA GLU A 3794 -46.68 61.32 22.84
C GLU A 3794 -45.25 60.84 22.82
N TRP A 3795 -45.05 59.53 23.03
CA TRP A 3795 -43.70 58.98 23.14
C TRP A 3795 -43.00 58.94 21.79
N ASP A 3796 -43.77 58.78 20.70
CA ASP A 3796 -43.14 58.70 19.38
C ASP A 3796 -42.67 60.07 18.91
N THR A 3797 -43.50 61.11 19.09
CA THR A 3797 -43.06 62.45 18.78
C THR A 3797 -42.03 62.94 19.79
N PHE A 3798 -42.02 62.34 20.98
CA PHE A 3798 -40.97 62.59 21.95
C PHE A 3798 -39.63 62.08 21.42
N THR A 3799 -39.60 60.86 20.89
CA THR A 3799 -38.34 60.32 20.39
C THR A 3799 -38.16 60.58 18.90
N GLY A 3800 -38.92 61.52 18.34
CA GLY A 3800 -38.76 61.91 16.95
C GLY A 3800 -39.35 60.95 15.94
N VAL A 3801 -40.00 59.88 16.37
CA VAL A 3801 -40.58 58.92 15.44
C VAL A 3801 -41.94 59.40 14.97
N ASP A 3818 -42.93 79.43 10.58
CA ASP A 3818 -43.92 79.72 11.59
C ASP A 3818 -44.01 81.21 11.87
N GLN A 3819 -44.86 81.91 11.11
CA GLN A 3819 -44.96 83.35 11.25
C GLN A 3819 -45.76 83.77 12.47
N LEU A 3820 -46.42 82.83 13.16
CA LEU A 3820 -47.19 83.21 14.35
C LEU A 3820 -46.31 83.42 15.59
N PRO A 3821 -45.33 82.52 15.95
CA PRO A 3821 -44.41 82.93 17.02
C PRO A 3821 -43.34 83.88 16.51
N SER A 3822 -42.92 84.83 17.34
CA SER A 3822 -42.02 85.88 16.90
C SER A 3822 -40.84 86.08 17.83
N TRP A 3823 -40.97 85.76 19.12
CA TRP A 3823 -39.90 86.06 20.05
C TRP A 3823 -38.90 84.91 20.18
N ILE A 3824 -39.04 83.87 19.34
CA ILE A 3824 -38.21 82.68 19.47
C ILE A 3824 -37.22 82.59 18.31
N ASP A 3825 -36.30 81.64 18.41
CA ASP A 3825 -35.34 81.39 17.34
C ASP A 3825 -35.91 80.44 16.31
N GLN A 3826 -35.28 80.40 15.14
CA GLN A 3826 -35.67 79.46 14.09
C GLN A 3826 -35.45 78.02 14.53
N GLU A 3827 -34.38 77.80 15.29
CA GLU A 3827 -34.01 76.46 15.74
C GLU A 3827 -35.07 75.86 16.64
N ARG A 3828 -35.71 76.70 17.47
CA ARG A 3828 -36.85 76.23 18.23
C ARG A 3828 -38.13 76.33 17.42
N SER A 3829 -38.14 77.17 16.37
CA SER A 3829 -39.37 77.38 15.61
C SER A 3829 -39.72 76.18 14.74
N TRP A 3830 -38.71 75.46 14.27
CA TRP A 3830 -38.98 74.25 13.50
C TRP A 3830 -39.59 73.16 14.38
N ALA A 3831 -39.12 73.06 15.63
CA ALA A 3831 -39.74 72.13 16.57
C ALA A 3831 -41.12 72.61 17.03
N VAL A 3832 -41.33 73.93 17.04
CA VAL A 3832 -42.68 74.48 17.24
C VAL A 3832 -43.61 74.03 16.14
N ALA A 3833 -43.15 74.09 14.89
CA ALA A 3833 -43.95 73.62 13.76
C ALA A 3833 -44.23 72.12 13.86
N THR A 3834 -43.24 71.35 14.33
CA THR A 3834 -43.41 69.92 14.56
C THR A 3834 -44.49 69.64 15.61
N LEU A 3835 -44.42 70.36 16.74
CA LEU A 3835 -45.39 70.20 17.81
C LEU A 3835 -46.79 70.63 17.37
N LYS A 3836 -46.86 71.66 16.52
CA LYS A 3836 -48.15 72.19 16.09
C LYS A 3836 -48.83 71.24 15.11
N ILE A 3837 -48.07 70.67 14.18
CA ILE A 3837 -48.66 69.71 13.23
C ILE A 3837 -48.99 68.40 13.94
N ALA A 3838 -48.13 67.99 14.88
CA ALA A 3838 -48.31 66.68 15.51
C ALA A 3838 -49.46 66.68 16.51
N LEU A 3839 -49.36 67.48 17.57
CA LEU A 3839 -50.30 67.44 18.69
C LEU A 3839 -50.95 68.81 18.84
N PRO A 3840 -52.06 69.05 18.14
CA PRO A 3840 -52.71 70.38 18.25
C PRO A 3840 -53.46 70.58 19.56
N SER A 3841 -53.65 69.52 20.35
CA SER A 3841 -54.40 69.63 21.60
C SER A 3841 -53.65 70.47 22.62
N LEU A 3842 -52.38 70.14 22.87
CA LEU A 3842 -51.57 70.93 23.78
C LEU A 3842 -51.26 72.31 23.20
N TYR A 3843 -51.25 72.40 21.87
CA TYR A 3843 -51.13 73.69 21.20
C TYR A 3843 -52.32 74.59 21.53
N GLN A 3844 -53.51 74.01 21.61
CA GLN A 3844 -54.68 74.79 22.02
C GLN A 3844 -54.65 75.09 23.51
N THR A 3845 -54.22 74.14 24.33
CA THR A 3845 -54.29 74.37 25.77
C THR A 3845 -53.17 75.28 26.26
N LEU A 3846 -52.16 75.53 25.43
CA LEU A 3846 -51.00 76.24 25.96
C LEU A 3846 -51.18 77.75 25.86
N CYS A 3847 -51.85 78.24 24.79
CA CYS A 3847 -51.96 79.67 24.47
C CYS A 3847 -50.60 80.33 24.32
N PHE A 3848 -49.89 79.96 23.25
CA PHE A 3848 -48.49 80.36 23.04
C PHE A 3848 -48.28 81.86 22.86
N GLU A 3849 -49.35 82.62 22.65
CA GLU A 3849 -49.19 84.06 22.46
C GLU A 3849 -49.32 84.81 23.77
N ASP A 3850 -48.89 84.18 24.88
CA ASP A 3850 -48.95 84.82 26.18
C ASP A 3850 -48.00 86.01 26.27
N ALA A 3851 -46.69 85.75 26.12
CA ALA A 3851 -45.60 86.73 26.22
C ALA A 3851 -45.57 87.44 27.58
N ALA A 3852 -46.20 86.87 28.59
CA ALA A 3852 -46.14 87.38 29.96
C ALA A 3852 -45.57 86.36 30.93
N LEU A 3853 -46.14 85.15 30.97
CA LEU A 3853 -45.59 84.12 31.82
C LEU A 3853 -44.43 83.40 31.12
N TRP A 3854 -44.54 83.21 29.81
CA TRP A 3854 -43.48 82.47 29.11
C TRP A 3854 -42.24 83.33 28.94
N ARG A 3855 -42.40 84.65 28.96
CA ARG A 3855 -41.25 85.53 29.09
C ARG A 3855 -40.53 85.30 30.41
N THR A 3856 -41.27 85.03 31.49
CA THR A 3856 -40.63 84.75 32.76
C THR A 3856 -39.96 83.39 32.76
N TYR A 3857 -40.65 82.38 32.18
CA TYR A 3857 -40.10 81.02 32.14
C TYR A 3857 -38.87 80.95 31.23
N TYR A 3858 -38.82 81.81 30.22
CA TYR A 3858 -37.75 81.76 29.24
C TYR A 3858 -36.47 82.41 29.78
N ASN A 3859 -36.50 82.88 31.02
CA ASN A 3859 -35.37 83.64 31.53
C ASN A 3859 -34.88 83.16 32.90
N ASN A 3860 -35.48 82.12 33.47
CA ASN A 3860 -35.02 81.65 34.78
C ASN A 3860 -33.80 80.76 34.62
N SER A 3861 -32.91 80.80 35.61
CA SER A 3861 -31.95 79.73 35.78
C SER A 3861 -32.51 78.71 36.76
N MET A 3862 -32.07 77.46 36.62
CA MET A 3862 -32.74 76.29 37.17
C MET A 3862 -34.24 76.33 36.86
N CYS A 3863 -34.54 76.27 35.57
CA CYS A 3863 -35.92 76.48 35.12
C CYS A 3863 -36.73 75.19 35.09
N GLU A 3864 -36.37 74.19 35.90
CA GLU A 3864 -37.18 72.99 35.97
C GLU A 3864 -38.36 73.18 36.92
N GLN A 3865 -38.26 74.16 37.83
CA GLN A 3865 -39.27 74.29 38.86
C GLN A 3865 -40.01 75.62 38.78
N GLU A 3866 -39.66 76.45 37.79
CA GLU A 3866 -40.32 77.73 37.60
C GLU A 3866 -41.47 77.61 36.59
N PHE A 3867 -42.33 76.64 36.82
CA PHE A 3867 -43.45 76.44 35.91
C PHE A 3867 -44.54 77.47 36.21
N PRO A 3868 -45.21 78.00 35.19
CA PRO A 3868 -46.31 78.94 35.44
C PRO A 3868 -47.50 78.25 36.11
N SER A 3869 -47.73 78.62 37.38
CA SER A 3869 -48.60 77.83 38.26
C SER A 3869 -50.07 78.01 37.96
N ILE A 3870 -50.43 78.90 37.04
CA ILE A 3870 -51.79 78.93 36.52
C ILE A 3870 -52.09 77.61 35.81
N LEU A 3871 -51.14 77.12 35.01
CA LEU A 3871 -51.36 75.88 34.29
C LEU A 3871 -50.81 74.68 35.04
N ALA A 3872 -50.76 74.73 36.37
CA ALA A 3872 -50.09 73.67 37.13
C ALA A 3872 -51.02 72.48 37.37
N LYS A 3873 -52.26 72.57 36.89
CA LYS A 3873 -53.18 71.46 37.05
C LYS A 3873 -53.79 71.05 35.71
N LYS A 3874 -53.30 71.63 34.63
CA LYS A 3874 -53.80 71.27 33.31
C LYS A 3874 -52.74 70.57 32.48
N VAL A 3875 -51.53 70.46 33.00
CA VAL A 3875 -50.40 69.87 32.29
C VAL A 3875 -49.80 68.78 33.17
N SER A 3876 -49.66 67.58 32.59
CA SER A 3876 -49.07 66.47 33.33
C SER A 3876 -47.55 66.62 33.39
N LEU A 3877 -46.91 65.66 34.07
CA LEU A 3877 -45.47 65.72 34.24
C LEU A 3877 -44.75 65.45 32.93
N PHE A 3878 -45.32 64.59 32.09
CA PHE A 3878 -44.66 64.25 30.83
C PHE A 3878 -44.84 65.35 29.79
N GLN A 3879 -45.86 66.20 29.96
CA GLN A 3879 -46.08 67.25 28.98
C GLN A 3879 -45.22 68.47 29.27
N GLN A 3880 -44.78 68.63 30.53
CA GLN A 3880 -43.80 69.66 30.85
C GLN A 3880 -42.48 69.40 30.13
N ILE A 3881 -42.09 68.14 29.98
CA ILE A 3881 -40.86 67.83 29.27
C ILE A 3881 -41.03 68.07 27.77
N LEU A 3882 -42.24 67.87 27.24
CA LEU A 3882 -42.54 68.30 25.88
C LEU A 3882 -42.42 69.80 25.73
N VAL A 3883 -42.78 70.56 26.76
CA VAL A 3883 -42.58 72.01 26.73
C VAL A 3883 -41.09 72.34 26.75
N VAL A 3884 -40.34 71.63 27.58
CA VAL A 3884 -38.90 71.90 27.77
C VAL A 3884 -38.12 71.62 26.49
N GLN A 3885 -38.41 70.48 25.83
CA GLN A 3885 -37.69 70.10 24.61
C GLN A 3885 -37.93 71.09 23.48
N VAL A 3886 -39.14 71.62 23.39
CA VAL A 3886 -39.42 72.58 22.33
C VAL A 3886 -38.81 73.94 22.66
N LEU A 3887 -38.92 74.36 23.92
CA LEU A 3887 -38.39 75.68 24.27
C LEU A 3887 -36.87 75.67 24.43
N ARG A 3888 -36.36 74.90 25.38
CA ARG A 3888 -34.98 75.01 25.81
C ARG A 3888 -34.38 73.63 26.08
N PRO A 3889 -33.54 73.13 25.18
CA PRO A 3889 -32.90 71.82 25.44
C PRO A 3889 -31.70 71.91 26.35
N ASP A 3890 -31.50 73.01 27.05
CA ASP A 3890 -30.38 73.12 27.99
C ASP A 3890 -30.82 72.73 29.39
N ARG A 3891 -31.83 71.88 29.49
CA ARG A 3891 -32.46 71.56 30.75
C ARG A 3891 -32.86 70.09 30.84
N LEU A 3892 -32.81 69.37 29.71
CA LEU A 3892 -33.41 68.05 29.58
C LEU A 3892 -32.85 67.01 30.54
N GLN A 3893 -31.56 67.09 30.87
CA GLN A 3893 -30.97 66.07 31.75
C GLN A 3893 -31.55 66.14 33.16
N SER A 3894 -31.59 67.34 33.73
CA SER A 3894 -32.25 67.50 35.01
C SER A 3894 -33.75 67.30 34.92
N ALA A 3895 -34.35 67.59 33.76
CA ALA A 3895 -35.80 67.42 33.60
C ALA A 3895 -36.19 65.95 33.67
N MET A 3896 -35.51 65.11 32.89
CA MET A 3896 -35.64 63.66 32.98
C MET A 3896 -35.32 63.14 34.38
N ALA A 3897 -34.30 63.73 35.02
CA ALA A 3897 -33.88 63.25 36.34
C ALA A 3897 -34.98 63.46 37.38
N LEU A 3898 -35.59 64.65 37.39
CA LEU A 3898 -36.65 64.89 38.36
C LEU A 3898 -37.96 64.20 37.96
N PHE A 3899 -38.17 63.97 36.66
CA PHE A 3899 -39.31 63.17 36.22
C PHE A 3899 -39.23 61.76 36.78
N ALA A 3900 -38.06 61.13 36.63
CA ALA A 3900 -37.87 59.79 37.18
C ALA A 3900 -37.90 59.79 38.70
N CYS A 3901 -37.34 60.82 39.33
CA CYS A 3901 -37.31 60.88 40.79
C CYS A 3901 -38.71 61.11 41.36
N LYS A 3902 -39.60 61.74 40.59
CA LYS A 3902 -40.97 61.90 41.07
C LYS A 3902 -41.78 60.63 40.84
N THR A 3903 -41.61 60.00 39.67
CA THR A 3903 -42.44 58.83 39.38
C THR A 3903 -41.99 57.61 40.16
N LEU A 3904 -40.75 57.57 40.61
CA LEU A 3904 -40.31 56.39 41.34
C LEU A 3904 -39.98 56.69 42.79
N GLY A 3905 -40.00 57.96 43.18
CA GLY A 3905 -39.69 58.32 44.55
C GLY A 3905 -38.24 58.21 44.93
N LEU A 3906 -37.34 58.02 43.97
CA LEU A 3906 -35.93 57.85 44.24
C LEU A 3906 -35.32 59.20 44.57
N LYS A 3907 -34.44 59.23 45.56
CA LYS A 3907 -33.87 60.51 45.99
C LYS A 3907 -32.70 60.91 45.09
N GLU A 3908 -32.24 60.02 44.23
CA GLU A 3908 -31.17 60.30 43.28
C GLU A 3908 -31.21 59.30 42.14
N VAL A 3909 -30.91 59.77 40.93
CA VAL A 3909 -30.85 58.89 39.78
C VAL A 3909 -29.51 58.14 39.78
N SER A 3910 -28.54 58.64 40.51
CA SER A 3910 -27.25 57.99 40.64
C SER A 3910 -27.40 56.78 41.55
N PRO A 3911 -26.54 55.79 41.43
CA PRO A 3911 -26.57 54.69 42.39
C PRO A 3911 -25.68 54.96 43.57
N LEU A 3912 -25.57 53.97 44.45
CA LEU A 3912 -24.62 53.98 45.53
C LEU A 3912 -23.22 53.65 44.99
N PRO A 3913 -22.16 53.85 45.80
CA PRO A 3913 -20.84 53.35 45.37
C PRO A 3913 -20.70 51.85 45.43
N LEU A 3914 -19.47 51.38 45.31
CA LEU A 3914 -19.22 49.99 44.97
C LEU A 3914 -18.25 49.29 45.94
N ASN A 3915 -18.47 49.41 47.25
CA ASN A 3915 -17.58 48.80 48.22
C ASN A 3915 -17.64 47.29 48.13
N LEU A 3916 -16.50 46.67 47.81
CA LEU A 3916 -16.48 45.22 47.72
C LEU A 3916 -16.57 44.56 49.08
N LYS A 3917 -16.20 45.29 50.14
CA LYS A 3917 -16.42 44.77 51.48
C LYS A 3917 -17.91 44.65 51.79
N ARG A 3918 -18.74 45.47 51.15
CA ARG A 3918 -20.17 45.26 51.24
C ARG A 3918 -20.61 44.02 50.46
N LEU A 3919 -20.15 43.88 49.21
CA LEU A 3919 -20.59 42.75 48.39
C LEU A 3919 -19.76 41.50 48.57
N TYR A 3920 -19.02 41.39 49.66
CA TYR A 3920 -18.42 40.11 50.00
C TYR A 3920 -19.45 39.13 50.51
N LYS A 3921 -20.29 39.58 51.46
CA LYS A 3921 -21.11 38.65 52.22
C LYS A 3921 -22.35 38.21 51.46
N GLU A 3922 -22.71 38.93 50.39
CA GLU A 3922 -23.91 38.57 49.67
C GLU A 3922 -23.75 37.31 48.83
N THR A 3923 -22.56 37.09 48.27
CA THR A 3923 -22.43 36.05 47.26
C THR A 3923 -22.27 34.69 47.90
N LEU A 3924 -22.21 33.68 47.02
CA LEU A 3924 -22.30 32.28 47.41
C LEU A 3924 -21.75 31.42 46.28
N GLU A 3925 -21.28 30.23 46.65
CA GLU A 3925 -20.45 29.45 45.73
C GLU A 3925 -21.22 28.72 44.65
N ILE A 3926 -22.51 28.99 44.46
CA ILE A 3926 -23.20 28.41 43.32
C ILE A 3926 -22.81 29.13 42.04
N GLU A 3927 -22.81 30.46 42.08
CA GLU A 3927 -22.46 31.24 40.91
C GLU A 3927 -21.22 32.09 41.19
N PRO A 3928 -20.42 32.37 40.17
CA PRO A 3928 -19.27 33.24 40.35
C PRO A 3928 -19.58 34.73 40.14
N ILE A 3929 -18.53 35.55 40.23
CA ILE A 3929 -18.64 36.99 40.30
C ILE A 3929 -17.89 37.60 39.13
N LEU A 3930 -18.61 38.16 38.17
CA LEU A 3930 -18.03 38.67 36.93
C LEU A 3930 -17.82 40.16 37.05
N ILE A 3931 -16.57 40.60 37.13
CA ILE A 3931 -16.23 42.00 37.32
C ILE A 3931 -15.88 42.60 35.96
N ILE A 3932 -16.79 43.35 35.39
CA ILE A 3932 -16.56 44.01 34.11
C ILE A 3932 -15.62 45.18 34.36
N ILE A 3933 -14.63 45.36 33.50
CA ILE A 3933 -13.69 46.47 33.66
C ILE A 3933 -13.96 47.52 32.60
N SER A 3934 -13.27 48.65 32.75
CA SER A 3934 -13.27 49.77 31.83
C SER A 3934 -11.81 50.22 31.73
N PRO A 3935 -11.43 51.08 30.79
CA PRO A 3935 -10.05 51.60 30.80
C PRO A 3935 -9.73 52.37 32.07
N GLY A 3936 -8.57 52.08 32.63
CA GLY A 3936 -8.16 52.67 33.88
C GLY A 3936 -8.74 52.04 35.11
N ALA A 3937 -9.15 50.78 35.04
CA ALA A 3937 -9.79 50.12 36.16
C ALA A 3937 -9.04 48.86 36.55
N ASP A 3938 -8.54 48.82 37.78
CA ASP A 3938 -7.83 47.64 38.25
C ASP A 3938 -8.48 47.14 39.53
N PRO A 3939 -9.18 46.00 39.48
CA PRO A 3939 -9.79 45.45 40.69
C PRO A 3939 -8.83 44.63 41.55
N SER A 3940 -7.62 44.35 41.07
CA SER A 3940 -6.79 43.31 41.67
C SER A 3940 -6.31 43.67 43.05
N GLN A 3941 -6.06 44.94 43.30
CA GLN A 3941 -5.53 45.35 44.60
C GLN A 3941 -6.61 45.25 45.68
N GLU A 3942 -7.86 45.58 45.32
CA GLU A 3942 -8.96 45.45 46.27
C GLU A 3942 -9.21 44.00 46.61
N LEU A 3943 -9.13 43.13 45.61
CA LEU A 3943 -9.29 41.70 45.86
C LEU A 3943 -8.17 41.16 46.73
N GLN A 3944 -6.94 41.64 46.50
CA GLN A 3944 -5.81 41.21 47.31
C GLN A 3944 -5.97 41.66 48.75
N GLU A 3945 -6.40 42.90 48.96
CA GLU A 3945 -6.61 43.39 50.32
C GLU A 3945 -7.76 42.69 51.00
N LEU A 3946 -8.79 42.33 50.24
CA LEU A 3946 -9.91 41.57 50.79
C LEU A 3946 -9.50 40.16 51.19
N ALA A 3947 -8.65 39.53 50.38
CA ALA A 3947 -8.18 38.19 50.68
C ALA A 3947 -7.21 38.21 51.86
N ASN A 3948 -6.48 39.32 52.03
CA ASN A 3948 -5.63 39.43 53.21
C ASN A 3948 -6.46 39.71 54.46
N ALA A 3949 -7.56 40.43 54.32
CA ALA A 3949 -8.38 40.76 55.48
C ALA A 3949 -9.17 39.54 55.95
N GLU A 3950 -10.04 39.01 55.09
CA GLU A 3950 -10.98 37.97 55.50
C GLU A 3950 -10.33 36.62 55.70
N ARG A 3951 -9.24 36.31 55.01
CA ARG A 3951 -8.59 35.02 55.14
C ARG A 3951 -7.12 35.24 55.47
N SER A 3952 -6.47 34.18 55.93
CA SER A 3952 -5.06 34.24 56.32
C SER A 3952 -4.39 32.95 55.85
N GLY A 3953 -3.06 32.92 55.93
CA GLY A 3953 -2.30 31.80 55.43
C GLY A 3953 -2.14 31.75 53.93
N GLU A 3954 -2.46 32.85 53.24
CA GLU A 3954 -2.39 32.99 51.77
C GLU A 3954 -3.18 31.92 51.04
N CYS A 3955 -4.50 31.91 51.21
CA CYS A 3955 -5.33 30.96 50.49
C CYS A 3955 -5.60 31.44 49.07
N TYR A 3956 -5.26 32.70 48.79
CA TYR A 3956 -5.66 33.30 47.52
C TYR A 3956 -4.79 32.81 46.38
N HIS A 3957 -5.43 32.28 45.35
CA HIS A 3957 -4.73 31.74 44.20
C HIS A 3957 -5.34 32.30 42.93
N GLN A 3958 -4.49 32.66 41.97
CA GLN A 3958 -4.97 33.35 40.79
C GLN A 3958 -4.19 32.92 39.56
N VAL A 3959 -4.87 32.90 38.42
CA VAL A 3959 -4.31 32.46 37.14
C VAL A 3959 -4.85 33.37 36.05
N ALA A 3960 -3.97 33.93 35.23
CA ALA A 3960 -4.36 34.72 34.06
C ALA A 3960 -4.63 33.78 32.89
N MET A 3961 -5.38 34.26 31.90
CA MET A 3961 -5.73 33.40 30.78
C MET A 3961 -4.93 33.74 29.53
N GLY A 3962 -4.16 32.77 29.07
CA GLY A 3962 -3.33 33.00 27.90
C GLY A 3962 -2.99 31.71 27.20
N GLN A 3963 -2.02 31.80 26.29
CA GLN A 3963 -1.58 30.66 25.51
C GLN A 3963 -0.87 29.64 26.40
N GLY A 3964 -1.56 28.54 26.69
CA GLY A 3964 -0.99 27.46 27.45
C GLY A 3964 -1.26 27.52 28.94
N GLN A 3965 -2.38 28.09 29.37
CA GLN A 3965 -2.68 28.16 30.79
C GLN A 3965 -4.05 27.56 31.10
N ALA A 3966 -4.79 27.18 30.06
CA ALA A 3966 -6.18 26.76 30.24
C ALA A 3966 -6.28 25.39 30.88
N ASP A 3967 -5.41 24.47 30.48
CA ASP A 3967 -5.54 23.09 30.94
C ASP A 3967 -5.02 22.94 32.36
N LEU A 3968 -4.22 23.89 32.82
CA LEU A 3968 -3.87 23.90 34.24
C LEU A 3968 -4.84 24.75 35.03
N ALA A 3969 -5.53 25.67 34.34
CA ALA A 3969 -6.59 26.44 34.98
C ALA A 3969 -7.73 25.55 35.42
N ILE A 3970 -8.08 24.55 34.62
CA ILE A 3970 -9.15 23.62 35.00
C ILE A 3970 -8.74 22.78 36.20
N GLN A 3971 -7.47 22.34 36.24
CA GLN A 3971 -6.98 21.56 37.36
C GLN A 3971 -6.98 22.38 38.65
N MET A 3972 -6.58 23.64 38.54
CA MET A 3972 -6.58 24.49 39.72
C MET A 3972 -8.01 24.83 40.14
N LEU A 3973 -8.93 24.90 39.17
CA LEU A 3973 -10.35 25.08 39.48
C LEU A 3973 -10.89 23.93 40.30
N LYS A 3974 -10.60 22.70 39.90
CA LYS A 3974 -11.07 21.54 40.64
C LYS A 3974 -10.41 21.44 42.01
N GLU A 3975 -9.11 21.75 42.08
CA GLU A 3975 -8.39 21.61 43.33
C GLU A 3975 -8.80 22.66 44.35
N CYS A 3976 -9.03 23.89 43.90
CA CYS A 3976 -9.46 24.93 44.83
C CYS A 3976 -10.95 24.89 45.05
N ALA A 3977 -11.69 24.12 44.26
CA ALA A 3977 -13.07 23.81 44.64
C ALA A 3977 -13.10 22.79 45.76
N ARG A 3978 -12.21 21.80 45.71
CA ARG A 3978 -12.15 20.82 46.79
C ARG A 3978 -11.62 21.43 48.08
N ASN A 3979 -10.60 22.29 47.96
CA ASN A 3979 -9.97 22.86 49.15
C ASN A 3979 -10.86 23.89 49.82
N GLY A 3980 -11.81 24.44 49.09
CA GLY A 3980 -12.61 25.54 49.57
C GLY A 3980 -11.96 26.90 49.47
N ASP A 3981 -10.75 26.99 48.94
CA ASP A 3981 -10.06 28.26 48.79
C ASP A 3981 -10.52 28.98 47.53
N TRP A 3982 -10.12 30.24 47.43
CA TRP A 3982 -10.68 31.13 46.41
C TRP A 3982 -9.90 30.94 45.12
N LEU A 3983 -10.39 31.55 44.05
CA LEU A 3983 -9.73 31.47 42.76
C LEU A 3983 -10.11 32.68 41.94
N CYS A 3984 -9.11 33.36 41.40
CA CYS A 3984 -9.33 34.55 40.60
C CYS A 3984 -8.81 34.35 39.20
N LEU A 3985 -9.73 34.14 38.26
CA LEU A 3985 -9.39 34.09 36.85
C LEU A 3985 -9.42 35.52 36.33
N LYS A 3986 -8.67 35.78 35.27
CA LYS A 3986 -8.54 37.11 34.70
C LYS A 3986 -8.53 37.03 33.18
N ASN A 3987 -9.01 38.11 32.56
CA ASN A 3987 -8.96 38.31 31.10
C ASN A 3987 -9.71 37.21 30.36
N LEU A 3988 -11.00 37.09 30.64
CA LEU A 3988 -11.82 36.09 29.96
C LEU A 3988 -12.48 36.66 28.72
N HIS A 3989 -11.82 37.63 28.07
CA HIS A 3989 -12.37 38.18 26.84
C HIS A 3989 -11.48 37.84 25.67
N LEU A 3990 -10.31 37.28 25.94
CA LEU A 3990 -9.42 36.83 24.87
C LEU A 3990 -9.74 35.40 24.47
N VAL A 3991 -9.83 34.52 25.46
CA VAL A 3991 -10.08 33.10 25.23
C VAL A 3991 -11.57 32.87 25.09
N VAL A 3992 -12.12 33.21 23.92
CA VAL A 3992 -13.57 33.16 23.77
C VAL A 3992 -14.02 31.75 23.41
N SER A 3993 -13.15 30.98 22.75
CA SER A 3993 -13.51 29.60 22.47
C SER A 3993 -13.05 28.65 23.57
N TRP A 3994 -12.95 29.14 24.80
CA TRP A 3994 -12.64 28.28 25.93
C TRP A 3994 -13.82 28.17 26.88
N LEU A 3995 -14.64 29.21 26.92
CA LEU A 3995 -15.71 29.33 27.91
C LEU A 3995 -16.79 28.25 27.92
N PRO A 3996 -17.12 27.53 26.83
CA PRO A 3996 -17.95 26.33 27.01
C PRO A 3996 -17.38 25.28 27.96
N VAL A 3997 -16.06 25.08 27.96
CA VAL A 3997 -15.44 24.18 28.92
C VAL A 3997 -15.61 24.71 30.34
N LEU A 3998 -15.51 26.03 30.49
CA LEU A 3998 -15.63 26.64 31.80
C LEU A 3998 -17.05 26.53 32.33
N GLU A 3999 -18.05 26.72 31.47
CA GLU A 3999 -19.42 26.63 31.96
C GLU A 3999 -19.83 25.19 32.21
N LYS A 4000 -19.27 24.24 31.45
CA LYS A 4000 -19.48 22.82 31.71
C LYS A 4000 -18.92 22.43 33.07
N GLU A 4001 -17.72 22.92 33.38
CA GLU A 4001 -17.13 22.61 34.67
C GLU A 4001 -17.80 23.35 35.82
N LEU A 4002 -18.35 24.53 35.57
CA LEU A 4002 -19.14 25.20 36.61
C LEU A 4002 -20.42 24.43 36.90
N ASN A 4003 -21.07 23.90 35.86
CA ASN A 4003 -22.28 23.12 36.08
C ASN A 4003 -21.98 21.79 36.76
N THR A 4004 -20.78 21.25 36.55
CA THR A 4004 -20.54 19.88 36.97
C THR A 4004 -20.09 19.80 38.43
N LEU A 4005 -19.28 20.76 38.89
CA LEU A 4005 -18.55 20.59 40.14
C LEU A 4005 -19.43 20.69 41.38
N GLN A 4006 -18.92 20.12 42.47
CA GLN A 4006 -19.61 20.05 43.75
C GLN A 4006 -18.83 20.82 44.78
N PRO A 4007 -19.02 22.13 44.92
CA PRO A 4007 -18.14 22.93 45.77
C PRO A 4007 -18.38 22.69 47.25
N LYS A 4008 -17.56 23.36 48.05
CA LYS A 4008 -17.56 23.28 49.50
C LYS A 4008 -18.09 24.61 50.01
N ASP A 4009 -18.06 24.82 51.32
CA ASP A 4009 -18.34 26.14 51.87
C ASP A 4009 -17.11 27.04 51.80
N THR A 4010 -17.34 28.35 51.77
CA THR A 4010 -16.41 29.49 51.73
C THR A 4010 -15.62 29.59 50.43
N PHE A 4011 -15.79 28.67 49.48
CA PHE A 4011 -15.29 28.81 48.13
C PHE A 4011 -15.90 30.04 47.49
N ARG A 4012 -15.06 30.86 46.87
CA ARG A 4012 -15.55 32.00 46.11
C ARG A 4012 -14.73 32.14 44.84
N LEU A 4013 -15.43 32.06 43.71
CA LEU A 4013 -14.80 32.22 42.41
C LEU A 4013 -14.96 33.65 41.95
N TRP A 4014 -13.84 34.31 41.63
CA TRP A 4014 -13.82 35.69 41.20
C TRP A 4014 -13.39 35.75 39.74
N LEU A 4015 -14.19 36.37 38.89
CA LEU A 4015 -13.82 36.49 37.48
C LEU A 4015 -13.38 37.91 37.19
N THR A 4016 -12.87 38.14 35.99
CA THR A 4016 -12.47 39.46 35.50
C THR A 4016 -12.44 39.43 33.99
N ALA A 4017 -13.36 40.14 33.35
CA ALA A 4017 -13.47 40.09 31.90
C ALA A 4017 -13.57 41.50 31.37
N GLU A 4018 -13.64 41.65 30.06
CA GLU A 4018 -13.79 42.97 29.47
C GLU A 4018 -15.02 42.94 28.57
N VAL A 4019 -15.47 44.12 28.15
CA VAL A 4019 -16.61 44.23 27.26
C VAL A 4019 -16.23 43.66 25.90
N HIS A 4020 -17.05 42.74 25.39
CA HIS A 4020 -16.67 41.95 24.23
C HIS A 4020 -17.92 41.40 23.56
N PRO A 4021 -18.13 41.65 22.27
CA PRO A 4021 -19.21 40.99 21.55
C PRO A 4021 -18.86 39.53 21.33
N ASN A 4022 -19.87 38.75 20.95
CA ASN A 4022 -19.85 37.29 20.89
C ASN A 4022 -19.40 36.66 22.19
N PHE A 4023 -20.09 36.94 23.28
CA PHE A 4023 -19.77 36.30 24.54
C PHE A 4023 -20.81 35.19 24.75
N THR A 4024 -20.60 34.33 25.74
CA THR A 4024 -21.54 33.22 25.92
C THR A 4024 -22.55 33.54 27.00
N PRO A 4025 -23.85 33.33 26.75
CA PRO A 4025 -24.87 33.77 27.70
C PRO A 4025 -24.92 32.97 28.97
N ILE A 4026 -24.51 31.70 28.96
CA ILE A 4026 -24.88 30.78 30.04
C ILE A 4026 -24.18 31.13 31.33
N LEU A 4027 -22.91 31.52 31.24
CA LEU A 4027 -22.23 31.94 32.46
C LEU A 4027 -22.62 33.37 32.83
N LEU A 4028 -23.15 34.14 31.88
CA LEU A 4028 -23.67 35.45 32.21
C LEU A 4028 -24.97 35.34 32.99
N GLN A 4029 -25.73 34.27 32.74
CA GLN A 4029 -26.92 33.96 33.51
C GLN A 4029 -26.51 33.66 34.94
N SER A 4030 -25.54 32.78 35.10
CA SER A 4030 -25.15 32.28 36.41
C SER A 4030 -23.98 33.08 36.94
N SER A 4031 -24.14 34.40 37.00
CA SER A 4031 -23.15 35.24 37.67
C SER A 4031 -23.77 36.56 38.07
N LEU A 4032 -23.20 37.17 39.10
CA LEU A 4032 -23.39 38.59 39.39
C LEU A 4032 -22.64 39.35 38.31
N LYS A 4033 -22.98 40.61 38.14
CA LYS A 4033 -22.20 41.48 37.28
C LYS A 4033 -21.98 42.81 37.97
N ILE A 4034 -20.76 43.34 37.86
CA ILE A 4034 -20.37 44.59 38.50
C ILE A 4034 -19.56 45.42 37.52
N THR A 4035 -20.05 46.62 37.21
CA THR A 4035 -19.26 47.58 36.46
C THR A 4035 -18.38 48.35 37.42
N TYR A 4036 -17.07 48.38 37.14
CA TYR A 4036 -16.07 48.87 38.08
C TYR A 4036 -15.43 50.13 37.53
N GLU A 4037 -16.00 51.30 37.84
CA GLU A 4037 -15.62 52.55 37.21
C GLU A 4037 -15.51 53.70 38.20
N SER A 4038 -15.36 54.88 37.63
CA SER A 4038 -15.33 56.12 38.39
C SER A 4038 -16.74 56.45 38.89
N PRO A 4039 -16.87 57.13 40.03
CA PRO A 4039 -18.17 57.63 40.45
C PRO A 4039 -18.66 58.70 39.49
N PRO A 4040 -19.98 58.85 39.36
CA PRO A 4040 -20.49 59.77 38.32
C PRO A 4040 -20.60 61.21 38.77
N GLY A 4041 -20.19 61.53 39.99
CA GLY A 4041 -20.31 62.88 40.47
C GLY A 4041 -19.17 63.31 41.38
N LEU A 4042 -19.23 64.57 41.81
CA LEU A 4042 -18.19 65.14 42.65
C LEU A 4042 -18.19 64.54 44.03
N LYS A 4043 -19.28 64.75 44.76
CA LYS A 4043 -19.32 64.33 46.16
C LYS A 4043 -19.42 62.81 46.27
N LYS A 4044 -19.93 62.16 45.21
CA LYS A 4044 -19.83 60.72 45.10
C LYS A 4044 -18.38 60.28 45.08
N ASN A 4045 -17.53 61.00 44.36
CA ASN A 4045 -16.12 60.65 44.26
C ASN A 4045 -15.43 60.88 45.59
N LEU A 4046 -15.79 61.97 46.28
CA LEU A 4046 -15.21 62.20 47.60
C LEU A 4046 -15.67 61.17 48.61
N MET A 4047 -16.93 60.72 48.50
CA MET A 4047 -17.43 59.68 49.40
C MET A 4047 -16.73 58.36 49.16
N ARG A 4048 -16.52 58.00 47.90
CA ARG A 4048 -15.79 56.78 47.58
C ARG A 4048 -14.36 56.84 48.10
N THR A 4049 -13.73 58.01 47.93
CA THR A 4049 -12.36 58.21 48.40
C THR A 4049 -12.27 58.04 49.90
N TYR A 4050 -13.07 58.81 50.64
CA TYR A 4050 -13.04 58.74 52.09
C TYR A 4050 -13.65 57.46 52.66
N GLU A 4051 -14.39 56.69 51.88
CA GLU A 4051 -14.71 55.35 52.33
C GLU A 4051 -13.50 54.46 52.19
N SER A 4052 -12.71 54.67 51.14
CA SER A 4052 -11.54 53.83 50.91
C SER A 4052 -10.42 54.12 51.90
N TRP A 4053 -10.42 55.29 52.53
CA TRP A 4053 -9.45 55.53 53.58
C TRP A 4053 -9.83 54.75 54.83
N THR A 4054 -8.85 54.54 55.68
CA THR A 4054 -9.11 54.01 57.01
C THR A 4054 -8.75 55.08 58.04
N PRO A 4055 -9.57 55.22 59.11
CA PRO A 4055 -9.47 56.42 59.95
C PRO A 4055 -8.22 56.50 60.81
N GLU A 4056 -7.58 55.37 61.08
CA GLU A 4056 -6.34 55.39 61.84
C GLU A 4056 -5.19 55.99 61.03
N GLN A 4057 -5.32 55.98 59.70
CA GLN A 4057 -4.37 56.68 58.86
C GLN A 4057 -4.51 58.18 59.01
N ILE A 4058 -5.74 58.68 58.96
CA ILE A 4058 -5.94 60.12 59.02
C ILE A 4058 -5.74 60.63 60.45
N SER A 4059 -6.21 59.90 61.44
CA SER A 4059 -6.11 60.32 62.84
C SER A 4059 -4.69 60.09 63.33
N LYS A 4060 -3.84 61.09 63.12
CA LYS A 4060 -2.54 61.14 63.77
C LYS A 4060 -2.59 62.18 64.87
N LYS A 4061 -1.55 62.21 65.71
CA LYS A 4061 -1.51 63.13 66.83
C LYS A 4061 -1.42 64.57 66.33
N ASP A 4062 -0.35 64.88 65.63
CA ASP A 4062 -0.22 66.11 64.86
C ASP A 4062 -1.33 66.17 63.81
N ASN A 4063 -2.21 67.15 63.98
CA ASN A 4063 -3.55 67.02 63.41
C ASN A 4063 -3.87 68.10 62.40
N THR A 4064 -3.80 69.37 62.80
CA THR A 4064 -4.61 70.42 62.21
C THR A 4064 -4.14 70.87 60.82
N HIS A 4065 -2.84 71.02 60.61
CA HIS A 4065 -2.38 71.53 59.32
C HIS A 4065 -2.18 70.39 58.34
N ARG A 4066 -2.45 69.17 58.80
CA ARG A 4066 -2.00 67.99 58.07
C ARG A 4066 -3.14 67.32 57.32
N ALA A 4067 -4.26 67.11 57.98
CA ALA A 4067 -5.39 66.47 57.34
C ALA A 4067 -6.08 67.41 56.35
N HIS A 4068 -5.86 68.72 56.50
CA HIS A 4068 -6.37 69.65 55.49
C HIS A 4068 -5.63 69.50 54.18
N ALA A 4069 -4.34 69.16 54.25
CA ALA A 4069 -3.61 68.85 53.02
C ALA A 4069 -4.09 67.54 52.42
N LEU A 4070 -4.48 66.59 53.27
CA LEU A 4070 -5.05 65.35 52.78
C LEU A 4070 -6.37 65.61 52.06
N PHE A 4071 -7.16 66.54 52.59
CA PHE A 4071 -8.38 66.93 51.89
C PHE A 4071 -8.06 67.65 50.58
N SER A 4072 -6.94 68.39 50.54
CA SER A 4072 -6.56 69.05 49.30
C SER A 4072 -6.17 68.03 48.25
N LEU A 4073 -5.48 66.97 48.66
CA LEU A 4073 -5.15 65.88 47.75
C LEU A 4073 -6.41 65.18 47.26
N ALA A 4074 -7.38 65.00 48.17
CA ALA A 4074 -8.63 64.34 47.79
C ALA A 4074 -9.40 65.18 46.77
N TRP A 4075 -9.48 66.49 47.01
CA TRP A 4075 -10.16 67.38 46.09
C TRP A 4075 -9.41 67.47 44.77
N PHE A 4076 -8.08 67.39 44.81
CA PHE A 4076 -7.29 67.48 43.60
C PHE A 4076 -7.44 66.25 42.74
N HIS A 4077 -7.48 65.08 43.39
CA HIS A 4077 -7.72 63.84 42.67
C HIS A 4077 -9.11 63.80 42.08
N ALA A 4078 -10.09 64.29 42.84
CA ALA A 4078 -11.47 64.29 42.39
C ALA A 4078 -11.66 65.26 41.23
N ALA A 4079 -11.02 66.43 41.31
CA ALA A 4079 -11.15 67.43 40.25
C ALA A 4079 -10.54 66.94 38.95
N CYS A 4080 -9.31 66.42 39.04
CA CYS A 4080 -8.60 65.95 37.87
C CYS A 4080 -9.30 64.75 37.24
N GLN A 4081 -9.97 63.93 38.04
CA GLN A 4081 -10.79 62.89 37.42
C GLN A 4081 -12.04 63.47 36.75
N GLU A 4082 -12.71 64.41 37.39
CA GLU A 4082 -13.99 64.86 36.87
C GLU A 4082 -13.87 65.85 35.74
N ARG A 4083 -12.66 66.33 35.42
CA ARG A 4083 -12.51 67.17 34.23
C ARG A 4083 -12.77 66.38 32.95
N ARG A 4084 -12.67 65.05 33.01
CA ARG A 4084 -12.70 64.22 31.81
C ARG A 4084 -14.05 64.18 31.14
N ASN A 4085 -15.11 64.65 31.79
CA ASN A 4085 -16.44 64.56 31.19
C ASN A 4085 -16.59 65.49 30.00
N TYR A 4086 -15.76 66.51 29.91
CA TYR A 4086 -15.83 67.47 28.81
C TYR A 4086 -14.58 67.30 27.96
N ILE A 4087 -14.77 66.91 26.71
CA ILE A 4087 -13.68 66.56 25.79
C ILE A 4087 -13.92 67.30 24.49
N PRO A 4088 -12.94 68.00 23.94
CA PRO A 4088 -11.56 68.10 24.44
C PRO A 4088 -11.28 69.27 25.38
N GLN A 4089 -12.26 69.70 26.16
CA GLN A 4089 -12.12 70.96 26.88
C GLN A 4089 -11.19 70.86 28.08
N GLY A 4090 -11.54 70.04 29.07
CA GLY A 4090 -10.75 69.98 30.28
C GLY A 4090 -9.48 69.17 30.11
N TRP A 4091 -9.49 68.23 29.16
CA TRP A 4091 -8.29 67.54 28.75
C TRP A 4091 -8.42 67.24 27.27
N THR A 4092 -7.29 67.09 26.59
CA THR A 4092 -7.34 66.89 25.15
C THR A 4092 -7.60 65.43 24.79
N LYS A 4093 -7.18 64.51 25.66
CA LYS A 4093 -7.51 63.10 25.53
C LYS A 4093 -8.05 62.58 26.86
N PHE A 4094 -8.42 61.31 26.88
CA PHE A 4094 -8.92 60.68 28.09
C PHE A 4094 -7.77 59.99 28.80
N TYR A 4095 -7.15 60.69 29.73
CA TYR A 4095 -5.96 60.21 30.41
C TYR A 4095 -6.37 59.29 31.55
N GLU A 4096 -5.61 58.22 31.74
CA GLU A 4096 -5.97 57.17 32.68
C GLU A 4096 -5.37 57.48 34.05
N PHE A 4097 -6.23 57.80 35.01
CA PHE A 4097 -5.78 58.11 36.36
C PHE A 4097 -6.21 56.97 37.27
N SER A 4098 -5.28 56.47 38.07
CA SER A 4098 -5.62 55.30 38.86
C SER A 4098 -5.75 55.65 40.33
N LEU A 4099 -6.27 54.69 41.08
CA LEU A 4099 -6.24 54.75 42.53
C LEU A 4099 -4.86 54.44 43.07
N SER A 4100 -4.05 53.75 42.28
CA SER A 4100 -2.66 53.52 42.67
C SER A 4100 -1.87 54.82 42.66
N ASP A 4101 -2.22 55.72 41.75
CA ASP A 4101 -1.64 57.06 41.75
C ASP A 4101 -1.97 57.79 43.04
N LEU A 4102 -3.22 57.67 43.49
CA LEU A 4102 -3.68 58.33 44.70
C LEU A 4102 -2.99 57.76 45.93
N ARG A 4103 -2.81 56.45 45.96
CA ARG A 4103 -2.13 55.84 47.10
C ARG A 4103 -0.64 56.15 47.10
N ALA A 4104 -0.04 56.31 45.91
CA ALA A 4104 1.33 56.79 45.82
C ALA A 4104 1.44 58.22 46.35
N GLY A 4105 0.46 59.06 46.03
CA GLY A 4105 0.47 60.42 46.55
C GLY A 4105 0.29 60.47 48.06
N TYR A 4106 -0.49 59.54 48.60
CA TYR A 4106 -0.59 59.44 50.05
C TYR A 4106 0.72 59.01 50.68
N ASN A 4107 1.46 58.13 50.01
CA ASN A 4107 2.79 57.74 50.48
C ASN A 4107 3.72 58.95 50.51
N ILE A 4108 3.60 59.81 49.49
CA ILE A 4108 4.39 61.04 49.41
C ILE A 4108 4.08 61.96 50.58
N ILE A 4109 2.80 62.17 50.86
CA ILE A 4109 2.45 63.14 51.90
C ILE A 4109 2.73 62.57 53.29
N ASP A 4110 2.70 61.24 53.42
CA ASP A 4110 3.22 60.59 54.64
C ASP A 4110 4.68 60.90 54.87
N ARG A 4111 5.51 60.70 53.84
CA ARG A 4111 6.94 60.91 54.04
C ARG A 4111 7.29 62.40 54.12
N LEU A 4112 6.36 63.26 53.71
CA LEU A 4112 6.58 64.69 53.92
C LEU A 4112 6.23 65.13 55.34
N PHE A 4113 4.98 64.93 55.76
CA PHE A 4113 4.56 65.43 57.06
C PHE A 4113 5.15 64.66 58.22
N ASP A 4114 5.33 63.35 58.10
CA ASP A 4114 6.11 62.66 59.11
C ASP A 4114 7.60 62.73 58.83
N GLY A 4115 7.98 63.32 57.70
CA GLY A 4115 9.30 63.92 57.61
C GLY A 4115 9.36 65.18 58.45
N ALA A 4116 10.58 65.67 58.67
CA ALA A 4116 10.94 66.48 59.83
C ALA A 4116 10.16 67.78 60.04
N LYS A 4117 10.37 68.77 59.18
CA LYS A 4117 9.86 70.12 59.47
C LYS A 4117 9.54 70.83 58.15
N ASP A 4118 8.41 71.56 58.14
CA ASP A 4118 8.13 72.66 57.22
C ASP A 4118 8.16 72.26 55.76
N VAL A 4119 7.22 71.43 55.36
CA VAL A 4119 7.19 70.86 54.02
C VAL A 4119 6.97 71.96 53.00
N GLN A 4120 7.87 72.03 52.03
CA GLN A 4120 7.80 72.97 50.93
C GLN A 4120 6.67 72.54 50.01
N TRP A 4121 5.71 73.43 49.78
CA TRP A 4121 4.57 73.15 48.92
C TRP A 4121 5.02 73.02 47.47
N GLU A 4122 6.19 73.59 47.16
CA GLU A 4122 6.73 73.56 45.81
C GLU A 4122 7.01 72.15 45.33
N PHE A 4123 7.81 71.40 46.07
CA PHE A 4123 8.30 70.13 45.59
C PHE A 4123 7.26 69.03 45.68
N VAL A 4124 6.21 69.22 46.48
CA VAL A 4124 5.05 68.35 46.43
C VAL A 4124 4.50 68.34 45.01
N HIS A 4125 4.22 69.52 44.48
CA HIS A 4125 3.70 69.57 43.11
C HIS A 4125 4.80 69.36 42.09
N GLY A 4126 6.06 69.61 42.48
CA GLY A 4126 7.15 69.37 41.56
C GLY A 4126 7.34 67.89 41.24
N LEU A 4127 7.56 67.09 42.29
CA LEU A 4127 7.63 65.63 42.14
C LEU A 4127 6.31 65.06 41.64
N LEU A 4128 5.19 65.69 42.00
CA LEU A 4128 3.89 65.16 41.63
C LEU A 4128 3.64 65.29 40.14
N GLU A 4129 3.95 66.46 39.56
CA GLU A 4129 3.88 66.65 38.12
C GLU A 4129 4.94 65.81 37.41
N ASN A 4130 6.16 65.80 37.93
CA ASN A 4130 7.25 65.19 37.18
C ASN A 4130 7.20 63.67 37.21
N ALA A 4131 6.50 63.08 38.17
CA ALA A 4131 6.43 61.63 38.23
C ALA A 4131 5.03 61.09 37.99
N ILE A 4132 4.04 61.55 38.75
CA ILE A 4132 2.80 60.81 38.87
C ILE A 4132 1.81 61.18 37.78
N TYR A 4133 1.28 62.38 37.83
CA TYR A 4133 0.19 62.76 36.95
C TYR A 4133 0.65 63.32 35.62
N GLY A 4134 1.84 63.92 35.57
CA GLY A 4134 2.38 64.34 34.28
C GLY A 4134 2.98 63.20 33.50
N GLY A 4135 3.06 62.02 34.12
CA GLY A 4135 3.52 60.84 33.40
C GLY A 4135 2.42 60.19 32.58
N ARG A 4136 1.31 60.90 32.38
CA ARG A 4136 0.29 60.46 31.44
C ARG A 4136 0.21 61.39 30.24
N ILE A 4137 0.91 62.51 30.30
CA ILE A 4137 0.58 63.68 29.48
C ILE A 4137 1.62 63.80 28.37
N ASP A 4138 1.15 64.06 27.15
CA ASP A 4138 2.04 64.32 26.02
C ASP A 4138 1.96 65.74 25.48
N ASN A 4139 0.77 66.34 25.43
CA ASN A 4139 0.65 67.69 24.93
C ASN A 4139 1.14 68.65 26.00
N TYR A 4140 1.55 69.85 25.60
CA TYR A 4140 2.17 70.77 26.54
C TYR A 4140 1.12 71.56 27.31
N PHE A 4141 0.00 71.82 26.67
CA PHE A 4141 -0.99 72.72 27.27
C PHE A 4141 -1.77 72.01 28.36
N ASP A 4142 -1.91 70.71 28.26
CA ASP A 4142 -2.46 69.94 29.36
C ASP A 4142 -1.51 69.92 30.55
N LEU A 4143 -0.19 69.89 30.29
CA LEU A 4143 0.79 70.06 31.36
C LEU A 4143 0.64 71.41 32.02
N ARG A 4144 0.38 72.45 31.22
CA ARG A 4144 0.14 73.79 31.76
C ARG A 4144 -1.07 73.80 32.68
N VAL A 4145 -2.14 73.12 32.27
CA VAL A 4145 -3.35 73.04 33.07
C VAL A 4145 -3.11 72.29 34.38
N LEU A 4146 -2.32 71.23 34.33
CA LEU A 4146 -1.95 70.52 35.55
C LEU A 4146 -1.09 71.39 36.46
N GLN A 4147 -0.20 72.18 35.86
CA GLN A 4147 0.61 73.13 36.62
C GLN A 4147 -0.26 74.16 37.32
N SER A 4148 -1.32 74.60 36.65
CA SER A 4148 -2.19 75.60 37.25
C SER A 4148 -2.98 75.04 38.41
N TYR A 4149 -3.46 73.79 38.29
CA TYR A 4149 -4.21 73.24 39.42
C TYR A 4149 -3.29 72.95 40.59
N LEU A 4150 -2.06 72.50 40.30
CA LEU A 4150 -1.11 72.22 41.36
C LEU A 4150 -0.67 73.49 42.07
N LYS A 4151 -0.55 74.59 41.33
CA LYS A 4151 -0.20 75.86 41.96
C LYS A 4151 -1.38 76.42 42.74
N GLN A 4152 -2.59 76.22 42.23
CA GLN A 4152 -3.78 76.77 42.86
C GLN A 4152 -4.10 76.07 44.17
N PHE A 4153 -3.91 74.75 44.22
CA PHE A 4153 -4.45 74.01 45.36
C PHE A 4153 -3.44 73.86 46.47
N PHE A 4154 -2.47 74.77 46.54
CA PHE A 4154 -1.57 74.88 47.69
C PHE A 4154 -1.30 76.35 47.98
N ILE A 4170 -8.70 80.14 48.20
CA ILE A 4170 -8.02 78.87 48.10
C ILE A 4170 -8.99 77.84 47.49
N PHE A 4171 -10.27 77.98 47.76
CA PHE A 4171 -11.34 77.15 47.22
C PHE A 4171 -12.41 78.07 46.69
N PRO A 4172 -13.47 77.55 46.06
CA PRO A 4172 -14.74 78.25 46.13
C PRO A 4172 -15.16 78.36 47.58
N TYR A 4173 -15.15 79.60 48.09
CA TYR A 4173 -15.04 79.81 49.53
C TYR A 4173 -16.35 79.53 50.24
N SER A 4174 -17.47 79.85 49.60
CA SER A 4174 -18.78 79.69 50.24
C SER A 4174 -19.16 78.21 50.36
N VAL A 4175 -18.74 77.40 49.40
CA VAL A 4175 -19.11 75.99 49.45
C VAL A 4175 -18.13 75.23 50.35
N SER A 4176 -17.00 75.84 50.68
CA SER A 4176 -15.92 75.20 51.41
C SER A 4176 -15.98 75.65 52.86
N LEU A 4177 -16.42 74.77 53.74
CA LEU A 4177 -16.37 75.04 55.16
C LEU A 4177 -15.54 73.95 55.85
N PRO A 4178 -14.22 74.03 55.79
CA PRO A 4178 -13.40 72.96 56.37
C PRO A 4178 -13.41 72.99 57.88
N GLN A 4179 -12.82 71.96 58.48
CA GLN A 4179 -12.96 71.73 59.90
C GLN A 4179 -11.64 71.28 60.50
N SER A 4180 -11.73 70.78 61.72
CA SER A 4180 -10.60 70.25 62.48
C SER A 4180 -10.40 68.78 62.11
N CYS A 4181 -9.64 68.04 62.91
CA CYS A 4181 -9.20 66.69 62.54
C CYS A 4181 -10.31 65.65 62.75
N SER A 4182 -11.51 66.08 63.12
CA SER A 4182 -12.64 65.16 63.30
C SER A 4182 -13.08 64.58 61.96
N ILE A 4183 -13.07 63.25 61.90
CA ILE A 4183 -13.13 62.54 60.62
C ILE A 4183 -14.54 62.61 60.03
N LEU A 4184 -15.55 62.50 60.89
CA LEU A 4184 -16.92 62.50 60.40
C LEU A 4184 -17.37 63.89 59.97
N ASP A 4185 -16.69 64.94 60.42
CA ASP A 4185 -16.93 66.25 59.82
C ASP A 4185 -16.40 66.31 58.39
N TYR A 4186 -15.27 65.64 58.13
CA TYR A 4186 -14.80 65.48 56.76
C TYR A 4186 -15.82 64.68 55.95
N ARG A 4187 -16.49 63.73 56.60
CA ARG A 4187 -17.58 63.05 55.92
C ARG A 4187 -18.75 63.99 55.66
N ALA A 4188 -19.04 64.90 56.59
CA ALA A 4188 -20.30 65.64 56.56
C ALA A 4188 -20.23 66.87 55.65
N VAL A 4189 -19.04 67.44 55.48
CA VAL A 4189 -18.85 68.54 54.54
C VAL A 4189 -19.14 68.06 53.12
N ILE A 4190 -18.91 66.78 52.85
CA ILE A 4190 -19.26 66.18 51.56
C ILE A 4190 -20.76 66.24 51.32
N GLU A 4191 -21.58 66.00 52.36
CA GLU A 4191 -23.01 66.21 52.17
C GLU A 4191 -23.37 67.68 52.12
N LYS A 4192 -22.54 68.54 52.71
CA LYS A 4192 -22.78 69.97 52.54
C LYS A 4192 -22.45 70.43 51.12
N ILE A 4193 -21.63 69.68 50.40
CA ILE A 4193 -21.45 69.93 48.96
C ILE A 4193 -22.74 69.58 48.25
N PRO A 4194 -23.23 70.41 47.33
CA PRO A 4194 -24.54 70.13 46.70
C PRO A 4194 -24.52 68.91 45.80
N GLU A 4195 -25.74 68.49 45.44
CA GLU A 4195 -25.92 67.36 44.52
C GLU A 4195 -25.34 67.66 43.15
N ASP A 4196 -25.91 68.64 42.47
CA ASP A 4196 -25.52 68.94 41.11
C ASP A 4196 -24.22 69.72 41.10
N ASP A 4197 -23.41 69.51 40.07
CA ASP A 4197 -22.08 70.09 39.95
C ASP A 4197 -22.11 71.33 39.08
N LYS A 4198 -21.12 72.19 39.28
CA LYS A 4198 -21.04 73.45 38.53
C LYS A 4198 -19.65 73.57 37.95
N PRO A 4199 -19.54 74.03 36.71
CA PRO A 4199 -18.19 74.24 36.14
C PRO A 4199 -17.51 75.48 36.70
N SER A 4200 -18.23 76.31 37.45
CA SER A 4200 -17.59 77.39 38.18
C SER A 4200 -16.69 76.88 39.27
N PHE A 4201 -16.98 75.68 39.80
CA PHE A 4201 -16.01 74.98 40.66
C PHE A 4201 -14.76 74.57 39.92
N PHE A 4202 -14.84 74.49 38.60
CA PHE A 4202 -13.74 73.97 37.81
C PHE A 4202 -13.09 75.07 36.99
N GLY A 4203 -13.87 75.99 36.43
CA GLY A 4203 -13.31 77.07 35.66
C GLY A 4203 -13.85 77.22 34.26
N LEU A 4204 -14.59 76.25 33.78
CA LEU A 4204 -15.18 76.32 32.46
C LEU A 4204 -16.28 77.37 32.41
N PRO A 4205 -16.53 77.95 31.23
CA PRO A 4205 -17.66 78.87 31.09
C PRO A 4205 -19.00 78.13 31.07
N ALA A 4206 -20.06 78.89 30.88
CA ALA A 4206 -21.39 78.35 31.16
C ALA A 4206 -22.07 77.83 29.90
N ASN A 4207 -21.59 78.22 28.73
CA ASN A 4207 -22.11 77.67 27.47
C ASN A 4207 -21.69 76.22 27.26
N ILE A 4208 -20.66 75.77 27.98
CA ILE A 4208 -20.23 74.38 27.98
C ILE A 4208 -21.38 73.46 28.36
N ALA A 4209 -22.11 73.81 29.42
CA ALA A 4209 -23.19 72.95 29.89
C ALA A 4209 -24.35 72.95 28.91
N ARG A 4210 -24.57 74.07 28.22
CA ARG A 4210 -25.61 74.14 27.20
C ARG A 4210 -25.34 73.16 26.05
N SER A 4211 -24.12 73.24 25.48
CA SER A 4211 -23.79 72.34 24.37
C SER A 4211 -23.74 70.88 24.84
N SER A 4212 -23.19 70.65 26.03
CA SER A 4212 -23.08 69.30 26.57
C SER A 4212 -24.43 68.66 26.80
N GLN A 4213 -25.38 69.41 27.37
CA GLN A 4213 -26.67 68.81 27.67
C GLN A 4213 -27.50 68.62 26.41
N ARG A 4214 -27.35 69.51 25.41
CA ARG A 4214 -27.99 69.28 24.12
C ARG A 4214 -27.53 67.97 23.50
N MET A 4215 -26.22 67.74 23.47
CA MET A 4215 -25.69 66.55 22.82
C MET A 4215 -25.98 65.28 23.63
N ILE A 4216 -25.83 65.34 24.95
CA ILE A 4216 -26.07 64.16 25.79
C ILE A 4216 -27.56 63.77 25.78
N SER A 4217 -28.44 64.77 25.76
CA SER A 4217 -29.87 64.50 25.68
C SER A 4217 -30.23 63.84 24.37
N SER A 4218 -29.66 64.32 23.26
CA SER A 4218 -29.93 63.66 21.98
C SER A 4218 -29.37 62.25 21.95
N GLN A 4219 -28.24 62.02 22.63
CA GLN A 4219 -27.68 60.67 22.74
C GLN A 4219 -28.61 59.71 23.48
N VAL A 4220 -29.12 60.12 24.64
CA VAL A 4220 -29.94 59.22 25.44
C VAL A 4220 -31.29 59.00 24.78
N ILE A 4221 -31.80 60.01 24.07
CA ILE A 4221 -33.06 59.86 23.35
C ILE A 4221 -32.90 58.88 22.19
N SER A 4222 -31.79 58.96 21.46
CA SER A 4222 -31.57 57.99 20.38
C SER A 4222 -31.31 56.59 20.92
N GLN A 4223 -30.65 56.49 22.08
CA GLN A 4223 -30.40 55.18 22.67
C GLN A 4223 -31.67 54.52 23.16
N LEU A 4224 -32.60 55.28 23.73
CA LEU A 4224 -33.90 54.71 24.06
C LEU A 4224 -34.76 54.50 22.83
N ARG A 4225 -34.45 55.21 21.73
CA ARG A 4225 -35.13 54.91 20.48
C ARG A 4225 -34.69 53.54 19.95
N ILE A 4226 -33.46 53.13 20.26
CA ILE A 4226 -33.00 51.80 19.84
C ILE A 4226 -33.77 50.69 20.55
N LEU A 4227 -34.12 50.88 21.83
CA LEU A 4227 -34.78 49.82 22.60
C LEU A 4227 -36.23 49.59 22.19
N GLY A 4228 -36.80 50.45 21.35
CA GLY A 4228 -38.21 50.32 21.03
C GLY A 4228 -38.47 49.34 19.91
N ARG A 4229 -37.54 49.25 18.96
CA ARG A 4229 -37.79 48.55 17.71
C ARG A 4229 -37.67 47.05 17.90
N ASP A 4238 -26.92 45.05 -0.96
CA ASP A 4238 -26.53 45.61 -2.24
C ASP A 4238 -27.66 46.46 -2.81
N ARG A 4239 -28.89 46.11 -2.44
CA ARG A 4239 -30.10 46.83 -2.83
C ARG A 4239 -30.13 48.25 -2.29
N GLU A 4240 -29.52 48.48 -1.13
CA GLU A 4240 -29.46 49.82 -0.55
C GLU A 4240 -28.57 50.75 -1.38
N ILE A 4241 -27.55 50.18 -2.01
CA ILE A 4241 -26.76 50.93 -2.99
C ILE A 4241 -27.60 51.20 -4.23
N TRP A 4242 -28.42 50.22 -4.64
CA TRP A 4242 -29.41 50.45 -5.70
C TRP A 4242 -30.53 51.34 -5.20
N SER A 4243 -30.74 51.38 -3.90
CA SER A 4243 -31.59 52.38 -3.29
C SER A 4243 -30.82 53.69 -3.13
N ASN A 4244 -31.37 54.57 -2.30
CA ASN A 4244 -30.81 55.91 -2.21
C ASN A 4244 -30.34 56.27 -0.82
N GLU A 4245 -29.58 55.40 -0.15
CA GLU A 4245 -28.96 55.81 1.11
C GLU A 4245 -27.75 56.69 0.87
N LEU A 4246 -27.26 56.76 -0.36
CA LEU A 4246 -26.07 57.53 -0.67
C LEU A 4246 -26.28 58.56 -1.76
N SER A 4247 -27.50 58.68 -2.27
CA SER A 4247 -27.79 59.71 -3.25
C SER A 4247 -27.58 61.16 -2.81
N PRO A 4248 -27.84 61.60 -1.55
CA PRO A 4248 -27.58 63.03 -1.26
C PRO A 4248 -26.12 63.44 -1.28
N VAL A 4249 -25.17 62.51 -1.21
CA VAL A 4249 -23.76 62.83 -1.38
C VAL A 4249 -23.51 63.32 -2.81
N LEU A 4250 -23.95 62.50 -3.77
CA LEU A 4250 -23.85 62.87 -5.18
C LEU A 4250 -24.68 64.10 -5.50
N ASN A 4251 -25.80 64.26 -4.81
CA ASN A 4251 -26.65 65.43 -4.99
C ASN A 4251 -25.97 66.70 -4.50
N LEU A 4252 -25.23 66.63 -3.39
CA LEU A 4252 -24.50 67.80 -2.93
C LEU A 4252 -23.32 68.11 -3.84
N TRP A 4253 -22.70 67.08 -4.41
CA TRP A 4253 -21.62 67.32 -5.35
C TRP A 4253 -22.12 68.02 -6.62
N LYS A 4254 -23.28 67.61 -7.12
CA LYS A 4254 -23.83 68.21 -8.32
C LYS A 4254 -24.31 69.64 -8.06
N LYS A 4255 -24.54 70.00 -6.80
CA LYS A 4255 -24.86 71.38 -6.48
C LYS A 4255 -23.60 72.20 -6.29
N LEU A 4256 -22.52 71.57 -5.81
CA LEU A 4256 -21.27 72.29 -5.63
C LEU A 4256 -20.61 72.61 -6.97
N ASN A 4257 -20.65 71.68 -7.92
CA ASN A 4257 -19.83 71.81 -9.12
C ASN A 4257 -20.63 71.73 -10.42
N GLN A 4258 -21.71 72.50 -10.56
CA GLN A 4258 -22.43 72.47 -11.83
C GLN A 4258 -22.07 73.66 -12.71
N ASN A 4259 -21.50 74.71 -12.12
CA ASN A 4259 -21.10 75.86 -12.92
C ASN A 4259 -19.64 76.22 -12.68
N SER A 4260 -18.80 75.21 -12.49
CA SER A 4260 -17.37 75.38 -12.27
C SER A 4260 -16.57 74.34 -13.05
N ASN A 4261 -16.96 74.12 -14.31
CA ASN A 4261 -16.36 73.07 -15.12
C ASN A 4261 -14.90 73.39 -15.48
N LEU A 4262 -14.55 74.66 -15.47
CA LEU A 4262 -13.15 75.04 -15.53
C LEU A 4262 -12.44 74.67 -14.24
N ILE A 4263 -13.15 74.68 -13.12
CA ILE A 4263 -12.49 74.52 -11.82
C ILE A 4263 -12.33 73.04 -11.49
N HIS A 4264 -12.90 72.17 -12.32
CA HIS A 4264 -12.50 70.77 -12.25
C HIS A 4264 -12.02 70.22 -13.59
N GLN A 4265 -11.81 71.08 -14.58
CA GLN A 4265 -11.40 70.59 -15.90
C GLN A 4265 -10.29 71.45 -16.50
N LYS A 4266 -9.49 72.11 -15.66
CA LYS A 4266 -8.33 72.82 -16.17
C LYS A 4266 -7.05 72.16 -15.68
N VAL A 4267 -5.95 72.39 -16.39
CA VAL A 4267 -4.66 71.81 -16.02
C VAL A 4267 -3.64 72.91 -15.83
N PRO A 4268 -3.09 73.09 -14.64
CA PRO A 4268 -1.95 73.99 -14.46
C PRO A 4268 -0.67 73.30 -14.87
N PRO A 4269 0.33 74.06 -15.32
CA PRO A 4269 1.61 73.45 -15.69
C PRO A 4269 2.40 73.05 -14.45
N PRO A 4270 3.13 71.93 -14.51
CA PRO A 4270 4.02 71.57 -13.40
C PRO A 4270 5.20 72.53 -13.33
N ASN A 4271 5.35 73.20 -12.19
CA ASN A 4271 6.25 74.33 -12.10
C ASN A 4271 7.31 74.10 -11.03
N ASP A 4272 8.46 74.75 -11.22
CA ASP A 4272 9.52 74.83 -10.24
C ASP A 4272 9.56 76.22 -9.63
N ARG A 4273 10.61 76.48 -8.84
CA ARG A 4273 10.72 77.70 -8.07
C ARG A 4273 10.95 78.92 -8.96
N GLN A 4274 10.10 79.93 -8.77
CA GLN A 4274 10.21 81.20 -9.45
C GLN A 4274 11.05 82.17 -8.63
N GLY A 4275 10.89 83.46 -8.91
CA GLY A 4275 11.63 84.49 -8.18
C GLY A 4275 11.24 84.56 -6.72
N SER A 4276 10.07 85.10 -6.42
CA SER A 4276 9.75 85.25 -5.00
C SER A 4276 9.12 83.97 -4.48
N PRO A 4277 9.43 83.56 -3.25
CA PRO A 4277 8.92 82.26 -2.76
C PRO A 4277 7.45 82.25 -2.37
N ILE A 4278 6.68 83.30 -2.69
CA ILE A 4278 5.26 83.26 -2.40
C ILE A 4278 4.49 82.91 -3.67
N LEU A 4279 5.14 83.00 -4.82
CA LEU A 4279 4.48 82.61 -6.07
C LEU A 4279 4.44 81.10 -6.20
N SER A 4280 5.55 80.44 -5.86
CA SER A 4280 5.69 79.01 -5.99
C SER A 4280 4.72 78.27 -5.08
N PHE A 4281 4.50 78.83 -3.89
CA PHE A 4281 3.57 78.26 -2.92
C PHE A 4281 2.15 78.20 -3.49
N ILE A 4282 1.70 79.32 -4.05
CA ILE A 4282 0.33 79.40 -4.54
C ILE A 4282 0.15 78.57 -5.80
N ILE A 4283 1.21 78.45 -6.62
CA ILE A 4283 1.12 77.60 -7.80
C ILE A 4283 1.02 76.13 -7.42
N LEU A 4284 1.84 75.68 -6.45
CA LEU A 4284 1.72 74.30 -5.96
C LEU A 4284 0.37 74.06 -5.29
N GLU A 4285 -0.15 75.10 -4.62
CA GLU A 4285 -1.46 75.03 -4.00
C GLU A 4285 -2.54 74.77 -5.04
N GLN A 4286 -2.49 75.54 -6.13
CA GLN A 4286 -3.42 75.41 -7.25
C GLN A 4286 -3.35 74.02 -7.86
N PHE A 4287 -2.13 73.51 -8.03
CA PHE A 4287 -1.92 72.20 -8.65
C PHE A 4287 -2.47 71.08 -7.77
N ASN A 4288 -2.15 71.14 -6.46
CA ASN A 4288 -2.66 70.13 -5.54
C ASN A 4288 -4.17 70.18 -5.41
N ALA A 4289 -4.75 71.38 -5.46
CA ALA A 4289 -6.19 71.53 -5.34
C ALA A 4289 -6.92 70.94 -6.54
N ILE A 4290 -6.45 71.25 -7.75
CA ILE A 4290 -7.10 70.71 -8.94
C ILE A 4290 -6.90 69.20 -9.03
N ARG A 4291 -5.75 68.71 -8.54
CA ARG A 4291 -5.50 67.27 -8.54
C ARG A 4291 -6.46 66.54 -7.60
N LEU A 4292 -6.67 67.07 -6.39
CA LEU A 4292 -7.56 66.40 -5.45
C LEU A 4292 -9.01 66.47 -5.92
N VAL A 4293 -9.42 67.60 -6.52
CA VAL A 4293 -10.77 67.77 -7.04
C VAL A 4293 -11.07 66.76 -8.14
N GLN A 4294 -10.14 66.61 -9.08
CA GLN A 4294 -10.36 65.66 -10.16
C GLN A 4294 -10.29 64.20 -9.68
N SER A 4295 -9.49 63.93 -8.65
CA SER A 4295 -9.47 62.59 -8.06
C SER A 4295 -10.81 62.25 -7.41
N VAL A 4296 -11.39 63.21 -6.69
CA VAL A 4296 -12.71 63.04 -6.10
C VAL A 4296 -13.77 62.83 -7.17
N HIS A 4297 -13.63 63.55 -8.30
CA HIS A 4297 -14.61 63.42 -9.37
C HIS A 4297 -14.56 62.06 -10.03
N GLN A 4298 -13.36 61.49 -10.16
CA GLN A 4298 -13.25 60.13 -10.68
C GLN A 4298 -13.83 59.11 -9.69
N SER A 4299 -13.49 59.24 -8.41
CA SER A 4299 -13.98 58.32 -7.39
C SER A 4299 -15.48 58.39 -7.21
N LEU A 4300 -16.13 59.49 -7.57
CA LEU A 4300 -17.58 59.55 -7.56
C LEU A 4300 -18.19 59.16 -8.89
N ALA A 4301 -17.48 59.32 -10.01
CA ALA A 4301 -18.04 58.90 -11.29
C ALA A 4301 -18.13 57.39 -11.38
N ALA A 4302 -17.19 56.67 -10.76
CA ALA A 4302 -17.25 55.22 -10.76
C ALA A 4302 -18.44 54.70 -9.97
N LEU A 4303 -18.62 55.22 -8.76
CA LEU A 4303 -19.74 54.79 -7.93
C LEU A 4303 -21.07 55.34 -8.45
N SER A 4304 -21.04 56.38 -9.26
CA SER A 4304 -22.27 56.80 -9.94
C SER A 4304 -22.63 55.84 -11.06
N LYS A 4305 -21.66 55.40 -11.85
CA LYS A 4305 -21.97 54.47 -12.95
C LYS A 4305 -22.35 53.09 -12.45
N VAL A 4306 -21.88 52.66 -11.28
CA VAL A 4306 -22.30 51.32 -10.83
C VAL A 4306 -23.72 51.34 -10.27
N ILE A 4307 -24.32 52.52 -10.07
CA ILE A 4307 -25.68 52.57 -9.57
C ILE A 4307 -26.64 53.00 -10.66
N ARG A 4308 -26.47 54.23 -11.15
CA ARG A 4308 -27.38 54.80 -12.14
C ARG A 4308 -26.93 54.53 -13.56
N GLY A 4309 -26.26 53.41 -13.78
CA GLY A 4309 -25.79 53.06 -15.10
C GLY A 4309 -25.60 51.57 -15.25
N THR A 4310 -24.85 51.20 -16.29
CA THR A 4310 -24.68 49.81 -16.66
C THR A 4310 -23.20 49.44 -16.59
N THR A 4311 -22.76 49.01 -15.41
CA THR A 4311 -21.43 48.42 -15.26
C THR A 4311 -21.43 47.52 -14.04
N LEU A 4312 -20.24 47.05 -13.68
CA LEU A 4312 -20.07 46.04 -12.64
C LEU A 4312 -19.15 46.58 -11.54
N LEU A 4313 -18.81 45.72 -10.57
CA LEU A 4313 -18.11 46.19 -9.38
C LEU A 4313 -16.63 45.83 -9.40
N SER A 4314 -15.83 46.71 -8.81
CA SER A 4314 -14.47 46.42 -8.36
C SER A 4314 -14.46 46.28 -6.84
N SER A 4315 -13.25 46.26 -6.28
CA SER A 4315 -13.12 46.24 -4.83
C SER A 4315 -13.03 47.64 -4.23
N GLU A 4316 -12.39 48.57 -4.94
CA GLU A 4316 -12.24 49.93 -4.41
C GLU A 4316 -13.57 50.67 -4.42
N VAL A 4317 -14.42 50.33 -5.40
CA VAL A 4317 -15.81 50.79 -5.38
C VAL A 4317 -16.51 50.30 -4.13
N GLN A 4318 -16.24 49.07 -3.71
CA GLN A 4318 -16.83 48.57 -2.47
C GLN A 4318 -16.26 49.26 -1.25
N LYS A 4319 -14.98 49.65 -1.31
CA LYS A 4319 -14.37 50.39 -0.22
C LYS A 4319 -14.99 51.78 -0.05
N LEU A 4320 -15.15 52.50 -1.17
CA LEU A 4320 -15.81 53.80 -1.16
C LEU A 4320 -17.25 53.66 -0.68
N ALA A 4321 -17.93 52.63 -1.15
CA ALA A 4321 -19.33 52.42 -0.78
C ALA A 4321 -19.47 52.05 0.69
N SER A 4322 -18.56 51.23 1.21
CA SER A 4322 -18.64 50.85 2.63
C SER A 4322 -18.38 52.05 3.53
N ALA A 4323 -17.36 52.84 3.20
CA ALA A 4323 -17.04 54.00 4.03
C ALA A 4323 -18.13 55.06 3.95
N LEU A 4324 -18.77 55.20 2.78
CA LEU A 4324 -19.76 56.25 2.64
C LEU A 4324 -21.11 55.81 3.20
N LEU A 4325 -21.40 54.51 3.18
CA LEU A 4325 -22.55 53.98 3.91
C LEU A 4325 -22.39 54.12 5.41
N ASN A 4326 -21.17 53.87 5.92
CA ASN A 4326 -20.95 54.18 7.33
C ASN A 4326 -20.71 55.67 7.57
N GLN A 4327 -20.72 56.48 6.50
CA GLN A 4327 -20.61 57.94 6.52
C GLN A 4327 -19.32 58.43 7.17
N LYS A 4328 -18.26 57.63 7.09
CA LYS A 4328 -16.90 58.06 7.37
C LYS A 4328 -16.25 58.36 6.02
N CYS A 4329 -15.03 58.89 6.05
CA CYS A 4329 -14.33 59.19 4.81
C CYS A 4329 -13.28 58.12 4.51
N PRO A 4330 -13.05 57.79 3.23
CA PRO A 4330 -12.08 56.74 2.92
C PRO A 4330 -10.66 57.20 3.15
N LEU A 4331 -9.75 56.23 3.30
CA LEU A 4331 -8.38 56.54 3.66
C LEU A 4331 -7.62 57.18 2.50
N ALA A 4332 -8.07 56.95 1.27
CA ALA A 4332 -7.42 57.56 0.12
C ALA A 4332 -7.63 59.07 0.10
N TRP A 4333 -8.81 59.50 0.54
CA TRP A 4333 -9.07 60.94 0.60
C TRP A 4333 -8.31 61.59 1.75
N GLN A 4334 -8.17 60.89 2.87
CA GLN A 4334 -7.39 61.45 3.98
C GLN A 4334 -5.90 61.31 3.78
N SER A 4335 -5.46 60.53 2.77
CA SER A 4335 -4.05 60.49 2.45
C SER A 4335 -3.57 61.84 1.93
N LYS A 4336 -4.41 62.52 1.15
CA LYS A 4336 -4.01 63.81 0.61
C LYS A 4336 -4.23 64.92 1.64
N TRP A 4337 -5.49 65.18 2.00
CA TRP A 4337 -5.84 66.31 2.82
C TRP A 4337 -6.77 65.90 3.95
N GLU A 4338 -6.44 66.30 5.17
CA GLU A 4338 -7.30 66.01 6.31
C GLU A 4338 -8.50 66.95 6.27
N GLY A 4339 -9.71 66.39 6.34
CA GLY A 4339 -10.92 67.18 6.35
C GLY A 4339 -11.84 66.79 7.48
N PRO A 4340 -13.10 67.18 7.40
CA PRO A 4340 -14.06 66.77 8.43
C PRO A 4340 -14.56 65.36 8.19
N GLU A 4341 -15.04 64.73 9.27
CA GLU A 4341 -15.45 63.34 9.21
C GLU A 4341 -16.76 63.19 8.44
N ASP A 4342 -17.57 64.24 8.43
CA ASP A 4342 -18.68 64.35 7.50
C ASP A 4342 -18.12 64.40 6.09
N PRO A 4343 -18.47 63.45 5.21
CA PRO A 4343 -18.04 63.57 3.81
C PRO A 4343 -18.72 64.70 3.08
N LEU A 4344 -19.94 65.05 3.49
CA LEU A 4344 -20.67 66.15 2.88
C LEU A 4344 -19.97 67.47 3.14
N GLN A 4345 -19.65 67.73 4.41
CA GLN A 4345 -18.92 68.92 4.82
C GLN A 4345 -17.51 68.92 4.25
N TYR A 4346 -16.94 67.73 4.03
CA TYR A 4346 -15.65 67.61 3.36
C TYR A 4346 -15.73 68.13 1.93
N LEU A 4347 -16.73 67.71 1.18
CA LEU A 4347 -16.90 68.19 -0.20
C LEU A 4347 -17.18 69.69 -0.21
N ARG A 4348 -17.90 70.18 0.80
CA ARG A 4348 -18.15 71.61 0.96
C ARG A 4348 -16.85 72.40 1.09
N GLY A 4349 -16.02 72.05 2.08
CA GLY A 4349 -14.75 72.71 2.31
C GLY A 4349 -13.82 72.64 1.10
N LEU A 4350 -13.82 71.49 0.44
CA LEU A 4350 -12.96 71.31 -0.73
C LEU A 4350 -13.35 72.21 -1.90
N VAL A 4351 -14.63 72.28 -2.23
CA VAL A 4351 -15.05 73.12 -3.35
C VAL A 4351 -14.89 74.60 -3.02
N ALA A 4352 -15.05 74.95 -1.73
CA ALA A 4352 -14.82 76.32 -1.28
C ALA A 4352 -13.36 76.75 -1.49
N ARG A 4353 -12.42 75.89 -1.08
CA ARG A 4353 -11.00 76.20 -1.28
C ARG A 4353 -10.65 76.20 -2.76
N ALA A 4354 -11.37 75.40 -3.56
CA ALA A 4354 -11.16 75.35 -5.01
C ALA A 4354 -11.53 76.67 -5.69
N LEU A 4355 -12.59 77.31 -5.23
CA LEU A 4355 -12.89 78.66 -5.72
C LEU A 4355 -11.84 79.66 -5.24
N ALA A 4356 -11.46 79.48 -3.98
CA ALA A 4356 -10.64 80.47 -3.28
C ALA A 4356 -9.26 80.62 -3.91
N ILE A 4357 -8.58 79.51 -4.18
CA ILE A 4357 -7.18 79.55 -4.61
C ILE A 4357 -7.06 80.17 -6.01
N GLN A 4358 -8.09 80.03 -6.84
CA GLN A 4358 -8.10 80.76 -8.11
C GLN A 4358 -8.21 82.27 -7.88
N ASN A 4359 -9.03 82.67 -6.90
CA ASN A 4359 -9.06 84.10 -6.56
C ASN A 4359 -7.73 84.58 -5.97
N TRP A 4360 -7.05 83.70 -5.21
CA TRP A 4360 -5.74 84.03 -4.64
C TRP A 4360 -4.71 84.25 -5.74
N VAL A 4361 -4.76 83.41 -6.78
CA VAL A 4361 -3.88 83.58 -7.93
C VAL A 4361 -4.17 84.89 -8.64
N ASP A 4362 -5.46 85.20 -8.83
CA ASP A 4362 -5.85 86.41 -9.56
C ASP A 4362 -5.42 87.68 -8.83
N LYS A 4363 -5.43 87.66 -7.50
CA LYS A 4363 -4.96 88.85 -6.79
C LYS A 4363 -3.49 88.77 -6.38
N ALA A 4364 -2.80 87.67 -6.66
CA ALA A 4364 -1.37 87.62 -6.36
C ALA A 4364 -0.49 87.56 -7.59
N GLU A 4365 -1.07 87.63 -8.78
CA GLU A 4365 -0.23 87.77 -9.98
C GLU A 4365 0.42 89.15 -10.05
N LYS A 4366 -0.16 90.15 -9.43
CA LYS A 4366 0.29 91.53 -9.59
C LYS A 4366 1.11 92.02 -8.41
N GLN A 4367 1.52 91.12 -7.52
CA GLN A 4367 2.13 91.39 -6.21
C GLN A 4367 1.30 92.33 -5.34
N ALA A 4368 -0.02 92.32 -5.50
CA ALA A 4368 -0.92 93.08 -4.65
C ALA A 4368 -1.41 92.28 -3.45
N LEU A 4369 -0.63 91.28 -3.02
CA LEU A 4369 -1.07 90.41 -1.95
C LEU A 4369 -0.71 91.01 -0.59
N LEU A 4370 -0.10 92.20 -0.59
CA LEU A 4370 0.21 92.88 0.65
C LEU A 4370 -0.97 93.72 1.13
N SER A 4371 -1.68 94.35 0.19
CA SER A 4371 -2.66 95.37 0.55
C SER A 4371 -3.96 94.78 1.06
N GLU A 4372 -4.46 93.75 0.39
CA GLU A 4372 -5.83 93.31 0.55
C GLU A 4372 -6.00 92.54 1.86
N THR A 4373 -7.20 92.61 2.42
CA THR A 4373 -7.56 91.80 3.59
C THR A 4373 -7.85 90.39 3.13
N LEU A 4374 -7.13 89.41 3.68
CA LEU A 4374 -7.30 88.02 3.30
C LEU A 4374 -7.62 87.19 4.54
N ASP A 4375 -7.99 85.93 4.32
CA ASP A 4375 -8.41 85.05 5.39
C ASP A 4375 -7.74 83.69 5.28
N LEU A 4376 -7.30 83.17 6.42
CA LEU A 4376 -6.59 81.89 6.47
C LEU A 4376 -7.50 80.68 6.47
N SER A 4377 -8.79 80.84 6.18
CA SER A 4377 -9.65 79.68 6.03
C SER A 4377 -9.30 78.92 4.76
N GLU A 4378 -8.69 79.60 3.80
CA GLU A 4378 -8.64 79.10 2.43
C GLU A 4378 -7.29 78.47 2.11
N LEU A 4379 -6.45 78.25 3.12
CA LEU A 4379 -5.15 77.64 2.91
C LEU A 4379 -5.15 76.19 3.40
N PHE A 4380 -4.83 75.27 2.50
CA PHE A 4380 -4.68 73.87 2.87
C PHE A 4380 -3.54 73.66 3.86
N HIS A 4381 -2.47 74.45 3.76
CA HIS A 4381 -1.33 74.35 4.66
C HIS A 4381 -0.85 75.74 5.02
N PRO A 4382 -1.48 76.37 6.02
CA PRO A 4382 -1.23 77.79 6.25
C PRO A 4382 0.14 78.12 6.86
N ASP A 4383 0.73 77.18 7.61
CA ASP A 4383 2.02 77.49 8.22
C ASP A 4383 3.12 77.55 7.17
N THR A 4384 2.96 76.80 6.09
CA THR A 4384 3.90 76.91 4.97
C THR A 4384 3.79 78.26 4.28
N PHE A 4385 2.58 78.82 4.22
CA PHE A 4385 2.40 80.19 3.75
C PHE A 4385 3.10 81.17 4.67
N LEU A 4386 3.00 80.96 5.98
CA LEU A 4386 3.62 81.89 6.91
C LEU A 4386 5.14 81.77 6.88
N ASN A 4387 5.66 80.56 6.67
CA ASN A 4387 7.09 80.43 6.48
C ASN A 4387 7.55 80.93 5.12
N ALA A 4388 6.66 81.02 4.13
CA ALA A 4388 7.02 81.72 2.90
C ALA A 4388 7.16 83.21 3.15
N LEU A 4389 6.28 83.77 3.99
CA LEU A 4389 6.47 85.15 4.42
C LEU A 4389 7.76 85.33 5.19
N ARG A 4390 8.18 84.30 5.94
CA ARG A 4390 9.46 84.37 6.63
C ARG A 4390 10.63 84.50 5.65
N GLN A 4391 10.58 83.78 4.53
CA GLN A 4391 11.65 83.88 3.53
C GLN A 4391 11.63 85.22 2.83
N GLU A 4392 10.45 85.73 2.46
CA GLU A 4392 10.43 87.02 1.78
C GLU A 4392 10.87 88.16 2.68
N THR A 4393 10.52 88.13 3.96
CA THR A 4393 11.03 89.17 4.86
C THR A 4393 12.53 89.02 5.09
N ALA A 4394 13.02 87.78 5.24
CA ALA A 4394 14.45 87.60 5.49
C ALA A 4394 15.28 87.90 4.26
N ARG A 4395 14.67 87.88 3.08
CA ARG A 4395 15.40 88.27 1.87
C ARG A 4395 15.31 89.77 1.64
N ALA A 4396 14.17 90.38 1.98
CA ALA A 4396 14.01 91.81 1.77
C ALA A 4396 14.82 92.63 2.76
N VAL A 4397 14.90 92.19 4.02
CA VAL A 4397 15.69 92.87 5.03
C VAL A 4397 17.18 92.80 4.75
N GLY A 4398 17.72 91.63 4.51
CA GLY A 4398 19.17 91.49 4.42
C GLY A 4398 19.73 90.96 5.73
N ARG A 4399 19.08 89.93 6.24
CA ARG A 4399 19.48 89.29 7.48
C ARG A 4399 19.16 87.81 7.34
N SER A 4400 19.89 86.97 8.08
CA SER A 4400 19.71 85.52 7.96
C SER A 4400 18.36 85.10 8.53
N VAL A 4401 17.85 83.97 8.04
CA VAL A 4401 16.46 83.58 8.30
C VAL A 4401 16.28 83.10 9.73
N ASP A 4402 17.34 82.58 10.36
CA ASP A 4402 17.23 82.09 11.72
C ASP A 4402 17.06 83.19 12.76
N SER A 4403 17.35 84.43 12.39
CA SER A 4403 17.33 85.50 13.37
C SER A 4403 16.09 86.37 13.23
N LEU A 4404 14.94 85.78 12.97
CA LEU A 4404 13.70 86.55 12.99
C LEU A 4404 12.78 86.07 14.10
N LYS A 4405 11.63 86.72 14.22
CA LYS A 4405 10.58 86.33 15.15
C LYS A 4405 9.24 86.53 14.47
N PHE A 4406 8.22 85.90 15.04
CA PHE A 4406 6.85 86.08 14.57
C PHE A 4406 5.97 86.63 15.68
N VAL A 4407 5.60 87.91 15.56
CA VAL A 4407 4.68 88.55 16.49
C VAL A 4407 3.59 89.25 15.68
N ALA A 4408 2.34 89.04 16.06
CA ALA A 4408 1.23 89.85 15.57
C ALA A 4408 0.72 90.72 16.69
N SER A 4409 -0.16 91.65 16.35
CA SER A 4409 -0.63 92.62 17.33
C SER A 4409 -2.01 93.11 16.95
N TRP A 4410 -2.57 93.97 17.80
CA TRP A 4410 -3.89 94.54 17.53
C TRP A 4410 -3.92 96.05 17.64
N LYS A 4411 -3.00 96.64 18.40
CA LYS A 4411 -3.05 98.07 18.68
C LYS A 4411 -2.26 98.89 17.66
N GLY A 4412 -2.54 98.61 16.39
CA GLY A 4412 -1.97 99.41 15.32
C GLY A 4412 -1.04 98.66 14.41
N ARG A 4413 -0.58 99.33 13.35
CA ARG A 4413 0.23 98.72 12.31
C ARG A 4413 1.60 98.41 12.87
N LEU A 4414 2.22 97.35 12.36
CA LEU A 4414 3.57 96.98 12.74
C LEU A 4414 4.54 98.04 12.23
N GLN A 4415 5.40 98.54 13.13
CA GLN A 4415 6.40 99.50 12.74
C GLN A 4415 7.66 98.83 12.22
N GLU A 4416 8.29 98.01 13.06
CA GLU A 4416 9.62 97.47 12.79
C GLU A 4416 9.61 96.30 11.82
N ALA A 4417 8.45 95.81 11.41
CA ALA A 4417 8.35 94.67 10.50
C ALA A 4417 8.60 95.14 9.08
N LYS A 4418 8.82 94.19 8.17
CA LYS A 4418 8.99 94.56 6.77
C LYS A 4418 7.65 94.67 6.06
N LEU A 4419 6.74 93.71 6.29
CA LEU A 4419 5.47 93.67 5.57
C LEU A 4419 4.31 93.57 6.55
N GLN A 4420 3.15 94.06 6.14
CA GLN A 4420 1.96 94.09 6.98
C GLN A 4420 0.77 93.57 6.19
N ILE A 4421 0.18 92.46 6.65
CA ILE A 4421 -0.97 91.88 5.99
C ILE A 4421 -2.10 91.73 7.02
N LYS A 4422 -3.31 92.08 6.59
CA LYS A 4422 -4.51 92.10 7.42
C LYS A 4422 -5.14 90.72 7.44
N ILE A 4423 -5.05 90.03 8.57
CA ILE A 4423 -5.65 88.72 8.75
C ILE A 4423 -6.79 88.83 9.74
N SER A 4424 -7.99 88.48 9.31
CA SER A 4424 -9.18 88.50 10.14
C SER A 4424 -9.87 87.14 10.07
N GLY A 4425 -11.07 87.07 10.64
CA GLY A 4425 -11.88 85.88 10.51
C GLY A 4425 -11.56 84.76 11.48
N LEU A 4426 -10.71 85.02 12.46
CA LEU A 4426 -10.43 83.98 13.45
C LEU A 4426 -11.63 83.82 14.38
N LEU A 4427 -11.72 82.63 14.99
CA LEU A 4427 -12.77 82.35 15.94
C LEU A 4427 -12.12 82.01 17.27
N LEU A 4428 -12.83 82.29 18.36
CA LEU A 4428 -12.26 82.14 19.69
C LEU A 4428 -13.28 81.49 20.62
N GLU A 4429 -12.78 80.69 21.55
CA GLU A 4429 -13.62 80.01 22.52
C GLU A 4429 -12.90 79.96 23.85
N GLY A 4430 -13.67 79.80 24.93
CA GLY A 4430 -13.13 79.77 26.26
C GLY A 4430 -13.06 81.12 26.95
N CYS A 4431 -13.37 82.21 26.22
CA CYS A 4431 -13.30 83.57 26.74
C CYS A 4431 -14.16 84.48 25.90
N SER A 4432 -14.00 85.77 26.11
CA SER A 4432 -14.66 86.79 25.30
C SER A 4432 -13.68 87.92 25.02
N PHE A 4433 -13.24 88.02 23.78
CA PHE A 4433 -12.10 88.85 23.41
C PHE A 4433 -12.52 90.30 23.30
N ASP A 4434 -11.66 91.19 23.77
CA ASP A 4434 -11.74 92.60 23.47
C ASP A 4434 -10.34 93.11 23.24
N GLY A 4435 -10.23 94.25 22.55
CA GLY A 4435 -8.98 94.96 22.43
C GLY A 4435 -8.43 95.31 23.80
N ASN A 4436 -7.17 94.93 24.03
CA ASN A 4436 -6.34 95.16 25.20
C ASN A 4436 -6.78 94.38 26.44
N GLN A 4437 -7.88 93.63 26.38
CA GLN A 4437 -8.35 92.99 27.60
C GLN A 4437 -9.21 91.79 27.26
N LEU A 4438 -8.96 90.69 27.98
CA LEU A 4438 -9.78 89.50 27.93
C LEU A 4438 -10.83 89.55 29.03
N SER A 4439 -12.08 89.31 28.67
CA SER A 4439 -13.17 89.36 29.62
C SER A 4439 -13.79 87.98 29.77
N GLU A 4440 -14.21 87.67 30.98
CA GLU A 4440 -14.79 86.37 31.29
C GLU A 4440 -16.16 86.21 30.66
N ASN A 4441 -16.52 84.96 30.37
CA ASN A 4441 -17.81 84.66 29.76
C ASN A 4441 -18.94 84.75 30.77
N GLN A 4442 -20.15 84.60 30.28
CA GLN A 4442 -21.34 84.73 31.09
C GLN A 4442 -22.21 83.48 30.98
N LEU A 4443 -23.38 83.55 31.58
CA LEU A 4443 -24.32 82.43 31.49
C LEU A 4443 -24.88 82.33 30.08
N ASP A 4444 -25.30 83.46 29.51
CA ASP A 4444 -25.90 83.43 28.18
C ASP A 4444 -24.87 83.75 27.11
N SER A 4445 -23.61 83.45 27.37
CA SER A 4445 -22.56 83.75 26.40
C SER A 4445 -22.68 82.79 25.22
N PRO A 4446 -22.70 83.30 23.99
CA PRO A 4446 -22.71 82.41 22.82
C PRO A 4446 -21.38 81.68 22.69
N SER A 4447 -21.41 80.55 21.98
CA SER A 4447 -20.26 79.66 21.95
C SER A 4447 -19.14 80.20 21.08
N VAL A 4448 -19.45 80.58 19.85
CA VAL A 4448 -18.43 81.00 18.90
C VAL A 4448 -18.42 82.52 18.80
N SER A 4449 -17.29 83.13 19.15
CA SER A 4449 -17.15 84.58 19.15
C SER A 4449 -16.17 84.96 18.06
N SER A 4450 -16.56 85.90 17.19
CA SER A 4450 -15.62 86.44 16.22
C SER A 4450 -14.64 87.39 16.88
N VAL A 4451 -13.67 87.86 16.12
CA VAL A 4451 -12.52 88.52 16.70
C VAL A 4451 -12.20 89.79 15.92
N LEU A 4452 -11.51 90.71 16.58
CA LEU A 4452 -10.95 91.89 15.93
C LEU A 4452 -9.85 91.45 14.96
N PRO A 4453 -9.68 92.15 13.84
CA PRO A 4453 -8.65 91.76 12.88
C PRO A 4453 -7.24 92.03 13.39
N CYS A 4454 -6.26 91.47 12.68
CA CYS A 4454 -4.88 91.46 13.13
C CYS A 4454 -3.93 91.89 12.01
N PHE A 4455 -2.71 92.22 12.41
CA PHE A 4455 -1.64 92.60 11.52
C PHE A 4455 -0.46 91.65 11.74
N MET A 4456 -0.02 90.98 10.68
CA MET A 4456 0.97 89.94 10.83
C MET A 4456 2.18 90.21 9.96
N GLY A 4457 3.35 90.07 10.58
CA GLY A 4457 4.62 90.22 9.90
C GLY A 4457 5.72 89.57 10.70
N TRP A 4458 6.93 89.62 10.15
CA TRP A 4458 8.10 88.98 10.73
C TRP A 4458 9.08 90.04 11.24
N ILE A 4459 9.51 89.89 12.49
CA ILE A 4459 10.28 90.91 13.21
C ILE A 4459 11.66 90.38 13.55
N PRO A 4460 12.74 91.16 13.35
CA PRO A 4460 14.07 90.70 13.74
C PRO A 4460 14.22 90.54 15.24
N GLN A 4461 15.12 89.64 15.64
CA GLN A 4461 15.27 89.30 17.04
C GLN A 4461 15.97 90.42 17.80
N ASP A 4462 15.77 90.41 19.13
CA ASP A 4462 16.24 91.43 20.06
C ASP A 4462 15.82 92.85 19.65
N ALA A 4463 14.61 92.95 19.12
CA ALA A 4463 13.97 94.22 18.85
C ALA A 4463 12.80 94.40 19.82
N CYS A 4464 12.28 95.62 19.88
CA CYS A 4464 11.18 95.90 20.78
C CYS A 4464 9.88 95.35 20.21
N GLY A 4465 9.31 94.37 20.90
CA GLY A 4465 8.02 93.83 20.52
C GLY A 4465 6.91 94.80 20.83
N PRO A 4466 5.78 94.69 20.12
CA PRO A 4466 4.68 95.64 20.33
C PRO A 4466 3.98 95.46 21.66
N TYR A 4467 4.07 94.25 22.21
CA TYR A 4467 3.51 93.95 23.52
C TYR A 4467 4.66 93.62 24.46
N SER A 4468 4.52 94.00 25.71
CA SER A 4468 5.55 93.73 26.70
C SER A 4468 5.52 92.23 26.99
N PRO A 4469 6.63 91.62 27.41
CA PRO A 4469 6.65 90.15 27.52
C PRO A 4469 5.80 89.59 28.64
N ASP A 4470 5.64 90.32 29.74
CA ASP A 4470 4.90 89.79 30.88
C ASP A 4470 3.47 90.30 30.96
N GLU A 4471 2.80 90.49 29.82
CA GLU A 4471 1.39 90.87 29.86
C GLU A 4471 0.55 89.96 28.97
N CYS A 4472 1.18 89.01 28.30
CA CYS A 4472 0.48 88.20 27.30
C CYS A 4472 0.53 86.71 27.62
N ILE A 4473 -0.34 85.97 26.95
CA ILE A 4473 -0.43 84.51 27.09
C ILE A 4473 -0.45 83.92 25.68
N SER A 4474 0.31 82.84 25.48
CA SER A 4474 0.29 82.12 24.22
C SER A 4474 -0.93 81.23 24.11
N LEU A 4475 -1.60 81.30 22.97
CA LEU A 4475 -2.77 80.49 22.71
C LEU A 4475 -2.51 79.68 21.45
N PRO A 4476 -2.80 78.39 21.46
CA PRO A 4476 -2.74 77.62 20.22
C PRO A 4476 -3.79 78.09 19.21
N VAL A 4477 -3.47 77.89 17.94
CA VAL A 4477 -4.37 78.21 16.85
C VAL A 4477 -4.65 76.91 16.12
N TYR A 4478 -5.74 76.23 16.48
CA TYR A 4478 -6.05 74.95 15.87
C TYR A 4478 -6.74 75.15 14.53
N THR A 4479 -7.25 74.06 13.98
CA THR A 4479 -7.79 74.12 12.63
C THR A 4479 -9.31 74.05 12.60
N SER A 4480 -9.91 73.27 13.50
CA SER A 4480 -11.36 73.26 13.67
C SER A 4480 -11.63 72.86 15.11
N ALA A 4481 -12.90 72.51 15.37
CA ALA A 4481 -13.34 72.29 16.75
C ALA A 4481 -12.78 70.99 17.32
N GLU A 4482 -12.24 70.13 16.46
CA GLU A 4482 -11.74 68.84 16.91
C GLU A 4482 -10.46 68.98 17.72
N ARG A 4483 -9.77 70.12 17.56
CA ARG A 4483 -8.53 70.46 18.25
C ARG A 4483 -7.45 69.40 18.00
N ASP A 4484 -7.05 69.30 16.73
CA ASP A 4484 -6.15 68.21 16.34
C ASP A 4484 -4.71 68.70 16.23
N ARG A 4485 -4.46 69.67 15.36
CA ARG A 4485 -3.10 70.09 15.05
C ARG A 4485 -2.94 71.59 15.25
N VAL A 4486 -1.73 71.98 15.60
CA VAL A 4486 -1.39 73.33 16.00
C VAL A 4486 -0.72 74.02 14.83
N VAL A 4487 -1.21 75.21 14.50
CA VAL A 4487 -0.57 76.01 13.46
C VAL A 4487 0.56 76.81 14.08
N THR A 4488 0.23 77.74 14.97
CA THR A 4488 1.20 78.61 15.61
C THR A 4488 0.80 78.78 17.06
N ASN A 4489 1.37 79.80 17.70
CA ASN A 4489 0.89 80.28 18.99
C ASN A 4489 1.12 81.76 19.13
N ILE A 4490 0.04 82.52 19.00
CA ILE A 4490 0.02 83.98 19.05
C ILE A 4490 -0.12 84.39 20.52
N ASP A 4491 0.41 85.56 20.86
CA ASP A 4491 0.22 86.10 22.21
C ASP A 4491 -0.95 87.08 22.22
N VAL A 4492 -1.69 87.11 23.32
CA VAL A 4492 -2.87 87.95 23.48
C VAL A 4492 -2.71 88.72 24.80
N PRO A 4493 -2.94 90.03 24.84
CA PRO A 4493 -2.71 90.80 26.07
C PRO A 4493 -3.64 90.45 27.22
N CYS A 4494 -3.07 89.88 28.28
CA CYS A 4494 -3.88 89.47 29.43
C CYS A 4494 -4.02 90.62 30.42
N GLY A 4495 -2.90 91.10 30.94
CA GLY A 4495 -2.97 92.12 31.98
C GLY A 4495 -3.11 91.54 33.37
N GLY A 4496 -2.28 90.56 33.72
CA GLY A 4496 -2.27 90.01 35.05
C GLY A 4496 -3.35 88.98 35.29
N ASN A 4497 -3.17 88.16 36.33
CA ASN A 4497 -4.05 87.06 36.73
C ASN A 4497 -4.25 86.09 35.56
N GLN A 4498 -3.18 85.43 35.16
CA GLN A 4498 -3.20 84.63 33.94
C GLN A 4498 -3.76 83.23 34.20
N ASP A 4499 -3.84 82.85 35.47
CA ASP A 4499 -4.15 81.45 35.80
C ASP A 4499 -5.60 81.13 35.51
N GLN A 4500 -6.48 82.12 35.64
CA GLN A 4500 -7.87 81.96 35.21
C GLN A 4500 -7.94 81.69 33.72
N TRP A 4501 -7.08 82.35 32.95
CA TRP A 4501 -7.13 82.18 31.51
C TRP A 4501 -6.44 80.90 31.10
N ILE A 4502 -5.60 80.34 31.98
CA ILE A 4502 -5.13 78.98 31.80
C ILE A 4502 -6.28 78.00 32.00
N GLN A 4503 -6.94 78.07 33.16
CA GLN A 4503 -7.90 77.04 33.54
C GLN A 4503 -9.19 77.14 32.76
N CYS A 4504 -9.42 78.26 32.07
CA CYS A 4504 -10.48 78.27 31.07
C CYS A 4504 -10.15 77.34 29.91
N GLY A 4505 -8.87 77.13 29.63
CA GLY A 4505 -8.50 76.43 28.44
C GLY A 4505 -8.86 77.19 27.19
N ALA A 4506 -8.36 78.43 27.07
CA ALA A 4506 -8.71 79.24 25.92
C ALA A 4506 -8.05 78.68 24.67
N ALA A 4507 -8.75 78.82 23.56
CA ALA A 4507 -8.24 78.35 22.28
C ALA A 4507 -8.51 79.42 21.26
N LEU A 4508 -8.26 79.07 20.00
CA LEU A 4508 -8.47 79.95 18.87
C LEU A 4508 -8.47 79.07 17.64
N PHE A 4509 -9.53 79.15 16.85
CA PHE A 4509 -9.71 78.24 15.73
C PHE A 4509 -9.54 79.08 14.47
N LEU A 4510 -8.91 78.51 13.43
CA LEU A 4510 -8.58 79.34 12.27
C LEU A 4510 -9.83 79.75 11.53
N LYS A 4511 -10.78 78.84 11.42
CA LYS A 4511 -12.10 79.13 10.89
C LYS A 4511 -13.01 77.97 11.25
N ASN A 4512 -14.19 78.00 10.68
CA ASN A 4512 -15.06 76.84 10.58
C ASN A 4512 -15.69 76.92 9.20
N GLN A 4513 -16.08 75.75 8.68
CA GLN A 4513 -16.71 75.59 7.37
C GLN A 4513 -15.87 76.17 6.22
N GLN B 1461 59.86 2.63 -18.39
CA GLN B 1461 59.53 3.97 -18.86
C GLN B 1461 58.68 3.87 -20.11
N GLY B 1462 57.62 3.06 -20.04
CA GLY B 1462 56.76 2.83 -21.18
C GLY B 1462 55.45 3.60 -21.12
N GLU B 1463 55.48 4.80 -20.54
CA GLU B 1463 54.30 5.66 -20.52
C GLU B 1463 53.99 6.17 -21.93
N VAL B 1464 55.02 6.26 -22.77
CA VAL B 1464 54.91 6.75 -24.14
C VAL B 1464 54.07 5.77 -24.96
N THR B 1465 54.07 4.49 -24.55
CA THR B 1465 53.25 3.48 -25.22
C THR B 1465 51.75 3.75 -25.00
N ILE B 1466 51.37 4.00 -23.75
CA ILE B 1466 49.98 4.31 -23.42
C ILE B 1466 49.56 5.62 -24.07
N ARG B 1467 50.47 6.61 -24.05
CA ARG B 1467 50.20 7.89 -24.69
C ARG B 1467 50.03 7.74 -26.20
N GLU B 1468 50.81 6.83 -26.78
CA GLU B 1468 50.75 6.55 -28.20
C GLU B 1468 49.42 5.90 -28.56
N ALA B 1469 48.96 4.99 -27.70
CA ALA B 1469 47.66 4.35 -27.90
C ALA B 1469 46.52 5.36 -27.79
N LEU B 1470 46.63 6.30 -26.86
CA LEU B 1470 45.59 7.31 -26.71
C LEU B 1470 45.59 8.29 -27.87
N ARG B 1471 46.76 8.58 -28.43
CA ARG B 1471 46.81 9.43 -29.63
C ARG B 1471 46.22 8.71 -30.84
N GLU B 1472 46.42 7.38 -30.91
CA GLU B 1472 45.74 6.58 -31.93
C GLU B 1472 44.23 6.65 -31.79
N LEU B 1473 43.71 6.52 -30.57
CA LEU B 1473 42.28 6.54 -30.38
C LEU B 1473 41.71 7.93 -30.63
N ASP B 1474 42.50 8.98 -30.33
CA ASP B 1474 42.07 10.33 -30.65
C ASP B 1474 42.04 10.58 -32.15
N LEU B 1475 43.01 10.01 -32.88
CA LEU B 1475 42.98 10.06 -34.33
C LEU B 1475 41.76 9.33 -34.88
N TRP B 1476 41.34 8.26 -34.21
CA TRP B 1476 40.08 7.64 -34.60
C TRP B 1476 38.90 8.54 -34.28
N GLY B 1477 38.98 9.29 -33.20
CA GLY B 1477 37.85 10.06 -32.72
C GLY B 1477 37.46 11.31 -33.50
N VAL B 1478 37.93 11.46 -34.74
CA VAL B 1478 37.52 12.61 -35.54
C VAL B 1478 37.08 12.17 -36.93
N GLY B 1479 37.46 10.97 -37.34
CA GLY B 1479 37.41 10.65 -38.76
C GLY B 1479 36.11 10.02 -39.22
N ALA B 1480 35.58 9.06 -38.47
CA ALA B 1480 34.61 8.11 -39.00
C ALA B 1480 33.26 8.74 -39.27
N VAL B 1481 32.73 8.49 -40.46
CA VAL B 1481 31.38 8.92 -40.85
C VAL B 1481 30.61 7.73 -41.38
N PHE B 1482 29.42 7.98 -41.91
CA PHE B 1482 28.58 6.93 -42.45
C PHE B 1482 28.69 6.88 -43.97
N THR B 1483 27.79 6.11 -44.57
CA THR B 1483 27.67 6.01 -46.02
C THR B 1483 26.21 6.26 -46.35
N LEU B 1484 25.87 7.51 -46.59
CA LEU B 1484 24.49 7.94 -46.73
C LEU B 1484 23.99 7.60 -48.14
N ILE B 1485 22.98 6.76 -48.21
CA ILE B 1485 22.58 6.12 -49.46
C ILE B 1485 21.10 6.41 -49.71
N ASP B 1486 20.80 7.01 -50.85
CA ASP B 1486 19.41 7.32 -51.20
C ASP B 1486 18.62 6.06 -51.50
N TYR B 1487 17.57 5.86 -50.74
CA TYR B 1487 16.69 4.72 -50.91
C TYR B 1487 15.26 5.21 -51.04
N GLU B 1488 14.50 4.58 -51.93
CA GLU B 1488 13.13 4.96 -52.17
C GLU B 1488 12.18 3.81 -51.89
N ASP B 1489 11.15 4.11 -51.10
CA ASP B 1489 10.09 3.18 -50.72
C ASP B 1489 9.07 3.09 -51.84
N SER B 1490 7.90 2.53 -51.50
CA SER B 1490 6.82 2.35 -52.48
C SER B 1490 6.29 3.69 -52.98
N GLN B 1491 5.71 4.49 -52.08
CA GLN B 1491 5.38 5.87 -52.42
C GLN B 1491 6.70 6.62 -52.40
N SER B 1492 6.77 7.68 -53.19
CA SER B 1492 8.05 8.31 -53.49
C SER B 1492 8.54 9.15 -52.33
N ARG B 1493 9.48 8.60 -51.56
CA ARG B 1493 10.25 9.36 -50.58
C ARG B 1493 11.72 9.01 -50.80
N THR B 1494 12.59 9.65 -50.02
CA THR B 1494 14.02 9.36 -50.13
C THR B 1494 14.69 9.64 -48.81
N MET B 1495 15.31 8.60 -48.25
CA MET B 1495 16.01 8.73 -46.98
C MET B 1495 17.41 8.15 -47.11
N LYS B 1496 18.33 8.70 -46.35
CA LYS B 1496 19.71 8.24 -46.37
C LYS B 1496 19.88 7.04 -45.44
N LEU B 1497 19.58 5.85 -45.96
CA LEU B 1497 19.78 4.64 -45.17
C LEU B 1497 21.26 4.35 -45.07
N ILE B 1498 21.62 3.58 -44.07
CA ILE B 1498 23.02 3.41 -43.69
C ILE B 1498 23.45 1.97 -43.90
N LYS B 1499 24.51 1.77 -44.68
CA LYS B 1499 25.06 0.46 -44.94
C LYS B 1499 26.47 0.33 -44.39
N ASP B 1500 27.04 -0.85 -44.62
CA ASP B 1500 28.39 -1.24 -44.18
C ASP B 1500 28.54 -1.10 -42.67
N TRP B 1501 27.74 -1.86 -41.92
CA TRP B 1501 27.72 -1.72 -40.48
C TRP B 1501 28.92 -2.40 -39.81
N LYS B 1502 29.31 -3.57 -40.35
CA LYS B 1502 30.37 -4.38 -39.74
C LYS B 1502 31.70 -3.66 -39.75
N ASP B 1503 31.94 -2.84 -40.79
CA ASP B 1503 33.12 -1.99 -40.86
C ASP B 1503 33.17 -1.03 -39.69
N ILE B 1504 32.02 -0.56 -39.25
CA ILE B 1504 31.98 0.39 -38.14
C ILE B 1504 32.10 -0.35 -36.81
N VAL B 1505 31.40 -1.48 -36.69
CA VAL B 1505 31.29 -2.17 -35.40
C VAL B 1505 32.62 -2.85 -35.04
N ASN B 1506 33.33 -3.37 -36.04
CA ASN B 1506 34.56 -4.09 -35.77
C ASN B 1506 35.65 -3.16 -35.27
N GLN B 1507 35.64 -1.91 -35.72
CA GLN B 1507 36.56 -0.91 -35.18
C GLN B 1507 36.29 -0.66 -33.71
N VAL B 1508 35.00 -0.67 -33.32
CA VAL B 1508 34.61 -0.45 -31.94
C VAL B 1508 35.09 -1.60 -31.07
N GLY B 1509 34.94 -2.82 -31.58
CA GLY B 1509 35.42 -3.98 -30.86
C GLY B 1509 36.93 -4.00 -30.70
N ASP B 1510 37.63 -3.57 -31.76
CA ASP B 1510 39.08 -3.44 -31.70
C ASP B 1510 39.50 -2.41 -30.67
N ASN B 1511 38.74 -1.31 -30.58
CA ASN B 1511 39.09 -0.27 -29.63
C ASN B 1511 38.83 -0.70 -28.19
N ARG B 1512 37.77 -1.48 -27.96
CA ARG B 1512 37.49 -1.93 -26.60
C ARG B 1512 38.50 -2.99 -26.14
N CYS B 1513 38.89 -3.90 -27.05
CA CYS B 1513 39.90 -4.87 -26.65
C CYS B 1513 41.27 -4.22 -26.55
N LEU B 1514 41.49 -3.12 -27.28
CA LEU B 1514 42.71 -2.36 -27.13
C LEU B 1514 42.79 -1.67 -25.77
N LEU B 1515 41.64 -1.17 -25.31
CA LEU B 1515 41.58 -0.60 -23.96
C LEU B 1515 41.82 -1.67 -22.90
N GLN B 1516 41.31 -2.89 -23.14
CA GLN B 1516 41.60 -3.98 -22.22
C GLN B 1516 43.09 -4.33 -22.24
N SER B 1517 43.73 -4.23 -23.40
CA SER B 1517 45.18 -4.42 -23.48
C SER B 1517 45.92 -3.33 -22.74
N LEU B 1518 45.37 -2.11 -22.74
CA LEU B 1518 45.97 -1.03 -21.96
C LEU B 1518 45.74 -1.22 -20.48
N LYS B 1519 44.70 -1.96 -20.11
CA LYS B 1519 44.40 -2.22 -18.70
C LYS B 1519 45.40 -3.16 -18.02
N ASP B 1520 46.28 -3.80 -18.80
CA ASP B 1520 47.26 -4.69 -18.21
C ASP B 1520 48.61 -4.01 -18.01
N SER B 1521 48.75 -2.75 -18.44
CA SER B 1521 50.01 -2.05 -18.30
C SER B 1521 50.22 -1.62 -16.85
N PRO B 1522 51.46 -1.65 -16.36
CA PRO B 1522 51.69 -1.21 -14.97
C PRO B 1522 51.59 0.29 -14.78
N TYR B 1523 51.64 1.06 -15.87
CA TYR B 1523 51.52 2.51 -15.77
C TYR B 1523 50.09 2.97 -16.02
N TYR B 1524 49.13 2.08 -15.77
CA TYR B 1524 47.72 2.39 -16.01
C TYR B 1524 47.15 3.31 -14.92
N LYS B 1525 47.84 3.38 -13.78
CA LYS B 1525 47.34 4.10 -12.63
C LYS B 1525 47.41 5.62 -12.82
N GLY B 1526 48.24 6.06 -13.77
CA GLY B 1526 48.33 7.48 -14.03
C GLY B 1526 47.51 7.92 -15.22
N PHE B 1527 46.94 6.96 -15.95
CA PHE B 1527 46.20 7.27 -17.16
C PHE B 1527 44.80 6.67 -17.14
N GLU B 1528 44.35 6.17 -15.99
CA GLU B 1528 43.03 5.55 -15.85
C GLU B 1528 41.88 6.49 -16.23
N ASP B 1529 42.06 7.79 -16.06
CA ASP B 1529 40.93 8.71 -16.15
C ASP B 1529 40.49 8.92 -17.59
N LYS B 1530 41.42 8.90 -18.54
CA LYS B 1530 41.04 8.99 -19.94
C LYS B 1530 40.44 7.69 -20.43
N VAL B 1531 40.89 6.58 -19.84
CA VAL B 1531 40.37 5.27 -20.19
C VAL B 1531 38.91 5.16 -19.77
N SER B 1532 38.55 5.80 -18.65
CA SER B 1532 37.16 5.84 -18.23
C SER B 1532 36.27 6.56 -19.25
N ILE B 1533 36.77 7.68 -19.80
CA ILE B 1533 36.06 8.42 -20.85
C ILE B 1533 35.77 7.52 -22.04
N TRP B 1534 36.83 6.93 -22.57
CA TRP B 1534 36.66 6.17 -23.81
C TRP B 1534 35.88 4.88 -23.57
N GLU B 1535 35.96 4.35 -22.35
CA GLU B 1535 35.16 3.21 -21.95
C GLU B 1535 33.67 3.53 -22.03
N ARG B 1536 33.25 4.62 -21.38
CA ARG B 1536 31.83 4.96 -21.37
C ARG B 1536 31.35 5.41 -22.75
N LYS B 1537 32.24 6.06 -23.50
CA LYS B 1537 31.89 6.52 -24.84
C LYS B 1537 31.60 5.37 -25.78
N LEU B 1538 32.49 4.37 -25.79
CA LEU B 1538 32.27 3.21 -26.66
C LEU B 1538 31.11 2.36 -26.15
N ALA B 1539 30.90 2.35 -24.83
CA ALA B 1539 29.80 1.56 -24.26
C ALA B 1539 28.45 2.14 -24.66
N GLU B 1540 28.35 3.47 -24.79
CA GLU B 1540 27.13 4.06 -25.31
C GLU B 1540 26.98 3.83 -26.81
N LEU B 1541 28.07 4.02 -27.55
CA LEU B 1541 28.00 4.04 -29.02
C LEU B 1541 27.66 2.65 -29.57
N ASP B 1542 28.14 1.60 -28.88
CA ASP B 1542 27.85 0.23 -29.31
C ASP B 1542 26.37 -0.07 -29.21
N GLU B 1543 25.74 0.26 -28.08
CA GLU B 1543 24.32 -0.02 -27.90
C GLU B 1543 23.47 0.81 -28.84
N TYR B 1544 23.91 2.04 -29.14
CA TYR B 1544 23.14 2.89 -30.05
C TYR B 1544 23.14 2.33 -31.47
N LEU B 1545 24.30 1.88 -31.93
CA LEU B 1545 24.36 1.28 -33.27
C LEU B 1545 23.63 -0.05 -33.32
N GLN B 1546 23.75 -0.82 -32.24
CA GLN B 1546 23.17 -2.16 -32.21
C GLN B 1546 21.67 -2.09 -31.97
N ASN B 1547 21.14 -0.90 -31.67
CA ASN B 1547 19.70 -0.71 -31.72
C ASN B 1547 19.27 -0.16 -33.07
N LEU B 1548 20.07 0.73 -33.65
CA LEU B 1548 19.64 1.42 -34.86
C LEU B 1548 19.58 0.48 -36.05
N ASN B 1549 20.43 -0.56 -36.05
CA ASN B 1549 20.33 -1.54 -37.14
C ASN B 1549 19.04 -2.36 -37.07
N HIS B 1550 18.61 -2.74 -35.85
CA HIS B 1550 17.29 -3.35 -35.67
C HIS B 1550 16.20 -2.47 -36.22
N ILE B 1551 16.24 -1.18 -35.85
CA ILE B 1551 15.17 -0.28 -36.23
C ILE B 1551 15.12 -0.10 -37.74
N GLN B 1552 16.30 -0.07 -38.37
CA GLN B 1552 16.38 0.08 -39.81
C GLN B 1552 15.79 -1.14 -40.52
N ARG B 1553 16.18 -2.34 -40.08
CA ARG B 1553 15.68 -3.55 -40.72
C ARG B 1553 14.19 -3.70 -40.55
N LYS B 1554 13.66 -3.44 -39.35
CA LYS B 1554 12.24 -3.62 -39.13
C LYS B 1554 11.42 -2.56 -39.84
N TRP B 1555 11.97 -1.35 -39.98
CA TRP B 1555 11.24 -0.32 -40.72
C TRP B 1555 11.18 -0.64 -42.21
N VAL B 1556 12.28 -1.16 -42.76
CA VAL B 1556 12.30 -1.56 -44.16
C VAL B 1556 11.30 -2.69 -44.41
N TYR B 1557 11.21 -3.64 -43.45
CA TYR B 1557 10.20 -4.69 -43.54
C TYR B 1557 8.78 -4.16 -43.53
N LEU B 1558 8.48 -3.24 -42.61
CA LEU B 1558 7.09 -2.96 -42.32
C LEU B 1558 6.58 -1.73 -43.07
N GLU B 1559 7.41 -1.10 -43.88
CA GLU B 1559 6.86 -0.07 -44.76
C GLU B 1559 5.85 -0.61 -45.78
N PRO B 1560 6.15 -1.61 -46.63
CA PRO B 1560 5.23 -1.87 -47.76
C PRO B 1560 3.92 -2.53 -47.37
N ILE B 1561 3.90 -3.31 -46.29
CA ILE B 1561 2.69 -4.01 -45.88
C ILE B 1561 1.62 -3.03 -45.43
N PHE B 1562 1.94 -2.14 -44.50
CA PHE B 1562 1.02 -1.09 -44.13
C PHE B 1562 0.82 -0.07 -45.23
N GLY B 1563 1.76 0.03 -46.18
CA GLY B 1563 1.52 0.89 -47.32
C GLY B 1563 0.42 0.38 -48.23
N ARG B 1564 0.39 -0.93 -48.47
CA ARG B 1564 -0.54 -1.46 -49.46
C ARG B 1564 -1.95 -1.64 -48.90
N GLY B 1565 -2.09 -2.44 -47.84
CA GLY B 1565 -3.38 -2.70 -47.24
C GLY B 1565 -3.64 -1.91 -45.98
N ALA B 1566 -3.92 -0.62 -46.12
CA ALA B 1566 -3.97 0.33 -45.01
C ALA B 1566 -5.25 0.12 -44.20
N LEU B 1567 -5.08 -0.33 -42.96
CA LEU B 1567 -6.16 -0.31 -41.98
C LEU B 1567 -5.79 0.75 -40.96
N PRO B 1568 -6.65 1.75 -40.72
CA PRO B 1568 -6.20 2.99 -40.05
C PRO B 1568 -5.80 2.81 -38.59
N LYS B 1569 -6.35 1.80 -37.90
CA LYS B 1569 -5.95 1.52 -36.53
C LYS B 1569 -4.51 1.04 -36.45
N GLU B 1570 -4.03 0.43 -37.53
CA GLU B 1570 -2.63 0.12 -37.69
C GLU B 1570 -1.87 1.35 -38.20
N GLN B 1571 -2.53 2.17 -39.01
CA GLN B 1571 -1.85 3.24 -39.72
C GLN B 1571 -1.41 4.35 -38.79
N THR B 1572 -2.21 4.65 -37.76
CA THR B 1572 -1.85 5.72 -36.84
C THR B 1572 -0.61 5.36 -36.03
N ARG B 1573 -0.57 4.11 -35.55
CA ARG B 1573 0.60 3.53 -34.91
C ARG B 1573 1.85 3.64 -35.78
N PHE B 1574 1.74 3.15 -37.02
CA PHE B 1574 2.94 3.07 -37.83
C PHE B 1574 3.33 4.44 -38.38
N ASN B 1575 2.37 5.37 -38.47
CA ASN B 1575 2.73 6.73 -38.85
C ASN B 1575 3.49 7.43 -37.75
N ARG B 1576 3.12 7.19 -36.49
CA ARG B 1576 3.89 7.78 -35.40
C ARG B 1576 5.30 7.20 -35.33
N VAL B 1577 5.43 5.90 -35.62
CA VAL B 1577 6.78 5.32 -35.67
C VAL B 1577 7.56 5.86 -36.87
N ASP B 1578 6.86 6.09 -37.99
CA ASP B 1578 7.49 6.64 -39.20
C ASP B 1578 8.04 8.04 -38.94
N GLU B 1579 7.24 8.87 -38.27
CA GLU B 1579 7.68 10.22 -37.91
C GLU B 1579 8.88 10.18 -36.99
N ASP B 1580 8.82 9.30 -35.98
CA ASP B 1580 9.90 9.24 -35.00
C ASP B 1580 11.18 8.67 -35.58
N PHE B 1581 11.10 7.93 -36.68
CA PHE B 1581 12.34 7.44 -37.30
C PHE B 1581 12.89 8.45 -38.31
N ARG B 1582 12.02 9.04 -39.13
CA ARG B 1582 12.49 9.92 -40.18
C ARG B 1582 13.01 11.24 -39.61
N SER B 1583 12.52 11.62 -38.43
CA SER B 1583 13.07 12.79 -37.75
C SER B 1583 14.50 12.56 -37.28
N ILE B 1584 14.83 11.35 -36.88
CA ILE B 1584 16.22 11.07 -36.50
C ILE B 1584 17.10 11.02 -37.74
N MET B 1585 16.59 10.41 -38.80
CA MET B 1585 17.42 10.19 -39.97
C MET B 1585 17.67 11.49 -40.74
N THR B 1586 16.78 12.48 -40.60
CA THR B 1586 17.05 13.80 -41.15
C THR B 1586 18.22 14.47 -40.45
N ASP B 1587 18.28 14.39 -39.12
CA ASP B 1587 19.41 14.97 -38.39
C ASP B 1587 20.70 14.23 -38.65
N ILE B 1588 20.61 12.94 -38.99
CA ILE B 1588 21.82 12.22 -39.38
C ILE B 1588 22.25 12.68 -40.77
N LYS B 1589 21.26 13.01 -41.62
CA LYS B 1589 21.56 13.55 -42.95
C LYS B 1589 22.24 14.91 -42.83
N LYS B 1590 21.93 15.67 -41.78
CA LYS B 1590 22.60 16.94 -41.56
C LYS B 1590 24.08 16.74 -41.20
N ASP B 1591 24.34 16.06 -40.09
CA ASP B 1591 25.71 15.79 -39.65
C ASP B 1591 25.94 14.29 -39.60
N ASN B 1592 26.97 13.83 -40.30
CA ASN B 1592 27.19 12.39 -40.42
C ASN B 1592 28.41 11.94 -39.65
N ARG B 1593 28.94 12.77 -38.77
CA ARG B 1593 30.01 12.33 -37.88
C ARG B 1593 29.47 11.34 -36.86
N VAL B 1594 30.23 10.27 -36.63
CA VAL B 1594 29.70 9.10 -35.95
C VAL B 1594 29.52 9.35 -34.45
N THR B 1595 30.22 10.32 -33.88
CA THR B 1595 30.05 10.58 -32.46
C THR B 1595 28.98 11.62 -32.20
N THR B 1596 28.17 11.95 -33.20
CA THR B 1596 27.06 12.85 -32.98
C THR B 1596 25.90 12.11 -32.33
N LEU B 1597 25.81 10.80 -32.55
CA LEU B 1597 24.78 10.01 -31.89
C LEU B 1597 25.03 9.87 -30.40
N THR B 1598 26.28 10.07 -29.96
CA THR B 1598 26.53 10.19 -28.53
C THR B 1598 26.06 11.53 -28.00
N THR B 1599 25.87 12.52 -28.88
CA THR B 1599 25.60 13.88 -28.42
C THR B 1599 24.34 14.45 -29.04
N HIS B 1600 23.36 13.62 -29.36
CA HIS B 1600 22.05 14.13 -29.72
C HIS B 1600 21.21 14.41 -28.49
N ALA B 1601 19.95 14.75 -28.73
CA ALA B 1601 19.04 15.20 -27.69
C ALA B 1601 18.26 14.04 -27.09
N GLY B 1602 18.97 13.21 -26.32
CA GLY B 1602 18.34 12.08 -25.63
C GLY B 1602 17.73 11.03 -26.53
N ILE B 1603 18.54 10.37 -27.37
CA ILE B 1603 17.97 9.47 -28.38
C ILE B 1603 17.60 8.12 -27.79
N ARG B 1604 18.02 7.83 -26.56
CA ARG B 1604 17.92 6.49 -26.00
C ARG B 1604 16.48 6.05 -25.85
N ASN B 1605 15.66 6.91 -25.27
CA ASN B 1605 14.26 6.56 -25.11
C ASN B 1605 13.51 6.61 -26.43
N SER B 1606 13.97 7.42 -27.38
CA SER B 1606 13.37 7.42 -28.72
C SER B 1606 13.57 6.07 -29.40
N LEU B 1607 14.78 5.53 -29.30
CA LEU B 1607 15.09 4.24 -29.92
C LEU B 1607 14.33 3.11 -29.24
N LEU B 1608 14.31 3.11 -27.90
CA LEU B 1608 13.62 2.04 -27.19
C LEU B 1608 12.11 2.08 -27.41
N THR B 1609 11.53 3.28 -27.49
CA THR B 1609 10.10 3.36 -27.75
C THR B 1609 9.75 2.96 -29.17
N ILE B 1610 10.60 3.28 -30.15
CA ILE B 1610 10.34 2.87 -31.53
C ILE B 1610 10.38 1.34 -31.65
N LEU B 1611 11.37 0.71 -30.97
CA LEU B 1611 11.44 -0.74 -30.94
C LEU B 1611 10.20 -1.36 -30.30
N ASP B 1612 9.73 -0.76 -29.20
CA ASP B 1612 8.59 -1.33 -28.49
C ASP B 1612 7.31 -1.20 -29.32
N GLN B 1613 7.14 -0.08 -30.03
CA GLN B 1613 5.95 0.07 -30.85
C GLN B 1613 5.98 -0.86 -32.07
N LEU B 1614 7.18 -1.17 -32.57
CA LEU B 1614 7.27 -2.16 -33.64
C LEU B 1614 6.92 -3.56 -33.16
N GLN B 1615 7.33 -3.91 -31.93
CA GLN B 1615 6.91 -5.16 -31.32
C GLN B 1615 5.39 -5.24 -31.22
N ARG B 1616 4.76 -4.12 -30.85
CA ARG B 1616 3.31 -4.13 -30.70
C ARG B 1616 2.60 -4.21 -32.05
N CYS B 1617 3.14 -3.60 -33.10
CA CYS B 1617 2.46 -3.75 -34.39
C CYS B 1617 2.69 -5.15 -34.98
N GLN B 1618 3.77 -5.82 -34.57
CA GLN B 1618 3.90 -7.26 -34.86
C GLN B 1618 2.77 -8.08 -34.23
N ARG B 1619 2.52 -7.82 -32.94
CA ARG B 1619 1.41 -8.51 -32.27
C ARG B 1619 0.07 -8.18 -32.90
N SER B 1620 -0.05 -7.00 -33.52
CA SER B 1620 -1.27 -6.73 -34.28
C SER B 1620 -1.29 -7.50 -35.60
N LEU B 1621 -0.10 -7.80 -36.16
CA LEU B 1621 -0.05 -8.45 -37.48
C LEU B 1621 -0.21 -9.97 -37.45
N ASN B 1622 -0.20 -10.57 -36.25
CA ASN B 1622 -0.42 -12.03 -36.10
C ASN B 1622 -1.58 -12.59 -36.93
N GLU B 1623 -2.72 -11.89 -36.94
CA GLU B 1623 -3.91 -12.38 -37.61
C GLU B 1623 -3.71 -12.42 -39.13
N PHE B 1624 -3.07 -11.40 -39.69
CA PHE B 1624 -2.83 -11.36 -41.12
C PHE B 1624 -1.81 -12.42 -41.54
N LEU B 1625 -0.84 -12.68 -40.66
CA LEU B 1625 0.11 -13.77 -40.91
C LEU B 1625 -0.58 -15.11 -41.01
N GLU B 1626 -1.56 -15.38 -40.14
CA GLU B 1626 -2.24 -16.66 -40.23
C GLU B 1626 -3.13 -16.74 -41.47
N GLU B 1627 -3.65 -15.59 -41.93
CA GLU B 1627 -4.37 -15.54 -43.21
C GLU B 1627 -3.50 -15.94 -44.38
N LYS B 1628 -2.29 -15.37 -44.46
CA LYS B 1628 -1.43 -15.77 -45.58
C LYS B 1628 -0.86 -17.17 -45.41
N ARG B 1629 -0.72 -17.66 -44.18
CA ARG B 1629 -0.31 -19.05 -44.01
C ARG B 1629 -1.40 -20.01 -44.44
N SER B 1630 -2.68 -19.64 -44.26
CA SER B 1630 -3.76 -20.46 -44.80
C SER B 1630 -3.85 -20.30 -46.31
N ALA B 1631 -3.35 -19.18 -46.84
CA ALA B 1631 -3.36 -19.01 -48.27
C ALA B 1631 -2.38 -19.93 -48.98
N PHE B 1632 -1.10 -19.82 -48.69
CA PHE B 1632 -0.12 -20.66 -49.36
C PHE B 1632 0.36 -21.74 -48.40
N PRO B 1633 0.35 -22.99 -48.82
CA PRO B 1633 0.44 -24.10 -47.85
C PRO B 1633 1.80 -24.31 -47.21
N ARG B 1634 2.90 -23.95 -47.88
CA ARG B 1634 4.21 -24.31 -47.34
C ARG B 1634 4.66 -23.41 -46.20
N PHE B 1635 3.91 -22.36 -45.90
CA PHE B 1635 4.41 -21.31 -45.02
C PHE B 1635 4.36 -21.71 -43.55
N TYR B 1636 3.86 -22.90 -43.22
CA TYR B 1636 3.75 -23.30 -41.81
C TYR B 1636 5.08 -23.64 -41.18
N PHE B 1637 6.16 -23.62 -41.94
CA PHE B 1637 7.47 -24.02 -41.45
C PHE B 1637 8.46 -22.88 -41.55
N ILE B 1638 8.11 -21.85 -42.29
CA ILE B 1638 8.78 -20.57 -42.23
C ILE B 1638 8.33 -19.91 -40.94
N GLY B 1639 9.25 -19.26 -40.24
CA GLY B 1639 8.86 -18.41 -39.14
C GLY B 1639 8.12 -17.17 -39.63
N ASP B 1640 7.61 -16.39 -38.69
CA ASP B 1640 7.01 -15.11 -39.06
C ASP B 1640 8.06 -14.15 -39.60
N ASP B 1641 9.26 -14.23 -39.03
CA ASP B 1641 10.33 -13.27 -39.27
C ASP B 1641 10.76 -13.27 -40.73
N ASP B 1642 10.68 -14.41 -41.39
CA ASP B 1642 11.04 -14.44 -42.79
C ASP B 1642 9.81 -14.28 -43.67
N LEU B 1643 8.64 -14.64 -43.15
CA LEU B 1643 7.42 -14.63 -43.95
C LEU B 1643 7.00 -13.21 -44.26
N LEU B 1644 7.14 -12.31 -43.28
CA LEU B 1644 6.79 -10.92 -43.58
C LEU B 1644 7.86 -10.26 -44.44
N GLU B 1645 9.09 -10.78 -44.45
CA GLU B 1645 10.07 -10.31 -45.43
C GLU B 1645 9.65 -10.66 -46.84
N ILE B 1646 9.27 -11.92 -47.06
CA ILE B 1646 8.87 -12.36 -48.40
C ILE B 1646 7.57 -11.69 -48.83
N LEU B 1647 6.68 -11.38 -47.88
CA LEU B 1647 5.49 -10.59 -48.21
C LEU B 1647 5.85 -9.15 -48.58
N GLY B 1648 6.77 -8.54 -47.84
CA GLY B 1648 7.14 -7.17 -48.15
C GLY B 1648 8.06 -7.07 -49.34
N GLN B 1649 9.25 -7.67 -49.23
CA GLN B 1649 10.28 -7.56 -50.25
C GLN B 1649 9.94 -8.45 -51.44
N SER B 1650 8.97 -7.99 -52.23
CA SER B 1650 8.45 -8.86 -53.29
C SER B 1650 9.24 -8.73 -54.58
N THR B 1651 10.34 -7.98 -54.57
CA THR B 1651 11.14 -7.83 -55.78
C THR B 1651 12.64 -7.96 -55.49
N ASN B 1652 13.04 -7.90 -54.22
CA ASN B 1652 14.46 -7.85 -53.85
C ASN B 1652 15.13 -9.20 -54.11
N PRO B 1653 16.17 -9.24 -54.95
CA PRO B 1653 16.81 -10.52 -55.27
C PRO B 1653 17.63 -11.11 -54.14
N SER B 1654 18.19 -10.25 -53.30
CA SER B 1654 18.99 -10.72 -52.17
C SER B 1654 18.13 -11.49 -51.17
N VAL B 1655 16.89 -11.02 -50.97
CA VAL B 1655 15.94 -11.69 -50.09
C VAL B 1655 15.58 -13.06 -50.66
N ILE B 1656 15.37 -13.11 -51.97
CA ILE B 1656 14.94 -14.35 -52.63
C ILE B 1656 16.04 -15.40 -52.55
N GLN B 1657 17.28 -14.98 -52.80
CA GLN B 1657 18.37 -15.94 -52.71
C GLN B 1657 18.72 -16.27 -51.27
N SER B 1658 18.32 -15.41 -50.32
CA SER B 1658 18.62 -15.72 -48.94
C SER B 1658 17.57 -16.58 -48.28
N HIS B 1659 16.34 -16.61 -48.79
CA HIS B 1659 15.25 -17.29 -48.10
C HIS B 1659 14.41 -18.21 -48.98
N LEU B 1660 14.78 -18.41 -50.24
CA LEU B 1660 14.05 -19.37 -51.06
C LEU B 1660 14.62 -20.77 -50.86
N LYS B 1661 15.83 -20.84 -50.31
CA LYS B 1661 16.44 -22.11 -49.95
C LYS B 1661 15.65 -22.83 -48.87
N LYS B 1662 15.17 -22.10 -47.86
CA LYS B 1662 14.48 -22.76 -46.76
C LYS B 1662 13.03 -23.10 -47.11
N LEU B 1663 12.54 -22.62 -48.24
CA LEU B 1663 11.17 -22.91 -48.63
C LEU B 1663 11.09 -24.19 -49.46
N PHE B 1664 11.72 -24.21 -50.62
CA PHE B 1664 11.90 -25.42 -51.41
C PHE B 1664 13.26 -25.98 -51.07
N ALA B 1665 13.31 -27.23 -50.60
CA ALA B 1665 14.56 -27.76 -50.06
C ALA B 1665 15.53 -28.12 -51.19
N GLY B 1666 15.01 -28.36 -52.37
CA GLY B 1666 15.87 -28.76 -53.48
C GLY B 1666 16.68 -27.63 -54.06
N ILE B 1667 16.02 -26.52 -54.39
CA ILE B 1667 16.66 -25.36 -55.00
C ILE B 1667 17.54 -24.73 -53.93
N ASN B 1668 18.82 -24.51 -54.28
CA ASN B 1668 19.72 -23.86 -53.35
C ASN B 1668 19.79 -22.37 -53.64
N SER B 1669 19.81 -22.02 -54.92
CA SER B 1669 19.70 -20.64 -55.35
C SER B 1669 19.09 -20.63 -56.75
N VAL B 1670 18.72 -19.44 -57.21
CA VAL B 1670 18.21 -19.27 -58.55
C VAL B 1670 19.06 -18.23 -59.27
N CYS B 1671 18.86 -18.13 -60.57
CA CYS B 1671 19.43 -17.06 -61.36
C CYS B 1671 18.41 -15.96 -61.55
N PHE B 1672 18.76 -14.98 -62.37
CA PHE B 1672 17.86 -13.92 -62.79
C PHE B 1672 18.18 -13.58 -64.22
N ASP B 1673 17.21 -13.02 -64.94
CA ASP B 1673 17.48 -12.56 -66.28
C ASP B 1673 18.16 -11.20 -66.27
N GLU B 1674 18.23 -10.56 -67.43
CA GLU B 1674 19.11 -9.41 -67.60
C GLU B 1674 18.50 -8.14 -67.02
N LYS B 1675 17.23 -8.18 -66.63
CA LYS B 1675 16.62 -7.01 -66.00
C LYS B 1675 16.07 -7.31 -64.61
N SER B 1676 16.40 -8.49 -64.06
CA SER B 1676 15.84 -9.03 -62.83
C SER B 1676 14.32 -9.03 -62.81
N LYS B 1677 13.69 -9.50 -63.90
CA LYS B 1677 12.24 -9.57 -64.01
C LYS B 1677 11.76 -11.01 -64.18
N HIS B 1678 12.68 -11.94 -64.38
CA HIS B 1678 12.32 -13.34 -64.55
C HIS B 1678 13.41 -14.22 -63.93
N ILE B 1679 12.99 -15.41 -63.51
CA ILE B 1679 13.89 -16.44 -63.02
C ILE B 1679 13.96 -17.53 -64.08
N THR B 1680 15.17 -17.95 -64.43
CA THR B 1680 15.35 -18.86 -65.56
C THR B 1680 16.02 -20.16 -65.16
N ALA B 1681 16.78 -20.20 -64.08
CA ALA B 1681 17.45 -21.45 -63.72
C ALA B 1681 17.44 -21.64 -62.21
N MET B 1682 17.90 -22.81 -61.79
CA MET B 1682 18.01 -23.17 -60.39
C MET B 1682 19.29 -23.96 -60.19
N LYS B 1683 19.78 -24.00 -58.95
CA LYS B 1683 21.06 -24.59 -58.65
C LYS B 1683 20.92 -25.77 -57.70
N SER B 1684 22.06 -26.21 -57.19
CA SER B 1684 22.11 -27.23 -56.16
C SER B 1684 23.15 -26.84 -55.10
N LEU B 1685 23.45 -27.80 -54.23
CA LEU B 1685 24.51 -27.58 -53.25
C LEU B 1685 25.88 -27.66 -53.92
N GLU B 1686 26.07 -28.63 -54.80
CA GLU B 1686 27.36 -28.75 -55.47
C GLU B 1686 27.42 -27.93 -56.74
N GLY B 1687 26.28 -27.43 -57.21
CA GLY B 1687 26.23 -26.60 -58.40
C GLY B 1687 25.59 -27.27 -59.59
N GLU B 1688 24.80 -28.30 -59.38
CA GLU B 1688 24.00 -28.90 -60.45
C GLU B 1688 22.95 -27.92 -60.93
N VAL B 1689 23.00 -27.59 -62.20
CA VAL B 1689 22.16 -26.52 -62.74
C VAL B 1689 21.19 -27.10 -63.74
N VAL B 1690 19.91 -26.79 -63.56
CA VAL B 1690 18.87 -27.19 -64.49
C VAL B 1690 18.11 -25.93 -64.92
N PRO B 1691 18.04 -25.64 -66.20
CA PRO B 1691 17.26 -24.49 -66.67
C PRO B 1691 15.78 -24.81 -66.59
N PHE B 1692 14.96 -23.76 -66.56
CA PHE B 1692 13.52 -23.91 -66.56
C PHE B 1692 13.04 -23.78 -68.00
N LYS B 1693 11.90 -24.41 -68.29
CA LYS B 1693 11.44 -24.48 -69.67
C LYS B 1693 10.76 -23.19 -70.10
N ASN B 1694 10.49 -22.30 -69.15
CA ASN B 1694 9.90 -21.01 -69.45
C ASN B 1694 10.27 -20.04 -68.34
N LYS B 1695 10.32 -18.75 -68.67
CA LYS B 1695 10.67 -17.74 -67.69
C LYS B 1695 9.52 -17.53 -66.71
N VAL B 1696 9.85 -17.07 -65.51
CA VAL B 1696 8.88 -16.93 -64.44
C VAL B 1696 8.66 -15.45 -64.11
N PRO B 1697 7.49 -14.90 -64.40
CA PRO B 1697 7.26 -13.47 -64.13
C PRO B 1697 7.16 -13.13 -62.65
N LEU B 1698 8.10 -12.32 -62.17
CA LEU B 1698 8.05 -11.83 -60.80
C LEU B 1698 6.97 -10.76 -60.69
N SER B 1699 6.35 -10.66 -59.51
CA SER B 1699 5.35 -9.62 -59.26
C SER B 1699 5.30 -9.32 -57.77
N ASN B 1700 4.30 -8.53 -57.39
CA ASN B 1700 4.16 -8.10 -56.01
C ASN B 1700 3.40 -9.12 -55.17
N ASN B 1701 2.27 -9.61 -55.67
CA ASN B 1701 1.49 -10.62 -54.98
C ASN B 1701 2.26 -11.93 -55.02
N VAL B 1702 2.69 -12.38 -53.85
CA VAL B 1702 3.79 -13.34 -53.76
C VAL B 1702 3.32 -14.74 -54.14
N GLU B 1703 2.07 -15.07 -53.80
CA GLU B 1703 1.54 -16.37 -54.17
C GLU B 1703 1.35 -16.49 -55.67
N THR B 1704 1.17 -15.35 -56.33
CA THR B 1704 0.90 -15.34 -57.77
C THR B 1704 2.18 -15.49 -58.59
N TRP B 1705 3.32 -15.75 -57.94
CA TRP B 1705 4.44 -16.27 -58.70
C TRP B 1705 5.09 -17.47 -58.01
N LEU B 1706 4.79 -17.69 -56.72
CA LEU B 1706 5.20 -18.94 -56.11
C LEU B 1706 4.42 -20.13 -56.67
N ASN B 1707 3.14 -19.91 -56.97
CA ASN B 1707 2.36 -20.94 -57.66
C ASN B 1707 2.94 -21.21 -59.03
N ASP B 1708 3.44 -20.16 -59.68
CA ASP B 1708 4.07 -20.31 -60.98
C ASP B 1708 5.36 -21.10 -60.88
N LEU B 1709 6.14 -20.89 -59.80
CA LEU B 1709 7.34 -21.68 -59.57
C LEU B 1709 7.00 -23.16 -59.41
N ALA B 1710 5.98 -23.47 -58.61
CA ALA B 1710 5.63 -24.87 -58.35
C ALA B 1710 5.18 -25.58 -59.63
N LEU B 1711 4.24 -24.95 -60.35
CA LEU B 1711 3.76 -25.54 -61.61
C LEU B 1711 4.87 -25.64 -62.65
N GLU B 1712 5.72 -24.63 -62.75
CA GLU B 1712 6.68 -24.62 -63.85
C GLU B 1712 7.85 -25.55 -63.56
N MET B 1713 8.17 -25.74 -62.28
CA MET B 1713 9.15 -26.76 -61.91
C MET B 1713 8.63 -28.16 -62.22
N LYS B 1714 7.37 -28.44 -61.90
CA LYS B 1714 6.82 -29.76 -62.17
C LYS B 1714 6.70 -30.02 -63.67
N LYS B 1715 6.29 -29.01 -64.44
CA LYS B 1715 6.19 -29.18 -65.89
C LYS B 1715 7.57 -29.32 -66.53
N THR B 1716 8.57 -28.62 -65.99
CA THR B 1716 9.92 -28.71 -66.54
C THR B 1716 10.51 -30.08 -66.33
N LEU B 1717 10.39 -30.62 -65.11
CA LEU B 1717 10.89 -31.97 -64.86
C LEU B 1717 10.11 -33.01 -65.65
N GLU B 1718 8.81 -32.77 -65.85
CA GLU B 1718 7.99 -33.72 -66.60
C GLU B 1718 8.38 -33.78 -68.07
N GLN B 1719 8.61 -32.62 -68.68
CA GLN B 1719 8.98 -32.63 -70.09
C GLN B 1719 10.43 -33.09 -70.26
N LEU B 1720 11.26 -32.87 -69.24
CA LEU B 1720 12.66 -33.26 -69.35
C LEU B 1720 12.79 -34.78 -69.23
N LEU B 1721 11.98 -35.40 -68.38
CA LEU B 1721 11.91 -36.86 -68.30
C LEU B 1721 11.44 -37.48 -69.60
N LYS B 1722 10.41 -36.89 -70.22
CA LYS B 1722 9.91 -37.40 -71.49
C LYS B 1722 10.95 -37.31 -72.59
N GLU B 1723 11.68 -36.18 -72.65
CA GLU B 1723 12.72 -36.00 -73.66
C GLU B 1723 13.85 -37.01 -73.48
N CYS B 1724 14.24 -37.25 -72.22
CA CYS B 1724 15.31 -38.19 -71.92
C CYS B 1724 14.91 -39.62 -72.27
N VAL B 1725 13.69 -40.03 -71.89
CA VAL B 1725 13.26 -41.40 -72.15
C VAL B 1725 12.99 -41.59 -73.65
N THR B 1726 12.54 -40.52 -74.32
CA THR B 1726 12.27 -40.59 -75.75
C THR B 1726 13.56 -40.78 -76.54
N THR B 1727 14.65 -40.10 -76.15
CA THR B 1727 15.91 -40.39 -76.82
C THR B 1727 16.50 -41.71 -76.36
N GLY B 1728 16.23 -42.12 -75.11
CA GLY B 1728 16.87 -43.30 -74.56
C GLY B 1728 16.29 -44.60 -75.06
N ARG B 1729 15.02 -44.61 -75.45
CA ARG B 1729 14.42 -45.85 -75.95
C ARG B 1729 14.77 -46.08 -77.42
N SER B 1730 15.48 -45.15 -78.03
CA SER B 1730 16.12 -45.42 -79.30
C SER B 1730 17.29 -46.38 -79.10
N SER B 1731 17.81 -46.90 -80.22
CA SER B 1731 18.83 -47.94 -80.14
C SER B 1731 20.16 -47.39 -79.64
N GLN B 1732 20.54 -46.20 -80.11
CA GLN B 1732 21.78 -45.59 -79.65
C GLN B 1732 21.63 -45.10 -78.22
N GLY B 1733 22.75 -45.00 -77.52
CA GLY B 1733 22.71 -44.51 -76.15
C GLY B 1733 22.54 -43.00 -76.11
N ALA B 1734 21.79 -42.54 -75.12
CA ALA B 1734 21.62 -41.11 -74.93
C ALA B 1734 22.54 -40.60 -73.84
N VAL B 1735 23.76 -41.14 -73.78
CA VAL B 1735 24.73 -40.80 -72.76
C VAL B 1735 25.21 -39.38 -72.96
N ASP B 1736 24.70 -38.46 -72.15
CA ASP B 1736 25.15 -37.06 -72.13
C ASP B 1736 24.84 -36.50 -70.75
N PRO B 1737 25.62 -36.90 -69.73
CA PRO B 1737 25.18 -36.66 -68.35
C PRO B 1737 25.25 -35.21 -67.91
N SER B 1738 25.81 -34.33 -68.75
CA SER B 1738 25.72 -32.90 -68.48
C SER B 1738 24.30 -32.39 -68.74
N LEU B 1739 23.57 -33.07 -69.62
CA LEU B 1739 22.33 -32.49 -70.13
C LEU B 1739 21.15 -32.81 -69.20
N PHE B 1740 21.33 -33.79 -68.31
CA PHE B 1740 20.19 -34.06 -67.45
C PHE B 1740 20.61 -34.16 -65.99
N PRO B 1741 19.75 -33.81 -65.05
CA PRO B 1741 20.04 -34.10 -63.64
C PRO B 1741 19.94 -35.58 -63.35
N SER B 1742 20.59 -36.00 -62.25
CA SER B 1742 20.69 -37.42 -61.91
C SER B 1742 19.34 -38.05 -61.61
N GLN B 1743 18.39 -37.21 -61.17
CA GLN B 1743 17.04 -37.64 -60.87
C GLN B 1743 16.34 -38.22 -62.10
N ILE B 1744 16.71 -37.76 -63.29
CA ILE B 1744 16.07 -38.27 -64.50
C ILE B 1744 16.88 -39.42 -65.10
N LEU B 1745 18.20 -39.39 -64.94
CA LEU B 1745 19.04 -40.51 -65.40
C LEU B 1745 18.67 -41.81 -64.71
N CYS B 1746 18.60 -41.79 -63.37
CA CYS B 1746 18.31 -43.01 -62.62
C CYS B 1746 16.92 -43.54 -62.94
N LEU B 1747 15.98 -42.62 -63.10
CA LEU B 1747 14.59 -43.01 -63.35
C LEU B 1747 14.44 -43.59 -64.76
N ALA B 1748 15.11 -42.98 -65.74
CA ALA B 1748 15.03 -43.48 -67.11
C ALA B 1748 15.66 -44.86 -67.22
N GLU B 1749 16.80 -45.06 -66.55
CA GLU B 1749 17.45 -46.37 -66.57
C GLU B 1749 16.59 -47.43 -65.90
N GLN B 1750 15.92 -47.08 -64.80
CA GLN B 1750 15.07 -48.05 -64.15
C GLN B 1750 13.81 -48.38 -64.93
N ILE B 1751 13.18 -47.39 -65.56
CA ILE B 1751 12.01 -47.67 -66.39
C ILE B 1751 12.36 -48.54 -67.59
N LYS B 1752 13.47 -48.25 -68.27
CA LYS B 1752 13.85 -49.05 -69.43
C LYS B 1752 14.28 -50.45 -69.02
N PHE B 1753 14.96 -50.56 -67.87
CA PHE B 1753 15.26 -51.87 -67.28
C PHE B 1753 14.01 -52.69 -67.04
N THR B 1754 12.98 -52.05 -66.47
CA THR B 1754 11.74 -52.74 -66.14
C THR B 1754 11.06 -53.28 -67.39
N GLU B 1755 10.94 -52.43 -68.42
CA GLU B 1755 10.26 -52.86 -69.63
C GLU B 1755 11.05 -53.93 -70.38
N ASP B 1756 12.39 -53.85 -70.32
CA ASP B 1756 13.19 -54.86 -71.00
C ASP B 1756 13.11 -56.21 -70.28
N VAL B 1757 13.10 -56.21 -68.96
CA VAL B 1757 13.06 -57.49 -68.24
C VAL B 1757 11.67 -58.10 -68.35
N GLU B 1758 10.64 -57.26 -68.44
CA GLU B 1758 9.31 -57.84 -68.62
C GLU B 1758 9.05 -58.24 -70.06
N ASN B 1759 9.85 -57.75 -71.01
CA ASN B 1759 9.90 -58.45 -72.30
C ASN B 1759 10.65 -59.76 -72.19
N ALA B 1760 11.71 -59.80 -71.38
CA ALA B 1760 12.61 -60.94 -71.32
C ALA B 1760 11.90 -62.17 -70.78
N ILE B 1761 11.37 -62.08 -69.56
CA ILE B 1761 10.80 -63.25 -68.88
C ILE B 1761 9.58 -63.77 -69.63
N LYS B 1762 8.91 -62.89 -70.39
CA LYS B 1762 7.90 -63.34 -71.34
C LYS B 1762 8.53 -64.15 -72.48
N ASP B 1763 9.65 -63.66 -73.04
CA ASP B 1763 10.23 -64.35 -74.18
C ASP B 1763 11.13 -65.52 -73.76
N HIS B 1764 12.20 -65.22 -73.03
CA HIS B 1764 13.28 -66.18 -72.86
C HIS B 1764 14.09 -65.81 -71.64
N SER B 1765 14.80 -66.80 -71.07
CA SER B 1765 15.58 -66.60 -69.86
C SER B 1765 16.65 -65.52 -70.01
N LEU B 1766 17.30 -65.48 -71.18
CA LEU B 1766 18.08 -64.34 -71.66
C LEU B 1766 19.23 -63.95 -70.73
N HIS B 1767 20.24 -64.83 -70.68
CA HIS B 1767 21.51 -64.47 -70.06
C HIS B 1767 22.23 -63.35 -70.83
N GLN B 1768 21.80 -63.08 -72.07
CA GLN B 1768 22.30 -61.96 -72.85
C GLN B 1768 22.08 -60.63 -72.12
N ILE B 1769 20.96 -60.49 -71.40
CA ILE B 1769 20.69 -59.24 -70.71
C ILE B 1769 21.55 -59.11 -69.46
N GLU B 1770 21.81 -60.22 -68.77
CA GLU B 1770 22.75 -60.20 -67.66
C GLU B 1770 24.15 -59.84 -68.12
N THR B 1771 24.58 -60.42 -69.25
CA THR B 1771 25.89 -60.11 -69.81
C THR B 1771 25.96 -58.65 -70.28
N GLN B 1772 24.84 -58.14 -70.80
CA GLN B 1772 24.76 -56.74 -71.21
C GLN B 1772 24.89 -55.81 -70.02
N LEU B 1773 24.25 -56.14 -68.90
CA LEU B 1773 24.39 -55.33 -67.70
C LEU B 1773 25.79 -55.39 -67.14
N VAL B 1774 26.43 -56.57 -67.20
CA VAL B 1774 27.81 -56.69 -66.71
C VAL B 1774 28.75 -55.83 -67.54
N ASN B 1775 28.59 -55.86 -68.87
CA ASN B 1775 29.46 -55.08 -69.73
C ASN B 1775 29.17 -53.59 -69.62
N LYS B 1776 27.90 -53.22 -69.38
CA LYS B 1776 27.56 -51.81 -69.23
C LYS B 1776 28.14 -51.26 -67.92
N LEU B 1777 28.07 -52.05 -66.85
CA LEU B 1777 28.65 -51.66 -65.57
C LEU B 1777 30.17 -51.56 -65.69
N GLU B 1778 30.78 -52.47 -66.46
CA GLU B 1778 32.22 -52.40 -66.69
C GLU B 1778 32.59 -51.15 -67.46
N GLN B 1779 31.73 -50.74 -68.40
CA GLN B 1779 31.94 -49.51 -69.14
C GLN B 1779 31.88 -48.29 -68.23
N TYR B 1780 30.89 -48.25 -67.32
CA TYR B 1780 30.79 -47.10 -66.41
C TYR B 1780 31.96 -47.04 -65.44
N THR B 1781 32.40 -48.19 -64.93
CA THR B 1781 33.56 -48.19 -64.04
C THR B 1781 34.83 -47.82 -64.80
N ASN B 1782 34.90 -48.10 -66.09
CA ASN B 1782 36.07 -47.70 -66.87
C ASN B 1782 36.06 -46.21 -67.16
N ILE B 1783 34.88 -45.65 -67.47
CA ILE B 1783 34.79 -44.22 -67.76
C ILE B 1783 34.97 -43.41 -66.48
N ASP B 1784 34.75 -44.04 -65.31
CA ASP B 1784 34.96 -43.38 -64.02
C ASP B 1784 36.43 -43.00 -63.79
N THR B 1785 37.37 -43.65 -64.49
CA THR B 1785 38.78 -43.28 -64.34
C THR B 1785 39.17 -42.11 -65.24
N SER B 1786 38.23 -41.57 -66.01
CA SER B 1786 38.53 -40.44 -66.86
C SER B 1786 38.28 -39.11 -66.16
N SER B 1787 37.46 -39.11 -65.12
CA SER B 1787 37.20 -37.91 -64.33
C SER B 1787 37.90 -37.93 -62.98
N GLU B 1788 38.30 -39.11 -62.50
CA GLU B 1788 38.94 -39.24 -61.19
C GLU B 1788 40.35 -38.67 -61.16
N ASP B 1789 41.12 -38.85 -62.24
CA ASP B 1789 42.46 -38.27 -62.29
C ASP B 1789 42.47 -36.74 -62.42
N PRO B 1790 41.63 -36.08 -63.25
CA PRO B 1790 41.60 -34.61 -63.13
C PRO B 1790 40.99 -34.14 -61.82
N GLY B 1791 39.82 -34.66 -61.45
CA GLY B 1791 39.24 -34.33 -60.16
C GLY B 1791 38.72 -32.90 -60.13
N ASN B 1792 39.44 -32.05 -59.40
CA ASN B 1792 39.07 -30.65 -59.21
C ASN B 1792 39.44 -29.86 -60.47
N THR B 1793 38.45 -29.67 -61.33
CA THR B 1793 38.62 -28.80 -62.48
C THR B 1793 37.66 -27.62 -62.38
N GLU B 1794 37.61 -26.82 -63.43
CA GLU B 1794 36.76 -25.66 -63.44
C GLU B 1794 35.65 -25.83 -64.46
N SER B 1795 34.40 -25.59 -64.01
CA SER B 1795 33.14 -25.86 -64.72
C SER B 1795 32.97 -27.33 -65.08
N GLY B 1796 33.66 -28.23 -64.38
CA GLY B 1796 33.42 -29.64 -64.54
C GLY B 1796 33.27 -30.32 -63.19
N ILE B 1797 32.05 -30.77 -62.93
CA ILE B 1797 31.67 -31.56 -61.76
C ILE B 1797 30.77 -32.63 -62.40
N LEU B 1798 29.97 -33.34 -61.60
CA LEU B 1798 29.07 -34.43 -61.96
C LEU B 1798 29.83 -35.70 -62.34
N GLU B 1799 30.87 -36.02 -61.59
CA GLU B 1799 31.24 -37.41 -61.39
C GLU B 1799 30.25 -38.12 -60.49
N LEU B 1800 29.46 -37.35 -59.72
CA LEU B 1800 28.48 -37.89 -58.79
C LEU B 1800 27.30 -38.52 -59.49
N LYS B 1801 26.96 -38.04 -60.69
CA LYS B 1801 25.89 -38.65 -61.46
C LYS B 1801 26.25 -40.07 -61.87
N LEU B 1802 27.55 -40.35 -62.00
CA LEU B 1802 27.98 -41.71 -62.29
C LEU B 1802 27.85 -42.59 -61.05
N LYS B 1803 28.31 -42.08 -59.90
CA LYS B 1803 28.31 -42.85 -58.67
C LYS B 1803 26.91 -43.07 -58.14
N ALA B 1804 25.96 -42.23 -58.56
CA ALA B 1804 24.56 -42.46 -58.18
C ALA B 1804 23.88 -43.36 -59.21
N LEU B 1805 24.64 -43.89 -60.15
CA LEU B 1805 24.05 -44.78 -61.15
C LEU B 1805 24.59 -46.20 -60.99
N ILE B 1806 25.84 -46.29 -60.50
CA ILE B 1806 26.49 -47.58 -60.25
C ILE B 1806 25.67 -48.44 -59.29
N LEU B 1807 25.08 -47.82 -58.26
CA LEU B 1807 24.36 -48.55 -57.23
C LEU B 1807 23.09 -49.18 -57.76
N ASP B 1808 22.35 -48.45 -58.60
CA ASP B 1808 21.14 -49.00 -59.21
C ASP B 1808 21.50 -50.13 -60.17
N ILE B 1809 22.64 -50.01 -60.83
CA ILE B 1809 23.07 -51.08 -61.74
C ILE B 1809 23.45 -52.33 -60.95
N ILE B 1810 24.05 -52.17 -59.77
CA ILE B 1810 24.37 -53.33 -58.94
C ILE B 1810 23.09 -53.99 -58.42
N HIS B 1811 22.08 -53.16 -58.10
CA HIS B 1811 20.76 -53.68 -57.75
C HIS B 1811 20.15 -54.53 -58.88
N ASN B 1812 20.25 -54.04 -60.11
CA ASN B 1812 19.69 -54.79 -61.24
C ASN B 1812 20.47 -56.07 -61.50
N ILE B 1813 21.79 -56.04 -61.28
CA ILE B 1813 22.64 -57.23 -61.35
C ILE B 1813 22.14 -58.30 -60.39
N ASP B 1814 21.87 -57.92 -59.13
CA ASP B 1814 21.47 -58.91 -58.15
C ASP B 1814 20.06 -59.44 -58.42
N VAL B 1815 19.19 -58.59 -58.96
CA VAL B 1815 17.83 -59.02 -59.30
C VAL B 1815 17.85 -60.07 -60.42
N VAL B 1816 18.61 -59.78 -61.49
CA VAL B 1816 18.67 -60.71 -62.62
C VAL B 1816 19.37 -62.00 -62.21
N LYS B 1817 20.35 -61.90 -61.31
CA LYS B 1817 21.05 -63.10 -60.87
C LYS B 1817 20.15 -64.00 -60.01
N GLN B 1818 19.28 -63.41 -59.18
CA GLN B 1818 18.38 -64.26 -58.41
C GLN B 1818 17.27 -64.84 -59.26
N LEU B 1819 16.79 -64.08 -60.25
CA LEU B 1819 15.85 -64.63 -61.22
C LEU B 1819 16.46 -65.77 -62.01
N ASN B 1820 17.77 -65.71 -62.24
CA ASN B 1820 18.46 -66.83 -62.87
C ASN B 1820 18.58 -68.01 -61.93
N GLN B 1821 18.82 -67.76 -60.64
CA GLN B 1821 19.01 -68.85 -59.69
C GLN B 1821 17.72 -69.60 -59.41
N ILE B 1822 16.57 -68.94 -59.55
CA ILE B 1822 15.34 -69.66 -59.22
C ILE B 1822 14.64 -70.15 -60.50
N GLN B 1823 14.98 -69.57 -61.66
CA GLN B 1823 14.42 -69.89 -62.98
C GLN B 1823 12.90 -69.69 -63.00
N VAL B 1824 12.52 -68.41 -62.86
CA VAL B 1824 11.12 -68.01 -62.89
C VAL B 1824 10.55 -68.20 -64.30
N HIS B 1825 9.31 -68.68 -64.36
CA HIS B 1825 8.69 -68.91 -65.66
C HIS B 1825 8.12 -67.62 -66.26
N THR B 1826 7.09 -67.05 -65.63
CA THR B 1826 6.35 -65.95 -66.25
C THR B 1826 6.30 -64.75 -65.30
N THR B 1827 5.57 -63.72 -65.74
CA THR B 1827 5.57 -62.43 -65.05
C THR B 1827 4.70 -62.48 -63.80
N GLU B 1828 3.60 -63.22 -63.85
CA GLU B 1828 2.66 -63.29 -62.74
C GLU B 1828 3.20 -64.06 -61.55
N ASP B 1829 4.33 -64.75 -61.73
CA ASP B 1829 5.05 -65.36 -60.63
C ASP B 1829 5.50 -64.28 -59.66
N TRP B 1830 5.32 -64.56 -58.37
CA TRP B 1830 5.38 -63.47 -57.40
C TRP B 1830 6.82 -63.11 -57.06
N ALA B 1831 7.79 -63.91 -57.51
CA ALA B 1831 9.18 -63.54 -57.31
C ALA B 1831 9.61 -62.38 -58.19
N TRP B 1832 8.84 -62.07 -59.22
CA TRP B 1832 9.06 -60.85 -59.98
C TRP B 1832 8.28 -59.68 -59.41
N LYS B 1833 7.03 -59.89 -58.99
CA LYS B 1833 6.22 -58.78 -58.53
C LYS B 1833 6.56 -58.41 -57.10
N LYS B 1834 7.37 -59.24 -56.44
CA LYS B 1834 8.02 -58.84 -55.20
C LYS B 1834 8.96 -57.67 -55.43
N GLN B 1835 9.64 -57.68 -56.57
CA GLN B 1835 10.62 -56.64 -56.85
C GLN B 1835 9.95 -55.36 -57.30
N LEU B 1836 10.58 -54.25 -56.97
CA LEU B 1836 10.02 -52.92 -57.14
C LEU B 1836 10.04 -52.55 -58.62
N ARG B 1837 8.92 -52.06 -59.12
CA ARG B 1837 8.72 -51.86 -60.54
C ARG B 1837 8.39 -50.40 -60.82
N PHE B 1838 9.02 -49.84 -61.84
CA PHE B 1838 8.78 -48.46 -62.22
C PHE B 1838 8.23 -48.40 -63.64
N TYR B 1839 6.91 -48.44 -63.76
CA TYR B 1839 6.30 -48.50 -65.07
C TYR B 1839 6.19 -47.11 -65.65
N MET B 1840 5.68 -47.05 -66.87
CA MET B 1840 5.36 -45.80 -67.57
C MET B 1840 3.86 -45.83 -67.85
N LYS B 1841 3.20 -44.70 -67.67
CA LYS B 1841 1.78 -44.61 -68.01
C LYS B 1841 1.66 -43.95 -69.38
N SER B 1842 0.46 -44.06 -69.99
CA SER B 1842 0.25 -43.50 -71.32
C SER B 1842 0.11 -41.99 -71.27
N ASP B 1843 0.01 -41.41 -70.08
CA ASP B 1843 0.02 -39.97 -69.92
C ASP B 1843 1.44 -39.52 -69.61
N HIS B 1844 2.40 -40.42 -69.86
CA HIS B 1844 3.83 -40.20 -69.85
C HIS B 1844 4.41 -39.94 -68.46
N THR B 1845 3.60 -40.05 -67.40
CA THR B 1845 4.06 -39.81 -66.04
C THR B 1845 4.29 -41.16 -65.38
N CYS B 1846 5.19 -41.19 -64.40
CA CYS B 1846 5.56 -42.46 -63.79
C CYS B 1846 4.46 -42.96 -62.85
N CYS B 1847 4.52 -44.25 -62.56
CA CYS B 1847 3.61 -44.86 -61.61
C CYS B 1847 4.33 -46.02 -60.95
N VAL B 1848 4.95 -45.73 -59.81
CA VAL B 1848 5.70 -46.70 -59.03
C VAL B 1848 4.74 -47.74 -58.48
N GLN B 1849 4.97 -49.00 -58.82
CA GLN B 1849 4.01 -50.05 -58.51
C GLN B 1849 4.73 -51.26 -57.95
N MET B 1850 4.45 -51.56 -56.68
CA MET B 1850 4.85 -52.82 -56.06
C MET B 1850 3.70 -53.79 -56.29
N VAL B 1851 3.59 -54.84 -55.47
CA VAL B 1851 2.80 -56.07 -55.64
C VAL B 1851 1.41 -55.85 -56.22
N ASP B 1852 0.61 -55.01 -55.59
CA ASP B 1852 -0.60 -54.50 -56.21
C ASP B 1852 -0.81 -53.02 -55.97
N SER B 1853 -0.21 -52.47 -54.92
CA SER B 1853 -0.37 -51.08 -54.58
C SER B 1853 0.45 -50.23 -55.54
N GLU B 1854 -0.08 -49.08 -55.91
CA GLU B 1854 0.64 -48.18 -56.80
C GLU B 1854 0.46 -46.76 -56.32
N PHE B 1855 1.38 -45.89 -56.74
CA PHE B 1855 1.41 -44.51 -56.31
C PHE B 1855 1.69 -43.64 -57.51
N GLN B 1856 1.97 -42.37 -57.28
CA GLN B 1856 2.43 -41.55 -58.40
C GLN B 1856 3.67 -40.75 -58.03
N TYR B 1857 4.50 -40.53 -59.04
CA TYR B 1857 5.69 -39.70 -58.94
C TYR B 1857 5.26 -38.25 -58.89
N THR B 1858 5.67 -37.53 -57.86
CA THR B 1858 5.13 -36.19 -57.67
C THR B 1858 6.16 -35.10 -57.93
N TYR B 1859 7.27 -35.43 -58.61
CA TYR B 1859 8.13 -34.47 -59.30
C TYR B 1859 8.79 -33.47 -58.37
N GLU B 1860 9.17 -33.91 -57.18
CA GLU B 1860 9.94 -33.03 -56.32
C GLU B 1860 11.40 -33.07 -56.74
N TYR B 1861 11.96 -31.91 -57.02
CA TYR B 1861 13.36 -31.84 -57.43
C TYR B 1861 14.27 -32.02 -56.22
N GLN B 1862 14.97 -33.15 -56.16
CA GLN B 1862 15.82 -33.47 -55.03
C GLN B 1862 17.25 -32.94 -55.16
N GLY B 1863 17.80 -32.91 -56.37
CA GLY B 1863 19.21 -32.64 -56.51
C GLY B 1863 20.04 -33.81 -56.02
N ASN B 1864 21.33 -33.55 -55.83
CA ASN B 1864 22.28 -34.59 -55.45
C ASN B 1864 22.13 -34.90 -53.98
N ALA B 1865 22.05 -36.18 -53.64
CA ALA B 1865 21.88 -36.64 -52.28
C ALA B 1865 22.43 -38.04 -52.15
N SER B 1866 22.71 -38.46 -50.93
CA SER B 1866 23.33 -39.77 -50.71
C SER B 1866 22.29 -40.87 -50.64
N LYS B 1867 22.33 -41.78 -51.60
CA LYS B 1867 21.42 -42.92 -51.63
C LYS B 1867 21.97 -44.05 -50.80
N LEU B 1868 21.21 -45.16 -50.75
CA LEU B 1868 21.54 -46.24 -49.85
C LEU B 1868 21.86 -47.52 -50.60
N VAL B 1869 22.58 -48.41 -49.92
CA VAL B 1869 22.86 -49.72 -50.47
C VAL B 1869 21.66 -50.62 -50.23
N TYR B 1870 21.25 -51.36 -51.25
CA TYR B 1870 20.03 -52.12 -51.13
C TYR B 1870 20.28 -53.45 -50.40
N THR B 1871 20.29 -53.39 -49.07
CA THR B 1871 20.36 -54.58 -48.23
C THR B 1871 19.01 -55.28 -48.29
N PRO B 1872 18.94 -56.58 -48.00
CA PRO B 1872 17.62 -57.25 -48.00
C PRO B 1872 16.69 -56.86 -46.85
N LEU B 1873 17.15 -56.04 -45.90
CA LEU B 1873 16.25 -55.50 -44.88
C LEU B 1873 15.32 -54.44 -45.48
N THR B 1874 15.79 -53.77 -46.53
CA THR B 1874 14.98 -52.78 -47.20
C THR B 1874 13.85 -53.42 -47.99
N ASP B 1875 14.00 -54.68 -48.39
CA ASP B 1875 12.89 -55.43 -48.98
C ASP B 1875 11.71 -55.51 -48.00
N LYS B 1876 12.01 -55.97 -46.79
CA LYS B 1876 11.07 -56.03 -45.67
C LYS B 1876 10.40 -54.69 -45.42
N CYS B 1877 11.21 -53.64 -45.31
CA CYS B 1877 10.73 -52.30 -45.00
C CYS B 1877 9.83 -51.73 -46.10
N TYR B 1878 10.27 -51.84 -47.36
CA TYR B 1878 9.50 -51.30 -48.47
C TYR B 1878 8.17 -52.02 -48.64
N LEU B 1879 8.17 -53.34 -48.48
CA LEU B 1879 6.92 -54.06 -48.71
C LEU B 1879 5.93 -53.78 -47.59
N THR B 1880 6.41 -53.70 -46.34
CA THR B 1880 5.50 -53.39 -45.24
C THR B 1880 4.91 -51.99 -45.37
N LEU B 1881 5.73 -51.02 -45.75
CA LEU B 1881 5.21 -49.66 -45.83
C LEU B 1881 4.27 -49.48 -47.02
N THR B 1882 4.55 -50.16 -48.13
CA THR B 1882 3.66 -50.01 -49.28
C THR B 1882 2.34 -50.73 -49.07
N GLN B 1883 2.34 -51.87 -48.37
CA GLN B 1883 1.07 -52.51 -48.06
C GLN B 1883 0.28 -51.71 -47.03
N ALA B 1884 0.98 -51.08 -46.10
CA ALA B 1884 0.31 -50.25 -45.10
C ALA B 1884 -0.29 -49.00 -45.74
N MET B 1885 0.38 -48.45 -46.75
CA MET B 1885 -0.22 -47.33 -47.47
C MET B 1885 -1.36 -47.79 -48.35
N LYS B 1886 -1.34 -49.04 -48.80
CA LYS B 1886 -2.47 -49.56 -49.56
C LYS B 1886 -3.69 -49.72 -48.66
N MET B 1887 -3.48 -50.14 -47.42
CA MET B 1887 -4.60 -50.24 -46.49
C MET B 1887 -4.99 -48.90 -45.88
N GLY B 1888 -4.34 -47.81 -46.25
CA GLY B 1888 -4.69 -46.52 -45.71
C GLY B 1888 -4.26 -46.28 -44.28
N LEU B 1889 -3.09 -46.78 -43.89
CA LEU B 1889 -2.60 -46.64 -42.54
C LEU B 1889 -1.20 -46.04 -42.55
N GLY B 1890 -0.65 -45.82 -41.36
CA GLY B 1890 0.72 -45.36 -41.26
C GLY B 1890 1.72 -46.50 -41.25
N GLY B 1891 2.93 -46.18 -40.82
CA GLY B 1891 3.97 -47.18 -40.72
C GLY B 1891 4.95 -46.86 -39.61
N ASN B 1892 5.24 -47.85 -38.75
CA ASN B 1892 6.00 -47.66 -37.53
C ASN B 1892 7.18 -48.61 -37.50
N PRO B 1893 8.27 -48.30 -38.19
CA PRO B 1893 9.48 -49.12 -38.04
C PRO B 1893 10.14 -48.86 -36.70
N TYR B 1894 10.75 -49.89 -36.15
CA TYR B 1894 11.35 -49.80 -34.83
C TYR B 1894 12.49 -50.80 -34.69
N GLY B 1895 13.06 -50.84 -33.49
CA GLY B 1895 14.17 -51.72 -33.21
C GLY B 1895 15.19 -51.00 -32.37
N PRO B 1896 16.36 -51.60 -32.18
CA PRO B 1896 17.38 -50.95 -31.35
C PRO B 1896 18.02 -49.75 -32.01
N ALA B 1897 18.99 -49.13 -31.34
CA ALA B 1897 19.51 -47.85 -31.77
C ALA B 1897 20.60 -47.99 -32.82
N GLY B 1898 20.48 -47.22 -33.89
CA GLY B 1898 21.53 -47.15 -34.87
C GLY B 1898 21.43 -48.13 -35.99
N THR B 1899 20.33 -48.12 -36.73
CA THR B 1899 20.16 -49.12 -37.77
C THR B 1899 19.98 -48.50 -39.15
N GLY B 1900 19.11 -47.51 -39.28
CA GLY B 1900 18.81 -46.96 -40.59
C GLY B 1900 17.35 -46.75 -40.86
N LYS B 1901 16.51 -46.83 -39.82
CA LYS B 1901 15.07 -46.69 -39.99
C LYS B 1901 14.68 -45.27 -40.37
N THR B 1902 15.40 -44.26 -39.87
CA THR B 1902 15.03 -42.88 -40.14
C THR B 1902 15.34 -42.51 -41.58
N GLU B 1903 16.51 -42.92 -42.08
CA GLU B 1903 16.88 -42.57 -43.44
C GLU B 1903 16.20 -43.46 -44.45
N SER B 1904 15.65 -44.60 -44.03
CA SER B 1904 14.97 -45.49 -44.95
C SER B 1904 13.70 -44.85 -45.47
N VAL B 1905 13.01 -44.11 -44.61
CA VAL B 1905 11.78 -43.42 -45.01
C VAL B 1905 12.10 -42.34 -46.03
N LYS B 1906 13.17 -41.58 -45.80
CA LYS B 1906 13.56 -40.53 -46.73
C LYS B 1906 14.07 -41.12 -48.03
N ALA B 1907 14.65 -42.31 -47.95
CA ALA B 1907 15.08 -43.01 -49.17
C ALA B 1907 13.87 -43.45 -49.99
N LEU B 1908 12.83 -43.94 -49.33
CA LEU B 1908 11.60 -44.28 -50.03
C LEU B 1908 10.97 -43.05 -50.65
N GLY B 1909 10.97 -41.93 -49.93
CA GLY B 1909 10.46 -40.70 -50.49
C GLY B 1909 11.29 -40.20 -51.66
N GLY B 1910 12.58 -40.51 -51.66
CA GLY B 1910 13.42 -40.16 -52.78
C GLY B 1910 13.11 -41.02 -54.00
N LEU B 1911 12.89 -42.32 -53.79
CA LEU B 1911 12.66 -43.22 -54.91
C LEU B 1911 11.26 -43.05 -55.48
N LEU B 1912 10.37 -42.41 -54.72
CA LEU B 1912 8.99 -42.26 -55.12
C LEU B 1912 8.70 -40.94 -55.81
N GLY B 1913 9.42 -39.87 -55.44
CA GLY B 1913 9.16 -38.56 -55.99
C GLY B 1913 8.38 -37.62 -55.09
N ARG B 1914 8.33 -37.88 -53.78
CA ARG B 1914 7.65 -37.00 -52.85
C ARG B 1914 8.61 -35.98 -52.26
N GLN B 1915 8.12 -35.21 -51.30
CA GLN B 1915 8.99 -34.42 -50.45
C GLN B 1915 8.79 -34.83 -49.00
N VAL B 1916 9.88 -34.83 -48.25
CA VAL B 1916 9.90 -35.37 -46.90
C VAL B 1916 10.23 -34.24 -45.96
N LEU B 1917 9.45 -34.09 -44.89
CA LEU B 1917 9.68 -33.07 -43.89
C LEU B 1917 9.92 -33.70 -42.53
N VAL B 1918 11.18 -34.06 -42.28
CA VAL B 1918 11.59 -34.74 -41.06
C VAL B 1918 11.37 -33.81 -39.87
N PHE B 1919 10.75 -34.33 -38.83
CA PHE B 1919 10.44 -33.55 -37.64
C PHE B 1919 11.22 -34.08 -36.46
N ASN B 1920 10.91 -33.54 -35.30
CA ASN B 1920 11.28 -34.13 -34.02
C ASN B 1920 10.10 -33.89 -33.10
N CYS B 1921 9.87 -34.80 -32.16
CA CYS B 1921 8.74 -34.68 -31.24
C CYS B 1921 9.25 -34.74 -29.81
N ASP B 1922 9.14 -33.61 -29.10
CA ASP B 1922 9.75 -33.47 -27.79
C ASP B 1922 8.87 -32.59 -26.90
N GLU B 1923 9.19 -32.61 -25.60
CA GLU B 1923 8.84 -31.60 -24.61
C GLU B 1923 7.36 -31.62 -24.23
N GLY B 1924 6.52 -32.32 -24.95
CA GLY B 1924 5.10 -32.24 -24.68
C GLY B 1924 4.50 -30.96 -25.20
N ILE B 1925 4.40 -30.84 -26.52
CA ILE B 1925 3.86 -29.63 -27.10
C ILE B 1925 2.33 -29.79 -27.20
N ASP B 1926 1.63 -28.69 -27.49
CA ASP B 1926 0.18 -28.66 -27.49
C ASP B 1926 -0.40 -29.58 -28.56
N VAL B 1927 -1.61 -30.07 -28.31
CA VAL B 1927 -2.32 -30.84 -29.31
C VAL B 1927 -2.82 -29.93 -30.43
N LYS B 1928 -3.01 -28.64 -30.13
CA LYS B 1928 -3.24 -27.69 -31.22
C LYS B 1928 -1.97 -27.44 -31.99
N SER B 1929 -0.82 -27.50 -31.31
CA SER B 1929 0.46 -27.35 -31.98
C SER B 1929 0.75 -28.54 -32.89
N MET B 1930 0.32 -29.73 -32.50
CA MET B 1930 0.44 -30.85 -33.41
C MET B 1930 -0.62 -30.76 -34.51
N GLY B 1931 -1.76 -30.17 -34.19
CA GLY B 1931 -2.86 -30.05 -35.11
C GLY B 1931 -2.53 -29.15 -36.29
N ARG B 1932 -1.83 -28.05 -36.03
CA ARG B 1932 -1.47 -27.16 -37.11
C ARG B 1932 -0.39 -27.77 -38.02
N ILE B 1933 0.52 -28.56 -37.43
CA ILE B 1933 1.48 -29.33 -38.21
C ILE B 1933 0.77 -30.31 -39.13
N PHE B 1934 -0.24 -30.99 -38.59
CA PHE B 1934 -1.02 -31.93 -39.38
C PHE B 1934 -1.78 -31.21 -40.50
N VAL B 1935 -2.28 -30.00 -40.21
CA VAL B 1935 -2.96 -29.21 -41.22
C VAL B 1935 -2.01 -28.86 -42.35
N GLY B 1936 -0.77 -28.52 -42.01
CA GLY B 1936 0.23 -28.24 -43.03
C GLY B 1936 0.56 -29.46 -43.87
N LEU B 1937 0.66 -30.62 -43.22
CA LEU B 1937 1.01 -31.84 -43.94
C LEU B 1937 -0.11 -32.31 -44.85
N VAL B 1938 -1.37 -32.11 -44.44
CA VAL B 1938 -2.45 -32.61 -45.29
C VAL B 1938 -2.77 -31.60 -46.38
N LYS B 1939 -2.32 -30.36 -46.24
CA LYS B 1939 -2.56 -29.39 -47.30
C LYS B 1939 -1.44 -29.44 -48.34
N CYS B 1940 -0.20 -29.62 -47.90
CA CYS B 1940 0.90 -29.69 -48.86
C CYS B 1940 0.92 -31.02 -49.58
N GLY B 1941 1.04 -32.12 -48.85
CA GLY B 1941 1.19 -33.43 -49.45
C GLY B 1941 2.51 -34.09 -49.13
N ALA B 1942 3.06 -33.82 -47.95
CA ALA B 1942 4.39 -34.27 -47.60
C ALA B 1942 4.32 -35.32 -46.49
N TRP B 1943 5.31 -36.21 -46.48
CA TRP B 1943 5.39 -37.26 -45.49
C TRP B 1943 6.03 -36.71 -44.23
N GLY B 1944 5.26 -36.63 -43.16
CA GLY B 1944 5.84 -36.36 -41.88
C GLY B 1944 6.58 -37.59 -41.41
N CYS B 1945 7.88 -37.49 -41.27
CA CYS B 1945 8.67 -38.56 -40.68
C CYS B 1945 8.94 -38.19 -39.23
N PHE B 1946 7.95 -38.43 -38.38
CA PHE B 1946 7.94 -37.98 -37.00
C PHE B 1946 8.94 -38.79 -36.18
N ASP B 1947 10.20 -38.39 -36.24
CA ASP B 1947 11.29 -39.04 -35.53
C ASP B 1947 11.07 -38.81 -34.04
N GLU B 1948 11.36 -39.84 -33.25
CA GLU B 1948 11.13 -39.89 -31.81
C GLU B 1948 9.69 -39.56 -31.45
N PHE B 1949 8.76 -40.39 -31.90
CA PHE B 1949 7.36 -40.22 -31.52
C PHE B 1949 7.12 -40.86 -30.17
N ASN B 1950 8.07 -41.66 -29.70
CA ASN B 1950 7.98 -42.27 -28.38
C ASN B 1950 7.97 -41.23 -27.28
N ARG B 1951 9.05 -40.45 -27.18
CA ARG B 1951 9.18 -39.49 -26.09
C ARG B 1951 8.31 -38.28 -26.43
N LEU B 1952 7.09 -38.36 -25.93
CA LEU B 1952 6.11 -37.29 -26.06
C LEU B 1952 5.17 -37.46 -24.88
N GLU B 1953 4.53 -36.37 -24.47
CA GLU B 1953 3.71 -36.41 -23.26
C GLU B 1953 2.46 -37.22 -23.53
N GLU B 1954 2.00 -37.94 -22.50
CA GLU B 1954 1.21 -39.15 -22.73
C GLU B 1954 -0.21 -38.84 -23.19
N SER B 1955 -0.85 -37.82 -22.61
CA SER B 1955 -2.21 -37.51 -23.02
C SER B 1955 -2.25 -36.81 -24.38
N VAL B 1956 -1.14 -36.17 -24.75
CA VAL B 1956 -1.02 -35.59 -26.08
C VAL B 1956 -1.11 -36.67 -27.12
N LEU B 1957 -0.52 -37.83 -26.83
CA LEU B 1957 -0.64 -39.01 -27.70
C LEU B 1957 -2.09 -39.43 -27.85
N SER B 1958 -2.85 -39.32 -26.77
CA SER B 1958 -4.24 -39.75 -26.79
C SER B 1958 -5.09 -38.86 -27.67
N ALA B 1959 -4.88 -37.55 -27.61
CA ALA B 1959 -5.66 -36.66 -28.47
C ALA B 1959 -5.19 -36.75 -29.92
N VAL B 1960 -3.88 -36.92 -30.11
CA VAL B 1960 -3.29 -37.12 -31.42
C VAL B 1960 -3.85 -38.37 -32.08
N SER B 1961 -4.21 -39.39 -31.29
CA SER B 1961 -4.81 -40.61 -31.83
C SER B 1961 -6.12 -40.33 -32.55
N MET B 1962 -6.99 -39.51 -31.95
CA MET B 1962 -8.22 -39.10 -32.59
C MET B 1962 -7.95 -38.30 -33.85
N GLN B 1963 -6.92 -37.45 -33.81
CA GLN B 1963 -6.57 -36.64 -34.97
C GLN B 1963 -6.12 -37.52 -36.15
N ILE B 1964 -5.22 -38.47 -35.89
CA ILE B 1964 -4.69 -39.35 -36.93
C ILE B 1964 -5.80 -40.22 -37.49
N GLN B 1965 -6.71 -40.69 -36.61
CA GLN B 1965 -7.81 -41.51 -37.06
C GLN B 1965 -8.75 -40.75 -37.98
N THR B 1966 -8.98 -39.47 -37.68
CA THR B 1966 -9.80 -38.64 -38.55
C THR B 1966 -9.16 -38.48 -39.93
N ILE B 1967 -7.84 -38.25 -39.95
CA ILE B 1967 -7.15 -38.06 -41.22
C ILE B 1967 -7.14 -39.35 -42.04
N GLN B 1968 -6.95 -40.49 -41.39
CA GLN B 1968 -6.87 -41.74 -42.11
C GLN B 1968 -8.24 -42.17 -42.63
N ASP B 1969 -9.30 -41.81 -41.91
CA ASP B 1969 -10.64 -42.01 -42.44
C ASP B 1969 -10.87 -41.17 -43.68
N ALA B 1970 -10.39 -39.91 -43.65
CA ALA B 1970 -10.56 -39.03 -44.79
C ALA B 1970 -9.76 -39.52 -46.00
N LEU B 1971 -8.63 -40.19 -45.74
CA LEU B 1971 -7.88 -40.79 -46.84
C LEU B 1971 -8.61 -42.00 -47.41
N LYS B 1972 -9.02 -42.92 -46.55
CA LYS B 1972 -9.54 -44.21 -47.01
C LYS B 1972 -10.88 -44.06 -47.72
N ASN B 1973 -11.67 -43.08 -47.31
CA ASN B 1973 -12.92 -42.91 -48.03
C ASN B 1973 -12.82 -41.95 -49.20
N HIS B 1974 -11.59 -41.60 -49.61
CA HIS B 1974 -11.32 -40.69 -50.73
C HIS B 1974 -11.99 -39.33 -50.55
N ARG B 1975 -11.90 -38.79 -49.33
CA ARG B 1975 -12.55 -37.54 -49.01
C ARG B 1975 -11.68 -36.37 -49.43
N THR B 1976 -12.30 -35.30 -49.92
CA THR B 1976 -11.55 -34.13 -50.32
C THR B 1976 -11.48 -33.10 -49.21
N VAL B 1977 -12.46 -33.13 -48.30
CA VAL B 1977 -12.59 -32.14 -47.23
C VAL B 1977 -12.68 -32.86 -45.90
N CYS B 1978 -11.61 -32.79 -45.12
CA CYS B 1978 -11.62 -33.26 -43.75
C CYS B 1978 -11.88 -32.08 -42.83
N GLU B 1979 -12.00 -32.36 -41.54
CA GLU B 1979 -12.38 -31.33 -40.57
C GLU B 1979 -11.83 -31.69 -39.19
N LEU B 1980 -10.76 -31.02 -38.80
CA LEU B 1980 -10.29 -31.04 -37.43
C LEU B 1980 -9.86 -29.63 -37.07
N LEU B 1981 -9.90 -29.32 -35.77
CA LEU B 1981 -9.82 -27.96 -35.22
C LEU B 1981 -10.84 -27.03 -35.87
N GLY B 1982 -12.09 -27.46 -35.95
CA GLY B 1982 -13.15 -26.60 -36.41
C GLY B 1982 -13.24 -26.41 -37.91
N LYS B 1983 -12.17 -26.00 -38.57
CA LYS B 1983 -12.22 -25.57 -39.96
C LYS B 1983 -12.31 -26.77 -40.87
N GLU B 1984 -12.67 -26.52 -42.14
CA GLU B 1984 -12.68 -27.55 -43.17
C GLU B 1984 -11.37 -27.52 -43.94
N VAL B 1985 -10.37 -28.23 -43.43
CA VAL B 1985 -9.04 -28.28 -44.01
C VAL B 1985 -9.10 -29.18 -45.22
N GLU B 1986 -8.52 -28.73 -46.34
CA GLU B 1986 -8.51 -29.58 -47.52
C GLU B 1986 -7.34 -30.54 -47.50
N VAL B 1987 -7.64 -31.84 -47.49
CA VAL B 1987 -6.66 -32.90 -47.36
C VAL B 1987 -6.21 -33.30 -48.76
N ASN B 1988 -4.95 -33.73 -48.88
CA ASN B 1988 -4.38 -34.02 -50.19
C ASN B 1988 -4.32 -35.54 -50.39
N SER B 1989 -4.48 -35.97 -51.65
CA SER B 1989 -4.56 -37.41 -51.92
C SER B 1989 -3.20 -38.07 -51.86
N ASN B 1990 -2.13 -37.36 -52.20
CA ASN B 1990 -0.78 -37.91 -52.14
C ASN B 1990 -0.11 -37.53 -50.82
N SER B 1991 -0.82 -37.79 -49.73
CA SER B 1991 -0.35 -37.42 -48.41
C SER B 1991 0.31 -38.63 -47.77
N GLY B 1992 0.61 -38.52 -46.48
CA GLY B 1992 1.18 -39.65 -45.79
C GLY B 1992 1.84 -39.30 -44.48
N ILE B 1993 1.79 -40.21 -43.51
CA ILE B 1993 2.31 -39.99 -42.16
C ILE B 1993 3.08 -41.24 -41.77
N PHE B 1994 4.26 -41.07 -41.17
CA PHE B 1994 5.00 -42.17 -40.60
C PHE B 1994 5.60 -41.72 -39.28
N ILE B 1995 5.98 -42.66 -38.43
CA ILE B 1995 6.80 -42.34 -37.27
C ILE B 1995 8.00 -43.27 -37.27
N THR B 1996 8.98 -42.98 -36.42
CA THR B 1996 10.10 -43.88 -36.10
C THR B 1996 10.30 -43.81 -34.59
N MET B 1997 10.68 -44.92 -33.98
CA MET B 1997 10.79 -44.99 -32.54
C MET B 1997 11.63 -46.19 -32.13
N ASN B 1998 12.10 -46.17 -30.90
CA ASN B 1998 12.71 -47.34 -30.31
C ASN B 1998 11.75 -47.94 -29.29
N PRO B 1999 11.88 -49.21 -28.96
CA PRO B 1999 11.22 -49.72 -27.77
C PRO B 1999 11.93 -49.23 -26.52
N ALA B 2000 11.15 -48.92 -25.48
CA ALA B 2000 11.70 -48.36 -24.26
C ALA B 2000 12.39 -49.45 -23.45
N GLY B 2001 13.61 -49.76 -23.89
CA GLY B 2001 14.31 -50.91 -23.36
C GLY B 2001 15.00 -50.62 -22.04
N LYS B 2002 16.18 -51.23 -21.88
CA LYS B 2002 16.85 -51.22 -20.58
C LYS B 2002 17.61 -49.92 -20.38
N GLY B 2003 18.02 -49.27 -21.47
CA GLY B 2003 18.81 -48.07 -21.32
C GLY B 2003 18.44 -46.96 -22.29
N TYR B 2004 17.17 -46.90 -22.71
CA TYR B 2004 16.80 -45.85 -23.64
C TYR B 2004 16.11 -44.69 -22.93
N GLY B 2005 16.48 -44.43 -21.70
CA GLY B 2005 16.17 -43.15 -21.05
C GLY B 2005 14.71 -43.05 -20.64
N GLY B 2006 14.21 -41.82 -20.57
CA GLY B 2006 12.84 -41.57 -20.19
C GLY B 2006 11.94 -41.46 -21.39
N ARG B 2007 11.23 -42.55 -21.71
CA ARG B 2007 10.26 -42.58 -22.79
C ARG B 2007 9.01 -43.28 -22.27
N GLN B 2008 7.85 -42.75 -22.62
CA GLN B 2008 6.58 -43.27 -22.11
C GLN B 2008 5.96 -44.23 -23.12
N LYS B 2009 5.27 -45.24 -22.60
CA LYS B 2009 4.68 -46.25 -23.49
C LYS B 2009 3.40 -45.75 -24.12
N LEU B 2010 3.34 -45.83 -25.43
CA LEU B 2010 2.35 -45.49 -26.44
C LEU B 2010 1.02 -46.18 -26.12
N PRO B 2011 -0.14 -45.61 -26.43
CA PRO B 2011 -1.41 -46.27 -26.10
C PRO B 2011 -1.70 -47.42 -27.03
N ASP B 2012 -2.59 -48.31 -26.59
CA ASP B 2012 -2.92 -49.50 -27.37
C ASP B 2012 -3.75 -49.15 -28.58
N ASN B 2013 -4.73 -48.26 -28.40
CA ASN B 2013 -5.52 -47.70 -29.49
C ASN B 2013 -4.63 -47.09 -30.55
N LEU B 2014 -3.66 -46.29 -30.11
CA LEU B 2014 -2.81 -45.59 -31.06
C LEU B 2014 -1.89 -46.55 -31.82
N LYS B 2015 -1.47 -47.64 -31.16
CA LYS B 2015 -0.74 -48.69 -31.86
C LYS B 2015 -1.60 -49.38 -32.91
N GLN B 2016 -2.92 -49.43 -32.68
CA GLN B 2016 -3.75 -50.10 -33.67
C GLN B 2016 -3.93 -49.28 -34.95
N LEU B 2017 -3.49 -48.03 -34.98
CA LEU B 2017 -3.62 -47.26 -36.21
C LEU B 2017 -2.49 -47.51 -37.20
N PHE B 2018 -1.32 -47.91 -36.73
CA PHE B 2018 -0.13 -48.03 -37.57
C PHE B 2018 0.01 -49.44 -38.13
N ARG B 2019 1.21 -49.73 -38.61
CA ARG B 2019 1.60 -51.03 -39.08
C ARG B 2019 3.07 -51.24 -38.77
N PRO B 2020 3.42 -52.08 -37.80
CA PRO B 2020 4.80 -52.11 -37.32
C PRO B 2020 5.70 -52.92 -38.22
N VAL B 2021 6.94 -52.47 -38.32
CA VAL B 2021 7.97 -53.10 -39.15
C VAL B 2021 9.16 -53.39 -38.26
N ALA B 2022 9.73 -54.57 -38.41
CA ALA B 2022 10.95 -54.92 -37.68
C ALA B 2022 12.13 -54.43 -38.51
N MET B 2023 13.05 -53.72 -37.86
CA MET B 2023 14.27 -53.23 -38.48
C MET B 2023 15.47 -53.51 -37.61
N SER B 2024 15.63 -54.74 -37.12
CA SER B 2024 16.56 -54.99 -36.03
C SER B 2024 18.00 -55.01 -36.51
N HIS B 2025 18.36 -55.96 -37.37
CA HIS B 2025 19.76 -56.12 -37.78
C HIS B 2025 19.95 -55.76 -39.23
N PRO B 2026 20.85 -54.85 -39.54
CA PRO B 2026 21.20 -54.61 -40.93
C PRO B 2026 22.32 -55.54 -41.34
N ASP B 2027 22.78 -55.45 -42.58
CA ASP B 2027 23.93 -56.25 -42.99
C ASP B 2027 25.17 -55.39 -42.85
N ASN B 2028 26.35 -56.01 -42.93
CA ASN B 2028 27.60 -55.25 -42.86
C ASN B 2028 28.56 -55.57 -43.99
N GLU B 2029 28.47 -56.77 -44.59
CA GLU B 2029 29.37 -57.07 -45.69
C GLU B 2029 28.87 -56.47 -46.99
N LEU B 2030 27.55 -56.49 -47.22
CA LEU B 2030 26.99 -56.08 -48.50
C LEU B 2030 27.15 -54.58 -48.72
N ILE B 2031 26.84 -53.79 -47.70
CA ILE B 2031 26.98 -52.34 -47.79
C ILE B 2031 28.44 -51.95 -47.98
N ALA B 2032 29.34 -52.56 -47.21
CA ALA B 2032 30.74 -52.17 -47.26
C ALA B 2032 31.40 -52.59 -48.57
N GLU B 2033 30.90 -53.66 -49.21
CA GLU B 2033 31.52 -54.02 -50.48
C GLU B 2033 30.93 -53.18 -51.61
N VAL B 2034 29.64 -52.85 -51.55
CA VAL B 2034 29.04 -52.08 -52.65
C VAL B 2034 29.53 -50.64 -52.63
N ILE B 2035 29.74 -50.08 -51.44
CA ILE B 2035 30.27 -48.72 -51.32
C ILE B 2035 31.70 -48.62 -51.87
N LEU B 2036 32.58 -49.53 -51.45
CA LEU B 2036 33.95 -49.48 -51.92
C LEU B 2036 34.06 -49.80 -53.40
N TYR B 2037 33.19 -50.66 -53.91
CA TYR B 2037 33.21 -50.88 -55.35
C TYR B 2037 32.67 -49.67 -56.10
N SER B 2038 31.77 -48.90 -55.48
CA SER B 2038 31.24 -47.71 -56.13
C SER B 2038 32.24 -46.56 -56.09
N GLU B 2039 33.09 -46.53 -55.07
CA GLU B 2039 33.97 -45.38 -54.88
C GLU B 2039 35.32 -45.57 -55.55
N GLY B 2040 35.35 -46.28 -56.68
CA GLY B 2040 36.55 -46.42 -57.47
C GLY B 2040 37.52 -47.47 -57.02
N PHE B 2041 37.49 -47.85 -55.75
CA PHE B 2041 38.35 -48.90 -55.23
C PHE B 2041 37.95 -50.24 -55.83
N LYS B 2042 38.94 -51.10 -56.11
CA LYS B 2042 38.64 -52.30 -56.89
C LYS B 2042 38.51 -53.57 -56.05
N ASP B 2043 39.21 -53.65 -54.91
CA ASP B 2043 39.35 -54.91 -54.18
C ASP B 2043 38.36 -55.03 -53.03
N ALA B 2044 37.11 -54.61 -53.23
CA ALA B 2044 36.13 -54.49 -52.16
C ALA B 2044 35.78 -55.83 -51.51
N LYS B 2045 35.80 -56.91 -52.30
CA LYS B 2045 35.27 -58.18 -51.84
C LYS B 2045 36.17 -58.81 -50.78
N VAL B 2046 37.42 -58.40 -50.73
CA VAL B 2046 38.29 -58.87 -49.65
C VAL B 2046 38.18 -57.93 -48.46
N LEU B 2047 38.34 -56.63 -48.70
CA LEU B 2047 38.54 -55.67 -47.62
C LEU B 2047 37.27 -55.42 -46.82
N SER B 2048 36.10 -55.58 -47.44
CA SER B 2048 34.85 -55.37 -46.73
C SER B 2048 34.68 -56.42 -45.64
N ARG B 2049 34.99 -57.67 -45.97
CA ARG B 2049 34.96 -58.75 -44.99
C ARG B 2049 35.98 -58.51 -43.89
N LYS B 2050 37.13 -57.93 -44.24
CA LYS B 2050 38.15 -57.58 -43.26
C LYS B 2050 37.63 -56.55 -42.26
N LEU B 2051 36.97 -55.51 -42.78
CA LEU B 2051 36.36 -54.48 -41.93
C LEU B 2051 35.34 -55.07 -40.99
N VAL B 2052 34.45 -55.91 -41.52
CA VAL B 2052 33.36 -56.45 -40.72
C VAL B 2052 33.90 -57.40 -39.64
N ALA B 2053 34.96 -58.14 -39.98
CA ALA B 2053 35.57 -59.02 -38.98
C ALA B 2053 36.30 -58.22 -37.92
N ILE B 2054 36.87 -57.07 -38.30
CA ILE B 2054 37.50 -56.19 -37.31
C ILE B 2054 36.46 -55.66 -36.35
N PHE B 2055 35.32 -55.22 -36.88
CA PHE B 2055 34.22 -54.75 -36.05
C PHE B 2055 33.74 -55.83 -35.08
N ASN B 2056 33.54 -57.05 -35.59
CA ASN B 2056 32.97 -58.10 -34.76
C ASN B 2056 33.96 -58.57 -33.68
N LEU B 2057 35.23 -58.74 -34.04
CA LEU B 2057 36.23 -59.16 -33.05
C LEU B 2057 36.47 -58.07 -32.02
N SER B 2058 36.55 -56.81 -32.47
CA SER B 2058 36.85 -55.72 -31.55
C SER B 2058 35.70 -55.48 -30.60
N ARG B 2059 34.47 -55.67 -31.08
CA ARG B 2059 33.31 -55.59 -30.22
C ARG B 2059 33.22 -56.81 -29.31
N GLU B 2060 33.87 -57.90 -29.71
CA GLU B 2060 33.55 -59.19 -29.11
C GLU B 2060 34.52 -59.57 -28.00
N LEU B 2061 35.81 -59.24 -28.14
CA LEU B 2061 36.80 -59.72 -27.18
C LEU B 2061 37.41 -58.63 -26.31
N LEU B 2062 37.48 -57.40 -26.80
CA LEU B 2062 38.07 -56.29 -26.05
C LEU B 2062 37.13 -55.91 -24.92
N THR B 2063 37.68 -55.30 -23.86
CA THR B 2063 36.96 -55.13 -22.60
C THR B 2063 35.78 -54.18 -22.76
N PRO B 2064 34.59 -54.54 -22.31
CA PRO B 2064 33.36 -53.78 -22.59
C PRO B 2064 33.21 -52.50 -21.77
N GLN B 2065 33.83 -51.43 -22.26
CA GLN B 2065 33.64 -50.13 -21.65
C GLN B 2065 32.26 -49.59 -21.99
N GLN B 2066 31.83 -48.59 -21.22
CA GLN B 2066 30.50 -48.03 -21.38
C GLN B 2066 30.36 -47.25 -22.67
N HIS B 2067 31.43 -46.59 -23.08
CA HIS B 2067 31.31 -45.53 -24.07
C HIS B 2067 31.74 -45.94 -25.47
N TYR B 2068 32.04 -47.21 -25.71
CA TYR B 2068 32.45 -47.61 -27.05
C TYR B 2068 31.25 -47.70 -27.97
N ASP B 2069 31.51 -47.95 -29.25
CA ASP B 2069 30.46 -48.15 -30.24
C ASP B 2069 31.05 -48.87 -31.45
N TRP B 2070 30.26 -49.77 -32.03
CA TRP B 2070 30.56 -50.31 -33.35
C TRP B 2070 29.32 -50.41 -34.22
N GLY B 2071 28.55 -49.33 -34.31
CA GLY B 2071 27.30 -49.37 -35.04
C GLY B 2071 27.49 -49.23 -36.54
N LEU B 2072 26.41 -48.82 -37.20
CA LEU B 2072 26.47 -48.59 -38.63
C LEU B 2072 27.06 -47.22 -38.93
N ARG B 2073 27.01 -46.31 -37.95
CA ARG B 2073 27.49 -44.95 -38.16
C ARG B 2073 29.01 -44.91 -38.21
N ALA B 2074 29.69 -45.71 -37.38
CA ALA B 2074 31.14 -45.75 -37.40
C ALA B 2074 31.66 -46.34 -38.71
N LEU B 2075 30.96 -47.36 -39.20
CA LEU B 2075 31.28 -47.93 -40.51
C LEU B 2075 31.09 -46.91 -41.62
N LYS B 2076 29.96 -46.20 -41.62
CA LYS B 2076 29.68 -45.19 -42.63
C LYS B 2076 30.67 -44.02 -42.55
N THR B 2077 31.23 -43.79 -41.37
CA THR B 2077 32.31 -42.81 -41.26
C THR B 2077 33.59 -43.32 -41.93
N VAL B 2078 33.99 -44.56 -41.64
CA VAL B 2078 35.27 -45.07 -42.15
C VAL B 2078 35.24 -45.21 -43.66
N LEU B 2079 34.06 -45.48 -44.23
CA LEU B 2079 33.98 -45.62 -45.68
C LEU B 2079 34.22 -44.28 -46.39
N ARG B 2080 33.71 -43.18 -45.82
CA ARG B 2080 33.98 -41.88 -46.41
C ARG B 2080 35.41 -41.43 -46.10
N GLY B 2081 35.95 -41.90 -44.98
CA GLY B 2081 37.34 -41.64 -44.65
C GLY B 2081 38.31 -42.33 -45.59
N SER B 2082 37.88 -43.43 -46.20
CA SER B 2082 38.67 -44.07 -47.26
C SER B 2082 38.43 -43.42 -48.63
N GLY B 2083 37.18 -43.05 -48.91
CA GLY B 2083 36.87 -42.38 -50.16
C GLY B 2083 37.58 -41.05 -50.32
N ASN B 2084 37.79 -40.33 -49.22
CA ASN B 2084 38.49 -39.05 -49.31
C ASN B 2084 39.97 -39.24 -49.59
N LEU B 2085 40.58 -40.25 -48.98
CA LEU B 2085 42.01 -40.50 -49.19
C LEU B 2085 42.28 -40.99 -50.61
N LEU B 2086 41.41 -41.85 -51.15
CA LEU B 2086 41.59 -42.23 -52.55
C LEU B 2086 41.16 -41.13 -53.49
N ARG B 2087 40.37 -40.17 -53.00
CA ARG B 2087 40.07 -38.99 -53.80
C ARG B 2087 41.28 -38.07 -53.90
N GLN B 2088 42.12 -38.03 -52.87
CA GLN B 2088 43.34 -37.25 -52.96
C GLN B 2088 44.45 -37.95 -53.74
N LEU B 2089 44.64 -39.26 -53.51
CA LEU B 2089 45.86 -39.91 -53.98
C LEU B 2089 45.72 -40.43 -55.41
N ASN B 2090 44.84 -39.82 -56.21
CA ASN B 2090 44.90 -40.06 -57.65
C ASN B 2090 45.05 -38.75 -58.41
N LYS B 2091 44.38 -37.70 -57.94
CA LYS B 2091 44.54 -36.38 -58.55
C LYS B 2091 45.83 -35.72 -58.09
N SER B 2092 46.42 -36.23 -57.00
CA SER B 2092 47.66 -35.64 -56.52
C SER B 2092 48.87 -36.53 -56.82
N GLY B 2093 48.64 -37.69 -57.45
CA GLY B 2093 49.75 -38.58 -57.75
C GLY B 2093 49.34 -39.74 -58.63
N THR B 2094 49.93 -40.91 -58.33
CA THR B 2094 49.72 -42.13 -59.09
C THR B 2094 49.14 -43.24 -58.22
N THR B 2095 48.73 -44.33 -58.87
CA THR B 2095 48.10 -45.43 -58.17
C THR B 2095 48.89 -46.73 -58.34
N GLN B 2096 48.93 -47.53 -57.27
CA GLN B 2096 49.67 -48.77 -57.27
C GLN B 2096 48.99 -49.76 -56.33
N ASN B 2097 49.72 -50.83 -55.97
CA ASN B 2097 49.11 -52.00 -55.36
C ASN B 2097 48.89 -51.85 -53.86
N ALA B 2098 49.97 -51.75 -53.09
CA ALA B 2098 49.90 -51.97 -51.65
C ALA B 2098 49.28 -50.78 -50.92
N ASN B 2099 49.31 -49.60 -51.54
CA ASN B 2099 48.74 -48.42 -50.91
C ASN B 2099 47.22 -48.51 -50.83
N GLU B 2100 46.62 -49.29 -51.73
CA GLU B 2100 45.16 -49.40 -51.75
C GLU B 2100 44.63 -50.18 -50.56
N SER B 2101 45.40 -51.13 -50.05
CA SER B 2101 45.02 -51.79 -48.80
C SER B 2101 45.70 -51.14 -47.61
N HIS B 2102 46.67 -50.27 -47.88
CA HIS B 2102 47.35 -49.55 -46.80
C HIS B 2102 46.53 -48.38 -46.29
N ILE B 2103 45.69 -47.79 -47.15
CA ILE B 2103 44.88 -46.61 -46.81
C ILE B 2103 43.89 -46.89 -45.68
N VAL B 2104 43.24 -48.07 -45.71
CA VAL B 2104 42.08 -48.32 -44.86
C VAL B 2104 42.49 -48.42 -43.39
N VAL B 2105 43.77 -48.72 -43.13
CA VAL B 2105 44.26 -48.73 -41.75
C VAL B 2105 44.28 -47.31 -41.17
N GLN B 2106 44.78 -46.34 -41.94
CA GLN B 2106 44.71 -44.95 -41.46
C GLN B 2106 43.28 -44.43 -41.44
N ALA B 2107 42.46 -44.82 -42.43
CA ALA B 2107 41.08 -44.33 -42.48
C ALA B 2107 40.21 -44.97 -41.41
N LEU B 2108 40.70 -46.04 -40.77
CA LEU B 2108 40.04 -46.61 -39.62
C LEU B 2108 40.60 -46.03 -38.32
N ARG B 2109 41.90 -45.77 -38.29
CA ARG B 2109 42.48 -45.24 -37.07
C ARG B 2109 42.28 -43.74 -36.92
N LEU B 2110 41.70 -43.06 -37.91
CA LEU B 2110 41.26 -41.68 -37.69
C LEU B 2110 40.04 -41.64 -36.77
N ASN B 2111 39.30 -42.73 -36.68
CA ASN B 2111 38.21 -42.79 -35.72
C ASN B 2111 38.61 -43.55 -34.48
N THR B 2112 39.07 -44.79 -34.64
CA THR B 2112 39.03 -45.76 -33.57
C THR B 2112 40.07 -45.50 -32.49
N MET B 2113 41.09 -44.71 -32.82
CA MET B 2113 42.15 -44.40 -31.86
C MET B 2113 41.69 -43.49 -30.75
N SER B 2114 40.61 -42.75 -30.95
CA SER B 2114 40.25 -41.70 -30.00
C SER B 2114 39.63 -42.28 -28.74
N LYS B 2115 38.99 -43.45 -28.86
CA LYS B 2115 38.18 -43.95 -27.77
C LYS B 2115 39.01 -44.59 -26.68
N PHE B 2116 40.20 -45.08 -27.01
CA PHE B 2116 40.85 -46.11 -26.23
C PHE B 2116 41.59 -45.56 -25.03
N THR B 2117 41.92 -46.46 -24.11
CA THR B 2117 42.96 -46.23 -23.12
C THR B 2117 44.32 -46.55 -23.74
N PHE B 2118 45.31 -46.71 -22.86
CA PHE B 2118 46.64 -47.13 -23.32
C PHE B 2118 46.67 -48.59 -23.73
N THR B 2119 46.34 -49.47 -22.78
CA THR B 2119 46.55 -50.90 -22.97
C THR B 2119 45.58 -51.48 -23.98
N ASP B 2120 44.35 -50.95 -23.98
CA ASP B 2120 43.37 -51.39 -24.97
C ASP B 2120 43.74 -50.94 -26.37
N CYS B 2121 44.41 -49.79 -26.50
CA CYS B 2121 44.91 -49.38 -27.80
C CYS B 2121 46.05 -50.28 -28.27
N THR B 2122 46.90 -50.72 -27.33
CA THR B 2122 47.96 -51.66 -27.70
C THR B 2122 47.38 -53.00 -28.14
N ARG B 2123 46.35 -53.49 -27.45
CA ARG B 2123 45.75 -54.77 -27.82
C ARG B 2123 44.96 -54.64 -29.12
N PHE B 2124 44.40 -53.46 -29.38
CA PHE B 2124 43.78 -53.20 -30.67
C PHE B 2124 44.82 -53.19 -31.79
N ASP B 2125 46.01 -52.67 -31.51
CA ASP B 2125 47.09 -52.72 -32.48
C ASP B 2125 47.53 -54.15 -32.74
N ALA B 2126 47.56 -54.97 -31.69
CA ALA B 2126 47.89 -56.38 -31.84
C ALA B 2126 46.84 -57.11 -32.66
N LEU B 2127 45.58 -56.66 -32.56
CA LEU B 2127 44.55 -57.24 -33.41
C LEU B 2127 44.68 -56.77 -34.85
N ILE B 2128 45.09 -55.51 -35.04
CA ILE B 2128 45.28 -55.00 -36.40
C ILE B 2128 46.43 -55.70 -37.10
N LYS B 2129 47.46 -56.08 -36.33
CA LYS B 2129 48.53 -56.91 -36.87
C LYS B 2129 48.03 -58.28 -37.29
N ASP B 2130 47.02 -58.81 -36.59
CA ASP B 2130 46.61 -60.18 -36.85
C ASP B 2130 45.69 -60.26 -38.06
N VAL B 2131 44.92 -59.21 -38.33
CA VAL B 2131 44.12 -59.23 -39.54
C VAL B 2131 44.93 -58.82 -40.76
N PHE B 2132 45.86 -57.89 -40.61
CA PHE B 2132 46.69 -57.39 -41.70
C PHE B 2132 48.14 -57.57 -41.27
N PRO B 2133 48.91 -58.42 -41.96
CA PRO B 2133 50.16 -58.94 -41.37
C PRO B 2133 51.30 -57.94 -41.26
N GLY B 2134 51.59 -57.17 -42.31
CA GLY B 2134 52.76 -56.30 -42.24
C GLY B 2134 52.46 -54.87 -42.61
N ILE B 2135 51.21 -54.42 -42.42
CA ILE B 2135 50.79 -53.12 -42.91
C ILE B 2135 50.50 -52.20 -41.73
N GLU B 2136 51.32 -52.30 -40.68
CA GLU B 2136 50.99 -51.90 -39.30
C GLU B 2136 50.75 -50.39 -39.17
N LEU B 2137 51.76 -49.54 -39.34
CA LEU B 2137 51.69 -48.22 -38.74
C LEU B 2137 52.10 -47.13 -39.71
N LYS B 2138 51.54 -45.94 -39.46
CA LYS B 2138 52.02 -44.67 -39.99
C LYS B 2138 51.35 -43.60 -39.13
N GLU B 2139 52.07 -42.51 -38.84
CA GLU B 2139 51.62 -41.57 -37.83
C GLU B 2139 51.00 -40.32 -38.45
N VAL B 2140 50.83 -39.31 -37.59
CA VAL B 2140 50.25 -38.02 -37.97
C VAL B 2140 51.10 -37.34 -39.03
N GLU B 2141 50.46 -36.95 -40.14
CA GLU B 2141 51.15 -36.34 -41.27
C GLU B 2141 51.62 -34.92 -41.03
N TYR B 2142 50.86 -34.12 -40.28
CA TYR B 2142 51.06 -32.67 -40.23
C TYR B 2142 51.74 -32.24 -38.94
N ASP B 2143 52.51 -31.15 -39.02
CA ASP B 2143 53.22 -30.63 -37.86
C ASP B 2143 53.20 -29.10 -37.74
N GLU B 2144 52.83 -28.38 -38.79
CA GLU B 2144 52.94 -26.92 -38.76
C GLU B 2144 51.89 -26.30 -37.85
N LEU B 2145 50.81 -27.03 -37.59
CA LEU B 2145 49.87 -26.59 -36.58
C LEU B 2145 50.40 -26.89 -35.19
N SER B 2146 51.22 -27.92 -35.05
CA SER B 2146 51.79 -28.24 -33.74
C SER B 2146 52.79 -27.19 -33.30
N ALA B 2147 53.44 -26.52 -34.27
CA ALA B 2147 54.32 -25.41 -33.94
C ALA B 2147 53.54 -24.26 -33.33
N ALA B 2148 52.39 -23.93 -33.93
CA ALA B 2148 51.55 -22.87 -33.40
C ALA B 2148 50.95 -23.28 -32.07
N LEU B 2149 50.68 -24.57 -31.88
CA LEU B 2149 50.11 -25.04 -30.63
C LEU B 2149 51.12 -24.93 -29.50
N LYS B 2150 52.37 -25.30 -29.76
CA LYS B 2150 53.43 -25.15 -28.77
C LYS B 2150 53.75 -23.67 -28.56
N GLN B 2151 53.52 -22.85 -29.58
CA GLN B 2151 53.66 -21.41 -29.43
C GLN B 2151 52.62 -20.86 -28.46
N VAL B 2152 51.38 -21.33 -28.55
CA VAL B 2152 50.32 -20.75 -27.73
C VAL B 2152 50.43 -21.25 -26.29
N PHE B 2153 50.84 -22.51 -26.11
CA PHE B 2153 51.25 -22.97 -24.77
C PHE B 2153 52.39 -22.14 -24.20
N GLU B 2154 53.32 -21.75 -25.06
CA GLU B 2154 54.45 -20.93 -24.63
C GLU B 2154 53.99 -19.53 -24.23
N GLU B 2155 53.00 -19.00 -24.95
CA GLU B 2155 52.44 -17.69 -24.62
C GLU B 2155 51.74 -17.70 -23.27
N ALA B 2156 50.84 -18.64 -23.03
CA ALA B 2156 50.00 -18.50 -21.85
C ALA B 2156 50.62 -19.06 -20.58
N ASN B 2157 51.93 -19.29 -20.55
CA ASN B 2157 52.70 -19.74 -19.38
C ASN B 2157 52.19 -21.04 -18.78
N TYR B 2158 51.71 -21.97 -19.60
CA TYR B 2158 51.51 -23.34 -19.17
C TYR B 2158 52.83 -24.09 -19.23
N GLU B 2159 52.74 -25.41 -19.17
CA GLU B 2159 53.87 -26.23 -19.57
C GLU B 2159 53.63 -26.79 -20.96
N ILE B 2160 54.57 -27.60 -21.43
CA ILE B 2160 54.43 -28.25 -22.72
C ILE B 2160 54.56 -29.75 -22.53
N ILE B 2161 53.44 -30.45 -22.69
CA ILE B 2161 53.36 -31.89 -22.50
C ILE B 2161 52.99 -32.49 -23.85
N PRO B 2162 53.70 -33.52 -24.34
CA PRO B 2162 53.36 -34.07 -25.67
C PRO B 2162 52.00 -34.74 -25.73
N ASN B 2163 51.50 -35.19 -24.59
CA ASN B 2163 50.20 -35.84 -24.53
C ASN B 2163 49.07 -34.86 -24.84
N GLN B 2164 49.15 -33.65 -24.29
CA GLN B 2164 48.18 -32.59 -24.60
C GLN B 2164 48.24 -32.25 -26.09
N ILE B 2165 49.44 -32.27 -26.66
CA ILE B 2165 49.60 -31.99 -28.08
C ILE B 2165 48.90 -33.05 -28.91
N LYS B 2166 49.09 -34.32 -28.53
CA LYS B 2166 48.46 -35.42 -29.24
C LYS B 2166 46.94 -35.34 -29.15
N LYS B 2167 46.43 -34.99 -27.96
CA LYS B 2167 44.99 -34.91 -27.79
C LYS B 2167 44.39 -33.72 -28.55
N ALA B 2168 45.14 -32.62 -28.67
CA ALA B 2168 44.60 -31.47 -29.36
C ALA B 2168 44.56 -31.70 -30.87
N LEU B 2169 45.63 -32.31 -31.41
CA LEU B 2169 45.63 -32.67 -32.83
C LEU B 2169 44.55 -33.70 -33.12
N GLU B 2170 44.33 -34.58 -32.15
CA GLU B 2170 43.27 -35.58 -32.23
C GLU B 2170 41.90 -34.92 -32.26
N LEU B 2171 41.70 -33.88 -31.45
CA LEU B 2171 40.43 -33.17 -31.44
C LEU B 2171 40.18 -32.46 -32.76
N TYR B 2172 41.24 -31.89 -33.35
CA TYR B 2172 41.05 -31.22 -34.63
C TYR B 2172 40.66 -32.21 -35.71
N GLU B 2173 41.20 -33.42 -35.62
CA GLU B 2173 40.84 -34.49 -36.54
C GLU B 2173 39.38 -34.86 -36.39
N GLN B 2174 38.92 -35.04 -35.14
CA GLN B 2174 37.53 -35.42 -34.90
C GLN B 2174 36.57 -34.31 -35.30
N LEU B 2175 36.96 -33.06 -35.07
CA LEU B 2175 36.09 -31.93 -35.40
C LEU B 2175 35.98 -31.74 -36.90
N CYS B 2176 37.03 -32.07 -37.64
CA CYS B 2176 36.89 -32.13 -39.08
C CYS B 2176 36.03 -33.32 -39.49
N GLN B 2177 36.04 -34.37 -38.69
CA GLN B 2177 35.39 -35.61 -39.13
C GLN B 2177 33.87 -35.60 -38.95
N ARG B 2178 33.39 -35.38 -37.72
CA ARG B 2178 31.96 -35.40 -37.45
C ARG B 2178 31.48 -34.14 -36.78
N MET B 2179 30.23 -34.20 -36.30
CA MET B 2179 29.49 -33.00 -35.92
C MET B 2179 29.67 -32.65 -34.46
N GLY B 2180 29.70 -33.65 -33.59
CA GLY B 2180 29.73 -33.43 -32.16
C GLY B 2180 30.79 -34.27 -31.47
N VAL B 2181 31.43 -33.68 -30.47
CA VAL B 2181 32.50 -34.33 -29.73
C VAL B 2181 32.19 -34.29 -28.24
N VAL B 2182 32.27 -35.45 -27.61
CA VAL B 2182 32.26 -35.58 -26.17
C VAL B 2182 33.70 -35.57 -25.70
N ILE B 2183 33.97 -34.91 -24.58
CA ILE B 2183 35.28 -34.98 -23.95
C ILE B 2183 35.09 -35.54 -22.55
N VAL B 2184 35.20 -36.86 -22.42
CA VAL B 2184 35.03 -37.55 -21.15
C VAL B 2184 36.27 -37.31 -20.31
N GLY B 2185 36.08 -36.99 -19.03
CA GLY B 2185 37.19 -36.90 -18.12
C GLY B 2185 36.76 -36.60 -16.71
N PRO B 2186 37.61 -36.95 -15.74
CA PRO B 2186 37.32 -36.62 -14.35
C PRO B 2186 37.52 -35.15 -14.05
N SER B 2187 37.45 -34.82 -12.77
CA SER B 2187 37.46 -33.43 -12.36
C SER B 2187 38.85 -32.83 -12.43
N GLY B 2188 38.96 -31.68 -13.09
CA GLY B 2188 40.18 -30.91 -13.09
C GLY B 2188 41.33 -31.50 -13.87
N ALA B 2189 41.11 -32.57 -14.64
CA ALA B 2189 42.22 -33.29 -15.23
C ALA B 2189 42.47 -32.85 -16.66
N GLY B 2190 42.30 -31.57 -16.95
CA GLY B 2190 42.76 -30.98 -18.19
C GLY B 2190 41.93 -31.32 -19.39
N LYS B 2191 40.61 -31.14 -19.33
CA LYS B 2191 39.79 -31.47 -20.49
C LYS B 2191 39.12 -30.23 -21.07
N SER B 2192 39.32 -29.07 -20.44
CA SER B 2192 38.78 -27.86 -21.04
C SER B 2192 39.90 -26.99 -21.61
N THR B 2193 41.11 -27.11 -21.07
CA THR B 2193 42.26 -26.38 -21.60
C THR B 2193 42.60 -26.84 -23.00
N LEU B 2194 42.20 -28.06 -23.35
CA LEU B 2194 42.42 -28.63 -24.67
C LEU B 2194 41.77 -27.80 -25.77
N TRP B 2195 40.44 -27.67 -25.70
CA TRP B 2195 39.76 -26.79 -26.67
C TRP B 2195 40.09 -25.33 -26.41
N ARG B 2196 40.39 -24.97 -25.17
CA ARG B 2196 40.68 -23.58 -24.82
C ARG B 2196 41.95 -23.08 -25.49
N MET B 2197 42.91 -23.97 -25.73
CA MET B 2197 44.15 -23.54 -26.37
C MET B 2197 44.14 -23.85 -27.85
N LEU B 2198 43.38 -24.88 -28.26
CA LEU B 2198 43.24 -25.15 -29.68
C LEU B 2198 42.47 -24.05 -30.37
N ARG B 2199 41.62 -23.34 -29.62
CA ARG B 2199 41.00 -22.10 -30.07
C ARG B 2199 42.02 -21.11 -30.63
N ALA B 2200 42.98 -20.69 -29.80
CA ALA B 2200 43.91 -19.66 -30.23
C ALA B 2200 44.91 -20.21 -31.24
N ALA B 2201 45.32 -21.48 -31.06
CA ALA B 2201 46.30 -22.07 -31.95
C ALA B 2201 45.75 -22.23 -33.36
N LEU B 2202 44.44 -22.44 -33.49
CA LEU B 2202 43.85 -22.48 -34.81
C LEU B 2202 43.57 -21.07 -35.30
N CYS B 2203 43.20 -20.17 -34.39
CA CYS B 2203 42.76 -18.85 -34.81
C CYS B 2203 43.93 -17.98 -35.29
N LYS B 2204 45.16 -18.34 -34.92
CA LYS B 2204 46.31 -17.62 -35.43
C LYS B 2204 46.49 -17.81 -36.94
N THR B 2205 46.06 -18.94 -37.48
CA THR B 2205 46.10 -19.14 -38.92
C THR B 2205 44.71 -19.33 -39.53
N GLY B 2206 43.88 -20.17 -38.95
CA GLY B 2206 42.53 -20.42 -39.44
C GLY B 2206 41.65 -19.22 -39.19
N LYS B 2207 40.47 -19.22 -39.82
CA LYS B 2207 39.73 -17.99 -40.09
C LYS B 2207 39.21 -17.32 -38.82
N VAL B 2208 38.17 -17.89 -38.23
CA VAL B 2208 37.44 -17.28 -37.12
C VAL B 2208 36.85 -18.42 -36.30
N VAL B 2209 37.15 -18.42 -35.01
CA VAL B 2209 36.56 -19.41 -34.11
C VAL B 2209 35.70 -18.65 -33.13
N LYS B 2210 34.39 -18.64 -33.34
CA LYS B 2210 33.46 -17.80 -32.60
C LYS B 2210 32.71 -18.64 -31.57
N GLN B 2211 33.02 -18.45 -30.29
CA GLN B 2211 32.61 -19.37 -29.24
C GLN B 2211 31.33 -18.89 -28.56
N TYR B 2212 30.39 -19.80 -28.39
CA TYR B 2212 29.17 -19.58 -27.62
C TYR B 2212 29.13 -20.65 -26.55
N THR B 2213 28.90 -20.26 -25.28
CA THR B 2213 29.03 -21.17 -24.15
C THR B 2213 27.72 -21.25 -23.38
N MET B 2214 27.01 -22.37 -23.50
CA MET B 2214 25.85 -22.66 -22.67
C MET B 2214 26.27 -23.56 -21.52
N ASN B 2215 25.46 -23.57 -20.47
CA ASN B 2215 25.51 -24.58 -19.41
C ASN B 2215 24.07 -25.05 -19.21
N PRO B 2216 23.73 -26.27 -19.61
CA PRO B 2216 22.32 -26.57 -19.88
C PRO B 2216 21.50 -26.95 -18.67
N LYS B 2217 22.12 -27.15 -17.51
CA LYS B 2217 21.36 -27.60 -16.35
C LYS B 2217 21.00 -26.46 -15.42
N ALA B 2218 21.72 -25.34 -15.49
CA ALA B 2218 21.48 -24.26 -14.54
C ALA B 2218 20.16 -23.57 -14.83
N MET B 2219 19.97 -23.14 -16.03
CA MET B 2219 18.74 -22.51 -16.41
C MET B 2219 17.65 -23.55 -16.62
N PRO B 2220 16.38 -23.18 -16.51
CA PRO B 2220 15.30 -24.13 -16.79
C PRO B 2220 15.19 -24.45 -18.27
N ARG B 2221 14.35 -25.45 -18.56
CA ARG B 2221 14.29 -26.00 -19.91
C ARG B 2221 13.67 -25.02 -20.89
N TYR B 2222 12.60 -24.36 -20.46
CA TYR B 2222 11.84 -23.53 -21.39
C TYR B 2222 12.61 -22.27 -21.79
N GLN B 2223 13.58 -21.85 -20.99
CA GLN B 2223 14.48 -20.79 -21.44
C GLN B 2223 15.57 -21.34 -22.35
N LEU B 2224 16.00 -22.57 -22.12
CA LEU B 2224 17.10 -23.12 -22.90
C LEU B 2224 16.65 -23.44 -24.32
N LEU B 2225 15.69 -24.35 -24.45
CA LEU B 2225 15.30 -24.79 -25.78
C LEU B 2225 14.18 -23.95 -26.35
N GLY B 2226 13.70 -22.97 -25.59
CA GLY B 2226 12.56 -22.18 -26.03
C GLY B 2226 11.24 -22.89 -25.78
N HIS B 2227 10.18 -22.10 -25.69
CA HIS B 2227 8.85 -22.61 -25.41
C HIS B 2227 7.84 -21.60 -25.91
N ILE B 2228 6.57 -21.94 -25.77
CA ILE B 2228 5.48 -21.16 -26.33
C ILE B 2228 4.65 -20.64 -25.16
N ASP B 2229 4.22 -19.38 -25.25
CA ASP B 2229 3.18 -18.91 -24.34
C ASP B 2229 1.91 -19.66 -24.63
N MET B 2230 1.28 -20.18 -23.58
CA MET B 2230 0.24 -21.18 -23.77
C MET B 2230 -1.07 -20.56 -24.25
N ASP B 2231 -1.39 -19.35 -23.78
CA ASP B 2231 -2.69 -18.77 -24.08
C ASP B 2231 -2.62 -17.86 -25.31
N THR B 2232 -1.45 -17.29 -25.56
CA THR B 2232 -1.33 -16.28 -26.59
C THR B 2232 -0.96 -16.88 -27.94
N ARG B 2233 -0.36 -18.09 -27.92
CA ARG B 2233 0.27 -18.73 -29.08
C ARG B 2233 1.35 -17.83 -29.67
N GLU B 2234 2.39 -17.58 -28.89
CA GLU B 2234 3.46 -16.63 -29.17
C GLU B 2234 4.81 -17.25 -28.86
N TRP B 2235 5.61 -17.45 -29.91
CA TRP B 2235 6.88 -18.14 -29.73
C TRP B 2235 7.92 -17.26 -29.04
N SER B 2236 8.24 -17.62 -27.80
CA SER B 2236 9.34 -17.04 -27.06
C SER B 2236 10.62 -17.72 -27.53
N ASP B 2237 11.67 -16.93 -27.75
CA ASP B 2237 12.93 -17.50 -28.16
C ASP B 2237 13.67 -18.05 -26.94
N GLY B 2238 14.75 -18.78 -27.23
CA GLY B 2238 15.57 -19.38 -26.21
C GLY B 2238 17.02 -18.96 -26.36
N VAL B 2239 17.87 -19.62 -25.59
CA VAL B 2239 19.30 -19.29 -25.62
C VAL B 2239 19.95 -19.82 -26.89
N LEU B 2240 19.92 -21.14 -27.08
CA LEU B 2240 20.69 -21.66 -28.20
C LEU B 2240 19.92 -21.61 -29.50
N THR B 2241 18.62 -21.32 -29.47
CA THR B 2241 17.95 -20.95 -30.70
C THR B 2241 18.47 -19.60 -31.19
N ASN B 2242 18.70 -18.68 -30.25
CA ASN B 2242 19.30 -17.39 -30.57
C ASN B 2242 20.71 -17.59 -31.09
N SER B 2243 21.47 -18.49 -30.45
CA SER B 2243 22.84 -18.74 -30.88
C SER B 2243 22.88 -19.40 -32.25
N ALA B 2244 21.89 -20.24 -32.56
CA ALA B 2244 21.81 -20.85 -33.88
C ALA B 2244 21.49 -19.82 -34.94
N ARG B 2245 20.62 -18.86 -34.62
CA ARG B 2245 20.37 -17.77 -35.57
C ARG B 2245 21.61 -16.91 -35.79
N GLN B 2246 22.37 -16.66 -34.72
CA GLN B 2246 23.58 -15.86 -34.85
C GLN B 2246 24.65 -16.58 -35.66
N VAL B 2247 24.69 -17.91 -35.61
CA VAL B 2247 25.71 -18.55 -36.42
C VAL B 2247 25.25 -18.69 -37.88
N VAL B 2248 23.96 -18.88 -38.16
CA VAL B 2248 23.57 -19.00 -39.56
C VAL B 2248 23.47 -17.64 -40.23
N ARG B 2249 23.54 -16.55 -39.44
CA ARG B 2249 23.75 -15.25 -40.06
C ARG B 2249 25.13 -15.10 -40.71
N GLU B 2250 26.16 -15.72 -40.13
CA GLU B 2250 27.53 -15.36 -40.47
C GLU B 2250 27.92 -15.86 -41.85
N PRO B 2251 28.87 -15.21 -42.53
CA PRO B 2251 29.22 -15.63 -43.89
C PRO B 2251 30.03 -16.92 -43.91
N GLN B 2252 30.40 -17.34 -45.12
CA GLN B 2252 30.90 -18.69 -45.34
C GLN B 2252 32.31 -18.88 -44.77
N ASP B 2253 33.02 -17.78 -44.52
CA ASP B 2253 34.38 -17.85 -43.98
C ASP B 2253 34.35 -17.68 -42.46
N VAL B 2254 33.58 -18.52 -41.78
CA VAL B 2254 33.55 -18.50 -40.33
C VAL B 2254 33.65 -19.92 -39.80
N SER B 2255 33.79 -20.04 -38.49
CA SER B 2255 33.61 -21.30 -37.78
C SER B 2255 33.18 -20.97 -36.36
N SER B 2256 32.33 -21.81 -35.79
CA SER B 2256 31.73 -21.51 -34.49
C SER B 2256 31.59 -22.80 -33.69
N TRP B 2257 31.80 -22.71 -32.39
CA TRP B 2257 31.76 -23.86 -31.51
C TRP B 2257 30.80 -23.59 -30.36
N ILE B 2258 29.55 -23.99 -30.51
CA ILE B 2258 28.58 -23.94 -29.42
C ILE B 2258 28.99 -25.00 -28.41
N ILE B 2259 29.25 -24.60 -27.18
CA ILE B 2259 29.80 -25.49 -26.17
C ILE B 2259 28.82 -25.61 -25.02
N CYS B 2260 28.47 -26.84 -24.66
CA CYS B 2260 27.57 -27.10 -23.54
C CYS B 2260 28.38 -27.73 -22.41
N ASP B 2261 28.95 -26.89 -21.55
CA ASP B 2261 29.82 -27.33 -20.47
C ASP B 2261 28.97 -27.72 -19.27
N GLY B 2262 28.29 -28.86 -19.37
CA GLY B 2262 27.43 -29.26 -18.28
C GLY B 2262 27.05 -30.71 -18.41
N ASP B 2263 26.35 -31.21 -17.39
CA ASP B 2263 26.05 -32.63 -17.30
C ASP B 2263 24.93 -33.00 -18.27
N ILE B 2264 24.71 -34.31 -18.39
CA ILE B 2264 23.96 -34.89 -19.49
C ILE B 2264 22.73 -35.60 -18.97
N ASP B 2265 21.56 -35.21 -19.47
CA ASP B 2265 20.31 -35.91 -19.27
C ASP B 2265 19.72 -36.20 -20.63
N PRO B 2266 19.07 -37.35 -20.83
CA PRO B 2266 18.56 -37.68 -22.16
C PRO B 2266 17.42 -36.79 -22.61
N GLU B 2267 16.61 -36.28 -21.70
CA GLU B 2267 15.36 -35.62 -22.11
C GLU B 2267 15.61 -34.24 -22.70
N TRP B 2268 16.84 -33.74 -22.65
CA TRP B 2268 17.18 -32.57 -23.43
C TRP B 2268 18.20 -32.87 -24.52
N ILE B 2269 19.10 -33.82 -24.29
CA ILE B 2269 20.16 -34.06 -25.26
C ILE B 2269 19.61 -34.84 -26.45
N GLU B 2270 18.50 -35.55 -26.26
CA GLU B 2270 17.86 -36.19 -27.40
C GLU B 2270 17.09 -35.21 -28.26
N SER B 2271 16.92 -33.96 -27.82
CA SER B 2271 16.28 -32.96 -28.64
C SER B 2271 17.16 -32.50 -29.78
N LEU B 2272 18.44 -32.85 -29.76
CA LEU B 2272 19.39 -32.49 -30.80
C LEU B 2272 19.73 -33.64 -31.72
N ASN B 2273 18.91 -34.70 -31.73
CA ASN B 2273 19.17 -35.83 -32.62
C ASN B 2273 19.02 -35.42 -34.08
N SER B 2274 18.08 -34.52 -34.37
CA SER B 2274 17.92 -34.07 -35.74
C SER B 2274 19.02 -33.12 -36.16
N VAL B 2275 19.73 -32.51 -35.20
CA VAL B 2275 20.88 -31.67 -35.54
C VAL B 2275 22.10 -32.53 -35.77
N LEU B 2276 22.37 -33.44 -34.84
CA LEU B 2276 23.52 -34.33 -34.91
C LEU B 2276 23.30 -35.51 -35.85
N ASP B 2277 22.26 -35.44 -36.69
CA ASP B 2277 21.88 -36.47 -37.63
C ASP B 2277 22.89 -36.51 -38.78
N ASP B 2278 22.70 -37.49 -39.67
CA ASP B 2278 23.18 -37.35 -41.04
C ASP B 2278 22.60 -36.10 -41.68
N ASN B 2279 21.34 -35.81 -41.39
CA ASN B 2279 20.76 -34.52 -41.76
C ASN B 2279 21.32 -33.45 -40.83
N ARG B 2280 21.19 -32.19 -41.21
CA ARG B 2280 21.71 -31.10 -40.40
C ARG B 2280 20.60 -30.07 -40.26
N LEU B 2281 19.81 -30.20 -39.20
CA LEU B 2281 18.60 -29.38 -39.10
C LEU B 2281 18.20 -29.26 -37.64
N LEU B 2282 17.85 -28.05 -37.23
CA LEU B 2282 17.27 -27.80 -35.92
C LEU B 2282 15.84 -27.31 -36.08
N THR B 2283 14.93 -27.89 -35.31
CA THR B 2283 13.50 -27.65 -35.46
C THR B 2283 12.92 -27.00 -34.21
N MET B 2284 12.04 -26.04 -34.43
CA MET B 2284 11.26 -25.44 -33.36
C MET B 2284 9.98 -26.25 -33.19
N PRO B 2285 9.32 -26.18 -32.03
CA PRO B 2285 8.02 -26.85 -31.90
C PRO B 2285 6.91 -26.16 -32.65
N SER B 2286 7.11 -24.91 -33.05
CA SER B 2286 6.12 -24.22 -33.87
C SER B 2286 6.12 -24.74 -35.30
N GLY B 2287 7.17 -25.45 -35.72
CA GLY B 2287 7.34 -25.90 -37.08
C GLY B 2287 8.48 -25.19 -37.79
N GLU B 2288 9.02 -24.14 -37.19
CA GLU B 2288 10.14 -23.43 -37.78
C GLU B 2288 11.39 -24.29 -37.72
N ARG B 2289 12.08 -24.42 -38.85
CA ARG B 2289 13.21 -25.34 -38.89
C ARG B 2289 14.44 -24.63 -39.41
N ILE B 2290 15.50 -24.65 -38.60
CA ILE B 2290 16.74 -23.94 -38.90
C ILE B 2290 17.82 -24.94 -39.29
N GLN B 2291 18.39 -24.77 -40.48
CA GLN B 2291 19.42 -25.68 -40.96
C GLN B 2291 20.77 -25.32 -40.36
N PHE B 2292 21.79 -26.06 -40.79
CA PHE B 2292 23.16 -25.71 -40.51
C PHE B 2292 24.02 -26.05 -41.72
N GLY B 2293 25.09 -25.28 -41.91
CA GLY B 2293 25.95 -25.49 -43.04
C GLY B 2293 27.06 -26.48 -42.73
N PRO B 2294 28.15 -26.41 -43.49
CA PRO B 2294 29.29 -27.29 -43.23
C PRO B 2294 30.28 -26.74 -42.22
N ASN B 2295 29.88 -25.80 -41.37
CA ASN B 2295 30.84 -25.08 -40.53
C ASN B 2295 30.83 -25.55 -39.08
N VAL B 2296 29.65 -25.69 -38.52
CA VAL B 2296 29.43 -25.59 -37.08
C VAL B 2296 29.88 -26.90 -36.43
N ASN B 2297 30.39 -26.81 -35.20
CA ASN B 2297 30.59 -27.96 -34.35
C ASN B 2297 30.01 -27.71 -32.95
N PHE B 2298 29.56 -28.79 -32.32
CA PHE B 2298 29.13 -28.77 -30.94
C PHE B 2298 30.16 -29.52 -30.11
N VAL B 2299 30.59 -28.92 -29.03
CA VAL B 2299 31.57 -29.55 -28.16
C VAL B 2299 30.98 -29.71 -26.77
N PHE B 2300 30.92 -30.95 -26.29
CA PHE B 2300 30.23 -31.28 -25.06
C PHE B 2300 31.23 -31.74 -24.01
N GLU B 2301 31.74 -30.80 -23.22
CA GLU B 2301 32.56 -31.15 -22.06
C GLU B 2301 31.64 -31.80 -21.05
N THR B 2302 32.09 -32.88 -20.40
CA THR B 2302 31.21 -33.61 -19.51
C THR B 2302 31.99 -34.32 -18.43
N HIS B 2303 31.25 -35.07 -17.60
CA HIS B 2303 31.86 -35.79 -16.50
C HIS B 2303 31.81 -37.30 -16.74
N ASP B 2304 30.62 -37.84 -16.97
CA ASP B 2304 30.48 -39.25 -17.35
C ASP B 2304 29.22 -39.42 -18.18
N LEU B 2305 29.08 -40.62 -18.74
CA LEU B 2305 27.94 -40.98 -19.56
C LEU B 2305 27.19 -42.17 -18.99
N SER B 2306 26.91 -42.17 -17.69
CA SER B 2306 26.14 -43.26 -17.10
C SER B 2306 24.68 -43.15 -17.54
N CYS B 2307 24.24 -41.93 -17.80
CA CYS B 2307 22.81 -41.67 -17.94
C CYS B 2307 22.43 -41.26 -19.35
N ALA B 2308 23.22 -41.61 -20.36
CA ALA B 2308 22.90 -41.26 -21.73
C ALA B 2308 22.53 -42.50 -22.52
N SER B 2309 21.45 -42.41 -23.28
CA SER B 2309 21.02 -43.52 -24.11
C SER B 2309 22.00 -43.72 -25.26
N PRO B 2310 22.18 -44.95 -25.73
CA PRO B 2310 23.18 -45.19 -26.78
C PRO B 2310 22.82 -44.69 -28.17
N ALA B 2311 21.68 -44.04 -28.35
CA ALA B 2311 21.46 -43.31 -29.60
C ALA B 2311 22.41 -42.13 -29.72
N THR B 2312 22.53 -41.35 -28.65
CA THR B 2312 23.48 -40.25 -28.67
C THR B 2312 24.92 -40.74 -28.64
N ILE B 2313 25.18 -41.81 -27.92
CA ILE B 2313 26.54 -42.34 -27.83
C ILE B 2313 27.00 -42.86 -29.18
N SER B 2314 26.09 -43.47 -29.94
CA SER B 2314 26.46 -43.82 -31.30
C SER B 2314 26.35 -42.64 -32.25
N ARG B 2315 25.80 -41.52 -31.80
CA ARG B 2315 25.54 -40.43 -32.74
C ARG B 2315 26.71 -39.48 -32.90
N MET B 2316 27.57 -39.33 -31.90
CA MET B 2316 28.60 -38.29 -31.95
C MET B 2316 29.96 -38.85 -31.57
N GLY B 2317 31.00 -38.12 -31.98
CA GLY B 2317 32.37 -38.53 -31.73
C GLY B 2317 32.76 -38.49 -30.27
N MET B 2318 33.99 -38.91 -29.98
CA MET B 2318 34.30 -39.09 -28.58
C MET B 2318 35.80 -39.02 -28.35
N ILE B 2319 36.19 -38.43 -27.21
CA ILE B 2319 37.56 -38.37 -26.73
C ILE B 2319 37.58 -38.86 -25.30
N PHE B 2320 38.50 -39.76 -24.99
CA PHE B 2320 38.58 -40.32 -23.64
C PHE B 2320 39.82 -39.77 -22.95
N LEU B 2321 39.74 -39.62 -21.63
CA LEU B 2321 40.89 -39.26 -20.81
C LEU B 2321 40.92 -40.17 -19.59
N SER B 2322 42.05 -40.21 -18.90
CA SER B 2322 42.26 -41.19 -17.85
C SER B 2322 42.93 -40.55 -16.64
N ASP B 2323 43.07 -41.33 -15.58
CA ASP B 2323 43.81 -40.89 -14.41
C ASP B 2323 45.23 -41.42 -14.41
N GLU B 2324 45.67 -41.97 -15.56
CA GLU B 2324 47.05 -42.43 -15.69
C GLU B 2324 47.86 -41.46 -16.54
N GLU B 2325 47.17 -40.70 -17.39
CA GLU B 2325 47.87 -39.78 -18.29
C GLU B 2325 48.25 -38.48 -17.61
N THR B 2326 47.65 -38.17 -16.47
CA THR B 2326 47.90 -36.90 -15.80
C THR B 2326 49.29 -36.90 -15.17
N ASP B 2327 49.98 -35.77 -15.24
CA ASP B 2327 51.30 -35.61 -14.66
C ASP B 2327 51.23 -34.60 -13.53
N LEU B 2328 51.41 -35.09 -12.30
CA LEU B 2328 51.30 -34.23 -11.12
C LEU B 2328 52.44 -33.23 -11.05
N ASN B 2329 53.67 -33.68 -11.35
CA ASN B 2329 54.83 -32.80 -11.31
C ASN B 2329 54.73 -31.71 -12.37
N SER B 2330 54.08 -32.01 -13.49
CA SER B 2330 53.93 -31.02 -14.55
C SER B 2330 52.87 -29.98 -14.21
N LEU B 2331 52.18 -30.15 -13.09
CA LEU B 2331 51.37 -29.05 -12.55
C LEU B 2331 52.00 -28.44 -11.31
N ILE B 2332 52.91 -29.16 -10.65
CA ILE B 2332 53.64 -28.54 -9.55
C ILE B 2332 54.60 -27.48 -10.09
N LYS B 2333 55.18 -27.71 -11.27
CA LYS B 2333 56.22 -26.82 -11.77
C LYS B 2333 55.69 -25.45 -12.17
N SER B 2334 54.49 -25.39 -12.77
CA SER B 2334 53.97 -24.08 -13.19
C SER B 2334 53.52 -23.26 -12.00
N TRP B 2335 52.98 -23.91 -10.97
CA TRP B 2335 52.68 -23.23 -9.72
C TRP B 2335 53.95 -22.69 -9.08
N LEU B 2336 55.04 -23.46 -9.14
CA LEU B 2336 56.32 -22.96 -8.64
C LEU B 2336 56.83 -21.80 -9.49
N ARG B 2337 56.51 -21.82 -10.78
CA ARG B 2337 56.87 -20.69 -11.64
C ARG B 2337 56.03 -19.46 -11.36
N ASN B 2338 54.90 -19.62 -10.67
CA ASN B 2338 54.15 -18.41 -10.30
C ASN B 2338 54.51 -17.91 -8.91
N GLN B 2339 55.77 -18.08 -8.50
CA GLN B 2339 56.19 -17.67 -7.18
C GLN B 2339 57.20 -16.51 -7.26
N PRO B 2340 57.19 -15.60 -6.27
CA PRO B 2340 57.82 -14.28 -6.50
C PRO B 2340 59.32 -14.25 -6.34
N ALA B 2341 60.01 -15.39 -6.39
CA ALA B 2341 61.46 -15.57 -6.33
C ALA B 2341 62.05 -15.05 -5.04
N GLU B 2342 61.48 -15.38 -3.88
CA GLU B 2342 62.12 -15.05 -2.63
C GLU B 2342 62.17 -16.26 -1.71
N TYR B 2343 61.55 -17.36 -2.12
CA TYR B 2343 61.49 -18.57 -1.31
C TYR B 2343 61.65 -19.85 -2.15
N ARG B 2344 61.87 -19.73 -3.46
CA ARG B 2344 61.63 -20.83 -4.38
C ARG B 2344 62.67 -21.93 -4.24
N ASN B 2345 63.86 -21.58 -3.75
CA ASN B 2345 64.92 -22.55 -3.52
C ASN B 2345 64.49 -23.58 -2.48
N ASN B 2346 64.08 -23.06 -1.31
CA ASN B 2346 63.63 -23.92 -0.22
C ASN B 2346 62.35 -24.67 -0.58
N LEU B 2347 61.44 -24.02 -1.31
CA LEU B 2347 60.17 -24.66 -1.64
C LEU B 2347 60.36 -25.81 -2.62
N GLU B 2348 61.23 -25.63 -3.62
CA GLU B 2348 61.47 -26.72 -4.55
C GLU B 2348 62.26 -27.84 -3.88
N ASN B 2349 63.23 -27.48 -3.02
CA ASN B 2349 64.01 -28.48 -2.29
C ASN B 2349 63.15 -29.28 -1.33
N TRP B 2350 62.06 -28.71 -0.84
CA TRP B 2350 61.22 -29.43 0.11
C TRP B 2350 60.09 -30.17 -0.58
N ILE B 2351 59.55 -29.60 -1.66
CA ILE B 2351 58.51 -30.28 -2.44
C ILE B 2351 59.07 -31.56 -3.05
N GLY B 2352 60.24 -31.48 -3.71
CA GLY B 2352 60.81 -32.60 -4.41
C GLY B 2352 61.17 -33.83 -3.60
N ASP B 2353 61.10 -33.75 -2.28
CA ASP B 2353 61.38 -34.91 -1.45
C ASP B 2353 60.37 -35.10 -0.33
N TYR B 2354 59.36 -34.24 -0.23
CA TYR B 2354 58.36 -34.48 0.79
C TYR B 2354 56.96 -34.65 0.21
N PHE B 2355 56.71 -34.17 -1.01
CA PHE B 2355 55.34 -34.02 -1.45
C PHE B 2355 54.72 -35.36 -1.87
N GLU B 2356 55.50 -36.19 -2.58
CA GLU B 2356 54.93 -37.37 -3.24
C GLU B 2356 54.60 -38.47 -2.23
N LYS B 2357 55.41 -38.60 -1.18
CA LYS B 2357 55.13 -39.56 -0.12
C LYS B 2357 53.84 -39.24 0.59
N ALA B 2358 53.65 -37.97 0.95
CA ALA B 2358 52.47 -37.57 1.68
C ALA B 2358 51.23 -37.57 0.80
N LEU B 2359 51.40 -37.46 -0.51
CA LEU B 2359 50.23 -37.57 -1.38
C LEU B 2359 49.82 -39.04 -1.55
N GLN B 2360 50.80 -39.92 -1.73
CA GLN B 2360 50.47 -41.32 -2.00
C GLN B 2360 49.98 -42.03 -0.74
N TRP B 2361 50.40 -41.57 0.44
CA TRP B 2361 49.88 -42.17 1.66
C TRP B 2361 48.42 -41.80 1.89
N VAL B 2362 48.04 -40.57 1.56
CA VAL B 2362 46.65 -40.15 1.64
C VAL B 2362 45.80 -40.89 0.61
N LEU B 2363 46.34 -41.10 -0.59
CA LEU B 2363 45.59 -41.91 -1.56
C LEU B 2363 45.55 -43.39 -1.18
N LYS B 2364 46.44 -43.82 -0.29
CA LYS B 2364 46.37 -45.18 0.23
C LYS B 2364 45.26 -45.31 1.29
N GLN B 2365 45.11 -44.30 2.15
CA GLN B 2365 44.14 -44.42 3.24
C GLN B 2365 42.70 -44.32 2.75
N ASN B 2366 42.39 -43.27 1.97
CA ASN B 2366 41.13 -43.12 1.24
C ASN B 2366 39.92 -42.99 2.17
N ASP B 2367 40.18 -42.58 3.42
CA ASP B 2367 39.10 -42.33 4.39
C ASP B 2367 38.74 -40.85 4.35
N TYR B 2368 38.47 -40.31 3.17
CA TYR B 2368 38.21 -38.88 3.15
C TYR B 2368 36.74 -38.62 2.89
N VAL B 2369 36.25 -37.56 3.53
CA VAL B 2369 34.85 -37.47 3.87
C VAL B 2369 34.01 -36.94 2.71
N VAL B 2370 34.61 -36.15 1.83
CA VAL B 2370 33.90 -35.70 0.65
C VAL B 2370 34.74 -36.06 -0.56
N GLU B 2371 34.11 -36.66 -1.57
CA GLU B 2371 34.86 -37.30 -2.64
C GLU B 2371 35.39 -36.28 -3.64
N THR B 2372 36.70 -36.28 -3.85
CA THR B 2372 37.38 -35.41 -4.81
C THR B 2372 38.15 -36.27 -5.80
N SER B 2373 38.62 -35.66 -6.89
CA SER B 2373 39.53 -36.37 -7.78
C SER B 2373 40.96 -36.17 -7.32
N LEU B 2374 41.91 -36.55 -8.19
CA LEU B 2374 43.32 -36.39 -7.87
C LEU B 2374 43.74 -34.93 -7.82
N VAL B 2375 43.28 -34.18 -8.82
CA VAL B 2375 43.60 -32.78 -9.02
C VAL B 2375 43.12 -31.96 -7.83
N GLY B 2376 41.96 -32.33 -7.31
CA GLY B 2376 41.40 -31.69 -6.14
C GLY B 2376 42.24 -31.91 -4.91
N THR B 2377 42.72 -33.14 -4.71
CA THR B 2377 43.59 -33.43 -3.57
C THR B 2377 44.91 -32.66 -3.68
N VAL B 2378 45.41 -32.52 -4.91
CA VAL B 2378 46.63 -31.78 -5.17
C VAL B 2378 46.44 -30.31 -4.81
N MET B 2379 45.36 -29.71 -5.28
CA MET B 2379 45.14 -28.28 -5.04
C MET B 2379 44.85 -28.00 -3.56
N ASN B 2380 44.17 -28.93 -2.88
CA ASN B 2380 43.98 -28.81 -1.44
C ASN B 2380 45.30 -28.91 -0.70
N GLY B 2381 46.22 -29.72 -1.23
CA GLY B 2381 47.55 -29.75 -0.64
C GLY B 2381 48.33 -28.48 -0.88
N LEU B 2382 48.13 -27.86 -2.05
CA LEU B 2382 49.03 -26.78 -2.45
C LEU B 2382 48.58 -25.43 -1.90
N SER B 2383 47.27 -25.17 -1.84
CA SER B 2383 46.82 -23.79 -1.59
C SER B 2383 46.95 -23.37 -0.13
N HIS B 2384 47.70 -24.12 0.69
CA HIS B 2384 48.00 -23.69 2.03
C HIS B 2384 49.51 -23.54 2.23
N LEU B 2385 50.23 -23.10 1.20
CA LEU B 2385 51.70 -23.16 1.23
C LEU B 2385 52.40 -21.86 0.92
N HIS B 2386 51.90 -21.04 -0.01
CA HIS B 2386 52.77 -20.04 -0.64
C HIS B 2386 53.06 -18.89 0.31
N GLY B 2387 54.31 -18.84 0.76
CA GLY B 2387 54.74 -17.96 1.80
C GLY B 2387 55.34 -18.65 3.00
N CYS B 2388 55.73 -19.91 2.89
CA CYS B 2388 56.45 -20.58 3.96
C CYS B 2388 57.84 -19.98 4.08
N ARG B 2389 58.39 -19.98 5.29
CA ARG B 2389 59.75 -19.51 5.47
C ARG B 2389 60.72 -20.66 5.60
N ASP B 2390 60.53 -21.50 6.60
CA ASP B 2390 61.49 -22.53 6.96
C ASP B 2390 60.90 -23.92 6.86
N HIS B 2391 61.72 -24.90 7.24
CA HIS B 2391 61.37 -26.30 7.07
C HIS B 2391 60.27 -26.71 8.04
N ASP B 2392 60.39 -26.28 9.30
CA ASP B 2392 59.45 -26.71 10.33
C ASP B 2392 58.08 -26.05 10.13
N GLU B 2393 58.06 -24.88 9.49
CA GLU B 2393 56.78 -24.26 9.14
C GLU B 2393 56.18 -24.92 7.93
N PHE B 2394 57.03 -25.36 7.00
CA PHE B 2394 56.53 -25.99 5.78
C PHE B 2394 55.89 -27.33 6.07
N ILE B 2395 56.40 -28.05 7.08
CA ILE B 2395 55.77 -29.30 7.51
C ILE B 2395 54.32 -29.06 7.95
N ILE B 2396 54.11 -28.02 8.76
CA ILE B 2396 52.79 -27.76 9.33
C ILE B 2396 51.84 -27.21 8.27
N ASN B 2397 52.36 -26.42 7.33
CA ASN B 2397 51.55 -26.00 6.20
C ASN B 2397 51.16 -27.18 5.32
N LEU B 2398 52.03 -28.18 5.18
CA LEU B 2398 51.66 -29.39 4.43
C LEU B 2398 50.57 -30.17 5.16
N ILE B 2399 50.67 -30.25 6.49
CA ILE B 2399 49.67 -30.99 7.27
C ILE B 2399 48.30 -30.32 7.16
N ARG B 2400 48.27 -28.99 7.27
CA ARG B 2400 47.01 -28.26 7.16
C ARG B 2400 46.49 -28.26 5.73
N GLY B 2401 47.39 -28.45 4.76
CA GLY B 2401 46.92 -28.59 3.39
C GLY B 2401 46.26 -29.93 3.15
N LEU B 2402 46.89 -31.02 3.61
CA LEU B 2402 46.35 -32.33 3.27
C LEU B 2402 45.27 -32.79 4.24
N GLY B 2403 45.60 -32.88 5.53
CA GLY B 2403 44.78 -33.62 6.48
C GLY B 2403 43.43 -33.01 6.82
N GLY B 2404 43.02 -31.94 6.13
CA GLY B 2404 41.72 -31.35 6.41
C GLY B 2404 40.56 -32.17 5.89
N ASN B 2405 40.84 -33.07 4.94
CA ASN B 2405 39.76 -33.80 4.27
C ASN B 2405 39.56 -35.19 4.87
N LEU B 2406 40.42 -35.61 5.77
CA LEU B 2406 40.30 -36.92 6.40
C LEU B 2406 39.29 -36.85 7.54
N ASN B 2407 39.28 -37.90 8.37
CA ASN B 2407 38.59 -37.82 9.64
C ASN B 2407 39.54 -38.19 10.78
N MET B 2408 39.03 -38.17 12.01
CA MET B 2408 39.92 -38.11 13.17
C MET B 2408 40.52 -39.48 13.47
N LYS B 2409 39.99 -40.54 12.85
CA LYS B 2409 40.62 -41.84 13.03
C LYS B 2409 41.94 -41.94 12.29
N SER B 2410 42.12 -41.09 11.27
CA SER B 2410 43.30 -41.16 10.42
C SER B 2410 44.18 -39.92 10.50
N ARG B 2411 43.62 -38.77 10.89
CA ARG B 2411 44.39 -37.55 10.99
C ARG B 2411 45.50 -37.66 12.03
N LEU B 2412 45.24 -38.41 13.11
CA LEU B 2412 46.24 -38.56 14.17
C LEU B 2412 47.46 -39.32 13.70
N GLU B 2413 47.27 -40.45 13.02
CA GLU B 2413 48.42 -41.19 12.54
C GLU B 2413 49.04 -40.55 11.30
N PHE B 2414 48.26 -39.71 10.60
CA PHE B 2414 48.82 -38.85 9.56
C PHE B 2414 49.84 -37.90 10.17
N THR B 2415 49.46 -37.25 11.28
CA THR B 2415 50.39 -36.39 12.00
C THR B 2415 51.56 -37.16 12.59
N LYS B 2416 51.31 -38.37 13.07
CA LYS B 2416 52.38 -39.19 13.63
C LYS B 2416 53.41 -39.56 12.58
N GLU B 2417 52.95 -40.03 11.41
CA GLU B 2417 53.90 -40.40 10.36
C GLU B 2417 54.56 -39.16 9.76
N VAL B 2418 53.86 -38.01 9.72
CA VAL B 2418 54.52 -36.83 9.17
C VAL B 2418 55.59 -36.31 10.09
N PHE B 2419 55.29 -36.14 11.39
CA PHE B 2419 56.33 -35.73 12.33
C PHE B 2419 57.41 -36.77 12.52
N HIS B 2420 57.09 -38.07 12.45
CA HIS B 2420 58.11 -39.09 12.64
C HIS B 2420 59.02 -39.17 11.43
N TRP B 2421 58.46 -39.05 10.22
CA TRP B 2421 59.31 -38.99 9.04
C TRP B 2421 59.68 -37.57 8.69
N ALA B 2422 59.50 -36.65 9.64
CA ALA B 2422 60.16 -35.37 9.63
C ALA B 2422 61.46 -35.47 10.41
N ARG B 2423 62.00 -34.29 10.73
CA ARG B 2423 63.16 -34.20 11.61
C ARG B 2423 62.85 -34.75 12.99
N GLU B 2424 61.91 -34.13 13.71
CA GLU B 2424 61.75 -34.36 15.13
C GLU B 2424 60.28 -34.45 15.51
N SER B 2425 60.05 -34.56 16.82
CA SER B 2425 58.71 -34.55 17.35
C SER B 2425 58.49 -33.28 18.19
N PRO B 2426 57.26 -32.75 18.20
CA PRO B 2426 57.00 -31.56 19.00
C PRO B 2426 56.82 -31.93 20.45
N PRO B 2427 56.65 -30.94 21.35
CA PRO B 2427 56.14 -31.27 22.68
C PRO B 2427 54.63 -31.44 22.74
N ASP B 2428 53.96 -31.40 21.57
CA ASP B 2428 52.54 -31.73 21.47
C ASP B 2428 52.41 -33.22 21.15
N PHE B 2429 53.08 -34.07 21.94
CA PHE B 2429 53.03 -35.50 21.67
C PHE B 2429 51.67 -36.07 22.01
N HIS B 2430 50.98 -35.45 22.97
CA HIS B 2430 49.61 -35.79 23.29
C HIS B 2430 48.70 -34.77 22.60
N LYS B 2431 47.78 -35.29 21.78
CA LYS B 2431 46.94 -34.55 20.83
C LYS B 2431 47.75 -33.66 19.89
N PRO B 2432 48.45 -34.24 18.91
CA PRO B 2432 49.28 -33.42 18.03
C PRO B 2432 48.53 -32.66 16.94
N MET B 2433 47.21 -32.54 17.04
CA MET B 2433 46.47 -31.76 16.05
C MET B 2433 46.61 -30.26 16.29
N ASP B 2434 47.26 -29.87 17.39
CA ASP B 2434 47.21 -28.49 17.84
C ASP B 2434 48.57 -27.83 17.94
N THR B 2435 49.42 -27.94 16.91
CA THR B 2435 50.76 -27.35 16.96
C THR B 2435 50.74 -25.93 16.39
N TYR B 2436 51.18 -24.97 17.20
CA TYR B 2436 51.09 -23.55 16.88
C TYR B 2436 52.47 -23.03 16.53
N TYR B 2437 52.84 -23.10 15.25
CA TYR B 2437 54.13 -22.54 14.87
C TYR B 2437 54.05 -21.03 14.83
N ASP B 2438 54.97 -20.40 15.57
CA ASP B 2438 55.08 -18.95 15.60
C ASP B 2438 56.27 -18.53 14.77
N SER B 2439 56.16 -17.39 14.10
CA SER B 2439 57.29 -16.85 13.36
C SER B 2439 58.24 -16.11 14.29
N THR B 2440 57.72 -15.63 15.43
CA THR B 2440 58.44 -14.76 16.34
C THR B 2440 59.61 -15.46 17.04
N ARG B 2441 59.36 -16.64 17.60
CA ARG B 2441 60.42 -17.33 18.33
C ARG B 2441 60.90 -18.56 17.58
N GLY B 2442 60.08 -19.12 16.70
CA GLY B 2442 60.36 -20.44 16.19
C GLY B 2442 59.80 -21.55 17.04
N ARG B 2443 58.83 -21.22 17.91
CA ARG B 2443 58.11 -22.19 18.72
C ARG B 2443 57.34 -23.19 17.87
N LEU B 2444 57.25 -24.45 18.32
CA LEU B 2444 56.55 -25.47 17.54
C LEU B 2444 55.15 -25.62 18.12
N ALA B 2445 54.99 -25.91 19.41
CA ALA B 2445 53.68 -26.33 19.88
C ALA B 2445 53.50 -26.20 21.39
N THR B 2446 52.63 -25.28 21.79
CA THR B 2446 51.97 -25.27 23.09
C THR B 2446 50.53 -24.83 22.86
N TYR B 2447 49.59 -25.64 23.34
CA TYR B 2447 48.17 -25.30 23.26
C TYR B 2447 47.73 -24.57 24.52
N VAL B 2448 47.35 -23.31 24.36
CA VAL B 2448 47.05 -22.44 25.49
C VAL B 2448 45.61 -21.96 25.39
N LEU B 2449 44.96 -21.87 26.54
CA LEU B 2449 43.58 -21.43 26.64
C LEU B 2449 43.52 -19.94 26.97
N LYS B 2450 42.72 -19.22 26.19
CA LYS B 2450 42.58 -17.77 26.34
C LYS B 2450 41.22 -17.47 26.96
N LYS B 2451 41.23 -17.04 28.22
CA LYS B 2451 40.00 -16.76 28.93
C LYS B 2451 39.65 -15.28 28.85
N PRO B 2452 38.45 -14.91 28.43
CA PRO B 2452 38.04 -13.50 28.45
C PRO B 2452 37.62 -13.07 29.84
N GLU B 2453 37.68 -11.76 30.07
CA GLU B 2453 37.27 -11.16 31.33
C GLU B 2453 36.46 -9.89 31.11
N ASP B 2454 35.57 -9.90 30.11
CA ASP B 2454 34.76 -8.75 29.76
C ASP B 2454 33.28 -8.98 29.94
N LEU B 2455 32.87 -9.65 31.01
CA LEU B 2455 31.63 -10.40 30.99
C LEU B 2455 30.52 -9.73 31.79
N THR B 2456 29.53 -9.20 31.08
CA THR B 2456 28.33 -8.64 31.69
C THR B 2456 27.13 -9.35 31.08
N ALA B 2457 25.94 -8.81 31.36
CA ALA B 2457 24.75 -9.27 30.67
C ALA B 2457 24.48 -8.44 29.43
N ASP B 2458 25.31 -7.44 29.16
CA ASP B 2458 25.11 -6.63 27.96
C ASP B 2458 25.70 -7.31 26.74
N ASP B 2459 26.59 -8.27 26.95
CA ASP B 2459 27.11 -9.05 25.83
C ASP B 2459 26.02 -9.94 25.24
N PHE B 2460 25.19 -10.50 26.10
CA PHE B 2460 24.20 -11.50 25.74
C PHE B 2460 22.91 -10.88 25.24
N SER B 2461 22.91 -9.58 24.91
CA SER B 2461 21.67 -8.88 24.57
C SER B 2461 21.12 -9.38 23.26
N ASN B 2462 21.93 -9.35 22.22
CA ASN B 2462 21.58 -10.05 21.00
C ASN B 2462 21.64 -11.55 21.26
N GLY B 2463 20.69 -12.28 20.66
CA GLY B 2463 20.76 -13.73 20.70
C GLY B 2463 21.98 -14.24 19.97
N LEU B 2464 22.35 -13.59 18.87
CA LEU B 2464 23.60 -13.84 18.19
C LEU B 2464 24.69 -13.03 18.87
N THR B 2465 25.87 -12.96 18.24
CA THR B 2465 27.06 -12.25 18.72
C THR B 2465 27.42 -12.66 20.13
N LEU B 2466 27.31 -13.95 20.39
CA LEU B 2466 27.60 -14.47 21.70
C LEU B 2466 29.11 -14.40 21.93
N PRO B 2467 29.56 -14.22 23.16
CA PRO B 2467 31.00 -14.21 23.43
C PRO B 2467 31.63 -15.58 23.20
N VAL B 2468 32.46 -15.66 22.16
CA VAL B 2468 33.15 -16.88 21.77
C VAL B 2468 34.28 -17.12 22.75
N ILE B 2469 34.24 -18.27 23.42
CA ILE B 2469 35.36 -18.65 24.28
C ILE B 2469 36.44 -19.28 23.43
N GLN B 2470 37.61 -18.65 23.41
CA GLN B 2470 38.71 -19.07 22.54
C GLN B 2470 39.35 -20.32 23.14
N THR B 2471 38.78 -21.45 22.78
CA THR B 2471 39.31 -22.76 23.11
C THR B 2471 40.33 -23.14 22.04
N PRO B 2472 41.21 -24.11 22.31
CA PRO B 2472 42.21 -24.49 21.29
C PRO B 2472 41.64 -24.98 19.97
N ASP B 2473 40.45 -25.58 19.98
CA ASP B 2473 39.88 -26.02 18.72
C ASP B 2473 39.38 -24.85 17.89
N MET B 2474 38.89 -23.80 18.57
CA MET B 2474 38.50 -22.61 17.85
C MET B 2474 39.72 -21.89 17.29
N GLN B 2475 40.86 -21.98 18.01
CA GLN B 2475 42.11 -21.45 17.48
C GLN B 2475 42.59 -22.24 16.28
N ARG B 2476 42.40 -23.57 16.28
CA ARG B 2476 42.76 -24.36 15.11
C ARG B 2476 41.88 -24.00 13.91
N GLY B 2477 40.59 -23.76 14.17
CA GLY B 2477 39.71 -23.32 13.11
C GLY B 2477 40.11 -21.97 12.55
N LEU B 2478 40.48 -21.04 13.42
CA LEU B 2478 40.89 -19.71 12.97
C LEU B 2478 42.23 -19.76 12.24
N ASP B 2479 43.14 -20.62 12.69
CA ASP B 2479 44.40 -20.78 11.99
C ASP B 2479 44.22 -21.43 10.64
N TYR B 2480 43.17 -22.24 10.50
CA TYR B 2480 42.77 -22.69 9.19
C TYR B 2480 42.20 -21.56 8.33
N PHE B 2481 41.38 -20.69 8.91
CA PHE B 2481 40.64 -19.70 8.10
C PHE B 2481 41.54 -18.56 7.64
N LYS B 2482 42.44 -18.14 8.52
CA LYS B 2482 43.28 -16.96 8.30
C LYS B 2482 44.07 -16.92 6.98
N PRO B 2483 44.65 -18.01 6.44
CA PRO B 2483 45.31 -17.86 5.13
C PRO B 2483 44.39 -17.66 3.95
N TRP B 2484 43.09 -17.97 4.07
CA TRP B 2484 42.27 -17.94 2.87
C TRP B 2484 41.34 -16.74 2.80
N LEU B 2485 41.05 -16.10 3.92
CA LEU B 2485 40.16 -14.96 3.82
C LEU B 2485 40.90 -13.64 3.72
N SER B 2486 42.22 -13.67 3.62
CA SER B 2486 42.99 -12.44 3.44
C SER B 2486 42.84 -11.95 2.01
N SER B 2487 43.29 -10.72 1.73
CA SER B 2487 42.96 -10.03 0.48
C SER B 2487 43.97 -10.42 -0.60
N ASP B 2488 44.84 -11.39 -0.36
CA ASP B 2488 45.77 -11.84 -1.39
C ASP B 2488 45.37 -13.19 -1.95
N THR B 2489 44.63 -13.97 -1.17
CA THR B 2489 44.14 -15.26 -1.63
C THR B 2489 42.63 -15.32 -1.79
N LYS B 2490 42.10 -14.95 -2.95
CA LYS B 2490 40.67 -15.01 -3.16
C LYS B 2490 40.22 -16.46 -3.35
N GLN B 2491 39.91 -17.12 -2.24
CA GLN B 2491 39.59 -18.54 -2.27
C GLN B 2491 38.16 -18.80 -1.81
N PRO B 2492 37.39 -19.57 -2.58
CA PRO B 2492 36.14 -20.14 -2.06
C PRO B 2492 36.40 -21.41 -1.28
N PHE B 2493 35.74 -21.56 -0.14
CA PHE B 2493 35.94 -22.75 0.68
C PHE B 2493 34.68 -23.07 1.47
N ILE B 2494 34.58 -24.33 1.89
CA ILE B 2494 33.40 -24.89 2.56
C ILE B 2494 33.84 -25.64 3.80
N LEU B 2495 33.24 -25.31 4.93
CA LEU B 2495 33.43 -26.07 6.15
C LEU B 2495 32.54 -27.30 6.16
N VAL B 2496 33.03 -28.35 6.80
CA VAL B 2496 32.22 -29.54 7.08
C VAL B 2496 32.16 -29.69 8.59
N GLY B 2497 30.96 -29.86 9.11
CA GLY B 2497 30.79 -30.14 10.52
C GLY B 2497 29.54 -30.94 10.75
N PRO B 2498 29.49 -31.71 11.84
CA PRO B 2498 28.21 -32.30 12.24
C PRO B 2498 27.25 -31.21 12.66
N GLU B 2499 25.96 -31.52 12.62
CA GLU B 2499 24.93 -30.50 12.75
C GLU B 2499 24.91 -29.95 14.16
N GLY B 2500 24.85 -28.62 14.27
CA GLY B 2500 24.98 -27.97 15.54
C GLY B 2500 26.33 -28.15 16.20
N CYS B 2501 27.39 -27.54 15.66
CA CYS B 2501 28.72 -27.78 16.21
C CYS B 2501 29.49 -26.48 16.40
N GLY B 2502 29.10 -25.43 15.70
CA GLY B 2502 29.80 -24.17 15.83
C GLY B 2502 30.32 -23.56 14.54
N LYS B 2503 29.65 -23.84 13.42
CA LYS B 2503 30.18 -23.37 12.14
C LYS B 2503 29.85 -21.90 11.93
N GLY B 2504 28.58 -21.52 12.07
CA GLY B 2504 28.16 -20.17 11.70
C GLY B 2504 28.71 -19.11 12.63
N MET B 2505 28.80 -19.44 13.92
CA MET B 2505 29.38 -18.52 14.90
C MET B 2505 30.84 -18.22 14.60
N LEU B 2506 31.62 -19.26 14.32
CA LEU B 2506 33.04 -19.06 14.08
C LEU B 2506 33.29 -18.38 12.74
N LEU B 2507 32.45 -18.67 11.75
CA LEU B 2507 32.61 -17.98 10.47
C LEU B 2507 32.17 -16.52 10.55
N ARG B 2508 31.23 -16.20 11.44
CA ARG B 2508 30.88 -14.79 11.62
C ARG B 2508 31.96 -14.04 12.38
N TYR B 2509 32.63 -14.73 13.30
CA TYR B 2509 33.79 -14.14 13.96
C TYR B 2509 34.88 -13.80 12.95
N ALA B 2510 35.14 -14.73 12.01
CA ALA B 2510 36.15 -14.46 10.99
C ALA B 2510 35.66 -13.44 9.97
N PHE B 2511 34.34 -13.29 9.81
CA PHE B 2511 33.83 -12.17 9.04
C PHE B 2511 34.09 -10.85 9.74
N SER B 2512 33.97 -10.85 11.08
CA SER B 2512 34.16 -9.63 11.85
C SER B 2512 35.62 -9.23 11.94
N GLN B 2513 36.54 -10.17 11.70
CA GLN B 2513 37.95 -9.81 11.73
C GLN B 2513 38.39 -9.07 10.47
N LEU B 2514 37.50 -8.93 9.48
CA LEU B 2514 37.90 -8.44 8.17
C LEU B 2514 38.02 -6.92 8.16
N ARG B 2515 38.15 -6.35 6.96
CA ARG B 2515 38.41 -4.92 6.83
C ARG B 2515 37.30 -4.15 6.12
N SER B 2516 37.00 -4.46 4.86
CA SER B 2516 36.03 -3.65 4.15
C SER B 2516 35.03 -4.50 3.39
N THR B 2517 34.53 -5.55 4.02
CA THR B 2517 33.69 -6.53 3.36
C THR B 2517 32.22 -6.15 3.51
N GLN B 2518 31.36 -6.99 2.94
CA GLN B 2518 29.92 -6.84 3.05
C GLN B 2518 29.24 -8.21 3.01
N ILE B 2519 28.93 -8.73 4.20
CA ILE B 2519 28.44 -10.08 4.37
C ILE B 2519 26.98 -10.09 3.94
N ALA B 2520 26.54 -11.14 3.26
CA ALA B 2520 25.14 -11.31 2.93
C ALA B 2520 24.77 -12.79 3.04
N THR B 2521 24.31 -13.21 4.21
CA THR B 2521 23.96 -14.60 4.49
C THR B 2521 22.62 -14.94 3.85
N VAL B 2522 22.59 -16.05 3.12
CA VAL B 2522 21.35 -16.57 2.56
C VAL B 2522 21.16 -18.01 3.02
N HIS B 2523 20.05 -18.27 3.70
CA HIS B 2523 19.69 -19.61 4.14
C HIS B 2523 19.07 -20.35 2.97
N CYS B 2524 19.78 -21.34 2.44
CA CYS B 2524 19.21 -22.20 1.40
C CYS B 2524 18.45 -23.36 2.02
N SER B 2525 17.60 -23.97 1.22
CA SER B 2525 16.76 -25.07 1.67
C SER B 2525 16.36 -25.88 0.45
N ALA B 2526 15.33 -26.71 0.61
CA ALA B 2526 14.97 -27.66 -0.44
C ALA B 2526 14.22 -27.01 -1.59
N GLN B 2527 14.06 -25.69 -1.57
CA GLN B 2527 13.35 -24.99 -2.63
C GLN B 2527 14.17 -23.87 -3.25
N THR B 2528 15.41 -23.67 -2.81
CA THR B 2528 16.17 -22.50 -3.20
C THR B 2528 16.66 -22.63 -4.64
N THR B 2529 16.40 -21.61 -5.44
CA THR B 2529 16.69 -21.63 -6.87
C THR B 2529 17.60 -20.47 -7.21
N SER B 2530 17.72 -20.21 -8.52
CA SER B 2530 18.62 -19.18 -9.01
C SER B 2530 18.15 -17.78 -8.61
N ARG B 2531 16.85 -17.54 -8.74
CA ARG B 2531 16.33 -16.18 -8.64
C ARG B 2531 16.40 -15.65 -7.21
N HIS B 2532 16.46 -16.55 -6.23
CA HIS B 2532 16.53 -16.13 -4.83
C HIS B 2532 17.90 -15.55 -4.49
N LEU B 2533 18.96 -16.25 -4.89
CA LEU B 2533 20.29 -15.69 -4.73
C LEU B 2533 20.51 -14.50 -5.63
N LEU B 2534 19.85 -14.47 -6.79
CA LEU B 2534 20.00 -13.31 -7.68
C LEU B 2534 19.39 -12.06 -7.06
N GLN B 2535 18.25 -12.19 -6.39
CA GLN B 2535 17.70 -10.98 -5.77
C GLN B 2535 18.42 -10.64 -4.46
N LYS B 2536 18.92 -11.64 -3.73
CA LYS B 2536 19.72 -11.33 -2.55
C LYS B 2536 21.04 -10.68 -2.92
N LEU B 2537 21.54 -10.94 -4.11
CA LEU B 2537 22.66 -10.16 -4.60
C LEU B 2537 22.21 -8.77 -5.02
N SER B 2538 21.12 -8.68 -5.80
CA SER B 2538 20.81 -7.42 -6.48
C SER B 2538 20.16 -6.42 -5.54
N GLN B 2539 19.88 -6.81 -4.30
CA GLN B 2539 19.49 -5.78 -3.33
C GLN B 2539 20.68 -4.93 -2.90
N THR B 2540 21.86 -5.55 -2.75
CA THR B 2540 23.02 -4.83 -2.23
C THR B 2540 24.21 -4.82 -3.19
N CYS B 2541 24.01 -4.49 -4.46
CA CYS B 2541 25.09 -4.57 -5.43
C CYS B 2541 24.80 -3.62 -6.59
N MET B 2542 25.84 -2.92 -7.03
CA MET B 2542 25.69 -1.92 -8.07
C MET B 2542 25.54 -2.58 -9.45
N VAL B 2543 25.07 -1.79 -10.40
CA VAL B 2543 24.93 -2.22 -11.80
C VAL B 2543 25.64 -1.16 -12.64
N ILE B 2544 26.91 -1.40 -12.98
CA ILE B 2544 27.70 -0.45 -13.75
C ILE B 2544 28.10 -1.08 -15.07
N SER B 2545 27.92 -0.31 -16.15
CA SER B 2545 27.97 -0.84 -17.51
C SER B 2545 29.32 -0.58 -18.16
N THR B 2546 30.25 -1.50 -17.99
CA THR B 2546 31.57 -1.38 -18.58
C THR B 2546 31.51 -1.84 -20.03
N ASN B 2547 32.68 -1.91 -20.64
CA ASN B 2547 32.81 -2.62 -21.90
C ASN B 2547 32.73 -4.12 -21.67
N THR B 2548 32.44 -4.84 -22.76
CA THR B 2548 32.19 -6.29 -22.76
C THR B 2548 31.08 -6.68 -21.79
N GLY B 2549 29.89 -6.11 -21.99
CA GLY B 2549 28.71 -6.55 -21.26
C GLY B 2549 28.63 -5.97 -19.86
N ARG B 2550 27.38 -5.82 -19.40
CA ARG B 2550 27.02 -5.25 -18.11
C ARG B 2550 27.54 -6.13 -16.99
N VAL B 2551 27.77 -5.57 -15.80
CA VAL B 2551 28.42 -6.33 -14.73
C VAL B 2551 27.89 -5.84 -13.39
N TYR B 2552 28.10 -6.64 -12.35
CA TYR B 2552 27.68 -6.28 -11.00
C TYR B 2552 28.90 -6.11 -10.10
N ARG B 2553 28.86 -5.08 -9.25
CA ARG B 2553 29.95 -4.68 -8.39
C ARG B 2553 29.41 -4.31 -7.01
N PRO B 2554 30.06 -4.73 -5.93
CA PRO B 2554 29.55 -4.42 -4.59
C PRO B 2554 29.62 -2.93 -4.29
N LYS B 2555 28.55 -2.40 -3.70
CA LYS B 2555 28.47 -0.99 -3.36
C LYS B 2555 29.23 -0.74 -2.06
N ASP B 2556 30.05 0.31 -2.06
CA ASP B 2556 30.66 0.91 -0.87
C ASP B 2556 31.59 -0.04 -0.14
N CYS B 2557 32.04 -1.10 -0.81
CA CYS B 2557 32.94 -2.07 -0.21
C CYS B 2557 33.87 -2.60 -1.28
N GLU B 2558 34.58 -3.68 -0.95
CA GLU B 2558 35.60 -4.18 -1.85
C GLU B 2558 35.45 -5.67 -2.11
N ARG B 2559 35.05 -6.43 -1.11
CA ARG B 2559 34.96 -7.89 -1.22
C ARG B 2559 33.63 -8.33 -0.61
N LEU B 2560 32.60 -8.44 -1.45
CA LEU B 2560 31.30 -8.92 -1.02
C LEU B 2560 31.38 -10.43 -0.84
N VAL B 2561 30.73 -10.93 0.20
CA VAL B 2561 30.80 -12.35 0.56
C VAL B 2561 29.38 -12.90 0.65
N LEU B 2562 29.02 -13.78 -0.29
CA LEU B 2562 27.77 -14.54 -0.23
C LEU B 2562 27.99 -15.78 0.62
N TYR B 2563 27.33 -15.84 1.77
CA TYR B 2563 27.50 -16.92 2.73
C TYR B 2563 26.34 -17.89 2.63
N LEU B 2564 26.50 -18.95 1.84
CA LEU B 2564 25.47 -19.93 1.59
C LEU B 2564 25.39 -20.88 2.77
N LYS B 2565 24.20 -21.02 3.35
CA LYS B 2565 24.11 -21.69 4.64
C LYS B 2565 24.13 -23.21 4.49
N ASP B 2566 23.39 -23.75 3.53
CA ASP B 2566 23.27 -25.20 3.41
C ASP B 2566 23.41 -25.61 1.95
N ILE B 2567 24.20 -26.65 1.69
CA ILE B 2567 24.47 -27.09 0.32
C ILE B 2567 23.96 -28.51 0.08
N ASN B 2568 23.94 -29.37 1.11
CA ASN B 2568 23.41 -30.71 0.94
C ASN B 2568 21.92 -30.70 0.70
N LEU B 2569 21.24 -29.74 1.27
CA LEU B 2569 19.78 -29.68 1.35
C LEU B 2569 18.95 -29.37 0.10
N PRO B 2570 19.43 -28.69 -0.96
CA PRO B 2570 18.58 -28.54 -2.15
C PRO B 2570 18.32 -29.84 -2.90
N LYS B 2571 17.45 -29.77 -3.92
CA LYS B 2571 16.72 -30.93 -4.40
C LYS B 2571 17.25 -31.44 -5.74
N LEU B 2572 17.54 -32.73 -5.79
CA LEU B 2572 17.90 -33.40 -7.04
C LEU B 2572 16.68 -33.50 -7.94
N ASP B 2573 16.90 -33.66 -9.23
CA ASP B 2573 15.86 -34.23 -10.06
C ASP B 2573 16.02 -35.75 -10.08
N LYS B 2574 15.33 -36.40 -11.01
CA LYS B 2574 15.34 -37.86 -10.99
C LYS B 2574 16.55 -38.45 -11.71
N TRP B 2575 17.57 -37.64 -11.97
CA TRP B 2575 18.83 -38.16 -12.48
C TRP B 2575 19.98 -37.96 -11.51
N GLY B 2576 19.97 -36.87 -10.76
CA GLY B 2576 20.96 -36.64 -9.73
C GLY B 2576 21.67 -35.32 -9.81
N THR B 2577 21.13 -34.34 -10.55
CA THR B 2577 21.82 -33.08 -10.78
C THR B 2577 20.94 -31.93 -10.33
N SER B 2578 21.37 -31.25 -9.26
CA SER B 2578 20.66 -30.07 -8.79
C SER B 2578 20.95 -28.89 -9.69
N THR B 2579 19.94 -28.05 -9.91
CA THR B 2579 20.18 -26.86 -10.72
C THR B 2579 20.93 -25.80 -9.95
N LEU B 2580 20.83 -25.81 -8.61
CA LEU B 2580 21.55 -24.84 -7.80
C LEU B 2580 23.05 -25.04 -7.90
N VAL B 2581 23.51 -26.28 -7.72
CA VAL B 2581 24.94 -26.53 -7.71
C VAL B 2581 25.50 -26.42 -9.13
N ALA B 2582 24.67 -26.69 -10.14
CA ALA B 2582 25.08 -26.45 -11.52
C ALA B 2582 25.23 -24.95 -11.79
N PHE B 2583 24.36 -24.14 -11.22
CA PHE B 2583 24.47 -22.69 -11.38
C PHE B 2583 25.72 -22.16 -10.70
N LEU B 2584 26.01 -22.64 -9.51
CA LEU B 2584 27.19 -22.14 -8.81
C LEU B 2584 28.47 -22.66 -9.45
N GLN B 2585 28.41 -23.83 -10.08
CA GLN B 2585 29.51 -24.31 -10.89
C GLN B 2585 29.75 -23.37 -12.08
N GLN B 2586 28.66 -22.93 -12.72
CA GLN B 2586 28.78 -21.95 -13.81
C GLN B 2586 29.43 -20.67 -13.33
N VAL B 2587 29.04 -20.18 -12.15
CA VAL B 2587 29.58 -18.91 -11.67
C VAL B 2587 31.04 -19.04 -11.28
N LEU B 2588 31.39 -20.09 -10.54
CA LEU B 2588 32.78 -20.23 -10.09
C LEU B 2588 33.71 -20.69 -11.19
N THR B 2589 33.18 -21.05 -12.37
CA THR B 2589 34.08 -21.37 -13.46
C THR B 2589 34.15 -20.24 -14.48
N TYR B 2590 33.02 -19.60 -14.78
CA TYR B 2590 32.96 -18.68 -15.91
C TYR B 2590 32.68 -17.24 -15.51
N GLN B 2591 32.55 -16.96 -14.22
CA GLN B 2591 32.32 -15.63 -13.64
C GLN B 2591 31.14 -14.86 -14.22
N GLY B 2592 30.14 -15.56 -14.73
CA GLY B 2592 28.97 -14.89 -15.27
C GLY B 2592 27.80 -15.84 -15.30
N PHE B 2593 26.71 -15.36 -15.89
CA PHE B 2593 25.54 -16.18 -16.12
C PHE B 2593 24.70 -15.53 -17.21
N TYR B 2594 23.93 -16.35 -17.90
CA TYR B 2594 22.93 -15.84 -18.83
C TYR B 2594 21.74 -15.37 -18.02
N ASP B 2595 21.66 -14.06 -17.82
CA ASP B 2595 20.42 -13.46 -17.36
C ASP B 2595 19.36 -13.58 -18.44
N GLU B 2596 18.10 -13.56 -18.03
CA GLU B 2596 17.01 -13.56 -19.00
C GLU B 2596 16.93 -12.22 -19.72
N ASN B 2597 15.95 -12.13 -20.62
CA ASN B 2597 15.84 -11.13 -21.68
C ASN B 2597 17.07 -11.13 -22.58
N LEU B 2598 17.70 -12.30 -22.75
CA LEU B 2598 18.65 -12.62 -23.83
C LEU B 2598 19.91 -11.75 -23.80
N GLU B 2599 20.68 -11.84 -22.71
CA GLU B 2599 21.90 -11.06 -22.57
C GLU B 2599 22.77 -11.66 -21.48
N TRP B 2600 24.04 -11.86 -21.79
CA TRP B 2600 24.99 -12.37 -20.80
C TRP B 2600 25.28 -11.24 -19.84
N VAL B 2601 25.46 -11.58 -18.57
CA VAL B 2601 25.75 -10.62 -17.50
C VAL B 2601 26.87 -11.17 -16.65
N GLY B 2602 27.96 -10.42 -16.53
CA GLY B 2602 29.09 -10.85 -15.74
C GLY B 2602 28.95 -10.46 -14.29
N LEU B 2603 29.92 -10.92 -13.51
CA LEU B 2603 30.05 -10.55 -12.11
C LEU B 2603 31.44 -9.96 -11.96
N GLU B 2604 31.70 -9.25 -10.86
CA GLU B 2604 33.05 -8.72 -10.76
C GLU B 2604 33.80 -9.17 -9.51
N ASN B 2605 33.28 -8.92 -8.32
CA ASN B 2605 34.10 -9.17 -7.13
C ASN B 2605 33.22 -9.81 -6.06
N ILE B 2606 33.15 -11.14 -6.08
CA ILE B 2606 32.25 -11.93 -5.25
C ILE B 2606 32.97 -13.20 -4.82
N GLN B 2607 33.03 -13.48 -3.52
CA GLN B 2607 33.39 -14.82 -3.09
C GLN B 2607 32.16 -15.65 -2.81
N ILE B 2608 32.34 -16.96 -2.69
CA ILE B 2608 31.30 -17.88 -2.25
C ILE B 2608 31.89 -18.76 -1.16
N VAL B 2609 31.44 -18.54 0.07
CA VAL B 2609 31.88 -19.36 1.20
C VAL B 2609 30.66 -20.06 1.77
N ALA B 2610 30.52 -21.34 1.46
CA ALA B 2610 29.31 -22.06 1.79
C ALA B 2610 29.55 -23.02 2.93
N SER B 2611 28.47 -23.55 3.49
CA SER B 2611 28.55 -24.48 4.60
C SER B 2611 27.69 -25.70 4.33
N MET B 2612 27.88 -26.73 5.13
CA MET B 2612 27.20 -28.00 4.95
C MET B 2612 27.35 -28.83 6.20
N SER B 2613 26.55 -29.88 6.28
CA SER B 2613 26.76 -30.91 7.29
C SER B 2613 27.22 -32.18 6.60
N ALA B 2614 27.73 -33.11 7.42
CA ALA B 2614 28.11 -34.41 6.87
C ALA B 2614 26.85 -35.16 6.44
N GLY B 2615 26.94 -35.81 5.28
CA GLY B 2615 25.78 -36.46 4.70
C GLY B 2615 25.36 -37.73 5.42
N GLY B 2616 24.86 -37.62 6.63
CA GLY B 2616 24.45 -38.77 7.40
C GLY B 2616 22.95 -39.04 7.37
N ARG B 2617 22.15 -38.01 7.61
CA ARG B 2617 20.72 -38.21 7.75
C ARG B 2617 20.04 -38.31 6.39
N LEU B 2618 18.71 -38.26 6.42
CA LEU B 2618 17.94 -38.20 5.19
C LEU B 2618 17.69 -36.75 4.80
N GLY B 2619 17.42 -36.53 3.52
CA GLY B 2619 17.36 -35.19 2.99
C GLY B 2619 18.72 -34.55 2.76
N ARG B 2620 19.80 -35.31 2.87
CA ARG B 2620 21.14 -34.80 2.62
C ARG B 2620 21.67 -35.51 1.40
N HIS B 2621 21.60 -34.83 0.26
CA HIS B 2621 22.11 -35.39 -0.96
C HIS B 2621 23.63 -35.29 -0.99
N LYS B 2622 24.24 -35.99 -1.92
CA LYS B 2622 25.69 -35.92 -2.09
C LYS B 2622 26.02 -34.99 -3.25
N LEU B 2623 27.19 -34.38 -3.19
CA LEU B 2623 27.59 -33.39 -4.18
C LEU B 2623 28.37 -34.04 -5.30
N THR B 2624 28.24 -33.45 -6.50
CA THR B 2624 28.99 -33.92 -7.65
C THR B 2624 30.47 -33.61 -7.47
N THR B 2625 31.30 -34.31 -8.22
CA THR B 2625 32.74 -34.13 -8.04
C THR B 2625 33.25 -32.98 -8.89
N ARG B 2626 32.42 -32.48 -9.81
CA ARG B 2626 32.74 -31.26 -10.53
C ARG B 2626 32.81 -30.08 -9.57
N PHE B 2627 31.82 -29.92 -8.71
CA PHE B 2627 31.78 -28.79 -7.81
C PHE B 2627 32.70 -28.99 -6.62
N THR B 2628 33.09 -30.22 -6.33
CA THR B 2628 33.86 -30.44 -5.11
C THR B 2628 35.34 -30.11 -5.32
N SER B 2629 35.91 -30.51 -6.46
CA SER B 2629 37.35 -30.36 -6.63
C SER B 2629 37.74 -29.02 -7.24
N ILE B 2630 36.79 -28.18 -7.62
CA ILE B 2630 37.13 -26.80 -7.93
C ILE B 2630 37.56 -26.06 -6.68
N VAL B 2631 36.74 -26.12 -5.64
CA VAL B 2631 36.87 -25.25 -4.49
C VAL B 2631 37.43 -26.04 -3.32
N ARG B 2632 37.78 -25.32 -2.26
CA ARG B 2632 38.49 -25.86 -1.12
C ARG B 2632 37.52 -26.33 -0.04
N LEU B 2633 38.04 -27.09 0.93
CA LEU B 2633 37.22 -27.62 2.02
C LEU B 2633 38.11 -28.15 3.14
N CYS B 2634 37.50 -28.29 4.33
CA CYS B 2634 37.99 -29.19 5.36
C CYS B 2634 36.82 -29.53 6.28
N SER B 2635 37.17 -30.09 7.44
CA SER B 2635 36.19 -30.53 8.41
C SER B 2635 36.66 -30.18 9.82
N ILE B 2636 35.69 -30.18 10.75
CA ILE B 2636 35.95 -29.98 12.18
C ILE B 2636 35.06 -30.93 12.98
N ASP B 2637 35.35 -31.04 14.28
CA ASP B 2637 34.73 -32.04 15.14
C ASP B 2637 33.93 -31.39 16.26
N TYR B 2638 33.12 -32.23 16.90
CA TYR B 2638 32.36 -31.84 18.08
C TYR B 2638 33.29 -31.35 19.19
N PRO B 2639 32.95 -30.24 19.84
CA PRO B 2639 33.64 -29.88 21.07
C PRO B 2639 33.35 -30.92 22.14
N GLU B 2640 34.41 -31.52 22.67
CA GLU B 2640 34.20 -32.64 23.56
C GLU B 2640 34.02 -32.16 25.00
N ARG B 2641 33.99 -33.12 25.92
CA ARG B 2641 33.44 -32.86 27.24
C ARG B 2641 34.32 -31.94 28.07
N GLU B 2642 35.64 -32.11 28.00
CA GLU B 2642 36.53 -31.29 28.79
C GLU B 2642 36.55 -29.85 28.28
N GLN B 2643 36.27 -29.69 26.99
CA GLN B 2643 36.08 -28.36 26.43
C GLN B 2643 34.75 -27.76 26.86
N LEU B 2644 33.66 -28.54 26.74
CA LEU B 2644 32.32 -28.01 27.02
C LEU B 2644 32.14 -27.66 28.48
N GLN B 2645 32.82 -28.38 29.38
CA GLN B 2645 32.83 -27.98 30.79
C GLN B 2645 33.42 -26.59 30.97
N THR B 2646 34.47 -26.28 30.21
CA THR B 2646 35.08 -24.96 30.32
C THR B 2646 34.20 -23.88 29.69
N ILE B 2647 33.61 -24.18 28.52
CA ILE B 2647 32.68 -23.24 27.88
C ILE B 2647 31.53 -22.90 28.81
N TYR B 2648 30.89 -23.90 29.39
CA TYR B 2648 29.68 -23.57 30.11
C TYR B 2648 29.97 -23.23 31.57
N GLY B 2649 31.18 -23.53 32.06
CA GLY B 2649 31.60 -22.92 33.31
C GLY B 2649 31.81 -21.43 33.16
N ALA B 2650 32.45 -21.02 32.06
CA ALA B 2650 32.66 -19.60 31.84
C ALA B 2650 31.42 -18.90 31.31
N TYR B 2651 30.38 -19.63 30.96
CA TYR B 2651 29.06 -19.02 30.82
C TYR B 2651 28.29 -18.97 32.12
N LEU B 2652 28.48 -19.96 32.98
CA LEU B 2652 27.63 -20.09 34.16
C LEU B 2652 28.12 -19.21 35.29
N GLU B 2653 29.38 -18.82 35.25
CA GLU B 2653 29.85 -17.87 36.27
C GLU B 2653 29.27 -16.46 36.13
N PRO B 2654 29.25 -15.80 34.95
CA PRO B 2654 28.77 -14.41 34.97
C PRO B 2654 27.26 -14.26 35.02
N VAL B 2655 26.51 -15.17 34.40
CA VAL B 2655 25.05 -15.04 34.38
C VAL B 2655 24.47 -15.29 35.77
N LEU B 2656 25.11 -16.19 36.52
CA LEU B 2656 24.89 -16.24 37.96
C LEU B 2656 25.34 -14.96 38.63
N HIS B 2657 26.62 -14.59 38.46
CA HIS B 2657 27.22 -13.53 39.25
C HIS B 2657 26.91 -12.13 38.74
N LYS B 2658 25.83 -11.95 37.98
CA LYS B 2658 25.25 -10.62 37.84
C LYS B 2658 24.37 -10.30 39.04
N ASN B 2659 24.26 -11.23 39.98
CA ASN B 2659 23.57 -11.06 41.24
C ASN B 2659 24.12 -12.07 42.22
N LEU B 2660 23.97 -11.78 43.53
CA LEU B 2660 24.50 -12.57 44.64
C LEU B 2660 25.97 -12.95 44.49
N LYS B 2661 26.75 -12.02 43.91
CA LYS B 2661 28.13 -12.31 43.56
C LYS B 2661 29.02 -12.48 44.79
N ASN B 2662 28.59 -11.90 45.91
CA ASN B 2662 29.44 -11.80 47.08
C ASN B 2662 28.89 -12.59 48.26
N HIS B 2663 28.44 -13.83 48.02
CA HIS B 2663 27.76 -14.58 49.05
C HIS B 2663 28.46 -15.91 49.35
N SER B 2664 27.71 -16.81 50.00
CA SER B 2664 28.34 -17.90 50.75
C SER B 2664 28.86 -19.00 49.84
N ILE B 2665 27.95 -19.76 49.25
CA ILE B 2665 28.35 -20.97 48.54
C ILE B 2665 28.59 -20.66 47.07
N TRP B 2666 27.87 -19.70 46.53
CA TRP B 2666 27.94 -19.40 45.11
C TRP B 2666 29.01 -18.32 44.89
N GLY B 2667 29.95 -18.64 44.00
CA GLY B 2667 31.28 -18.06 44.08
C GLY B 2667 32.23 -19.19 44.38
N SER B 2668 33.54 -18.93 44.28
CA SER B 2668 34.60 -19.93 44.40
C SER B 2668 34.37 -21.06 43.39
N SER B 2669 34.56 -20.72 42.11
CA SER B 2669 33.81 -21.27 40.98
C SER B 2669 34.06 -22.75 40.70
N SER B 2670 34.71 -23.49 41.60
CA SER B 2670 34.72 -24.96 41.52
C SER B 2670 33.31 -25.52 41.49
N LYS B 2671 32.40 -24.95 42.29
CA LYS B 2671 31.00 -25.37 42.25
C LYS B 2671 30.33 -24.94 40.94
N ILE B 2672 30.68 -23.78 40.40
CA ILE B 2672 30.11 -23.34 39.11
C ILE B 2672 30.55 -24.26 38.00
N TYR B 2673 31.81 -24.71 38.07
CA TYR B 2673 32.32 -25.72 37.14
C TYR B 2673 31.61 -27.05 37.35
N LEU B 2674 31.29 -27.38 38.60
CA LEU B 2674 30.71 -28.69 38.90
C LEU B 2674 29.28 -28.79 38.40
N LEU B 2675 28.52 -27.69 38.47
CA LEU B 2675 27.18 -27.64 37.91
C LEU B 2675 27.19 -27.84 36.39
N ALA B 2676 28.13 -27.18 35.73
CA ALA B 2676 28.25 -27.33 34.28
C ALA B 2676 28.67 -28.74 33.90
N GLY B 2677 29.56 -29.34 34.71
CA GLY B 2677 29.95 -30.72 34.46
C GLY B 2677 28.80 -31.69 34.67
N SER B 2678 27.94 -31.42 35.64
CA SER B 2678 26.75 -32.22 35.85
C SER B 2678 25.80 -32.12 34.67
N MET B 2679 25.58 -30.91 34.14
CA MET B 2679 24.67 -30.76 33.00
C MET B 2679 25.24 -31.40 31.73
N VAL B 2680 26.56 -31.35 31.58
CA VAL B 2680 27.21 -32.04 30.47
C VAL B 2680 27.03 -33.55 30.60
N GLN B 2681 27.12 -34.07 31.84
CA GLN B 2681 26.90 -35.49 32.07
C GLN B 2681 25.46 -35.88 31.74
N VAL B 2682 24.50 -35.02 32.10
CA VAL B 2682 23.10 -35.22 31.74
C VAL B 2682 22.93 -35.29 30.23
N TYR B 2683 23.47 -34.30 29.53
CA TYR B 2683 23.37 -34.20 28.08
C TYR B 2683 23.98 -35.41 27.38
N GLU B 2684 25.12 -35.90 27.90
CA GLU B 2684 25.77 -37.06 27.32
C GLU B 2684 24.97 -38.34 27.54
N GLN B 2685 24.42 -38.52 28.74
CA GLN B 2685 23.67 -39.75 28.97
C GLN B 2685 22.33 -39.74 28.23
N VAL B 2686 21.73 -38.56 28.05
CA VAL B 2686 20.51 -38.48 27.26
C VAL B 2686 20.79 -38.78 25.80
N ARG B 2687 21.91 -38.29 25.26
CA ARG B 2687 22.27 -38.66 23.89
C ARG B 2687 22.66 -40.13 23.81
N ALA B 2688 23.08 -40.72 24.92
CA ALA B 2688 23.39 -42.15 24.92
C ALA B 2688 22.13 -43.00 24.92
N LYS B 2689 21.03 -42.48 25.45
CA LYS B 2689 19.86 -43.34 25.60
C LYS B 2689 18.77 -43.10 24.56
N PHE B 2690 18.96 -42.18 23.62
CA PHE B 2690 17.94 -41.84 22.66
C PHE B 2690 18.55 -41.62 21.28
N THR B 2691 17.76 -41.80 20.24
CA THR B 2691 18.25 -41.73 18.87
C THR B 2691 17.19 -41.14 17.97
N VAL B 2692 17.51 -41.10 16.68
CA VAL B 2692 16.64 -40.46 15.69
C VAL B 2692 15.85 -41.56 15.01
N ASP B 2693 16.19 -42.82 15.33
CA ASP B 2693 15.42 -43.93 14.78
C ASP B 2693 14.10 -44.11 15.50
N ASP B 2694 13.96 -43.51 16.68
CA ASP B 2694 12.68 -43.58 17.40
C ASP B 2694 11.64 -42.70 16.72
N TYR B 2695 11.90 -41.40 16.62
CA TYR B 2695 10.98 -40.49 15.96
C TYR B 2695 11.77 -39.44 15.19
N SER B 2696 11.03 -38.52 14.55
CA SER B 2696 11.65 -37.55 13.65
C SER B 2696 12.43 -36.47 14.39
N HIS B 2697 12.18 -36.32 15.69
CA HIS B 2697 12.61 -35.12 16.39
C HIS B 2697 13.24 -35.37 17.76
N TYR B 2698 14.15 -36.32 17.91
CA TYR B 2698 14.98 -36.34 19.11
C TYR B 2698 16.28 -35.60 18.80
N PHE B 2699 16.16 -34.29 18.68
CA PHE B 2699 17.24 -33.39 18.28
C PHE B 2699 18.10 -33.11 19.50
N PHE B 2700 19.42 -33.24 19.35
CA PHE B 2700 20.34 -33.00 20.46
C PHE B 2700 21.65 -32.40 19.95
N THR B 2701 21.73 -31.08 19.98
CA THR B 2701 22.96 -30.35 19.74
C THR B 2701 23.23 -29.51 20.98
N PRO B 2702 24.44 -28.95 21.12
CA PRO B 2702 24.63 -27.98 22.21
C PRO B 2702 23.94 -26.63 22.03
N CYS B 2703 23.16 -26.43 20.94
CA CYS B 2703 22.21 -25.32 20.91
C CYS B 2703 21.21 -25.41 22.06
N ILE B 2704 20.85 -26.63 22.45
CA ILE B 2704 19.97 -26.84 23.59
C ILE B 2704 20.63 -26.39 24.88
N LEU B 2705 21.91 -26.72 25.08
CA LEU B 2705 22.61 -26.26 26.28
C LEU B 2705 22.76 -24.75 26.29
N THR B 2706 22.95 -24.15 25.13
CA THR B 2706 23.06 -22.69 25.06
C THR B 2706 21.73 -22.02 25.40
N GLN B 2707 20.62 -22.48 24.80
CA GLN B 2707 19.31 -21.93 25.14
C GLN B 2707 18.94 -22.20 26.59
N TRP B 2708 19.37 -23.33 27.11
CA TRP B 2708 19.17 -23.70 28.50
C TRP B 2708 19.83 -22.71 29.44
N VAL B 2709 21.12 -22.42 29.24
CA VAL B 2709 21.84 -21.62 30.23
C VAL B 2709 21.66 -20.13 29.95
N LEU B 2710 21.05 -19.80 28.81
CA LEU B 2710 20.59 -18.41 28.65
C LEU B 2710 19.12 -18.26 29.03
N GLY B 2711 18.46 -19.35 29.39
CA GLY B 2711 17.15 -19.21 30.00
C GLY B 2711 17.19 -18.59 31.38
N LEU B 2712 18.32 -18.67 32.07
CA LEU B 2712 18.37 -18.34 33.49
C LEU B 2712 18.41 -16.84 33.77
N PHE B 2713 18.29 -16.01 32.74
CA PHE B 2713 18.06 -14.59 32.98
C PHE B 2713 16.64 -14.35 33.50
N ARG B 2714 15.73 -15.27 33.20
CA ARG B 2714 14.31 -15.02 33.40
C ARG B 2714 13.90 -15.12 34.88
N TYR B 2715 14.74 -15.72 35.70
CA TYR B 2715 14.32 -16.10 37.04
C TYR B 2715 14.84 -15.15 38.10
N ASP B 2716 14.02 -14.92 39.12
CA ASP B 2716 14.39 -14.09 40.25
C ASP B 2716 15.31 -14.91 41.14
N LEU B 2717 16.59 -14.84 40.84
CA LEU B 2717 17.64 -15.49 41.60
C LEU B 2717 18.27 -14.56 42.61
N GLU B 2718 17.47 -13.73 43.26
CA GLU B 2718 17.98 -12.54 43.94
C GLU B 2718 18.79 -12.88 45.19
N GLY B 2719 18.32 -13.84 45.99
CA GLY B 2719 19.07 -14.32 47.14
C GLY B 2719 19.38 -13.33 48.25
N GLY B 2720 18.74 -12.15 48.23
CA GLY B 2720 18.89 -11.21 49.33
C GLY B 2720 18.32 -11.76 50.62
N SER B 2721 17.11 -12.30 50.56
CA SER B 2721 16.68 -13.21 51.60
C SER B 2721 17.47 -14.51 51.47
N SER B 2722 18.53 -14.62 52.26
CA SER B 2722 19.48 -15.71 52.11
C SER B 2722 18.87 -17.03 52.54
N ASN B 2723 18.65 -17.90 51.57
CA ASN B 2723 17.97 -19.18 51.73
C ASN B 2723 18.94 -20.22 52.29
N HIS B 2724 18.54 -21.49 52.15
CA HIS B 2724 19.40 -22.65 52.42
C HIS B 2724 20.81 -22.58 51.85
N PRO B 2725 21.08 -22.08 50.61
CA PRO B 2725 20.30 -21.70 49.42
C PRO B 2725 20.43 -22.66 48.26
N LEU B 2726 20.83 -23.90 48.54
CA LEU B 2726 21.06 -24.89 47.49
C LEU B 2726 19.78 -25.23 46.76
N ASP B 2727 18.72 -25.48 47.53
CA ASP B 2727 17.47 -25.98 46.96
C ASP B 2727 16.78 -24.93 46.11
N TYR B 2728 16.89 -23.66 46.50
CA TYR B 2728 16.17 -22.59 45.82
C TYR B 2728 16.69 -22.40 44.40
N VAL B 2729 17.97 -22.72 44.15
CA VAL B 2729 18.47 -22.55 42.81
C VAL B 2729 18.49 -23.89 42.08
N LEU B 2730 18.73 -24.99 42.79
CA LEU B 2730 18.74 -26.30 42.14
C LEU B 2730 17.37 -26.74 41.66
N GLU B 2731 16.30 -26.38 42.37
CA GLU B 2731 14.98 -26.72 41.87
C GLU B 2731 14.63 -25.88 40.65
N ILE B 2732 15.12 -24.65 40.62
CA ILE B 2732 15.00 -23.79 39.45
C ILE B 2732 15.71 -24.42 38.24
N VAL B 2733 16.91 -24.94 38.49
CA VAL B 2733 17.70 -25.57 37.43
C VAL B 2733 17.01 -26.83 36.93
N ALA B 2734 16.51 -27.65 37.86
CA ALA B 2734 15.85 -28.90 37.49
C ALA B 2734 14.55 -28.65 36.75
N TYR B 2735 13.81 -27.60 37.10
CA TYR B 2735 12.58 -27.31 36.37
C TYR B 2735 12.87 -26.83 34.96
N GLU B 2736 13.90 -26.01 34.80
CA GLU B 2736 14.22 -25.54 33.45
C GLU B 2736 14.70 -26.70 32.57
N ALA B 2737 15.49 -27.59 33.16
CA ALA B 2737 15.95 -28.77 32.44
C ALA B 2737 14.79 -29.71 32.11
N ARG B 2738 13.82 -29.79 33.02
CA ARG B 2738 12.65 -30.63 32.82
C ARG B 2738 11.81 -30.13 31.67
N ARG B 2739 11.55 -28.82 31.63
CA ARG B 2739 10.69 -28.29 30.57
C ARG B 2739 11.46 -28.10 29.27
N LEU B 2740 12.78 -28.29 29.28
CA LEU B 2740 13.48 -28.34 28.00
C LEU B 2740 13.61 -29.75 27.45
N PHE B 2741 14.23 -30.66 28.21
CA PHE B 2741 14.46 -32.01 27.71
C PHE B 2741 13.19 -32.86 27.71
N ARG B 2742 12.44 -32.85 28.82
CA ARG B 2742 11.45 -33.89 29.09
C ARG B 2742 10.25 -33.85 28.16
N ASP B 2743 9.87 -32.68 27.66
CA ASP B 2743 8.52 -32.53 27.13
C ASP B 2743 8.43 -32.90 25.67
N LYS B 2744 9.32 -33.78 25.22
CA LYS B 2744 9.30 -34.21 23.84
C LYS B 2744 9.41 -35.72 23.77
N ILE B 2745 9.49 -36.37 24.93
CA ILE B 2745 9.53 -37.83 25.04
C ILE B 2745 8.12 -38.39 24.99
N VAL B 2746 7.90 -39.34 24.08
CA VAL B 2746 6.57 -39.88 23.78
C VAL B 2746 6.12 -40.93 24.78
N GLY B 2747 6.86 -42.04 24.86
CA GLY B 2747 6.41 -43.16 25.64
C GLY B 2747 6.59 -42.94 27.12
N ALA B 2748 5.69 -43.55 27.91
CA ALA B 2748 5.64 -43.31 29.34
C ALA B 2748 6.82 -43.98 30.04
N LYS B 2749 7.22 -45.15 29.56
CA LYS B 2749 8.33 -45.87 30.17
C LYS B 2749 9.64 -45.14 29.94
N GLU B 2750 9.76 -44.48 28.78
CA GLU B 2750 10.91 -43.62 28.53
C GLU B 2750 10.89 -42.40 29.44
N LEU B 2751 9.70 -41.89 29.77
CA LEU B 2751 9.60 -40.80 30.73
C LEU B 2751 10.09 -41.24 32.11
N HIS B 2752 9.75 -42.45 32.51
CA HIS B 2752 10.21 -42.96 33.80
C HIS B 2752 11.72 -43.20 33.81
N LEU B 2753 12.25 -43.72 32.70
CA LEU B 2753 13.70 -43.89 32.57
C LEU B 2753 14.43 -42.55 32.62
N PHE B 2754 13.85 -41.52 32.00
CA PHE B 2754 14.44 -40.19 32.04
C PHE B 2754 14.41 -39.60 33.44
N ASP B 2755 13.34 -39.88 34.19
CA ASP B 2755 13.30 -39.48 35.59
C ASP B 2755 14.39 -40.16 36.41
N ILE B 2756 14.62 -41.45 36.16
CA ILE B 2756 15.67 -42.18 36.88
C ILE B 2756 17.04 -41.58 36.57
N ILE B 2757 17.24 -41.18 35.31
CA ILE B 2757 18.51 -40.56 34.89
C ILE B 2757 18.73 -39.24 35.61
N LEU B 2758 17.71 -38.38 35.60
CA LEU B 2758 17.81 -37.04 36.18
C LEU B 2758 18.05 -37.11 37.69
N THR B 2759 17.31 -38.00 38.35
CA THR B 2759 17.44 -38.15 39.80
C THR B 2759 18.77 -38.79 40.16
N SER B 2760 19.25 -39.74 39.36
CA SER B 2760 20.51 -40.41 39.63
C SER B 2760 21.67 -39.44 39.49
N VAL B 2761 21.55 -38.49 38.56
CA VAL B 2761 22.55 -37.42 38.44
C VAL B 2761 22.54 -36.52 39.67
N PHE B 2762 21.36 -36.03 40.05
CA PHE B 2762 21.30 -35.09 41.19
C PHE B 2762 21.68 -35.75 42.51
N GLN B 2763 21.55 -37.06 42.60
CA GLN B 2763 21.95 -37.74 43.83
C GLN B 2763 23.41 -38.13 43.80
N GLY B 2764 23.94 -38.46 42.61
CA GLY B 2764 25.35 -38.77 42.52
C GLY B 2764 26.23 -37.53 42.67
N ASP B 2765 25.64 -36.35 42.43
CA ASP B 2765 26.41 -35.13 42.61
C ASP B 2765 26.38 -34.66 44.05
N TRP B 2766 25.23 -34.75 44.72
CA TRP B 2766 25.11 -34.42 46.14
C TRP B 2766 24.07 -35.31 46.78
N GLY B 2767 24.52 -36.29 47.56
CA GLY B 2767 23.70 -37.04 48.50
C GLY B 2767 22.45 -37.70 47.97
N SER B 2768 21.30 -37.21 48.43
CA SER B 2768 20.00 -37.75 48.03
C SER B 2768 18.91 -36.76 48.39
N ASP B 2769 17.75 -36.90 47.75
CA ASP B 2769 16.48 -36.26 48.11
C ASP B 2769 16.57 -34.73 48.08
N ILE B 2770 16.80 -34.21 46.88
CA ILE B 2770 16.83 -32.77 46.68
C ILE B 2770 15.70 -32.31 45.76
N LEU B 2771 15.27 -33.15 44.81
CA LEU B 2771 14.23 -32.78 43.87
C LEU B 2771 12.84 -32.90 44.47
N ASP B 2772 12.78 -33.42 45.70
CA ASP B 2772 11.69 -34.24 46.27
C ASP B 2772 10.26 -33.86 45.92
N ASN B 2773 9.81 -32.69 46.33
CA ASN B 2773 8.40 -32.33 46.16
C ASN B 2773 8.29 -30.86 45.79
N MET B 2774 8.34 -30.58 44.50
CA MET B 2774 7.97 -29.29 43.94
C MET B 2774 7.22 -29.51 42.63
N SER B 2775 6.50 -30.63 42.55
CA SER B 2775 5.69 -30.92 41.37
C SER B 2775 4.44 -30.05 41.32
N ASP B 2776 4.11 -29.35 42.41
CA ASP B 2776 2.99 -28.46 42.42
C ASP B 2776 3.37 -27.04 42.03
N SER B 2777 4.64 -26.80 41.73
CA SER B 2777 5.14 -25.48 41.39
C SER B 2777 4.79 -25.14 39.96
N PHE B 2778 4.61 -23.85 39.69
CA PHE B 2778 4.31 -23.36 38.35
C PHE B 2778 4.95 -22.00 38.18
N TYR B 2779 6.15 -21.98 37.61
CA TYR B 2779 6.83 -20.74 37.30
C TYR B 2779 6.17 -20.08 36.10
N VAL B 2780 5.32 -19.09 36.36
CA VAL B 2780 4.48 -18.48 35.35
C VAL B 2780 4.79 -16.98 35.37
N THR B 2781 4.50 -16.28 34.27
CA THR B 2781 4.56 -14.82 34.23
C THR B 2781 3.69 -14.18 35.29
N TRP B 2782 2.56 -14.81 35.61
CA TRP B 2782 1.55 -14.18 36.45
C TRP B 2782 1.96 -14.16 37.92
N GLY B 2783 2.96 -13.36 38.25
CA GLY B 2783 3.39 -13.24 39.63
C GLY B 2783 4.85 -13.54 39.82
N ALA B 2784 5.60 -12.55 40.28
CA ALA B 2784 7.02 -12.67 40.53
C ALA B 2784 7.44 -11.59 41.50
N ARG B 2785 8.74 -11.37 41.59
CA ARG B 2785 9.23 -10.21 42.32
C ARG B 2785 8.94 -8.94 41.53
N HIS B 2786 8.60 -7.89 42.27
CA HIS B 2786 8.35 -6.52 41.80
C HIS B 2786 7.20 -6.46 40.81
N ASN B 2787 6.20 -7.34 40.98
CA ASN B 2787 4.88 -7.24 40.36
C ASN B 2787 4.96 -7.27 38.83
N SER B 2788 5.32 -8.45 38.30
CA SER B 2788 5.23 -8.70 36.86
C SER B 2788 3.83 -8.42 36.32
N GLY B 2789 2.80 -8.72 37.12
CA GLY B 2789 1.43 -8.41 36.74
C GLY B 2789 0.79 -9.52 35.94
N ALA B 2793 -2.23 -4.71 28.78
CA ALA B 2793 -0.84 -4.74 29.23
C ALA B 2793 0.06 -3.93 28.30
N PRO B 2794 0.59 -2.81 28.80
CA PRO B 2794 1.47 -1.98 27.97
C PRO B 2794 2.91 -2.48 28.00
N GLY B 2795 3.76 -1.75 27.26
CA GLY B 2795 5.15 -2.15 27.10
C GLY B 2795 5.37 -3.02 25.88
N GLN B 2796 4.94 -2.52 24.72
CA GLN B 2796 4.94 -3.35 23.51
C GLN B 2796 6.31 -3.75 22.95
N PRO B 2797 7.46 -3.03 23.19
CA PRO B 2797 8.73 -3.72 22.90
C PRO B 2797 9.04 -4.73 23.99
N LEU B 2798 9.72 -5.80 23.60
CA LEU B 2798 9.93 -6.91 24.51
C LEU B 2798 11.25 -6.76 25.25
N PRO B 2799 11.36 -7.33 26.45
CA PRO B 2799 12.66 -7.38 27.13
C PRO B 2799 13.63 -8.29 26.40
N PRO B 2800 14.93 -8.17 26.65
CA PRO B 2800 15.88 -9.02 25.91
C PRO B 2800 15.85 -10.48 26.33
N HIS B 2801 15.21 -10.80 27.44
CA HIS B 2801 15.04 -12.18 27.85
C HIS B 2801 13.59 -12.51 28.20
N GLY B 2802 12.65 -11.77 27.63
CA GLY B 2802 11.25 -11.96 27.94
C GLY B 2802 10.88 -11.44 29.33
N LYS B 2803 9.59 -11.50 29.60
CA LYS B 2803 9.08 -11.04 30.89
C LYS B 2803 9.54 -12.00 31.98
N PRO B 2804 10.00 -11.51 33.12
CA PRO B 2804 10.60 -12.38 34.13
C PRO B 2804 9.54 -13.23 34.82
N LEU B 2805 10.01 -14.33 35.41
CA LEU B 2805 9.11 -15.35 35.92
C LEU B 2805 9.24 -15.40 37.43
N GLY B 2806 8.32 -16.13 38.07
CA GLY B 2806 8.30 -16.25 39.52
C GLY B 2806 7.45 -17.42 39.97
N LYS B 2807 7.62 -17.75 41.25
CA LYS B 2807 6.99 -18.92 41.86
C LYS B 2807 5.53 -18.58 42.17
N LEU B 2808 4.66 -19.58 42.04
CA LEU B 2808 3.25 -19.44 42.35
C LEU B 2808 2.74 -20.68 43.06
N ASN B 2809 1.41 -20.75 43.14
CA ASN B 2809 0.71 -21.92 43.64
C ASN B 2809 -0.30 -22.40 42.61
N SER B 2810 -0.90 -23.55 42.91
CA SER B 2810 -1.93 -24.10 42.02
C SER B 2810 -3.20 -23.26 42.09
N THR B 2811 -3.75 -23.09 43.30
CA THR B 2811 -5.05 -22.46 43.48
C THR B 2811 -5.01 -20.98 43.13
N ASP B 2812 -3.85 -20.35 43.29
CA ASP B 2812 -3.73 -18.93 42.96
C ASP B 2812 -3.72 -18.75 41.45
N LEU B 2813 -3.02 -19.63 40.75
CA LEU B 2813 -3.08 -19.68 39.29
C LEU B 2813 -4.49 -19.97 38.82
N LYS B 2814 -5.25 -20.77 39.59
CA LYS B 2814 -6.63 -21.03 39.26
C LYS B 2814 -7.45 -19.74 39.28
N ASP B 2815 -7.20 -18.87 40.26
CA ASP B 2815 -7.95 -17.62 40.32
C ASP B 2815 -7.54 -16.67 39.21
N VAL B 2816 -6.25 -16.66 38.87
CA VAL B 2816 -5.79 -15.81 37.77
C VAL B 2816 -6.39 -16.25 36.45
N ILE B 2817 -6.45 -17.56 36.24
CA ILE B 2817 -7.09 -18.14 35.07
C ILE B 2817 -8.58 -17.82 35.04
N LYS B 2818 -9.24 -17.88 36.19
CA LYS B 2818 -10.68 -17.60 36.22
C LYS B 2818 -10.97 -16.14 35.95
N LYS B 2819 -10.09 -15.25 36.44
CA LYS B 2819 -10.25 -13.81 36.16
C LYS B 2819 -10.09 -13.52 34.68
N GLY B 2820 -9.01 -14.02 34.08
CA GLY B 2820 -8.80 -13.80 32.66
C GLY B 2820 -9.84 -14.52 31.81
N LEU B 2821 -10.39 -15.60 32.33
CA LEU B 2821 -11.41 -16.34 31.59
C LEU B 2821 -12.74 -15.61 31.59
N ILE B 2822 -13.08 -14.96 32.72
CA ILE B 2822 -14.25 -14.08 32.77
C ILE B 2822 -14.07 -12.93 31.80
N HIS B 2823 -12.90 -12.31 31.82
CA HIS B 2823 -12.65 -11.17 30.94
C HIS B 2823 -12.61 -11.60 29.47
N TYR B 2824 -12.20 -12.84 29.19
CA TYR B 2824 -12.29 -13.37 27.84
C TYR B 2824 -13.74 -13.60 27.43
N GLY B 2825 -14.54 -14.20 28.30
CA GLY B 2825 -15.91 -14.52 27.96
C GLY B 2825 -16.80 -13.30 27.90
N ARG B 2826 -16.31 -12.15 28.35
CA ARG B 2826 -17.00 -10.89 28.11
C ARG B 2826 -17.18 -10.60 26.63
N ASP B 2827 -16.09 -10.64 25.86
CA ASP B 2827 -16.14 -10.16 24.47
C ASP B 2827 -15.97 -11.29 23.47
N ASN B 2828 -16.24 -12.52 23.87
CA ASN B 2828 -16.07 -13.68 23.02
C ASN B 2828 -17.20 -14.67 23.28
N GLN B 2829 -17.00 -15.91 22.85
CA GLN B 2829 -17.89 -16.97 23.28
C GLN B 2829 -17.62 -17.32 24.74
N ASN B 2830 -18.69 -17.42 25.51
CA ASN B 2830 -18.56 -17.75 26.92
C ASN B 2830 -18.18 -19.22 27.09
N LEU B 2831 -17.06 -19.44 27.77
CA LEU B 2831 -16.39 -20.73 27.76
C LEU B 2831 -16.74 -21.55 29.00
N ASP B 2832 -17.06 -22.82 28.78
CA ASP B 2832 -17.35 -23.75 29.86
C ASP B 2832 -16.13 -24.64 30.09
N ILE B 2833 -15.03 -24.01 30.48
CA ILE B 2833 -13.75 -24.69 30.62
C ILE B 2833 -13.67 -25.27 32.02
N LEU B 2834 -13.35 -26.55 32.10
CA LEU B 2834 -13.12 -27.17 33.40
C LEU B 2834 -11.68 -26.99 33.83
N LEU B 2835 -11.37 -27.54 34.99
CA LEU B 2835 -10.04 -27.49 35.55
C LEU B 2835 -9.64 -28.85 36.09
N PHE B 2836 -8.48 -29.31 35.67
CA PHE B 2836 -7.77 -30.42 36.30
C PHE B 2836 -6.30 -30.15 36.06
N HIS B 2837 -5.46 -30.96 36.71
CA HIS B 2837 -4.01 -30.72 36.82
C HIS B 2837 -3.32 -30.53 35.49
N GLU B 2838 -3.80 -31.26 34.48
CA GLU B 2838 -3.13 -31.26 33.19
C GLU B 2838 -3.36 -29.95 32.43
N VAL B 2839 -4.49 -29.30 32.65
CA VAL B 2839 -4.74 -28.02 31.98
C VAL B 2839 -3.89 -26.93 32.60
N LEU B 2840 -3.66 -27.02 33.91
CA LEU B 2840 -2.76 -26.10 34.59
C LEU B 2840 -1.33 -26.26 34.08
N GLU B 2841 -0.88 -27.51 33.94
CA GLU B 2841 0.42 -27.80 33.33
C GLU B 2841 0.52 -27.21 31.92
N TYR B 2842 -0.54 -27.39 31.12
CA TYR B 2842 -0.45 -27.01 29.71
C TYR B 2842 -0.46 -25.50 29.56
N MET B 2843 -1.19 -24.79 30.40
CA MET B 2843 -1.20 -23.34 30.28
C MET B 2843 0.08 -22.74 30.82
N SER B 2844 0.68 -23.35 31.85
CA SER B 2844 2.00 -22.90 32.31
C SER B 2844 3.05 -23.08 31.22
N ARG B 2845 3.02 -24.23 30.54
CA ARG B 2845 4.01 -24.48 29.51
C ARG B 2845 3.79 -23.61 28.28
N ILE B 2846 2.56 -23.22 27.99
CA ILE B 2846 2.38 -22.32 26.87
C ILE B 2846 2.82 -20.90 27.24
N ASP B 2847 2.61 -20.49 28.50
CA ASP B 2847 3.02 -19.14 28.89
C ASP B 2847 4.54 -19.01 28.91
N ARG B 2848 5.24 -20.01 29.44
CA ARG B 2848 6.69 -19.87 29.59
C ARG B 2848 7.44 -20.04 28.28
N VAL B 2849 6.73 -20.24 27.16
CA VAL B 2849 7.39 -20.21 25.86
C VAL B 2849 6.88 -19.05 25.03
N LEU B 2850 5.59 -18.71 25.14
CA LEU B 2850 5.13 -17.52 24.42
C LEU B 2850 5.58 -16.23 25.08
N SER B 2851 6.14 -16.27 26.28
CA SER B 2851 6.77 -15.07 26.82
C SER B 2851 8.26 -15.08 26.59
N PHE B 2852 8.69 -15.57 25.45
CA PHE B 2852 10.08 -15.52 25.02
C PHE B 2852 10.16 -14.73 23.72
N PRO B 2853 11.19 -13.91 23.53
CA PRO B 2853 11.33 -13.17 22.28
C PRO B 2853 11.59 -14.11 21.11
N GLY B 2854 10.64 -14.17 20.19
CA GLY B 2854 10.74 -15.06 19.06
C GLY B 2854 10.46 -16.51 19.36
N GLY B 2855 9.37 -16.83 20.04
CA GLY B 2855 9.05 -18.21 20.32
C GLY B 2855 7.92 -18.73 19.45
N SER B 2856 7.96 -20.02 19.15
CA SER B 2856 6.91 -20.67 18.39
C SER B 2856 6.72 -22.08 18.93
N LEU B 2857 5.59 -22.69 18.58
CA LEU B 2857 5.24 -23.98 19.12
C LEU B 2857 4.79 -24.94 18.03
N LEU B 2858 5.05 -26.21 18.28
CA LEU B 2858 4.45 -27.29 17.50
C LEU B 2858 3.69 -28.15 18.49
N LEU B 2859 2.38 -28.21 18.34
CA LEU B 2859 1.50 -28.87 19.27
C LEU B 2859 1.09 -30.19 18.68
N ALA B 2860 1.78 -31.25 19.07
CA ALA B 2860 1.51 -32.57 18.53
C ALA B 2860 0.68 -33.33 19.54
N GLY B 2861 -0.55 -33.65 19.16
CA GLY B 2861 -1.44 -34.31 20.09
C GLY B 2861 -2.60 -34.93 19.35
N ARG B 2862 -3.48 -35.54 20.12
CA ARG B 2862 -4.72 -36.09 19.58
C ARG B 2862 -5.67 -34.96 19.21
N SER B 2863 -6.69 -35.29 18.44
CA SER B 2863 -7.72 -34.32 18.17
C SER B 2863 -8.65 -34.20 19.37
N GLY B 2864 -9.50 -33.18 19.34
CA GLY B 2864 -10.49 -33.03 20.38
C GLY B 2864 -10.04 -32.36 21.65
N VAL B 2865 -8.78 -32.52 22.06
CA VAL B 2865 -8.30 -31.89 23.29
C VAL B 2865 -8.17 -30.41 23.00
N GLY B 2866 -8.38 -29.57 24.01
CA GLY B 2866 -8.28 -28.14 23.84
C GLY B 2866 -6.84 -27.69 23.66
N ARG B 2867 -6.53 -27.19 22.46
CA ARG B 2867 -5.24 -26.54 22.27
C ARG B 2867 -5.42 -25.11 21.80
N ARG B 2868 -6.27 -24.90 20.79
CA ARG B 2868 -6.57 -23.55 20.33
C ARG B 2868 -7.31 -22.75 21.39
N THR B 2869 -8.04 -23.44 22.27
CA THR B 2869 -8.75 -22.78 23.35
C THR B 2869 -7.79 -22.18 24.37
N ILE B 2870 -6.79 -22.95 24.79
CA ILE B 2870 -5.84 -22.44 25.76
C ILE B 2870 -4.93 -21.39 25.14
N THR B 2871 -4.53 -21.57 23.87
CA THR B 2871 -3.65 -20.58 23.27
C THR B 2871 -4.37 -19.28 22.97
N SER B 2872 -5.67 -19.33 22.66
CA SER B 2872 -6.44 -18.11 22.48
C SER B 2872 -6.56 -17.35 23.80
N LEU B 2873 -6.70 -18.09 24.89
CA LEU B 2873 -6.81 -17.48 26.21
C LEU B 2873 -5.49 -16.83 26.63
N VAL B 2874 -4.37 -17.48 26.35
CA VAL B 2874 -3.07 -16.93 26.75
C VAL B 2874 -2.71 -15.75 25.83
N SER B 2875 -3.18 -15.81 24.58
CA SER B 2875 -2.99 -14.67 23.69
C SER B 2875 -3.81 -13.48 24.12
N HIS B 2876 -4.97 -13.71 24.74
CA HIS B 2876 -5.74 -12.59 25.27
C HIS B 2876 -5.14 -12.06 26.56
N MET B 2877 -4.65 -12.96 27.42
CA MET B 2877 -4.07 -12.54 28.68
C MET B 2877 -2.73 -11.82 28.53
N HIS B 2878 -1.99 -12.07 27.45
CA HIS B 2878 -0.79 -11.27 27.23
C HIS B 2878 -1.02 -10.15 26.24
N GLY B 2879 -2.26 -9.94 25.81
CA GLY B 2879 -2.57 -8.83 24.94
C GLY B 2879 -2.06 -8.94 23.53
N ALA B 2880 -1.46 -10.06 23.16
CA ALA B 2880 -0.98 -10.24 21.79
C ALA B 2880 -2.15 -10.48 20.87
N VAL B 2881 -2.07 -9.94 19.66
CA VAL B 2881 -3.10 -10.17 18.66
C VAL B 2881 -2.93 -11.58 18.11
N LEU B 2882 -4.04 -12.31 18.03
CA LEU B 2882 -4.04 -13.67 17.48
C LEU B 2882 -4.66 -13.59 16.10
N PHE B 2883 -4.03 -14.26 15.14
CA PHE B 2883 -4.47 -14.22 13.75
C PHE B 2883 -4.45 -15.60 13.13
N SER B 2884 -5.52 -15.95 12.44
CA SER B 2884 -5.62 -17.22 11.74
C SER B 2884 -6.38 -16.99 10.44
N PRO B 2885 -5.88 -17.48 9.31
CA PRO B 2885 -6.54 -17.19 8.03
C PRO B 2885 -7.80 -17.99 7.89
N LYS B 2886 -8.88 -17.31 7.55
CA LYS B 2886 -10.17 -17.96 7.46
C LYS B 2886 -10.40 -18.39 6.01
N ILE B 2887 -10.44 -19.71 5.81
CA ILE B 2887 -10.45 -20.31 4.49
C ILE B 2887 -11.83 -20.07 3.90
N SER B 2888 -11.91 -20.07 2.57
CA SER B 2888 -13.19 -19.97 1.88
C SER B 2888 -13.21 -21.04 0.80
N ARG B 2889 -14.15 -20.90 -0.13
CA ARG B 2889 -14.18 -21.78 -1.29
C ARG B 2889 -12.94 -21.62 -2.15
N GLY B 2890 -12.76 -20.45 -2.74
CA GLY B 2890 -11.62 -20.24 -3.61
C GLY B 2890 -10.32 -20.03 -2.86
N TYR B 2891 -9.81 -21.09 -2.25
CA TYR B 2891 -8.48 -21.01 -1.66
C TYR B 2891 -7.44 -20.89 -2.78
N GLU B 2892 -6.41 -20.10 -2.53
CA GLU B 2892 -5.31 -19.99 -3.47
C GLU B 2892 -4.03 -19.94 -2.69
N LEU B 2893 -2.98 -19.48 -3.37
CA LEU B 2893 -1.75 -19.12 -2.69
C LEU B 2893 -1.60 -17.59 -2.64
N LYS B 2894 -2.29 -16.89 -3.54
CA LYS B 2894 -2.29 -15.43 -3.55
C LYS B 2894 -2.95 -14.87 -2.29
N GLN B 2895 -4.10 -15.44 -1.92
CA GLN B 2895 -4.75 -15.22 -0.63
C GLN B 2895 -3.79 -15.30 0.54
N PHE B 2896 -3.04 -16.39 0.61
CA PHE B 2896 -2.12 -16.63 1.71
C PHE B 2896 -0.95 -15.65 1.67
N LYS B 2897 -0.54 -15.24 0.47
CA LYS B 2897 0.52 -14.24 0.37
C LYS B 2897 0.06 -12.89 0.88
N ASN B 2898 -1.18 -12.51 0.58
CA ASN B 2898 -1.71 -11.24 1.08
C ASN B 2898 -1.88 -11.26 2.60
N ASP B 2899 -2.31 -12.40 3.14
CA ASP B 2899 -2.45 -12.48 4.59
C ASP B 2899 -1.10 -12.47 5.28
N LEU B 2900 -0.08 -13.05 4.65
CA LEU B 2900 1.25 -12.97 5.22
C LEU B 2900 1.84 -11.57 5.07
N LYS B 2901 1.47 -10.84 4.02
CA LYS B 2901 1.91 -9.45 3.91
C LYS B 2901 1.28 -8.59 4.99
N HIS B 2902 0.01 -8.85 5.30
CA HIS B 2902 -0.66 -8.19 6.42
C HIS B 2902 0.05 -8.43 7.74
N VAL B 2903 0.32 -9.70 8.06
CA VAL B 2903 0.92 -10.03 9.35
C VAL B 2903 2.34 -9.50 9.44
N LEU B 2904 3.10 -9.62 8.34
CA LEU B 2904 4.47 -9.17 8.36
C LEU B 2904 4.56 -7.65 8.44
N GLN B 2905 3.64 -6.94 7.77
CA GLN B 2905 3.60 -5.49 7.88
C GLN B 2905 3.34 -5.06 9.31
N LEU B 2906 2.33 -5.64 9.95
CA LEU B 2906 1.97 -5.24 11.31
C LEU B 2906 3.10 -5.57 12.28
N ALA B 2907 3.63 -6.78 12.20
CA ALA B 2907 4.58 -7.23 13.20
C ALA B 2907 5.98 -6.69 12.97
N GLY B 2908 6.27 -6.19 11.77
CA GLY B 2908 7.60 -5.70 11.50
C GLY B 2908 7.67 -4.21 11.29
N ILE B 2909 6.54 -3.53 11.34
CA ILE B 2909 6.57 -2.08 11.32
C ILE B 2909 6.12 -1.56 12.67
N GLU B 2910 4.95 -1.99 13.15
CA GLU B 2910 4.36 -1.30 14.29
C GLU B 2910 4.81 -1.87 15.62
N ALA B 2911 5.86 -2.69 15.65
CA ALA B 2911 6.50 -3.27 16.83
C ALA B 2911 5.53 -4.04 17.72
N GLN B 2912 4.43 -4.54 17.19
CA GLN B 2912 3.41 -5.16 18.01
C GLN B 2912 3.70 -6.64 18.17
N GLN B 2913 3.46 -7.17 19.36
CA GLN B 2913 3.71 -8.58 19.59
C GLN B 2913 2.53 -9.41 19.09
N VAL B 2914 2.78 -10.25 18.10
CA VAL B 2914 1.73 -10.92 17.33
C VAL B 2914 1.85 -12.42 17.54
N VAL B 2915 0.72 -13.13 17.58
CA VAL B 2915 0.70 -14.58 17.57
C VAL B 2915 -0.04 -15.03 16.30
N LEU B 2916 0.66 -15.75 15.44
CA LEU B 2916 0.08 -16.32 14.22
C LEU B 2916 -0.31 -17.76 14.52
N LEU B 2917 -1.42 -18.21 13.93
CA LEU B 2917 -2.01 -19.49 14.26
C LEU B 2917 -2.50 -20.20 13.01
N LEU B 2918 -1.86 -21.33 12.69
CA LEU B 2918 -2.27 -22.15 11.57
C LEU B 2918 -2.53 -23.56 12.07
N GLU B 2919 -3.64 -24.15 11.62
CA GLU B 2919 -3.99 -25.51 11.96
C GLU B 2919 -4.04 -26.37 10.72
N ASP B 2920 -4.43 -27.63 10.91
CA ASP B 2920 -4.38 -28.64 9.87
C ASP B 2920 -5.33 -28.39 8.71
N TYR B 2921 -6.53 -27.88 8.99
CA TYR B 2921 -7.53 -27.79 7.93
C TYR B 2921 -7.26 -26.63 6.99
N GLN B 2922 -6.24 -25.82 7.24
CA GLN B 2922 -5.98 -24.65 6.43
C GLN B 2922 -4.88 -24.90 5.41
N PHE B 2923 -4.03 -25.92 5.62
CA PHE B 2923 -2.97 -26.23 4.67
C PHE B 2923 -3.57 -26.89 3.44
N VAL B 2924 -4.11 -26.05 2.56
CA VAL B 2924 -4.90 -26.56 1.45
C VAL B 2924 -4.16 -26.56 0.12
N HIS B 2925 -2.84 -26.45 0.15
CA HIS B 2925 -1.99 -26.36 -1.02
C HIS B 2925 -0.57 -26.63 -0.53
N PRO B 2926 0.18 -27.48 -1.19
CA PRO B 2926 1.34 -28.09 -0.52
C PRO B 2926 2.60 -27.23 -0.39
N THR B 2927 2.52 -25.93 -0.64
CA THR B 2927 3.70 -25.09 -0.47
C THR B 2927 3.64 -24.28 0.81
N PHE B 2928 2.55 -24.43 1.56
CA PHE B 2928 2.35 -23.63 2.76
C PHE B 2928 3.34 -23.99 3.84
N LEU B 2929 3.61 -25.29 4.01
CA LEU B 2929 4.62 -25.71 4.98
C LEU B 2929 6.01 -25.23 4.60
N GLU B 2930 6.29 -25.09 3.31
CA GLU B 2930 7.59 -24.60 2.91
C GLU B 2930 7.75 -23.11 3.20
N MET B 2931 6.69 -22.33 2.96
CA MET B 2931 6.74 -20.91 3.31
C MET B 2931 6.89 -20.72 4.82
N ILE B 2932 6.19 -21.54 5.61
CA ILE B 2932 6.30 -21.42 7.07
C ILE B 2932 7.67 -21.93 7.53
N ASN B 2933 8.25 -22.88 6.80
CA ASN B 2933 9.58 -23.36 7.11
C ASN B 2933 10.61 -22.26 6.92
N SER B 2934 10.52 -21.52 5.81
CA SER B 2934 11.42 -20.39 5.59
C SER B 2934 11.21 -19.28 6.60
N LEU B 2935 9.95 -18.92 6.85
CA LEU B 2935 9.65 -17.79 7.73
C LEU B 2935 9.98 -18.11 9.18
N LEU B 2936 10.01 -19.40 9.54
CA LEU B 2936 10.57 -19.79 10.82
C LEU B 2936 12.08 -19.68 10.82
N SER B 2937 12.74 -20.30 9.84
CA SER B 2937 14.19 -20.46 9.89
C SER B 2937 14.92 -19.13 9.73
N SER B 2938 14.72 -18.45 8.60
CA SER B 2938 15.42 -17.20 8.36
C SER B 2938 14.83 -16.02 9.09
N GLY B 2939 13.59 -15.67 8.79
CA GLY B 2939 13.07 -14.37 9.13
C GLY B 2939 12.48 -13.68 7.93
N GLU B 2940 12.75 -14.17 6.73
CA GLU B 2940 12.13 -13.61 5.55
C GLU B 2940 11.19 -14.63 4.94
N VAL B 2941 10.41 -14.17 3.98
CA VAL B 2941 9.68 -15.03 3.06
C VAL B 2941 10.24 -14.74 1.68
N PRO B 2942 10.86 -15.70 1.01
CA PRO B 2942 11.57 -15.40 -0.23
C PRO B 2942 10.61 -15.21 -1.40
N GLY B 2943 10.92 -14.21 -2.22
CA GLY B 2943 10.15 -13.94 -3.40
C GLY B 2943 8.78 -13.40 -3.09
N LEU B 2944 8.63 -12.74 -1.94
CA LEU B 2944 7.35 -12.22 -1.51
C LEU B 2944 7.11 -10.79 -1.96
N TYR B 2945 7.97 -9.86 -1.55
CA TYR B 2945 7.89 -8.47 -1.98
C TYR B 2945 8.68 -8.29 -3.27
N THR B 2946 8.38 -7.23 -3.99
CA THR B 2946 9.21 -6.81 -5.11
C THR B 2946 10.31 -5.89 -4.60
N LEU B 2947 10.96 -5.21 -5.55
CA LEU B 2947 11.98 -4.24 -5.16
C LEU B 2947 11.37 -2.88 -4.91
N GLU B 2948 10.37 -2.49 -5.72
CA GLU B 2948 9.79 -1.16 -5.58
C GLU B 2948 8.94 -1.04 -4.33
N GLU B 2949 8.46 -2.16 -3.80
CA GLU B 2949 7.57 -2.08 -2.64
C GLU B 2949 8.31 -2.25 -1.34
N LEU B 2950 9.57 -1.84 -1.28
CA LEU B 2950 10.27 -1.90 -0.01
C LEU B 2950 10.69 -0.52 0.49
N GLU B 2951 10.98 0.41 -0.42
CA GLU B 2951 11.40 1.74 0.00
C GLU B 2951 10.27 2.65 0.50
N PRO B 2952 9.08 2.74 -0.13
CA PRO B 2952 8.02 3.51 0.54
C PRO B 2952 7.45 2.83 1.78
N LEU B 2953 7.81 1.58 2.03
CA LEU B 2953 7.34 0.93 3.25
C LEU B 2953 8.41 0.93 4.33
N LEU B 2954 9.66 0.67 3.98
CA LEU B 2954 10.69 0.72 4.99
C LEU B 2954 11.25 2.12 5.19
N LEU B 2955 10.76 3.10 4.41
CA LEU B 2955 11.18 4.49 4.55
C LEU B 2955 10.97 5.09 5.94
N PRO B 2956 9.89 4.78 6.70
CA PRO B 2956 9.86 5.31 8.07
C PRO B 2956 10.72 4.57 9.08
N LEU B 2957 11.63 3.70 8.66
CA LEU B 2957 12.44 3.00 9.63
C LEU B 2957 13.86 3.50 9.72
N LYS B 2958 14.29 4.39 8.83
CA LYS B 2958 15.68 4.85 8.82
C LYS B 2958 16.00 5.65 10.08
N ASP B 2959 14.99 6.33 10.65
CA ASP B 2959 15.19 7.16 11.82
C ASP B 2959 15.56 6.33 13.04
N GLN B 2960 14.76 5.31 13.34
CA GLN B 2960 15.12 4.41 14.43
C GLN B 2960 16.33 3.57 14.06
N ALA B 2961 16.53 3.34 12.76
CA ALA B 2961 17.75 2.67 12.32
C ALA B 2961 18.97 3.52 12.62
N SER B 2962 18.84 4.83 12.43
CA SER B 2962 19.92 5.74 12.76
C SER B 2962 20.14 5.84 14.26
N GLN B 2963 19.07 5.84 15.04
CA GLN B 2963 19.23 6.12 16.47
C GLN B 2963 19.66 4.87 17.22
N ASP B 2964 19.27 3.69 16.74
CA ASP B 2964 19.51 2.48 17.51
C ASP B 2964 20.94 1.99 17.38
N GLY B 2965 21.58 2.24 16.25
CA GLY B 2965 22.96 1.82 16.08
C GLY B 2965 23.09 0.65 15.14
N PHE B 2966 21.97 0.21 14.59
CA PHE B 2966 22.00 -0.88 13.64
C PHE B 2966 22.34 -0.35 12.25
N PHE B 2967 23.33 -0.98 11.64
CA PHE B 2967 23.92 -0.51 10.40
C PHE B 2967 23.53 -1.43 9.25
N GLY B 2968 24.13 -1.22 8.09
CA GLY B 2968 23.73 -1.93 6.91
C GLY B 2968 22.48 -1.29 6.35
N PRO B 2969 21.79 -1.99 5.43
CA PRO B 2969 20.57 -1.42 4.85
C PRO B 2969 19.39 -1.51 5.81
N VAL B 2970 18.22 -1.10 5.33
CA VAL B 2970 17.04 -1.04 6.20
C VAL B 2970 16.38 -2.41 6.28
N PHE B 2971 16.61 -3.26 5.28
CA PHE B 2971 15.89 -4.52 5.21
C PHE B 2971 16.35 -5.51 6.27
N ASN B 2972 17.62 -5.47 6.67
CA ASN B 2972 18.08 -6.32 7.76
C ASN B 2972 17.46 -5.92 9.09
N TYR B 2973 17.25 -4.62 9.28
CA TYR B 2973 16.56 -4.14 10.47
C TYR B 2973 15.11 -4.58 10.48
N PHE B 2974 14.46 -4.57 9.31
CA PHE B 2974 13.10 -5.04 9.18
C PHE B 2974 12.98 -6.53 9.50
N THR B 2975 13.93 -7.32 9.00
CA THR B 2975 13.96 -8.75 9.26
C THR B 2975 14.23 -9.02 10.74
N TYR B 2976 15.08 -8.21 11.37
CA TYR B 2976 15.37 -8.40 12.79
C TYR B 2976 14.16 -8.07 13.65
N ARG B 2977 13.39 -7.05 13.27
CA ARG B 2977 12.16 -6.74 13.99
C ARG B 2977 11.13 -7.86 13.82
N ILE B 2978 11.09 -8.49 12.65
CA ILE B 2978 10.17 -9.61 12.45
C ILE B 2978 10.61 -10.81 13.29
N GLN B 2979 11.91 -11.05 13.37
CA GLN B 2979 12.40 -12.15 14.18
C GLN B 2979 12.16 -11.92 15.67
N GLN B 2980 12.05 -10.65 16.09
CA GLN B 2980 11.77 -10.42 17.50
C GLN B 2980 10.27 -10.38 17.78
N ASN B 2981 9.46 -10.05 16.78
CA ASN B 2981 8.07 -9.69 17.02
C ASN B 2981 7.04 -10.56 16.31
N LEU B 2982 7.21 -11.88 16.26
CA LEU B 2982 6.26 -12.72 15.55
C LEU B 2982 6.31 -14.16 16.06
N HIS B 2983 5.17 -14.67 16.51
CA HIS B 2983 5.05 -16.00 17.09
C HIS B 2983 4.19 -16.88 16.19
N ILE B 2984 4.58 -18.14 16.02
CA ILE B 2984 3.85 -19.02 15.12
C ILE B 2984 3.35 -20.23 15.91
N VAL B 2985 2.08 -20.57 15.70
CA VAL B 2985 1.49 -21.71 16.39
C VAL B 2985 1.01 -22.71 15.35
N LEU B 2986 1.49 -23.94 15.45
CA LEU B 2986 1.06 -25.01 14.57
C LEU B 2986 0.38 -26.09 15.40
N ILE B 2987 -0.89 -26.31 15.15
CA ILE B 2987 -1.63 -27.43 15.71
C ILE B 2987 -1.66 -28.53 14.66
N MET B 2988 -1.06 -29.67 14.98
CA MET B 2988 -1.08 -30.80 14.07
C MET B 2988 -1.49 -32.05 14.82
N ASP B 2989 -2.34 -32.84 14.17
CA ASP B 2989 -2.88 -34.07 14.72
C ASP B 2989 -1.82 -35.14 14.66
N SER B 2990 -1.81 -36.03 15.65
CA SER B 2990 -0.74 -37.01 15.76
C SER B 2990 -0.90 -38.12 14.73
N ALA B 2991 -2.05 -38.79 14.71
CA ALA B 2991 -2.16 -39.97 13.88
C ALA B 2991 -2.68 -39.66 12.49
N ASN B 2992 -2.43 -38.47 11.97
CA ASN B 2992 -2.63 -38.24 10.55
C ASN B 2992 -1.54 -38.99 9.79
N SER B 2993 -1.83 -39.32 8.53
CA SER B 2993 -0.89 -40.11 7.74
C SER B 2993 0.31 -39.27 7.32
N ASN B 2994 0.09 -37.99 7.05
CA ASN B 2994 1.13 -37.13 6.49
C ASN B 2994 1.99 -36.46 7.56
N PHE B 2995 1.89 -36.89 8.81
CA PHE B 2995 2.62 -36.22 9.89
C PHE B 2995 4.10 -36.54 9.83
N MET B 2996 4.45 -37.77 9.47
CA MET B 2996 5.85 -38.15 9.42
C MET B 2996 6.57 -37.46 8.28
N ILE B 2997 5.89 -37.35 7.13
CA ILE B 2997 6.48 -36.69 5.97
C ILE B 2997 6.64 -35.20 6.23
N ASN B 2998 5.66 -34.59 6.90
CA ASN B 2998 5.74 -33.16 7.15
C ASN B 2998 6.43 -32.86 8.47
N CYS B 2999 7.07 -33.85 9.08
CA CYS B 2999 8.07 -33.54 10.10
C CYS B 2999 9.48 -33.88 9.61
N GLU B 3000 9.58 -34.71 8.57
CA GLU B 3000 10.89 -35.04 8.02
C GLU B 3000 11.26 -34.10 6.87
N SER B 3001 10.28 -33.49 6.22
CA SER B 3001 10.56 -32.79 4.97
C SER B 3001 10.76 -31.30 5.21
N ASN B 3002 10.73 -30.89 6.47
CA ASN B 3002 11.02 -29.51 6.83
C ASN B 3002 11.84 -29.56 8.11
N PRO B 3003 13.17 -29.50 8.03
CA PRO B 3003 13.97 -29.80 9.22
C PRO B 3003 13.96 -28.69 10.24
N ALA B 3004 13.73 -27.45 9.82
CA ALA B 3004 13.67 -26.35 10.78
C ALA B 3004 12.35 -26.36 11.53
N LEU B 3005 11.38 -27.13 11.05
CA LEU B 3005 10.08 -27.20 11.70
C LEU B 3005 10.15 -28.05 12.97
N HIS B 3006 11.26 -28.75 13.18
CA HIS B 3006 11.53 -29.21 14.53
C HIS B 3006 12.93 -28.81 15.02
N LYS B 3007 13.49 -27.73 14.50
CA LYS B 3007 14.68 -27.14 15.11
C LYS B 3007 14.38 -25.78 15.71
N LYS B 3008 13.49 -25.03 15.08
CA LYS B 3008 13.16 -23.70 15.56
C LYS B 3008 12.27 -23.78 16.80
N CYS B 3009 11.09 -24.37 16.65
CA CYS B 3009 10.05 -24.29 17.64
C CYS B 3009 10.07 -25.48 18.60
N GLN B 3010 9.85 -25.19 19.88
CA GLN B 3010 9.72 -26.21 20.90
C GLN B 3010 8.49 -27.06 20.62
N VAL B 3011 8.60 -28.37 20.83
CA VAL B 3011 7.56 -29.31 20.44
C VAL B 3011 7.02 -30.00 21.69
N LEU B 3012 5.82 -29.61 22.10
CA LEU B 3012 5.16 -30.19 23.25
C LEU B 3012 4.37 -31.42 22.80
N TRP B 3013 4.36 -32.44 23.63
CA TRP B 3013 3.73 -33.71 23.28
C TRP B 3013 2.48 -33.88 24.13
N MET B 3014 1.36 -33.36 23.64
CA MET B 3014 0.11 -33.19 24.38
C MET B 3014 -0.70 -34.46 24.48
N GLU B 3015 -0.33 -35.52 23.78
CA GLU B 3015 -1.19 -36.67 23.58
C GLU B 3015 -1.50 -37.47 24.83
N GLY B 3016 -2.79 -37.58 25.17
CA GLY B 3016 -3.23 -38.50 26.21
C GLY B 3016 -3.36 -37.89 27.59
N TRP B 3017 -4.60 -37.83 28.09
CA TRP B 3017 -4.86 -37.44 29.47
C TRP B 3017 -4.50 -38.60 30.38
N SER B 3018 -4.50 -38.33 31.68
CA SER B 3018 -4.18 -39.39 32.62
C SER B 3018 -5.35 -40.34 32.76
N ASN B 3019 -5.08 -41.48 33.39
CA ASN B 3019 -6.16 -42.28 33.96
C ASN B 3019 -6.81 -41.58 35.14
N SER B 3020 -6.04 -40.78 35.87
CA SER B 3020 -6.54 -40.19 37.10
C SER B 3020 -7.54 -39.07 36.82
N SER B 3021 -7.32 -38.30 35.76
CA SER B 3021 -8.15 -37.11 35.58
C SER B 3021 -9.46 -37.44 34.87
N MET B 3022 -9.46 -38.49 34.04
CA MET B 3022 -10.71 -38.92 33.43
C MET B 3022 -11.67 -39.50 34.46
N LYS B 3023 -11.15 -39.97 35.59
CA LYS B 3023 -12.00 -40.29 36.73
C LYS B 3023 -12.58 -39.03 37.37
N LYS B 3024 -11.81 -37.94 37.39
CA LYS B 3024 -12.25 -36.75 38.13
C LYS B 3024 -13.21 -35.89 37.34
N ILE B 3025 -13.21 -35.99 36.01
CA ILE B 3025 -14.11 -35.19 35.16
C ILE B 3025 -15.60 -35.42 35.44
N PRO B 3026 -16.14 -36.65 35.58
CA PRO B 3026 -17.57 -36.74 35.91
C PRO B 3026 -17.91 -36.31 37.32
N GLU B 3027 -16.93 -36.33 38.23
CA GLU B 3027 -17.16 -35.88 39.59
C GLU B 3027 -17.33 -34.36 39.62
N MET B 3028 -16.72 -33.67 38.66
CA MET B 3028 -16.99 -32.26 38.47
C MET B 3028 -18.19 -32.03 37.55
N LEU B 3029 -18.65 -33.05 36.84
CA LEU B 3029 -19.96 -32.95 36.23
C LEU B 3029 -21.04 -33.58 37.10
N PHE B 3030 -20.68 -33.96 38.33
CA PHE B 3030 -21.65 -34.56 39.23
C PHE B 3030 -22.46 -33.48 39.95
N SER B 3031 -21.79 -32.67 40.77
CA SER B 3031 -22.49 -31.59 41.47
C SER B 3031 -22.79 -30.44 40.51
N GLU B 3032 -22.00 -30.29 39.47
CA GLU B 3032 -22.23 -29.28 38.46
C GLU B 3032 -22.88 -29.93 37.24
N VAL B 3053 -24.32 -45.86 44.06
CA VAL B 3053 -22.94 -45.89 44.56
C VAL B 3053 -22.08 -45.02 43.65
N ASP B 3054 -21.32 -44.11 44.25
CA ASP B 3054 -20.54 -43.13 43.48
C ASP B 3054 -19.32 -43.71 42.75
N PRO B 3055 -18.35 -44.41 43.40
CA PRO B 3055 -17.12 -44.73 42.65
C PRO B 3055 -17.28 -45.81 41.60
N ASP B 3056 -18.33 -46.62 41.70
CA ASP B 3056 -18.52 -47.71 40.73
C ASP B 3056 -18.92 -47.18 39.36
N PHE B 3057 -19.78 -46.16 39.31
CA PHE B 3057 -20.08 -45.44 38.07
C PHE B 3057 -18.80 -44.91 37.43
N LEU B 3058 -17.96 -44.28 38.23
CA LEU B 3058 -16.79 -43.59 37.72
C LEU B 3058 -15.77 -44.57 37.19
N LYS B 3059 -15.54 -45.66 37.92
CA LYS B 3059 -14.60 -46.67 37.44
C LYS B 3059 -15.19 -47.50 36.30
N SER B 3060 -16.53 -47.49 36.16
CA SER B 3060 -17.12 -48.12 35.00
C SER B 3060 -16.90 -47.28 33.75
N PHE B 3061 -16.95 -45.95 33.89
CA PHE B 3061 -16.67 -45.05 32.76
C PHE B 3061 -15.26 -45.26 32.23
N LEU B 3062 -14.28 -45.37 33.13
CA LEU B 3062 -12.88 -45.54 32.75
C LEU B 3062 -12.67 -46.84 32.00
N LEU B 3063 -13.32 -47.91 32.45
CA LEU B 3063 -13.16 -49.21 31.82
C LEU B 3063 -13.85 -49.27 30.46
N ILE B 3064 -15.01 -48.61 30.33
CA ILE B 3064 -15.66 -48.52 29.03
C ILE B 3064 -14.79 -47.77 28.04
N HIS B 3065 -14.17 -46.67 28.49
CA HIS B 3065 -13.33 -45.89 27.59
C HIS B 3065 -12.04 -46.62 27.24
N GLU B 3066 -11.47 -47.34 28.21
CA GLU B 3066 -10.23 -48.06 27.97
C GLU B 3066 -10.47 -49.26 27.07
N SER B 3067 -11.67 -49.83 27.10
CA SER B 3067 -12.00 -50.86 26.14
C SER B 3067 -12.31 -50.26 24.77
N CYS B 3068 -12.81 -49.03 24.73
CA CYS B 3068 -13.18 -48.45 23.44
C CYS B 3068 -12.03 -47.68 22.80
N LYS B 3069 -10.86 -47.64 23.43
CA LYS B 3069 -9.70 -47.04 22.77
C LYS B 3069 -9.22 -47.83 21.56
N ALA B 3070 -9.67 -49.07 21.37
CA ALA B 3070 -9.14 -49.89 20.29
C ALA B 3070 -9.93 -49.71 18.99
N TYR B 3071 -10.62 -48.58 18.85
CA TYR B 3071 -11.30 -48.25 17.61
C TYR B 3071 -11.18 -46.78 17.24
N GLY B 3072 -10.41 -46.02 18.01
CA GLY B 3072 -10.36 -44.58 17.84
C GLY B 3072 -11.19 -43.87 18.90
N ALA B 3073 -10.54 -43.35 19.94
CA ALA B 3073 -11.24 -42.75 21.04
C ALA B 3073 -10.66 -41.37 21.33
N THR B 3074 -11.25 -40.37 20.71
CA THR B 3074 -10.85 -38.99 20.93
C THR B 3074 -11.53 -38.46 22.19
N PRO B 3075 -10.84 -37.61 22.96
CA PRO B 3075 -11.47 -37.03 24.16
C PRO B 3075 -12.67 -36.14 23.88
N SER B 3076 -12.82 -35.65 22.65
CA SER B 3076 -14.04 -34.97 22.25
C SER B 3076 -15.23 -35.92 22.33
N GLN B 3077 -15.01 -37.19 21.98
CA GLN B 3077 -16.09 -38.16 22.11
C GLN B 3077 -16.38 -38.48 23.57
N TYR B 3078 -15.37 -38.42 24.43
CA TYR B 3078 -15.58 -38.57 25.86
C TYR B 3078 -16.46 -37.46 26.42
N MET B 3079 -16.23 -36.23 25.97
CA MET B 3079 -17.04 -35.14 26.47
C MET B 3079 -18.44 -35.13 25.85
N THR B 3080 -18.54 -35.55 24.58
CA THR B 3080 -19.86 -35.71 23.95
C THR B 3080 -20.68 -36.78 24.68
N PHE B 3081 -20.02 -37.88 25.05
CA PHE B 3081 -20.59 -38.94 25.87
C PHE B 3081 -21.18 -38.39 27.16
N LEU B 3082 -20.40 -37.60 27.91
CA LEU B 3082 -20.91 -37.07 29.18
C LEU B 3082 -22.08 -36.11 28.99
N HIS B 3083 -22.02 -35.25 27.97
CA HIS B 3083 -23.12 -34.29 27.78
C HIS B 3083 -24.41 -34.99 27.36
N VAL B 3084 -24.32 -36.01 26.51
CA VAL B 3084 -25.57 -36.65 26.09
C VAL B 3084 -26.10 -37.57 27.19
N TYR B 3085 -25.20 -38.07 28.06
CA TYR B 3085 -25.63 -38.78 29.26
C TYR B 3085 -26.48 -37.89 30.16
N SER B 3086 -25.97 -36.70 30.45
CA SER B 3086 -26.67 -35.76 31.32
C SER B 3086 -28.01 -35.33 30.72
N ALA B 3087 -28.03 -35.11 29.39
CA ALA B 3087 -29.25 -34.66 28.72
C ALA B 3087 -30.34 -35.73 28.75
N ILE B 3088 -29.98 -36.97 28.38
CA ILE B 3088 -30.97 -38.04 28.34
C ILE B 3088 -31.45 -38.41 29.74
N SER B 3089 -30.56 -38.37 30.74
CA SER B 3089 -30.97 -38.67 32.10
C SER B 3089 -31.93 -37.63 32.64
N SER B 3090 -31.72 -36.36 32.29
CA SER B 3090 -32.65 -35.31 32.72
C SER B 3090 -34.02 -35.45 32.08
N SER B 3091 -34.06 -35.69 30.76
CA SER B 3091 -35.34 -35.80 30.07
C SER B 3091 -36.14 -37.00 30.55
N LYS B 3092 -35.45 -38.12 30.81
CA LYS B 3092 -36.18 -39.29 31.26
C LYS B 3092 -36.60 -39.21 32.73
N LYS B 3093 -35.82 -38.56 33.60
CA LYS B 3093 -36.28 -38.33 34.97
C LYS B 3093 -37.52 -37.45 35.01
N LYS B 3094 -37.55 -36.40 34.18
CA LYS B 3094 -38.72 -35.53 34.14
C LYS B 3094 -39.95 -36.24 33.58
N GLU B 3095 -39.78 -37.08 32.56
CA GLU B 3095 -40.94 -37.78 32.02
C GLU B 3095 -41.46 -38.86 32.96
N LEU B 3096 -40.56 -39.53 33.70
CA LEU B 3096 -41.03 -40.53 34.66
C LEU B 3096 -41.73 -39.88 35.85
N LEU B 3097 -41.26 -38.71 36.29
CA LEU B 3097 -41.96 -38.01 37.37
C LEU B 3097 -43.32 -37.51 36.91
N LYS B 3098 -43.44 -37.11 35.63
CA LYS B 3098 -44.75 -36.76 35.09
C LYS B 3098 -45.70 -37.95 35.06
N ARG B 3099 -45.18 -39.13 34.70
CA ARG B 3099 -46.04 -40.31 34.64
C ARG B 3099 -46.51 -40.72 36.04
N GLN B 3100 -45.61 -40.68 37.02
CA GLN B 3100 -46.05 -41.01 38.38
C GLN B 3100 -46.99 -39.96 38.94
N SER B 3101 -46.85 -38.69 38.54
CA SER B 3101 -47.78 -37.67 38.99
C SER B 3101 -49.19 -37.92 38.44
N HIS B 3102 -49.29 -38.25 37.15
CA HIS B 3102 -50.60 -38.50 36.57
C HIS B 3102 -51.23 -39.78 37.14
N LEU B 3103 -50.42 -40.80 37.37
CA LEU B 3103 -50.95 -42.04 37.94
C LEU B 3103 -51.36 -41.84 39.41
N GLN B 3104 -50.63 -40.99 40.13
CA GLN B 3104 -50.99 -40.68 41.51
C GLN B 3104 -52.29 -39.89 41.57
N ALA B 3105 -52.48 -38.97 40.62
CA ALA B 3105 -53.73 -38.21 40.55
C ALA B 3105 -54.91 -39.12 40.22
N GLY B 3106 -54.70 -40.10 39.35
CA GLY B 3106 -55.73 -41.08 39.05
C GLY B 3106 -56.10 -41.96 40.22
N VAL B 3107 -55.08 -42.42 40.96
CA VAL B 3107 -55.33 -43.28 42.12
C VAL B 3107 -55.96 -42.49 43.26
N SER B 3108 -55.74 -41.18 43.30
CA SER B 3108 -56.41 -40.34 44.27
C SER B 3108 -57.89 -40.14 43.91
N LYS B 3109 -58.15 -39.77 42.65
CA LYS B 3109 -59.51 -39.43 42.23
C LYS B 3109 -60.43 -40.64 42.21
N LEU B 3110 -59.92 -41.81 41.81
CA LEU B 3110 -60.76 -43.01 41.78
C LEU B 3110 -61.16 -43.44 43.18
N ASN B 3111 -60.20 -43.40 44.12
CA ASN B 3111 -60.49 -43.77 45.51
C ASN B 3111 -61.42 -42.77 46.17
N GLU B 3112 -61.27 -41.48 45.85
CA GLU B 3112 -62.15 -40.47 46.42
C GLU B 3112 -63.58 -40.60 45.90
N ALA B 3113 -63.73 -40.87 44.61
CA ALA B 3113 -65.08 -41.03 44.05
C ALA B 3113 -65.74 -42.31 44.55
N LYS B 3114 -64.94 -43.36 44.78
CA LYS B 3114 -65.49 -44.59 45.34
C LYS B 3114 -65.92 -44.39 46.79
N ALA B 3115 -65.13 -43.64 47.57
CA ALA B 3115 -65.50 -43.36 48.95
C ALA B 3115 -66.72 -42.44 49.03
N LEU B 3116 -66.91 -41.59 48.02
CA LEU B 3116 -68.11 -40.77 47.97
C LEU B 3116 -69.33 -41.59 47.56
N VAL B 3117 -69.15 -42.54 46.65
CA VAL B 3117 -70.30 -43.28 46.12
C VAL B 3117 -70.65 -44.45 47.04
N ASP B 3118 -69.79 -44.76 48.01
CA ASP B 3118 -70.07 -45.88 48.90
C ASP B 3118 -71.03 -45.49 50.02
N GLU B 3119 -71.43 -44.22 50.10
CA GLU B 3119 -72.28 -43.76 51.19
C GLU B 3119 -73.40 -42.84 50.76
N LEU B 3120 -73.42 -42.36 49.51
CA LEU B 3120 -74.43 -41.40 49.09
C LEU B 3120 -75.79 -42.04 48.95
N ASN B 3121 -75.85 -43.22 48.33
CA ASN B 3121 -77.10 -43.96 48.23
C ASN B 3121 -77.57 -44.42 49.60
N ARG B 3122 -76.64 -44.67 50.51
CA ARG B 3122 -76.99 -45.01 51.88
C ARG B 3122 -77.57 -43.82 52.62
N LYS B 3123 -77.06 -42.62 52.35
CA LYS B 3123 -77.60 -41.41 52.97
C LYS B 3123 -78.99 -41.09 52.43
N ALA B 3124 -79.19 -41.28 51.13
CA ALA B 3124 -80.52 -41.12 50.55
C ALA B 3124 -81.48 -42.17 51.09
N GLY B 3125 -81.00 -43.40 51.29
CA GLY B 3125 -81.84 -44.43 51.88
C GLY B 3125 -82.16 -44.17 53.34
N GLU B 3126 -81.24 -43.53 54.04
CA GLU B 3126 -81.49 -43.15 55.44
C GLU B 3126 -82.52 -42.03 55.53
N GLN B 3127 -82.43 -41.07 54.61
CA GLN B 3127 -83.42 -40.00 54.54
C GLN B 3127 -84.78 -40.53 54.15
N SER B 3128 -84.82 -41.57 53.31
CA SER B 3128 -86.07 -42.22 52.99
C SER B 3128 -86.55 -43.09 54.14
N VAL B 3129 -85.62 -43.59 54.95
CA VAL B 3129 -85.97 -44.48 56.07
C VAL B 3129 -86.61 -43.70 57.20
N LEU B 3130 -86.03 -42.56 57.57
CA LEU B 3130 -86.66 -41.70 58.56
C LEU B 3130 -87.95 -41.06 58.06
N LEU B 3131 -88.07 -40.84 56.75
CA LEU B 3131 -89.29 -40.30 56.17
C LEU B 3131 -90.03 -41.38 55.39
N GLU B 3373 -80.62 -41.04 42.77
CA GLU B 3373 -80.76 -41.45 41.37
C GLU B 3373 -79.42 -41.41 40.65
N THR B 3374 -78.39 -41.98 41.29
CA THR B 3374 -77.07 -42.02 40.68
C THR B 3374 -76.50 -43.43 40.73
N ILE B 3375 -77.31 -44.40 41.14
CA ILE B 3375 -76.84 -45.78 41.27
C ILE B 3375 -76.59 -46.40 39.91
N LYS B 3376 -77.44 -46.06 38.93
CA LYS B 3376 -77.30 -46.63 37.59
C LYS B 3376 -76.03 -46.13 36.90
N ALA B 3377 -75.80 -44.82 36.96
CA ALA B 3377 -74.60 -44.26 36.35
C ALA B 3377 -73.36 -44.60 37.17
N ALA B 3378 -73.53 -44.91 38.46
CA ALA B 3378 -72.41 -45.38 39.27
C ALA B 3378 -72.01 -46.79 38.85
N GLU B 3379 -72.99 -47.66 38.62
CA GLU B 3379 -72.69 -49.02 38.17
C GLU B 3379 -72.16 -49.02 36.73
N VAL B 3380 -72.63 -48.08 35.90
CA VAL B 3380 -72.17 -47.94 34.53
C VAL B 3380 -70.72 -47.45 34.53
N LEU B 3381 -70.39 -46.58 35.50
CA LEU B 3381 -69.01 -46.14 35.64
C LEU B 3381 -68.12 -47.26 36.17
N ILE B 3382 -68.66 -48.08 37.07
CA ILE B 3382 -67.89 -49.18 37.64
C ILE B 3382 -67.65 -50.26 36.59
N ASN B 3383 -68.56 -50.37 35.61
CA ASN B 3383 -68.42 -51.35 34.55
C ASN B 3383 -67.24 -51.02 33.63
N GLN B 3384 -66.83 -49.75 33.59
CA GLN B 3384 -65.61 -49.40 32.89
C GLN B 3384 -64.42 -49.36 33.84
N LEU B 3385 -64.68 -48.98 35.09
CA LEU B 3385 -63.61 -48.84 36.06
C LEU B 3385 -63.03 -50.18 36.50
N ASP B 3386 -63.78 -51.27 36.36
CA ASP B 3386 -63.28 -52.59 36.73
C ASP B 3386 -62.09 -53.01 35.86
N ARG B 3387 -62.07 -52.54 34.61
CA ARG B 3387 -60.89 -52.71 33.79
C ARG B 3387 -59.93 -51.52 33.91
N GLU B 3388 -60.49 -50.31 34.10
CA GLU B 3388 -59.65 -49.11 34.04
C GLU B 3388 -58.74 -48.97 35.25
N HIS B 3389 -59.28 -49.15 36.47
CA HIS B 3389 -58.45 -49.06 37.67
C HIS B 3389 -57.50 -50.24 37.75
N LYS B 3390 -57.96 -51.41 37.30
CA LYS B 3390 -57.10 -52.58 37.21
C LYS B 3390 -55.97 -52.38 36.22
N ARG B 3391 -56.19 -51.59 35.17
CA ARG B 3391 -55.10 -51.26 34.26
C ARG B 3391 -54.17 -50.22 34.88
N TRP B 3392 -54.73 -49.15 35.44
CA TRP B 3392 -53.90 -48.02 35.89
C TRP B 3392 -53.32 -48.24 37.28
N ASN B 3393 -53.52 -49.41 37.86
CA ASN B 3393 -52.93 -49.70 39.17
C ASN B 3393 -51.42 -49.82 39.10
N ALA B 3394 -50.92 -50.75 38.30
CA ALA B 3394 -49.60 -51.33 38.56
C ALA B 3394 -48.46 -50.39 38.16
N GLN B 3395 -48.75 -49.37 37.35
CA GLN B 3395 -47.68 -48.55 36.78
C GLN B 3395 -47.04 -47.65 37.82
N VAL B 3396 -47.73 -47.41 38.94
CA VAL B 3396 -47.13 -46.68 40.05
C VAL B 3396 -45.92 -47.42 40.60
N VAL B 3397 -46.10 -48.70 40.96
CA VAL B 3397 -44.98 -49.49 41.46
C VAL B 3397 -43.98 -49.79 40.35
N GLU B 3398 -44.47 -49.89 39.10
CA GLU B 3398 -43.59 -50.13 37.97
C GLU B 3398 -42.61 -48.98 37.72
N ILE B 3399 -43.10 -47.74 37.68
CA ILE B 3399 -42.19 -46.61 37.50
C ILE B 3399 -41.36 -46.40 38.75
N THR B 3400 -41.91 -46.75 39.92
CA THR B 3400 -41.17 -46.65 41.18
C THR B 3400 -39.96 -47.57 41.17
N GLU B 3401 -40.10 -48.76 40.61
CA GLU B 3401 -38.94 -49.64 40.53
C GLU B 3401 -38.12 -49.37 39.28
N GLU B 3402 -38.67 -48.65 38.30
CA GLU B 3402 -37.91 -48.32 37.10
C GLU B 3402 -36.91 -47.20 37.32
N LEU B 3403 -37.29 -46.13 38.04
CA LEU B 3403 -36.38 -44.99 38.15
C LEU B 3403 -35.35 -45.18 39.26
N ALA B 3404 -35.12 -46.41 39.70
CA ALA B 3404 -33.88 -46.73 40.39
C ALA B 3404 -32.88 -47.38 39.45
N THR B 3405 -33.31 -47.73 38.24
CA THR B 3405 -32.46 -48.34 37.22
C THR B 3405 -32.29 -47.46 36.00
N LEU B 3406 -32.38 -46.15 36.16
CA LEU B 3406 -32.14 -45.21 35.06
C LEU B 3406 -30.67 -44.90 34.75
N PRO B 3407 -29.74 -44.70 35.73
CA PRO B 3407 -28.38 -44.31 35.32
C PRO B 3407 -27.59 -45.29 34.47
N LYS B 3408 -27.65 -46.60 34.75
CA LYS B 3408 -26.93 -47.55 33.92
C LYS B 3408 -27.55 -47.65 32.52
N ARG B 3409 -28.88 -47.51 32.45
CA ARG B 3409 -29.57 -47.48 31.16
C ARG B 3409 -29.16 -46.26 30.35
N ALA B 3410 -29.01 -45.12 31.01
CA ALA B 3410 -28.56 -43.92 30.33
C ALA B 3410 -27.11 -44.05 29.89
N GLN B 3411 -26.29 -44.77 30.67
CA GLN B 3411 -24.91 -45.03 30.27
C GLN B 3411 -24.85 -45.84 28.98
N LEU B 3412 -25.64 -46.91 28.91
CA LEU B 3412 -25.65 -47.74 27.70
C LEU B 3412 -26.22 -46.97 26.51
N ALA B 3413 -27.28 -46.21 26.74
CA ALA B 3413 -27.92 -45.47 25.67
C ALA B 3413 -27.04 -44.34 25.17
N ALA B 3414 -26.19 -43.80 26.04
CA ALA B 3414 -25.30 -42.73 25.61
C ALA B 3414 -24.08 -43.31 24.91
N ALA B 3415 -23.56 -44.44 25.42
CA ALA B 3415 -22.37 -45.04 24.84
C ALA B 3415 -22.66 -45.56 23.43
N PHE B 3416 -23.86 -46.10 23.20
CA PHE B 3416 -24.23 -46.57 21.86
C PHE B 3416 -24.25 -45.42 20.87
N ILE B 3417 -24.84 -44.29 21.25
CA ILE B 3417 -24.93 -43.14 20.37
C ILE B 3417 -23.56 -42.54 20.13
N THR B 3418 -22.76 -42.41 21.18
CA THR B 3418 -21.52 -41.65 21.04
C THR B 3418 -20.39 -42.51 20.49
N TYR B 3419 -20.58 -43.83 20.37
CA TYR B 3419 -19.55 -44.60 19.70
C TYR B 3419 -20.04 -45.35 18.47
N LEU B 3420 -21.07 -46.17 18.60
CA LEU B 3420 -21.23 -47.30 17.69
C LEU B 3420 -22.17 -47.02 16.52
N SER B 3421 -22.20 -45.80 16.00
CA SER B 3421 -22.98 -45.60 14.77
C SER B 3421 -22.12 -45.84 13.54
N ALA B 3422 -20.89 -46.31 13.73
CA ALA B 3422 -19.95 -46.51 12.64
C ALA B 3422 -19.67 -47.98 12.37
N ALA B 3423 -19.63 -48.79 13.42
CA ALA B 3423 -19.15 -50.16 13.33
C ALA B 3423 -20.14 -51.05 12.56
N PRO B 3424 -19.68 -52.16 12.00
CA PRO B 3424 -20.61 -53.19 11.51
C PRO B 3424 -21.35 -53.87 12.65
N GLU B 3425 -22.42 -54.59 12.27
CA GLU B 3425 -23.42 -54.99 13.25
C GLU B 3425 -22.93 -56.12 14.14
N SER B 3426 -21.90 -56.85 13.74
CA SER B 3426 -21.31 -57.84 14.62
C SER B 3426 -20.62 -57.15 15.79
N LEU B 3427 -19.96 -56.02 15.53
CA LEU B 3427 -19.38 -55.23 16.61
C LEU B 3427 -20.46 -54.59 17.46
N ARG B 3428 -21.63 -54.29 16.88
CA ARG B 3428 -22.72 -53.78 17.71
C ARG B 3428 -23.20 -54.86 18.68
N LYS B 3429 -23.38 -56.08 18.16
CA LYS B 3429 -23.88 -57.18 18.98
C LYS B 3429 -22.88 -57.55 20.08
N THR B 3430 -21.60 -57.67 19.72
CA THR B 3430 -20.57 -58.09 20.68
C THR B 3430 -20.40 -57.06 21.79
N CYS B 3431 -20.33 -55.78 21.41
CA CYS B 3431 -20.13 -54.74 22.40
C CYS B 3431 -21.35 -54.53 23.29
N LEU B 3432 -22.56 -54.61 22.72
CA LEU B 3432 -23.75 -54.49 23.56
C LEU B 3432 -23.86 -55.66 24.52
N GLU B 3433 -23.48 -56.86 24.07
CA GLU B 3433 -23.52 -58.02 24.96
C GLU B 3433 -22.47 -57.92 26.06
N GLU B 3434 -21.28 -57.43 25.73
CA GLU B 3434 -20.24 -57.31 26.74
C GLU B 3434 -20.58 -56.23 27.76
N TRP B 3435 -21.12 -55.10 27.30
CA TRP B 3435 -21.59 -54.05 28.20
C TRP B 3435 -22.77 -54.48 29.05
N THR B 3436 -23.67 -55.27 28.47
CA THR B 3436 -24.85 -55.72 29.18
C THR B 3436 -24.49 -56.74 30.25
N LYS B 3437 -23.53 -57.61 29.95
CA LYS B 3437 -23.02 -58.50 30.98
C LYS B 3437 -22.17 -57.75 31.99
N SER B 3438 -21.55 -56.65 31.56
CA SER B 3438 -20.76 -55.83 32.48
C SER B 3438 -21.63 -55.19 33.53
N ALA B 3439 -22.79 -54.69 33.14
CA ALA B 3439 -23.73 -54.14 34.12
C ALA B 3439 -24.38 -55.25 34.94
N GLY B 3440 -24.75 -56.35 34.30
CA GLY B 3440 -25.34 -57.47 34.99
C GLY B 3440 -26.83 -57.67 34.75
N LEU B 3441 -27.45 -56.89 33.87
CA LEU B 3441 -28.89 -57.00 33.62
C LEU B 3441 -29.08 -57.51 32.19
N GLU B 3442 -29.05 -58.84 32.07
CA GLU B 3442 -28.87 -59.48 30.76
C GLU B 3442 -30.14 -59.40 29.90
N LYS B 3443 -31.24 -59.02 30.51
CA LYS B 3443 -32.47 -58.60 29.85
C LYS B 3443 -32.32 -57.15 29.40
N PHE B 3444 -33.45 -56.44 29.28
CA PHE B 3444 -33.48 -54.97 29.32
C PHE B 3444 -32.83 -54.35 28.08
N ASP B 3445 -33.49 -54.56 26.94
CA ASP B 3445 -33.06 -53.97 25.67
C ASP B 3445 -33.22 -52.45 25.66
N LEU B 3446 -32.78 -51.84 24.56
CA LEU B 3446 -32.67 -50.38 24.53
C LEU B 3446 -33.53 -49.74 23.46
N ARG B 3447 -33.84 -50.43 22.35
CA ARG B 3447 -34.68 -49.79 21.34
C ARG B 3447 -36.12 -49.70 21.80
N ARG B 3448 -36.51 -50.50 22.78
CA ARG B 3448 -37.80 -50.31 23.42
C ARG B 3448 -37.67 -49.36 24.61
N PHE B 3449 -36.46 -49.19 25.14
CA PHE B 3449 -36.24 -48.28 26.25
C PHE B 3449 -36.23 -46.84 25.79
N LEU B 3450 -35.90 -46.63 24.53
CA LEU B 3450 -35.64 -45.27 24.09
C LEU B 3450 -36.74 -44.80 23.14
N CYS B 3451 -37.45 -45.74 22.53
CA CYS B 3451 -38.53 -45.43 21.60
C CYS B 3451 -39.66 -46.43 21.81
N THR B 3452 -40.88 -46.03 21.47
CA THR B 3452 -42.02 -46.92 21.62
C THR B 3452 -42.60 -47.29 20.26
N GLU B 3453 -43.63 -48.14 20.30
CA GLU B 3453 -44.13 -48.81 19.11
C GLU B 3453 -44.79 -47.85 18.13
N SER B 3454 -45.48 -46.84 18.66
CA SER B 3454 -46.23 -45.91 17.83
C SER B 3454 -45.30 -45.08 16.94
N GLU B 3455 -44.17 -44.63 17.49
CA GLU B 3455 -43.22 -43.87 16.69
C GLU B 3455 -42.56 -44.76 15.64
N GLN B 3456 -42.37 -46.04 15.96
CA GLN B 3456 -41.77 -46.96 15.00
C GLN B 3456 -42.68 -47.18 13.81
N LEU B 3457 -43.98 -47.36 14.06
CA LEU B 3457 -44.88 -47.60 12.95
C LEU B 3457 -45.16 -46.30 12.18
N ILE B 3458 -45.03 -45.15 12.84
CA ILE B 3458 -45.15 -43.90 12.10
C ILE B 3458 -43.92 -43.68 11.21
N TRP B 3459 -42.72 -43.98 11.70
CA TRP B 3459 -41.52 -43.94 10.87
C TRP B 3459 -41.60 -44.93 9.72
N LYS B 3460 -42.20 -46.10 9.97
CA LYS B 3460 -42.37 -47.10 8.93
C LYS B 3460 -43.43 -46.65 7.93
N SER B 3461 -44.31 -45.73 8.33
CA SER B 3461 -45.40 -45.30 7.45
C SER B 3461 -44.91 -44.42 6.31
N GLU B 3462 -43.63 -44.03 6.34
CA GLU B 3462 -43.09 -43.04 5.44
C GLU B 3462 -42.11 -43.61 4.43
N GLY B 3463 -41.34 -44.62 4.80
CA GLY B 3463 -40.35 -45.16 3.89
C GLY B 3463 -39.03 -45.54 4.55
N LEU B 3464 -38.96 -45.43 5.88
CA LEU B 3464 -37.83 -45.95 6.64
C LEU B 3464 -37.73 -47.46 6.44
N PRO B 3465 -36.53 -47.98 6.18
CA PRO B 3465 -36.36 -49.44 6.11
C PRO B 3465 -36.58 -50.08 7.46
N SER B 3466 -37.09 -51.32 7.43
CA SER B 3466 -37.63 -51.92 8.64
C SER B 3466 -36.62 -52.82 9.34
N ASP B 3467 -35.34 -52.73 8.97
CA ASP B 3467 -34.33 -53.58 9.58
C ASP B 3467 -34.01 -53.09 10.98
N ASP B 3468 -33.29 -53.90 11.74
CA ASP B 3468 -32.74 -53.44 13.01
C ASP B 3468 -31.72 -52.33 12.81
N LEU B 3469 -30.92 -52.44 11.76
CA LEU B 3469 -29.85 -51.49 11.51
C LEU B 3469 -30.41 -50.12 11.15
N SER B 3470 -31.43 -50.09 10.30
CA SER B 3470 -32.01 -48.81 9.87
C SER B 3470 -32.72 -48.11 11.02
N ILE B 3471 -33.39 -48.87 11.88
CA ILE B 3471 -34.13 -48.28 12.97
C ILE B 3471 -33.18 -47.78 14.07
N GLU B 3472 -32.09 -48.53 14.30
CA GLU B 3472 -31.10 -48.04 15.27
C GLU B 3472 -30.35 -46.83 14.74
N ASN B 3473 -30.12 -46.78 13.42
CA ASN B 3473 -29.49 -45.60 12.84
C ASN B 3473 -30.41 -44.39 12.89
N ALA B 3474 -31.72 -44.60 12.74
CA ALA B 3474 -32.63 -43.48 12.87
C ALA B 3474 -32.82 -43.09 14.34
N LEU B 3475 -32.52 -43.99 15.26
CA LEU B 3475 -32.49 -43.60 16.67
C LEU B 3475 -31.26 -42.78 17.02
N VAL B 3476 -30.12 -43.05 16.37
CA VAL B 3476 -28.91 -42.31 16.70
C VAL B 3476 -28.99 -40.84 16.26
N ILE B 3477 -29.82 -40.52 15.27
CA ILE B 3477 -29.92 -39.12 14.87
C ILE B 3477 -30.87 -38.32 15.78
N LEU B 3478 -31.26 -38.89 16.92
CA LEU B 3478 -31.70 -38.10 18.06
C LEU B 3478 -30.62 -37.15 18.55
N GLN B 3479 -29.35 -37.50 18.35
CA GLN B 3479 -28.23 -36.70 18.82
C GLN B 3479 -28.20 -35.32 18.19
N SER B 3480 -28.03 -34.29 19.03
CA SER B 3480 -27.93 -32.92 18.56
C SER B 3480 -26.76 -32.20 19.20
N ARG B 3481 -25.87 -32.93 19.87
CA ARG B 3481 -24.64 -32.31 20.34
C ARG B 3481 -23.72 -32.03 19.16
N VAL B 3482 -23.77 -32.90 18.16
CA VAL B 3482 -22.90 -32.82 16.99
C VAL B 3482 -23.76 -32.91 15.74
N CYS B 3483 -23.11 -32.94 14.59
CA CYS B 3483 -23.83 -33.10 13.34
C CYS B 3483 -23.84 -34.57 12.93
N PRO B 3484 -24.98 -35.10 12.52
CA PRO B 3484 -25.01 -36.48 12.00
C PRO B 3484 -24.47 -36.52 10.58
N PHE B 3485 -23.86 -37.66 10.24
CA PHE B 3485 -23.21 -37.86 8.95
C PHE B 3485 -23.75 -39.13 8.32
N LEU B 3486 -24.49 -38.99 7.24
CA LEU B 3486 -25.23 -40.11 6.67
C LEU B 3486 -24.45 -40.74 5.53
N ILE B 3487 -23.71 -41.81 5.82
CA ILE B 3487 -23.21 -42.70 4.79
C ILE B 3487 -24.38 -43.53 4.30
N ASP B 3488 -24.70 -43.43 3.02
CA ASP B 3488 -25.96 -43.94 2.48
C ASP B 3488 -25.84 -44.20 0.99
N PRO B 3489 -25.65 -45.47 0.60
CA PRO B 3489 -25.48 -45.78 -0.83
C PRO B 3489 -26.74 -45.64 -1.66
N SER B 3490 -27.90 -45.98 -1.10
CA SER B 3490 -29.18 -45.86 -1.80
C SER B 3490 -30.08 -44.95 -0.96
N SER B 3491 -30.80 -44.04 -1.62
CA SER B 3491 -31.16 -42.78 -0.97
C SER B 3491 -32.43 -42.85 -0.14
N GLN B 3492 -32.84 -44.04 0.32
CA GLN B 3492 -34.12 -44.19 1.01
C GLN B 3492 -34.14 -43.49 2.36
N ALA B 3493 -33.06 -43.61 3.13
CA ALA B 3493 -33.04 -43.01 4.46
C ALA B 3493 -33.04 -41.49 4.37
N THR B 3494 -32.37 -40.96 3.35
CA THR B 3494 -32.41 -39.52 3.12
C THR B 3494 -33.79 -39.06 2.70
N GLU B 3495 -34.48 -39.84 1.85
CA GLU B 3495 -35.86 -39.52 1.49
C GLU B 3495 -36.77 -39.53 2.71
N TRP B 3496 -36.53 -40.46 3.63
CA TRP B 3496 -37.32 -40.53 4.86
C TRP B 3496 -37.08 -39.34 5.77
N LEU B 3497 -35.82 -38.93 5.91
CA LEU B 3497 -35.49 -37.83 6.80
C LEU B 3497 -36.02 -36.51 6.26
N LYS B 3498 -35.92 -36.31 4.94
CA LYS B 3498 -36.49 -35.09 4.37
C LYS B 3498 -37.97 -35.26 4.09
N THR B 3499 -38.53 -36.41 4.43
CA THR B 3499 -39.99 -36.52 4.50
C THR B 3499 -40.51 -36.07 5.85
N HIS B 3500 -39.96 -36.61 6.95
CA HIS B 3500 -40.57 -36.29 8.23
C HIS B 3500 -39.94 -35.06 8.86
N LEU B 3501 -39.02 -34.41 8.15
CA LEU B 3501 -38.69 -33.04 8.53
C LEU B 3501 -39.42 -32.04 7.64
N LYS B 3502 -40.65 -32.34 7.26
CA LYS B 3502 -41.41 -31.43 6.41
C LYS B 3502 -41.88 -30.20 7.18
N ASP B 3503 -42.22 -30.37 8.46
CA ASP B 3503 -42.95 -29.38 9.23
C ASP B 3503 -42.18 -28.10 9.50
N SER B 3504 -40.91 -28.19 9.90
CA SER B 3504 -40.10 -27.01 10.14
C SER B 3504 -39.62 -26.45 8.81
N ARG B 3505 -38.82 -25.39 8.89
CA ARG B 3505 -38.32 -24.77 7.68
C ARG B 3505 -37.24 -25.64 7.07
N LEU B 3506 -37.18 -25.70 5.74
CA LEU B 3506 -36.21 -26.60 5.14
C LEU B 3506 -35.75 -26.04 3.81
N GLU B 3507 -34.46 -26.22 3.53
CA GLU B 3507 -33.95 -26.16 2.17
C GLU B 3507 -32.94 -27.28 2.00
N VAL B 3508 -32.96 -27.87 0.82
CA VAL B 3508 -32.06 -28.96 0.48
C VAL B 3508 -31.23 -28.52 -0.73
N ILE B 3509 -29.91 -28.66 -0.61
CA ILE B 3509 -28.98 -28.20 -1.65
C ILE B 3509 -27.98 -29.28 -2.02
N ASN B 3510 -27.42 -29.18 -3.23
CA ASN B 3510 -26.41 -30.11 -3.72
C ASN B 3510 -25.03 -29.56 -3.40
N GLN B 3511 -24.04 -30.45 -3.41
CA GLN B 3511 -22.67 -30.03 -3.12
C GLN B 3511 -22.08 -29.20 -4.25
N GLN B 3512 -21.97 -29.79 -5.44
CA GLN B 3512 -21.43 -29.08 -6.60
C GLN B 3512 -22.57 -28.25 -7.17
N ASP B 3513 -22.89 -27.16 -6.50
CA ASP B 3513 -24.03 -26.36 -6.89
C ASP B 3513 -23.54 -24.93 -7.01
N SER B 3514 -24.20 -24.16 -7.87
CA SER B 3514 -23.69 -22.83 -8.20
C SER B 3514 -23.95 -21.84 -7.07
N ASN B 3515 -25.07 -21.97 -6.37
CA ASN B 3515 -25.47 -21.03 -5.35
C ASN B 3515 -25.22 -21.52 -3.95
N PHE B 3516 -24.09 -22.18 -3.70
CA PHE B 3516 -23.90 -22.88 -2.44
C PHE B 3516 -23.74 -21.92 -1.28
N ILE B 3517 -22.84 -20.95 -1.40
CA ILE B 3517 -22.48 -20.14 -0.25
C ILE B 3517 -23.56 -19.10 0.03
N THR B 3518 -24.25 -18.62 -1.01
CA THR B 3518 -25.37 -17.70 -0.85
C THR B 3518 -26.52 -18.34 -0.08
N ALA B 3519 -26.91 -19.55 -0.50
CA ALA B 3519 -27.96 -20.27 0.20
C ALA B 3519 -27.52 -20.70 1.58
N LEU B 3520 -26.21 -20.93 1.76
CA LEU B 3520 -25.70 -21.23 3.09
C LEU B 3520 -25.82 -20.04 4.02
N GLU B 3521 -25.57 -18.84 3.48
CA GLU B 3521 -25.76 -17.62 4.25
C GLU B 3521 -27.21 -17.40 4.63
N LEU B 3522 -28.13 -17.68 3.71
CA LEU B 3522 -29.55 -17.54 4.02
C LEU B 3522 -30.00 -18.57 5.06
N ALA B 3523 -29.41 -19.77 5.00
CA ALA B 3523 -29.79 -20.80 5.95
C ALA B 3523 -29.21 -20.54 7.33
N VAL B 3524 -28.08 -19.85 7.42
CA VAL B 3524 -27.57 -19.49 8.74
C VAL B 3524 -28.37 -18.31 9.31
N ARG B 3525 -28.78 -17.38 8.44
CA ARG B 3525 -29.49 -16.20 8.95
C ARG B 3525 -30.93 -16.53 9.34
N PHE B 3526 -31.73 -17.08 8.42
CA PHE B 3526 -33.15 -17.24 8.67
C PHE B 3526 -33.49 -18.33 9.68
N GLY B 3527 -32.53 -19.16 10.08
CA GLY B 3527 -32.82 -20.23 11.01
C GLY B 3527 -33.44 -21.46 10.39
N LYS B 3528 -32.96 -21.87 9.22
CA LYS B 3528 -33.54 -23.00 8.52
C LYS B 3528 -33.08 -24.31 9.15
N THR B 3529 -33.64 -25.41 8.66
CA THR B 3529 -33.06 -26.72 8.89
C THR B 3529 -32.55 -27.27 7.56
N LEU B 3530 -31.24 -27.54 7.50
CA LEU B 3530 -30.53 -27.63 6.24
C LEU B 3530 -30.05 -29.05 6.00
N ILE B 3531 -30.24 -29.51 4.76
CA ILE B 3531 -29.83 -30.84 4.35
C ILE B 3531 -29.01 -30.71 3.08
N ILE B 3532 -27.82 -31.32 3.08
CA ILE B 3532 -26.90 -31.23 1.96
C ILE B 3532 -26.77 -32.59 1.30
N GLN B 3533 -26.88 -32.63 -0.02
CA GLN B 3533 -27.01 -33.88 -0.76
C GLN B 3533 -25.69 -34.61 -1.00
N GLU B 3534 -24.82 -34.05 -1.82
CA GLU B 3534 -23.84 -34.87 -2.52
C GLU B 3534 -22.43 -34.71 -1.98
N MET B 3535 -22.28 -34.67 -0.65
CA MET B 3535 -21.02 -34.35 0.03
C MET B 3535 -19.96 -35.38 -0.31
N ASP B 3536 -18.77 -34.87 -0.63
CA ASP B 3536 -17.67 -35.76 -0.97
C ASP B 3536 -16.67 -35.83 0.17
N GLY B 3537 -16.97 -35.16 1.28
CA GLY B 3537 -16.13 -35.20 2.45
C GLY B 3537 -16.49 -34.13 3.46
N VAL B 3538 -15.49 -33.49 4.04
CA VAL B 3538 -15.73 -32.35 4.91
C VAL B 3538 -15.20 -31.10 4.22
N GLU B 3539 -16.08 -30.17 3.91
CA GLU B 3539 -15.72 -28.93 3.21
C GLU B 3539 -14.76 -28.11 4.04
N PRO B 3540 -13.90 -27.30 3.41
CA PRO B 3540 -13.02 -26.43 4.20
C PRO B 3540 -13.79 -25.30 4.86
N VAL B 3541 -14.83 -24.82 4.19
CA VAL B 3541 -15.65 -23.70 4.66
C VAL B 3541 -16.35 -24.02 5.97
N LEU B 3542 -16.81 -25.25 6.14
CA LEU B 3542 -17.76 -25.57 7.18
C LEU B 3542 -17.10 -25.95 8.50
N TYR B 3543 -15.90 -25.51 8.78
CA TYR B 3543 -15.26 -25.88 10.05
C TYR B 3543 -15.67 -25.07 11.28
N PRO B 3544 -15.74 -23.73 11.28
CA PRO B 3544 -16.18 -23.08 12.52
C PRO B 3544 -17.68 -23.20 12.77
N LEU B 3545 -18.46 -23.40 11.71
CA LEU B 3545 -19.89 -23.63 11.87
C LEU B 3545 -20.15 -25.01 12.48
N LEU B 3546 -19.36 -26.00 12.09
CA LEU B 3546 -19.47 -27.33 12.70
C LEU B 3546 -18.93 -27.33 14.12
N ARG B 3547 -17.90 -26.54 14.38
CA ARG B 3547 -17.50 -26.29 15.75
C ARG B 3547 -18.40 -25.23 16.37
N ARG B 3548 -17.95 -24.72 17.51
CA ARG B 3548 -18.61 -23.57 18.14
C ARG B 3548 -17.69 -22.35 18.12
N ASP B 3549 -18.04 -21.40 17.25
CA ASP B 3549 -17.28 -20.17 17.09
C ASP B 3549 -18.24 -18.98 17.07
N LEU B 3550 -18.60 -18.50 18.26
CA LEU B 3550 -19.67 -17.53 18.38
C LEU B 3550 -19.22 -16.29 19.15
N VAL B 3551 -18.78 -15.28 18.43
CA VAL B 3551 -18.43 -13.99 19.01
C VAL B 3551 -19.71 -13.21 19.24
N ALA B 3552 -19.83 -12.56 20.40
CA ALA B 3552 -21.07 -11.92 20.81
C ALA B 3552 -21.10 -10.47 20.35
N GLN B 3553 -22.28 -10.00 19.94
CA GLN B 3553 -22.55 -8.61 19.61
C GLN B 3553 -23.74 -8.18 20.47
N GLY B 3554 -23.47 -7.82 21.72
CA GLY B 3554 -24.53 -7.53 22.64
C GLY B 3554 -25.28 -8.79 23.06
N PRO B 3555 -26.54 -8.93 22.64
CA PRO B 3555 -27.29 -10.13 23.03
C PRO B 3555 -27.11 -11.31 22.09
N ARG B 3556 -26.74 -11.07 20.83
CA ARG B 3556 -26.67 -12.14 19.85
C ARG B 3556 -25.26 -12.70 19.72
N TYR B 3557 -25.08 -13.51 18.70
CA TYR B 3557 -23.81 -14.16 18.41
C TYR B 3557 -23.60 -14.16 16.91
N VAL B 3558 -22.36 -13.99 16.48
CA VAL B 3558 -22.03 -14.09 15.07
C VAL B 3558 -20.97 -15.17 14.88
N VAL B 3559 -20.92 -15.71 13.66
CA VAL B 3559 -20.09 -16.85 13.33
C VAL B 3559 -19.46 -16.56 11.97
N GLN B 3560 -18.25 -17.07 11.77
CA GLN B 3560 -17.45 -16.77 10.59
C GLN B 3560 -17.76 -17.75 9.47
N ILE B 3561 -18.11 -17.22 8.29
CA ILE B 3561 -18.23 -18.02 7.08
C ILE B 3561 -17.40 -17.31 6.01
N GLY B 3562 -16.16 -17.74 5.85
CA GLY B 3562 -15.30 -17.11 4.86
C GLY B 3562 -14.90 -15.71 5.26
N ASP B 3563 -15.48 -14.72 4.58
CA ASP B 3563 -15.14 -13.33 4.86
C ASP B 3563 -16.27 -12.61 5.58
N LYS B 3564 -17.50 -13.08 5.42
CA LYS B 3564 -18.64 -12.36 5.97
C LYS B 3564 -18.72 -12.54 7.49
N ILE B 3565 -19.53 -11.70 8.12
CA ILE B 3565 -19.87 -11.83 9.52
C ILE B 3565 -21.38 -11.99 9.60
N ILE B 3566 -21.84 -13.13 10.13
CA ILE B 3566 -23.22 -13.56 9.95
C ILE B 3566 -23.83 -13.97 11.28
N ASP B 3567 -25.05 -13.51 11.54
CA ASP B 3567 -25.77 -13.81 12.76
C ASP B 3567 -26.17 -15.27 12.83
N TYR B 3568 -25.82 -15.93 13.92
CA TYR B 3568 -26.11 -17.34 14.14
C TYR B 3568 -27.49 -17.46 14.78
N ASN B 3569 -28.49 -17.76 13.96
CA ASN B 3569 -29.86 -17.92 14.44
C ASN B 3569 -29.93 -19.18 15.31
N GLU B 3570 -30.77 -19.14 16.35
CA GLU B 3570 -30.83 -20.25 17.28
C GLU B 3570 -31.58 -21.45 16.74
N GLU B 3571 -32.24 -21.32 15.59
CA GLU B 3571 -32.95 -22.44 15.00
C GLU B 3571 -32.14 -23.12 13.92
N PHE B 3572 -30.84 -23.28 14.11
CA PHE B 3572 -29.98 -23.79 13.06
C PHE B 3572 -29.70 -25.27 13.27
N ARG B 3573 -30.14 -26.09 12.30
CA ARG B 3573 -29.97 -27.52 12.32
C ARG B 3573 -29.45 -27.98 10.97
N LEU B 3574 -28.34 -28.70 10.97
CA LEU B 3574 -27.64 -29.03 9.75
C LEU B 3574 -27.40 -30.53 9.64
N PHE B 3575 -27.90 -31.10 8.56
CA PHE B 3575 -27.71 -32.50 8.19
C PHE B 3575 -27.06 -32.54 6.82
N LEU B 3576 -26.38 -33.64 6.50
CA LEU B 3576 -25.77 -33.75 5.18
C LEU B 3576 -25.56 -35.21 4.80
N SER B 3577 -25.84 -35.51 3.54
CA SER B 3577 -25.86 -36.87 3.02
C SER B 3577 -24.58 -37.17 2.26
N THR B 3578 -24.37 -38.45 1.96
CA THR B 3578 -23.13 -38.92 1.34
C THR B 3578 -23.45 -40.17 0.54
N ARG B 3579 -22.81 -40.32 -0.62
CA ARG B 3579 -23.10 -41.42 -1.54
C ARG B 3579 -21.99 -42.45 -1.63
N ASN B 3580 -20.98 -42.35 -0.83
CA ASN B 3580 -19.88 -43.30 -0.94
C ASN B 3580 -19.18 -43.38 0.41
N PRO B 3581 -19.12 -44.58 1.05
CA PRO B 3581 -18.56 -44.68 2.42
C PRO B 3581 -17.13 -44.22 2.55
N ASN B 3582 -16.36 -44.41 1.50
CA ASN B 3582 -15.09 -43.74 1.40
C ASN B 3582 -14.98 -43.17 -0.01
N PRO B 3583 -14.79 -41.84 -0.17
CA PRO B 3583 -14.42 -40.62 0.58
C PRO B 3583 -15.37 -40.13 1.71
N PHE B 3584 -15.03 -39.16 2.60
CA PHE B 3584 -13.70 -38.59 2.95
C PHE B 3584 -13.70 -37.96 4.35
N ILE B 3585 -13.00 -38.55 5.31
CA ILE B 3585 -12.76 -37.85 6.57
C ILE B 3585 -11.27 -37.88 6.90
N PRO B 3586 -10.71 -36.76 7.34
CA PRO B 3586 -9.43 -36.80 8.03
C PRO B 3586 -9.63 -37.21 9.47
N PRO B 3587 -8.57 -37.42 10.25
CA PRO B 3587 -8.78 -37.65 11.69
C PRO B 3587 -8.98 -36.38 12.50
N ASP B 3588 -9.24 -35.25 11.85
CA ASP B 3588 -9.52 -34.02 12.57
C ASP B 3588 -10.99 -33.64 12.46
N ALA B 3589 -11.59 -33.88 11.30
CA ALA B 3589 -13.01 -33.61 11.13
C ALA B 3589 -13.87 -34.83 11.37
N ALA B 3590 -13.39 -35.76 12.20
CA ALA B 3590 -14.20 -36.93 12.54
C ALA B 3590 -14.38 -37.03 14.05
N SER B 3591 -13.67 -36.20 14.80
CA SER B 3591 -13.88 -36.17 16.24
C SER B 3591 -14.94 -35.15 16.62
N ILE B 3592 -15.49 -34.44 15.65
CA ILE B 3592 -16.60 -33.53 15.90
C ILE B 3592 -17.85 -33.96 15.15
N VAL B 3593 -17.73 -34.83 14.16
CA VAL B 3593 -18.86 -35.23 13.33
C VAL B 3593 -19.14 -36.70 13.55
N THR B 3594 -20.36 -37.01 13.97
CA THR B 3594 -20.74 -38.40 14.27
C THR B 3594 -21.31 -39.02 13.00
N GLU B 3595 -20.84 -40.23 12.70
CA GLU B 3595 -20.93 -40.82 11.38
C GLU B 3595 -21.89 -42.02 11.42
N VAL B 3596 -22.81 -42.07 10.47
CA VAL B 3596 -23.85 -43.09 10.43
C VAL B 3596 -23.83 -43.77 9.07
N ASN B 3597 -23.72 -45.10 9.09
CA ASN B 3597 -23.59 -45.89 7.86
C ASN B 3597 -24.80 -46.78 7.65
N PHE B 3598 -25.72 -46.30 6.82
CA PHE B 3598 -26.75 -47.13 6.19
C PHE B 3598 -26.05 -48.24 5.43
N THR B 3599 -26.39 -49.49 5.75
CA THR B 3599 -25.73 -50.64 5.13
C THR B 3599 -26.78 -51.73 4.92
N THR B 3600 -26.62 -52.52 3.86
CA THR B 3600 -27.45 -53.68 3.66
C THR B 3600 -26.81 -54.85 4.38
N THR B 3601 -27.56 -55.45 5.30
CA THR B 3601 -27.08 -56.59 6.08
C THR B 3601 -27.88 -57.83 5.75
N ARG B 3602 -27.57 -58.90 6.47
CA ARG B 3602 -28.06 -60.23 6.10
C ARG B 3602 -29.56 -60.37 6.33
N SER B 3603 -30.00 -60.10 7.56
CA SER B 3603 -31.37 -60.32 7.97
C SER B 3603 -32.35 -59.38 7.28
N GLY B 3604 -31.86 -58.23 6.82
CA GLY B 3604 -32.73 -57.32 6.12
C GLY B 3604 -32.92 -57.74 4.68
N LEU B 3605 -31.81 -58.13 4.06
CA LEU B 3605 -31.83 -58.53 2.66
C LEU B 3605 -32.62 -59.80 2.47
N ARG B 3606 -32.60 -60.69 3.47
CA ARG B 3606 -33.43 -61.89 3.47
C ARG B 3606 -34.91 -61.54 3.36
N GLY B 3607 -35.38 -60.64 4.21
CA GLY B 3607 -36.77 -60.23 4.16
C GLY B 3607 -37.12 -59.48 2.91
N GLN B 3608 -36.17 -58.70 2.37
CA GLN B 3608 -36.39 -58.00 1.11
C GLN B 3608 -36.67 -58.99 -0.02
N LEU B 3609 -35.79 -59.97 -0.19
CA LEU B 3609 -35.99 -60.94 -1.26
C LEU B 3609 -37.19 -61.83 -0.99
N LEU B 3610 -37.52 -62.05 0.28
CA LEU B 3610 -38.71 -62.81 0.62
C LEU B 3610 -39.98 -62.09 0.19
N ALA B 3611 -39.99 -60.77 0.37
CA ALA B 3611 -41.15 -59.98 -0.05
C ALA B 3611 -41.24 -59.90 -1.58
N LEU B 3612 -40.09 -59.86 -2.25
CA LEU B 3612 -40.10 -59.89 -3.71
C LEU B 3612 -40.64 -61.21 -4.23
N THR B 3613 -40.24 -62.33 -3.61
CA THR B 3613 -40.75 -63.64 -4.03
C THR B 3613 -42.23 -63.78 -3.73
N ILE B 3614 -42.71 -63.22 -2.62
CA ILE B 3614 -44.14 -63.27 -2.31
C ILE B 3614 -44.92 -62.45 -3.32
N GLN B 3615 -44.39 -61.28 -3.71
CA GLN B 3615 -45.07 -60.47 -4.70
C GLN B 3615 -45.00 -61.08 -6.09
N HIS B 3616 -44.04 -61.96 -6.34
CA HIS B 3616 -43.96 -62.53 -7.68
C HIS B 3616 -44.57 -63.92 -7.75
N GLU B 3617 -44.92 -64.52 -6.61
CA GLU B 3617 -45.65 -65.78 -6.64
C GLU B 3617 -47.12 -65.53 -6.98
N LYS B 3618 -47.82 -64.76 -6.15
CA LYS B 3618 -49.22 -64.46 -6.41
C LYS B 3618 -49.52 -63.08 -5.82
N PRO B 3619 -50.21 -62.22 -6.56
CA PRO B 3619 -50.44 -60.85 -6.06
C PRO B 3619 -51.47 -60.77 -4.96
N ASP B 3620 -52.34 -61.78 -4.84
CA ASP B 3620 -53.44 -61.73 -3.87
C ASP B 3620 -52.90 -61.86 -2.45
N LEU B 3621 -51.95 -62.76 -2.23
CA LEU B 3621 -51.34 -62.91 -0.91
C LEU B 3621 -50.56 -61.67 -0.52
N GLU B 3622 -49.94 -61.01 -1.51
CA GLU B 3622 -49.21 -59.78 -1.25
C GLU B 3622 -50.14 -58.64 -0.85
N GLU B 3623 -51.25 -58.48 -1.60
CA GLU B 3623 -52.22 -57.44 -1.28
C GLU B 3623 -52.88 -57.69 0.07
N GLN B 3624 -53.11 -58.96 0.41
CA GLN B 3624 -53.71 -59.30 1.69
C GLN B 3624 -52.76 -59.02 2.84
N LYS B 3625 -51.49 -59.40 2.70
CA LYS B 3625 -50.52 -59.18 3.77
C LYS B 3625 -50.18 -57.70 3.91
N THR B 3626 -50.40 -56.92 2.84
CA THR B 3626 -50.23 -55.48 2.95
C THR B 3626 -51.41 -54.84 3.68
N LYS B 3627 -52.63 -55.17 3.26
CA LYS B 3627 -53.82 -54.51 3.79
C LYS B 3627 -54.04 -54.89 5.25
N LEU B 3628 -53.77 -56.15 5.62
CA LEU B 3628 -53.94 -56.59 6.99
C LEU B 3628 -52.96 -55.90 7.94
N LEU B 3629 -51.70 -55.75 7.50
CA LEU B 3629 -50.70 -55.07 8.33
C LEU B 3629 -50.99 -53.58 8.47
N GLN B 3630 -51.44 -52.94 7.38
CA GLN B 3630 -51.78 -51.52 7.45
C GLN B 3630 -52.98 -51.26 8.36
N GLN B 3631 -54.01 -52.12 8.26
CA GLN B 3631 -55.16 -51.98 9.14
C GLN B 3631 -54.80 -52.29 10.59
N GLU B 3632 -53.88 -53.23 10.83
CA GLU B 3632 -53.42 -53.52 12.18
C GLU B 3632 -52.65 -52.35 12.78
N GLU B 3633 -51.84 -51.68 11.96
CA GLU B 3633 -51.10 -50.52 12.45
C GLU B 3633 -52.03 -49.35 12.75
N ASP B 3634 -52.99 -49.10 11.86
CA ASP B 3634 -53.94 -48.01 12.08
C ASP B 3634 -54.82 -48.28 13.29
N LYS B 3635 -55.17 -49.55 13.50
CA LYS B 3635 -55.93 -49.91 14.69
C LYS B 3635 -55.10 -49.76 15.96
N LYS B 3636 -53.80 -50.05 15.90
CA LYS B 3636 -52.95 -49.87 17.06
C LYS B 3636 -52.81 -48.39 17.43
N ILE B 3637 -52.67 -47.54 16.41
CA ILE B 3637 -52.55 -46.09 16.65
C ILE B 3637 -53.85 -45.53 17.19
N GLN B 3638 -54.99 -45.97 16.64
CA GLN B 3638 -56.28 -45.49 17.15
C GLN B 3638 -56.58 -46.04 18.53
N LEU B 3639 -56.07 -47.23 18.86
CA LEU B 3639 -56.26 -47.77 20.20
C LEU B 3639 -55.45 -47.00 21.23
N ALA B 3640 -54.23 -46.59 20.85
CA ALA B 3640 -53.45 -45.71 21.71
C ALA B 3640 -54.11 -44.35 21.87
N LYS B 3641 -54.74 -43.84 20.80
CA LYS B 3641 -55.45 -42.57 20.89
C LYS B 3641 -56.68 -42.67 21.78
N LEU B 3642 -57.41 -43.79 21.73
CA LEU B 3642 -58.60 -43.94 22.56
C LEU B 3642 -58.22 -44.18 24.01
N GLU B 3643 -57.11 -44.87 24.27
CA GLU B 3643 -56.61 -45.02 25.63
C GLU B 3643 -55.83 -43.80 26.10
N GLU B 3644 -55.65 -42.80 25.23
CA GLU B 3644 -54.97 -41.58 25.64
C GLU B 3644 -55.92 -40.60 26.33
N SER B 3645 -57.20 -40.95 26.45
CA SER B 3645 -58.12 -40.09 27.20
C SER B 3645 -58.33 -40.62 28.61
N LEU B 3646 -57.58 -41.65 28.99
CA LEU B 3646 -57.77 -42.27 30.30
C LEU B 3646 -57.20 -41.40 31.41
N LEU B 3647 -56.21 -40.57 31.08
CA LEU B 3647 -55.72 -39.60 32.05
C LEU B 3647 -56.73 -38.47 32.24
N GLU B 3648 -57.43 -38.12 31.16
CA GLU B 3648 -58.47 -37.09 31.25
C GLU B 3648 -59.66 -37.59 32.06
N THR B 3649 -60.05 -38.85 31.84
CA THR B 3649 -61.19 -39.42 32.57
C THR B 3649 -60.85 -39.69 34.03
N LEU B 3650 -59.56 -39.78 34.35
CA LEU B 3650 -59.17 -39.99 35.74
C LEU B 3650 -59.02 -38.66 36.47
N ALA B 3651 -58.21 -37.75 35.95
CA ALA B 3651 -57.93 -36.51 36.64
C ALA B 3651 -58.01 -35.30 35.71
N THR B 3652 -59.09 -35.17 34.94
CA THR B 3652 -59.24 -34.00 34.08
C THR B 3652 -59.49 -32.74 34.91
N SER B 3653 -60.21 -32.89 36.02
CA SER B 3653 -60.45 -31.79 36.96
C SER B 3653 -60.30 -32.22 38.41
N GLN B 3654 -60.41 -33.52 38.69
CA GLN B 3654 -60.40 -34.17 40.00
C GLN B 3654 -61.49 -33.61 40.92
N GLY B 3655 -62.72 -33.48 40.44
CA GLY B 3655 -63.80 -32.96 41.25
C GLY B 3655 -65.14 -33.18 40.57
N ASN B 3656 -66.11 -33.63 41.37
CA ASN B 3656 -67.47 -33.97 40.91
C ASN B 3656 -67.45 -35.03 39.81
N ILE B 3657 -66.59 -36.03 39.99
CA ILE B 3657 -66.44 -37.07 38.97
C ILE B 3657 -67.65 -38.00 38.98
N LEU B 3658 -68.34 -38.10 40.12
CA LEU B 3658 -69.58 -38.87 40.17
C LEU B 3658 -70.76 -38.02 39.75
N GLU B 3659 -70.56 -36.72 39.60
CA GLU B 3659 -71.68 -35.82 39.32
C GLU B 3659 -71.85 -35.57 37.84
N ASN B 3660 -70.80 -35.06 37.19
CA ASN B 3660 -70.91 -34.67 35.78
C ASN B 3660 -70.98 -35.90 34.88
N LYS B 3661 -71.32 -35.66 33.61
CA LYS B 3661 -71.47 -36.76 32.66
C LYS B 3661 -70.17 -37.10 31.95
N ASP B 3662 -69.03 -36.56 32.44
CA ASP B 3662 -67.74 -36.98 31.92
C ASP B 3662 -67.47 -38.44 32.24
N LEU B 3663 -67.93 -38.90 33.41
CA LEU B 3663 -67.83 -40.32 33.75
C LEU B 3663 -68.79 -41.15 32.90
N ILE B 3664 -69.87 -40.52 32.41
CA ILE B 3664 -70.76 -41.22 31.50
C ILE B 3664 -70.13 -41.37 30.12
N GLU B 3665 -69.44 -40.34 29.64
CA GLU B 3665 -68.76 -40.44 28.35
C GLU B 3665 -67.53 -41.34 28.44
N SER B 3666 -66.94 -41.43 29.63
CA SER B 3666 -65.81 -42.35 29.85
C SER B 3666 -66.25 -43.81 29.72
N LEU B 3667 -67.49 -44.12 30.08
CA LEU B 3667 -68.00 -45.48 29.92
C LEU B 3667 -68.11 -45.84 28.44
N ASN B 3668 -68.58 -44.90 27.63
CA ASN B 3668 -68.68 -45.12 26.18
C ASN B 3668 -67.29 -45.24 25.54
N GLN B 3669 -66.34 -44.41 25.99
CA GLN B 3669 -64.98 -44.52 25.47
C GLN B 3669 -64.31 -45.84 25.85
N THR B 3670 -64.50 -46.30 27.10
CA THR B 3670 -63.91 -47.57 27.51
C THR B 3670 -64.60 -48.74 26.83
N LYS B 3671 -65.89 -48.60 26.52
CA LYS B 3671 -66.58 -49.61 25.73
C LYS B 3671 -66.00 -49.72 24.33
N ALA B 3672 -65.72 -48.56 23.70
CA ALA B 3672 -65.08 -48.55 22.40
C ALA B 3672 -63.68 -49.15 22.46
N SER B 3673 -62.96 -48.89 23.56
CA SER B 3673 -61.62 -49.44 23.73
C SER B 3673 -61.64 -50.95 23.87
N SER B 3674 -62.59 -51.48 24.65
CA SER B 3674 -62.68 -52.93 24.82
C SER B 3674 -63.12 -53.61 23.53
N ALA B 3675 -64.00 -52.95 22.76
CA ALA B 3675 -64.43 -53.49 21.47
C ALA B 3675 -63.28 -53.55 20.49
N LEU B 3676 -62.49 -52.48 20.41
CA LEU B 3676 -61.34 -52.48 19.50
C LEU B 3676 -60.27 -53.46 19.96
N ILE B 3677 -60.14 -53.68 21.28
CA ILE B 3677 -59.12 -54.59 21.79
C ILE B 3677 -59.47 -56.04 21.45
N GLN B 3678 -60.75 -56.42 21.65
CA GLN B 3678 -61.18 -57.76 21.28
C GLN B 3678 -61.15 -57.96 19.77
N GLU B 3679 -61.48 -56.91 19.01
CA GLU B 3679 -61.44 -57.00 17.55
C GLU B 3679 -60.00 -57.15 17.06
N SER B 3680 -59.05 -56.49 17.72
CA SER B 3680 -57.66 -56.63 17.31
C SER B 3680 -57.08 -57.98 17.73
N LEU B 3681 -57.57 -58.54 18.83
CA LEU B 3681 -57.17 -59.91 19.19
C LEU B 3681 -57.66 -60.91 18.15
N LYS B 3682 -58.93 -60.76 17.72
CA LYS B 3682 -59.46 -61.65 16.69
C LYS B 3682 -58.77 -61.43 15.35
N GLU B 3683 -58.37 -60.18 15.06
CA GLU B 3683 -57.68 -59.91 13.79
C GLU B 3683 -56.26 -60.44 13.80
N SER B 3684 -55.54 -60.30 14.92
CA SER B 3684 -54.18 -60.84 15.00
C SER B 3684 -54.19 -62.36 15.04
N TYR B 3685 -55.30 -62.96 15.47
CA TYR B 3685 -55.46 -64.39 15.27
C TYR B 3685 -55.81 -64.73 13.83
N LYS B 3686 -56.53 -63.83 13.15
CA LYS B 3686 -57.02 -64.15 11.80
C LYS B 3686 -56.05 -63.69 10.73
N LEU B 3687 -54.78 -63.49 11.09
CA LEU B 3687 -53.79 -63.10 10.09
C LEU B 3687 -52.51 -63.93 10.22
N GLN B 3688 -52.28 -64.50 11.41
CA GLN B 3688 -51.02 -65.17 11.72
C GLN B 3688 -50.78 -66.39 10.85
N ILE B 3689 -51.62 -67.41 10.99
CA ILE B 3689 -51.45 -68.63 10.20
C ILE B 3689 -51.93 -68.42 8.78
N SER B 3690 -52.75 -67.39 8.56
CA SER B 3690 -53.19 -67.08 7.20
C SER B 3690 -52.08 -66.41 6.40
N LEU B 3691 -51.10 -65.84 7.09
CA LEU B 3691 -49.96 -65.27 6.38
C LEU B 3691 -48.75 -66.20 6.41
N ASP B 3692 -48.64 -67.05 7.44
CA ASP B 3692 -47.46 -67.90 7.59
C ASP B 3692 -47.41 -68.96 6.51
N GLN B 3693 -48.56 -69.54 6.17
CA GLN B 3693 -48.57 -70.65 5.21
C GLN B 3693 -48.54 -70.14 3.77
N GLU B 3694 -48.78 -68.84 3.58
CA GLU B 3694 -48.70 -68.29 2.23
C GLU B 3694 -47.45 -67.44 2.07
N ARG B 3695 -46.70 -67.24 3.16
CA ARG B 3695 -45.47 -66.47 3.08
C ARG B 3695 -44.25 -67.37 3.24
N ASP B 3696 -44.39 -68.50 3.94
CA ASP B 3696 -43.25 -69.36 4.19
C ASP B 3696 -42.96 -70.31 3.04
N ALA B 3697 -43.56 -70.09 1.87
CA ALA B 3697 -43.29 -70.95 0.72
C ALA B 3697 -42.28 -70.31 -0.22
N TYR B 3698 -41.43 -69.44 0.31
CA TYR B 3698 -40.41 -68.83 -0.52
C TYR B 3698 -39.06 -68.69 0.17
N LEU B 3699 -39.00 -68.86 1.49
CA LEU B 3699 -37.75 -68.55 2.20
C LEU B 3699 -36.57 -69.49 1.95
N PRO B 3700 -36.71 -70.78 1.58
CA PRO B 3700 -35.51 -71.50 1.14
C PRO B 3700 -34.94 -71.02 -0.19
N LEU B 3701 -35.66 -70.18 -0.93
CA LEU B 3701 -35.05 -69.50 -2.07
C LEU B 3701 -34.26 -68.29 -1.58
N ALA B 3702 -34.88 -67.47 -0.72
CA ALA B 3702 -34.30 -66.20 -0.32
C ALA B 3702 -33.09 -66.39 0.59
N GLU B 3703 -33.01 -67.52 1.28
CA GLU B 3703 -31.86 -67.79 2.15
C GLU B 3703 -30.58 -67.93 1.34
N SER B 3704 -30.57 -68.80 0.34
CA SER B 3704 -29.37 -68.92 -0.46
C SER B 3704 -29.20 -67.74 -1.43
N ALA B 3705 -30.30 -67.06 -1.81
CA ALA B 3705 -30.12 -65.84 -2.60
C ALA B 3705 -29.50 -64.72 -1.78
N SER B 3706 -29.66 -64.75 -0.46
CA SER B 3706 -28.92 -63.83 0.40
C SER B 3706 -27.51 -64.32 0.65
N LYS B 3707 -27.26 -65.61 0.46
CA LYS B 3707 -25.89 -66.10 0.56
C LYS B 3707 -25.05 -65.63 -0.61
N MET B 3708 -25.62 -65.65 -1.82
CA MET B 3708 -24.83 -65.44 -3.04
C MET B 3708 -24.31 -64.02 -3.17
N TYR B 3709 -25.06 -63.03 -2.68
CA TYR B 3709 -24.59 -61.65 -2.78
C TYR B 3709 -23.39 -61.41 -1.88
N PHE B 3710 -23.41 -61.97 -0.68
CA PHE B 3710 -22.25 -61.80 0.19
C PHE B 3710 -21.10 -62.70 -0.21
N ILE B 3711 -21.35 -63.72 -1.03
CA ILE B 3711 -20.25 -64.39 -1.72
C ILE B 3711 -19.58 -63.44 -2.70
N ILE B 3712 -20.37 -62.83 -3.59
CA ILE B 3712 -19.76 -62.05 -4.67
C ILE B 3712 -19.37 -60.64 -4.22
N SER B 3713 -19.59 -60.30 -2.95
CA SER B 3713 -19.14 -58.99 -2.47
C SER B 3713 -17.63 -58.96 -2.28
N ASP B 3714 -17.01 -60.06 -1.86
CA ASP B 3714 -15.61 -60.02 -1.49
C ASP B 3714 -14.68 -60.28 -2.67
N LEU B 3715 -15.14 -60.00 -3.88
CA LEU B 3715 -14.33 -60.32 -5.05
C LEU B 3715 -13.39 -59.16 -5.38
N SER B 3716 -13.61 -57.99 -4.77
CA SER B 3716 -12.78 -56.83 -5.08
C SER B 3716 -11.45 -56.88 -4.36
N LYS B 3717 -11.31 -57.71 -3.33
CA LYS B 3717 -10.16 -57.57 -2.45
C LYS B 3717 -8.93 -58.31 -2.97
N ILE B 3718 -8.98 -58.82 -4.19
CA ILE B 3718 -7.76 -59.30 -4.83
C ILE B 3718 -7.45 -58.50 -6.08
N ASN B 3719 -8.46 -58.12 -6.84
CA ASN B 3719 -8.28 -57.32 -8.04
C ASN B 3719 -9.29 -56.20 -7.98
N ASN B 3720 -8.82 -54.98 -8.23
CA ASN B 3720 -9.73 -53.86 -8.24
C ASN B 3720 -10.53 -53.88 -9.54
N MET B 3721 -11.60 -53.10 -9.56
CA MET B 3721 -12.71 -53.10 -10.51
C MET B 3721 -13.51 -54.40 -10.48
N TYR B 3722 -13.34 -55.23 -9.46
CA TYR B 3722 -14.30 -56.29 -9.15
C TYR B 3722 -15.29 -55.82 -8.10
N ARG B 3723 -15.90 -54.66 -8.36
CA ARG B 3723 -16.84 -54.03 -7.46
C ARG B 3723 -18.23 -54.11 -8.08
N PHE B 3724 -19.15 -54.74 -7.37
CA PHE B 3724 -20.46 -55.11 -7.89
C PHE B 3724 -21.57 -54.41 -7.13
N SER B 3725 -22.60 -53.98 -7.86
CA SER B 3725 -23.64 -53.17 -7.27
C SER B 3725 -24.70 -54.05 -6.62
N LEU B 3726 -25.85 -53.45 -6.32
CA LEU B 3726 -26.97 -54.21 -5.79
C LEU B 3726 -28.21 -53.99 -6.63
N ALA B 3727 -28.28 -52.85 -7.31
CA ALA B 3727 -29.41 -52.57 -8.20
C ALA B 3727 -29.42 -53.51 -9.39
N ALA B 3728 -28.24 -53.78 -9.95
CA ALA B 3728 -28.17 -54.76 -11.03
C ALA B 3728 -28.40 -56.18 -10.50
N PHE B 3729 -28.07 -56.42 -9.23
CA PHE B 3729 -28.33 -57.73 -8.64
C PHE B 3729 -29.82 -57.98 -8.50
N LEU B 3730 -30.55 -56.95 -8.09
CA LEU B 3730 -32.00 -57.09 -8.02
C LEU B 3730 -32.62 -57.10 -9.41
N ARG B 3731 -31.94 -56.50 -10.38
CA ARG B 3731 -32.37 -56.65 -11.76
C ARG B 3731 -32.23 -58.10 -12.23
N LEU B 3732 -31.14 -58.77 -11.83
CA LEU B 3732 -30.99 -60.20 -12.09
C LEU B 3732 -32.05 -61.04 -11.39
N PHE B 3733 -32.39 -60.67 -10.15
CA PHE B 3733 -33.40 -61.41 -9.42
C PHE B 3733 -34.78 -61.22 -10.04
N GLN B 3734 -34.99 -60.09 -10.72
CA GLN B 3734 -36.17 -59.91 -11.55
C GLN B 3734 -36.11 -60.81 -12.78
N ARG B 3735 -34.94 -60.89 -13.41
CA ARG B 3735 -34.77 -61.71 -14.62
C ARG B 3735 -34.95 -63.19 -14.34
N ALA B 3736 -34.75 -63.62 -13.09
CA ALA B 3736 -34.96 -65.01 -12.73
C ALA B 3736 -36.44 -65.40 -12.84
N LEU B 3737 -37.33 -64.52 -12.40
CA LEU B 3737 -38.75 -64.77 -12.61
C LEU B 3737 -39.13 -64.61 -14.08
N GLN B 3738 -38.77 -63.46 -14.67
CA GLN B 3738 -39.39 -63.01 -15.92
C GLN B 3738 -39.09 -63.94 -17.10
N ASN B 3739 -38.08 -64.78 -16.98
CA ASN B 3739 -37.68 -65.69 -18.03
C ASN B 3739 -38.00 -67.15 -17.69
N LYS B 3740 -38.53 -67.41 -16.50
CA LYS B 3740 -38.66 -68.79 -16.05
C LYS B 3740 -39.86 -69.48 -16.70
N GLN B 3741 -41.08 -69.00 -16.38
CA GLN B 3741 -42.35 -69.61 -16.76
C GLN B 3741 -42.42 -71.09 -16.41
N ASP B 3742 -42.20 -71.43 -15.15
CA ASP B 3742 -42.14 -72.82 -14.71
C ASP B 3742 -43.44 -73.21 -14.02
N SER B 3743 -44.19 -74.12 -14.66
CA SER B 3743 -45.49 -74.56 -14.16
C SER B 3743 -45.37 -75.99 -13.66
N GLU B 3744 -45.26 -76.15 -12.34
CA GLU B 3744 -45.12 -77.46 -11.69
C GLU B 3744 -45.82 -77.39 -10.34
N ASN B 3745 -45.46 -78.34 -9.49
CA ASN B 3745 -45.57 -78.11 -8.05
C ASN B 3745 -44.67 -76.94 -7.68
N THR B 3746 -45.12 -76.13 -6.72
CA THR B 3746 -44.31 -75.02 -6.26
C THR B 3746 -43.09 -75.52 -5.49
N GLU B 3747 -43.25 -76.59 -4.72
CA GLU B 3747 -42.12 -77.20 -4.02
C GLU B 3747 -41.19 -77.90 -5.00
N GLN B 3748 -41.69 -78.26 -6.17
CA GLN B 3748 -40.81 -78.64 -7.27
C GLN B 3748 -40.33 -77.43 -8.05
N ARG B 3749 -40.91 -76.25 -7.81
CA ARG B 3749 -40.48 -75.06 -8.53
C ARG B 3749 -39.33 -74.35 -7.83
N ILE B 3750 -39.23 -74.52 -6.51
CA ILE B 3750 -38.24 -73.80 -5.71
C ILE B 3750 -36.81 -74.25 -6.03
N GLN B 3751 -36.61 -75.56 -6.19
CA GLN B 3751 -35.30 -76.04 -6.59
C GLN B 3751 -35.01 -75.70 -8.05
N SER B 3752 -36.06 -75.63 -8.89
CA SER B 3752 -35.90 -75.21 -10.28
C SER B 3752 -35.44 -73.76 -10.37
N LEU B 3753 -35.97 -72.89 -9.52
CA LEU B 3753 -35.63 -71.48 -9.61
C LEU B 3753 -34.27 -71.19 -9.01
N ILE B 3754 -33.90 -71.89 -7.91
CA ILE B 3754 -32.53 -71.70 -7.40
C ILE B 3754 -31.51 -72.27 -8.39
N SER B 3755 -31.89 -73.33 -9.13
CA SER B 3755 -31.01 -73.89 -10.13
C SER B 3755 -30.85 -72.96 -11.32
N SER B 3756 -31.95 -72.38 -11.80
CA SER B 3756 -31.83 -71.49 -12.95
C SER B 3756 -31.44 -70.08 -12.52
N LEU B 3757 -31.19 -69.86 -11.23
CA LEU B 3757 -30.61 -68.58 -10.82
C LEU B 3757 -29.11 -68.69 -10.66
N GLN B 3758 -28.59 -69.86 -10.22
CA GLN B 3758 -27.14 -70.02 -10.10
C GLN B 3758 -26.45 -69.91 -11.46
N HIS B 3759 -27.10 -70.40 -12.52
CA HIS B 3759 -26.54 -70.29 -13.86
C HIS B 3759 -26.42 -68.82 -14.30
N MET B 3760 -27.46 -68.03 -14.05
CA MET B 3760 -27.44 -66.64 -14.49
C MET B 3760 -26.45 -65.82 -13.68
N VAL B 3761 -26.32 -66.11 -12.38
CA VAL B 3761 -25.31 -65.43 -11.56
C VAL B 3761 -23.91 -65.75 -12.06
N TYR B 3762 -23.64 -67.03 -12.32
CA TYR B 3762 -22.29 -67.43 -12.73
C TYR B 3762 -21.94 -66.85 -14.08
N GLU B 3763 -22.89 -66.82 -15.02
CA GLU B 3763 -22.60 -66.24 -16.32
C GLU B 3763 -22.43 -64.73 -16.25
N TYR B 3764 -23.22 -64.05 -15.40
CA TYR B 3764 -23.10 -62.61 -15.30
C TYR B 3764 -21.78 -62.20 -14.66
N ILE B 3765 -21.25 -63.01 -13.75
CA ILE B 3765 -19.99 -62.62 -13.13
C ILE B 3765 -18.82 -63.00 -14.01
N CYS B 3766 -18.91 -64.13 -14.72
CA CYS B 3766 -17.80 -64.47 -15.61
C CYS B 3766 -17.84 -63.73 -16.93
N ARG B 3767 -18.85 -62.89 -17.19
CA ARG B 3767 -18.70 -61.88 -18.22
C ARG B 3767 -17.56 -60.93 -17.89
N CYS B 3768 -17.38 -60.63 -16.60
CA CYS B 3768 -16.50 -59.56 -16.17
C CYS B 3768 -15.06 -60.01 -15.92
N LEU B 3769 -14.87 -61.25 -15.48
CA LEU B 3769 -13.64 -61.64 -14.84
C LEU B 3769 -12.48 -61.81 -15.81
N PHE B 3770 -11.28 -61.86 -15.24
CA PHE B 3770 -10.04 -62.11 -15.97
C PHE B 3770 -9.84 -63.62 -16.13
N LYS B 3771 -9.12 -64.03 -17.18
CA LYS B 3771 -9.08 -65.46 -17.54
C LYS B 3771 -8.31 -66.30 -16.54
N ALA B 3772 -7.48 -65.69 -15.71
CA ALA B 3772 -6.75 -66.46 -14.71
C ALA B 3772 -7.46 -66.42 -13.36
N ASP B 3773 -8.75 -66.11 -13.36
CA ASP B 3773 -9.46 -65.89 -12.11
C ASP B 3773 -10.74 -66.71 -12.01
N GLN B 3774 -11.11 -67.38 -13.09
CA GLN B 3774 -12.40 -68.08 -13.10
C GLN B 3774 -12.36 -69.30 -12.21
N LEU B 3775 -11.20 -69.92 -12.03
CA LEU B 3775 -11.12 -71.07 -11.14
C LEU B 3775 -11.22 -70.62 -9.68
N MET B 3776 -10.62 -69.47 -9.37
CA MET B 3776 -10.77 -68.81 -8.06
C MET B 3776 -12.24 -68.57 -7.74
N PHE B 3777 -12.92 -67.95 -8.71
CA PHE B 3777 -14.32 -67.62 -8.51
C PHE B 3777 -15.19 -68.85 -8.35
N ALA B 3778 -14.89 -69.89 -9.14
CA ALA B 3778 -15.66 -71.13 -9.07
C ALA B 3778 -15.50 -71.81 -7.71
N LEU B 3779 -14.26 -71.91 -7.22
CA LEU B 3779 -14.04 -72.61 -5.96
C LEU B 3779 -14.56 -71.83 -4.77
N HIS B 3780 -14.41 -70.50 -4.80
CA HIS B 3780 -14.95 -69.71 -3.70
C HIS B 3780 -16.47 -69.71 -3.73
N PHE B 3781 -17.06 -69.81 -4.93
CA PHE B 3781 -18.51 -69.88 -5.06
C PHE B 3781 -19.05 -71.19 -4.51
N VAL B 3782 -18.34 -72.29 -4.79
CA VAL B 3782 -18.76 -73.60 -4.28
C VAL B 3782 -18.58 -73.68 -2.76
N ARG B 3783 -17.52 -73.05 -2.24
CA ARG B 3783 -17.38 -72.97 -0.79
C ARG B 3783 -18.45 -72.10 -0.17
N GLY B 3784 -18.97 -71.14 -0.94
CA GLY B 3784 -20.02 -70.29 -0.43
C GLY B 3784 -21.39 -70.95 -0.39
N MET B 3785 -21.72 -71.73 -1.41
CA MET B 3785 -23.07 -72.28 -1.46
C MET B 3785 -23.24 -73.51 -0.58
N HIS B 3786 -22.30 -74.44 -0.63
CA HIS B 3786 -22.53 -75.68 0.11
C HIS B 3786 -21.38 -75.96 1.05
N PRO B 3787 -21.38 -75.37 2.24
CA PRO B 3787 -20.24 -75.52 3.17
C PRO B 3787 -20.20 -76.83 3.94
N GLU B 3788 -20.99 -77.83 3.56
CA GLU B 3788 -21.05 -79.06 4.33
C GLU B 3788 -20.27 -80.17 3.65
N LEU B 3789 -19.97 -80.02 2.36
CA LEU B 3789 -19.37 -81.12 1.62
C LEU B 3789 -17.85 -81.16 1.79
N PHE B 3790 -17.27 -80.14 2.41
CA PHE B 3790 -15.90 -80.25 2.91
C PHE B 3790 -15.93 -79.93 4.40
N GLN B 3791 -15.53 -80.92 5.18
CA GLN B 3791 -16.11 -81.07 6.51
C GLN B 3791 -15.48 -80.14 7.54
N GLU B 3792 -14.20 -80.39 7.90
CA GLU B 3792 -13.51 -79.65 8.96
C GLU B 3792 -12.03 -80.01 8.94
N ASN B 3793 -11.20 -78.99 9.20
CA ASN B 3793 -9.74 -79.02 9.15
C ASN B 3793 -9.26 -79.53 7.79
N GLU B 3794 -9.90 -79.09 6.71
CA GLU B 3794 -9.57 -79.61 5.39
C GLU B 3794 -9.12 -78.51 4.46
N TRP B 3795 -9.81 -77.36 4.49
CA TRP B 3795 -9.52 -76.28 3.57
C TRP B 3795 -8.20 -75.59 3.90
N ASP B 3796 -7.83 -75.56 5.19
CA ASP B 3796 -6.60 -74.87 5.58
C ASP B 3796 -5.37 -75.69 5.21
N THR B 3797 -5.40 -77.00 5.45
CA THR B 3797 -4.31 -77.85 5.01
C THR B 3797 -4.35 -78.02 3.48
N PHE B 3798 -5.51 -77.80 2.88
CA PHE B 3798 -5.61 -77.73 1.44
C PHE B 3798 -4.82 -76.54 0.89
N THR B 3799 -5.00 -75.37 1.50
CA THR B 3799 -4.30 -74.19 1.02
C THR B 3799 -2.99 -73.97 1.75
N GLY B 3800 -2.49 -74.98 2.44
CA GLY B 3800 -1.21 -74.89 3.11
C GLY B 3800 -1.19 -74.12 4.41
N VAL B 3801 -2.32 -73.64 4.88
CA VAL B 3801 -2.37 -72.88 6.12
C VAL B 3801 -2.45 -73.82 7.31
N ASP B 3818 9.95 -90.15 5.99
CA ASP B 3818 8.85 -91.11 6.01
C ASP B 3818 9.33 -92.48 5.55
N GLN B 3819 9.81 -93.30 6.49
CA GLN B 3819 10.36 -94.59 6.13
C GLN B 3819 9.28 -95.63 5.86
N LEU B 3820 8.01 -95.31 6.14
CA LEU B 3820 6.94 -96.28 5.86
C LEU B 3820 6.54 -96.35 4.38
N PRO B 3821 6.33 -95.20 3.64
CA PRO B 3821 6.15 -95.37 2.19
C PRO B 3821 7.49 -95.55 1.50
N SER B 3822 7.53 -96.34 0.44
CA SER B 3822 8.79 -96.68 -0.20
C SER B 3822 8.77 -96.52 -1.72
N TRP B 3823 7.59 -96.61 -2.34
CA TRP B 3823 7.55 -96.58 -3.80
C TRP B 3823 7.38 -95.15 -4.34
N ILE B 3824 7.43 -94.16 -3.46
CA ILE B 3824 7.16 -92.78 -3.87
C ILE B 3824 8.44 -91.95 -3.85
N ASP B 3825 8.36 -90.72 -4.36
CA ASP B 3825 9.48 -89.80 -4.35
C ASP B 3825 9.50 -89.03 -3.04
N GLN B 3826 10.65 -88.41 -2.76
CA GLN B 3826 10.79 -87.55 -1.58
C GLN B 3826 9.89 -86.33 -1.69
N GLU B 3827 9.72 -85.81 -2.90
CA GLU B 3827 8.92 -84.61 -3.14
C GLU B 3827 7.46 -84.83 -2.77
N ARG B 3828 6.95 -86.04 -3.03
CA ARG B 3828 5.62 -86.38 -2.55
C ARG B 3828 5.67 -86.88 -1.12
N SER B 3829 6.84 -87.35 -0.65
CA SER B 3829 6.93 -87.93 0.69
C SER B 3829 6.83 -86.87 1.78
N TRP B 3830 7.30 -85.66 1.50
CA TRP B 3830 7.17 -84.59 2.48
C TRP B 3830 5.70 -84.18 2.64
N ALA B 3831 4.95 -84.17 1.53
CA ALA B 3831 3.52 -83.91 1.61
C ALA B 3831 2.76 -85.08 2.23
N VAL B 3832 3.28 -86.31 2.07
CA VAL B 3832 2.76 -87.46 2.80
C VAL B 3832 2.92 -87.26 4.30
N ALA B 3833 4.09 -86.78 4.72
CA ALA B 3833 4.32 -86.50 6.14
C ALA B 3833 3.39 -85.39 6.65
N THR B 3834 3.15 -84.38 5.80
CA THR B 3834 2.21 -83.32 6.12
C THR B 3834 0.79 -83.85 6.32
N LEU B 3835 0.34 -84.69 5.40
CA LEU B 3835 -0.99 -85.28 5.48
C LEU B 3835 -1.12 -86.21 6.68
N LYS B 3836 -0.04 -86.91 7.02
CA LYS B 3836 -0.07 -87.87 8.12
C LYS B 3836 -0.14 -87.16 9.47
N ILE B 3837 0.64 -86.08 9.63
CA ILE B 3837 0.60 -85.34 10.88
C ILE B 3837 -0.70 -84.55 11.00
N ALA B 3838 -1.19 -84.03 9.88
CA ALA B 3838 -2.37 -83.16 9.93
C ALA B 3838 -3.65 -83.94 10.16
N LEU B 3839 -4.00 -84.82 9.21
CA LEU B 3839 -5.29 -85.52 9.20
C LEU B 3839 -5.06 -87.02 9.28
N PRO B 3840 -4.95 -87.59 10.48
CA PRO B 3840 -4.70 -89.04 10.56
C PRO B 3840 -5.93 -89.89 10.24
N SER B 3841 -7.10 -89.27 10.15
CA SER B 3841 -8.33 -90.02 9.89
C SER B 3841 -8.33 -90.62 8.49
N LEU B 3842 -8.07 -89.80 7.47
CA LEU B 3842 -7.99 -90.30 6.10
C LEU B 3842 -6.75 -91.17 5.92
N TYR B 3843 -5.72 -90.92 6.73
CA TYR B 3843 -4.55 -91.79 6.75
C TYR B 3843 -4.92 -93.19 7.21
N GLN B 3844 -5.83 -93.30 8.18
CA GLN B 3844 -6.31 -94.61 8.60
C GLN B 3844 -7.25 -95.21 7.55
N THR B 3845 -8.11 -94.40 6.95
CA THR B 3845 -9.09 -94.98 6.03
C THR B 3845 -8.49 -95.33 4.69
N LEU B 3846 -7.27 -94.86 4.40
CA LEU B 3846 -6.77 -95.03 3.04
C LEU B 3846 -6.07 -96.37 2.87
N CYS B 3847 -5.36 -96.82 3.92
CA CYS B 3847 -4.49 -98.02 3.88
C CYS B 3847 -3.42 -97.89 2.80
N PHE B 3848 -2.46 -96.98 3.03
CA PHE B 3848 -1.46 -96.60 2.04
C PHE B 3848 -0.52 -97.72 1.63
N GLU B 3849 -0.49 -98.83 2.38
CA GLU B 3849 0.42 -99.93 2.04
C GLU B 3849 -0.26 -100.93 1.12
N ASP B 3850 -1.16 -100.46 0.26
CA ASP B 3850 -1.86 -101.34 -0.67
C ASP B 3850 -0.90 -101.91 -1.71
N ALA B 3851 -0.31 -101.03 -2.53
CA ALA B 3851 0.61 -101.37 -3.63
C ALA B 3851 -0.03 -102.27 -4.68
N ALA B 3852 -1.36 -102.34 -4.71
CA ALA B 3852 -2.10 -103.07 -5.73
C ALA B 3852 -3.03 -102.16 -6.52
N LEU B 3853 -3.91 -101.44 -5.84
CA LEU B 3853 -4.77 -100.49 -6.54
C LEU B 3853 -4.06 -99.17 -6.78
N TRP B 3854 -3.22 -98.75 -5.84
CA TRP B 3854 -2.56 -97.46 -5.99
C TRP B 3854 -1.44 -97.53 -7.00
N ARG B 3855 -0.90 -98.74 -7.22
CA ARG B 3855 -0.02 -98.96 -8.36
C ARG B 3855 -0.77 -98.73 -9.67
N THR B 3856 -2.04 -99.11 -9.73
CA THR B 3856 -2.81 -98.88 -10.96
C THR B 3856 -3.14 -97.41 -11.10
N TYR B 3857 -3.53 -96.75 -10.01
CA TYR B 3857 -3.88 -95.34 -10.05
C TYR B 3857 -2.67 -94.47 -10.36
N TYR B 3858 -1.48 -94.93 -9.97
CA TYR B 3858 -0.27 -94.13 -10.14
C TYR B 3858 0.24 -94.20 -11.58
N ASN B 3859 -0.47 -94.91 -12.45
CA ASN B 3859 0.04 -95.12 -13.80
C ASN B 3859 -0.96 -94.82 -14.90
N ASN B 3860 -2.17 -94.38 -14.57
CA ASN B 3860 -3.13 -94.07 -15.61
C ASN B 3860 -2.88 -92.69 -16.20
N SER B 3861 -3.15 -92.54 -17.49
CA SER B 3861 -3.34 -91.21 -18.06
C SER B 3861 -4.82 -90.86 -18.01
N MET B 3862 -5.11 -89.56 -17.94
CA MET B 3862 -6.40 -89.03 -17.52
C MET B 3862 -6.86 -89.70 -16.23
N CYS B 3863 -6.07 -89.48 -15.17
CA CYS B 3863 -6.29 -90.20 -13.92
C CYS B 3863 -7.27 -89.49 -12.99
N GLU B 3864 -8.17 -88.68 -13.54
CA GLU B 3864 -9.19 -88.08 -12.69
C GLU B 3864 -10.36 -89.04 -12.46
N GLN B 3865 -10.51 -90.02 -13.34
CA GLN B 3865 -11.70 -90.87 -13.28
C GLN B 3865 -11.34 -92.32 -12.99
N GLU B 3866 -10.06 -92.62 -12.83
CA GLU B 3866 -9.61 -93.98 -12.53
C GLU B 3866 -9.47 -94.18 -11.03
N PHE B 3867 -10.50 -93.83 -10.29
CA PHE B 3867 -10.47 -93.98 -8.85
C PHE B 3867 -10.70 -95.44 -8.48
N PRO B 3868 -10.01 -95.97 -7.46
CA PRO B 3868 -10.27 -97.35 -7.03
C PRO B 3868 -11.66 -97.49 -6.42
N SER B 3869 -12.53 -98.22 -7.13
CA SER B 3869 -13.96 -98.18 -6.86
C SER B 3869 -14.36 -98.97 -5.62
N ILE B 3870 -13.42 -99.67 -4.99
CA ILE B 3870 -13.66 -100.22 -3.66
C ILE B 3870 -13.92 -99.09 -2.67
N LEU B 3871 -13.12 -98.02 -2.76
CA LEU B 3871 -13.27 -96.90 -1.85
C LEU B 3871 -14.15 -95.81 -2.43
N ALA B 3872 -15.08 -96.14 -3.33
CA ALA B 3872 -15.84 -95.11 -4.04
C ALA B 3872 -17.01 -94.61 -3.22
N LYS B 3873 -17.21 -95.16 -2.02
CA LYS B 3873 -18.31 -94.71 -1.17
C LYS B 3873 -17.80 -94.32 0.21
N LYS B 3874 -16.48 -94.33 0.40
CA LYS B 3874 -15.92 -93.95 1.69
C LYS B 3874 -15.13 -92.65 1.59
N VAL B 3875 -15.00 -92.10 0.39
CA VAL B 3875 -14.23 -90.89 0.14
C VAL B 3875 -15.11 -89.89 -0.59
N SER B 3876 -15.20 -88.67 -0.05
CA SER B 3876 -15.98 -87.63 -0.68
C SER B 3876 -15.25 -87.04 -1.87
N LEU B 3877 -15.90 -86.09 -2.54
CA LEU B 3877 -15.32 -85.49 -3.73
C LEU B 3877 -14.14 -84.60 -3.37
N PHE B 3878 -14.20 -83.95 -2.22
CA PHE B 3878 -13.13 -83.04 -1.83
C PHE B 3878 -11.92 -83.80 -1.31
N GLN B 3879 -12.11 -85.05 -0.87
CA GLN B 3879 -10.99 -85.81 -0.34
C GLN B 3879 -10.21 -86.50 -1.45
N GLN B 3880 -10.86 -86.73 -2.60
CA GLN B 3880 -10.14 -87.20 -3.77
C GLN B 3880 -9.11 -86.18 -4.24
N ILE B 3881 -9.41 -84.90 -4.13
CA ILE B 3881 -8.45 -83.87 -4.52
C ILE B 3881 -7.31 -83.79 -3.51
N LEU B 3882 -7.60 -84.08 -2.24
CA LEU B 3882 -6.52 -84.25 -1.25
C LEU B 3882 -5.63 -85.43 -1.60
N VAL B 3883 -6.20 -86.49 -2.17
CA VAL B 3883 -5.38 -87.61 -2.65
C VAL B 3883 -4.54 -87.18 -3.84
N VAL B 3884 -5.14 -86.42 -4.76
CA VAL B 3884 -4.47 -86.00 -5.99
C VAL B 3884 -3.28 -85.08 -5.69
N GLN B 3885 -3.48 -84.11 -4.80
CA GLN B 3885 -2.43 -83.15 -4.47
C GLN B 3885 -1.23 -83.82 -3.82
N VAL B 3886 -1.48 -84.83 -3.00
CA VAL B 3886 -0.37 -85.52 -2.35
C VAL B 3886 0.32 -86.46 -3.34
N LEU B 3887 -0.45 -87.17 -4.16
CA LEU B 3887 0.17 -88.11 -5.09
C LEU B 3887 0.77 -87.41 -6.29
N ARG B 3888 -0.07 -86.75 -7.09
CA ARG B 3888 0.33 -86.27 -8.41
C ARG B 3888 -0.24 -84.90 -8.68
N PRO B 3889 0.57 -83.85 -8.63
CA PRO B 3889 0.06 -82.51 -8.95
C PRO B 3889 -0.01 -82.22 -10.43
N ASP B 3890 0.10 -83.22 -11.29
CA ASP B 3890 -0.01 -83.00 -12.73
C ASP B 3890 -1.44 -83.22 -13.19
N ARG B 3891 -2.40 -83.02 -12.30
CA ARG B 3891 -3.79 -83.35 -12.56
C ARG B 3891 -4.74 -82.32 -11.96
N LEU B 3892 -4.23 -81.42 -11.11
CA LEU B 3892 -5.05 -80.56 -10.27
C LEU B 3892 -5.99 -79.64 -11.04
N GLN B 3893 -5.59 -79.17 -12.22
CA GLN B 3893 -6.45 -78.24 -12.96
C GLN B 3893 -7.72 -78.92 -13.45
N SER B 3894 -7.59 -80.09 -14.06
CA SER B 3894 -8.79 -80.85 -14.43
C SER B 3894 -9.53 -81.38 -13.20
N ALA B 3895 -8.81 -81.64 -12.10
CA ALA B 3895 -9.45 -82.14 -10.89
C ALA B 3895 -10.39 -81.10 -10.29
N MET B 3896 -9.89 -79.88 -10.10
CA MET B 3896 -10.72 -78.74 -9.72
C MET B 3896 -11.85 -78.49 -10.70
N ALA B 3897 -11.57 -78.65 -11.99
CA ALA B 3897 -12.56 -78.36 -13.02
C ALA B 3897 -13.75 -79.31 -12.92
N LEU B 3898 -13.48 -80.61 -12.76
CA LEU B 3898 -14.59 -81.56 -12.64
C LEU B 3898 -15.24 -81.51 -11.26
N PHE B 3899 -14.49 -81.10 -10.23
CA PHE B 3899 -15.09 -80.87 -8.92
C PHE B 3899 -16.14 -79.77 -8.99
N ALA B 3900 -15.78 -78.65 -9.62
CA ALA B 3900 -16.73 -77.55 -9.77
C ALA B 3900 -17.87 -77.93 -10.71
N CYS B 3901 -17.58 -78.69 -11.78
CA CYS B 3901 -18.61 -79.08 -12.72
C CYS B 3901 -19.60 -80.07 -12.11
N LYS B 3902 -19.15 -80.85 -11.12
CA LYS B 3902 -20.07 -81.75 -10.44
C LYS B 3902 -20.88 -81.02 -9.38
N THR B 3903 -20.25 -80.11 -8.63
CA THR B 3903 -20.99 -79.46 -7.56
C THR B 3903 -21.94 -78.40 -8.08
N LEU B 3904 -21.70 -77.88 -9.28
CA LEU B 3904 -22.60 -76.85 -9.78
C LEU B 3904 -23.37 -77.30 -11.00
N GLY B 3905 -23.06 -78.47 -11.53
CA GLY B 3905 -23.74 -78.96 -12.71
C GLY B 3905 -23.40 -78.26 -14.00
N LEU B 3906 -22.35 -77.44 -14.01
CA LEU B 3906 -21.97 -76.68 -15.19
C LEU B 3906 -21.27 -77.61 -16.16
N LYS B 3907 -21.57 -77.46 -17.45
CA LYS B 3907 -21.01 -78.36 -18.45
C LYS B 3907 -19.60 -77.93 -18.85
N GLU B 3908 -19.17 -76.75 -18.43
CA GLU B 3908 -17.83 -76.24 -18.69
C GLU B 3908 -17.48 -75.14 -17.70
N VAL B 3909 -16.22 -75.11 -17.27
CA VAL B 3909 -15.77 -74.05 -16.38
C VAL B 3909 -15.49 -72.78 -17.19
N SER B 3910 -15.33 -72.92 -18.50
CA SER B 3910 -15.13 -71.78 -19.37
C SER B 3910 -16.46 -71.05 -19.55
N PRO B 3911 -16.43 -69.78 -19.86
CA PRO B 3911 -17.68 -69.08 -20.18
C PRO B 3911 -18.00 -69.17 -21.66
N LEU B 3912 -19.07 -68.50 -22.04
CA LEU B 3912 -19.43 -68.30 -23.43
C LEU B 3912 -18.52 -67.24 -24.04
N PRO B 3913 -18.51 -67.09 -25.40
CA PRO B 3913 -17.81 -65.93 -25.98
C PRO B 3913 -18.51 -64.61 -25.75
N LEU B 3914 -18.07 -63.59 -26.48
CA LEU B 3914 -18.37 -62.22 -26.12
C LEU B 3914 -18.95 -61.40 -27.27
N ASN B 3915 -19.96 -61.93 -27.96
CA ASN B 3915 -20.55 -61.21 -29.08
C ASN B 3915 -21.25 -59.95 -28.63
N LEU B 3916 -20.77 -58.80 -29.11
CA LEU B 3916 -21.37 -57.53 -28.73
C LEU B 3916 -22.74 -57.35 -29.35
N LYS B 3917 -23.01 -58.05 -30.46
CA LYS B 3917 -24.34 -58.04 -31.03
C LYS B 3917 -25.33 -58.72 -30.10
N ARG B 3918 -24.87 -59.66 -29.28
CA ARG B 3918 -25.72 -60.19 -28.22
C ARG B 3918 -25.93 -59.16 -27.11
N LEU B 3919 -24.87 -58.53 -26.63
CA LEU B 3919 -25.01 -57.59 -25.51
C LEU B 3919 -25.36 -56.18 -25.94
N TYR B 3920 -25.85 -56.00 -27.16
CA TYR B 3920 -26.43 -54.71 -27.50
C TYR B 3920 -27.78 -54.51 -26.83
N LYS B 3921 -28.65 -55.50 -26.92
CA LYS B 3921 -30.05 -55.31 -26.56
C LYS B 3921 -30.28 -55.34 -25.06
N GLU B 3922 -29.32 -55.86 -24.29
CA GLU B 3922 -29.53 -55.97 -22.86
C GLU B 3922 -29.43 -54.62 -22.15
N THR B 3923 -28.56 -53.73 -22.62
CA THR B 3923 -28.25 -52.55 -21.83
C THR B 3923 -29.31 -51.46 -22.02
N LEU B 3924 -29.12 -50.38 -21.28
CA LEU B 3924 -30.11 -49.33 -21.13
C LEU B 3924 -29.43 -48.07 -20.62
N GLU B 3925 -30.05 -46.93 -20.91
CA GLU B 3925 -29.35 -45.66 -20.76
C GLU B 3925 -29.27 -45.14 -19.33
N ILE B 3926 -29.61 -45.95 -18.32
CA ILE B 3926 -29.37 -45.50 -16.95
C ILE B 3926 -27.89 -45.64 -16.60
N GLU B 3927 -27.29 -46.76 -16.96
CA GLU B 3927 -25.88 -46.97 -16.67
C GLU B 3927 -25.09 -47.16 -17.96
N PRO B 3928 -23.83 -46.77 -17.97
CA PRO B 3928 -22.99 -46.99 -19.15
C PRO B 3928 -22.28 -48.34 -19.16
N ILE B 3929 -21.45 -48.56 -20.17
CA ILE B 3929 -20.87 -49.86 -20.48
C ILE B 3929 -19.35 -49.71 -20.45
N LEU B 3930 -18.72 -50.30 -19.44
CA LEU B 3930 -17.28 -50.16 -19.22
C LEU B 3930 -16.56 -51.35 -19.80
N ILE B 3931 -15.82 -51.14 -20.89
CA ILE B 3931 -15.11 -52.20 -21.59
C ILE B 3931 -13.66 -52.21 -21.14
N ILE B 3932 -13.31 -53.15 -20.29
CA ILE B 3932 -11.95 -53.28 -19.82
C ILE B 3932 -11.13 -53.89 -20.94
N ILE B 3933 -9.93 -53.36 -21.17
CA ILE B 3933 -9.07 -53.88 -22.23
C ILE B 3933 -7.91 -54.65 -21.63
N SER B 3934 -7.16 -55.30 -22.50
CA SER B 3934 -5.94 -56.03 -22.18
C SER B 3934 -4.96 -55.68 -23.30
N PRO B 3935 -3.67 -56.01 -23.20
CA PRO B 3935 -2.78 -55.77 -24.35
C PRO B 3935 -3.20 -56.58 -25.57
N GLY B 3936 -3.20 -55.91 -26.72
CA GLY B 3936 -3.64 -56.52 -27.95
C GLY B 3936 -5.13 -56.57 -28.14
N ALA B 3937 -5.88 -55.67 -27.51
CA ALA B 3937 -7.33 -55.70 -27.56
C ALA B 3937 -7.85 -54.35 -28.08
N ASP B 3938 -8.55 -54.39 -29.20
CA ASP B 3938 -9.13 -53.17 -29.73
C ASP B 3938 -10.62 -53.36 -29.94
N PRO B 3939 -11.47 -52.73 -29.13
CA PRO B 3939 -12.91 -52.84 -29.31
C PRO B 3939 -13.49 -51.90 -30.35
N SER B 3940 -12.69 -50.98 -30.88
CA SER B 3940 -13.24 -49.84 -31.61
C SER B 3940 -13.86 -50.24 -32.94
N GLN B 3941 -13.32 -51.26 -33.58
CA GLN B 3941 -13.83 -51.67 -34.88
C GLN B 3941 -15.18 -52.35 -34.74
N GLU B 3942 -15.35 -53.14 -33.68
CA GLU B 3942 -16.63 -53.79 -33.43
C GLU B 3942 -17.71 -52.77 -33.10
N LEU B 3943 -17.35 -51.75 -32.33
CA LEU B 3943 -18.29 -50.68 -32.03
C LEU B 3943 -18.66 -49.90 -33.27
N GLN B 3944 -17.69 -49.66 -34.15
CA GLN B 3944 -17.95 -48.95 -35.39
C GLN B 3944 -18.87 -49.75 -36.29
N GLU B 3945 -18.64 -51.06 -36.40
CA GLU B 3945 -19.50 -51.90 -37.23
C GLU B 3945 -20.90 -52.02 -36.63
N LEU B 3946 -20.99 -52.03 -35.29
CA LEU B 3946 -22.30 -52.06 -34.64
C LEU B 3946 -23.06 -50.77 -34.86
N ALA B 3947 -22.36 -49.63 -34.82
CA ALA B 3947 -23.02 -48.35 -35.04
C ALA B 3947 -23.41 -48.18 -36.50
N ASN B 3948 -22.66 -48.81 -37.42
CA ASN B 3948 -23.08 -48.78 -38.81
C ASN B 3948 -24.26 -49.71 -39.05
N ALA B 3949 -24.32 -50.82 -38.31
CA ALA B 3949 -25.42 -51.77 -38.52
C ALA B 3949 -26.72 -51.23 -37.94
N GLU B 3950 -26.76 -50.99 -36.63
CA GLU B 3950 -28.00 -50.67 -35.94
C GLU B 3950 -28.49 -49.26 -36.23
N ARG B 3951 -27.61 -48.31 -36.53
CA ARG B 3951 -28.01 -46.95 -36.78
C ARG B 3951 -27.45 -46.50 -38.13
N SER B 3952 -27.99 -45.40 -38.64
CA SER B 3952 -27.59 -44.87 -39.94
C SER B 3952 -27.55 -43.36 -39.83
N GLY B 3953 -26.98 -42.71 -40.86
CA GLY B 3953 -26.80 -41.28 -40.84
C GLY B 3953 -25.63 -40.80 -40.01
N GLU B 3954 -24.75 -41.72 -39.59
CA GLU B 3954 -23.56 -41.45 -38.75
C GLU B 3954 -23.91 -40.74 -37.45
N CYS B 3955 -24.67 -41.42 -36.59
CA CYS B 3955 -24.98 -40.83 -35.29
C CYS B 3955 -23.83 -41.03 -34.31
N TYR B 3956 -22.86 -41.85 -34.69
CA TYR B 3956 -21.82 -42.26 -33.74
C TYR B 3956 -20.81 -41.15 -33.54
N HIS B 3957 -20.61 -40.76 -32.29
CA HIS B 3957 -19.68 -39.69 -31.96
C HIS B 3957 -18.76 -40.16 -30.85
N GLN B 3958 -17.48 -39.82 -30.95
CA GLN B 3958 -16.50 -40.35 -30.02
C GLN B 3958 -15.43 -39.31 -29.72
N VAL B 3959 -14.92 -39.34 -28.49
CA VAL B 3959 -13.92 -38.40 -28.00
C VAL B 3959 -12.93 -39.16 -27.13
N ALA B 3960 -11.64 -39.02 -27.40
CA ALA B 3960 -10.59 -39.58 -26.57
C ALA B 3960 -10.30 -38.65 -25.41
N MET B 3961 -9.69 -39.17 -24.35
CA MET B 3961 -9.44 -38.34 -23.17
C MET B 3961 -7.98 -37.94 -23.06
N GLY B 3962 -7.73 -36.65 -23.10
CA GLY B 3962 -6.37 -36.16 -23.03
C GLY B 3962 -6.31 -34.74 -22.54
N GLN B 3963 -5.14 -34.13 -22.70
CA GLN B 3963 -4.89 -32.77 -22.27
C GLN B 3963 -5.70 -31.78 -23.10
N GLY B 3964 -6.77 -31.26 -22.51
CA GLY B 3964 -7.59 -30.26 -23.17
C GLY B 3964 -8.78 -30.79 -23.91
N GLN B 3965 -9.35 -31.92 -23.49
CA GLN B 3965 -10.52 -32.46 -24.17
C GLN B 3965 -11.68 -32.68 -23.22
N ALA B 3966 -11.45 -32.47 -21.92
CA ALA B 3966 -12.43 -32.82 -20.91
C ALA B 3966 -13.62 -31.86 -20.91
N ASP B 3967 -13.36 -30.58 -21.08
CA ASP B 3967 -14.41 -29.59 -20.94
C ASP B 3967 -15.28 -29.55 -22.18
N LEU B 3968 -14.80 -30.09 -23.30
CA LEU B 3968 -15.67 -30.26 -24.45
C LEU B 3968 -16.30 -31.64 -24.43
N ALA B 3969 -15.68 -32.58 -23.71
CA ALA B 3969 -16.28 -33.89 -23.51
C ALA B 3969 -17.58 -33.80 -22.73
N ILE B 3970 -17.62 -32.91 -21.72
CA ILE B 3970 -18.86 -32.74 -20.95
C ILE B 3970 -19.96 -32.12 -21.82
N GLN B 3971 -19.59 -31.15 -22.67
CA GLN B 3971 -20.57 -30.52 -23.56
C GLN B 3971 -21.13 -31.53 -24.56
N MET B 3972 -20.26 -32.37 -25.09
CA MET B 3972 -20.72 -33.38 -26.04
C MET B 3972 -21.54 -34.45 -25.33
N LEU B 3973 -21.23 -34.72 -24.06
CA LEU B 3973 -22.03 -35.63 -23.24
C LEU B 3973 -23.46 -35.11 -23.09
N LYS B 3974 -23.61 -33.83 -22.75
CA LYS B 3974 -24.94 -33.25 -22.59
C LYS B 3974 -25.69 -33.19 -23.92
N GLU B 3975 -24.97 -32.85 -24.99
CA GLU B 3975 -25.63 -32.67 -26.28
C GLU B 3975 -26.07 -34.01 -26.87
N CYS B 3976 -25.25 -35.05 -26.72
CA CYS B 3976 -25.64 -36.36 -27.24
C CYS B 3976 -26.54 -37.10 -26.25
N ALA B 3977 -26.68 -36.61 -25.03
CA ALA B 3977 -27.75 -37.08 -24.17
C ALA B 3977 -29.09 -36.52 -24.61
N ARG B 3978 -29.10 -35.24 -24.99
CA ARG B 3978 -30.34 -34.64 -25.48
C ARG B 3978 -30.74 -35.22 -26.84
N ASN B 3979 -29.77 -35.43 -27.72
CA ASN B 3979 -30.07 -35.90 -29.08
C ASN B 3979 -30.50 -37.35 -29.09
N GLY B 3980 -30.13 -38.09 -28.05
CA GLY B 3980 -30.36 -39.53 -28.03
C GLY B 3980 -29.32 -40.35 -28.77
N ASP B 3981 -28.31 -39.71 -29.36
CA ASP B 3981 -27.26 -40.41 -30.09
C ASP B 3981 -26.21 -40.93 -29.12
N TRP B 3982 -25.33 -41.78 -29.65
CA TRP B 3982 -24.42 -42.55 -28.82
C TRP B 3982 -23.20 -41.71 -28.53
N LEU B 3983 -22.34 -42.21 -27.64
CA LEU B 3983 -21.12 -41.51 -27.29
C LEU B 3983 -20.10 -42.52 -26.79
N CYS B 3984 -18.91 -42.48 -27.35
CA CYS B 3984 -17.85 -43.40 -26.97
C CYS B 3984 -16.66 -42.65 -26.42
N LEU B 3985 -16.51 -42.68 -25.11
CA LEU B 3985 -15.33 -42.14 -24.46
C LEU B 3985 -14.27 -43.23 -24.45
N LYS B 3986 -13.01 -42.84 -24.40
CA LYS B 3986 -11.89 -43.77 -24.46
C LYS B 3986 -10.80 -43.33 -23.49
N ASN B 3987 -10.05 -44.31 -23.00
CA ASN B 3987 -8.85 -44.10 -22.16
C ASN B 3987 -9.19 -43.36 -20.88
N LEU B 3988 -10.07 -43.95 -20.07
CA LEU B 3988 -10.43 -43.34 -18.80
C LEU B 3988 -9.54 -43.83 -17.67
N HIS B 3989 -8.30 -44.18 -17.98
CA HIS B 3989 -7.38 -44.61 -16.93
C HIS B 3989 -6.25 -43.61 -16.77
N LEU B 3990 -6.17 -42.65 -17.68
CA LEU B 3990 -5.17 -41.59 -17.55
C LEU B 3990 -5.72 -40.43 -16.73
N VAL B 3991 -6.92 -39.97 -17.08
CA VAL B 3991 -7.54 -38.84 -16.40
C VAL B 3991 -8.25 -39.33 -15.14
N VAL B 3992 -7.49 -39.59 -14.09
CA VAL B 3992 -8.08 -40.21 -12.91
C VAL B 3992 -8.71 -39.14 -12.01
N SER B 3993 -8.19 -37.91 -12.06
CA SER B 3993 -8.80 -36.85 -11.27
C SER B 3993 -9.85 -36.10 -12.08
N TRP B 3994 -10.48 -36.76 -13.05
CA TRP B 3994 -11.58 -36.16 -13.78
C TRP B 3994 -12.89 -36.86 -13.48
N LEU B 3995 -12.81 -38.14 -13.15
CA LEU B 3995 -13.99 -39.00 -13.01
C LEU B 3995 -15.03 -38.60 -11.97
N PRO B 3996 -14.73 -37.88 -10.87
CA PRO B 3996 -15.83 -37.32 -10.07
C PRO B 3996 -16.76 -36.39 -10.84
N VAL B 3997 -16.24 -35.58 -11.77
CA VAL B 3997 -17.09 -34.76 -12.61
C VAL B 3997 -17.96 -35.63 -13.51
N LEU B 3998 -17.38 -36.73 -13.99
CA LEU B 3998 -18.12 -37.62 -14.87
C LEU B 3998 -19.24 -38.33 -14.14
N GLU B 3999 -18.99 -38.77 -12.90
CA GLU B 3999 -20.04 -39.47 -12.18
C GLU B 3999 -21.11 -38.51 -11.68
N LYS B 4000 -20.74 -37.26 -11.39
CA LYS B 4000 -21.71 -36.22 -11.06
C LYS B 4000 -22.63 -35.96 -12.24
N GLU B 4001 -22.06 -35.86 -13.43
CA GLU B 4001 -22.89 -35.62 -14.61
C GLU B 4001 -23.71 -36.85 -15.01
N LEU B 4002 -23.21 -38.05 -14.73
CA LEU B 4002 -24.02 -39.24 -14.96
C LEU B 4002 -25.22 -39.28 -14.02
N ASN B 4003 -25.01 -38.89 -12.76
CA ASN B 4003 -26.12 -38.87 -11.81
C ASN B 4003 -27.11 -37.76 -12.14
N THR B 4004 -26.66 -36.69 -12.77
CA THR B 4004 -27.51 -35.51 -12.88
C THR B 4004 -28.40 -35.57 -14.11
N LEU B 4005 -27.91 -36.11 -15.22
CA LEU B 4005 -28.57 -35.91 -16.52
C LEU B 4005 -29.86 -36.72 -16.67
N GLN B 4006 -30.68 -36.27 -17.60
CA GLN B 4006 -32.00 -36.84 -17.87
C GLN B 4006 -32.01 -37.37 -19.29
N PRO B 4007 -31.58 -38.60 -19.55
CA PRO B 4007 -31.42 -39.06 -20.92
C PRO B 4007 -32.73 -39.33 -21.62
N LYS B 4008 -32.61 -39.70 -22.89
CA LYS B 4008 -33.72 -39.96 -23.78
C LYS B 4008 -33.72 -41.47 -24.03
N ASP B 4009 -34.57 -41.96 -24.93
CA ASP B 4009 -34.47 -43.33 -25.39
C ASP B 4009 -33.41 -43.47 -26.47
N THR B 4010 -32.87 -44.69 -26.59
CA THR B 4010 -31.85 -45.19 -27.52
C THR B 4010 -30.46 -44.59 -27.32
N PHE B 4011 -30.29 -43.67 -26.38
CA PHE B 4011 -28.99 -43.21 -25.93
C PHE B 4011 -28.21 -44.40 -25.38
N ARG B 4012 -26.96 -44.54 -25.79
CA ARG B 4012 -26.09 -45.56 -25.22
C ARG B 4012 -24.69 -44.98 -25.06
N LEU B 4013 -24.23 -44.97 -23.82
CA LEU B 4013 -22.89 -44.49 -23.50
C LEU B 4013 -21.94 -45.67 -23.44
N TRP B 4014 -20.86 -45.60 -24.22
CA TRP B 4014 -19.87 -46.66 -24.30
C TRP B 4014 -18.56 -46.15 -23.72
N LEU B 4015 -18.01 -46.85 -22.74
CA LEU B 4015 -16.75 -46.44 -22.15
C LEU B 4015 -15.64 -47.36 -22.64
N THR B 4016 -14.40 -47.01 -22.31
CA THR B 4016 -13.22 -47.82 -22.61
C THR B 4016 -12.09 -47.42 -21.67
N ALA B 4017 -11.73 -48.31 -20.77
CA ALA B 4017 -10.73 -47.96 -19.76
C ALA B 4017 -9.70 -49.08 -19.70
N GLU B 4018 -8.69 -48.92 -18.86
CA GLU B 4018 -7.70 -49.96 -18.69
C GLU B 4018 -7.63 -50.31 -17.20
N VAL B 4019 -6.97 -51.43 -16.89
CA VAL B 4019 -6.79 -51.85 -15.51
C VAL B 4019 -5.89 -50.86 -14.80
N HIS B 4020 -6.34 -50.35 -13.65
CA HIS B 4020 -5.69 -49.22 -13.01
C HIS B 4020 -6.04 -49.19 -11.54
N PRO B 4021 -5.08 -49.19 -10.64
CA PRO B 4021 -5.36 -48.98 -9.23
C PRO B 4021 -5.74 -47.52 -9.00
N ASN B 4022 -6.31 -47.27 -7.82
CA ASN B 4022 -6.95 -46.01 -7.45
C ASN B 4022 -8.01 -45.57 -8.45
N PHE B 4023 -9.00 -46.41 -8.69
CA PHE B 4023 -10.10 -46.00 -9.56
C PHE B 4023 -11.26 -45.62 -8.67
N THR B 4024 -12.32 -45.04 -9.23
CA THR B 4024 -13.43 -44.58 -8.39
C THR B 4024 -14.55 -45.61 -8.39
N PRO B 4025 -15.07 -46.00 -7.22
CA PRO B 4025 -16.05 -47.08 -7.19
C PRO B 4025 -17.40 -46.74 -7.75
N ILE B 4026 -17.80 -45.47 -7.75
CA ILE B 4026 -19.21 -45.12 -7.91
C ILE B 4026 -19.67 -45.39 -9.34
N LEU B 4027 -18.82 -45.09 -10.32
CA LEU B 4027 -19.19 -45.41 -11.69
C LEU B 4027 -18.96 -46.89 -11.98
N LEU B 4028 -18.15 -47.57 -11.17
CA LEU B 4028 -18.01 -49.02 -11.30
C LEU B 4028 -19.25 -49.73 -10.80
N GLN B 4029 -19.95 -49.13 -9.84
CA GLN B 4029 -21.22 -49.62 -9.36
C GLN B 4029 -22.23 -49.52 -10.50
N SER B 4030 -22.32 -48.34 -11.10
CA SER B 4030 -23.33 -48.04 -12.10
C SER B 4030 -22.78 -48.30 -13.49
N SER B 4031 -22.26 -49.50 -13.72
CA SER B 4031 -21.89 -49.89 -15.07
C SER B 4031 -21.86 -51.41 -15.18
N LEU B 4032 -22.05 -51.89 -16.40
CA LEU B 4032 -21.68 -53.26 -16.78
C LEU B 4032 -20.16 -53.28 -16.84
N LYS B 4033 -19.59 -54.47 -16.78
CA LYS B 4033 -18.17 -54.62 -17.03
C LYS B 4033 -17.94 -55.80 -17.95
N ILE B 4034 -17.03 -55.64 -18.91
CA ILE B 4034 -16.72 -56.65 -19.90
C ILE B 4034 -15.20 -56.73 -20.08
N THR B 4035 -14.64 -57.90 -19.81
CA THR B 4035 -13.24 -58.16 -20.14
C THR B 4035 -13.17 -58.62 -21.60
N TYR B 4036 -12.32 -57.95 -22.38
CA TYR B 4036 -12.31 -58.11 -23.83
C TYR B 4036 -10.99 -58.74 -24.26
N GLU B 4037 -10.95 -60.07 -24.32
CA GLU B 4037 -9.69 -60.79 -24.50
C GLU B 4037 -9.83 -61.94 -25.48
N SER B 4038 -8.76 -62.73 -25.52
CA SER B 4038 -8.73 -63.95 -26.32
C SER B 4038 -9.60 -65.02 -25.68
N PRO B 4039 -10.17 -65.93 -26.45
CA PRO B 4039 -10.86 -67.09 -25.88
C PRO B 4039 -9.88 -68.00 -25.17
N PRO B 4040 -10.32 -68.72 -24.15
CA PRO B 4040 -9.36 -69.48 -23.33
C PRO B 4040 -9.06 -70.87 -23.89
N GLY B 4041 -9.61 -71.22 -25.03
CA GLY B 4041 -9.37 -72.54 -25.57
C GLY B 4041 -9.31 -72.57 -27.09
N LEU B 4042 -9.04 -73.78 -27.61
CA LEU B 4042 -8.89 -73.95 -29.06
C LEU B 4042 -10.21 -73.78 -29.77
N LYS B 4043 -11.17 -74.66 -29.48
CA LYS B 4043 -12.41 -74.66 -30.23
C LYS B 4043 -13.26 -73.46 -29.86
N LYS B 4044 -13.04 -72.90 -28.66
CA LYS B 4044 -13.60 -71.60 -28.32
C LYS B 4044 -13.12 -70.53 -29.27
N ASN B 4045 -11.83 -70.56 -29.61
CA ASN B 4045 -11.27 -69.57 -30.51
C ASN B 4045 -11.80 -69.75 -31.92
N LEU B 4046 -11.96 -71.01 -32.35
CA LEU B 4046 -12.55 -71.25 -33.67
C LEU B 4046 -14.02 -70.83 -33.70
N MET B 4047 -14.75 -71.03 -32.60
CA MET B 4047 -16.14 -70.62 -32.55
C MET B 4047 -16.27 -69.10 -32.59
N ARG B 4048 -15.40 -68.40 -31.88
CA ARG B 4048 -15.41 -66.93 -31.92
C ARG B 4048 -15.08 -66.43 -33.31
N THR B 4049 -14.10 -67.07 -33.96
CA THR B 4049 -13.71 -66.70 -35.30
C THR B 4049 -14.85 -66.88 -36.29
N TYR B 4050 -15.42 -68.09 -36.34
CA TYR B 4050 -16.51 -68.37 -37.26
C TYR B 4050 -17.82 -67.71 -36.87
N GLU B 4051 -17.97 -67.23 -35.64
CA GLU B 4051 -19.10 -66.37 -35.37
C GLU B 4051 -18.84 -64.99 -35.95
N SER B 4052 -17.59 -64.54 -35.93
CA SER B 4052 -17.28 -63.22 -36.46
C SER B 4052 -17.34 -63.16 -37.98
N TRP B 4053 -17.24 -64.30 -38.65
CA TRP B 4053 -17.44 -64.30 -40.09
C TRP B 4053 -18.91 -64.12 -40.40
N THR B 4054 -19.19 -63.67 -41.61
CA THR B 4054 -20.54 -63.67 -42.13
C THR B 4054 -20.63 -64.65 -43.31
N PRO B 4055 -21.73 -65.41 -43.40
CA PRO B 4055 -21.74 -66.58 -44.29
C PRO B 4055 -21.73 -66.27 -45.77
N GLU B 4056 -22.17 -65.06 -46.14
CA GLU B 4056 -22.14 -64.67 -47.55
C GLU B 4056 -20.72 -64.43 -48.02
N GLN B 4057 -19.79 -64.17 -47.09
CA GLN B 4057 -18.39 -64.10 -47.43
C GLN B 4057 -17.84 -65.46 -47.79
N ILE B 4058 -18.14 -66.47 -46.97
CA ILE B 4058 -17.60 -67.80 -47.21
C ILE B 4058 -18.31 -68.48 -48.36
N SER B 4059 -19.62 -68.32 -48.47
CA SER B 4059 -20.41 -68.96 -49.52
C SER B 4059 -20.20 -68.22 -50.83
N LYS B 4060 -19.17 -68.59 -51.57
CA LYS B 4060 -19.01 -68.16 -52.95
C LYS B 4060 -19.35 -69.34 -53.86
N LYS B 4061 -19.46 -69.06 -55.16
CA LYS B 4061 -19.82 -70.10 -56.12
C LYS B 4061 -18.74 -71.15 -56.21
N ASP B 4062 -17.56 -70.73 -56.65
CA ASP B 4062 -16.34 -71.51 -56.53
C ASP B 4062 -16.05 -71.84 -55.07
N ASN B 4063 -16.12 -73.14 -54.77
CA ASN B 4063 -16.40 -73.52 -53.40
C ASN B 4063 -15.29 -74.36 -52.77
N THR B 4064 -14.94 -75.49 -53.39
CA THR B 4064 -14.38 -76.63 -52.67
C THR B 4064 -12.93 -76.44 -52.24
N HIS B 4065 -12.08 -75.89 -53.10
CA HIS B 4065 -10.67 -75.80 -52.76
C HIS B 4065 -10.39 -74.50 -52.02
N ARG B 4066 -11.44 -73.70 -51.81
CA ARG B 4066 -11.26 -72.32 -51.40
C ARG B 4066 -11.57 -72.12 -49.93
N ALA B 4067 -12.69 -72.65 -49.47
CA ALA B 4067 -13.04 -72.49 -48.07
C ALA B 4067 -12.19 -73.37 -47.18
N HIS B 4068 -11.57 -74.41 -47.73
CA HIS B 4068 -10.63 -75.20 -46.95
C HIS B 4068 -9.38 -74.40 -46.63
N ALA B 4069 -8.98 -73.52 -47.55
CA ALA B 4069 -7.88 -72.62 -47.24
C ALA B 4069 -8.28 -71.59 -46.20
N LEU B 4070 -9.56 -71.17 -46.21
CA LEU B 4070 -10.06 -70.29 -45.18
C LEU B 4070 -10.03 -70.96 -43.82
N PHE B 4071 -10.35 -72.25 -43.78
CA PHE B 4071 -10.22 -73.00 -42.54
C PHE B 4071 -8.75 -73.14 -42.13
N SER B 4072 -7.84 -73.22 -43.11
CA SER B 4072 -6.43 -73.29 -42.78
C SER B 4072 -5.96 -71.99 -42.15
N LEU B 4073 -6.44 -70.86 -42.66
CA LEU B 4073 -6.14 -69.57 -42.07
C LEU B 4073 -6.72 -69.46 -40.67
N ALA B 4074 -7.92 -69.99 -40.47
CA ALA B 4074 -8.55 -69.94 -39.15
C ALA B 4074 -7.76 -70.78 -38.16
N TRP B 4075 -7.35 -71.98 -38.56
CA TRP B 4075 -6.56 -72.83 -37.69
C TRP B 4075 -5.19 -72.23 -37.43
N PHE B 4076 -4.63 -71.54 -38.43
CA PHE B 4076 -3.32 -70.94 -38.27
C PHE B 4076 -3.35 -69.77 -37.31
N HIS B 4077 -4.39 -68.95 -37.41
CA HIS B 4077 -4.57 -67.85 -36.49
C HIS B 4077 -4.81 -68.35 -35.08
N ALA B 4078 -5.61 -69.41 -34.96
CA ALA B 4078 -5.93 -69.97 -33.65
C ALA B 4078 -4.70 -70.60 -33.01
N ALA B 4079 -3.89 -71.29 -33.81
CA ALA B 4079 -2.69 -71.95 -33.29
C ALA B 4079 -1.68 -70.92 -32.81
N CYS B 4080 -1.41 -69.92 -33.65
CA CYS B 4080 -0.43 -68.89 -33.32
C CYS B 4080 -0.87 -68.08 -32.12
N GLN B 4081 -2.18 -67.89 -31.93
CA GLN B 4081 -2.60 -67.25 -30.69
C GLN B 4081 -2.42 -68.18 -29.49
N GLU B 4082 -2.77 -69.46 -29.62
CA GLU B 4082 -2.76 -70.32 -28.45
C GLU B 4082 -1.39 -70.83 -28.06
N ARG B 4083 -0.36 -70.58 -28.88
CA ARG B 4083 0.99 -70.92 -28.44
C ARG B 4083 1.43 -70.08 -27.24
N ARG B 4084 0.80 -68.93 -27.04
CA ARG B 4084 1.28 -67.95 -26.08
C ARG B 4084 1.11 -68.39 -24.63
N ASN B 4085 0.36 -69.47 -24.37
CA ASN B 4085 0.12 -69.88 -23.00
C ASN B 4085 1.37 -70.44 -22.35
N TYR B 4086 2.33 -70.89 -23.15
CA TYR B 4086 3.56 -71.46 -22.65
C TYR B 4086 4.70 -70.52 -22.99
N ILE B 4087 5.35 -69.97 -21.97
CA ILE B 4087 6.36 -68.94 -22.11
C ILE B 4087 7.58 -69.36 -21.29
N PRO B 4088 8.79 -69.36 -21.85
CA PRO B 4088 9.11 -68.90 -23.20
C PRO B 4088 9.12 -69.98 -24.28
N GLN B 4089 8.28 -71.01 -24.16
CA GLN B 4089 8.42 -72.17 -25.02
C GLN B 4089 7.92 -71.92 -26.43
N GLY B 4090 6.64 -71.65 -26.59
CA GLY B 4090 6.09 -71.51 -27.93
C GLY B 4090 6.43 -70.17 -28.56
N TRP B 4091 6.68 -69.16 -27.74
CA TRP B 4091 7.21 -67.89 -28.19
C TRP B 4091 8.10 -67.36 -27.10
N THR B 4092 9.06 -66.51 -27.46
CA THR B 4092 10.01 -66.03 -26.47
C THR B 4092 9.44 -64.84 -25.71
N LYS B 4093 8.56 -64.06 -26.34
CA LYS B 4093 7.83 -63.00 -25.68
C LYS B 4093 6.35 -63.15 -25.99
N PHE B 4094 5.55 -62.26 -25.42
CA PHE B 4094 4.12 -62.26 -25.67
C PHE B 4094 3.79 -61.28 -26.80
N TYR B 4095 3.75 -61.80 -28.01
CA TYR B 4095 3.58 -61.00 -29.20
C TYR B 4095 2.10 -60.69 -29.40
N GLU B 4096 1.80 -59.47 -29.82
CA GLU B 4096 0.43 -58.97 -29.89
C GLU B 4096 -0.14 -59.28 -31.27
N PHE B 4097 -1.10 -60.20 -31.32
CA PHE B 4097 -1.74 -60.57 -32.58
C PHE B 4097 -3.16 -60.03 -32.56
N SER B 4098 -3.56 -59.36 -33.63
CA SER B 4098 -4.86 -58.72 -33.60
C SER B 4098 -5.84 -59.43 -34.51
N LEU B 4099 -7.10 -59.05 -34.36
CA LEU B 4099 -8.13 -59.44 -35.31
C LEU B 4099 -8.02 -58.66 -36.60
N SER B 4100 -7.39 -57.48 -36.54
CA SER B 4100 -7.13 -56.72 -37.76
C SER B 4100 -6.13 -57.43 -38.64
N ASP B 4101 -5.18 -58.15 -38.03
CA ASP B 4101 -4.26 -59.00 -38.77
C ASP B 4101 -5.03 -60.09 -39.53
N LEU B 4102 -6.01 -60.68 -38.85
CA LEU B 4102 -6.81 -61.76 -39.44
C LEU B 4102 -7.66 -61.25 -40.58
N ARG B 4103 -8.22 -60.05 -40.42
CA ARG B 4103 -9.03 -59.49 -41.50
C ARG B 4103 -8.18 -59.05 -42.66
N ALA B 4104 -6.95 -58.60 -42.40
CA ALA B 4104 -6.00 -58.33 -43.47
C ALA B 4104 -5.65 -59.61 -44.23
N GLY B 4105 -5.47 -60.70 -43.50
CA GLY B 4105 -5.21 -61.98 -44.16
C GLY B 4105 -6.38 -62.46 -45.00
N TYR B 4106 -7.59 -62.19 -44.53
CA TYR B 4106 -8.76 -62.50 -45.34
C TYR B 4106 -8.81 -61.66 -46.62
N ASN B 4107 -8.39 -60.40 -46.52
CA ASN B 4107 -8.29 -59.56 -47.71
C ASN B 4107 -7.30 -60.13 -48.71
N ILE B 4108 -6.19 -60.67 -48.18
CA ILE B 4108 -5.16 -61.31 -49.01
C ILE B 4108 -5.73 -62.52 -49.74
N ILE B 4109 -6.45 -63.38 -49.03
CA ILE B 4109 -6.92 -64.62 -49.64
C ILE B 4109 -8.09 -64.34 -50.59
N ASP B 4110 -8.83 -63.25 -50.34
CA ASP B 4110 -9.79 -62.76 -51.32
C ASP B 4110 -9.12 -62.37 -52.62
N ARG B 4111 -8.07 -61.55 -52.55
CA ARG B 4111 -7.44 -61.09 -53.78
C ARG B 4111 -6.62 -62.20 -54.44
N LEU B 4112 -6.34 -63.28 -53.71
CA LEU B 4112 -5.71 -64.43 -54.34
C LEU B 4112 -6.72 -65.31 -55.08
N PHE B 4113 -7.72 -65.84 -54.37
CA PHE B 4113 -8.63 -66.78 -55.00
C PHE B 4113 -9.58 -66.13 -55.99
N ASP B 4114 -10.04 -64.91 -55.72
CA ASP B 4114 -10.74 -64.20 -56.77
C ASP B 4114 -9.79 -63.48 -57.71
N GLY B 4115 -8.50 -63.51 -57.43
CA GLY B 4115 -7.52 -63.36 -58.49
C GLY B 4115 -7.50 -64.60 -59.36
N ALA B 4116 -6.86 -64.48 -60.53
CA ALA B 4116 -7.16 -65.27 -61.71
C ALA B 4116 -7.06 -66.79 -61.59
N LYS B 4117 -5.85 -67.34 -61.43
CA LYS B 4117 -5.65 -68.77 -61.55
C LYS B 4117 -4.50 -69.21 -60.67
N ASP B 4118 -4.68 -70.36 -60.00
CA ASP B 4118 -3.59 -71.22 -59.49
C ASP B 4118 -2.69 -70.50 -58.49
N VAL B 4119 -3.24 -70.15 -57.34
CA VAL B 4119 -2.53 -69.37 -56.33
C VAL B 4119 -1.36 -70.16 -55.79
N GLN B 4120 -0.18 -69.55 -55.88
CA GLN B 4120 1.05 -70.11 -55.34
C GLN B 4120 0.98 -70.07 -53.84
N TRP B 4121 1.13 -71.23 -53.20
CA TRP B 4121 1.10 -71.33 -51.75
C TRP B 4121 2.31 -70.66 -51.13
N GLU B 4122 3.36 -70.50 -51.94
CA GLU B 4122 4.62 -69.89 -51.48
C GLU B 4122 4.42 -68.45 -51.04
N PHE B 4123 3.89 -67.62 -51.92
CA PHE B 4123 3.87 -66.20 -51.67
C PHE B 4123 2.78 -65.78 -50.70
N VAL B 4124 1.78 -66.64 -50.48
CA VAL B 4124 0.86 -66.45 -49.37
C VAL B 4124 1.64 -66.36 -48.08
N HIS B 4125 2.47 -67.37 -47.82
CA HIS B 4125 3.25 -67.33 -46.58
C HIS B 4125 4.42 -66.38 -46.71
N GLY B 4126 4.85 -66.09 -47.94
CA GLY B 4126 5.93 -65.13 -48.11
C GLY B 4126 5.55 -63.72 -47.69
N LEU B 4127 4.50 -63.18 -48.32
CA LEU B 4127 3.94 -61.89 -47.93
C LEU B 4127 3.42 -61.91 -46.50
N LEU B 4128 2.93 -63.07 -46.06
CA LEU B 4128 2.32 -63.16 -44.73
C LEU B 4128 3.38 -63.03 -43.65
N GLU B 4129 4.50 -63.73 -43.79
CA GLU B 4129 5.62 -63.57 -42.87
C GLU B 4129 6.24 -62.19 -43.01
N ASN B 4130 6.44 -61.72 -44.24
CA ASN B 4130 7.22 -60.50 -44.42
C ASN B 4130 6.45 -59.25 -44.04
N ALA B 4131 5.12 -59.32 -43.99
CA ALA B 4131 4.35 -58.13 -43.62
C ALA B 4131 3.60 -58.30 -42.30
N ILE B 4132 2.79 -59.35 -42.17
CA ILE B 4132 1.75 -59.34 -41.15
C ILE B 4132 2.26 -59.86 -39.82
N TYR B 4133 2.57 -61.15 -39.75
CA TYR B 4133 2.87 -61.77 -38.47
C TYR B 4133 4.35 -61.71 -38.12
N GLY B 4134 5.24 -61.64 -39.11
CA GLY B 4134 6.64 -61.43 -38.79
C GLY B 4134 6.95 -59.98 -38.47
N GLY B 4135 5.97 -59.09 -38.64
CA GLY B 4135 6.16 -57.71 -38.24
C GLY B 4135 5.93 -57.49 -36.76
N ARG B 4136 5.90 -58.57 -35.98
CA ARG B 4136 5.89 -58.46 -34.54
C ARG B 4136 7.19 -58.99 -33.95
N ILE B 4137 8.01 -59.63 -34.76
CA ILE B 4137 9.03 -60.56 -34.29
C ILE B 4137 10.39 -59.91 -34.39
N ASP B 4138 11.21 -60.05 -33.33
CA ASP B 4138 12.58 -59.58 -33.35
C ASP B 4138 13.62 -60.70 -33.28
N ASN B 4139 13.38 -61.75 -32.51
CA ASN B 4139 14.34 -62.83 -32.43
C ASN B 4139 14.24 -63.66 -33.70
N TYR B 4140 15.31 -64.37 -34.04
CA TYR B 4140 15.35 -65.08 -35.31
C TYR B 4140 14.66 -66.44 -35.21
N PHE B 4141 14.72 -67.04 -34.04
CA PHE B 4141 14.25 -68.41 -33.91
C PHE B 4141 12.73 -68.46 -33.84
N ASP B 4142 12.11 -67.40 -33.36
CA ASP B 4142 10.67 -67.28 -33.46
C ASP B 4142 10.24 -67.09 -34.91
N LEU B 4143 11.03 -66.37 -35.71
CA LEU B 4143 10.79 -66.31 -37.15
C LEU B 4143 10.88 -67.68 -37.79
N ARG B 4144 11.85 -68.49 -37.34
CA ARG B 4144 11.97 -69.86 -37.81
C ARG B 4144 10.73 -70.67 -37.50
N VAL B 4145 10.20 -70.51 -36.30
CA VAL B 4145 8.98 -71.22 -35.88
C VAL B 4145 7.79 -70.79 -36.72
N LEU B 4146 7.68 -69.49 -37.01
CA LEU B 4146 6.61 -69.01 -37.87
C LEU B 4146 6.77 -69.55 -39.29
N GLN B 4147 8.01 -69.65 -39.77
CA GLN B 4147 8.29 -70.25 -41.06
C GLN B 4147 7.85 -71.70 -41.12
N SER B 4148 8.05 -72.42 -40.01
CA SER B 4148 7.69 -73.83 -40.00
C SER B 4148 6.18 -74.01 -39.99
N TYR B 4149 5.45 -73.16 -39.27
CA TYR B 4149 4.00 -73.32 -39.29
C TYR B 4149 3.42 -72.92 -40.64
N LEU B 4150 4.01 -71.89 -41.26
CA LEU B 4150 3.55 -71.45 -42.57
C LEU B 4150 3.83 -72.47 -43.64
N LYS B 4151 4.97 -73.17 -43.53
CA LYS B 4151 5.28 -74.23 -44.48
C LYS B 4151 4.40 -75.45 -44.24
N GLN B 4152 4.11 -75.75 -42.98
CA GLN B 4152 3.35 -76.93 -42.62
C GLN B 4152 1.89 -76.80 -43.04
N PHE B 4153 1.32 -75.61 -42.89
CA PHE B 4153 -0.14 -75.53 -43.04
C PHE B 4153 -0.55 -75.18 -44.46
N PHE B 4154 0.30 -75.50 -45.43
CA PHE B 4154 -0.08 -75.44 -46.83
C PHE B 4154 0.53 -76.61 -47.58
N ILE B 4170 -1.31 -83.42 -43.15
CA ILE B 4170 -1.54 -81.99 -43.29
C ILE B 4170 -2.03 -81.43 -41.95
N PHE B 4171 -2.77 -82.24 -41.21
CA PHE B 4171 -3.26 -81.92 -39.88
C PHE B 4171 -2.95 -83.09 -38.96
N PRO B 4172 -3.23 -82.99 -37.67
CA PRO B 4172 -3.55 -84.21 -36.93
C PRO B 4172 -4.76 -84.85 -37.57
N TYR B 4173 -4.54 -86.02 -38.19
CA TYR B 4173 -5.46 -86.49 -39.23
C TYR B 4173 -6.74 -87.05 -38.64
N SER B 4174 -6.64 -87.71 -37.48
CA SER B 4174 -7.80 -88.35 -36.89
C SER B 4174 -8.78 -87.32 -36.33
N VAL B 4175 -8.27 -86.20 -35.82
CA VAL B 4175 -9.15 -85.19 -35.25
C VAL B 4175 -9.73 -84.30 -36.35
N SER B 4176 -9.13 -84.36 -37.55
CA SER B 4176 -9.48 -83.47 -38.65
C SER B 4176 -10.36 -84.24 -39.62
N LEU B 4177 -11.63 -83.91 -39.64
CA LEU B 4177 -12.53 -84.45 -40.64
C LEU B 4177 -13.17 -83.30 -41.42
N PRO B 4178 -12.47 -82.72 -42.39
CA PRO B 4178 -13.01 -81.56 -43.10
C PRO B 4178 -14.13 -81.96 -44.06
N GLN B 4179 -14.78 -80.96 -44.61
CA GLN B 4179 -16.01 -81.17 -45.36
C GLN B 4179 -16.04 -80.30 -46.60
N SER B 4180 -17.24 -80.22 -47.18
CA SER B 4180 -17.50 -79.42 -48.36
C SER B 4180 -17.84 -77.99 -47.92
N CYS B 4181 -18.44 -77.19 -48.82
CA CYS B 4181 -18.59 -75.76 -48.58
C CYS B 4181 -19.77 -75.45 -47.65
N SER B 4182 -20.41 -76.48 -47.10
CA SER B 4182 -21.51 -76.29 -46.16
C SER B 4182 -21.02 -75.69 -44.84
N ILE B 4183 -21.60 -74.55 -44.50
CA ILE B 4183 -21.04 -73.67 -43.48
C ILE B 4183 -21.23 -74.26 -42.08
N LEU B 4184 -22.40 -74.86 -41.85
CA LEU B 4184 -22.68 -75.40 -40.53
C LEU B 4184 -21.90 -76.68 -40.25
N ASP B 4185 -21.41 -77.36 -41.29
CA ASP B 4185 -20.45 -78.43 -41.06
C ASP B 4185 -19.13 -77.88 -40.57
N TYR B 4186 -18.72 -76.70 -41.08
CA TYR B 4186 -17.56 -76.03 -40.51
C TYR B 4186 -17.82 -75.63 -39.07
N ARG B 4187 -19.07 -75.30 -38.75
CA ARG B 4187 -19.42 -75.10 -37.34
C ARG B 4187 -19.33 -76.39 -36.53
N ALA B 4188 -19.72 -77.52 -37.14
CA ALA B 4188 -19.93 -78.75 -36.36
C ALA B 4188 -18.64 -79.53 -36.14
N VAL B 4189 -17.68 -79.39 -37.05
CA VAL B 4189 -16.37 -80.00 -36.86
C VAL B 4189 -15.68 -79.40 -35.63
N ILE B 4190 -16.00 -78.14 -35.33
CA ILE B 4190 -15.49 -77.50 -34.12
C ILE B 4190 -15.99 -78.21 -32.86
N GLU B 4191 -17.26 -78.65 -32.86
CA GLU B 4191 -17.70 -79.46 -31.73
C GLU B 4191 -17.12 -80.87 -31.79
N LYS B 4192 -16.76 -81.34 -32.98
CA LYS B 4192 -16.06 -82.62 -33.03
C LYS B 4192 -14.64 -82.51 -32.51
N ILE B 4193 -14.07 -81.30 -32.47
CA ILE B 4193 -12.81 -81.08 -31.77
C ILE B 4193 -13.06 -81.23 -30.27
N PRO B 4194 -12.21 -81.95 -29.53
CA PRO B 4194 -12.50 -82.18 -28.11
C PRO B 4194 -12.41 -80.94 -27.25
N GLU B 4195 -12.93 -81.07 -26.02
CA GLU B 4195 -12.88 -79.99 -25.05
C GLU B 4195 -11.44 -79.64 -24.69
N ASP B 4196 -10.74 -80.57 -24.08
CA ASP B 4196 -9.41 -80.30 -23.57
C ASP B 4196 -8.41 -80.34 -24.73
N ASP B 4197 -7.37 -79.53 -24.62
CA ASP B 4197 -6.38 -79.35 -25.66
C ASP B 4197 -5.15 -80.21 -25.38
N LYS B 4198 -4.41 -80.51 -26.45
CA LYS B 4198 -3.23 -81.35 -26.34
C LYS B 4198 -2.08 -80.64 -27.03
N PRO B 4199 -0.88 -80.68 -26.45
CA PRO B 4199 0.27 -80.08 -27.13
C PRO B 4199 0.77 -80.93 -28.29
N SER B 4200 0.28 -82.16 -28.42
CA SER B 4200 0.56 -82.95 -29.62
C SER B 4200 -0.07 -82.33 -30.85
N PHE B 4201 -1.16 -81.59 -30.69
CA PHE B 4201 -1.68 -80.76 -31.77
C PHE B 4201 -0.74 -79.62 -32.13
N PHE B 4202 0.16 -79.28 -31.22
CA PHE B 4202 1.02 -78.13 -31.41
C PHE B 4202 2.46 -78.53 -31.63
N GLY B 4203 2.95 -79.55 -30.93
CA GLY B 4203 4.30 -80.00 -31.13
C GLY B 4203 5.14 -80.05 -29.88
N LEU B 4204 4.69 -79.48 -28.79
CA LEU B 4204 5.42 -79.51 -27.54
C LEU B 4204 5.44 -80.90 -26.95
N PRO B 4205 6.47 -81.23 -26.16
CA PRO B 4205 6.47 -82.52 -25.46
C PRO B 4205 5.51 -82.52 -24.28
N ALA B 4206 5.51 -83.64 -23.55
CA ALA B 4206 4.41 -83.89 -22.62
C ALA B 4206 4.77 -83.47 -21.20
N ASN B 4207 6.06 -83.28 -20.92
CA ASN B 4207 6.47 -82.76 -19.61
C ASN B 4207 6.13 -81.29 -19.43
N ILE B 4208 5.87 -80.59 -20.54
CA ILE B 4208 5.41 -79.21 -20.53
C ILE B 4208 4.14 -79.08 -19.69
N ALA B 4209 3.18 -79.97 -19.90
CA ALA B 4209 1.90 -79.88 -19.20
C ALA B 4209 2.08 -80.19 -17.72
N ARG B 4210 3.03 -81.07 -17.39
CA ARG B 4210 3.32 -81.39 -16.00
C ARG B 4210 3.84 -80.17 -15.25
N SER B 4211 4.86 -79.51 -15.80
CA SER B 4211 5.40 -78.33 -15.14
C SER B 4211 4.40 -77.17 -15.11
N SER B 4212 3.65 -77.01 -16.22
CA SER B 4212 2.67 -75.94 -16.32
C SER B 4212 1.56 -76.11 -15.31
N GLN B 4213 1.03 -77.32 -15.14
CA GLN B 4213 -0.08 -77.51 -14.23
C GLN B 4213 0.36 -77.45 -12.77
N ARG B 4214 1.59 -77.89 -12.48
CA ARG B 4214 2.14 -77.69 -11.14
C ARG B 4214 2.19 -76.21 -10.78
N MET B 4215 2.72 -75.39 -11.68
CA MET B 4215 2.87 -73.96 -11.36
C MET B 4215 1.54 -73.22 -11.35
N ILE B 4216 0.65 -73.54 -12.31
CA ILE B 4216 -0.65 -72.85 -12.37
C ILE B 4216 -1.52 -73.23 -11.18
N SER B 4217 -1.44 -74.49 -10.76
CA SER B 4217 -2.20 -74.92 -9.59
C SER B 4217 -1.72 -74.23 -8.33
N SER B 4218 -0.39 -74.10 -8.17
CA SER B 4218 0.11 -73.36 -7.01
C SER B 4218 -0.28 -71.89 -7.06
N GLN B 4219 -0.36 -71.31 -8.28
CA GLN B 4219 -0.81 -69.94 -8.43
C GLN B 4219 -2.27 -69.75 -7.98
N VAL B 4220 -3.17 -70.62 -8.43
CA VAL B 4220 -4.58 -70.44 -8.11
C VAL B 4220 -4.84 -70.75 -6.64
N ILE B 4221 -4.07 -71.67 -6.07
CA ILE B 4221 -4.21 -71.97 -4.64
C ILE B 4221 -3.74 -70.80 -3.79
N SER B 4222 -2.64 -70.15 -4.18
CA SER B 4222 -2.21 -68.97 -3.43
C SER B 4222 -3.16 -67.80 -3.63
N GLN B 4223 -3.74 -67.67 -4.81
CA GLN B 4223 -4.69 -66.59 -5.06
C GLN B 4223 -5.97 -66.76 -4.27
N LEU B 4224 -6.47 -67.99 -4.13
CA LEU B 4224 -7.60 -68.21 -3.24
C LEU B 4224 -7.20 -68.14 -1.77
N ARG B 4225 -5.91 -68.32 -1.48
CA ARG B 4225 -5.43 -68.09 -0.12
C ARG B 4225 -5.50 -66.61 0.22
N ILE B 4226 -5.35 -65.75 -0.79
CA ILE B 4226 -5.45 -64.30 -0.55
C ILE B 4226 -6.87 -63.90 -0.15
N LEU B 4227 -7.89 -64.54 -0.75
CA LEU B 4227 -9.28 -64.15 -0.50
C LEU B 4227 -9.77 -64.55 0.88
N GLY B 4228 -9.01 -65.35 1.63
CA GLY B 4228 -9.51 -65.83 2.90
C GLY B 4228 -9.26 -64.86 4.04
N ARG B 4229 -8.17 -64.12 3.98
CA ARG B 4229 -7.70 -63.34 5.11
C ARG B 4229 -8.50 -62.05 5.27
N ASP B 4238 9.56 -50.69 9.67
CA ASP B 4238 10.96 -50.67 10.05
C ASP B 4238 11.26 -51.79 11.04
N ARG B 4239 10.24 -52.16 11.80
CA ARG B 4239 10.29 -53.25 12.77
C ARG B 4239 10.56 -54.61 12.11
N GLU B 4240 10.11 -54.79 10.87
CA GLU B 4240 10.35 -56.03 10.14
C GLU B 4240 11.82 -56.19 9.79
N ILE B 4241 12.51 -55.07 9.56
CA ILE B 4241 13.95 -55.08 9.42
C ILE B 4241 14.61 -55.42 10.76
N TRP B 4242 14.06 -54.87 11.86
CA TRP B 4242 14.48 -55.29 13.20
C TRP B 4242 14.00 -56.70 13.50
N SER B 4243 12.95 -57.15 12.82
CA SER B 4243 12.59 -58.54 12.83
C SER B 4243 13.47 -59.32 11.85
N ASN B 4244 13.00 -60.52 11.52
CA ASN B 4244 13.85 -61.41 10.73
C ASN B 4244 13.22 -61.83 9.41
N GLU B 4245 12.67 -60.89 8.64
CA GLU B 4245 12.22 -61.23 7.30
C GLU B 4245 13.40 -61.35 6.33
N LEU B 4246 14.58 -60.88 6.73
CA LEU B 4246 15.73 -60.88 5.86
C LEU B 4246 16.94 -61.59 6.46
N SER B 4247 16.79 -62.15 7.65
CA SER B 4247 17.87 -62.93 8.25
C SER B 4247 18.33 -64.16 7.46
N PRO B 4248 17.51 -64.96 6.75
CA PRO B 4248 18.09 -66.11 6.03
C PRO B 4248 19.00 -65.75 4.86
N VAL B 4249 18.95 -64.52 4.35
CA VAL B 4249 19.90 -64.08 3.33
C VAL B 4249 21.29 -64.04 3.93
N LEU B 4250 21.42 -63.32 5.06
CA LEU B 4250 22.68 -63.23 5.77
C LEU B 4250 23.11 -64.59 6.29
N ASN B 4251 22.14 -65.44 6.66
CA ASN B 4251 22.44 -66.78 7.12
C ASN B 4251 23.01 -67.65 6.00
N LEU B 4252 22.51 -67.51 4.77
CA LEU B 4252 23.08 -68.25 3.66
C LEU B 4252 24.45 -67.74 3.29
N TRP B 4253 24.67 -66.43 3.44
CA TRP B 4253 26.00 -65.89 3.17
C TRP B 4253 27.02 -66.41 4.17
N LYS B 4254 26.64 -66.50 5.45
CA LYS B 4254 27.56 -66.99 6.46
C LYS B 4254 27.84 -68.48 6.31
N LYS B 4255 26.96 -69.20 5.60
CA LYS B 4255 27.24 -70.60 5.30
C LYS B 4255 28.09 -70.73 4.05
N LEU B 4256 27.94 -69.79 3.10
CA LEU B 4256 28.75 -69.85 1.90
C LEU B 4256 30.20 -69.48 2.17
N ASN B 4257 30.43 -68.48 3.02
CA ASN B 4257 31.77 -67.91 3.14
C ASN B 4257 32.32 -67.91 4.56
N GLN B 4258 32.28 -69.05 5.27
CA GLN B 4258 32.86 -69.07 6.62
C GLN B 4258 34.26 -69.69 6.62
N ASN B 4259 34.60 -70.44 5.57
CA ASN B 4259 35.93 -71.03 5.50
C ASN B 4259 36.62 -70.69 4.19
N SER B 4260 36.39 -69.48 3.69
CA SER B 4260 36.98 -68.99 2.45
C SER B 4260 37.44 -67.54 2.61
N ASN B 4261 38.09 -67.24 3.73
CA ASN B 4261 38.46 -65.86 4.05
C ASN B 4261 39.56 -65.35 3.12
N LEU B 4262 40.34 -66.27 2.55
CA LEU B 4262 41.23 -65.90 1.46
C LEU B 4262 40.44 -65.55 0.21
N ILE B 4263 39.27 -66.18 0.03
CA ILE B 4263 38.55 -66.05 -1.23
C ILE B 4263 37.66 -64.79 -1.21
N HIS B 4264 37.60 -64.13 -0.05
CA HIS B 4264 37.06 -62.77 -0.05
C HIS B 4264 38.01 -61.76 0.57
N GLN B 4265 39.27 -62.14 0.84
CA GLN B 4265 40.20 -61.22 1.47
C GLN B 4265 41.58 -61.27 0.83
N LYS B 4266 41.65 -61.64 -0.45
CA LYS B 4266 42.92 -61.56 -1.16
C LYS B 4266 42.84 -60.51 -2.27
N VAL B 4267 44.00 -60.01 -2.68
CA VAL B 4267 44.06 -58.99 -3.72
C VAL B 4267 44.94 -59.47 -4.87
N PRO B 4268 44.38 -59.64 -6.07
CA PRO B 4268 45.23 -59.90 -7.23
C PRO B 4268 45.82 -58.61 -7.76
N PRO B 4269 46.99 -58.66 -8.39
CA PRO B 4269 47.57 -57.45 -8.96
C PRO B 4269 46.83 -57.03 -10.23
N PRO B 4270 46.70 -55.73 -10.46
CA PRO B 4270 46.12 -55.26 -11.73
C PRO B 4270 47.08 -55.52 -12.87
N ASN B 4271 46.63 -56.29 -13.86
CA ASN B 4271 47.54 -56.84 -14.87
C ASN B 4271 47.14 -56.39 -16.27
N ASP B 4272 48.14 -56.35 -17.14
CA ASP B 4272 47.96 -56.14 -18.57
C ASP B 4272 48.19 -57.44 -19.32
N ARG B 4273 48.23 -57.34 -20.65
CA ARG B 4273 48.30 -58.51 -21.52
C ARG B 4273 49.64 -59.21 -21.41
N GLN B 4274 49.59 -60.51 -21.16
CA GLN B 4274 50.75 -61.38 -21.11
C GLN B 4274 51.00 -61.99 -22.48
N GLY B 4275 51.75 -63.10 -22.49
CA GLY B 4275 52.06 -63.77 -23.74
C GLY B 4275 50.84 -64.38 -24.40
N SER B 4276 50.31 -65.45 -23.85
CA SER B 4276 49.18 -66.09 -24.54
C SER B 4276 47.89 -65.44 -24.10
N PRO B 4277 46.92 -65.23 -25.00
CA PRO B 4277 45.71 -64.50 -24.62
C PRO B 4277 44.72 -65.29 -23.77
N ILE B 4278 45.08 -66.46 -23.26
CA ILE B 4278 44.19 -67.18 -22.38
C ILE B 4278 44.59 -66.95 -20.92
N LEU B 4279 45.79 -66.43 -20.70
CA LEU B 4279 46.21 -66.12 -19.34
C LEU B 4279 45.56 -64.84 -18.86
N SER B 4280 45.52 -63.84 -19.74
CA SER B 4280 45.00 -62.52 -19.42
C SER B 4280 43.51 -62.58 -19.09
N PHE B 4281 42.80 -63.44 -19.82
CA PHE B 4281 41.37 -63.65 -19.60
C PHE B 4281 41.09 -64.14 -18.19
N ILE B 4282 41.82 -65.17 -17.76
CA ILE B 4282 41.58 -65.77 -16.46
C ILE B 4282 42.04 -64.85 -15.33
N ILE B 4283 43.07 -64.05 -15.58
CA ILE B 4283 43.50 -63.09 -14.55
C ILE B 4283 42.46 -61.98 -14.37
N LEU B 4284 41.92 -61.45 -15.47
CA LEU B 4284 40.84 -60.46 -15.37
C LEU B 4284 39.59 -61.07 -14.74
N GLU B 4285 39.35 -62.35 -15.02
CA GLU B 4285 38.23 -63.07 -14.43
C GLU B 4285 38.37 -63.12 -12.92
N GLN B 4286 39.57 -63.48 -12.45
CA GLN B 4286 39.89 -63.54 -11.03
C GLN B 4286 39.71 -62.19 -10.35
N PHE B 4287 40.18 -61.14 -11.03
CA PHE B 4287 40.09 -59.79 -10.49
C PHE B 4287 38.66 -59.31 -10.37
N ASN B 4288 37.87 -59.52 -11.43
CA ASN B 4288 36.45 -59.14 -11.40
C ASN B 4288 35.67 -59.93 -10.37
N ALA B 4289 36.02 -61.21 -10.20
CA ALA B 4289 35.30 -62.06 -9.25
C ALA B 4289 35.56 -61.61 -7.82
N ILE B 4290 36.83 -61.37 -7.47
CA ILE B 4290 37.15 -60.93 -6.11
C ILE B 4290 36.57 -59.54 -5.85
N ARG B 4291 36.54 -58.69 -6.88
CA ARG B 4291 35.96 -57.36 -6.72
C ARG B 4291 34.46 -57.42 -6.43
N LEU B 4292 33.73 -58.27 -7.16
CA LEU B 4292 32.28 -58.36 -6.94
C LEU B 4292 31.97 -59.00 -5.59
N VAL B 4293 32.77 -60.00 -5.18
CA VAL B 4293 32.58 -60.67 -3.89
C VAL B 4293 32.79 -59.69 -2.74
N GLN B 4294 33.85 -58.89 -2.79
CA GLN B 4294 34.08 -57.94 -1.72
C GLN B 4294 33.06 -56.79 -1.72
N SER B 4295 32.55 -56.42 -2.91
CA SER B 4295 31.48 -55.42 -2.97
C SER B 4295 30.21 -55.94 -2.31
N VAL B 4296 29.86 -57.20 -2.56
CA VAL B 4296 28.71 -57.82 -1.92
C VAL B 4296 28.91 -57.90 -0.40
N HIS B 4297 30.15 -58.17 0.02
CA HIS B 4297 30.41 -58.28 1.46
C HIS B 4297 30.27 -56.93 2.16
N GLN B 4298 30.66 -55.85 1.49
CA GLN B 4298 30.45 -54.53 2.06
C GLN B 4298 28.95 -54.18 2.12
N SER B 4299 28.23 -54.44 1.02
CA SER B 4299 26.80 -54.14 0.96
C SER B 4299 25.99 -54.96 1.94
N LEU B 4300 26.49 -56.12 2.38
CA LEU B 4300 25.82 -56.86 3.44
C LEU B 4300 26.32 -56.51 4.82
N ALA B 4301 27.56 -56.03 4.96
CA ALA B 4301 28.04 -55.64 6.28
C ALA B 4301 27.34 -54.38 6.78
N ALA B 4302 26.99 -53.48 5.86
CA ALA B 4302 26.26 -52.27 6.24
C ALA B 4302 24.86 -52.60 6.75
N LEU B 4303 24.13 -53.42 6.00
CA LEU B 4303 22.78 -53.79 6.41
C LEU B 4303 22.80 -54.76 7.58
N SER B 4304 23.91 -55.44 7.84
CA SER B 4304 24.04 -56.21 9.05
C SER B 4304 24.23 -55.31 10.26
N LYS B 4305 25.06 -54.28 10.16
CA LYS B 4305 25.28 -53.39 11.29
C LYS B 4305 24.07 -52.51 11.60
N VAL B 4306 23.22 -52.22 10.61
CA VAL B 4306 22.05 -51.40 10.95
C VAL B 4306 20.97 -52.22 11.65
N ILE B 4307 21.11 -53.55 11.68
CA ILE B 4307 20.12 -54.37 12.37
C ILE B 4307 20.68 -54.92 13.67
N ARG B 4308 21.70 -55.76 13.56
CA ARG B 4308 22.28 -56.45 14.70
C ARG B 4308 23.41 -55.66 15.33
N GLY B 4309 23.35 -54.33 15.24
CA GLY B 4309 24.39 -53.50 15.81
C GLY B 4309 23.88 -52.12 16.13
N THR B 4310 24.81 -51.19 16.31
CA THR B 4310 24.50 -49.84 16.76
C THR B 4310 24.98 -48.85 15.70
N THR B 4311 24.12 -48.55 14.73
CA THR B 4311 24.36 -47.46 13.80
C THR B 4311 23.01 -46.99 13.24
N LEU B 4312 23.08 -46.12 12.25
CA LEU B 4312 21.91 -45.43 11.71
C LEU B 4312 21.80 -45.70 10.22
N LEU B 4313 20.83 -45.06 9.56
CA LEU B 4313 20.50 -45.40 8.18
C LEU B 4313 21.05 -44.38 7.19
N SER B 4314 21.41 -44.89 6.00
CA SER B 4314 21.58 -44.11 4.80
C SER B 4314 20.40 -44.34 3.86
N SER B 4315 20.55 -43.88 2.62
CA SER B 4315 19.53 -44.14 1.62
C SER B 4315 19.80 -45.43 0.84
N GLU B 4316 21.07 -45.74 0.58
CA GLU B 4316 21.40 -46.94 -0.19
C GLU B 4316 21.13 -48.21 0.64
N VAL B 4317 21.30 -48.09 1.96
CA VAL B 4317 20.84 -49.14 2.85
C VAL B 4317 19.35 -49.38 2.72
N GLN B 4318 18.57 -48.31 2.54
CA GLN B 4318 17.14 -48.46 2.32
C GLN B 4318 16.85 -49.06 0.96
N LYS B 4319 17.68 -48.76 -0.04
CA LYS B 4319 17.52 -49.36 -1.36
C LYS B 4319 17.76 -50.86 -1.34
N LEU B 4320 18.86 -51.29 -0.70
CA LEU B 4320 19.15 -52.70 -0.52
C LEU B 4320 18.06 -53.39 0.27
N ALA B 4321 17.59 -52.73 1.33
CA ALA B 4321 16.56 -53.32 2.17
C ALA B 4321 15.23 -53.43 1.44
N SER B 4322 14.87 -52.43 0.64
CA SER B 4322 13.62 -52.48 -0.10
C SER B 4322 13.65 -53.57 -1.15
N ALA B 4323 14.76 -53.68 -1.89
CA ALA B 4323 14.85 -54.70 -2.92
C ALA B 4323 14.90 -56.10 -2.32
N LEU B 4324 15.53 -56.25 -1.15
CA LEU B 4324 15.66 -57.58 -0.57
C LEU B 4324 14.40 -57.99 0.17
N LEU B 4325 13.66 -57.02 0.72
CA LEU B 4325 12.32 -57.30 1.24
C LEU B 4325 11.36 -57.70 0.13
N ASN B 4326 11.43 -57.05 -1.02
CA ASN B 4326 10.64 -57.54 -2.15
C ASN B 4326 11.29 -58.73 -2.83
N GLN B 4327 12.46 -59.16 -2.36
CA GLN B 4327 13.20 -60.33 -2.80
C GLN B 4327 13.57 -60.30 -4.28
N LYS B 4328 13.75 -59.10 -4.82
CA LYS B 4328 14.39 -58.88 -6.10
C LYS B 4328 15.84 -58.49 -5.81
N CYS B 4329 16.65 -58.37 -6.85
CA CYS B 4329 18.04 -57.98 -6.66
C CYS B 4329 18.24 -56.50 -6.99
N PRO B 4330 19.14 -55.80 -6.28
CA PRO B 4330 19.33 -54.38 -6.54
C PRO B 4330 20.05 -54.14 -7.86
N LEU B 4331 19.90 -52.92 -8.38
CA LEU B 4331 20.44 -52.62 -9.69
C LEU B 4331 21.95 -52.51 -9.68
N ALA B 4332 22.54 -52.24 -8.52
CA ALA B 4332 23.99 -52.17 -8.42
C ALA B 4332 24.63 -53.53 -8.62
N TRP B 4333 23.97 -54.58 -8.13
CA TRP B 4333 24.48 -55.92 -8.32
C TRP B 4333 24.30 -56.39 -9.75
N GLN B 4334 23.20 -55.99 -10.40
CA GLN B 4334 23.02 -56.36 -11.80
C GLN B 4334 23.81 -55.48 -12.75
N SER B 4335 24.38 -54.38 -12.26
CA SER B 4335 25.27 -53.59 -13.08
C SER B 4335 26.53 -54.37 -13.44
N LYS B 4336 27.04 -55.16 -12.49
CA LYS B 4336 28.25 -55.93 -12.76
C LYS B 4336 27.91 -57.21 -13.51
N TRP B 4337 27.18 -58.12 -12.86
CA TRP B 4337 26.94 -59.45 -13.40
C TRP B 4337 25.47 -59.81 -13.31
N GLU B 4338 24.92 -60.29 -14.42
CA GLU B 4338 23.53 -60.74 -14.43
C GLU B 4338 23.44 -62.09 -13.75
N GLY B 4339 22.55 -62.21 -12.77
CA GLY B 4339 22.35 -63.47 -12.08
C GLY B 4339 20.89 -63.84 -12.00
N PRO B 4340 20.53 -64.76 -11.11
CA PRO B 4340 19.13 -65.12 -10.96
C PRO B 4340 18.40 -64.12 -10.09
N GLU B 4341 17.07 -64.07 -10.27
CA GLU B 4341 16.25 -63.08 -9.59
C GLU B 4341 16.13 -63.40 -8.11
N ASP B 4342 16.25 -64.65 -7.76
CA ASP B 4342 16.47 -65.07 -6.38
C ASP B 4342 17.80 -64.50 -5.91
N PRO B 4343 17.82 -63.66 -4.88
CA PRO B 4343 19.12 -63.20 -4.34
C PRO B 4343 19.89 -64.32 -3.64
N LEU B 4344 19.17 -65.29 -3.09
CA LEU B 4344 19.80 -66.43 -2.43
C LEU B 4344 20.58 -67.27 -3.43
N GLN B 4345 19.90 -67.64 -4.52
CA GLN B 4345 20.51 -68.39 -5.61
C GLN B 4345 21.61 -67.59 -6.30
N TYR B 4346 21.48 -66.26 -6.29
CA TYR B 4346 22.52 -65.37 -6.77
C TYR B 4346 23.80 -65.50 -5.97
N LEU B 4347 23.67 -65.44 -4.63
CA LEU B 4347 24.83 -65.61 -3.76
C LEU B 4347 25.43 -67.00 -3.91
N ARG B 4348 24.57 -68.00 -4.14
CA ARG B 4348 25.04 -69.37 -4.40
C ARG B 4348 25.93 -69.45 -5.63
N GLY B 4349 25.42 -68.98 -6.77
CA GLY B 4349 26.18 -68.99 -8.02
C GLY B 4349 27.46 -68.20 -7.93
N LEU B 4350 27.42 -67.06 -7.24
CA LEU B 4350 28.59 -66.22 -7.09
C LEU B 4350 29.71 -66.89 -6.30
N VAL B 4351 29.38 -67.48 -5.15
CA VAL B 4351 30.41 -68.11 -4.33
C VAL B 4351 30.94 -69.37 -5.02
N ALA B 4352 30.08 -70.05 -5.80
CA ALA B 4352 30.53 -71.20 -6.58
C ALA B 4352 31.57 -70.82 -7.63
N ARG B 4353 31.30 -69.75 -8.37
CA ARG B 4353 32.27 -69.28 -9.37
C ARG B 4353 33.53 -68.76 -8.69
N ALA B 4354 33.40 -68.23 -7.46
CA ALA B 4354 34.54 -67.74 -6.70
C ALA B 4354 35.50 -68.86 -6.32
N LEU B 4355 34.97 -70.04 -5.98
CA LEU B 4355 35.84 -71.19 -5.77
C LEU B 4355 36.46 -71.64 -7.08
N ALA B 4356 35.62 -71.62 -8.13
CA ALA B 4356 35.97 -72.23 -9.41
C ALA B 4356 37.15 -71.54 -10.06
N ILE B 4357 37.14 -70.21 -10.13
CA ILE B 4357 38.15 -69.47 -10.90
C ILE B 4357 39.54 -69.60 -10.26
N GLN B 4358 39.59 -69.78 -8.94
CA GLN B 4358 40.88 -70.09 -8.31
C GLN B 4358 41.37 -71.47 -8.74
N ASN B 4359 40.45 -72.45 -8.83
CA ASN B 4359 40.88 -73.74 -9.38
C ASN B 4359 41.29 -73.66 -10.85
N TRP B 4360 40.64 -72.79 -11.61
CA TRP B 4360 41.00 -72.57 -13.02
C TRP B 4360 42.40 -71.98 -13.14
N VAL B 4361 42.75 -71.05 -12.25
CA VAL B 4361 44.10 -70.50 -12.22
C VAL B 4361 45.12 -71.57 -11.86
N ASP B 4362 44.79 -72.40 -10.87
CA ASP B 4362 45.72 -73.44 -10.43
C ASP B 4362 46.00 -74.48 -11.50
N LYS B 4363 45.00 -74.78 -12.32
CA LYS B 4363 45.27 -75.74 -13.40
C LYS B 4363 45.61 -75.07 -14.72
N ALA B 4364 45.63 -73.74 -14.80
CA ALA B 4364 46.05 -73.09 -16.03
C ALA B 4364 47.36 -72.32 -15.89
N GLU B 4365 48.00 -72.36 -14.73
CA GLU B 4365 49.35 -71.80 -14.63
C GLU B 4365 50.37 -72.62 -15.40
N LYS B 4366 50.12 -73.90 -15.60
CA LYS B 4366 51.10 -74.81 -16.16
C LYS B 4366 50.86 -75.12 -17.63
N GLN B 4367 49.95 -74.38 -18.28
CA GLN B 4367 49.41 -74.63 -19.61
C GLN B 4367 48.82 -76.03 -19.77
N ALA B 4368 48.30 -76.61 -18.69
CA ALA B 4368 47.63 -77.89 -18.76
C ALA B 4368 46.13 -77.73 -18.95
N LEU B 4369 45.70 -76.63 -19.56
CA LEU B 4369 44.28 -76.36 -19.70
C LEU B 4369 43.73 -77.03 -20.97
N LEU B 4370 44.59 -77.73 -21.70
CA LEU B 4370 44.15 -78.46 -22.88
C LEU B 4370 43.65 -79.85 -22.51
N SER B 4371 44.30 -80.50 -21.54
CA SER B 4371 44.06 -81.91 -21.30
C SER B 4371 42.80 -82.16 -20.50
N GLU B 4372 42.56 -81.37 -19.47
CA GLU B 4372 41.58 -81.70 -18.45
C GLU B 4372 40.15 -81.43 -18.96
N THR B 4373 39.20 -82.21 -18.44
CA THR B 4373 37.78 -81.97 -18.72
C THR B 4373 37.30 -80.81 -17.87
N LEU B 4374 36.77 -79.78 -18.53
CA LEU B 4374 36.30 -78.59 -17.82
C LEU B 4374 34.84 -78.33 -18.17
N ASP B 4375 34.23 -77.40 -17.45
CA ASP B 4375 32.81 -77.12 -17.61
C ASP B 4375 32.56 -75.62 -17.71
N LEU B 4376 31.67 -75.24 -18.63
CA LEU B 4376 31.36 -73.84 -18.88
C LEU B 4376 30.35 -73.25 -17.91
N SER B 4377 30.02 -73.94 -16.82
CA SER B 4377 29.18 -73.32 -15.81
C SER B 4377 29.92 -72.21 -15.08
N GLU B 4378 31.24 -72.26 -15.09
CA GLU B 4378 32.03 -71.48 -14.15
C GLU B 4378 32.61 -70.23 -14.79
N LEU B 4379 32.16 -69.90 -16.00
CA LEU B 4379 32.63 -68.70 -16.67
C LEU B 4379 31.57 -67.61 -16.64
N PHE B 4380 31.96 -66.45 -16.09
CA PHE B 4380 31.08 -65.29 -16.09
C PHE B 4380 30.79 -64.80 -17.51
N HIS B 4381 31.75 -64.93 -18.43
CA HIS B 4381 31.57 -64.50 -19.81
C HIS B 4381 32.20 -65.55 -20.72
N PRO B 4382 31.46 -66.62 -21.04
CA PRO B 4382 32.10 -67.76 -21.71
C PRO B 4382 32.44 -67.52 -23.18
N ASP B 4383 31.72 -66.63 -23.88
CA ASP B 4383 32.03 -66.42 -25.29
C ASP B 4383 33.36 -65.69 -25.46
N THR B 4384 33.73 -64.87 -24.47
CA THR B 4384 35.04 -64.24 -24.49
C THR B 4384 36.15 -65.27 -24.29
N PHE B 4385 35.89 -66.31 -23.50
CA PHE B 4385 36.81 -67.44 -23.40
C PHE B 4385 36.94 -68.16 -24.74
N LEU B 4386 35.82 -68.34 -25.43
CA LEU B 4386 35.87 -69.06 -26.69
C LEU B 4386 36.55 -68.22 -27.77
N ASN B 4387 36.37 -66.91 -27.73
CA ASN B 4387 37.12 -66.05 -28.65
C ASN B 4387 38.59 -65.93 -28.25
N ALA B 4388 38.95 -66.19 -26.98
CA ALA B 4388 40.35 -66.31 -26.66
C ALA B 4388 40.95 -67.57 -27.27
N LEU B 4389 40.19 -68.66 -27.27
CA LEU B 4389 40.62 -69.85 -28.02
C LEU B 4389 40.75 -69.56 -29.51
N ARG B 4390 39.90 -68.67 -30.04
CA ARG B 4390 40.03 -68.27 -31.44
C ARG B 4390 41.37 -67.60 -31.71
N GLN B 4391 41.83 -66.74 -30.79
CA GLN B 4391 43.12 -66.08 -30.98
C GLN B 4391 44.28 -67.04 -30.85
N GLU B 4392 44.22 -67.94 -29.86
CA GLU B 4392 45.34 -68.89 -29.74
C GLU B 4392 45.43 -69.85 -30.90
N THR B 4393 44.31 -70.31 -31.44
CA THR B 4393 44.38 -71.15 -32.63
C THR B 4393 44.85 -70.37 -33.85
N ALA B 4394 44.37 -69.13 -34.01
CA ALA B 4394 44.78 -68.34 -35.18
C ALA B 4394 46.24 -67.91 -35.09
N ARG B 4395 46.81 -67.90 -33.89
CA ARG B 4395 48.22 -67.58 -33.76
C ARG B 4395 49.08 -68.84 -33.92
N ALA B 4396 48.57 -69.98 -33.43
CA ALA B 4396 49.34 -71.22 -33.53
C ALA B 4396 49.38 -71.75 -34.95
N VAL B 4397 48.28 -71.65 -35.68
CA VAL B 4397 48.24 -72.09 -37.07
C VAL B 4397 49.12 -71.25 -37.98
N GLY B 4398 48.98 -69.94 -37.95
CA GLY B 4398 49.67 -69.11 -38.93
C GLY B 4398 48.72 -68.71 -40.03
N ARG B 4399 47.54 -68.26 -39.63
CA ARG B 4399 46.50 -67.83 -40.56
C ARG B 4399 45.74 -66.71 -39.88
N SER B 4400 45.14 -65.83 -40.67
CA SER B 4400 44.44 -64.67 -40.12
C SER B 4400 43.19 -65.09 -39.37
N VAL B 4401 42.77 -64.26 -38.42
CA VAL B 4401 41.74 -64.65 -37.47
C VAL B 4401 40.35 -64.69 -38.11
N ASP B 4402 40.15 -63.90 -39.18
CA ASP B 4402 38.85 -63.86 -39.83
C ASP B 4402 38.53 -65.12 -40.62
N SER B 4403 39.54 -65.93 -40.91
CA SER B 4403 39.32 -67.09 -41.76
C SER B 4403 39.25 -68.38 -40.97
N LEU B 4404 38.61 -68.37 -39.81
CA LEU B 4404 38.39 -69.62 -39.10
C LEU B 4404 36.90 -69.92 -39.00
N LYS B 4405 36.57 -71.05 -38.37
CA LYS B 4405 35.21 -71.44 -38.10
C LYS B 4405 35.17 -72.08 -36.72
N PHE B 4406 33.96 -72.20 -36.17
CA PHE B 4406 33.75 -72.89 -34.91
C PHE B 4406 32.77 -74.04 -35.09
N VAL B 4407 33.30 -75.26 -35.04
CA VAL B 4407 32.49 -76.46 -35.10
C VAL B 4407 32.90 -77.39 -33.96
N ALA B 4408 31.93 -77.91 -33.23
CA ALA B 4408 32.16 -78.99 -32.29
C ALA B 4408 31.50 -80.25 -32.83
N SER B 4409 31.78 -81.38 -32.18
CA SER B 4409 31.30 -82.65 -32.69
C SER B 4409 31.16 -83.65 -31.55
N TRP B 4410 30.68 -84.84 -31.86
CA TRP B 4410 30.53 -85.88 -30.86
C TRP B 4410 31.15 -87.20 -31.28
N LYS B 4411 31.32 -87.44 -32.58
CA LYS B 4411 31.77 -88.74 -33.06
C LYS B 4411 33.29 -88.81 -33.19
N GLY B 4412 33.97 -88.40 -32.12
CA GLY B 4412 35.41 -88.55 -32.05
C GLY B 4412 36.16 -87.25 -31.99
N ARG B 4413 37.48 -87.33 -31.82
CA ARG B 4413 38.34 -86.18 -31.63
C ARG B 4413 38.43 -85.39 -32.93
N LEU B 4414 38.59 -84.08 -32.80
CA LEU B 4414 38.78 -83.22 -33.96
C LEU B 4414 40.12 -83.54 -34.60
N GLN B 4415 40.09 -83.75 -35.92
CA GLN B 4415 41.32 -83.99 -36.65
C GLN B 4415 41.98 -82.70 -37.09
N GLU B 4416 41.26 -81.90 -37.88
CA GLU B 4416 41.82 -80.74 -38.57
C GLU B 4416 42.00 -79.52 -37.67
N ALA B 4417 41.50 -79.58 -36.44
CA ALA B 4417 41.58 -78.44 -35.53
C ALA B 4417 42.98 -78.38 -34.92
N LYS B 4418 43.29 -77.25 -34.29
CA LYS B 4418 44.58 -77.14 -33.62
C LYS B 4418 44.53 -77.71 -32.20
N LEU B 4419 43.48 -77.39 -31.44
CA LEU B 4419 43.39 -77.79 -30.06
C LEU B 4419 42.06 -78.49 -29.78
N GLN B 4420 42.05 -79.37 -28.78
CA GLN B 4420 40.88 -80.16 -28.44
C GLN B 4420 40.66 -80.10 -26.94
N ILE B 4421 39.51 -79.56 -26.53
CA ILE B 4421 39.16 -79.46 -25.12
C ILE B 4421 37.80 -80.12 -24.90
N LYS B 4422 37.70 -80.90 -23.82
CA LYS B 4422 36.53 -81.70 -23.46
C LYS B 4422 35.56 -80.84 -22.67
N ILE B 4423 34.44 -80.48 -23.29
CA ILE B 4423 33.40 -79.70 -22.63
C ILE B 4423 32.18 -80.58 -22.45
N SER B 4424 31.75 -80.75 -21.21
CA SER B 4424 30.59 -81.54 -20.85
C SER B 4424 29.66 -80.70 -19.98
N GLY B 4425 28.63 -81.37 -19.44
CA GLY B 4425 27.78 -80.71 -18.46
C GLY B 4425 26.69 -79.85 -19.04
N LEU B 4426 26.48 -79.88 -20.35
CA LEU B 4426 25.39 -79.12 -20.92
C LEU B 4426 24.05 -79.78 -20.59
N LEU B 4427 22.99 -78.97 -20.62
CA LEU B 4427 21.66 -79.46 -20.38
C LEU B 4427 20.82 -79.19 -21.62
N LEU B 4428 19.81 -80.02 -21.85
CA LEU B 4428 19.02 -79.94 -23.06
C LEU B 4428 17.55 -80.12 -22.74
N GLU B 4429 16.71 -79.42 -23.50
CA GLU B 4429 15.27 -79.48 -23.33
C GLU B 4429 14.60 -79.42 -24.69
N GLY B 4430 13.36 -79.91 -24.75
CA GLY B 4430 12.62 -79.95 -25.99
C GLY B 4430 12.80 -81.22 -26.79
N CYS B 4431 13.70 -82.11 -26.37
CA CYS B 4431 14.00 -83.34 -27.07
C CYS B 4431 14.66 -84.32 -26.12
N SER B 4432 15.21 -85.40 -26.68
CA SER B 4432 15.98 -86.38 -25.93
C SER B 4432 17.19 -86.80 -26.76
N PHE B 4433 18.36 -86.36 -26.32
CA PHE B 4433 19.57 -86.42 -27.13
C PHE B 4433 20.14 -87.84 -27.10
N ASP B 4434 20.63 -88.28 -28.24
CA ASP B 4434 21.49 -89.45 -28.33
C ASP B 4434 22.58 -89.14 -29.35
N GLY B 4435 23.68 -89.88 -29.26
CA GLY B 4435 24.70 -89.86 -30.29
C GLY B 4435 24.12 -90.22 -31.64
N ASN B 4436 24.36 -89.35 -32.61
CA ASN B 4436 24.01 -89.43 -34.04
C ASN B 4436 22.51 -89.28 -34.30
N GLN B 4437 21.67 -89.16 -33.27
CA GLN B 4437 20.23 -89.14 -33.53
C GLN B 4437 19.50 -88.44 -32.40
N LEU B 4438 18.56 -87.58 -32.77
CA LEU B 4438 17.64 -86.96 -31.84
C LEU B 4438 16.35 -87.77 -31.79
N SER B 4439 15.91 -88.08 -30.57
CA SER B 4439 14.71 -88.88 -30.37
C SER B 4439 13.66 -88.03 -29.68
N GLU B 4440 12.40 -88.26 -30.05
CA GLU B 4440 11.27 -87.51 -29.51
C GLU B 4440 11.02 -87.89 -28.06
N ASN B 4441 10.47 -86.95 -27.32
CA ASN B 4441 10.17 -87.16 -25.90
C ASN B 4441 8.93 -88.01 -25.73
N GLN B 4442 8.65 -88.36 -24.47
CA GLN B 4442 7.54 -89.22 -24.14
C GLN B 4442 6.62 -88.55 -23.14
N LEU B 4443 5.64 -89.32 -22.66
CA LEU B 4443 4.74 -88.81 -21.64
C LEU B 4443 5.47 -88.65 -20.32
N ASP B 4444 6.22 -89.67 -19.92
CA ASP B 4444 6.90 -89.61 -18.63
C ASP B 4444 8.34 -89.12 -18.79
N SER B 4445 8.61 -88.34 -19.82
CA SER B 4445 9.95 -87.84 -20.05
C SER B 4445 10.32 -86.81 -18.99
N PRO B 4446 11.47 -86.95 -18.33
CA PRO B 4446 11.89 -85.93 -17.38
C PRO B 4446 12.27 -84.64 -18.10
N SER B 4447 12.24 -83.54 -17.36
CA SER B 4447 12.37 -82.23 -17.99
C SER B 4447 13.81 -81.94 -18.39
N VAL B 4448 14.76 -82.11 -17.47
CA VAL B 4448 16.14 -81.75 -17.73
C VAL B 4448 16.95 -83.01 -18.04
N SER B 4449 17.51 -83.06 -19.24
CA SER B 4449 18.28 -84.22 -19.69
C SER B 4449 19.74 -83.80 -19.83
N SER B 4450 20.64 -84.58 -19.22
CA SER B 4450 22.07 -84.35 -19.42
C SER B 4450 22.49 -84.84 -20.80
N VAL B 4451 23.75 -84.59 -21.14
CA VAL B 4451 24.17 -84.73 -22.52
C VAL B 4451 25.51 -85.47 -22.56
N LEU B 4452 25.80 -86.07 -23.72
CA LEU B 4452 27.10 -86.64 -23.99
C LEU B 4452 28.13 -85.51 -24.09
N PRO B 4453 29.37 -85.75 -23.69
CA PRO B 4453 30.38 -84.69 -23.75
C PRO B 4453 30.80 -84.38 -25.18
N CYS B 4454 31.52 -83.26 -25.32
CA CYS B 4454 31.84 -82.70 -26.63
C CYS B 4454 33.31 -82.34 -26.73
N PHE B 4455 33.75 -82.13 -27.96
CA PHE B 4455 35.11 -81.72 -28.29
C PHE B 4455 35.05 -80.41 -29.06
N MET B 4456 35.71 -79.38 -28.56
CA MET B 4456 35.58 -78.05 -29.13
C MET B 4456 36.92 -77.50 -29.55
N GLY B 4457 36.95 -76.97 -30.78
CA GLY B 4457 38.13 -76.32 -31.31
C GLY B 4457 37.75 -75.44 -32.48
N TRP B 4458 38.75 -74.78 -33.03
CA TRP B 4458 38.56 -73.82 -34.12
C TRP B 4458 39.16 -74.36 -35.42
N ILE B 4459 38.37 -74.33 -36.48
CA ILE B 4459 38.70 -75.00 -37.75
C ILE B 4459 38.85 -73.96 -38.85
N PRO B 4460 39.86 -74.06 -39.72
CA PRO B 4460 39.99 -73.13 -40.83
C PRO B 4460 38.88 -73.29 -41.85
N GLN B 4461 38.58 -72.19 -42.55
CA GLN B 4461 37.45 -72.18 -43.47
C GLN B 4461 37.76 -72.96 -44.73
N ASP B 4462 36.68 -73.37 -45.40
CA ASP B 4462 36.71 -74.22 -46.60
C ASP B 4462 37.48 -75.52 -46.37
N ALA B 4463 37.35 -76.06 -45.16
CA ALA B 4463 37.86 -77.38 -44.82
C ALA B 4463 36.68 -78.32 -44.60
N CYS B 4464 36.98 -79.61 -44.55
CA CYS B 4464 35.92 -80.60 -44.37
C CYS B 4464 35.46 -80.62 -42.92
N GLY B 4465 34.21 -80.24 -42.69
CA GLY B 4465 33.63 -80.30 -41.38
C GLY B 4465 33.32 -81.73 -40.99
N PRO B 4466 33.26 -82.00 -39.68
CA PRO B 4466 33.06 -83.39 -39.22
C PRO B 4466 31.64 -83.88 -39.50
N TYR B 4467 30.70 -82.96 -39.62
CA TYR B 4467 29.33 -83.28 -39.96
C TYR B 4467 29.03 -82.68 -41.32
N SER B 4468 28.21 -83.37 -42.10
CA SER B 4468 27.84 -82.88 -43.42
C SER B 4468 26.88 -81.71 -43.22
N PRO B 4469 26.81 -80.75 -44.16
CA PRO B 4469 26.04 -79.54 -43.89
C PRO B 4469 24.54 -79.74 -43.84
N ASP B 4470 24.00 -80.70 -44.58
CA ASP B 4470 22.56 -80.89 -44.62
C ASP B 4470 22.06 -82.01 -43.74
N GLU B 4471 22.68 -82.22 -42.57
CA GLU B 4471 22.17 -83.23 -41.65
C GLU B 4471 21.99 -82.65 -40.25
N CYS B 4472 22.32 -81.37 -40.06
CA CYS B 4472 22.34 -80.80 -38.73
C CYS B 4472 21.41 -79.59 -38.61
N ILE B 4473 21.15 -79.21 -37.36
CA ILE B 4473 20.30 -78.07 -37.03
C ILE B 4473 21.05 -77.23 -36.00
N SER B 4474 21.04 -75.91 -36.17
CA SER B 4474 21.62 -75.01 -35.19
C SER B 4474 20.68 -74.81 -34.00
N LEU B 4475 21.24 -74.92 -32.80
CA LEU B 4475 20.49 -74.73 -31.57
C LEU B 4475 21.16 -73.62 -30.79
N PRO B 4476 20.41 -72.67 -30.26
CA PRO B 4476 20.98 -71.70 -29.35
C PRO B 4476 21.46 -72.35 -28.06
N VAL B 4477 22.45 -71.72 -27.44
CA VAL B 4477 22.98 -72.17 -26.16
C VAL B 4477 22.76 -71.03 -25.18
N TYR B 4478 21.66 -71.06 -24.45
CA TYR B 4478 21.34 -69.99 -23.52
C TYR B 4478 22.10 -70.17 -22.22
N THR B 4479 21.75 -69.34 -21.23
CA THR B 4479 22.51 -69.33 -20.00
C THR B 4479 21.78 -69.98 -18.84
N SER B 4480 20.47 -69.84 -18.79
CA SER B 4480 19.65 -70.56 -17.82
C SER B 4480 18.26 -70.70 -18.41
N ALA B 4481 17.30 -71.08 -17.56
CA ALA B 4481 15.97 -71.43 -18.05
C ALA B 4481 15.18 -70.21 -18.50
N GLU B 4482 15.66 -69.02 -18.16
CA GLU B 4482 14.96 -67.80 -18.51
C GLU B 4482 15.03 -67.50 -20.00
N ARG B 4483 16.02 -68.10 -20.68
CA ARG B 4483 16.26 -67.95 -22.12
C ARG B 4483 16.45 -66.48 -22.50
N ASP B 4484 17.53 -65.89 -21.97
CA ASP B 4484 17.71 -64.46 -22.13
C ASP B 4484 18.71 -64.15 -23.23
N ARG B 4485 19.95 -64.64 -23.11
CA ARG B 4485 21.01 -64.27 -24.02
C ARG B 4485 21.66 -65.51 -24.62
N VAL B 4486 22.16 -65.34 -25.84
CA VAL B 4486 22.67 -66.42 -26.66
C VAL B 4486 24.19 -66.40 -26.58
N VAL B 4487 24.77 -67.56 -26.30
CA VAL B 4487 26.22 -67.67 -26.30
C VAL B 4487 26.70 -67.96 -27.72
N THR B 4488 26.32 -69.11 -28.26
CA THR B 4488 26.73 -69.54 -29.59
C THR B 4488 25.54 -70.23 -30.25
N ASN B 4489 25.83 -70.97 -31.31
CA ASN B 4489 24.88 -71.90 -31.89
C ASN B 4489 25.60 -73.09 -32.51
N ILE B 4490 25.54 -74.21 -31.81
CA ILE B 4490 26.19 -75.46 -32.19
C ILE B 4490 25.24 -76.22 -33.10
N ASP B 4491 25.80 -77.04 -33.98
CA ASP B 4491 24.97 -77.92 -34.82
C ASP B 4491 24.88 -79.30 -34.20
N VAL B 4492 23.73 -79.95 -34.36
CA VAL B 4492 23.46 -81.27 -33.78
C VAL B 4492 22.93 -82.15 -34.91
N PRO B 4493 23.42 -83.38 -35.08
CA PRO B 4493 22.99 -84.22 -36.22
C PRO B 4493 21.52 -84.65 -36.17
N CYS B 4494 20.74 -84.14 -37.12
CA CYS B 4494 19.31 -84.47 -37.15
C CYS B 4494 19.06 -85.75 -37.95
N GLY B 4495 19.43 -85.75 -39.21
CA GLY B 4495 19.12 -86.88 -40.05
C GLY B 4495 17.76 -86.79 -40.69
N GLY B 4496 17.43 -85.66 -41.29
CA GLY B 4496 16.18 -85.50 -42.00
C GLY B 4496 15.00 -85.21 -41.11
N ASN B 4497 13.92 -84.68 -41.70
CA ASN B 4497 12.69 -84.27 -41.04
C ASN B 4497 12.98 -83.26 -39.93
N GLN B 4498 13.48 -82.09 -40.31
CA GLN B 4498 13.98 -81.14 -39.33
C GLN B 4498 12.85 -80.29 -38.74
N ASP B 4499 11.69 -80.31 -39.38
CA ASP B 4499 10.63 -79.36 -39.03
C ASP B 4499 10.00 -79.71 -37.70
N GLN B 4500 9.97 -81.00 -37.36
CA GLN B 4500 9.55 -81.41 -36.03
C GLN B 4500 10.49 -80.87 -34.97
N TRP B 4501 11.78 -80.84 -35.28
CA TRP B 4501 12.74 -80.37 -34.31
C TRP B 4501 12.76 -78.85 -34.26
N ILE B 4502 12.24 -78.19 -35.29
CA ILE B 4502 11.94 -76.78 -35.19
C ILE B 4502 10.78 -76.55 -34.24
N GLN B 4503 9.64 -77.21 -34.50
CA GLN B 4503 8.41 -76.89 -33.78
C GLN B 4503 8.42 -77.40 -32.36
N CYS B 4504 9.35 -78.29 -32.02
CA CYS B 4504 9.60 -78.57 -30.61
C CYS B 4504 10.17 -77.34 -29.90
N GLY B 4505 10.89 -76.49 -30.63
CA GLY B 4505 11.61 -75.42 -29.98
C GLY B 4505 12.73 -75.95 -29.12
N ALA B 4506 13.63 -76.72 -29.69
CA ALA B 4506 14.72 -77.30 -28.91
C ALA B 4506 15.67 -76.21 -28.48
N ALA B 4507 16.25 -76.39 -27.30
CA ALA B 4507 17.20 -75.44 -26.76
C ALA B 4507 18.34 -76.22 -26.17
N LEU B 4508 19.21 -75.51 -25.47
CA LEU B 4508 20.37 -76.09 -24.82
C LEU B 4508 20.87 -75.06 -23.83
N PHE B 4509 20.98 -75.43 -22.57
CA PHE B 4509 21.30 -74.47 -21.52
C PHE B 4509 22.70 -74.80 -21.05
N LEU B 4510 23.50 -73.77 -20.73
CA LEU B 4510 24.91 -74.03 -20.45
C LEU B 4510 25.06 -74.81 -19.15
N LYS B 4511 24.26 -74.46 -18.15
CA LYS B 4511 24.15 -75.21 -16.92
C LYS B 4511 22.91 -74.74 -16.20
N ASN B 4512 22.79 -75.20 -14.97
CA ASN B 4512 21.89 -74.62 -13.99
C ASN B 4512 22.64 -74.65 -12.67
N GLN B 4513 22.29 -73.73 -11.77
CA GLN B 4513 22.89 -73.58 -10.44
C GLN B 4513 24.40 -73.39 -10.48
#